data_6MZF
#
_entry.id   6MZF
#
_cell.length_a   218.800
_cell.length_b   107.650
_cell.length_c   282.740
_cell.angle_alpha   90.000
_cell.angle_beta   90.380
_cell.angle_gamma   90.000
#
_symmetry.space_group_name_H-M   'P 1 21 1'
#
loop_
_entity.id
_entity.type
_entity.pdbx_description
1 polymer 'Tubulin alpha-1A chain'
2 polymer 'Tubulin beta chain'
3 polymer 'Protein Stu2p/Alp14p'
4 polymer 'Designed ankyrin repeat protein (DARPIN) D1'
5 non-polymer "GUANOSINE-5'-TRIPHOSPHATE"
6 non-polymer 'MAGNESIUM ION'
7 non-polymer "GUANOSINE-5'-DIPHOSPHATE"
#
loop_
_entity_poly.entity_id
_entity_poly.type
_entity_poly.pdbx_seq_one_letter_code
_entity_poly.pdbx_strand_id
1 'polypeptide(L)'
;MRECISIHVGQAGVQIGNACWELYCLEHGIQPDGQMPSDKTIGGGDDSFNTFFSETGAGKHVPRAVFVDLEPTVIDEVRT
GTYRQLFHPEQLITGKEDAANNYARGHYTIGKEIIDLVLDRIRKLADQCTGLQGFSVFHSFGGGTGSGFTSLLMERLSVD
YGKKSKLEFSIYPAPQVSTAVVEPYNSILTTHTTLEHSDCAFMVDNEAIYDICRRNLDIERPTYTNLNRLIGQIVSSITA
SLRFDGALNVDLTEFQTNLVPYPRAHFPLATYAPVISAEKAYHEQLSVAEITNACFEPANQMVKCDPRHGKYMACCLLYR
GDVVPKDVNAAIATIKTKRTIQFVDWCPTGFKVGINYEPPTVVPGGDLAKVQRAVCMLSNTTAIAEAWARLDHKFDLMYA
KRAFVHWYVGEGMEEGEFSEAREDMAALEKDYEEVGVDSVEGEGEEEGEEY
;
A,C,H,J,O,Q,V,X
2 'polypeptide(L)'
;MREIVHIQAGQCGNQIGAKFWEVISDEHGIDPTGSYHGDSDLQLERINVYYNEAAGNKYVPRAILVDLEPGTMDSVRSGP
FGQIFRPDNFVFGQSGAGNNWAKGHYTEGAELVDSVLDVVRKESESCDCLQGFQLTHSLGGGTGSGMGTLLISKIREEYP
DRIMNTFSVVPSPKVSDTVVEPYNATLSVHQLVENTDETYCIDNEALYDICFRTLKLTTPTYGDLNHLVSATMSGVTTCL
RFPGQLNADLRKLAVNMVPFPRLHFFMPGFAPLTSRGSQQYRALTVPELTQQMFDAKNMMAACDPRHGRYLTVAAVFRGR
MSMKEVDEQMLNVQNKNSSYFVEWIPNNVKTAVCDIPPRGLKMSATFIGNSTAIQELFKRISEQFTAMFRRKAFLHWYTG
EGMDEMEFTEAESNMNDLVSEYQQYQDATADEQGEFEEEGEEDEA
;
B,D,I,K,P,R,W,Y
3 'polypeptide(L)'
;MADQDDVDFTTLPLEQRASHKVWKARLNAYQELNNLFTKSSVISPPNDVANYWLDPELFASYIVDSNVVAQENAIIALHT
LLEYISQVPNVSTSKLRLQWIPPLVEKGLSSSRAATKAKATDCIMLLTQSDTSIQQTVNLMLPSLSNKLPRLVSSCVKCL
ATIIEEFGFINVSDINILLSEILEPLPKLSSHADRNVRSETMNLILQIYKWFGKELLQELLLEKLKPIQQRDLSRMFEKY
EGTIPPKQQPRLFQWQKEQEQEQEQILQTDKDGDTLMGNLLAYQDTNASAIHPATKPAVDPFELLPPSVILDKFPADFQT
RISSTKWKDRVEALEEIHNNVLKPVKKLAHKNQDYSDYLRVLANVIQKDANVQAVTIAANSVQLLCNSLRSNFTRSYGAI
VLVPLLERTKEKKPSVNEAICSALDAVATYCGFDDCLEETLNYMKHKTPQVRIECTKFLTRMLQGWKSDGPLQNQLLFKL
LPEVTTAVLKIVNDTQPTTRNTGFECFATLMKLVGERELADPLEKLDNLKKKKIYEYYEKVEVATGLEHHHHHH
;
E,L,S,Z
4 'polypeptide(L)'
;MRGSHHHHHHGSDLGKKLLEAARAGQDDEVRILMANGADVNATDASGLTPLHLAATYGHLEIVEVLLKHGADVNAIDIMG
STPLHLAALIGHLEIVEVLLKHGADVNAVDTWGDTPLHLAAIMGHLEIVEVLLKHGADVNAQDKFGKTAFDISIDNGNED
LAEILQKLN
;
F,G,M,N,T,U,a,b
#
loop_
_chem_comp.id
_chem_comp.type
_chem_comp.name
_chem_comp.formula
GDP RNA linking GUANOSINE-5'-DIPHOSPHATE 'C10 H15 N5 O11 P2'
GTP non-polymer GUANOSINE-5'-TRIPHOSPHATE 'C10 H16 N5 O14 P3'
MG non-polymer 'MAGNESIUM ION' 'Mg 2'
#
# COMPACT_ATOMS: atom_id res chain seq x y z
N ARG A 2 -164.39 22.57 -8.47
CA ARG A 2 -164.66 21.17 -8.76
C ARG A 2 -164.28 20.83 -10.19
N GLU A 3 -163.69 21.79 -10.90
CA GLU A 3 -163.29 21.59 -12.29
C GLU A 3 -162.39 20.37 -12.43
N CYS A 4 -162.46 19.73 -13.59
CA CYS A 4 -161.65 18.54 -13.85
C CYS A 4 -161.04 18.66 -15.24
N ILE A 5 -159.74 18.39 -15.35
CA ILE A 5 -159.00 18.52 -16.60
C ILE A 5 -158.72 17.13 -17.16
N SER A 6 -158.99 16.97 -18.46
CA SER A 6 -158.69 15.72 -19.16
C SER A 6 -157.43 15.88 -20.00
N ILE A 7 -156.64 14.82 -20.07
CA ILE A 7 -155.41 14.80 -20.85
C ILE A 7 -155.39 13.54 -21.70
N HIS A 8 -154.93 13.66 -22.94
CA HIS A 8 -154.95 12.56 -23.89
C HIS A 8 -153.56 12.40 -24.49
N VAL A 9 -152.96 11.24 -24.29
CA VAL A 9 -151.56 10.98 -24.64
C VAL A 9 -151.52 9.79 -25.59
N GLY A 10 -150.76 9.93 -26.67
CA GLY A 10 -150.66 8.90 -27.69
C GLY A 10 -151.92 8.78 -28.52
N GLN A 11 -151.82 8.08 -29.66
CA GLN A 11 -152.96 7.88 -30.54
C GLN A 11 -154.16 7.30 -29.79
N ALA A 12 -153.91 6.32 -28.92
CA ALA A 12 -155.00 5.71 -28.15
C ALA A 12 -155.75 6.77 -27.34
N GLY A 13 -155.04 7.50 -26.48
CA GLY A 13 -155.66 8.58 -25.74
C GLY A 13 -156.37 9.58 -26.64
N VAL A 14 -155.68 10.05 -27.68
CA VAL A 14 -156.24 11.09 -28.54
C VAL A 14 -157.48 10.60 -29.26
N GLN A 15 -157.43 9.38 -29.80
CA GLN A 15 -158.55 8.88 -30.60
C GLN A 15 -159.73 8.43 -29.74
N ILE A 16 -159.46 7.90 -28.55
CA ILE A 16 -160.54 7.64 -27.61
C ILE A 16 -161.09 8.94 -27.07
N GLY A 17 -160.23 9.94 -26.88
CA GLY A 17 -160.70 11.27 -26.50
C GLY A 17 -161.73 11.82 -27.47
N ASN A 18 -161.43 11.74 -28.77
CA ASN A 18 -162.40 12.17 -29.79
C ASN A 18 -163.75 11.50 -29.58
N ALA A 19 -163.74 10.18 -29.37
CA ALA A 19 -165.00 9.45 -29.17
C ALA A 19 -165.72 9.91 -27.91
N CYS A 20 -164.98 10.28 -26.87
CA CYS A 20 -165.61 10.69 -25.62
C CYS A 20 -166.17 12.11 -25.71
N TRP A 21 -165.41 13.05 -26.28
CA TRP A 21 -165.92 14.42 -26.38
C TRP A 21 -166.99 14.54 -27.45
N GLU A 22 -166.95 13.66 -28.46
CA GLU A 22 -168.10 13.50 -29.34
C GLU A 22 -169.34 13.08 -28.55
N LEU A 23 -169.18 12.12 -27.64
CA LEU A 23 -170.29 11.61 -26.86
C LEU A 23 -170.70 12.56 -25.74
N TYR A 24 -169.74 13.31 -25.18
CA TYR A 24 -170.07 14.32 -24.18
C TYR A 24 -170.92 15.43 -24.78
N CYS A 25 -170.60 15.84 -26.01
CA CYS A 25 -171.31 16.95 -26.62
C CYS A 25 -172.73 16.55 -27.03
N LEU A 26 -172.95 15.27 -27.33
CA LEU A 26 -174.31 14.81 -27.59
C LEU A 26 -175.12 14.70 -26.31
N GLU A 27 -174.49 14.24 -25.22
CA GLU A 27 -175.19 14.13 -23.94
C GLU A 27 -175.53 15.50 -23.37
N HIS A 28 -174.75 16.53 -23.70
CA HIS A 28 -174.95 17.88 -23.17
C HIS A 28 -175.54 18.82 -24.23
N GLY A 29 -175.99 18.29 -25.36
CA GLY A 29 -176.58 19.11 -26.41
C GLY A 29 -175.68 20.22 -26.91
N ILE A 30 -174.36 20.00 -26.89
CA ILE A 30 -173.41 20.99 -27.35
C ILE A 30 -173.10 20.73 -28.82
N GLN A 31 -172.95 21.81 -29.59
CA GLN A 31 -172.79 21.78 -31.03
C GLN A 31 -171.32 21.55 -31.40
N PRO A 32 -171.05 21.08 -32.62
CA PRO A 32 -169.65 20.95 -33.05
C PRO A 32 -168.91 22.28 -33.07
N ASP A 33 -169.60 23.38 -33.38
CA ASP A 33 -168.99 24.70 -33.37
C ASP A 33 -168.83 25.28 -31.97
N GLY A 34 -169.35 24.60 -30.95
CA GLY A 34 -169.20 25.02 -29.57
C GLY A 34 -170.45 25.65 -28.96
N GLN A 35 -171.44 25.99 -29.77
CA GLN A 35 -172.63 26.67 -29.26
C GLN A 35 -173.52 25.68 -28.50
N MET A 36 -174.56 26.23 -27.89
CA MET A 36 -175.50 25.46 -27.09
C MET A 36 -176.81 26.22 -26.95
N PRO A 37 -177.93 25.65 -27.40
CA PRO A 37 -179.21 26.36 -27.26
C PRO A 37 -179.84 26.13 -25.90
N SER A 38 -179.05 25.66 -24.94
CA SER A 38 -179.56 25.23 -23.65
C SER A 38 -178.67 25.75 -22.52
N ASP A 47 -173.32 25.30 -13.23
CA ASP A 47 -174.06 24.10 -13.61
C ASP A 47 -173.24 22.85 -13.36
N SER A 48 -173.90 21.69 -13.45
CA SER A 48 -173.22 20.42 -13.19
C SER A 48 -172.30 20.03 -14.33
N PHE A 49 -172.64 20.41 -15.57
CA PHE A 49 -171.85 19.99 -16.72
C PHE A 49 -170.60 20.84 -16.91
N ASN A 50 -170.53 22.01 -16.28
CA ASN A 50 -169.37 22.87 -16.40
C ASN A 50 -168.18 22.39 -15.58
N THR A 51 -168.30 21.22 -14.94
CA THR A 51 -167.13 20.54 -14.41
C THR A 51 -166.12 20.23 -15.50
N PHE A 52 -166.61 19.96 -16.71
CA PHE A 52 -165.78 19.53 -17.83
C PHE A 52 -165.55 20.64 -18.87
N PHE A 53 -166.49 21.55 -19.03
CA PHE A 53 -166.41 22.60 -20.03
C PHE A 53 -166.29 23.98 -19.37
N SER A 54 -165.58 24.88 -20.05
CA SER A 54 -165.54 26.29 -19.70
C SER A 54 -166.42 27.06 -20.68
N GLU A 55 -166.46 28.39 -20.52
CA GLU A 55 -167.35 29.21 -21.32
C GLU A 55 -166.62 30.45 -21.81
N THR A 56 -166.85 30.77 -23.08
CA THR A 56 -166.38 32.00 -23.69
C THR A 56 -167.39 33.13 -23.44
N GLY A 57 -166.90 34.36 -23.55
CA GLY A 57 -167.81 35.50 -23.49
C GLY A 57 -168.86 35.51 -24.58
N ALA A 58 -168.59 34.83 -25.70
CA ALA A 58 -169.52 34.76 -26.83
C ALA A 58 -170.43 33.55 -26.77
N GLY A 59 -170.70 33.03 -25.57
CA GLY A 59 -171.62 31.91 -25.45
C GLY A 59 -171.10 30.60 -25.98
N LYS A 60 -169.79 30.42 -26.05
CA LYS A 60 -169.18 29.21 -26.60
C LYS A 60 -168.61 28.38 -25.46
N HIS A 61 -168.79 27.07 -25.56
CA HIS A 61 -168.43 26.14 -24.48
C HIS A 61 -167.22 25.33 -24.93
N VAL A 62 -166.09 25.55 -24.27
CA VAL A 62 -164.81 24.94 -24.65
C VAL A 62 -164.44 23.85 -23.65
N PRO A 63 -163.99 22.68 -24.12
CA PRO A 63 -163.57 21.63 -23.19
C PRO A 63 -162.35 22.04 -22.38
N ARG A 64 -162.23 21.45 -21.19
CA ARG A 64 -161.05 21.59 -20.36
C ARG A 64 -160.12 20.41 -20.61
N ALA A 65 -159.48 20.42 -21.78
CA ALA A 65 -158.77 19.24 -22.25
C ALA A 65 -157.48 19.63 -22.94
N VAL A 66 -156.49 18.74 -22.84
CA VAL A 66 -155.22 18.87 -23.55
C VAL A 66 -155.02 17.59 -24.36
N PHE A 67 -154.60 17.75 -25.61
CA PHE A 67 -154.28 16.63 -26.49
C PHE A 67 -152.79 16.63 -26.76
N VAL A 68 -152.14 15.48 -26.55
CA VAL A 68 -150.71 15.36 -26.71
C VAL A 68 -150.39 14.12 -27.53
N ASP A 69 -149.46 14.27 -28.47
CA ASP A 69 -148.91 13.17 -29.24
C ASP A 69 -147.55 13.61 -29.74
N LEU A 70 -146.59 12.69 -29.75
CA LEU A 70 -145.24 13.03 -30.18
C LEU A 70 -145.15 12.99 -31.70
N GLU A 71 -146.27 13.27 -32.37
CA GLU A 71 -146.42 13.05 -33.80
C GLU A 71 -147.72 13.69 -34.28
N PRO A 72 -147.67 14.47 -35.38
CA PRO A 72 -148.84 15.26 -35.75
C PRO A 72 -150.02 14.43 -36.23
N THR A 73 -149.76 13.39 -37.03
CA THR A 73 -150.78 12.73 -37.86
C THR A 73 -152.15 12.61 -37.21
N VAL A 74 -152.19 12.11 -35.97
CA VAL A 74 -153.48 11.85 -35.33
C VAL A 74 -154.16 13.15 -34.93
N ILE A 75 -153.41 14.06 -34.31
CA ILE A 75 -153.98 15.32 -33.85
C ILE A 75 -154.25 16.30 -34.99
N ASP A 76 -153.53 16.17 -36.12
CA ASP A 76 -153.84 16.99 -37.29
C ASP A 76 -155.26 16.74 -37.77
N GLU A 77 -155.74 15.50 -37.66
CA GLU A 77 -157.11 15.20 -38.04
C GLU A 77 -158.12 15.81 -37.08
N VAL A 78 -157.74 16.06 -35.84
CA VAL A 78 -158.64 16.72 -34.89
C VAL A 78 -158.91 18.15 -35.31
N ARG A 79 -157.85 18.92 -35.57
CA ARG A 79 -157.99 20.34 -35.90
C ARG A 79 -158.39 20.57 -37.35
N THR A 80 -158.67 19.50 -38.09
CA THR A 80 -159.28 19.61 -39.41
C THR A 80 -160.52 18.73 -39.52
N GLY A 81 -161.06 18.27 -38.38
CA GLY A 81 -162.20 17.37 -38.36
C GLY A 81 -163.51 18.09 -38.07
N THR A 82 -164.54 17.26 -37.84
CA THR A 82 -165.87 17.77 -37.49
C THR A 82 -165.78 18.71 -36.29
N TYR A 83 -164.96 18.37 -35.30
CA TYR A 83 -164.83 19.18 -34.08
C TYR A 83 -163.56 20.01 -34.08
N ARG A 84 -163.18 20.58 -35.22
CA ARG A 84 -161.99 21.43 -35.25
C ARG A 84 -162.22 22.74 -34.50
N GLN A 85 -163.45 23.26 -34.53
CA GLN A 85 -163.77 24.53 -33.90
C GLN A 85 -163.94 24.41 -32.40
N LEU A 86 -164.16 23.19 -31.88
CA LEU A 86 -164.45 23.03 -30.47
C LEU A 86 -163.24 23.35 -29.61
N PHE A 87 -162.05 22.92 -30.02
CA PHE A 87 -160.84 23.10 -29.22
C PHE A 87 -160.11 24.36 -29.65
N HIS A 88 -159.51 25.04 -28.66
CA HIS A 88 -158.57 26.10 -28.96
C HIS A 88 -157.28 25.50 -29.53
N PRO A 89 -156.68 26.12 -30.54
CA PRO A 89 -155.48 25.52 -31.16
C PRO A 89 -154.33 25.34 -30.20
N GLU A 90 -154.24 26.15 -29.14
CA GLU A 90 -153.17 25.98 -28.16
C GLU A 90 -153.34 24.73 -27.31
N GLN A 91 -154.52 24.09 -27.35
CA GLN A 91 -154.74 22.87 -26.58
C GLN A 91 -154.20 21.64 -27.28
N LEU A 92 -154.08 21.68 -28.62
CA LEU A 92 -153.62 20.54 -29.39
C LEU A 92 -152.13 20.68 -29.64
N ILE A 93 -151.34 19.82 -28.99
CA ILE A 93 -149.88 19.90 -29.03
C ILE A 93 -149.34 18.66 -29.74
N THR A 94 -148.41 18.87 -30.67
CA THR A 94 -147.78 17.78 -31.40
C THR A 94 -146.29 18.03 -31.52
N GLY A 95 -145.52 16.95 -31.43
CA GLY A 95 -144.12 16.95 -31.79
C GLY A 95 -143.92 16.55 -33.24
N LYS A 96 -142.75 16.02 -33.53
CA LYS A 96 -142.42 15.56 -34.88
C LYS A 96 -141.98 14.11 -34.93
N GLU A 97 -141.01 13.73 -34.10
CA GLU A 97 -140.57 12.33 -34.00
C GLU A 97 -141.35 11.62 -32.91
N ASP A 98 -142.02 10.53 -33.27
CA ASP A 98 -142.77 9.74 -32.31
C ASP A 98 -141.82 8.91 -31.45
N ALA A 99 -142.39 8.19 -30.47
CA ALA A 99 -141.59 7.37 -29.56
C ALA A 99 -141.26 6.00 -30.11
N ALA A 100 -141.92 5.59 -31.20
CA ALA A 100 -141.63 4.32 -31.88
C ALA A 100 -141.73 3.12 -30.94
N ASN A 101 -142.88 3.00 -30.28
CA ASN A 101 -143.20 1.85 -29.42
C ASN A 101 -142.11 1.58 -28.38
N ASN A 102 -141.44 2.63 -27.92
CA ASN A 102 -140.33 2.50 -26.99
C ASN A 102 -140.62 3.40 -25.79
N TYR A 103 -140.83 2.78 -24.63
CA TYR A 103 -141.08 3.53 -23.41
C TYR A 103 -139.96 4.53 -23.13
N ALA A 104 -138.71 4.14 -23.42
CA ALA A 104 -137.57 5.02 -23.18
C ALA A 104 -137.72 6.34 -23.94
N ARG A 105 -138.11 6.27 -25.23
CA ARG A 105 -138.24 7.50 -26.01
C ARG A 105 -139.38 8.36 -25.50
N GLY A 106 -140.50 7.74 -25.13
CA GLY A 106 -141.61 8.52 -24.57
C GLY A 106 -141.23 9.18 -23.26
N HIS A 107 -140.45 8.50 -22.43
CA HIS A 107 -140.13 8.96 -21.09
C HIS A 107 -138.86 9.81 -21.03
N TYR A 108 -137.79 9.37 -21.71
CA TYR A 108 -136.46 9.98 -21.56
C TYR A 108 -136.08 10.87 -22.74
N THR A 109 -135.95 10.28 -23.94
CA THR A 109 -135.28 10.96 -25.03
C THR A 109 -136.15 12.02 -25.68
N ILE A 110 -137.32 11.62 -26.19
CA ILE A 110 -138.20 12.55 -26.89
C ILE A 110 -139.10 13.30 -25.92
N GLY A 111 -139.55 12.63 -24.86
CA GLY A 111 -140.50 13.24 -23.95
C GLY A 111 -139.96 14.49 -23.25
N LYS A 112 -138.66 14.52 -22.96
CA LYS A 112 -138.09 15.67 -22.28
C LYS A 112 -138.04 16.91 -23.17
N GLU A 113 -138.10 16.73 -24.50
CA GLU A 113 -138.06 17.86 -25.41
C GLU A 113 -139.37 18.64 -25.45
N ILE A 114 -140.47 18.06 -24.95
CA ILE A 114 -141.78 18.65 -25.11
C ILE A 114 -142.54 18.70 -23.79
N ILE A 115 -141.99 18.05 -22.77
CA ILE A 115 -142.68 17.95 -21.48
C ILE A 115 -142.99 19.34 -20.91
N ASP A 116 -142.07 20.28 -21.08
CA ASP A 116 -142.26 21.61 -20.49
C ASP A 116 -143.32 22.40 -21.22
N LEU A 117 -143.36 22.31 -22.56
CA LEU A 117 -144.44 22.93 -23.32
C LEU A 117 -145.78 22.35 -22.91
N VAL A 118 -145.84 21.04 -22.64
CA VAL A 118 -147.09 20.40 -22.26
C VAL A 118 -147.54 20.87 -20.88
N LEU A 119 -146.63 20.85 -19.90
CA LEU A 119 -146.95 21.33 -18.56
C LEU A 119 -147.36 22.81 -18.58
N ASP A 120 -146.76 23.60 -19.48
CA ASP A 120 -147.11 25.02 -19.55
C ASP A 120 -148.54 25.22 -20.04
N ARG A 121 -148.95 24.48 -21.08
CA ARG A 121 -150.30 24.61 -21.59
C ARG A 121 -151.34 24.06 -20.62
N ILE A 122 -150.94 23.15 -19.72
CA ILE A 122 -151.84 22.68 -18.67
C ILE A 122 -152.08 23.79 -17.66
N ARG A 123 -151.04 24.55 -17.34
CA ARG A 123 -151.18 25.67 -16.40
C ARG A 123 -152.18 26.71 -16.90
N LYS A 124 -152.26 26.89 -18.23
CA LYS A 124 -153.20 27.86 -18.78
C LYS A 124 -154.65 27.41 -18.57
N LEU A 125 -154.91 26.11 -18.60
CA LEU A 125 -156.26 25.62 -18.29
C LEU A 125 -156.52 25.61 -16.79
N ALA A 126 -155.49 25.34 -15.98
CA ALA A 126 -155.66 25.36 -14.54
C ALA A 126 -155.79 26.78 -14.00
N ASP A 127 -155.22 27.77 -14.70
CA ASP A 127 -155.37 29.15 -14.29
C ASP A 127 -156.78 29.67 -14.54
N GLN A 128 -157.46 29.13 -15.56
CA GLN A 128 -158.86 29.48 -15.78
C GLN A 128 -159.78 28.88 -14.74
N CYS A 129 -159.33 27.86 -14.02
CA CYS A 129 -160.17 27.13 -13.07
C CYS A 129 -159.97 27.69 -11.67
N THR A 130 -161.03 27.62 -10.86
CA THR A 130 -161.03 28.15 -9.51
C THR A 130 -160.78 27.07 -8.47
N GLY A 131 -161.60 26.02 -8.47
CA GLY A 131 -161.43 24.92 -7.54
C GLY A 131 -161.11 23.61 -8.25
N LEU A 132 -159.91 23.53 -8.84
CA LEU A 132 -159.56 22.38 -9.65
C LEU A 132 -159.49 21.11 -8.80
N GLN A 133 -160.09 20.03 -9.31
CA GLN A 133 -160.15 18.76 -8.60
C GLN A 133 -158.94 17.89 -8.86
N GLY A 134 -158.56 17.75 -10.13
CA GLY A 134 -157.57 16.77 -10.51
C GLY A 134 -157.59 16.54 -12.01
N PHE A 135 -157.05 15.38 -12.41
CA PHE A 135 -156.79 15.09 -13.81
C PHE A 135 -157.30 13.71 -14.18
N SER A 136 -157.89 13.61 -15.38
CA SER A 136 -158.19 12.34 -16.02
C SER A 136 -157.19 12.13 -17.15
N VAL A 137 -156.63 10.93 -17.24
CA VAL A 137 -155.52 10.65 -18.15
C VAL A 137 -155.89 9.46 -19.02
N PHE A 138 -155.75 9.63 -20.33
CA PHE A 138 -156.11 8.62 -21.31
C PHE A 138 -154.87 8.28 -22.13
N HIS A 139 -154.52 7.00 -22.17
CA HIS A 139 -153.29 6.58 -22.82
C HIS A 139 -153.28 5.07 -23.00
N SER A 140 -152.49 4.62 -23.97
CA SER A 140 -152.25 3.19 -24.18
C SER A 140 -151.17 2.68 -23.23
N PHE A 141 -151.06 1.35 -23.16
CA PHE A 141 -149.97 0.68 -22.47
C PHE A 141 -148.79 0.42 -23.40
N GLY A 142 -149.02 -0.28 -24.50
CA GLY A 142 -147.94 -0.71 -25.37
C GLY A 142 -147.28 0.40 -26.16
N GLY A 143 -147.99 1.52 -26.36
CA GLY A 143 -147.40 2.62 -27.11
C GLY A 143 -146.18 3.19 -26.42
N GLY A 144 -145.26 3.71 -27.25
CA GLY A 144 -144.10 4.38 -26.69
C GLY A 144 -144.47 5.70 -26.04
N THR A 145 -145.25 6.52 -26.74
CA THR A 145 -145.79 7.74 -26.15
C THR A 145 -146.69 7.43 -24.96
N GLY A 146 -147.66 6.52 -25.16
CA GLY A 146 -148.61 6.21 -24.11
C GLY A 146 -147.96 5.73 -22.82
N SER A 147 -146.94 4.88 -22.93
CA SER A 147 -146.27 4.38 -21.73
C SER A 147 -145.26 5.41 -21.21
N GLY A 148 -144.32 5.83 -22.06
CA GLY A 148 -143.21 6.64 -21.59
C GLY A 148 -143.61 8.05 -21.19
N PHE A 149 -144.26 8.78 -22.10
CA PHE A 149 -144.54 10.19 -21.85
C PHE A 149 -145.54 10.37 -20.72
N THR A 150 -146.59 9.56 -20.69
CA THR A 150 -147.57 9.64 -19.60
C THR A 150 -146.91 9.49 -18.25
N SER A 151 -146.15 8.40 -18.05
CA SER A 151 -145.48 8.17 -16.78
C SER A 151 -144.59 9.34 -16.41
N LEU A 152 -143.95 9.98 -17.40
CA LEU A 152 -143.20 11.20 -17.14
C LEU A 152 -144.13 12.33 -16.71
N LEU A 153 -145.18 12.58 -17.50
CA LEU A 153 -146.13 13.64 -17.19
C LEU A 153 -146.79 13.42 -15.82
N MET A 154 -147.07 12.17 -15.48
CA MET A 154 -147.67 11.87 -14.18
C MET A 154 -146.71 12.21 -13.04
N GLU A 155 -145.42 11.92 -13.21
CA GLU A 155 -144.43 12.30 -12.22
C GLU A 155 -144.43 13.82 -12.00
N ARG A 156 -144.47 14.59 -13.09
CA ARG A 156 -144.37 16.03 -12.98
C ARG A 156 -145.67 16.66 -12.49
N LEU A 157 -146.81 16.01 -12.74
CA LEU A 157 -148.07 16.52 -12.20
C LEU A 157 -148.19 16.28 -10.71
N SER A 158 -147.56 15.22 -10.20
CA SER A 158 -147.50 14.98 -8.76
C SER A 158 -146.63 16.00 -8.04
N VAL A 159 -145.91 16.84 -8.77
CA VAL A 159 -145.13 17.93 -8.17
C VAL A 159 -145.93 19.24 -8.32
N ASP A 160 -146.19 19.64 -9.57
CA ASP A 160 -146.80 20.94 -9.84
C ASP A 160 -148.25 21.03 -9.39
N TYR A 161 -148.89 19.89 -9.09
CA TYR A 161 -150.27 19.86 -8.61
C TYR A 161 -150.44 18.78 -7.55
N GLY A 162 -149.39 18.54 -6.75
CA GLY A 162 -149.30 17.32 -5.96
C GLY A 162 -150.49 17.04 -5.06
N LYS A 163 -151.12 18.08 -4.53
CA LYS A 163 -152.17 17.91 -3.53
C LYS A 163 -153.55 17.70 -4.13
N LYS A 164 -153.69 16.87 -5.17
CA LYS A 164 -154.99 16.61 -5.77
C LYS A 164 -154.94 15.29 -6.54
N SER A 165 -156.11 14.87 -7.01
CA SER A 165 -156.32 13.53 -7.53
C SER A 165 -155.86 13.41 -8.98
N LYS A 166 -155.58 12.17 -9.39
CA LYS A 166 -155.23 11.83 -10.77
C LYS A 166 -155.76 10.44 -11.08
N LEU A 167 -156.53 10.32 -12.17
CA LEU A 167 -157.17 9.06 -12.55
C LEU A 167 -156.70 8.62 -13.94
N GLU A 168 -156.49 7.31 -14.08
CA GLU A 168 -156.01 6.71 -15.32
C GLU A 168 -157.14 6.04 -16.10
N PHE A 169 -156.98 6.03 -17.43
CA PHE A 169 -157.82 5.23 -18.33
C PHE A 169 -156.88 4.52 -19.29
N SER A 170 -156.39 3.35 -18.90
CA SER A 170 -155.38 2.62 -19.64
C SER A 170 -156.01 1.62 -20.61
N ILE A 171 -155.35 1.44 -21.75
CA ILE A 171 -155.76 0.49 -22.77
C ILE A 171 -154.85 -0.72 -22.67
N TYR A 172 -155.34 -1.78 -22.04
CA TYR A 172 -154.58 -3.00 -21.90
C TYR A 172 -154.39 -3.65 -23.27
N PRO A 173 -153.17 -4.08 -23.61
CA PRO A 173 -152.91 -4.55 -24.98
C PRO A 173 -153.50 -5.93 -25.24
N ALA A 174 -153.67 -6.21 -26.53
CA ALA A 174 -154.31 -7.44 -26.98
C ALA A 174 -153.78 -7.80 -28.37
N PRO A 175 -153.28 -9.03 -28.56
CA PRO A 175 -152.69 -9.41 -29.85
C PRO A 175 -153.55 -9.16 -31.08
N GLN A 176 -154.87 -9.03 -30.89
CA GLN A 176 -155.76 -8.85 -32.03
C GLN A 176 -155.63 -7.48 -32.68
N VAL A 177 -155.13 -6.47 -31.96
CA VAL A 177 -154.92 -5.15 -32.54
C VAL A 177 -153.53 -4.64 -32.22
N SER A 178 -152.69 -5.52 -31.67
CA SER A 178 -151.37 -5.11 -31.19
C SER A 178 -150.49 -4.67 -32.35
N THR A 179 -149.81 -3.53 -32.17
CA THR A 179 -148.92 -2.97 -33.18
C THR A 179 -147.45 -3.28 -32.92
N ALA A 180 -147.11 -3.80 -31.74
CA ALA A 180 -145.72 -3.96 -31.35
C ALA A 180 -145.52 -5.26 -30.58
N VAL A 181 -144.30 -5.80 -30.69
CA VAL A 181 -143.92 -6.96 -29.91
C VAL A 181 -143.63 -6.57 -28.46
N VAL A 182 -143.13 -5.36 -28.23
CA VAL A 182 -142.58 -4.96 -26.94
C VAL A 182 -143.66 -4.36 -26.05
N GLU A 183 -144.92 -4.57 -26.41
CA GLU A 183 -146.01 -4.00 -25.62
C GLU A 183 -146.04 -4.51 -24.17
N PRO A 184 -145.72 -5.77 -23.87
CA PRO A 184 -145.52 -6.14 -22.46
C PRO A 184 -144.51 -5.27 -21.73
N TYR A 185 -143.35 -5.02 -22.35
CA TYR A 185 -142.35 -4.15 -21.76
C TYR A 185 -142.95 -2.79 -21.40
N ASN A 186 -143.53 -2.11 -22.39
CA ASN A 186 -144.05 -0.76 -22.17
C ASN A 186 -145.12 -0.76 -21.08
N SER A 187 -145.98 -1.77 -21.07
CA SER A 187 -147.02 -1.87 -20.05
C SER A 187 -146.41 -1.97 -18.65
N ILE A 188 -145.51 -2.93 -18.46
CA ILE A 188 -144.85 -3.10 -17.16
C ILE A 188 -144.10 -1.83 -16.76
N LEU A 189 -143.40 -1.22 -17.71
CA LEU A 189 -142.55 -0.07 -17.36
C LEU A 189 -143.37 1.12 -16.90
N THR A 190 -144.48 1.44 -17.60
CA THR A 190 -145.29 2.57 -17.17
C THR A 190 -146.06 2.25 -15.90
N THR A 191 -146.54 1.01 -15.76
CA THR A 191 -147.29 0.63 -14.56
C THR A 191 -146.42 0.69 -13.31
N HIS A 192 -145.11 0.46 -13.48
CA HIS A 192 -144.18 0.60 -12.34
C HIS A 192 -144.03 2.06 -11.93
N THR A 193 -143.72 2.93 -12.89
CA THR A 193 -143.44 4.33 -12.60
C THR A 193 -144.69 5.16 -12.37
N THR A 194 -145.85 4.68 -12.83
CA THR A 194 -147.12 5.39 -12.63
C THR A 194 -147.91 4.82 -11.46
N LEU A 195 -147.40 3.78 -10.79
CA LEU A 195 -148.12 3.15 -9.69
C LEU A 195 -148.26 4.12 -8.51
N GLU A 196 -147.16 4.76 -8.12
CA GLU A 196 -147.18 5.66 -6.98
C GLU A 196 -147.90 6.98 -7.28
N HIS A 197 -147.99 7.38 -8.55
CA HIS A 197 -148.52 8.68 -8.93
C HIS A 197 -149.98 8.64 -9.36
N SER A 198 -150.61 7.48 -9.35
CA SER A 198 -152.00 7.34 -9.76
C SER A 198 -152.84 6.93 -8.55
N ASP A 199 -153.97 7.61 -8.36
CA ASP A 199 -154.88 7.29 -7.26
C ASP A 199 -155.84 6.16 -7.60
N CYS A 200 -156.29 6.08 -8.86
CA CYS A 200 -157.15 4.99 -9.31
C CYS A 200 -157.00 4.86 -10.82
N ALA A 201 -157.20 3.65 -11.34
CA ALA A 201 -156.89 3.35 -12.73
C ALA A 201 -157.82 2.29 -13.26
N PHE A 202 -158.58 2.63 -14.31
CA PHE A 202 -159.50 1.71 -14.96
C PHE A 202 -158.83 1.11 -16.20
N MET A 203 -158.53 -0.18 -16.15
CA MET A 203 -157.95 -0.88 -17.29
C MET A 203 -159.04 -1.25 -18.30
N VAL A 204 -158.67 -1.26 -19.57
CA VAL A 204 -159.55 -1.64 -20.68
C VAL A 204 -158.80 -2.67 -21.53
N ASP A 205 -159.18 -3.93 -21.39
CA ASP A 205 -158.60 -4.99 -22.23
C ASP A 205 -159.16 -4.89 -23.64
N ASN A 206 -158.29 -4.60 -24.61
CA ASN A 206 -158.73 -4.51 -26.00
C ASN A 206 -159.25 -5.85 -26.53
N GLU A 207 -158.91 -6.96 -25.86
CA GLU A 207 -159.44 -8.25 -26.28
C GLU A 207 -160.91 -8.39 -25.92
N ALA A 208 -161.27 -8.03 -24.69
CA ALA A 208 -162.68 -8.06 -24.29
C ALA A 208 -163.52 -7.13 -25.16
N ILE A 209 -163.03 -5.92 -25.41
CA ILE A 209 -163.74 -4.99 -26.28
C ILE A 209 -163.87 -5.57 -27.68
N TYR A 210 -162.83 -6.29 -28.12
CA TYR A 210 -162.91 -7.02 -29.39
C TYR A 210 -163.95 -8.13 -29.32
N ASP A 211 -163.85 -8.98 -28.31
CA ASP A 211 -164.83 -10.06 -28.12
C ASP A 211 -166.26 -9.55 -28.08
N ILE A 212 -166.49 -8.48 -27.33
CA ILE A 212 -167.83 -7.92 -27.19
C ILE A 212 -168.35 -7.44 -28.54
N CYS A 213 -167.50 -6.73 -29.29
CA CYS A 213 -167.93 -6.19 -30.58
C CYS A 213 -168.22 -7.30 -31.60
N ARG A 214 -167.56 -8.45 -31.47
CA ARG A 214 -167.82 -9.56 -32.39
C ARG A 214 -169.07 -10.33 -32.01
N ARG A 215 -169.40 -10.40 -30.72
CA ARG A 215 -170.52 -11.20 -30.25
C ARG A 215 -171.81 -10.39 -30.24
N ASN A 216 -171.81 -9.26 -29.53
CA ASN A 216 -173.03 -8.53 -29.25
C ASN A 216 -173.29 -7.40 -30.24
N LEU A 217 -172.24 -6.83 -30.84
CA LEU A 217 -172.42 -5.87 -31.91
C LEU A 217 -172.43 -6.52 -33.30
N ASP A 218 -172.04 -7.79 -33.40
CA ASP A 218 -172.10 -8.57 -34.63
C ASP A 218 -171.25 -7.93 -35.74
N ILE A 219 -169.94 -7.85 -35.46
CA ILE A 219 -168.97 -7.33 -36.41
C ILE A 219 -167.91 -8.40 -36.64
N GLU A 220 -167.58 -8.65 -37.90
CA GLU A 220 -166.57 -9.66 -38.22
C GLU A 220 -165.18 -9.22 -37.76
N ARG A 221 -164.66 -8.15 -38.34
CA ARG A 221 -163.36 -7.60 -37.99
C ARG A 221 -163.55 -6.15 -37.53
N PRO A 222 -163.69 -5.92 -36.23
CA PRO A 222 -163.90 -4.54 -35.75
C PRO A 222 -162.73 -3.63 -36.09
N THR A 223 -163.03 -2.36 -36.27
CA THR A 223 -162.04 -1.31 -36.44
C THR A 223 -161.83 -0.58 -35.13
N TYR A 224 -160.90 0.38 -35.13
CA TYR A 224 -160.67 1.18 -33.93
C TYR A 224 -161.88 2.03 -33.59
N THR A 225 -162.58 2.55 -34.61
CA THR A 225 -163.82 3.28 -34.37
C THR A 225 -164.84 2.43 -33.61
N ASN A 226 -165.00 1.16 -34.02
CA ASN A 226 -165.89 0.27 -33.29
C ASN A 226 -165.50 0.16 -31.82
N LEU A 227 -164.23 -0.15 -31.55
CA LEU A 227 -163.79 -0.32 -30.17
C LEU A 227 -163.88 0.99 -29.40
N ASN A 228 -163.47 2.11 -30.01
CA ASN A 228 -163.46 3.38 -29.31
C ASN A 228 -164.86 3.82 -28.92
N ARG A 229 -165.83 3.64 -29.82
CA ARG A 229 -167.21 4.01 -29.52
C ARG A 229 -167.75 3.21 -28.34
N LEU A 230 -167.56 1.88 -28.37
CA LEU A 230 -167.93 1.05 -27.22
C LEU A 230 -167.22 1.52 -25.95
N ILE A 231 -165.93 1.81 -26.04
CA ILE A 231 -165.17 2.28 -24.88
C ILE A 231 -165.71 3.62 -24.39
N GLY A 232 -165.96 4.55 -25.33
CA GLY A 232 -166.48 5.85 -24.95
C GLY A 232 -167.82 5.77 -24.22
N GLN A 233 -168.66 4.81 -24.59
CA GLN A 233 -169.90 4.59 -23.86
C GLN A 233 -169.64 4.21 -22.41
N ILE A 234 -168.69 3.31 -22.18
CA ILE A 234 -168.41 2.85 -20.82
C ILE A 234 -167.66 3.91 -20.02
N VAL A 235 -166.81 4.71 -20.69
CA VAL A 235 -166.16 5.82 -20.02
C VAL A 235 -167.20 6.87 -19.60
N SER A 236 -168.15 7.17 -20.49
CA SER A 236 -169.21 8.12 -20.16
C SER A 236 -170.00 7.66 -18.93
N SER A 237 -170.25 6.36 -18.82
CA SER A 237 -171.02 5.85 -17.68
C SER A 237 -170.30 6.10 -16.36
N ILE A 238 -168.97 6.10 -16.37
CA ILE A 238 -168.21 6.32 -15.14
C ILE A 238 -168.14 7.81 -14.82
N THR A 239 -167.99 8.66 -15.84
CA THR A 239 -167.90 10.10 -15.66
C THR A 239 -169.27 10.77 -15.62
N ALA A 240 -170.36 10.01 -15.76
CA ALA A 240 -171.70 10.60 -15.71
C ALA A 240 -171.97 11.23 -14.35
N SER A 241 -171.49 10.59 -13.27
CA SER A 241 -171.71 11.11 -11.93
C SER A 241 -171.06 12.48 -11.74
N LEU A 242 -169.96 12.76 -12.45
CA LEU A 242 -169.27 14.03 -12.33
C LEU A 242 -169.85 15.11 -13.22
N ARG A 243 -170.63 14.74 -14.23
CA ARG A 243 -171.09 15.67 -15.25
C ARG A 243 -172.55 16.06 -15.08
N PHE A 244 -173.33 15.33 -14.28
CA PHE A 244 -174.74 15.62 -14.09
C PHE A 244 -175.12 15.81 -12.64
N ASP A 245 -174.15 15.78 -11.72
CA ASP A 245 -174.38 15.90 -10.28
C ASP A 245 -175.37 14.83 -9.80
N GLY A 246 -174.86 13.60 -9.75
CA GLY A 246 -175.59 12.48 -9.21
C GLY A 246 -175.49 12.45 -7.69
N ALA A 247 -175.75 11.27 -7.13
CA ALA A 247 -175.60 11.03 -5.71
C ALA A 247 -174.32 10.31 -5.36
N LEU A 248 -173.89 9.37 -6.19
CA LEU A 248 -172.68 8.59 -5.99
C LEU A 248 -171.55 9.14 -6.85
N ASN A 249 -170.33 9.06 -6.31
CA ASN A 249 -169.10 9.42 -7.04
C ASN A 249 -169.20 10.82 -7.65
N VAL A 250 -169.56 11.81 -6.82
CA VAL A 250 -169.78 13.16 -7.33
C VAL A 250 -168.47 13.94 -7.53
N ASP A 251 -167.38 13.51 -6.93
CA ASP A 251 -166.09 14.15 -7.15
C ASP A 251 -164.99 13.09 -7.14
N LEU A 252 -163.78 13.51 -7.54
CA LEU A 252 -162.71 12.56 -7.83
C LEU A 252 -162.23 11.83 -6.58
N THR A 253 -162.33 12.45 -5.41
CA THR A 253 -161.93 11.77 -4.19
C THR A 253 -162.79 10.56 -3.90
N GLU A 254 -164.10 10.66 -4.18
CA GLU A 254 -165.03 9.59 -3.84
C GLU A 254 -164.69 8.30 -4.57
N PHE A 255 -164.06 8.39 -5.75
CA PHE A 255 -163.61 7.19 -6.45
C PHE A 255 -162.63 6.39 -5.60
N GLN A 256 -161.67 7.09 -4.96
CA GLN A 256 -160.73 6.42 -4.07
C GLN A 256 -161.42 5.91 -2.81
N THR A 257 -162.32 6.73 -2.24
CA THR A 257 -163.03 6.35 -1.04
C THR A 257 -163.80 5.05 -1.24
N ASN A 258 -164.58 4.95 -2.32
CA ASN A 258 -165.48 3.83 -2.49
C ASN A 258 -164.77 2.59 -3.03
N LEU A 259 -163.78 2.78 -3.91
CA LEU A 259 -163.22 1.67 -4.66
C LEU A 259 -161.80 1.28 -4.27
N VAL A 260 -161.11 2.11 -3.50
CA VAL A 260 -159.69 1.87 -3.23
C VAL A 260 -159.45 1.70 -1.73
N PRO A 261 -159.44 0.45 -1.22
CA PRO A 261 -159.12 0.25 0.20
C PRO A 261 -157.66 -0.12 0.42
N TYR A 262 -156.82 0.20 -0.56
CA TYR A 262 -155.39 -0.06 -0.50
C TYR A 262 -154.72 0.76 -1.59
N PRO A 263 -153.83 1.69 -1.22
CA PRO A 263 -153.22 2.58 -2.23
C PRO A 263 -152.70 1.88 -3.48
N ARG A 264 -151.98 0.76 -3.32
CA ARG A 264 -151.44 0.08 -4.49
C ARG A 264 -152.54 -0.57 -5.33
N ALA A 265 -153.36 -1.42 -4.70
CA ALA A 265 -154.43 -2.12 -5.41
C ALA A 265 -155.56 -1.15 -5.72
N HIS A 266 -155.38 -0.36 -6.77
CA HIS A 266 -156.31 0.68 -7.19
C HIS A 266 -156.77 0.46 -8.63
N PHE A 267 -157.07 -0.79 -8.99
CA PHE A 267 -157.40 -1.16 -10.37
C PHE A 267 -158.76 -1.84 -10.39
N PRO A 268 -159.84 -1.08 -10.55
CA PRO A 268 -161.19 -1.69 -10.56
C PRO A 268 -161.50 -2.40 -11.87
N LEU A 269 -162.31 -3.45 -11.76
CA LEU A 269 -162.90 -4.12 -12.91
C LEU A 269 -164.24 -3.46 -13.24
N ALA A 270 -164.39 -3.01 -14.48
CA ALA A 270 -165.63 -2.39 -14.94
C ALA A 270 -166.41 -3.38 -15.81
N THR A 271 -167.71 -3.48 -15.55
CA THR A 271 -168.61 -4.34 -16.31
C THR A 271 -169.81 -3.51 -16.75
N TYR A 272 -170.16 -3.59 -18.04
CA TYR A 272 -171.19 -2.75 -18.63
C TYR A 272 -172.23 -3.60 -19.33
N ALA A 273 -173.50 -3.33 -19.03
CA ALA A 273 -174.65 -3.92 -19.72
C ALA A 273 -175.71 -2.85 -19.89
N PRO A 274 -176.50 -2.90 -20.96
CA PRO A 274 -176.44 -3.87 -22.06
C PRO A 274 -175.84 -3.30 -23.34
N VAL A 275 -175.24 -4.16 -24.15
CA VAL A 275 -174.66 -3.77 -25.43
C VAL A 275 -175.54 -4.37 -26.53
N ILE A 276 -176.46 -3.56 -27.06
CA ILE A 276 -177.49 -3.99 -27.97
C ILE A 276 -177.16 -3.51 -29.38
N SER A 277 -177.10 -4.44 -30.33
CA SER A 277 -176.87 -4.09 -31.72
C SER A 277 -178.03 -3.26 -32.27
N ALA A 278 -177.74 -2.47 -33.28
CA ALA A 278 -178.74 -1.63 -33.94
C ALA A 278 -179.29 -2.32 -35.19
N GLU A 279 -179.81 -3.52 -34.98
CA GLU A 279 -180.37 -4.33 -36.05
C GLU A 279 -181.14 -5.52 -35.50
N GLN A 285 -186.85 -4.01 -25.12
CA GLN A 285 -185.89 -3.59 -24.11
C GLN A 285 -185.78 -4.63 -22.99
N LEU A 286 -184.64 -4.63 -22.30
CA LEU A 286 -184.41 -5.55 -21.20
C LEU A 286 -184.93 -4.97 -19.89
N SER A 287 -184.89 -5.78 -18.84
CA SER A 287 -185.34 -5.38 -17.52
C SER A 287 -184.16 -4.92 -16.67
N VAL A 288 -184.48 -4.35 -15.50
CA VAL A 288 -183.45 -3.98 -14.55
C VAL A 288 -182.76 -5.22 -14.00
N ALA A 289 -183.53 -6.28 -13.73
CA ALA A 289 -182.95 -7.50 -13.20
C ALA A 289 -182.04 -8.18 -14.22
N GLU A 290 -182.46 -8.21 -15.49
CA GLU A 290 -181.67 -8.90 -16.51
C GLU A 290 -180.32 -8.23 -16.72
N ILE A 291 -180.28 -6.90 -16.74
CA ILE A 291 -179.02 -6.20 -16.97
C ILE A 291 -178.11 -6.31 -15.76
N THR A 292 -178.68 -6.42 -14.56
CA THR A 292 -177.85 -6.53 -13.36
C THR A 292 -177.23 -7.92 -13.24
N ASN A 293 -177.91 -8.95 -13.74
CA ASN A 293 -177.30 -10.27 -13.81
C ASN A 293 -176.14 -10.31 -14.78
N ALA A 294 -176.22 -9.52 -15.86
CA ALA A 294 -175.13 -9.47 -16.83
C ALA A 294 -173.88 -8.79 -16.29
N CYS A 295 -174.01 -8.02 -15.20
CA CYS A 295 -172.83 -7.43 -14.58
C CYS A 295 -171.95 -8.47 -13.89
N PHE A 296 -172.51 -9.63 -13.56
CA PHE A 296 -171.75 -10.73 -13.00
C PHE A 296 -171.54 -11.85 -14.02
N GLU A 297 -171.69 -11.52 -15.31
CA GLU A 297 -171.34 -12.42 -16.39
C GLU A 297 -170.00 -11.99 -16.96
N PRO A 298 -168.99 -12.86 -16.99
CA PRO A 298 -167.67 -12.44 -17.47
C PRO A 298 -167.66 -11.92 -18.90
N ALA A 299 -168.61 -12.37 -19.74
CA ALA A 299 -168.61 -11.99 -21.15
C ALA A 299 -168.72 -10.49 -21.38
N ASN A 300 -169.25 -9.75 -20.41
CA ASN A 300 -169.46 -8.31 -20.55
C ASN A 300 -168.46 -7.47 -19.77
N GLN A 301 -167.38 -8.08 -19.28
CA GLN A 301 -166.35 -7.32 -18.58
C GLN A 301 -165.43 -6.60 -19.56
N MET A 302 -164.78 -5.56 -19.06
CA MET A 302 -163.78 -4.84 -19.84
C MET A 302 -162.38 -5.42 -19.71
N VAL A 303 -162.12 -6.20 -18.66
CA VAL A 303 -160.85 -6.89 -18.48
C VAL A 303 -161.15 -8.38 -18.33
N LYS A 304 -160.44 -9.20 -19.11
CA LYS A 304 -160.73 -10.63 -19.17
C LYS A 304 -160.15 -11.33 -17.94
N CYS A 305 -161.03 -11.71 -17.02
CA CYS A 305 -160.66 -12.52 -15.86
C CYS A 305 -161.92 -13.19 -15.34
N ASP A 306 -161.79 -13.93 -14.25
CA ASP A 306 -162.90 -14.65 -13.64
C ASP A 306 -163.07 -14.21 -12.18
N PRO A 307 -163.99 -13.28 -11.90
CA PRO A 307 -164.17 -12.84 -10.50
C PRO A 307 -164.57 -13.95 -9.55
N ARG A 308 -165.12 -15.05 -10.07
CA ARG A 308 -165.45 -16.18 -9.21
C ARG A 308 -164.20 -16.76 -8.53
N HIS A 309 -163.02 -16.54 -9.12
CA HIS A 309 -161.75 -16.98 -8.55
C HIS A 309 -161.13 -15.92 -7.64
N GLY A 310 -161.90 -14.94 -7.18
CA GLY A 310 -161.33 -13.85 -6.42
C GLY A 310 -162.32 -13.25 -5.45
N LYS A 311 -161.80 -12.43 -4.54
CA LYS A 311 -162.57 -11.78 -3.50
C LYS A 311 -162.79 -10.31 -3.85
N TYR A 312 -163.99 -9.82 -3.56
CA TYR A 312 -164.33 -8.43 -3.82
C TYR A 312 -163.89 -7.53 -2.69
N MET A 313 -163.19 -6.45 -3.02
CA MET A 313 -162.85 -5.42 -2.04
C MET A 313 -163.90 -4.31 -1.97
N ALA A 314 -164.59 -4.05 -3.08
CA ALA A 314 -165.65 -3.05 -3.13
C ALA A 314 -166.46 -3.30 -4.39
N CYS A 315 -167.61 -2.62 -4.49
CA CYS A 315 -168.51 -2.83 -5.63
C CYS A 315 -169.53 -1.72 -5.67
N CYS A 316 -169.55 -0.99 -6.79
CA CYS A 316 -170.52 0.07 -7.03
C CYS A 316 -171.36 -0.26 -8.26
N LEU A 317 -172.61 0.20 -8.26
CA LEU A 317 -173.52 0.05 -9.39
C LEU A 317 -174.00 1.44 -9.82
N LEU A 318 -173.73 1.79 -11.07
CA LEU A 318 -174.11 3.09 -11.63
C LEU A 318 -175.17 2.86 -12.70
N TYR A 319 -176.44 2.91 -12.31
CA TYR A 319 -177.55 2.80 -13.25
C TYR A 319 -177.82 4.16 -13.89
N ARG A 320 -178.32 4.13 -15.13
CA ARG A 320 -178.78 5.35 -15.78
C ARG A 320 -179.91 5.04 -16.74
N GLY A 321 -181.02 5.78 -16.59
CA GLY A 321 -182.15 5.64 -17.49
C GLY A 321 -183.47 5.40 -16.79
N ASP A 322 -184.36 4.66 -17.44
CA ASP A 322 -185.66 4.31 -16.88
C ASP A 322 -185.47 3.20 -15.85
N VAL A 323 -185.21 3.60 -14.60
CA VAL A 323 -184.90 2.66 -13.53
C VAL A 323 -185.73 3.01 -12.31
N VAL A 324 -186.37 2.00 -11.72
CA VAL A 324 -187.12 2.15 -10.47
C VAL A 324 -186.21 1.71 -9.34
N PRO A 325 -185.95 2.57 -8.34
CA PRO A 325 -185.05 2.18 -7.25
C PRO A 325 -185.41 0.87 -6.56
N LYS A 326 -186.67 0.47 -6.59
CA LYS A 326 -187.06 -0.79 -5.95
C LYS A 326 -186.66 -1.99 -6.80
N ASP A 327 -186.74 -1.87 -8.12
CA ASP A 327 -186.24 -2.92 -9.01
C ASP A 327 -184.77 -3.21 -8.72
N VAL A 328 -183.98 -2.17 -8.44
CA VAL A 328 -182.57 -2.36 -8.12
C VAL A 328 -182.42 -3.22 -6.87
N ASN A 329 -183.14 -2.87 -5.81
CA ASN A 329 -183.02 -3.62 -4.55
C ASN A 329 -183.46 -5.06 -4.72
N ALA A 330 -184.46 -5.31 -5.56
CA ALA A 330 -184.84 -6.68 -5.88
C ALA A 330 -183.71 -7.39 -6.63
N ALA A 331 -183.18 -6.76 -7.67
CA ALA A 331 -182.09 -7.36 -8.43
C ALA A 331 -180.86 -7.57 -7.55
N ILE A 332 -180.63 -6.68 -6.58
CA ILE A 332 -179.50 -6.87 -5.66
C ILE A 332 -179.73 -8.09 -4.78
N ALA A 333 -180.90 -8.17 -4.14
CA ALA A 333 -181.19 -9.30 -3.26
C ALA A 333 -181.16 -10.62 -4.00
N THR A 334 -181.66 -10.63 -5.24
CA THR A 334 -181.57 -11.83 -6.07
C THR A 334 -180.13 -12.31 -6.20
N ILE A 335 -179.22 -11.40 -6.57
CA ILE A 335 -177.84 -11.80 -6.81
C ILE A 335 -177.13 -12.07 -5.48
N LYS A 336 -177.47 -11.32 -4.43
CA LYS A 336 -176.85 -11.57 -3.13
C LYS A 336 -177.30 -12.88 -2.51
N THR A 337 -178.46 -13.41 -2.91
CA THR A 337 -178.96 -14.69 -2.42
C THR A 337 -178.73 -15.84 -3.38
N LYS A 338 -178.95 -15.63 -4.69
CA LYS A 338 -178.91 -16.71 -5.66
C LYS A 338 -177.58 -16.83 -6.37
N ARG A 339 -176.60 -16.02 -6.00
CA ARG A 339 -175.20 -16.25 -6.38
C ARG A 339 -174.34 -16.10 -5.13
N THR A 340 -173.11 -16.63 -5.21
CA THR A 340 -172.18 -16.62 -4.10
C THR A 340 -171.02 -15.68 -4.43
N ILE A 341 -171.26 -14.39 -4.31
CA ILE A 341 -170.21 -13.38 -4.52
C ILE A 341 -169.42 -13.28 -3.22
N GLN A 342 -168.23 -13.87 -3.20
CA GLN A 342 -167.40 -13.87 -2.01
C GLN A 342 -166.77 -12.50 -1.79
N PHE A 343 -166.89 -11.98 -0.58
CA PHE A 343 -166.26 -10.73 -0.18
C PHE A 343 -165.14 -11.01 0.81
N VAL A 344 -164.27 -10.02 0.99
CA VAL A 344 -163.28 -10.09 2.06
C VAL A 344 -163.94 -9.71 3.37
N ASP A 345 -163.40 -10.26 4.47
CA ASP A 345 -164.04 -10.09 5.77
C ASP A 345 -163.94 -8.67 6.30
N TRP A 346 -162.93 -7.91 5.88
CA TRP A 346 -162.74 -6.54 6.34
C TRP A 346 -163.35 -5.53 5.38
N CYS A 347 -164.43 -5.89 4.69
CA CYS A 347 -165.11 -5.02 3.74
C CYS A 347 -166.58 -4.80 4.11
N PRO A 348 -167.14 -3.64 3.79
CA PRO A 348 -168.60 -3.49 3.86
C PRO A 348 -169.27 -4.49 2.94
N THR A 349 -170.05 -5.40 3.53
CA THR A 349 -170.71 -6.37 2.66
C THR A 349 -171.88 -5.76 1.82
N GLY A 350 -172.10 -4.44 1.83
CA GLY A 350 -173.17 -3.82 1.06
C GLY A 350 -172.72 -3.18 -0.24
N PHE A 351 -173.51 -3.39 -1.28
CA PHE A 351 -173.27 -2.83 -2.61
C PHE A 351 -173.74 -1.38 -2.66
N LYS A 352 -172.83 -0.46 -3.00
CA LYS A 352 -173.19 0.94 -3.21
C LYS A 352 -173.86 1.13 -4.57
N VAL A 353 -174.81 2.07 -4.62
CA VAL A 353 -175.63 2.28 -5.81
C VAL A 353 -175.83 3.78 -6.06
N GLY A 354 -175.92 4.14 -7.34
CA GLY A 354 -176.36 5.47 -7.73
C GLY A 354 -177.07 5.41 -9.06
N ILE A 355 -177.98 6.36 -9.28
CA ILE A 355 -178.84 6.36 -10.46
C ILE A 355 -178.86 7.76 -11.07
N ASN A 356 -178.92 7.82 -12.41
CA ASN A 356 -179.06 9.08 -13.14
C ASN A 356 -180.08 8.84 -14.25
N TYR A 357 -181.25 9.49 -14.13
CA TYR A 357 -182.42 9.13 -14.95
C TYR A 357 -182.28 9.51 -16.41
N GLU A 358 -181.16 10.06 -16.86
CA GLU A 358 -181.02 10.42 -18.27
C GLU A 358 -180.64 9.19 -19.10
N PRO A 359 -181.15 9.09 -20.32
CA PRO A 359 -180.95 7.86 -21.12
C PRO A 359 -179.56 7.81 -21.71
N PRO A 360 -179.02 6.61 -21.92
CA PRO A 360 -177.70 6.48 -22.57
C PRO A 360 -177.73 6.98 -24.00
N THR A 361 -176.95 8.04 -24.26
CA THR A 361 -176.84 8.59 -25.61
C THR A 361 -175.90 7.73 -26.45
N VAL A 362 -176.30 7.49 -27.69
CA VAL A 362 -175.44 6.85 -28.67
C VAL A 362 -175.16 7.85 -29.79
N VAL A 363 -174.27 7.46 -30.71
CA VAL A 363 -173.89 8.30 -31.83
C VAL A 363 -174.86 8.06 -32.98
N PRO A 364 -175.35 9.10 -33.65
CA PRO A 364 -176.20 8.89 -34.83
C PRO A 364 -175.41 8.20 -35.94
N GLY A 365 -175.83 6.98 -36.27
CA GLY A 365 -175.11 6.11 -37.18
C GLY A 365 -174.41 4.97 -36.49
N GLY A 366 -174.25 5.03 -35.17
CA GLY A 366 -173.50 4.00 -34.47
C GLY A 366 -174.17 2.64 -34.56
N ASP A 367 -173.34 1.60 -34.56
CA ASP A 367 -173.84 0.24 -34.46
C ASP A 367 -174.48 -0.06 -33.11
N LEU A 368 -174.16 0.72 -32.08
CA LEU A 368 -174.79 0.56 -30.78
C LEU A 368 -176.15 1.24 -30.78
N ALA A 369 -177.15 0.54 -30.25
CA ALA A 369 -178.52 1.03 -30.23
C ALA A 369 -178.83 1.79 -28.95
N LYS A 370 -179.79 2.71 -29.04
CA LYS A 370 -180.30 3.39 -27.86
C LYS A 370 -181.06 2.39 -26.98
N VAL A 371 -180.65 2.27 -25.74
CA VAL A 371 -181.30 1.37 -24.79
C VAL A 371 -182.06 2.20 -23.77
N GLN A 372 -183.13 1.61 -23.23
CA GLN A 372 -183.97 2.31 -22.27
C GLN A 372 -183.23 2.55 -20.96
N ARG A 373 -182.53 1.53 -20.47
CA ARG A 373 -181.74 1.64 -19.25
C ARG A 373 -180.40 0.95 -19.47
N ALA A 374 -179.44 1.28 -18.60
CA ALA A 374 -178.11 0.71 -18.69
C ALA A 374 -177.44 0.79 -17.32
N VAL A 375 -176.38 -0.01 -17.16
CA VAL A 375 -175.69 -0.11 -15.88
C VAL A 375 -174.21 -0.34 -16.13
N CYS A 376 -173.37 0.20 -15.23
CA CYS A 376 -171.93 0.02 -15.29
C CYS A 376 -171.44 -0.30 -13.88
N MET A 377 -171.04 -1.56 -13.67
CA MET A 377 -170.65 -2.03 -12.33
C MET A 377 -169.13 -1.89 -12.17
N LEU A 378 -168.71 -1.14 -11.16
CA LEU A 378 -167.30 -0.95 -10.83
C LEU A 378 -166.99 -1.75 -9.58
N SER A 379 -166.07 -2.70 -9.69
CA SER A 379 -165.82 -3.67 -8.63
C SER A 379 -164.33 -3.99 -8.58
N ASN A 380 -163.70 -3.74 -7.43
CA ASN A 380 -162.28 -3.96 -7.25
C ASN A 380 -162.03 -5.40 -6.78
N THR A 381 -162.16 -6.33 -7.74
CA THR A 381 -161.96 -7.74 -7.46
C THR A 381 -160.49 -8.11 -7.57
N THR A 382 -160.09 -9.12 -6.79
CA THR A 382 -158.71 -9.62 -6.83
C THR A 382 -158.45 -10.51 -8.04
N ALA A 383 -159.48 -10.87 -8.79
CA ALA A 383 -159.28 -11.69 -9.99
C ALA A 383 -158.62 -10.90 -11.11
N ILE A 384 -158.61 -9.57 -11.03
CA ILE A 384 -157.91 -8.77 -12.03
C ILE A 384 -156.41 -8.99 -11.98
N ALA A 385 -155.91 -9.60 -10.90
CA ALA A 385 -154.50 -10.01 -10.86
C ALA A 385 -154.16 -10.98 -11.97
N GLU A 386 -155.14 -11.75 -12.44
CA GLU A 386 -154.92 -12.63 -13.58
C GLU A 386 -154.42 -11.85 -14.80
N ALA A 387 -154.91 -10.61 -14.97
CA ALA A 387 -154.47 -9.79 -16.09
C ALA A 387 -153.00 -9.41 -15.92
N TRP A 388 -152.60 -9.04 -14.70
CA TRP A 388 -151.20 -8.74 -14.44
C TRP A 388 -150.31 -9.96 -14.67
N ALA A 389 -150.82 -11.15 -14.34
CA ALA A 389 -150.03 -12.36 -14.53
C ALA A 389 -149.75 -12.61 -16.01
N ARG A 390 -150.71 -12.29 -16.87
CA ARG A 390 -150.51 -12.51 -18.30
C ARG A 390 -149.44 -11.58 -18.87
N LEU A 391 -149.43 -10.31 -18.45
CA LEU A 391 -148.38 -9.40 -18.87
C LEU A 391 -147.03 -9.83 -18.31
N ASP A 392 -146.98 -10.08 -17.00
CA ASP A 392 -145.72 -10.48 -16.36
C ASP A 392 -145.11 -11.71 -17.01
N HIS A 393 -145.95 -12.68 -17.38
CA HIS A 393 -145.45 -13.90 -18.01
C HIS A 393 -144.83 -13.59 -19.38
N LYS A 394 -145.57 -12.89 -20.24
CA LYS A 394 -145.03 -12.44 -21.52
C LYS A 394 -143.74 -11.66 -21.31
N PHE A 395 -143.75 -10.72 -20.36
CA PHE A 395 -142.55 -9.97 -20.02
C PHE A 395 -141.40 -10.90 -19.67
N ASP A 396 -141.66 -11.92 -18.84
CA ASP A 396 -140.58 -12.79 -18.37
C ASP A 396 -139.91 -13.52 -19.53
N LEU A 397 -140.71 -14.00 -20.50
CA LEU A 397 -140.16 -14.75 -21.62
C LEU A 397 -139.14 -13.92 -22.40
N MET A 398 -139.47 -12.68 -22.72
CA MET A 398 -138.58 -11.86 -23.53
C MET A 398 -137.38 -11.35 -22.72
N TYR A 399 -137.61 -10.92 -21.48
CA TYR A 399 -136.51 -10.43 -20.66
C TYR A 399 -135.58 -11.55 -20.21
N ALA A 400 -136.03 -12.81 -20.26
CA ALA A 400 -135.14 -13.92 -19.94
C ALA A 400 -133.98 -14.01 -20.93
N LYS A 401 -134.20 -13.58 -22.17
CA LYS A 401 -133.16 -13.53 -23.19
C LYS A 401 -132.68 -12.10 -23.44
N ARG A 402 -133.17 -11.13 -22.66
CA ARG A 402 -132.86 -9.72 -22.84
C ARG A 402 -133.20 -9.26 -24.26
N ALA A 403 -134.30 -9.79 -24.80
CA ALA A 403 -134.72 -9.45 -26.14
C ALA A 403 -135.26 -8.04 -26.19
N PHE A 404 -134.93 -7.31 -27.27
CA PHE A 404 -135.41 -5.96 -27.53
C PHE A 404 -134.96 -4.96 -26.47
N VAL A 405 -134.13 -5.40 -25.51
CA VAL A 405 -133.75 -4.53 -24.40
C VAL A 405 -132.82 -3.43 -24.87
N HIS A 406 -132.03 -3.68 -25.93
CA HIS A 406 -131.07 -2.67 -26.38
C HIS A 406 -131.75 -1.41 -26.89
N TRP A 407 -132.94 -1.53 -27.48
CA TRP A 407 -133.69 -0.35 -27.90
C TRP A 407 -133.94 0.58 -26.72
N TYR A 408 -134.40 0.02 -25.60
CA TYR A 408 -134.68 0.83 -24.42
C TYR A 408 -133.39 1.41 -23.84
N VAL A 409 -132.38 0.57 -23.66
CA VAL A 409 -131.12 1.01 -23.07
C VAL A 409 -130.44 2.07 -23.92
N GLY A 410 -130.63 2.01 -25.24
CA GLY A 410 -130.05 2.99 -26.13
C GLY A 410 -130.73 4.34 -26.19
N GLU A 411 -131.83 4.52 -25.45
CA GLU A 411 -132.49 5.81 -25.41
C GLU A 411 -132.59 6.35 -23.99
N GLY A 412 -131.48 6.30 -23.25
CA GLY A 412 -131.38 6.96 -21.97
C GLY A 412 -131.87 6.17 -20.78
N MET A 413 -132.16 4.88 -20.93
CA MET A 413 -132.72 4.07 -19.88
C MET A 413 -131.69 3.08 -19.35
N GLU A 414 -131.63 2.96 -18.02
CA GLU A 414 -130.80 1.95 -17.38
C GLU A 414 -131.48 0.59 -17.47
N GLU A 415 -130.68 -0.45 -17.73
CA GLU A 415 -131.22 -1.81 -17.85
C GLU A 415 -131.85 -2.26 -16.53
N GLY A 416 -131.25 -1.87 -15.40
CA GLY A 416 -131.80 -2.23 -14.10
C GLY A 416 -133.26 -1.85 -13.93
N GLU A 417 -133.68 -0.74 -14.55
CA GLU A 417 -135.07 -0.31 -14.43
C GLU A 417 -136.04 -1.40 -14.86
N PHE A 418 -135.63 -2.28 -15.77
CA PHE A 418 -136.45 -3.45 -16.11
C PHE A 418 -136.70 -4.30 -14.88
N SER A 419 -135.63 -4.66 -14.15
CA SER A 419 -135.77 -5.52 -12.99
C SER A 419 -136.56 -4.84 -11.87
N GLU A 420 -136.26 -3.57 -11.59
CA GLU A 420 -137.00 -2.85 -10.56
C GLU A 420 -138.50 -2.80 -10.86
N ALA A 421 -138.85 -2.70 -12.15
CA ALA A 421 -140.25 -2.74 -12.53
C ALA A 421 -140.84 -4.13 -12.33
N ARG A 422 -140.11 -5.16 -12.73
CA ARG A 422 -140.62 -6.53 -12.61
C ARG A 422 -140.83 -6.93 -11.15
N GLU A 423 -139.89 -6.54 -10.27
CA GLU A 423 -140.05 -6.83 -8.85
C GLU A 423 -141.26 -6.09 -8.29
N ASP A 424 -141.50 -4.86 -8.74
CA ASP A 424 -142.69 -4.12 -8.32
C ASP A 424 -143.96 -4.79 -8.83
N MET A 425 -143.88 -5.51 -9.95
CA MET A 425 -145.03 -6.26 -10.43
C MET A 425 -145.19 -7.58 -9.69
N ALA A 426 -144.07 -8.24 -9.36
CA ALA A 426 -144.14 -9.44 -8.54
C ALA A 426 -144.66 -9.12 -7.15
N ALA A 427 -144.24 -7.98 -6.58
CA ALA A 427 -144.74 -7.57 -5.28
C ALA A 427 -146.24 -7.27 -5.34
N LEU A 428 -146.70 -6.70 -6.45
CA LEU A 428 -148.14 -6.43 -6.59
C LEU A 428 -148.94 -7.72 -6.72
N GLU A 429 -148.38 -8.74 -7.37
CA GLU A 429 -149.07 -10.02 -7.45
C GLU A 429 -149.18 -10.69 -6.09
N LYS A 430 -148.18 -10.50 -5.23
CA LYS A 430 -148.29 -11.00 -3.86
C LYS A 430 -149.31 -10.18 -3.07
N ASP A 431 -149.38 -8.87 -3.34
CA ASP A 431 -150.33 -8.02 -2.64
C ASP A 431 -151.77 -8.43 -2.93
N TYR A 432 -152.04 -8.84 -4.16
CA TYR A 432 -153.39 -9.32 -4.51
C TYR A 432 -153.67 -10.66 -3.84
N GLU A 433 -152.65 -11.50 -3.66
CA GLU A 433 -152.85 -12.82 -3.08
C GLU A 433 -153.20 -12.73 -1.60
N GLU A 434 -152.43 -11.94 -0.84
CA GLU A 434 -152.59 -11.90 0.60
C GLU A 434 -153.93 -11.33 1.02
N VAL A 435 -154.47 -10.38 0.26
CA VAL A 435 -155.82 -9.87 0.54
C VAL A 435 -156.85 -10.97 0.37
N GLY A 436 -156.68 -11.81 -0.66
CA GLY A 436 -157.63 -12.87 -0.94
C GLY A 436 -157.23 -14.25 -0.45
N VAL A 437 -157.13 -14.41 0.88
CA VAL A 437 -156.89 -15.71 1.47
C VAL A 437 -157.50 -15.79 2.87
N MET B 1 -141.59 11.62 -38.11
CA MET B 1 -141.12 10.53 -38.96
C MET B 1 -141.88 10.52 -40.29
N ARG B 2 -141.40 11.32 -41.25
CA ARG B 2 -142.06 11.44 -42.55
C ARG B 2 -141.12 11.07 -43.69
N GLU B 3 -140.16 11.93 -44.06
CA GLU B 3 -139.42 11.78 -45.30
C GLU B 3 -138.34 10.71 -45.20
N ILE B 4 -138.03 10.11 -46.35
CA ILE B 4 -136.93 9.17 -46.49
C ILE B 4 -136.05 9.65 -47.64
N VAL B 5 -134.74 9.76 -47.39
CA VAL B 5 -133.78 10.07 -48.44
C VAL B 5 -133.30 8.76 -49.04
N HIS B 6 -133.31 8.66 -50.36
CA HIS B 6 -132.92 7.44 -51.06
C HIS B 6 -131.56 7.63 -51.71
N ILE B 7 -130.77 6.56 -51.69
CA ILE B 7 -129.45 6.54 -52.31
C ILE B 7 -129.30 5.23 -53.07
N GLN B 8 -128.63 5.28 -54.21
CA GLN B 8 -128.26 4.08 -54.95
C GLN B 8 -126.81 4.22 -55.42
N ALA B 9 -126.01 3.18 -55.20
CA ALA B 9 -124.58 3.23 -55.43
C ALA B 9 -124.11 1.96 -56.14
N GLY B 10 -123.19 2.13 -57.09
CA GLY B 10 -122.70 1.03 -57.89
C GLY B 10 -123.65 0.71 -59.03
N GLN B 11 -123.20 -0.17 -59.92
CA GLN B 11 -124.02 -0.57 -61.05
C GLN B 11 -125.34 -1.16 -60.59
N CYS B 12 -125.27 -2.27 -59.86
CA CYS B 12 -126.48 -2.88 -59.33
C CYS B 12 -127.31 -1.88 -58.53
N GLY B 13 -126.65 -1.08 -57.70
CA GLY B 13 -127.36 -0.04 -56.95
C GLY B 13 -128.25 0.81 -57.81
N ASN B 14 -127.70 1.37 -58.90
CA ASN B 14 -128.52 2.19 -59.78
C ASN B 14 -129.47 1.37 -60.64
N GLN B 15 -129.17 0.08 -60.86
CA GLN B 15 -130.07 -0.76 -61.66
C GLN B 15 -131.33 -1.09 -60.88
N ILE B 16 -131.20 -1.82 -59.76
CA ILE B 16 -132.38 -2.16 -58.96
C ILE B 16 -132.99 -0.90 -58.36
N GLY B 17 -132.18 0.14 -58.15
CA GLY B 17 -132.68 1.41 -57.67
C GLY B 17 -133.65 2.05 -58.63
N ALA B 18 -133.22 2.23 -59.88
CA ALA B 18 -134.11 2.77 -60.90
C ALA B 18 -135.33 1.87 -61.09
N LYS B 19 -135.12 0.55 -61.11
CA LYS B 19 -136.23 -0.40 -61.18
C LYS B 19 -137.24 -0.16 -60.06
N PHE B 20 -136.75 0.11 -58.86
CA PHE B 20 -137.65 0.41 -57.75
C PHE B 20 -138.45 1.68 -58.01
N TRP B 21 -137.79 2.72 -58.53
CA TRP B 21 -138.49 3.97 -58.82
C TRP B 21 -139.51 3.79 -59.95
N GLU B 22 -139.19 2.95 -60.94
CA GLU B 22 -140.18 2.63 -61.96
C GLU B 22 -141.44 2.04 -61.35
N VAL B 23 -141.28 1.09 -60.42
CA VAL B 23 -142.43 0.40 -59.85
C VAL B 23 -143.29 1.35 -59.03
N ILE B 24 -142.68 2.04 -58.06
CA ILE B 24 -143.46 2.85 -57.13
C ILE B 24 -143.91 4.19 -57.71
N SER B 25 -143.30 4.65 -58.80
CA SER B 25 -143.84 5.81 -59.50
C SER B 25 -145.19 5.48 -60.12
N ASP B 26 -145.27 4.34 -60.81
CA ASP B 26 -146.55 3.84 -61.32
C ASP B 26 -147.57 3.68 -60.21
N GLU B 27 -147.21 2.93 -59.17
CA GLU B 27 -148.13 2.66 -58.06
C GLU B 27 -148.69 3.95 -57.47
N HIS B 28 -147.89 5.00 -57.45
CA HIS B 28 -148.34 6.30 -56.97
C HIS B 28 -148.94 7.17 -58.07
N GLY B 29 -148.88 6.73 -59.32
CA GLY B 29 -149.50 7.49 -60.41
C GLY B 29 -148.70 8.69 -60.87
N ILE B 30 -147.37 8.56 -60.91
CA ILE B 30 -146.49 9.63 -61.40
C ILE B 30 -145.92 9.22 -62.74
N ASP B 31 -145.92 10.15 -63.68
CA ASP B 31 -145.36 9.91 -65.01
C ASP B 31 -143.88 10.28 -65.03
N PRO B 32 -143.16 9.91 -66.09
CA PRO B 32 -141.73 10.26 -66.17
C PRO B 32 -141.47 11.75 -66.15
N THR B 33 -142.44 12.59 -66.52
CA THR B 33 -142.25 14.03 -66.46
C THR B 33 -142.41 14.57 -65.05
N GLY B 34 -143.05 13.83 -64.16
CA GLY B 34 -143.20 14.25 -62.78
C GLY B 34 -144.52 14.94 -62.52
N SER B 35 -145.62 14.37 -63.03
CA SER B 35 -146.93 14.96 -62.89
C SER B 35 -147.93 13.87 -62.51
N TYR B 36 -148.87 14.19 -61.63
CA TYR B 36 -149.80 13.21 -61.10
C TYR B 36 -150.92 12.96 -62.10
N HIS B 37 -151.04 11.71 -62.54
CA HIS B 37 -152.15 11.27 -63.38
C HIS B 37 -152.81 10.04 -62.78
N GLY B 38 -152.93 10.00 -61.46
CA GLY B 38 -153.60 8.93 -60.76
C GLY B 38 -155.08 9.17 -60.63
N ASP B 39 -155.72 8.41 -59.73
CA ASP B 39 -157.15 8.55 -59.52
C ASP B 39 -157.59 8.07 -58.15
N SER B 40 -156.77 8.30 -57.12
CA SER B 40 -157.11 7.86 -55.78
C SER B 40 -156.33 8.68 -54.76
N ASP B 41 -156.95 8.89 -53.60
CA ASP B 41 -156.29 9.63 -52.53
C ASP B 41 -155.33 8.76 -51.73
N LEU B 42 -155.62 7.46 -51.62
CA LEU B 42 -154.70 6.54 -50.94
C LEU B 42 -153.32 6.52 -51.58
N GLN B 43 -153.17 7.09 -52.78
CA GLN B 43 -151.89 7.14 -53.49
C GLN B 43 -151.05 8.35 -53.07
N LEU B 44 -151.67 9.52 -52.99
CA LEU B 44 -150.99 10.75 -52.59
C LEU B 44 -151.06 11.01 -51.10
N GLU B 45 -151.56 10.05 -50.31
CA GLU B 45 -151.64 10.24 -48.87
C GLU B 45 -150.25 10.38 -48.25
N ARG B 46 -149.32 9.53 -48.68
CA ARG B 46 -147.95 9.54 -48.18
C ARG B 46 -146.95 9.58 -49.33
N ILE B 47 -147.28 10.37 -50.36
CA ILE B 47 -146.34 10.61 -51.45
C ILE B 47 -145.15 11.42 -50.98
N ASN B 48 -145.32 12.23 -49.93
CA ASN B 48 -144.24 13.03 -49.37
C ASN B 48 -143.08 12.20 -48.83
N VAL B 49 -143.25 10.88 -48.71
CA VAL B 49 -142.19 10.03 -48.18
C VAL B 49 -141.02 9.96 -49.14
N TYR B 50 -141.28 9.55 -50.39
CA TYR B 50 -140.24 9.32 -51.37
C TYR B 50 -140.12 10.42 -52.42
N TYR B 51 -141.04 11.38 -52.43
CA TYR B 51 -141.10 12.39 -53.47
C TYR B 51 -141.18 13.78 -52.86
N ASN B 52 -141.00 14.80 -53.71
CA ASN B 52 -141.12 16.19 -53.30
C ASN B 52 -142.30 16.87 -54.00
N VAL B 60 -141.11 14.69 -57.93
CA VAL B 60 -139.68 14.57 -58.12
C VAL B 60 -139.07 13.73 -56.98
N PRO B 61 -138.29 12.71 -57.34
CA PRO B 61 -137.74 11.81 -56.33
C PRO B 61 -136.74 12.50 -55.42
N ARG B 62 -136.73 12.07 -54.15
CA ARG B 62 -135.69 12.43 -53.20
C ARG B 62 -134.57 11.39 -53.27
N ALA B 63 -133.94 11.33 -54.43
CA ALA B 63 -133.03 10.23 -54.77
C ALA B 63 -131.69 10.80 -55.20
N ILE B 64 -130.62 10.19 -54.72
CA ILE B 64 -129.26 10.55 -55.09
C ILE B 64 -128.64 9.38 -55.81
N LEU B 65 -128.03 9.64 -56.95
CA LEU B 65 -127.47 8.61 -57.82
C LEU B 65 -125.96 8.72 -57.77
N VAL B 66 -125.31 7.59 -57.47
CA VAL B 66 -123.87 7.58 -57.22
C VAL B 66 -123.26 6.37 -57.91
N ASP B 67 -122.05 6.56 -58.45
CA ASP B 67 -121.22 5.53 -59.02
C ASP B 67 -119.86 6.13 -59.35
N LEU B 68 -118.81 5.33 -59.17
CA LEU B 68 -117.53 5.73 -59.70
C LEU B 68 -117.49 5.59 -61.22
N GLU B 69 -118.16 4.59 -61.76
CA GLU B 69 -118.29 4.41 -63.20
C GLU B 69 -119.15 5.52 -63.80
N PRO B 70 -118.59 6.44 -64.59
CA PRO B 70 -119.41 7.55 -65.11
C PRO B 70 -120.43 7.13 -66.15
N GLY B 71 -120.23 6.00 -66.82
CA GLY B 71 -121.19 5.53 -67.81
C GLY B 71 -122.58 5.30 -67.24
N THR B 72 -122.64 4.86 -65.98
CA THR B 72 -123.93 4.54 -65.36
C THR B 72 -124.88 5.74 -65.37
N MET B 73 -124.34 6.96 -65.29
CA MET B 73 -125.12 8.19 -65.49
C MET B 73 -126.12 8.03 -66.61
N ASP B 74 -125.63 7.65 -67.78
CA ASP B 74 -126.43 7.60 -69.00
C ASP B 74 -127.34 6.39 -69.03
N SER B 75 -126.89 5.26 -68.47
CA SER B 75 -127.75 4.09 -68.38
C SER B 75 -129.01 4.37 -67.57
N VAL B 76 -128.95 5.35 -66.67
CA VAL B 76 -130.13 5.73 -65.90
C VAL B 76 -130.99 6.74 -66.65
N ARG B 77 -130.39 7.85 -67.10
CA ARG B 77 -131.17 8.89 -67.77
C ARG B 77 -131.78 8.39 -69.07
N SER B 78 -131.09 7.50 -69.78
CA SER B 78 -131.65 6.91 -70.98
C SER B 78 -132.66 5.80 -70.67
N GLY B 79 -132.87 5.49 -69.39
CA GLY B 79 -133.92 4.59 -69.01
C GLY B 79 -135.28 5.24 -69.08
N PRO B 80 -136.31 4.47 -68.74
CA PRO B 80 -137.69 4.99 -68.87
C PRO B 80 -137.95 6.21 -67.99
N PHE B 81 -137.80 6.05 -66.67
CA PHE B 81 -138.00 7.15 -65.73
C PHE B 81 -136.71 7.92 -65.44
N GLY B 82 -135.74 7.89 -66.35
CA GLY B 82 -134.48 8.58 -66.12
C GLY B 82 -134.59 10.10 -66.13
N GLN B 83 -135.65 10.64 -66.73
CA GLN B 83 -135.78 12.09 -66.82
C GLN B 83 -136.17 12.74 -65.51
N ILE B 84 -136.74 11.98 -64.58
CA ILE B 84 -137.37 12.56 -63.40
C ILE B 84 -136.36 12.96 -62.32
N PHE B 85 -135.19 12.34 -62.30
CA PHE B 85 -134.23 12.57 -61.23
C PHE B 85 -133.60 13.95 -61.34
N ARG B 86 -133.36 14.58 -60.19
CA ARG B 86 -132.77 15.91 -60.15
C ARG B 86 -131.34 15.88 -60.71
N PRO B 87 -130.99 16.77 -61.64
CA PRO B 87 -129.63 16.74 -62.19
C PRO B 87 -128.53 16.94 -61.15
N ASP B 88 -128.78 17.77 -60.14
CA ASP B 88 -127.78 17.99 -59.10
C ASP B 88 -127.47 16.71 -58.33
N ASN B 89 -128.47 15.84 -58.16
CA ASN B 89 -128.30 14.64 -57.37
C ASN B 89 -127.52 13.54 -58.08
N PHE B 90 -127.02 13.81 -59.29
CA PHE B 90 -126.08 12.93 -59.96
C PHE B 90 -124.67 13.28 -59.49
N VAL B 91 -123.98 12.33 -58.87
CA VAL B 91 -122.62 12.52 -58.39
C VAL B 91 -121.80 11.31 -58.83
N PHE B 92 -120.87 11.51 -59.75
CA PHE B 92 -120.21 10.39 -60.42
C PHE B 92 -118.73 10.69 -60.57
N GLY B 93 -117.90 9.65 -60.41
CA GLY B 93 -116.47 9.78 -60.53
C GLY B 93 -115.99 9.60 -61.96
N GLN B 94 -114.66 9.70 -62.12
CA GLN B 94 -114.01 9.59 -63.42
C GLN B 94 -113.75 8.13 -63.82
N SER B 95 -113.09 7.37 -62.95
CA SER B 95 -112.78 5.98 -63.20
C SER B 95 -113.66 5.09 -62.31
N GLY B 96 -113.55 3.78 -62.53
CA GLY B 96 -114.32 2.81 -61.78
C GLY B 96 -113.48 2.13 -60.71
N ALA B 97 -114.18 1.42 -59.82
CA ALA B 97 -113.50 0.75 -58.71
C ALA B 97 -112.93 -0.60 -59.11
N GLY B 98 -113.53 -1.26 -60.09
CA GLY B 98 -113.06 -2.55 -60.56
C GLY B 98 -113.04 -3.62 -59.50
N ASN B 99 -114.20 -3.86 -58.89
CA ASN B 99 -114.42 -4.96 -57.95
C ASN B 99 -113.44 -4.96 -56.77
N ASN B 100 -112.80 -3.84 -56.48
CA ASN B 100 -111.87 -3.74 -55.36
C ASN B 100 -112.55 -2.92 -54.26
N TRP B 101 -112.96 -3.61 -53.21
CA TRP B 101 -113.63 -2.96 -52.07
C TRP B 101 -112.76 -1.85 -51.49
N ALA B 102 -111.43 -2.07 -51.43
CA ALA B 102 -110.54 -1.07 -50.87
C ALA B 102 -110.57 0.23 -51.68
N LYS B 103 -110.63 0.12 -53.02
CA LYS B 103 -110.72 1.32 -53.84
C LYS B 103 -112.01 2.08 -53.58
N GLY B 104 -113.11 1.37 -53.30
CA GLY B 104 -114.36 2.03 -52.99
C GLY B 104 -114.40 2.59 -51.59
N HIS B 105 -113.70 1.97 -50.65
CA HIS B 105 -113.80 2.33 -49.24
C HIS B 105 -112.70 3.27 -48.77
N TYR B 106 -111.52 3.24 -49.39
CA TYR B 106 -110.37 3.98 -48.88
C TYR B 106 -109.79 4.98 -49.86
N THR B 107 -109.67 4.61 -51.14
CA THR B 107 -108.98 5.46 -52.11
C THR B 107 -109.94 6.27 -52.96
N GLU B 108 -110.42 5.68 -54.05
CA GLU B 108 -111.16 6.42 -55.06
C GLU B 108 -112.57 6.76 -54.61
N GLY B 109 -113.28 5.78 -54.04
CA GLY B 109 -114.60 6.06 -53.51
C GLY B 109 -114.58 7.08 -52.40
N ALA B 110 -113.49 7.15 -51.64
CA ALA B 110 -113.39 8.12 -50.55
C ALA B 110 -113.23 9.54 -51.07
N GLU B 111 -112.54 9.71 -52.19
CA GLU B 111 -112.34 11.05 -52.73
C GLU B 111 -113.66 11.68 -53.16
N LEU B 112 -114.59 10.88 -53.65
CA LEU B 112 -115.87 11.37 -54.13
C LEU B 112 -116.93 11.44 -53.03
N VAL B 113 -116.77 10.68 -51.95
CA VAL B 113 -117.83 10.51 -50.97
C VAL B 113 -118.23 11.83 -50.33
N ASP B 114 -117.30 12.80 -50.29
CA ASP B 114 -117.64 14.11 -49.76
C ASP B 114 -118.68 14.81 -50.61
N SER B 115 -118.44 14.86 -51.93
CA SER B 115 -119.41 15.44 -52.86
C SER B 115 -120.80 14.83 -52.68
N VAL B 116 -120.85 13.52 -52.38
CA VAL B 116 -122.13 12.85 -52.18
C VAL B 116 -122.81 13.37 -50.91
N LEU B 117 -122.05 13.47 -49.81
CA LEU B 117 -122.61 13.96 -48.56
C LEU B 117 -123.15 15.37 -48.70
N ASP B 118 -122.57 16.18 -49.60
CA ASP B 118 -123.10 17.51 -49.83
C ASP B 118 -124.52 17.47 -50.38
N VAL B 119 -124.79 16.53 -51.30
CA VAL B 119 -126.13 16.40 -51.85
C VAL B 119 -127.07 15.78 -50.83
N VAL B 120 -126.59 14.79 -50.08
CA VAL B 120 -127.38 14.21 -49.00
C VAL B 120 -127.83 15.29 -48.02
N ARG B 121 -126.89 16.15 -47.62
CA ARG B 121 -127.22 17.27 -46.75
C ARG B 121 -128.29 18.15 -47.39
N LYS B 122 -128.11 18.50 -48.66
CA LYS B 122 -129.06 19.37 -49.36
C LYS B 122 -130.47 18.80 -49.32
N GLU B 123 -130.61 17.51 -49.57
CA GLU B 123 -131.94 16.90 -49.59
C GLU B 123 -132.53 16.81 -48.19
N SER B 124 -131.69 16.50 -47.20
CA SER B 124 -132.17 16.44 -45.81
C SER B 124 -132.52 17.81 -45.28
N GLU B 125 -131.76 18.85 -45.68
CA GLU B 125 -131.99 20.21 -45.18
C GLU B 125 -133.44 20.65 -45.33
N SER B 126 -134.06 20.32 -46.47
CA SER B 126 -135.42 20.75 -46.76
C SER B 126 -136.45 19.66 -46.47
N CYS B 127 -136.26 18.93 -45.36
CA CYS B 127 -137.20 17.90 -44.93
C CYS B 127 -137.90 18.36 -43.66
N ASP B 128 -139.23 18.27 -43.64
CA ASP B 128 -140.01 18.54 -42.43
C ASP B 128 -139.49 17.74 -41.26
N CYS B 129 -139.47 16.41 -41.38
CA CYS B 129 -138.96 15.54 -40.32
C CYS B 129 -138.44 14.27 -40.98
N LEU B 130 -137.13 14.12 -41.03
CA LEU B 130 -136.51 12.96 -41.64
C LEU B 130 -136.77 11.70 -40.81
N GLN B 131 -137.00 10.58 -41.51
CA GLN B 131 -137.03 9.27 -40.89
C GLN B 131 -135.64 8.63 -40.84
N GLY B 132 -135.02 8.50 -42.00
CA GLY B 132 -133.80 7.74 -42.14
C GLY B 132 -133.39 7.67 -43.59
N PHE B 133 -132.54 6.70 -43.91
CA PHE B 133 -131.95 6.60 -45.23
C PHE B 133 -132.20 5.22 -45.82
N GLN B 134 -131.92 5.10 -47.12
CA GLN B 134 -132.27 3.91 -47.87
C GLN B 134 -131.24 3.74 -48.98
N LEU B 135 -130.44 2.67 -48.90
CA LEU B 135 -129.36 2.43 -49.85
C LEU B 135 -129.59 1.11 -50.57
N THR B 136 -129.45 1.14 -51.90
CA THR B 136 -129.46 -0.05 -52.73
C THR B 136 -128.08 -0.22 -53.37
N HIS B 137 -127.58 -1.45 -53.35
CA HIS B 137 -126.22 -1.71 -53.83
C HIS B 137 -125.97 -3.22 -53.81
N SER B 138 -124.92 -3.63 -54.50
CA SER B 138 -124.43 -5.00 -54.49
C SER B 138 -123.22 -5.12 -53.58
N LEU B 139 -123.04 -6.32 -53.03
CA LEU B 139 -121.98 -6.56 -52.06
C LEU B 139 -120.70 -7.12 -52.65
N GLY B 140 -120.77 -7.75 -53.83
CA GLY B 140 -119.58 -8.27 -54.47
C GLY B 140 -118.78 -7.27 -55.27
N GLY B 141 -119.32 -6.08 -55.50
CA GLY B 141 -118.63 -5.07 -56.27
C GLY B 141 -117.57 -4.35 -55.46
N GLY B 142 -117.02 -3.30 -56.07
CA GLY B 142 -116.08 -2.43 -55.40
C GLY B 142 -116.70 -1.11 -54.97
N THR B 143 -117.58 -0.58 -55.81
CA THR B 143 -118.23 0.68 -55.52
C THR B 143 -119.44 0.50 -54.61
N GLY B 144 -120.37 -0.38 -55.00
CA GLY B 144 -121.57 -0.58 -54.19
C GLY B 144 -121.27 -1.05 -52.79
N SER B 145 -120.25 -1.90 -52.63
CA SER B 145 -119.86 -2.41 -51.33
C SER B 145 -118.88 -1.49 -50.62
N GLY B 146 -117.80 -1.11 -51.31
CA GLY B 146 -116.76 -0.32 -50.65
C GLY B 146 -117.18 1.11 -50.39
N MET B 147 -117.68 1.79 -51.42
CA MET B 147 -118.13 3.17 -51.22
C MET B 147 -119.45 3.21 -50.48
N GLY B 148 -120.31 2.21 -50.68
CA GLY B 148 -121.57 2.16 -49.95
C GLY B 148 -121.37 2.07 -48.45
N THR B 149 -120.59 1.09 -48.00
CA THR B 149 -120.33 0.94 -46.57
C THR B 149 -119.61 2.16 -46.00
N LEU B 150 -118.76 2.81 -46.80
CA LEU B 150 -118.11 4.04 -46.36
C LEU B 150 -119.10 5.19 -46.27
N LEU B 151 -120.01 5.29 -47.25
CA LEU B 151 -121.07 6.29 -47.18
C LEU B 151 -121.95 6.10 -45.97
N ILE B 152 -122.30 4.84 -45.67
CA ILE B 152 -123.18 4.54 -44.53
C ILE B 152 -122.57 5.05 -43.23
N SER B 153 -121.34 4.61 -42.93
CA SER B 153 -120.63 5.09 -41.74
C SER B 153 -120.55 6.60 -41.70
N LYS B 154 -120.26 7.23 -42.85
CA LYS B 154 -120.16 8.69 -42.90
C LYS B 154 -121.50 9.35 -42.62
N ILE B 155 -122.61 8.70 -42.99
CA ILE B 155 -123.93 9.22 -42.66
C ILE B 155 -124.29 8.91 -41.22
N ARG B 156 -124.09 7.66 -40.79
CA ARG B 156 -124.27 7.23 -39.40
C ARG B 156 -123.69 8.23 -38.40
N GLU B 157 -122.53 8.79 -38.70
CA GLU B 157 -121.89 9.74 -37.79
C GLU B 157 -122.36 11.17 -38.01
N GLU B 158 -122.83 11.51 -39.22
CA GLU B 158 -123.40 12.83 -39.46
C GLU B 158 -124.89 12.89 -39.12
N TYR B 159 -125.59 11.76 -39.16
CA TYR B 159 -127.01 11.69 -38.82
C TYR B 159 -127.25 10.52 -37.87
N PRO B 160 -126.82 10.62 -36.62
CA PRO B 160 -127.00 9.51 -35.68
C PRO B 160 -128.42 9.41 -35.13
N ASP B 161 -129.29 10.38 -35.39
CA ASP B 161 -130.66 10.36 -34.92
C ASP B 161 -131.62 9.73 -35.92
N ARG B 162 -131.12 8.94 -36.87
CA ARG B 162 -131.93 8.44 -37.97
C ARG B 162 -131.67 6.97 -38.19
N ILE B 163 -132.58 6.32 -38.93
CA ILE B 163 -132.51 4.90 -39.24
C ILE B 163 -131.68 4.70 -40.51
N MET B 164 -130.98 3.57 -40.59
CA MET B 164 -130.21 3.19 -41.77
C MET B 164 -130.71 1.84 -42.26
N ASN B 165 -131.27 1.82 -43.47
CA ASN B 165 -131.93 0.64 -44.02
C ASN B 165 -131.38 0.39 -45.42
N THR B 166 -130.84 -0.81 -45.64
CA THR B 166 -130.14 -1.13 -46.88
C THR B 166 -130.81 -2.31 -47.59
N PHE B 167 -130.75 -2.27 -48.92
CA PHE B 167 -131.15 -3.38 -49.79
C PHE B 167 -129.88 -3.89 -50.46
N SER B 168 -129.20 -4.83 -49.79
CA SER B 168 -127.92 -5.35 -50.24
C SER B 168 -128.13 -6.71 -50.89
N VAL B 169 -127.58 -6.88 -52.09
CA VAL B 169 -127.71 -8.13 -52.83
C VAL B 169 -126.42 -8.93 -52.69
N VAL B 170 -126.56 -10.21 -52.41
CA VAL B 170 -125.42 -11.09 -52.12
C VAL B 170 -124.92 -11.68 -53.43
N PRO B 171 -123.60 -11.73 -53.64
CA PRO B 171 -123.07 -12.37 -54.85
C PRO B 171 -123.15 -13.89 -54.77
N SER B 172 -123.25 -14.51 -55.94
CA SER B 172 -123.27 -15.95 -56.08
C SER B 172 -122.50 -16.32 -57.35
N PRO B 173 -121.76 -17.42 -57.33
CA PRO B 173 -121.06 -17.88 -58.54
C PRO B 173 -122.00 -18.07 -59.72
N LYS B 174 -123.29 -18.31 -59.44
CA LYS B 174 -124.28 -18.49 -60.48
C LYS B 174 -124.56 -17.23 -61.28
N VAL B 175 -124.08 -16.06 -60.84
CA VAL B 175 -124.38 -14.81 -61.52
C VAL B 175 -123.11 -14.08 -61.95
N SER B 176 -122.00 -14.31 -61.23
CA SER B 176 -120.72 -13.76 -61.65
C SER B 176 -119.60 -14.62 -61.09
N ASP B 177 -118.69 -15.06 -61.96
CA ASP B 177 -117.59 -15.95 -61.61
C ASP B 177 -116.37 -15.22 -61.02
N THR B 178 -116.50 -13.93 -60.69
CA THR B 178 -115.40 -13.20 -60.07
C THR B 178 -115.15 -13.73 -58.65
N VAL B 179 -113.89 -14.09 -58.37
CA VAL B 179 -113.55 -14.76 -57.11
C VAL B 179 -113.24 -13.79 -55.97
N VAL B 180 -113.11 -12.49 -56.26
CA VAL B 180 -112.90 -11.51 -55.20
C VAL B 180 -114.19 -11.10 -54.51
N GLU B 181 -115.33 -11.50 -55.05
CA GLU B 181 -116.61 -11.19 -54.41
C GLU B 181 -116.71 -11.71 -52.97
N PRO B 182 -116.28 -12.94 -52.65
CA PRO B 182 -116.26 -13.35 -51.23
C PRO B 182 -115.49 -12.39 -50.34
N TYR B 183 -114.36 -11.87 -50.80
CA TYR B 183 -113.64 -10.83 -50.06
C TYR B 183 -114.52 -9.60 -49.84
N ASN B 184 -115.01 -9.01 -50.94
CA ASN B 184 -115.76 -7.77 -50.86
C ASN B 184 -117.01 -7.91 -50.00
N ALA B 185 -117.75 -9.00 -50.18
CA ALA B 185 -119.00 -9.18 -49.45
C ALA B 185 -118.75 -9.39 -47.96
N THR B 186 -117.72 -10.18 -47.63
CA THR B 186 -117.39 -10.40 -46.23
C THR B 186 -117.00 -9.08 -45.54
N LEU B 187 -116.14 -8.31 -46.20
CA LEU B 187 -115.75 -7.01 -45.66
C LEU B 187 -116.96 -6.09 -45.46
N SER B 188 -117.93 -6.18 -46.37
CA SER B 188 -119.12 -5.33 -46.27
C SER B 188 -120.08 -5.81 -45.19
N VAL B 189 -120.19 -7.13 -45.02
CA VAL B 189 -121.03 -7.65 -43.93
C VAL B 189 -120.44 -7.26 -42.58
N HIS B 190 -119.11 -7.27 -42.49
CA HIS B 190 -118.42 -6.75 -41.32
C HIS B 190 -118.81 -5.30 -41.04
N GLN B 191 -119.17 -4.55 -42.08
CA GLN B 191 -119.62 -3.16 -41.90
C GLN B 191 -121.08 -3.09 -41.52
N LEU B 192 -121.94 -3.81 -42.25
CA LEU B 192 -123.38 -3.65 -42.11
C LEU B 192 -123.87 -4.09 -40.74
N VAL B 193 -123.25 -5.13 -40.17
CA VAL B 193 -123.65 -5.61 -38.85
C VAL B 193 -123.42 -4.55 -37.78
N GLU B 194 -122.54 -3.60 -38.03
CA GLU B 194 -122.24 -2.54 -37.07
C GLU B 194 -122.87 -1.20 -37.42
N ASN B 195 -123.30 -0.99 -38.66
CA ASN B 195 -123.63 0.34 -39.14
C ASN B 195 -125.08 0.53 -39.55
N THR B 196 -125.86 -0.54 -39.72
CA THR B 196 -127.22 -0.41 -40.21
C THR B 196 -128.22 -1.02 -39.23
N ASP B 197 -129.40 -0.42 -39.16
CA ASP B 197 -130.46 -0.90 -38.27
C ASP B 197 -131.19 -2.11 -38.86
N GLU B 198 -131.41 -2.12 -40.17
CA GLU B 198 -132.08 -3.25 -40.81
C GLU B 198 -131.57 -3.41 -42.23
N THR B 199 -131.43 -4.65 -42.67
CA THR B 199 -130.89 -4.97 -43.99
C THR B 199 -131.67 -6.14 -44.58
N TYR B 200 -132.23 -5.92 -45.77
CA TYR B 200 -132.89 -6.98 -46.53
C TYR B 200 -131.84 -7.69 -47.38
N CYS B 201 -131.72 -9.00 -47.17
CA CYS B 201 -130.67 -9.80 -47.82
C CYS B 201 -131.23 -10.39 -49.11
N ILE B 202 -130.86 -9.79 -50.24
CA ILE B 202 -131.24 -10.28 -51.55
C ILE B 202 -130.12 -11.18 -52.06
N ASP B 203 -130.41 -12.45 -52.25
CA ASP B 203 -129.39 -13.42 -52.64
C ASP B 203 -129.52 -13.72 -54.12
N ASN B 204 -128.46 -13.43 -54.88
CA ASN B 204 -128.45 -13.76 -56.30
C ASN B 204 -128.54 -15.27 -56.51
N GLU B 205 -127.96 -16.05 -55.60
CA GLU B 205 -128.16 -17.50 -55.59
C GLU B 205 -129.64 -17.86 -55.66
N ALA B 206 -130.45 -17.21 -54.84
CA ALA B 206 -131.88 -17.53 -54.80
C ALA B 206 -132.64 -16.92 -55.97
N LEU B 207 -132.20 -15.76 -56.47
CA LEU B 207 -132.87 -15.16 -57.63
C LEU B 207 -132.67 -16.00 -58.88
N TYR B 208 -131.47 -16.56 -59.05
CA TYR B 208 -131.24 -17.46 -60.17
C TYR B 208 -132.05 -18.74 -60.00
N ASP B 209 -131.97 -19.37 -58.82
CA ASP B 209 -132.71 -20.60 -58.57
C ASP B 209 -134.22 -20.41 -58.70
N ILE B 210 -134.71 -19.18 -58.54
CA ILE B 210 -136.14 -18.95 -58.74
C ILE B 210 -136.43 -18.71 -60.22
N CYS B 211 -135.61 -17.92 -60.90
CA CYS B 211 -135.79 -17.71 -62.33
C CYS B 211 -135.53 -19.00 -63.12
N PHE B 212 -134.62 -19.85 -62.63
CA PHE B 212 -134.27 -21.07 -63.36
C PHE B 212 -135.26 -22.19 -63.09
N ARG B 213 -135.58 -22.44 -61.81
CA ARG B 213 -136.34 -23.63 -61.45
C ARG B 213 -137.83 -23.36 -61.37
N THR B 214 -138.25 -22.23 -60.80
CA THR B 214 -139.67 -21.93 -60.66
C THR B 214 -140.24 -21.24 -61.89
N LEU B 215 -139.53 -20.26 -62.45
CA LEU B 215 -140.00 -19.53 -63.62
C LEU B 215 -139.61 -20.18 -64.94
N LYS B 216 -138.78 -21.22 -64.90
CA LYS B 216 -138.37 -21.97 -66.09
C LYS B 216 -137.84 -21.03 -67.19
N LEU B 217 -136.83 -20.26 -66.82
CA LEU B 217 -136.05 -19.46 -67.77
C LEU B 217 -134.63 -20.01 -67.77
N THR B 218 -134.18 -20.51 -68.92
CA THR B 218 -132.92 -21.23 -68.97
C THR B 218 -131.73 -20.31 -68.71
N THR B 219 -131.78 -19.08 -69.21
CA THR B 219 -130.73 -18.09 -68.95
C THR B 219 -131.36 -16.83 -68.39
N PRO B 220 -131.39 -16.66 -67.07
CA PRO B 220 -131.87 -15.40 -66.49
C PRO B 220 -130.88 -14.28 -66.73
N THR B 221 -131.40 -13.11 -67.10
CA THR B 221 -130.62 -11.90 -67.23
C THR B 221 -130.73 -11.07 -65.95
N TYR B 222 -129.95 -9.98 -65.90
CA TYR B 222 -130.09 -9.03 -64.81
C TYR B 222 -131.52 -8.51 -64.71
N GLY B 223 -132.08 -8.08 -65.83
CA GLY B 223 -133.48 -7.63 -65.84
C GLY B 223 -134.43 -8.65 -65.23
N ASP B 224 -134.20 -9.94 -65.50
CA ASP B 224 -135.05 -10.98 -64.93
C ASP B 224 -134.87 -11.04 -63.41
N LEU B 225 -133.62 -11.00 -62.94
CA LEU B 225 -133.38 -10.95 -61.50
C LEU B 225 -133.84 -9.63 -60.92
N ASN B 226 -133.66 -8.53 -61.66
CA ASN B 226 -134.07 -7.22 -61.18
C ASN B 226 -135.58 -7.09 -61.08
N HIS B 227 -136.33 -7.85 -61.88
CA HIS B 227 -137.79 -7.87 -61.75
C HIS B 227 -138.20 -8.43 -60.39
N LEU B 228 -137.57 -9.52 -59.96
CA LEU B 228 -137.87 -10.09 -58.66
C LEU B 228 -137.57 -9.12 -57.53
N VAL B 229 -136.53 -8.29 -57.69
CA VAL B 229 -136.11 -7.38 -56.62
C VAL B 229 -137.09 -6.23 -56.48
N SER B 230 -137.35 -5.51 -57.58
CA SER B 230 -138.20 -4.33 -57.54
C SER B 230 -139.59 -4.65 -56.98
N ALA B 231 -140.11 -5.84 -57.29
CA ALA B 231 -141.42 -6.23 -56.76
C ALA B 231 -141.34 -6.53 -55.27
N THR B 232 -140.24 -7.16 -54.84
CA THR B 232 -140.04 -7.39 -53.41
C THR B 232 -139.91 -6.07 -52.65
N MET B 233 -139.21 -5.10 -53.24
CA MET B 233 -139.01 -3.81 -52.59
C MET B 233 -140.33 -3.08 -52.40
N SER B 234 -141.12 -2.97 -53.48
CA SER B 234 -142.44 -2.36 -53.37
C SER B 234 -143.32 -3.09 -52.36
N GLY B 235 -143.12 -4.40 -52.21
CA GLY B 235 -143.90 -5.15 -51.23
C GLY B 235 -143.53 -4.83 -49.80
N VAL B 236 -142.23 -4.78 -49.50
CA VAL B 236 -141.80 -4.53 -48.13
C VAL B 236 -142.00 -3.06 -47.76
N THR B 237 -141.96 -2.16 -48.74
CA THR B 237 -142.18 -0.74 -48.51
C THR B 237 -143.64 -0.33 -48.65
N THR B 238 -144.55 -1.31 -48.71
CA THR B 238 -145.97 -1.01 -48.82
C THR B 238 -146.46 -0.25 -47.58
N CYS B 239 -146.10 -0.75 -46.39
CA CYS B 239 -146.45 -0.07 -45.15
C CYS B 239 -145.98 1.38 -45.14
N LEU B 240 -144.78 1.63 -45.66
CA LEU B 240 -144.18 2.96 -45.57
C LEU B 240 -144.86 3.95 -46.50
N ARG B 241 -145.44 3.50 -47.60
CA ARG B 241 -145.89 4.38 -48.67
C ARG B 241 -147.39 4.64 -48.66
N PHE B 242 -148.16 3.89 -47.89
CA PHE B 242 -149.60 4.02 -47.84
C PHE B 242 -150.04 4.09 -46.40
N PRO B 243 -151.25 4.61 -46.13
CA PRO B 243 -151.71 4.69 -44.74
C PRO B 243 -151.93 3.30 -44.15
N GLY B 244 -151.59 3.17 -42.87
CA GLY B 244 -151.63 1.87 -42.22
C GLY B 244 -151.24 1.91 -40.78
N GLN B 245 -151.84 1.03 -39.98
CA GLN B 245 -151.61 1.02 -38.53
C GLN B 245 -150.27 0.40 -38.15
N LEU B 246 -149.96 -0.74 -38.75
CA LEU B 246 -148.88 -1.61 -38.28
C LEU B 246 -147.62 -1.43 -39.11
N ASN B 247 -146.47 -1.44 -38.43
CA ASN B 247 -145.16 -1.24 -39.05
C ASN B 247 -145.13 -0.01 -39.95
N ALA B 248 -145.56 1.13 -39.38
CA ALA B 248 -145.80 2.33 -40.18
C ALA B 248 -144.49 2.98 -40.62
N ASP B 249 -143.59 3.26 -39.68
CA ASP B 249 -142.36 3.97 -39.98
C ASP B 249 -141.15 3.06 -39.79
N LEU B 250 -139.99 3.57 -40.24
CA LEU B 250 -138.76 2.78 -40.24
C LEU B 250 -138.39 2.32 -38.83
N ARG B 251 -138.47 3.22 -37.85
CA ARG B 251 -138.03 2.87 -36.50
C ARG B 251 -138.96 1.84 -35.88
N LYS B 252 -140.28 2.03 -36.03
CA LYS B 252 -141.24 1.07 -35.47
C LYS B 252 -141.05 -0.32 -36.07
N LEU B 253 -140.78 -0.39 -37.37
CA LEU B 253 -140.48 -1.66 -38.02
C LEU B 253 -139.30 -2.36 -37.33
N ALA B 254 -138.15 -1.69 -37.29
CA ALA B 254 -136.96 -2.28 -36.68
C ALA B 254 -137.19 -2.63 -35.22
N VAL B 255 -138.02 -1.86 -34.51
CA VAL B 255 -138.29 -2.14 -33.10
C VAL B 255 -138.98 -3.50 -32.95
N ASN B 256 -139.91 -3.81 -33.85
CA ASN B 256 -140.67 -5.05 -33.76
C ASN B 256 -140.06 -6.19 -34.56
N MET B 257 -138.90 -5.98 -35.17
CA MET B 257 -138.25 -6.99 -35.99
C MET B 257 -136.88 -7.42 -35.48
N VAL B 258 -136.16 -6.56 -34.77
CA VAL B 258 -134.77 -6.78 -34.41
C VAL B 258 -134.67 -6.85 -32.89
N PRO B 259 -134.58 -8.06 -32.32
CA PRO B 259 -134.46 -8.17 -30.86
C PRO B 259 -133.05 -7.99 -30.34
N PHE B 260 -132.03 -8.23 -31.16
CA PHE B 260 -130.63 -8.10 -30.77
C PHE B 260 -129.93 -7.33 -31.87
N PRO B 261 -129.18 -6.26 -31.54
CA PRO B 261 -128.76 -5.29 -32.57
C PRO B 261 -127.99 -5.89 -33.74
N ARG B 262 -127.14 -6.89 -33.50
CA ARG B 262 -126.35 -7.48 -34.58
C ARG B 262 -127.20 -8.36 -35.48
N LEU B 263 -128.29 -8.92 -34.97
CA LEU B 263 -129.11 -9.87 -35.73
C LEU B 263 -130.27 -9.13 -36.40
N HIS B 264 -129.91 -8.32 -37.39
CA HIS B 264 -130.87 -7.48 -38.10
C HIS B 264 -130.85 -7.74 -39.60
N PHE B 265 -130.63 -8.98 -39.99
CA PHE B 265 -130.56 -9.37 -41.40
C PHE B 265 -131.81 -10.17 -41.76
N PHE B 266 -132.73 -9.52 -42.48
CA PHE B 266 -134.02 -10.12 -42.79
C PHE B 266 -133.93 -11.01 -44.02
N MET B 267 -134.66 -12.12 -43.99
CA MET B 267 -134.82 -13.00 -45.12
C MET B 267 -136.14 -12.65 -45.81
N PRO B 268 -136.13 -11.87 -46.88
CA PRO B 268 -137.39 -11.49 -47.54
C PRO B 268 -137.87 -12.58 -48.48
N GLY B 269 -139.17 -12.53 -48.75
CA GLY B 269 -139.80 -13.44 -49.68
C GLY B 269 -141.24 -13.00 -49.93
N PHE B 270 -141.75 -13.24 -51.14
CA PHE B 270 -143.07 -12.73 -51.46
C PHE B 270 -143.71 -13.63 -52.50
N ALA B 271 -144.99 -13.39 -52.77
CA ALA B 271 -145.81 -14.26 -53.58
C ALA B 271 -146.93 -13.45 -54.22
N PRO B 272 -147.43 -13.86 -55.39
CA PRO B 272 -146.91 -14.98 -56.18
C PRO B 272 -145.77 -14.60 -57.11
N LEU B 273 -144.94 -15.58 -57.45
CA LEU B 273 -143.78 -15.36 -58.30
C LEU B 273 -144.23 -15.36 -59.76
N THR B 274 -144.11 -14.21 -60.42
CA THR B 274 -144.50 -14.04 -61.81
C THR B 274 -143.28 -13.75 -62.67
N SER B 275 -143.45 -13.94 -63.98
CA SER B 275 -142.40 -13.66 -64.94
C SER B 275 -142.50 -12.20 -65.41
N ARG B 276 -141.58 -11.81 -66.29
CA ARG B 276 -141.56 -10.45 -66.83
C ARG B 276 -142.74 -10.25 -67.75
N GLY B 277 -143.82 -9.67 -67.23
CA GLY B 277 -144.95 -9.33 -68.08
C GLY B 277 -145.76 -10.49 -68.59
N SER B 278 -145.77 -11.61 -67.87
CA SER B 278 -146.60 -12.74 -68.27
C SER B 278 -148.04 -12.49 -67.84
N GLN B 279 -148.93 -13.42 -68.17
CA GLN B 279 -150.36 -13.22 -67.94
C GLN B 279 -150.79 -14.03 -66.71
N GLN B 280 -151.33 -13.33 -65.71
CA GLN B 280 -151.77 -13.95 -64.47
C GLN B 280 -153.29 -14.11 -64.47
N TYR B 281 -153.75 -15.21 -65.08
CA TYR B 281 -155.18 -15.41 -65.31
C TYR B 281 -155.93 -15.68 -64.01
N ARG B 282 -155.41 -16.58 -63.18
CA ARG B 282 -156.14 -17.06 -61.99
C ARG B 282 -155.50 -16.48 -60.74
N ALA B 283 -156.28 -15.65 -60.03
CA ALA B 283 -155.84 -15.04 -58.80
C ALA B 283 -155.80 -16.05 -57.66
N LEU B 284 -154.75 -15.99 -56.86
CA LEU B 284 -154.60 -16.92 -55.74
C LEU B 284 -155.66 -16.65 -54.67
N THR B 285 -155.88 -17.66 -53.83
CA THR B 285 -156.75 -17.54 -52.67
C THR B 285 -155.92 -17.14 -51.46
N VAL B 286 -156.62 -16.73 -50.39
CA VAL B 286 -155.93 -16.36 -49.16
C VAL B 286 -155.12 -17.52 -48.57
N PRO B 287 -155.66 -18.74 -48.45
CA PRO B 287 -154.82 -19.83 -47.93
C PRO B 287 -153.64 -20.19 -48.82
N GLU B 288 -153.74 -19.94 -50.13
CA GLU B 288 -152.61 -20.22 -51.02
C GLU B 288 -151.46 -19.26 -50.78
N LEU B 289 -151.74 -17.96 -50.77
CA LEU B 289 -150.74 -16.95 -50.42
C LEU B 289 -150.05 -17.29 -49.10
N THR B 290 -150.84 -17.59 -48.07
CA THR B 290 -150.30 -17.95 -46.77
C THR B 290 -149.28 -19.08 -46.87
N GLN B 291 -149.54 -20.07 -47.71
CA GLN B 291 -148.64 -21.20 -47.90
C GLN B 291 -147.53 -20.91 -48.91
N GLN B 292 -147.10 -19.65 -49.00
CA GLN B 292 -145.87 -19.28 -49.68
C GLN B 292 -144.86 -18.70 -48.70
N MET B 293 -145.09 -18.92 -47.41
CA MET B 293 -144.22 -18.42 -46.35
C MET B 293 -143.09 -19.42 -46.10
N PHE B 294 -143.40 -20.56 -45.49
CA PHE B 294 -142.42 -21.63 -45.34
C PHE B 294 -141.92 -22.15 -46.67
N ASP B 295 -142.70 -21.98 -47.74
CA ASP B 295 -142.29 -22.41 -49.07
C ASP B 295 -140.98 -21.73 -49.43
N ALA B 296 -139.87 -22.44 -49.25
CA ALA B 296 -138.54 -21.85 -49.43
C ALA B 296 -138.27 -21.45 -50.87
N LYS B 297 -139.08 -21.90 -51.83
CA LYS B 297 -138.94 -21.47 -53.21
C LYS B 297 -139.46 -20.06 -53.44
N ASN B 298 -139.96 -19.38 -52.41
CA ASN B 298 -140.38 -18.00 -52.49
C ASN B 298 -139.47 -17.06 -51.71
N MET B 299 -138.43 -17.57 -51.06
CA MET B 299 -137.51 -16.73 -50.30
C MET B 299 -136.50 -16.07 -51.22
N MET B 300 -136.33 -14.75 -51.07
CA MET B 300 -135.32 -14.04 -51.85
C MET B 300 -133.91 -14.30 -51.35
N ALA B 301 -133.75 -14.93 -50.19
CA ALA B 301 -132.47 -15.38 -49.69
C ALA B 301 -132.42 -16.91 -49.78
N ALA B 302 -131.25 -17.44 -50.15
CA ALA B 302 -131.10 -18.87 -50.38
C ALA B 302 -130.89 -19.58 -49.04
N CYS B 303 -132.00 -19.76 -48.32
CA CYS B 303 -132.00 -20.43 -47.03
C CYS B 303 -133.29 -21.21 -46.88
N ASP B 304 -133.24 -22.25 -46.05
CA ASP B 304 -134.40 -23.06 -45.76
C ASP B 304 -134.94 -22.67 -44.40
N PRO B 305 -136.10 -22.01 -44.31
CA PRO B 305 -136.68 -21.71 -43.00
C PRO B 305 -136.91 -22.95 -42.15
N ARG B 306 -137.08 -24.11 -42.78
CA ARG B 306 -137.25 -25.35 -42.03
C ARG B 306 -136.01 -25.69 -41.22
N HIS B 307 -134.84 -25.22 -41.66
CA HIS B 307 -133.58 -25.51 -41.00
C HIS B 307 -133.27 -24.53 -39.88
N GLY B 308 -134.13 -23.56 -39.62
CA GLY B 308 -133.94 -22.65 -38.51
C GLY B 308 -135.24 -22.26 -37.83
N ARG B 309 -135.22 -21.18 -37.04
CA ARG B 309 -136.40 -20.72 -36.34
C ARG B 309 -136.58 -19.22 -36.55
N TYR B 310 -137.83 -18.80 -36.67
CA TYR B 310 -138.14 -17.39 -36.85
C TYR B 310 -138.11 -16.66 -35.52
N LEU B 311 -137.36 -15.56 -35.47
CA LEU B 311 -137.43 -14.67 -34.31
C LEU B 311 -138.63 -13.74 -34.42
N THR B 312 -138.73 -13.01 -35.53
CA THR B 312 -139.86 -12.14 -35.82
C THR B 312 -140.24 -12.31 -37.28
N VAL B 313 -141.52 -12.05 -37.59
CA VAL B 313 -142.05 -12.16 -38.94
C VAL B 313 -143.02 -11.01 -39.17
N ALA B 314 -142.92 -10.37 -40.33
CA ALA B 314 -143.87 -9.36 -40.76
C ALA B 314 -144.45 -9.77 -42.11
N ALA B 315 -145.78 -9.84 -42.18
CA ALA B 315 -146.48 -10.20 -43.41
C ALA B 315 -147.26 -9.00 -43.93
N VAL B 316 -147.19 -8.78 -45.25
CA VAL B 316 -147.88 -7.68 -45.90
C VAL B 316 -148.72 -8.26 -47.02
N PHE B 317 -150.04 -8.30 -46.82
CA PHE B 317 -150.98 -8.79 -47.81
C PHE B 317 -151.55 -7.58 -48.58
N ARG B 318 -151.41 -7.60 -49.90
CA ARG B 318 -151.88 -6.52 -50.75
C ARG B 318 -153.05 -6.97 -51.61
N GLY B 319 -154.10 -6.15 -51.65
CA GLY B 319 -155.28 -6.43 -52.43
C GLY B 319 -156.54 -6.45 -51.59
N ARG B 320 -157.67 -6.47 -52.28
CA ARG B 320 -158.96 -6.60 -51.63
C ARG B 320 -159.20 -8.05 -51.26
N MET B 321 -159.40 -8.33 -49.97
CA MET B 321 -159.59 -9.69 -49.50
C MET B 321 -160.18 -9.63 -48.10
N SER B 322 -160.50 -10.81 -47.56
CA SER B 322 -161.12 -10.91 -46.25
C SER B 322 -160.06 -10.78 -45.17
N MET B 323 -160.11 -9.68 -44.41
CA MET B 323 -159.24 -9.56 -43.25
C MET B 323 -159.51 -10.67 -42.23
N LYS B 324 -160.75 -11.14 -42.17
CA LYS B 324 -161.09 -12.26 -41.28
C LYS B 324 -160.35 -13.53 -41.68
N GLU B 325 -160.28 -13.80 -42.99
CA GLU B 325 -159.65 -15.02 -43.47
C GLU B 325 -158.13 -14.96 -43.32
N VAL B 326 -157.53 -13.79 -43.55
CA VAL B 326 -156.08 -13.63 -43.40
C VAL B 326 -155.67 -13.89 -41.95
N ASP B 327 -156.36 -13.26 -41.00
CA ASP B 327 -156.08 -13.50 -39.59
C ASP B 327 -156.17 -14.99 -39.26
N GLU B 328 -157.22 -15.66 -39.76
CA GLU B 328 -157.40 -17.08 -39.51
C GLU B 328 -156.23 -17.88 -40.06
N GLN B 329 -155.84 -17.62 -41.32
CA GLN B 329 -154.78 -18.39 -41.95
C GLN B 329 -153.44 -18.15 -41.28
N MET B 330 -153.16 -16.92 -40.88
CA MET B 330 -151.90 -16.63 -40.20
C MET B 330 -151.86 -17.25 -38.81
N LEU B 331 -152.96 -17.12 -38.06
CA LEU B 331 -153.05 -17.78 -36.75
C LEU B 331 -152.94 -19.29 -36.88
N ASN B 332 -153.46 -19.85 -37.97
CA ASN B 332 -153.36 -21.28 -38.23
C ASN B 332 -151.90 -21.69 -38.44
N VAL B 333 -151.28 -21.18 -39.51
CA VAL B 333 -149.96 -21.61 -39.93
C VAL B 333 -148.92 -21.46 -38.83
N GLN B 334 -149.15 -20.55 -37.87
CA GLN B 334 -148.23 -20.40 -36.77
C GLN B 334 -148.28 -21.60 -35.83
N ASN B 335 -149.48 -21.97 -35.38
CA ASN B 335 -149.62 -23.02 -34.37
C ASN B 335 -149.51 -24.41 -34.96
N LYS B 336 -149.78 -24.59 -36.24
CA LYS B 336 -149.55 -25.89 -36.88
C LYS B 336 -148.08 -26.12 -37.20
N ASN B 337 -147.23 -25.11 -37.02
CA ASN B 337 -145.77 -25.23 -37.15
C ASN B 337 -145.10 -24.59 -35.94
N SER B 338 -145.68 -24.78 -34.76
CA SER B 338 -145.27 -24.04 -33.57
C SER B 338 -143.81 -24.27 -33.20
N SER B 339 -143.22 -25.39 -33.61
CA SER B 339 -141.83 -25.65 -33.29
C SER B 339 -140.86 -24.81 -34.12
N TYR B 340 -141.34 -24.09 -35.13
CA TYR B 340 -140.45 -23.30 -35.98
C TYR B 340 -140.41 -21.83 -35.59
N PHE B 341 -141.38 -21.35 -34.83
CA PHE B 341 -141.35 -20.00 -34.29
C PHE B 341 -140.86 -20.03 -32.84
N VAL B 342 -139.90 -19.17 -32.54
CA VAL B 342 -139.35 -19.07 -31.18
C VAL B 342 -140.47 -18.85 -30.18
N GLU B 343 -140.42 -19.59 -29.07
CA GLU B 343 -141.45 -19.48 -28.05
C GLU B 343 -141.25 -18.28 -27.13
N TRP B 344 -139.99 -17.88 -26.89
CA TRP B 344 -139.74 -16.85 -25.88
C TRP B 344 -140.00 -15.44 -26.38
N ILE B 345 -140.47 -15.27 -27.61
CA ILE B 345 -140.98 -13.99 -28.10
C ILE B 345 -142.44 -14.17 -28.47
N PRO B 346 -143.36 -13.82 -27.58
CA PRO B 346 -144.78 -14.03 -27.85
C PRO B 346 -145.33 -12.97 -28.80
N ASN B 347 -146.26 -13.39 -29.66
CA ASN B 347 -146.84 -12.54 -30.70
C ASN B 347 -145.75 -11.92 -31.57
N ASN B 348 -144.80 -12.76 -31.99
CA ASN B 348 -143.67 -12.30 -32.78
C ASN B 348 -144.00 -12.13 -34.26
N VAL B 349 -145.09 -12.73 -34.73
CA VAL B 349 -145.54 -12.56 -36.11
C VAL B 349 -146.60 -11.47 -36.15
N LYS B 350 -146.47 -10.55 -37.10
CA LYS B 350 -147.39 -9.42 -37.24
C LYS B 350 -147.80 -9.31 -38.70
N THR B 351 -149.10 -9.21 -38.94
CA THR B 351 -149.66 -9.16 -40.28
C THR B 351 -150.30 -7.80 -40.54
N ALA B 352 -150.23 -7.35 -41.79
CA ALA B 352 -150.84 -6.10 -42.19
C ALA B 352 -151.42 -6.27 -43.60
N VAL B 353 -152.46 -5.50 -43.88
CA VAL B 353 -153.18 -5.58 -45.15
C VAL B 353 -153.17 -4.21 -45.81
N CYS B 354 -153.07 -4.18 -47.14
CA CYS B 354 -153.15 -2.96 -47.92
C CYS B 354 -154.07 -3.22 -49.11
N ASP B 355 -155.07 -2.34 -49.30
CA ASP B 355 -156.09 -2.60 -50.30
C ASP B 355 -155.56 -2.45 -51.71
N ILE B 356 -154.60 -1.54 -51.92
CA ILE B 356 -154.06 -1.30 -53.26
C ILE B 356 -153.07 -2.41 -53.60
N PRO B 357 -153.34 -3.24 -54.60
CA PRO B 357 -152.42 -4.31 -54.95
C PRO B 357 -151.26 -3.78 -55.78
N PRO B 358 -150.24 -4.59 -56.03
CA PRO B 358 -149.18 -4.15 -56.95
C PRO B 358 -149.58 -4.41 -58.39
N ARG B 359 -149.09 -3.56 -59.28
CA ARG B 359 -149.59 -3.53 -60.65
C ARG B 359 -149.25 -4.84 -61.36
N GLY B 360 -150.24 -5.46 -61.98
CA GLY B 360 -150.13 -6.78 -62.55
C GLY B 360 -150.94 -7.81 -61.80
N LEU B 361 -150.97 -7.73 -60.48
CA LEU B 361 -151.54 -8.74 -59.61
C LEU B 361 -152.85 -8.26 -58.97
N LYS B 362 -153.80 -9.18 -58.81
CA LYS B 362 -155.02 -8.88 -58.07
C LYS B 362 -154.77 -8.97 -56.57
N MET B 363 -153.99 -9.97 -56.14
CA MET B 363 -153.60 -10.13 -54.76
C MET B 363 -152.11 -10.46 -54.73
N SER B 364 -151.45 -10.13 -53.62
CA SER B 364 -150.04 -10.46 -53.43
C SER B 364 -149.74 -10.44 -51.94
N ALA B 365 -148.58 -10.98 -51.58
CA ALA B 365 -148.20 -11.11 -50.18
C ALA B 365 -146.69 -11.22 -50.06
N THR B 366 -146.10 -10.35 -49.25
CA THR B 366 -144.67 -10.34 -48.98
C THR B 366 -144.41 -10.79 -47.55
N PHE B 367 -143.32 -11.54 -47.34
CA PHE B 367 -143.05 -12.26 -46.09
C PHE B 367 -141.66 -11.85 -45.60
N ILE B 368 -141.58 -10.79 -44.81
CA ILE B 368 -140.31 -10.34 -44.24
C ILE B 368 -140.05 -11.14 -42.96
N GLY B 369 -138.91 -11.83 -42.92
CA GLY B 369 -138.61 -12.68 -41.78
C GLY B 369 -137.19 -12.61 -41.26
N ASN B 370 -137.04 -12.42 -39.96
CA ASN B 370 -135.75 -12.58 -39.28
C ASN B 370 -135.65 -14.03 -38.83
N SER B 371 -135.18 -14.88 -39.74
CA SER B 371 -135.05 -16.31 -39.47
C SER B 371 -133.60 -16.67 -39.20
N THR B 372 -133.38 -17.48 -38.16
CA THR B 372 -132.03 -17.94 -37.84
C THR B 372 -131.44 -18.81 -38.94
N ALA B 373 -132.28 -19.32 -39.84
CA ALA B 373 -131.79 -20.06 -41.01
C ALA B 373 -130.86 -19.21 -41.86
N ILE B 374 -130.97 -17.88 -41.78
CA ILE B 374 -130.11 -16.96 -42.53
C ILE B 374 -128.63 -17.24 -42.29
N GLN B 375 -128.31 -17.96 -41.20
CA GLN B 375 -126.94 -18.38 -40.96
C GLN B 375 -126.38 -19.24 -42.09
N GLU B 376 -127.25 -19.97 -42.78
CA GLU B 376 -126.83 -20.73 -43.96
C GLU B 376 -126.20 -19.81 -45.01
N LEU B 377 -126.80 -18.64 -45.23
CA LEU B 377 -126.25 -17.69 -46.18
C LEU B 377 -124.85 -17.25 -45.79
N PHE B 378 -124.66 -16.89 -44.52
CA PHE B 378 -123.34 -16.42 -44.07
C PHE B 378 -122.31 -17.54 -44.03
N LYS B 379 -122.75 -18.79 -43.85
CA LYS B 379 -121.84 -19.92 -44.00
C LYS B 379 -121.25 -19.97 -45.40
N ARG B 380 -122.12 -19.87 -46.42
CA ARG B 380 -121.67 -19.92 -47.80
C ARG B 380 -120.61 -18.86 -48.08
N ILE B 381 -120.86 -17.62 -47.67
CA ILE B 381 -119.91 -16.54 -47.93
C ILE B 381 -118.61 -16.80 -47.18
N SER B 382 -118.71 -17.34 -45.97
CA SER B 382 -117.51 -17.53 -45.15
C SER B 382 -116.63 -18.64 -45.71
N GLU B 383 -117.24 -19.76 -46.12
CA GLU B 383 -116.45 -20.85 -46.69
C GLU B 383 -115.75 -20.42 -47.97
N GLN B 384 -116.45 -19.67 -48.84
CA GLN B 384 -115.82 -19.13 -50.03
C GLN B 384 -114.72 -18.14 -49.67
N PHE B 385 -114.97 -17.26 -48.70
CA PHE B 385 -113.94 -16.32 -48.26
C PHE B 385 -112.71 -17.06 -47.75
N THR B 386 -112.92 -18.06 -46.90
CA THR B 386 -111.78 -18.75 -46.27
C THR B 386 -110.98 -19.53 -47.30
N ALA B 387 -111.67 -20.28 -48.17
CA ALA B 387 -110.99 -20.94 -49.28
C ALA B 387 -110.11 -19.97 -50.06
N MET B 388 -110.65 -18.79 -50.36
CA MET B 388 -109.86 -17.75 -51.01
C MET B 388 -108.76 -17.24 -50.09
N PHE B 389 -109.10 -16.97 -48.83
CA PHE B 389 -108.18 -16.28 -47.94
C PHE B 389 -107.05 -17.18 -47.45
N ARG B 390 -107.29 -18.49 -47.31
CA ARG B 390 -106.25 -19.39 -46.85
C ARG B 390 -105.13 -19.51 -47.87
N ARG B 391 -105.44 -19.39 -49.15
CA ARG B 391 -104.43 -19.33 -50.20
C ARG B 391 -103.99 -17.91 -50.50
N LYS B 392 -104.57 -16.91 -49.83
CA LYS B 392 -104.11 -15.53 -49.87
C LYS B 392 -104.17 -14.93 -51.27
N ALA B 393 -105.13 -15.37 -52.08
CA ALA B 393 -105.23 -14.90 -53.44
C ALA B 393 -105.69 -13.45 -53.49
N PHE B 394 -105.18 -12.72 -54.50
CA PHE B 394 -105.61 -11.37 -54.85
C PHE B 394 -105.50 -10.37 -53.69
N LEU B 395 -104.75 -10.71 -52.65
CA LEU B 395 -104.64 -9.80 -51.51
C LEU B 395 -103.89 -8.52 -51.86
N HIS B 396 -102.95 -8.60 -52.82
CA HIS B 396 -102.13 -7.43 -53.15
C HIS B 396 -102.97 -6.29 -53.74
N TRP B 397 -104.12 -6.60 -54.33
CA TRP B 397 -105.07 -5.55 -54.70
C TRP B 397 -105.44 -4.69 -53.49
N TYR B 398 -106.00 -5.34 -52.46
CA TYR B 398 -106.54 -4.61 -51.32
C TYR B 398 -105.45 -3.95 -50.50
N THR B 399 -104.38 -4.69 -50.22
CA THR B 399 -103.29 -4.15 -49.42
C THR B 399 -102.64 -2.95 -50.10
N GLY B 400 -102.54 -2.98 -51.43
CA GLY B 400 -102.00 -1.85 -52.16
C GLY B 400 -102.77 -0.56 -51.95
N GLU B 401 -104.08 -0.66 -51.75
CA GLU B 401 -104.95 0.50 -51.54
C GLU B 401 -104.99 0.96 -50.10
N GLY B 402 -104.03 0.52 -49.27
CA GLY B 402 -103.95 0.98 -47.89
C GLY B 402 -104.53 0.03 -46.88
N MET B 403 -105.15 -1.06 -47.29
CA MET B 403 -105.72 -2.02 -46.36
C MET B 403 -104.63 -2.87 -45.73
N ASP B 404 -104.92 -3.39 -44.54
CA ASP B 404 -104.01 -4.28 -43.83
C ASP B 404 -104.57 -5.70 -43.87
N GLU B 405 -103.68 -6.68 -44.00
CA GLU B 405 -104.08 -8.09 -43.99
C GLU B 405 -104.92 -8.43 -42.77
N MET B 406 -104.65 -7.77 -41.63
CA MET B 406 -105.40 -8.03 -40.42
C MET B 406 -106.90 -7.83 -40.62
N GLU B 407 -107.28 -6.83 -41.42
CA GLU B 407 -108.70 -6.53 -41.65
C GLU B 407 -109.48 -7.78 -42.10
N PHE B 408 -108.89 -8.57 -42.99
CA PHE B 408 -109.57 -9.76 -43.50
C PHE B 408 -109.86 -10.75 -42.37
N THR B 409 -108.87 -10.99 -41.50
CA THR B 409 -109.08 -11.91 -40.38
C THR B 409 -110.18 -11.42 -39.45
N GLU B 410 -110.21 -10.11 -39.18
CA GLU B 410 -111.24 -9.57 -38.29
C GLU B 410 -112.63 -9.75 -38.90
N ALA B 411 -112.77 -9.41 -40.18
CA ALA B 411 -114.06 -9.58 -40.86
C ALA B 411 -114.46 -11.06 -40.90
N GLU B 412 -113.49 -11.95 -41.14
CA GLU B 412 -113.76 -13.38 -41.09
C GLU B 412 -114.30 -13.79 -39.72
N SER B 413 -113.60 -13.41 -38.65
CA SER B 413 -114.03 -13.77 -37.31
C SER B 413 -115.36 -13.12 -36.94
N ASN B 414 -115.55 -11.86 -37.34
CA ASN B 414 -116.77 -11.15 -36.96
C ASN B 414 -118.00 -11.77 -37.60
N MET B 415 -117.87 -12.22 -38.85
CA MET B 415 -118.99 -12.89 -39.51
C MET B 415 -119.26 -14.25 -38.87
N ASN B 416 -118.22 -14.95 -38.43
CA ASN B 416 -118.43 -16.25 -37.79
C ASN B 416 -119.08 -16.10 -36.43
N ASP B 417 -118.72 -15.05 -35.69
CA ASP B 417 -119.44 -14.73 -34.47
C ASP B 417 -120.91 -14.46 -34.77
N LEU B 418 -121.18 -13.76 -35.87
CA LEU B 418 -122.56 -13.52 -36.28
C LEU B 418 -123.28 -14.84 -36.58
N VAL B 419 -122.56 -15.79 -37.19
CA VAL B 419 -123.16 -17.10 -37.45
C VAL B 419 -123.42 -17.84 -36.14
N SER B 420 -122.45 -17.81 -35.23
CA SER B 420 -122.61 -18.47 -33.94
C SER B 420 -123.80 -17.90 -33.17
N GLU B 421 -123.97 -16.58 -33.19
CA GLU B 421 -125.09 -15.95 -32.50
C GLU B 421 -126.42 -16.50 -32.99
N TYR B 422 -126.59 -16.58 -34.31
CA TYR B 422 -127.82 -17.16 -34.86
C TYR B 422 -128.01 -18.60 -34.40
N GLN B 423 -126.92 -19.36 -34.34
CA GLN B 423 -127.03 -20.76 -33.90
C GLN B 423 -127.39 -20.85 -32.42
N GLN B 424 -126.89 -19.91 -31.60
CA GLN B 424 -127.22 -19.90 -30.18
C GLN B 424 -128.71 -19.77 -29.96
N TYR B 425 -129.32 -18.73 -30.54
CA TYR B 425 -130.75 -18.49 -30.35
C TYR B 425 -131.61 -19.54 -31.04
N GLN B 426 -131.05 -20.25 -32.02
CA GLN B 426 -131.77 -21.37 -32.62
C GLN B 426 -131.93 -22.52 -31.63
N ASP B 427 -130.88 -22.82 -30.87
CA ASP B 427 -130.91 -23.90 -29.89
C ASP B 427 -131.42 -23.46 -28.52
N ALA B 428 -131.83 -22.21 -28.37
CA ALA B 428 -132.33 -21.71 -27.10
C ALA B 428 -133.69 -22.33 -26.76
N THR B 429 -134.01 -22.33 -25.47
CA THR B 429 -135.26 -22.88 -24.97
C THR B 429 -135.89 -21.91 -23.97
N ALA B 430 -137.22 -21.94 -23.91
CA ALA B 430 -137.93 -21.12 -22.93
C ALA B 430 -137.97 -21.80 -21.56
N ASP B 431 -138.18 -23.12 -21.55
CA ASP B 431 -138.36 -23.92 -20.33
C ASP B 431 -139.02 -23.19 -19.16
N ARG C 2 -72.19 -4.90 -77.12
CA ARG C 2 -71.61 -6.24 -77.05
C ARG C 2 -70.34 -6.23 -76.21
N GLU C 3 -69.78 -5.05 -75.99
CA GLU C 3 -68.35 -4.89 -75.77
C GLU C 3 -67.97 -5.44 -74.40
N CYS C 4 -66.67 -5.72 -74.25
CA CYS C 4 -66.14 -6.32 -73.02
C CYS C 4 -64.81 -5.68 -72.68
N ILE C 5 -64.63 -5.31 -71.42
CA ILE C 5 -63.43 -4.64 -70.94
C ILE C 5 -62.62 -5.63 -70.12
N SER C 6 -61.33 -5.71 -70.39
CA SER C 6 -60.41 -6.55 -69.64
C SER C 6 -59.57 -5.70 -68.69
N ILE C 7 -59.30 -6.25 -67.51
CA ILE C 7 -58.51 -5.57 -66.49
C ILE C 7 -57.43 -6.52 -66.00
N HIS C 8 -56.22 -6.00 -65.80
CA HIS C 8 -55.07 -6.80 -65.41
C HIS C 8 -54.42 -6.13 -64.21
N VAL C 9 -54.34 -6.84 -63.10
CA VAL C 9 -53.92 -6.28 -61.82
C VAL C 9 -52.72 -7.09 -61.32
N GLY C 10 -51.68 -6.38 -60.87
CA GLY C 10 -50.47 -7.03 -60.42
C GLY C 10 -49.65 -7.64 -61.55
N GLN C 11 -48.41 -8.01 -61.25
CA GLN C 11 -47.54 -8.62 -62.25
C GLN C 11 -48.21 -9.78 -62.96
N ALA C 12 -48.90 -10.65 -62.21
CA ALA C 12 -49.57 -11.79 -62.79
C ALA C 12 -50.56 -11.36 -63.87
N GLY C 13 -51.53 -10.51 -63.50
CA GLY C 13 -52.47 -10.00 -64.48
C GLY C 13 -51.80 -9.34 -65.66
N VAL C 14 -50.84 -8.45 -65.40
CA VAL C 14 -50.22 -7.66 -66.47
C VAL C 14 -49.46 -8.56 -67.43
N GLN C 15 -48.66 -9.49 -66.90
CA GLN C 15 -47.82 -10.31 -67.76
C GLN C 15 -48.59 -11.41 -68.46
N ILE C 16 -49.64 -11.95 -67.83
CA ILE C 16 -50.53 -12.86 -68.54
C ILE C 16 -51.34 -12.09 -69.57
N GLY C 17 -51.71 -10.85 -69.27
CA GLY C 17 -52.35 -10.00 -70.25
C GLY C 17 -51.53 -9.85 -71.52
N ASN C 18 -50.23 -9.57 -71.38
CA ASN C 18 -49.34 -9.50 -72.52
C ASN C 18 -49.43 -10.76 -73.38
N ALA C 19 -49.38 -11.94 -72.74
CA ALA C 19 -49.46 -13.18 -73.48
C ALA C 19 -50.80 -13.34 -74.20
N CYS C 20 -51.88 -12.85 -73.60
CA CYS C 20 -53.20 -13.00 -74.22
C CYS C 20 -53.39 -12.01 -75.36
N TRP C 21 -53.01 -10.75 -75.17
CA TRP C 21 -53.19 -9.77 -76.24
C TRP C 21 -52.19 -9.98 -77.36
N GLU C 22 -51.02 -10.56 -77.05
CA GLU C 22 -50.17 -11.09 -78.10
C GLU C 22 -50.90 -12.17 -78.90
N LEU C 23 -51.57 -13.08 -78.20
CA LEU C 23 -52.25 -14.19 -78.86
C LEU C 23 -53.54 -13.75 -79.52
N TYR C 24 -54.24 -12.76 -78.96
CA TYR C 24 -55.43 -12.23 -79.61
C TYR C 24 -55.09 -11.56 -80.93
N CYS C 25 -53.96 -10.84 -80.98
CA CYS C 25 -53.60 -10.11 -82.19
C CYS C 25 -53.15 -11.05 -83.31
N LEU C 26 -52.60 -12.21 -82.96
CA LEU C 26 -52.28 -13.21 -83.97
C LEU C 26 -53.54 -13.91 -84.49
N GLU C 27 -54.48 -14.19 -83.58
CA GLU C 27 -55.73 -14.83 -84.01
C GLU C 27 -56.58 -13.90 -84.86
N HIS C 28 -56.44 -12.59 -84.66
CA HIS C 28 -57.23 -11.60 -85.41
C HIS C 28 -56.42 -10.88 -86.48
N GLY C 29 -55.22 -11.37 -86.79
CA GLY C 29 -54.38 -10.74 -87.80
C GLY C 29 -54.09 -9.27 -87.56
N ILE C 30 -54.03 -8.84 -86.31
CA ILE C 30 -53.74 -7.46 -85.98
C ILE C 30 -52.25 -7.30 -85.75
N GLN C 31 -51.70 -6.17 -86.19
CA GLN C 31 -50.28 -5.88 -86.18
C GLN C 31 -49.84 -5.31 -84.83
N PRO C 32 -48.54 -5.40 -84.50
CA PRO C 32 -48.07 -4.78 -83.25
C PRO C 32 -48.29 -3.28 -83.19
N ASP C 33 -48.21 -2.60 -84.35
CA ASP C 33 -48.49 -1.17 -84.39
C ASP C 33 -49.98 -0.86 -84.37
N GLY C 34 -50.83 -1.88 -84.41
CA GLY C 34 -52.27 -1.70 -84.34
C GLY C 34 -53.00 -1.85 -85.66
N GLN C 35 -52.29 -1.87 -86.78
CA GLN C 35 -52.95 -1.92 -88.07
C GLN C 35 -53.51 -3.32 -88.34
N MET C 36 -54.26 -3.42 -89.44
CA MET C 36 -54.91 -4.66 -89.83
C MET C 36 -55.24 -4.62 -91.32
N PRO C 37 -54.72 -5.55 -92.12
CA PRO C 37 -55.02 -5.56 -93.55
C PRO C 37 -56.34 -6.28 -93.86
N SER C 38 -57.17 -6.48 -92.85
CA SER C 38 -58.36 -7.31 -92.98
C SER C 38 -59.57 -6.65 -92.31
N ASP C 47 -68.48 -6.03 -86.30
CA ASP C 47 -67.85 -7.35 -86.45
C ASP C 47 -67.80 -8.08 -85.12
N SER C 48 -67.46 -9.38 -85.18
CA SER C 48 -67.42 -10.19 -83.97
C SER C 48 -66.20 -9.91 -83.11
N PHE C 49 -65.09 -9.52 -83.73
CA PHE C 49 -63.85 -9.33 -82.97
C PHE C 49 -63.80 -7.99 -82.25
N ASN C 50 -64.66 -7.03 -82.62
CA ASN C 50 -64.70 -5.73 -81.96
C ASN C 50 -65.37 -5.77 -80.60
N THR C 51 -65.74 -6.96 -80.13
CA THR C 51 -66.11 -7.12 -78.72
C THR C 51 -64.95 -6.72 -77.81
N PHE C 52 -63.72 -6.95 -78.26
CA PHE C 52 -62.53 -6.74 -77.46
C PHE C 52 -61.75 -5.49 -77.88
N PHE C 53 -61.80 -5.11 -79.15
CA PHE C 53 -61.04 -3.99 -79.67
C PHE C 53 -61.96 -2.85 -80.09
N SER C 54 -61.46 -1.63 -79.95
CA SER C 54 -62.09 -0.44 -80.51
C SER C 54 -61.30 0.00 -81.74
N GLU C 55 -61.72 1.11 -82.35
CA GLU C 55 -61.14 1.54 -83.61
C GLU C 55 -60.87 3.04 -83.59
N THR C 56 -59.69 3.43 -84.07
CA THR C 56 -59.34 4.82 -84.28
C THR C 56 -59.82 5.28 -85.66
N GLY C 57 -59.95 6.59 -85.82
CA GLY C 57 -60.24 7.16 -87.13
C GLY C 57 -59.21 6.84 -88.18
N ALA C 58 -57.96 6.57 -87.77
CA ALA C 58 -56.87 6.27 -88.69
C ALA C 58 -56.71 4.78 -88.95
N GLY C 59 -57.79 4.00 -88.84
CA GLY C 59 -57.72 2.59 -89.15
C GLY C 59 -56.94 1.75 -88.15
N LYS C 60 -56.82 2.21 -86.91
CA LYS C 60 -56.06 1.53 -85.88
C LYS C 60 -57.01 0.90 -84.87
N HIS C 61 -56.67 -0.32 -84.44
CA HIS C 61 -57.54 -1.14 -83.59
C HIS C 61 -56.90 -1.20 -82.20
N VAL C 62 -57.55 -0.59 -81.23
CA VAL C 62 -57.03 -0.43 -79.87
C VAL C 62 -57.77 -1.40 -78.96
N PRO C 63 -57.08 -2.11 -78.08
CA PRO C 63 -57.76 -3.00 -77.13
C PRO C 63 -58.59 -2.24 -76.12
N ARG C 64 -59.62 -2.90 -75.61
CA ARG C 64 -60.44 -2.37 -74.51
C ARG C 64 -59.93 -2.94 -73.19
N ALA C 65 -58.78 -2.43 -72.76
CA ALA C 65 -58.04 -3.04 -71.66
C ALA C 65 -57.43 -1.96 -70.77
N VAL C 66 -57.33 -2.27 -69.49
CA VAL C 66 -56.63 -1.44 -68.52
C VAL C 66 -55.56 -2.28 -67.84
N PHE C 67 -54.37 -1.72 -67.71
CA PHE C 67 -53.26 -2.37 -67.01
C PHE C 67 -52.94 -1.59 -65.75
N VAL C 68 -52.89 -2.29 -64.62
CA VAL C 68 -52.67 -1.68 -63.32
C VAL C 68 -51.61 -2.47 -62.56
N ASP C 69 -50.71 -1.74 -61.91
CA ASP C 69 -49.71 -2.31 -61.02
C ASP C 69 -49.30 -1.22 -60.05
N LEU C 70 -49.10 -1.58 -58.79
CA LEU C 70 -48.76 -0.58 -57.77
C LEU C 70 -47.26 -0.29 -57.83
N GLU C 71 -46.67 -0.47 -58.99
CA GLU C 71 -45.22 -0.45 -59.18
C GLU C 71 -44.90 -0.49 -60.67
N PRO C 72 -43.98 0.38 -61.13
CA PRO C 72 -43.83 0.55 -62.59
C PRO C 72 -43.21 -0.64 -63.32
N THR C 73 -42.15 -1.25 -62.78
CA THR C 73 -41.25 -2.12 -63.55
C THR C 73 -41.92 -3.00 -64.58
N VAL C 74 -42.99 -3.70 -64.20
CA VAL C 74 -43.60 -4.67 -65.11
C VAL C 74 -44.33 -3.95 -66.24
N ILE C 75 -45.12 -2.93 -65.92
CA ILE C 75 -45.86 -2.21 -66.95
C ILE C 75 -44.94 -1.31 -67.75
N ASP C 76 -43.81 -0.89 -67.19
CA ASP C 76 -42.81 -0.16 -67.96
C ASP C 76 -42.32 -0.98 -69.14
N GLU C 77 -42.20 -2.30 -68.97
CA GLU C 77 -41.79 -3.16 -70.07
C GLU C 77 -42.86 -3.29 -71.14
N VAL C 78 -44.13 -3.06 -70.80
CA VAL C 78 -45.19 -3.08 -71.81
C VAL C 78 -45.03 -1.90 -72.77
N ARG C 79 -44.91 -0.69 -72.23
CA ARG C 79 -44.84 0.53 -73.03
C ARG C 79 -43.47 0.79 -73.63
N THR C 80 -42.51 -0.14 -73.47
CA THR C 80 -41.27 -0.09 -74.22
C THR C 80 -41.02 -1.43 -74.92
N GLY C 81 -42.07 -2.26 -75.04
CA GLY C 81 -41.97 -3.57 -75.63
C GLY C 81 -42.45 -3.62 -77.07
N THR C 82 -42.60 -4.84 -77.56
CA THR C 82 -43.09 -5.08 -78.91
C THR C 82 -44.42 -4.38 -79.16
N TYR C 83 -45.32 -4.41 -78.19
CA TYR C 83 -46.66 -3.84 -78.34
C TYR C 83 -46.81 -2.52 -77.58
N ARG C 84 -45.79 -1.67 -77.63
CA ARG C 84 -45.89 -0.36 -76.98
C ARG C 84 -46.87 0.55 -77.70
N GLN C 85 -46.97 0.42 -79.02
CA GLN C 85 -47.84 1.27 -79.82
C GLN C 85 -49.30 0.83 -79.75
N LEU C 86 -49.56 -0.41 -79.33
CA LEU C 86 -50.91 -0.94 -79.36
C LEU C 86 -51.81 -0.25 -78.34
N PHE C 87 -51.29 0.01 -77.15
CA PHE C 87 -52.07 0.60 -76.07
C PHE C 87 -51.91 2.12 -76.04
N HIS C 88 -52.99 2.82 -75.71
CA HIS C 88 -52.89 4.23 -75.39
C HIS C 88 -52.19 4.40 -74.04
N PRO C 89 -51.30 5.39 -73.91
CA PRO C 89 -50.56 5.54 -72.65
C PRO C 89 -51.44 5.77 -71.43
N GLU C 90 -52.63 6.34 -71.61
CA GLU C 90 -53.55 6.53 -70.50
C GLU C 90 -54.15 5.22 -70.00
N GLN C 91 -54.01 4.13 -70.76
CA GLN C 91 -54.51 2.83 -70.32
C GLN C 91 -53.54 2.15 -69.36
N LEU C 92 -52.26 2.47 -69.44
CA LEU C 92 -51.23 1.85 -68.62
C LEU C 92 -50.99 2.71 -67.38
N ILE C 93 -51.42 2.22 -66.22
CA ILE C 93 -51.37 2.96 -64.97
C ILE C 93 -50.40 2.27 -64.03
N THR C 94 -49.51 3.04 -63.40
CA THR C 94 -48.55 2.50 -62.44
C THR C 94 -48.45 3.43 -61.24
N GLY C 95 -48.31 2.83 -60.06
CA GLY C 95 -47.94 3.54 -58.86
C GLY C 95 -46.44 3.55 -58.66
N LYS C 96 -46.04 3.69 -57.40
CA LYS C 96 -44.62 3.70 -57.06
C LYS C 96 -44.29 2.66 -55.99
N GLU C 97 -45.01 2.67 -54.88
CA GLU C 97 -44.84 1.68 -53.82
C GLU C 97 -45.77 0.50 -54.05
N ASP C 98 -45.19 -0.70 -54.18
CA ASP C 98 -45.98 -1.90 -54.37
C ASP C 98 -46.63 -2.34 -53.06
N ALA C 99 -47.43 -3.42 -53.14
CA ALA C 99 -48.15 -3.92 -51.97
C ALA C 99 -47.33 -4.86 -51.10
N ALA C 100 -46.19 -5.33 -51.59
CA ALA C 100 -45.27 -6.18 -50.82
C ALA C 100 -45.96 -7.42 -50.25
N ASN C 101 -46.61 -8.18 -51.14
CA ASN C 101 -47.23 -9.47 -50.79
C ASN C 101 -48.18 -9.35 -49.60
N ASN C 102 -48.83 -8.20 -49.44
CA ASN C 102 -49.70 -7.95 -48.30
C ASN C 102 -51.06 -7.52 -48.84
N TYR C 103 -52.07 -8.36 -48.62
CA TYR C 103 -53.43 -8.03 -49.04
C TYR C 103 -53.88 -6.70 -48.45
N ALA C 104 -53.51 -6.42 -47.19
CA ALA C 104 -53.91 -5.18 -46.54
C ALA C 104 -53.43 -3.97 -47.34
N ARG C 105 -52.17 -3.98 -47.77
CA ARG C 105 -51.63 -2.84 -48.51
C ARG C 105 -52.30 -2.71 -49.87
N GLY C 106 -52.56 -3.83 -50.56
CA GLY C 106 -53.27 -3.77 -51.82
C GLY C 106 -54.68 -3.24 -51.66
N HIS C 107 -55.36 -3.61 -50.57
CA HIS C 107 -56.76 -3.27 -50.37
C HIS C 107 -56.96 -1.97 -49.62
N TYR C 108 -56.22 -1.73 -48.55
CA TYR C 108 -56.47 -0.62 -47.63
C TYR C 108 -55.49 0.53 -47.81
N THR C 109 -54.20 0.29 -47.58
CA THR C 109 -53.24 1.39 -47.42
C THR C 109 -52.83 1.98 -48.76
N ILE C 110 -52.28 1.16 -49.65
CA ILE C 110 -51.79 1.65 -50.94
C ILE C 110 -52.91 1.71 -51.97
N GLY C 111 -53.82 0.74 -51.96
CA GLY C 111 -54.86 0.67 -52.97
C GLY C 111 -55.77 1.89 -52.99
N LYS C 112 -56.04 2.48 -51.83
CA LYS C 112 -56.93 3.64 -51.78
C LYS C 112 -56.30 4.88 -52.42
N GLU C 113 -54.97 4.92 -52.54
CA GLU C 113 -54.30 6.07 -53.12
C GLU C 113 -54.44 6.13 -54.64
N ILE C 114 -54.83 5.04 -55.30
CA ILE C 114 -54.79 4.97 -56.75
C ILE C 114 -56.11 4.44 -57.31
N ILE C 115 -56.99 3.94 -56.43
CA ILE C 115 -58.23 3.32 -56.89
C ILE C 115 -59.07 4.30 -57.71
N ASP C 116 -59.05 5.59 -57.32
CA ASP C 116 -59.90 6.56 -58.01
C ASP C 116 -59.37 6.86 -59.41
N LEU C 117 -58.05 6.99 -59.56
CA LEU C 117 -57.46 7.16 -60.88
C LEU C 117 -57.78 5.96 -61.78
N VAL C 118 -57.77 4.75 -61.20
CA VAL C 118 -58.04 3.55 -62.00
C VAL C 118 -59.50 3.52 -62.42
N LEU C 119 -60.41 3.75 -61.49
CA LEU C 119 -61.84 3.80 -61.83
C LEU C 119 -62.12 4.90 -62.85
N ASP C 120 -61.38 6.00 -62.79
CA ASP C 120 -61.57 7.10 -63.75
C ASP C 120 -61.17 6.68 -65.15
N ARG C 121 -60.02 6.00 -65.29
CA ARG C 121 -59.58 5.56 -66.61
C ARG C 121 -60.45 4.45 -67.17
N ILE C 122 -61.14 3.70 -66.30
CA ILE C 122 -62.09 2.70 -66.78
C ILE C 122 -63.31 3.37 -67.39
N ARG C 123 -63.76 4.47 -66.79
CA ARG C 123 -64.90 5.21 -67.33
C ARG C 123 -64.63 5.71 -68.75
N LYS C 124 -63.37 6.03 -69.06
CA LYS C 124 -63.04 6.51 -70.40
C LYS C 124 -63.20 5.41 -71.45
N LEU C 125 -62.92 4.16 -71.09
CA LEU C 125 -63.17 3.06 -72.00
C LEU C 125 -64.65 2.69 -72.05
N ALA C 126 -65.36 2.82 -70.92
CA ALA C 126 -66.79 2.52 -70.91
C ALA C 126 -67.59 3.61 -71.61
N ASP C 127 -67.08 4.84 -71.63
CA ASP C 127 -67.77 5.92 -72.35
C ASP C 127 -67.66 5.73 -73.86
N GLN C 128 -66.58 5.12 -74.33
CA GLN C 128 -66.45 4.79 -75.75
C GLN C 128 -67.37 3.67 -76.17
N CYS C 129 -67.85 2.87 -75.23
CA CYS C 129 -68.66 1.70 -75.52
C CYS C 129 -70.15 2.04 -75.44
N THR C 130 -70.94 1.33 -76.26
CA THR C 130 -72.38 1.57 -76.35
C THR C 130 -73.17 0.57 -75.52
N GLY C 131 -72.99 -0.72 -75.77
CA GLY C 131 -73.68 -1.75 -75.01
C GLY C 131 -72.73 -2.64 -74.23
N LEU C 132 -72.10 -2.07 -73.20
CA LEU C 132 -71.06 -2.78 -72.46
C LEU C 132 -71.63 -3.99 -71.75
N GLN C 133 -70.90 -5.11 -71.84
CA GLN C 133 -71.32 -6.37 -71.23
C GLN C 133 -70.86 -6.51 -69.78
N GLY C 134 -69.60 -6.22 -69.52
CA GLY C 134 -69.01 -6.52 -68.22
C GLY C 134 -67.50 -6.47 -68.29
N PHE C 135 -66.87 -7.14 -67.33
CA PHE C 135 -65.43 -7.04 -67.11
C PHE C 135 -64.80 -8.40 -66.96
N SER C 136 -63.63 -8.56 -67.58
CA SER C 136 -62.73 -9.68 -67.32
C SER C 136 -61.56 -9.20 -66.49
N VAL C 137 -61.20 -9.96 -65.46
CA VAL C 137 -60.23 -9.53 -64.47
C VAL C 137 -59.13 -10.57 -64.36
N PHE C 138 -57.88 -10.12 -64.47
CA PHE C 138 -56.71 -10.99 -64.44
C PHE C 138 -55.83 -10.55 -63.28
N HIS C 139 -55.51 -11.48 -62.38
CA HIS C 139 -54.78 -11.13 -61.17
C HIS C 139 -54.30 -12.41 -60.48
N SER C 140 -53.26 -12.26 -59.67
CA SER C 140 -52.79 -13.34 -58.82
C SER C 140 -53.62 -13.44 -57.55
N PHE C 141 -53.46 -14.57 -56.85
CA PHE C 141 -53.99 -14.77 -55.51
C PHE C 141 -52.99 -14.34 -54.43
N GLY C 142 -51.77 -14.90 -54.46
CA GLY C 142 -50.82 -14.64 -53.40
C GLY C 142 -50.25 -13.23 -53.39
N GLY C 143 -50.30 -12.54 -54.52
CA GLY C 143 -49.78 -11.18 -54.58
C GLY C 143 -50.56 -10.23 -53.68
N GLY C 144 -49.85 -9.22 -53.18
CA GLY C 144 -50.52 -8.18 -52.42
C GLY C 144 -51.41 -7.32 -53.29
N THR C 145 -50.87 -6.85 -54.43
CA THR C 145 -51.69 -6.14 -55.41
C THR C 145 -52.80 -7.03 -55.95
N GLY C 146 -52.44 -8.24 -56.38
CA GLY C 146 -53.43 -9.14 -56.97
C GLY C 146 -54.58 -9.46 -56.04
N SER C 147 -54.28 -9.69 -54.76
CA SER C 147 -55.34 -10.01 -53.80
C SER C 147 -56.05 -8.74 -53.34
N GLY C 148 -55.30 -7.78 -52.81
CA GLY C 148 -55.90 -6.62 -52.16
C GLY C 148 -56.59 -5.66 -53.10
N PHE C 149 -55.85 -5.17 -54.10
CA PHE C 149 -56.40 -4.13 -54.97
C PHE C 149 -57.56 -4.65 -55.81
N THR C 150 -57.42 -5.86 -56.36
CA THR C 150 -58.50 -6.46 -57.14
C THR C 150 -59.78 -6.53 -56.33
N SER C 151 -59.70 -7.14 -55.13
CA SER C 151 -60.87 -7.25 -54.27
C SER C 151 -61.49 -5.89 -53.99
N LEU C 152 -60.66 -4.86 -53.83
CA LEU C 152 -61.17 -3.50 -53.72
C LEU C 152 -61.83 -3.05 -55.00
N LEU C 153 -61.12 -3.19 -56.13
CA LEU C 153 -61.66 -2.77 -57.42
C LEU C 153 -62.96 -3.50 -57.75
N MET C 154 -63.05 -4.78 -57.39
CA MET C 154 -64.27 -5.54 -57.63
C MET C 154 -65.42 -5.00 -56.80
N GLU C 155 -65.16 -4.61 -55.55
CA GLU C 155 -66.17 -3.96 -54.73
C GLU C 155 -66.69 -2.69 -55.39
N ARG C 156 -65.77 -1.86 -55.89
CA ARG C 156 -66.16 -0.56 -56.44
C ARG C 156 -66.81 -0.68 -57.81
N LEU C 157 -66.46 -1.72 -58.57
CA LEU C 157 -67.13 -1.93 -59.86
C LEU C 157 -68.55 -2.43 -59.67
N SER C 158 -68.82 -3.15 -58.57
CA SER C 158 -70.17 -3.56 -58.24
C SER C 158 -71.06 -2.38 -57.85
N VAL C 159 -70.49 -1.19 -57.70
CA VAL C 159 -71.28 0.02 -57.44
C VAL C 159 -71.45 0.79 -58.74
N ASP C 160 -70.33 1.26 -59.31
CA ASP C 160 -70.38 2.12 -60.49
C ASP C 160 -70.84 1.40 -61.75
N TYR C 161 -70.86 0.06 -61.75
CA TYR C 161 -71.31 -0.71 -62.89
C TYR C 161 -72.12 -1.92 -62.45
N GLY C 162 -72.85 -1.78 -61.32
CA GLY C 162 -73.38 -2.94 -60.62
C GLY C 162 -74.23 -3.87 -61.45
N LYS C 163 -74.95 -3.33 -62.43
CA LYS C 163 -75.93 -4.11 -63.19
C LYS C 163 -75.31 -4.83 -64.39
N LYS C 164 -74.14 -5.44 -64.24
CA LYS C 164 -73.53 -6.18 -65.34
C LYS C 164 -72.52 -7.17 -64.78
N SER C 165 -71.99 -8.01 -65.66
CA SER C 165 -71.21 -9.18 -65.28
C SER C 165 -69.75 -8.83 -65.00
N LYS C 166 -69.10 -9.71 -64.24
CA LYS C 166 -67.68 -9.61 -63.93
C LYS C 166 -67.11 -11.01 -63.82
N LEU C 167 -66.04 -11.30 -64.58
CA LEU C 167 -65.44 -12.62 -64.63
C LEU C 167 -64.00 -12.57 -64.15
N GLU C 168 -63.59 -13.58 -63.40
CA GLU C 168 -62.25 -13.66 -62.81
C GLU C 168 -61.36 -14.63 -63.60
N PHE C 169 -60.06 -14.34 -63.57
CA PHE C 169 -59.02 -15.27 -64.02
C PHE C 169 -57.92 -15.25 -62.96
N SER C 170 -58.09 -16.11 -61.95
CA SER C 170 -57.20 -16.14 -60.80
C SER C 170 -56.05 -17.13 -61.01
N ILE C 171 -54.90 -16.77 -60.46
CA ILE C 171 -53.71 -17.62 -60.52
C ILE C 171 -53.57 -18.28 -59.14
N TYR C 172 -53.96 -19.54 -59.06
CA TYR C 172 -53.84 -20.28 -57.81
C TYR C 172 -52.36 -20.50 -57.51
N PRO C 173 -51.91 -20.25 -56.29
CA PRO C 173 -50.47 -20.29 -56.01
C PRO C 173 -49.94 -21.71 -55.92
N ALA C 174 -48.62 -21.82 -56.09
CA ALA C 174 -47.94 -23.12 -56.12
C ALA C 174 -46.50 -22.94 -55.66
N PRO C 175 -46.07 -23.72 -54.65
CA PRO C 175 -44.71 -23.56 -54.08
C PRO C 175 -43.58 -23.57 -55.10
N GLN C 176 -43.80 -24.14 -56.29
CA GLN C 176 -42.73 -24.23 -57.27
C GLN C 176 -42.35 -22.88 -57.86
N VAL C 177 -43.25 -21.89 -57.82
CA VAL C 177 -42.93 -20.54 -58.31
C VAL C 177 -43.33 -19.51 -57.27
N SER C 178 -43.68 -19.97 -56.07
CA SER C 178 -44.20 -19.07 -55.03
C SER C 178 -43.14 -18.09 -54.58
N THR C 179 -43.52 -16.82 -54.48
CA THR C 179 -42.63 -15.75 -54.06
C THR C 179 -42.79 -15.36 -52.60
N ALA C 180 -43.83 -15.85 -51.90
CA ALA C 180 -44.13 -15.38 -50.56
C ALA C 180 -44.60 -16.52 -49.69
N VAL C 181 -44.36 -16.39 -48.39
CA VAL C 181 -44.87 -17.34 -47.41
C VAL C 181 -46.36 -17.13 -47.17
N VAL C 182 -46.84 -15.88 -47.25
CA VAL C 182 -48.17 -15.51 -46.80
C VAL C 182 -49.20 -15.65 -47.92
N GLU C 183 -48.85 -16.37 -48.98
CA GLU C 183 -49.78 -16.52 -50.10
C GLU C 183 -51.08 -17.22 -49.73
N PRO C 184 -51.11 -18.22 -48.82
CA PRO C 184 -52.43 -18.70 -48.33
C PRO C 184 -53.30 -17.61 -47.74
N TYR C 185 -52.73 -16.73 -46.90
CA TYR C 185 -53.49 -15.62 -46.34
C TYR C 185 -54.12 -14.78 -47.44
N ASN C 186 -53.29 -14.30 -48.38
CA ASN C 186 -53.78 -13.42 -49.43
C ASN C 186 -54.85 -14.09 -50.27
N SER C 187 -54.69 -15.38 -50.56
CA SER C 187 -55.70 -16.12 -51.32
C SER C 187 -57.03 -16.15 -50.59
N ILE C 188 -57.03 -16.58 -49.32
CA ILE C 188 -58.25 -16.64 -48.54
C ILE C 188 -58.90 -15.26 -48.43
N LEU C 189 -58.08 -14.22 -48.20
CA LEU C 189 -58.64 -12.89 -47.93
C LEU C 189 -59.36 -12.33 -49.16
N THR C 190 -58.76 -12.47 -50.35
CA THR C 190 -59.41 -11.94 -51.54
C THR C 190 -60.61 -12.80 -51.93
N THR C 191 -60.51 -14.12 -51.77
CA THR C 191 -61.62 -15.00 -52.12
C THR C 191 -62.82 -14.75 -51.22
N HIS C 192 -62.58 -14.28 -50.00
CA HIS C 192 -63.67 -13.92 -49.10
C HIS C 192 -64.38 -12.65 -49.58
N THR C 193 -63.63 -11.57 -49.83
CA THR C 193 -64.23 -10.30 -50.19
C THR C 193 -64.62 -10.20 -51.67
N THR C 194 -64.09 -11.06 -52.53
CA THR C 194 -64.43 -11.07 -53.94
C THR C 194 -65.48 -12.13 -54.28
N LEU C 195 -65.93 -12.90 -53.29
CA LEU C 195 -66.90 -13.96 -53.55
C LEU C 195 -68.25 -13.40 -53.98
N GLU C 196 -68.75 -12.40 -53.25
CA GLU C 196 -70.06 -11.84 -53.55
C GLU C 196 -70.06 -11.00 -54.82
N HIS C 197 -68.91 -10.47 -55.23
CA HIS C 197 -68.83 -9.55 -56.35
C HIS C 197 -68.42 -10.22 -57.66
N SER C 198 -68.21 -11.53 -57.66
CA SER C 198 -67.81 -12.26 -58.85
C SER C 198 -68.90 -13.21 -59.29
N ASP C 199 -69.23 -13.18 -60.58
CA ASP C 199 -70.23 -14.06 -61.16
C ASP C 199 -69.67 -15.41 -61.57
N CYS C 200 -68.43 -15.43 -62.06
CA CYS C 200 -67.76 -16.66 -62.44
C CYS C 200 -66.26 -16.44 -62.37
N ALA C 201 -65.52 -17.51 -62.08
CA ALA C 201 -64.09 -17.40 -61.79
C ALA C 201 -63.38 -18.67 -62.21
N PHE C 202 -62.42 -18.54 -63.12
CA PHE C 202 -61.62 -19.66 -63.60
C PHE C 202 -60.30 -19.67 -62.85
N MET C 203 -60.10 -20.67 -61.99
CA MET C 203 -58.84 -20.82 -61.29
C MET C 203 -57.78 -21.45 -62.19
N VAL C 204 -56.53 -21.05 -61.95
CA VAL C 204 -55.38 -21.61 -62.66
C VAL C 204 -54.34 -22.00 -61.62
N ASP C 205 -54.24 -23.29 -61.33
CA ASP C 205 -53.22 -23.78 -60.41
C ASP C 205 -51.87 -23.73 -61.13
N ASN C 206 -50.96 -22.90 -60.61
CA ASN C 206 -49.63 -22.80 -61.21
C ASN C 206 -48.86 -24.11 -61.12
N GLU C 207 -49.28 -25.02 -60.24
CA GLU C 207 -48.63 -26.33 -60.16
C GLU C 207 -48.98 -27.19 -61.37
N ALA C 208 -50.26 -27.23 -61.72
CA ALA C 208 -50.69 -28.00 -62.90
C ALA C 208 -50.02 -27.48 -64.16
N ILE C 209 -50.01 -26.15 -64.33
CA ILE C 209 -49.33 -25.56 -65.49
C ILE C 209 -47.84 -25.89 -65.46
N TYR C 210 -47.26 -25.94 -64.27
CA TYR C 210 -45.88 -26.40 -64.13
C TYR C 210 -45.75 -27.87 -64.53
N ASP C 211 -46.59 -28.73 -63.93
CA ASP C 211 -46.57 -30.15 -64.27
C ASP C 211 -46.75 -30.38 -65.76
N ILE C 212 -47.72 -29.68 -66.37
CA ILE C 212 -47.98 -29.85 -67.80
C ILE C 212 -46.77 -29.45 -68.62
N CYS C 213 -46.16 -28.31 -68.28
CA CYS C 213 -45.01 -27.83 -69.04
C CYS C 213 -43.81 -28.75 -68.89
N ARG C 214 -43.69 -29.45 -67.76
CA ARG C 214 -42.58 -30.38 -67.57
C ARG C 214 -42.80 -31.70 -68.30
N ARG C 215 -44.05 -32.14 -68.42
CA ARG C 215 -44.37 -33.43 -69.02
C ARG C 215 -44.59 -33.33 -70.52
N ASN C 216 -45.52 -32.47 -70.94
CA ASN C 216 -45.98 -32.45 -72.32
C ASN C 216 -45.25 -31.44 -73.19
N LEU C 217 -44.76 -30.34 -72.59
CA LEU C 217 -43.90 -29.40 -73.31
C LEU C 217 -42.43 -29.75 -73.17
N ASP C 218 -42.09 -30.66 -72.26
CA ASP C 218 -40.74 -31.20 -72.11
C ASP C 218 -39.75 -30.08 -71.76
N ILE C 219 -39.99 -29.45 -70.61
CA ILE C 219 -39.13 -28.39 -70.08
C ILE C 219 -38.71 -28.78 -68.67
N GLU C 220 -37.41 -28.64 -68.38
CA GLU C 220 -36.90 -28.98 -67.05
C GLU C 220 -37.42 -28.02 -65.99
N ARG C 221 -37.05 -26.75 -66.08
CA ARG C 221 -37.49 -25.71 -65.15
C ARG C 221 -38.19 -24.62 -65.94
N PRO C 222 -39.52 -24.67 -66.08
CA PRO C 222 -40.23 -23.65 -66.86
C PRO C 222 -40.05 -22.26 -66.27
N THR C 223 -40.12 -21.26 -67.15
CA THR C 223 -40.13 -19.87 -66.76
C THR C 223 -41.57 -19.34 -66.78
N TYR C 224 -41.72 -18.07 -66.41
CA TYR C 224 -43.03 -17.45 -66.44
C TYR C 224 -43.58 -17.36 -67.87
N THR C 225 -42.71 -17.09 -68.84
CA THR C 225 -43.13 -17.09 -70.24
C THR C 225 -43.73 -18.44 -70.64
N ASN C 226 -43.08 -19.54 -70.23
CA ASN C 226 -43.64 -20.87 -70.51
C ASN C 226 -45.05 -21.01 -69.94
N LEU C 227 -45.21 -20.69 -68.66
CA LEU C 227 -46.52 -20.84 -68.03
C LEU C 227 -47.53 -19.87 -68.63
N ASN C 228 -47.12 -18.61 -68.86
CA ASN C 228 -48.04 -17.61 -69.38
C ASN C 228 -48.56 -17.96 -70.77
N ARG C 229 -47.66 -18.44 -71.64
CA ARG C 229 -48.08 -18.82 -72.99
C ARG C 229 -49.09 -19.98 -72.95
N LEU C 230 -48.79 -21.02 -72.17
CA LEU C 230 -49.74 -22.11 -71.98
C LEU C 230 -51.07 -21.60 -71.42
N ILE C 231 -51.01 -20.73 -70.42
CA ILE C 231 -52.23 -20.18 -69.84
C ILE C 231 -52.98 -19.34 -70.86
N GLY C 232 -52.27 -18.48 -71.59
CA GLY C 232 -52.90 -17.66 -72.61
C GLY C 232 -53.63 -18.47 -73.66
N GLN C 233 -53.09 -19.64 -74.02
CA GLN C 233 -53.77 -20.54 -74.94
C GLN C 233 -55.11 -21.00 -74.37
N ILE C 234 -55.15 -21.34 -73.09
CA ILE C 234 -56.39 -21.83 -72.49
C ILE C 234 -57.35 -20.68 -72.23
N VAL C 235 -56.85 -19.49 -71.94
CA VAL C 235 -57.72 -18.32 -71.82
C VAL C 235 -58.34 -17.98 -73.17
N SER C 236 -57.54 -18.01 -74.24
CA SER C 236 -58.07 -17.78 -75.58
C SER C 236 -59.18 -18.77 -75.92
N SER C 237 -59.03 -20.03 -75.50
CA SER C 237 -60.05 -21.03 -75.78
C SER C 237 -61.37 -20.69 -75.09
N ILE C 238 -61.31 -20.05 -73.94
CA ILE C 238 -62.54 -19.70 -73.22
C ILE C 238 -63.16 -18.43 -73.79
N THR C 239 -62.33 -17.46 -74.17
CA THR C 239 -62.81 -16.20 -74.74
C THR C 239 -63.00 -16.27 -76.25
N ALA C 240 -62.74 -17.42 -76.87
CA ALA C 240 -62.94 -17.56 -78.31
C ALA C 240 -64.40 -17.36 -78.68
N SER C 241 -65.31 -17.88 -77.85
CA SER C 241 -66.74 -17.75 -78.13
C SER C 241 -67.19 -16.29 -78.15
N LEU C 242 -66.51 -15.42 -77.40
CA LEU C 242 -66.87 -14.02 -77.33
C LEU C 242 -66.25 -13.19 -78.45
N ARG C 243 -65.21 -13.71 -79.10
CA ARG C 243 -64.43 -12.93 -80.06
C ARG C 243 -64.71 -13.30 -81.51
N PHE C 244 -65.34 -14.44 -81.77
CA PHE C 244 -65.62 -14.88 -83.14
C PHE C 244 -67.09 -15.14 -83.41
N ASP C 245 -67.97 -14.87 -82.44
CA ASP C 245 -69.41 -15.12 -82.56
C ASP C 245 -69.68 -16.60 -82.89
N GLY C 246 -69.46 -17.42 -81.89
CA GLY C 246 -69.79 -18.84 -81.97
C GLY C 246 -71.27 -19.07 -81.70
N ALA C 247 -71.58 -20.31 -81.34
CA ALA C 247 -72.92 -20.69 -80.94
C ALA C 247 -73.08 -20.78 -79.43
N LEU C 248 -72.06 -21.26 -78.73
CA LEU C 248 -72.09 -21.40 -77.28
C LEU C 248 -71.34 -20.24 -76.63
N ASN C 249 -71.82 -19.83 -75.46
CA ASN C 249 -71.16 -18.81 -74.63
C ASN C 249 -70.83 -17.54 -75.41
N VAL C 250 -71.85 -17.00 -76.09
CA VAL C 250 -71.63 -15.85 -76.95
C VAL C 250 -71.56 -14.53 -76.18
N ASP C 251 -72.04 -14.49 -74.94
CA ASP C 251 -71.94 -13.30 -74.11
C ASP C 251 -71.72 -13.72 -72.66
N LEU C 252 -71.39 -12.73 -71.83
CA LEU C 252 -70.90 -13.01 -70.48
C LEU C 252 -71.97 -13.63 -69.59
N THR C 253 -73.25 -13.34 -69.85
CA THR C 253 -74.32 -13.93 -69.05
C THR C 253 -74.35 -15.44 -69.21
N GLU C 254 -74.10 -15.93 -70.43
CA GLU C 254 -74.22 -17.36 -70.72
C GLU C 254 -73.25 -18.19 -69.88
N PHE C 255 -72.10 -17.62 -69.51
CA PHE C 255 -71.19 -18.33 -68.63
C PHE C 255 -71.84 -18.69 -67.31
N GLN C 256 -72.59 -17.76 -66.71
CA GLN C 256 -73.31 -18.05 -65.49
C GLN C 256 -74.45 -19.02 -65.74
N THR C 257 -75.17 -18.83 -66.86
CA THR C 257 -76.28 -19.71 -67.20
C THR C 257 -75.85 -21.17 -67.29
N ASN C 258 -74.77 -21.44 -68.02
CA ASN C 258 -74.40 -22.82 -68.32
C ASN C 258 -73.61 -23.47 -67.18
N LEU C 259 -72.76 -22.71 -66.50
CA LEU C 259 -71.80 -23.28 -65.57
C LEU C 259 -72.08 -23.00 -64.10
N VAL C 260 -72.99 -22.08 -63.78
CA VAL C 260 -73.17 -21.66 -62.39
C VAL C 260 -74.60 -21.95 -61.94
N PRO C 261 -74.86 -23.10 -61.30
CA PRO C 261 -76.19 -23.37 -60.76
C PRO C 261 -76.30 -23.04 -59.28
N TYR C 262 -75.39 -22.21 -58.79
CA TYR C 262 -75.33 -21.77 -57.40
C TYR C 262 -74.42 -20.55 -57.34
N PRO C 263 -74.95 -19.38 -56.95
CA PRO C 263 -74.13 -18.15 -56.96
C PRO C 263 -72.76 -18.29 -56.32
N ARG C 264 -72.67 -18.93 -55.14
CA ARG C 264 -71.39 -19.06 -54.47
C ARG C 264 -70.46 -20.00 -55.21
N ALA C 265 -70.91 -21.23 -55.46
CA ALA C 265 -70.09 -22.23 -56.14
C ALA C 265 -70.04 -21.89 -57.64
N HIS C 266 -69.18 -20.93 -57.97
CA HIS C 266 -69.03 -20.43 -59.34
C HIS C 266 -67.59 -20.56 -59.82
N PHE C 267 -66.97 -21.71 -59.55
CA PHE C 267 -65.55 -21.94 -59.83
C PHE C 267 -65.41 -23.15 -60.75
N PRO C 268 -65.44 -22.95 -62.06
CA PRO C 268 -65.32 -24.08 -62.99
C PRO C 268 -63.90 -24.62 -63.08
N LEU C 269 -63.82 -25.92 -63.30
CA LEU C 269 -62.56 -26.59 -63.65
C LEU C 269 -62.41 -26.60 -65.16
N ALA C 270 -61.29 -26.07 -65.65
CA ALA C 270 -60.99 -26.03 -67.07
C ALA C 270 -59.97 -27.10 -67.42
N THR C 271 -60.22 -27.83 -68.50
CA THR C 271 -59.30 -28.86 -69.01
C THR C 271 -59.05 -28.58 -70.48
N TYR C 272 -57.78 -28.59 -70.88
CA TYR C 272 -57.38 -28.19 -72.23
C TYR C 272 -56.54 -29.29 -72.84
N ALA C 273 -56.92 -29.71 -74.06
CA ALA C 273 -56.18 -30.65 -74.86
C ALA C 273 -56.25 -30.23 -76.33
N PRO C 274 -55.20 -30.51 -77.12
CA PRO C 274 -53.97 -31.18 -76.72
C PRO C 274 -52.79 -30.22 -76.60
N VAL C 275 -51.83 -30.57 -75.74
CA VAL C 275 -50.63 -29.76 -75.55
C VAL C 275 -49.46 -30.53 -76.17
N ILE C 276 -49.12 -30.18 -77.41
CA ILE C 276 -48.14 -30.91 -78.21
C ILE C 276 -46.87 -30.09 -78.30
N SER C 277 -45.74 -30.69 -77.93
CA SER C 277 -44.46 -30.03 -78.06
C SER C 277 -44.13 -29.78 -79.53
N ALA C 278 -43.30 -28.76 -79.77
CA ALA C 278 -42.88 -28.42 -81.13
C ALA C 278 -41.55 -29.07 -81.45
N GLU C 279 -41.52 -30.39 -81.31
CA GLU C 279 -40.32 -31.19 -81.56
C GLU C 279 -40.66 -32.69 -81.58
N GLN C 285 -51.23 -35.56 -86.25
CA GLN C 285 -52.29 -34.94 -85.47
C GLN C 285 -53.15 -35.99 -84.78
N LEU C 286 -53.79 -35.59 -83.69
CA LEU C 286 -54.67 -36.48 -82.94
C LEU C 286 -56.08 -36.47 -83.51
N SER C 287 -56.92 -37.34 -82.97
CA SER C 287 -58.31 -37.47 -83.39
C SER C 287 -59.23 -36.69 -82.47
N VAL C 288 -60.50 -36.59 -82.89
CA VAL C 288 -61.51 -35.97 -82.04
C VAL C 288 -61.77 -36.81 -80.80
N ALA C 289 -61.79 -38.13 -80.96
CA ALA C 289 -62.04 -39.01 -79.81
C ALA C 289 -60.87 -38.96 -78.82
N GLU C 290 -59.64 -38.94 -79.33
CA GLU C 290 -58.48 -38.96 -78.45
C GLU C 290 -58.40 -37.71 -77.58
N ILE C 291 -58.69 -36.54 -78.16
CA ILE C 291 -58.59 -35.30 -77.39
C ILE C 291 -59.73 -35.17 -76.40
N THR C 292 -60.89 -35.75 -76.71
CA THR C 292 -62.03 -35.66 -75.78
C THR C 292 -61.83 -36.58 -74.58
N ASN C 293 -61.15 -37.72 -74.77
CA ASN C 293 -60.81 -38.57 -73.63
C ASN C 293 -59.81 -37.88 -72.71
N ALA C 294 -58.91 -37.06 -73.26
CA ALA C 294 -57.94 -36.34 -72.45
C ALA C 294 -58.58 -35.26 -71.59
N CYS C 295 -59.80 -34.85 -71.91
CA CYS C 295 -60.51 -33.89 -71.08
C CYS C 295 -60.93 -34.49 -69.74
N PHE C 296 -61.02 -35.82 -69.66
CA PHE C 296 -61.32 -36.51 -68.41
C PHE C 296 -60.08 -37.21 -67.85
N GLU C 297 -58.89 -36.79 -68.27
CA GLU C 297 -57.65 -37.24 -67.67
C GLU C 297 -57.14 -36.15 -66.73
N PRO C 298 -56.92 -36.44 -65.45
CA PRO C 298 -56.51 -35.39 -64.52
C PRO C 298 -55.21 -34.69 -64.89
N ALA C 299 -54.32 -35.37 -65.62
CA ALA C 299 -53.02 -34.80 -65.95
C ALA C 299 -53.11 -33.50 -66.75
N ASN C 300 -54.23 -33.28 -67.45
CA ASN C 300 -54.38 -32.10 -68.30
C ASN C 300 -55.32 -31.05 -67.71
N GLN C 301 -55.66 -31.15 -66.44
CA GLN C 301 -56.49 -30.14 -65.81
C GLN C 301 -55.67 -28.90 -65.44
N MET C 302 -56.36 -27.78 -65.27
CA MET C 302 -55.72 -26.56 -64.81
C MET C 302 -55.71 -26.44 -63.28
N VAL C 303 -56.56 -27.17 -62.59
CA VAL C 303 -56.58 -27.22 -61.13
C VAL C 303 -56.41 -28.67 -60.71
N LYS C 304 -55.45 -28.92 -59.81
CA LYS C 304 -55.10 -30.28 -59.42
C LYS C 304 -56.12 -30.84 -58.45
N CYS C 305 -56.97 -31.75 -58.94
CA CYS C 305 -57.92 -32.47 -58.11
C CYS C 305 -58.33 -33.74 -58.86
N ASP C 306 -59.24 -34.50 -58.28
CA ASP C 306 -59.72 -35.75 -58.87
C ASP C 306 -61.24 -35.69 -59.04
N PRO C 307 -61.73 -35.36 -60.24
CA PRO C 307 -63.19 -35.29 -60.44
C PRO C 307 -63.91 -36.61 -60.19
N ARG C 308 -63.20 -37.74 -60.24
CA ARG C 308 -63.81 -39.02 -59.91
C ARG C 308 -64.34 -39.05 -58.48
N HIS C 309 -63.77 -38.23 -57.59
CA HIS C 309 -64.22 -38.13 -56.22
C HIS C 309 -65.30 -37.08 -56.01
N GLY C 310 -65.96 -36.64 -57.10
CA GLY C 310 -66.91 -35.55 -57.00
C GLY C 310 -68.00 -35.65 -58.05
N LYS C 311 -69.03 -34.85 -57.85
CA LYS C 311 -70.20 -34.82 -58.72
C LYS C 311 -70.17 -33.61 -59.64
N TYR C 312 -70.57 -33.81 -60.89
CA TYR C 312 -70.60 -32.74 -61.88
C TYR C 312 -71.90 -31.95 -61.77
N MET C 313 -71.78 -30.62 -61.71
CA MET C 313 -72.95 -29.75 -61.77
C MET C 313 -73.27 -29.31 -63.19
N ALA C 314 -72.26 -29.23 -64.05
CA ALA C 314 -72.45 -28.88 -65.45
C ALA C 314 -71.16 -29.25 -66.19
N CYS C 315 -71.23 -29.21 -67.52
CA CYS C 315 -70.09 -29.60 -68.33
C CYS C 315 -70.28 -29.09 -69.75
N CYS C 316 -69.35 -28.26 -70.21
CA CYS C 316 -69.36 -27.73 -71.58
C CYS C 316 -68.08 -28.14 -72.31
N LEU C 317 -68.22 -28.31 -73.62
CA LEU C 317 -67.08 -28.64 -74.49
C LEU C 317 -66.97 -27.58 -75.58
N LEU C 318 -65.82 -26.92 -75.66
CA LEU C 318 -65.56 -25.88 -76.65
C LEU C 318 -64.47 -26.37 -77.60
N TYR C 319 -64.90 -26.99 -78.70
CA TYR C 319 -63.97 -27.43 -79.74
C TYR C 319 -63.61 -26.29 -80.67
N ARG C 320 -62.40 -26.35 -81.25
CA ARG C 320 -62.02 -25.40 -82.27
C ARG C 320 -61.04 -26.07 -83.24
N GLY C 321 -61.35 -25.97 -84.53
CA GLY C 321 -60.47 -26.49 -85.57
C GLY C 321 -61.14 -27.43 -86.54
N ASP C 322 -60.36 -28.39 -87.07
CA ASP C 322 -60.85 -29.40 -88.01
C ASP C 322 -61.64 -30.44 -87.23
N VAL C 323 -62.93 -30.18 -87.07
CA VAL C 323 -63.80 -31.04 -86.25
C VAL C 323 -65.07 -31.33 -87.03
N VAL C 324 -65.44 -32.61 -87.07
CA VAL C 324 -66.69 -33.05 -87.68
C VAL C 324 -67.72 -33.21 -86.55
N PRO C 325 -68.87 -32.52 -86.61
CA PRO C 325 -69.84 -32.61 -85.51
C PRO C 325 -70.25 -34.02 -85.13
N LYS C 326 -70.17 -34.99 -86.06
CA LYS C 326 -70.54 -36.36 -85.70
C LYS C 326 -69.45 -37.04 -84.89
N ASP C 327 -68.18 -36.74 -85.17
CA ASP C 327 -67.09 -37.24 -84.35
C ASP C 327 -67.28 -36.85 -82.89
N VAL C 328 -67.78 -35.64 -82.65
CA VAL C 328 -68.07 -35.19 -81.29
C VAL C 328 -69.10 -36.09 -80.63
N ASN C 329 -70.21 -36.34 -81.32
CA ASN C 329 -71.28 -37.14 -80.75
C ASN C 329 -70.84 -38.58 -80.48
N ALA C 330 -69.97 -39.13 -81.33
CA ALA C 330 -69.41 -40.45 -81.06
C ALA C 330 -68.53 -40.42 -79.82
N ALA C 331 -67.61 -39.46 -79.73
CA ALA C 331 -66.74 -39.35 -78.56
C ALA C 331 -67.53 -39.09 -77.29
N ILE C 332 -68.64 -38.36 -77.38
CA ILE C 332 -69.48 -38.12 -76.21
C ILE C 332 -70.11 -39.43 -75.74
N ALA C 333 -70.76 -40.16 -76.66
CA ALA C 333 -71.41 -41.41 -76.29
C ALA C 333 -70.40 -42.42 -75.75
N THR C 334 -69.19 -42.44 -76.34
CA THR C 334 -68.12 -43.29 -75.81
C THR C 334 -67.87 -43.01 -74.33
N ILE C 335 -67.67 -41.74 -73.97
CA ILE C 335 -67.34 -41.41 -72.60
C ILE C 335 -68.56 -41.55 -71.69
N LYS C 336 -69.75 -41.22 -72.21
CA LYS C 336 -70.97 -41.36 -71.41
C LYS C 336 -71.32 -42.81 -71.14
N THR C 337 -70.85 -43.74 -71.97
CA THR C 337 -71.09 -45.17 -71.77
C THR C 337 -69.91 -45.91 -71.15
N LYS C 338 -68.68 -45.62 -71.59
CA LYS C 338 -67.51 -46.39 -71.19
C LYS C 338 -66.74 -45.75 -70.03
N ARG C 339 -67.24 -44.65 -69.48
CA ARG C 339 -66.78 -44.14 -68.19
C ARG C 339 -67.99 -43.83 -67.33
N THR C 340 -67.75 -43.69 -66.03
CA THR C 340 -68.81 -43.44 -65.05
C THR C 340 -68.64 -42.03 -64.51
N ILE C 341 -69.05 -41.04 -65.31
CA ILE C 341 -69.02 -39.64 -64.91
C ILE C 341 -70.30 -39.40 -64.10
N GLN C 342 -70.15 -39.32 -62.77
CA GLN C 342 -71.30 -39.13 -61.91
C GLN C 342 -71.78 -37.68 -61.96
N PHE C 343 -73.09 -37.51 -62.15
CA PHE C 343 -73.74 -36.21 -62.13
C PHE C 343 -74.62 -36.09 -60.89
N VAL C 344 -74.99 -34.85 -60.56
CA VAL C 344 -76.00 -34.61 -59.55
C VAL C 344 -77.38 -34.84 -60.16
N ASP C 345 -78.34 -35.23 -59.32
CA ASP C 345 -79.65 -35.60 -59.81
C ASP C 345 -80.45 -34.40 -60.31
N TRP C 346 -80.16 -33.20 -59.79
CA TRP C 346 -80.89 -32.00 -60.17
C TRP C 346 -80.19 -31.22 -61.28
N CYS C 347 -79.51 -31.91 -62.19
CA CYS C 347 -78.81 -31.34 -63.32
C CYS C 347 -79.40 -31.85 -64.63
N PRO C 348 -79.35 -31.07 -65.70
CA PRO C 348 -79.72 -31.60 -67.02
C PRO C 348 -78.91 -32.82 -67.44
N THR C 349 -77.70 -32.99 -66.90
CA THR C 349 -76.82 -34.12 -67.15
C THR C 349 -76.44 -34.26 -68.63
N GLY C 350 -76.82 -33.31 -69.47
CA GLY C 350 -76.45 -33.33 -70.88
C GLY C 350 -75.27 -32.40 -71.13
N PHE C 351 -74.32 -32.89 -71.93
CA PHE C 351 -73.11 -32.12 -72.22
C PHE C 351 -73.40 -31.07 -73.29
N LYS C 352 -73.21 -29.80 -72.96
CA LYS C 352 -73.31 -28.72 -73.92
C LYS C 352 -72.04 -28.66 -74.77
N VAL C 353 -72.20 -28.27 -76.04
CA VAL C 353 -71.10 -28.29 -77.00
C VAL C 353 -71.16 -27.05 -77.88
N GLY C 354 -69.98 -26.57 -78.28
CA GLY C 354 -69.86 -25.56 -79.32
C GLY C 354 -68.55 -25.73 -80.06
N ILE C 355 -68.54 -25.31 -81.32
CA ILE C 355 -67.40 -25.51 -82.22
C ILE C 355 -67.09 -24.20 -82.94
N ASN C 356 -65.80 -23.95 -83.18
CA ASN C 356 -65.33 -22.81 -83.94
C ASN C 356 -64.23 -23.29 -84.89
N TYR C 357 -64.51 -23.28 -86.19
CA TYR C 357 -63.68 -23.98 -87.17
C TYR C 357 -62.31 -23.34 -87.38
N GLU C 358 -61.97 -22.25 -86.66
CA GLU C 358 -60.66 -21.64 -86.85
C GLU C 358 -59.59 -22.40 -86.06
N PRO C 359 -58.38 -22.52 -86.59
CA PRO C 359 -57.36 -23.35 -85.93
C PRO C 359 -56.73 -22.64 -84.75
N PRO C 360 -56.29 -23.39 -83.74
CA PRO C 360 -55.61 -22.78 -82.59
C PRO C 360 -54.30 -22.13 -83.01
N THR C 361 -54.22 -20.81 -82.85
CA THR C 361 -53.00 -20.07 -83.14
C THR C 361 -51.99 -20.23 -82.01
N VAL C 362 -50.73 -20.44 -82.39
CA VAL C 362 -49.62 -20.42 -81.43
C VAL C 362 -48.72 -19.24 -81.77
N VAL C 363 -47.73 -19.00 -80.92
CA VAL C 363 -46.79 -17.90 -81.11
C VAL C 363 -45.64 -18.37 -81.99
N PRO C 364 -45.21 -17.57 -82.99
CA PRO C 364 -44.03 -17.96 -83.77
C PRO C 364 -42.78 -18.03 -82.91
N GLY C 365 -42.23 -19.24 -82.77
CA GLY C 365 -41.15 -19.51 -81.84
C GLY C 365 -41.58 -20.28 -80.61
N GLY C 366 -42.89 -20.35 -80.36
CA GLY C 366 -43.37 -21.00 -79.15
C GLY C 366 -43.03 -22.48 -79.11
N ASP C 367 -42.81 -22.98 -77.89
CA ASP C 367 -42.63 -24.41 -77.68
C ASP C 367 -43.90 -25.20 -77.94
N LEU C 368 -45.07 -24.54 -77.90
CA LEU C 368 -46.32 -25.20 -78.23
C LEU C 368 -46.50 -25.27 -79.74
N ALA C 369 -46.87 -26.44 -80.23
CA ALA C 369 -47.02 -26.67 -81.67
C ALA C 369 -48.43 -26.38 -82.13
N LYS C 370 -48.55 -26.02 -83.40
CA LYS C 370 -49.87 -25.88 -84.04
C LYS C 370 -50.51 -27.25 -84.17
N VAL C 371 -51.70 -27.41 -83.61
CA VAL C 371 -52.45 -28.66 -83.69
C VAL C 371 -53.63 -28.45 -84.62
N GLN C 372 -54.07 -29.55 -85.24
CA GLN C 372 -55.17 -29.47 -86.20
C GLN C 372 -56.48 -29.12 -85.52
N ARG C 373 -56.77 -29.76 -84.38
CA ARG C 373 -57.97 -29.49 -83.62
C ARG C 373 -57.61 -29.43 -82.14
N ALA C 374 -58.52 -28.83 -81.35
CA ALA C 374 -58.30 -28.71 -79.92
C ALA C 374 -59.64 -28.54 -79.22
N VAL C 375 -59.64 -28.76 -77.91
CA VAL C 375 -60.85 -28.73 -77.10
C VAL C 375 -60.52 -28.16 -75.73
N CYS C 376 -61.48 -27.45 -75.14
CA CYS C 376 -61.35 -26.91 -73.79
C CYS C 376 -62.64 -27.20 -73.03
N MET C 377 -62.58 -28.13 -72.08
CA MET C 377 -63.75 -28.58 -71.34
C MET C 377 -63.88 -27.78 -70.04
N LEU C 378 -65.02 -27.11 -69.87
CA LEU C 378 -65.33 -26.35 -68.68
C LEU C 378 -66.40 -27.11 -67.90
N SER C 379 -66.06 -27.52 -66.67
CA SER C 379 -66.90 -28.43 -65.90
C SER C 379 -66.87 -28.04 -64.43
N ASN C 380 -68.04 -27.76 -63.86
CA ASN C 380 -68.15 -27.32 -62.47
C ASN C 380 -68.30 -28.53 -61.56
N THR C 381 -67.18 -29.23 -61.36
CA THR C 381 -67.15 -30.42 -60.52
C THR C 381 -66.95 -30.03 -59.06
N THR C 382 -67.50 -30.86 -58.16
CA THR C 382 -67.34 -30.67 -56.73
C THR C 382 -65.96 -31.10 -56.23
N ALA C 383 -65.16 -31.75 -57.06
CA ALA C 383 -63.81 -32.13 -56.66
C ALA C 383 -62.86 -30.95 -56.58
N ILE C 384 -63.23 -29.81 -57.18
CA ILE C 384 -62.42 -28.61 -57.06
C ILE C 384 -62.37 -28.10 -55.62
N ALA C 385 -63.25 -28.60 -54.75
CA ALA C 385 -63.17 -28.30 -53.32
C ALA C 385 -61.85 -28.78 -52.73
N GLU C 386 -61.25 -29.81 -53.32
CA GLU C 386 -59.93 -30.26 -52.86
C GLU C 386 -58.92 -29.13 -52.91
N ALA C 387 -59.03 -28.25 -53.91
CA ALA C 387 -58.10 -27.12 -54.02
C ALA C 387 -58.30 -26.13 -52.88
N TRP C 388 -59.55 -25.83 -52.54
CA TRP C 388 -59.82 -24.94 -51.41
C TRP C 388 -59.33 -25.55 -50.09
N ALA C 389 -59.43 -26.87 -49.96
CA ALA C 389 -58.99 -27.52 -48.72
C ALA C 389 -57.50 -27.36 -48.51
N ARG C 390 -56.71 -27.36 -49.60
CA ARG C 390 -55.27 -27.21 -49.48
C ARG C 390 -54.89 -25.81 -48.99
N LEU C 391 -55.56 -24.78 -49.52
CA LEU C 391 -55.31 -23.42 -49.03
C LEU C 391 -55.75 -23.26 -47.59
N ASP C 392 -56.98 -23.67 -47.28
CA ASP C 392 -57.51 -23.51 -45.92
C ASP C 392 -56.62 -24.18 -44.88
N HIS C 393 -56.07 -25.35 -45.21
CA HIS C 393 -55.21 -26.05 -44.26
C HIS C 393 -53.92 -25.26 -43.99
N LYS C 394 -53.22 -24.85 -45.04
CA LYS C 394 -52.05 -23.99 -44.89
C LYS C 394 -52.40 -22.74 -44.07
N PHE C 395 -53.53 -22.11 -44.41
CA PHE C 395 -54.01 -20.96 -43.65
C PHE C 395 -54.13 -21.29 -42.17
N ASP C 396 -54.74 -22.44 -41.85
CA ASP C 396 -54.99 -22.80 -40.46
C ASP C 396 -53.70 -22.94 -39.67
N LEU C 397 -52.67 -23.55 -40.27
CA LEU C 397 -51.41 -23.76 -39.56
C LEU C 397 -50.80 -22.44 -39.11
N MET C 398 -50.75 -21.46 -40.02
CA MET C 398 -50.11 -20.19 -39.70
C MET C 398 -50.99 -19.32 -38.80
N TYR C 399 -52.30 -19.28 -39.06
CA TYR C 399 -53.18 -18.47 -38.22
C TYR C 399 -53.38 -19.07 -36.84
N ALA C 400 -53.10 -20.37 -36.66
CA ALA C 400 -53.16 -20.96 -35.32
C ALA C 400 -52.15 -20.30 -34.40
N LYS C 401 -51.03 -19.84 -34.94
CA LYS C 401 -50.01 -19.14 -34.17
C LYS C 401 -50.05 -17.64 -34.43
N ARG C 402 -51.02 -17.15 -35.20
CA ARG C 402 -51.12 -15.74 -35.58
C ARG C 402 -49.83 -15.26 -36.26
N ALA C 403 -49.23 -16.14 -37.06
CA ALA C 403 -47.99 -15.81 -37.74
C ALA C 403 -48.23 -14.79 -38.85
N PHE C 404 -47.30 -13.84 -38.97
CA PHE C 404 -47.32 -12.83 -40.02
C PHE C 404 -48.54 -11.92 -39.96
N VAL C 405 -49.37 -12.08 -38.93
CA VAL C 405 -50.64 -11.34 -38.88
C VAL C 405 -50.39 -9.87 -38.61
N HIS C 406 -49.30 -9.52 -37.93
CA HIS C 406 -49.06 -8.12 -37.58
C HIS C 406 -48.83 -7.26 -38.81
N TRP C 407 -48.25 -7.82 -39.87
CA TRP C 407 -48.09 -7.08 -41.12
C TRP C 407 -49.43 -6.61 -41.65
N TYR C 408 -50.42 -7.52 -41.70
CA TYR C 408 -51.74 -7.16 -42.20
C TYR C 408 -52.44 -6.18 -41.27
N VAL C 409 -52.47 -6.50 -39.98
CA VAL C 409 -53.15 -5.65 -39.00
C VAL C 409 -52.51 -4.27 -38.95
N GLY C 410 -51.20 -4.19 -39.20
CA GLY C 410 -50.49 -2.93 -39.20
C GLY C 410 -50.67 -2.08 -40.43
N GLU C 411 -51.43 -2.53 -41.42
CA GLU C 411 -51.72 -1.72 -42.60
C GLU C 411 -53.21 -1.51 -42.78
N GLY C 412 -53.91 -1.15 -41.71
CA GLY C 412 -55.30 -0.75 -41.80
C GLY C 412 -56.31 -1.87 -41.74
N MET C 413 -55.88 -3.09 -41.42
CA MET C 413 -56.75 -4.26 -41.44
C MET C 413 -57.07 -4.71 -40.02
N GLU C 414 -58.34 -5.02 -39.78
CA GLU C 414 -58.75 -5.61 -38.51
C GLU C 414 -58.43 -7.09 -38.50
N GLU C 415 -57.97 -7.58 -37.35
CA GLU C 415 -57.64 -9.00 -37.21
C GLU C 415 -58.86 -9.89 -37.43
N GLY C 416 -60.04 -9.42 -37.01
CA GLY C 416 -61.26 -10.19 -37.20
C GLY C 416 -61.50 -10.61 -38.64
N GLU C 417 -61.08 -9.78 -39.60
CA GLU C 417 -61.28 -10.11 -41.01
C GLU C 417 -60.65 -11.44 -41.37
N PHE C 418 -59.57 -11.83 -40.69
CA PHE C 418 -59.00 -13.16 -40.88
C PHE C 418 -60.02 -14.25 -40.57
N SER C 419 -60.64 -14.18 -39.39
CA SER C 419 -61.61 -15.19 -38.99
C SER C 419 -62.85 -15.17 -39.86
N GLU C 420 -63.39 -13.98 -40.14
CA GLU C 420 -64.57 -13.87 -40.99
C GLU C 420 -64.31 -14.47 -42.37
N ALA C 421 -63.08 -14.32 -42.88
CA ALA C 421 -62.73 -14.94 -44.15
C ALA C 421 -62.65 -16.46 -44.01
N ARG C 422 -62.05 -16.95 -42.94
CA ARG C 422 -61.91 -18.39 -42.74
C ARG C 422 -63.26 -19.07 -42.58
N GLU C 423 -64.18 -18.44 -41.84
CA GLU C 423 -65.52 -18.99 -41.71
C GLU C 423 -66.23 -19.01 -43.06
N ASP C 424 -66.02 -17.99 -43.89
CA ASP C 424 -66.60 -17.97 -45.23
C ASP C 424 -65.98 -19.06 -46.10
N MET C 425 -64.73 -19.45 -45.83
CA MET C 425 -64.10 -20.54 -46.56
C MET C 425 -64.56 -21.89 -46.02
N ALA C 426 -64.72 -21.99 -44.70
CA ALA C 426 -65.28 -23.20 -44.11
C ALA C 426 -66.72 -23.42 -44.57
N ALA C 427 -67.51 -22.34 -44.64
CA ALA C 427 -68.88 -22.45 -45.13
C ALA C 427 -68.93 -22.88 -46.58
N LEU C 428 -67.97 -22.42 -47.39
CA LEU C 428 -67.93 -22.82 -48.80
C LEU C 428 -67.60 -24.30 -48.96
N GLU C 429 -66.73 -24.82 -48.08
CA GLU C 429 -66.41 -26.25 -48.14
C GLU C 429 -67.62 -27.11 -47.80
N LYS C 430 -68.48 -26.64 -46.89
CA LYS C 430 -69.72 -27.36 -46.60
C LYS C 430 -70.70 -27.26 -47.76
N ASP C 431 -70.72 -26.11 -48.45
CA ASP C 431 -71.61 -25.94 -49.60
C ASP C 431 -71.27 -26.92 -50.71
N TYR C 432 -69.97 -27.19 -50.91
CA TYR C 432 -69.58 -28.19 -51.91
C TYR C 432 -69.95 -29.60 -51.47
N GLU C 433 -69.92 -29.87 -50.16
CA GLU C 433 -70.21 -31.20 -49.67
C GLU C 433 -71.69 -31.54 -49.85
N GLU C 434 -72.58 -30.63 -49.45
CA GLU C 434 -74.01 -30.93 -49.46
C GLU C 434 -74.54 -31.14 -50.87
N VAL C 435 -73.98 -30.44 -51.86
CA VAL C 435 -74.37 -30.67 -53.25
C VAL C 435 -73.99 -32.08 -53.67
N GLY C 436 -72.82 -32.56 -53.26
CA GLY C 436 -72.36 -33.88 -53.66
C GLY C 436 -72.57 -34.96 -52.63
N VAL C 437 -73.81 -35.27 -52.32
CA VAL C 437 -74.15 -36.39 -51.44
C VAL C 437 -75.52 -36.94 -51.79
N MET D 1 -40.62 1.41 -54.37
CA MET D 1 -39.58 0.78 -53.57
C MET D 1 -38.28 0.69 -54.36
N ARG D 2 -37.50 1.78 -54.36
CA ARG D 2 -36.24 1.85 -55.10
C ARG D 2 -35.06 2.15 -54.18
N GLU D 3 -34.89 3.39 -53.73
CA GLU D 3 -33.65 3.82 -53.11
C GLU D 3 -33.53 3.34 -51.66
N ILE D 4 -32.29 3.16 -51.21
CA ILE D 4 -31.99 2.85 -49.81
C ILE D 4 -30.97 3.86 -49.32
N VAL D 5 -31.26 4.49 -48.18
CA VAL D 5 -30.31 5.38 -47.52
C VAL D 5 -29.50 4.54 -46.54
N HIS D 6 -28.16 4.68 -46.60
CA HIS D 6 -27.27 3.92 -45.74
C HIS D 6 -26.69 4.82 -44.66
N ILE D 7 -26.51 4.25 -43.46
CA ILE D 7 -25.93 4.95 -42.33
C ILE D 7 -24.91 4.03 -41.67
N GLN D 8 -23.82 4.61 -41.18
CA GLN D 8 -22.84 3.89 -40.38
C GLN D 8 -22.44 4.78 -39.21
N ALA D 9 -22.43 4.22 -38.00
CA ALA D 9 -22.22 4.99 -36.79
C ALA D 9 -21.25 4.26 -35.87
N GLY D 10 -20.39 5.02 -35.22
CA GLY D 10 -19.37 4.47 -34.35
C GLY D 10 -18.18 3.96 -35.15
N GLN D 11 -17.13 3.59 -34.40
CA GLN D 11 -15.92 3.08 -35.04
C GLN D 11 -16.23 1.86 -35.89
N CYS D 12 -16.71 0.79 -35.26
CA CYS D 12 -17.07 -0.41 -36.00
C CYS D 12 -18.05 -0.12 -37.13
N GLY D 13 -19.04 0.74 -36.86
CA GLY D 13 -19.99 1.12 -37.91
C GLY D 13 -19.31 1.57 -39.18
N ASN D 14 -18.37 2.51 -39.06
CA ASN D 14 -17.67 3.01 -40.24
C ASN D 14 -16.64 2.02 -40.79
N GLN D 15 -16.16 1.09 -39.96
CA GLN D 15 -15.19 0.10 -40.45
C GLN D 15 -15.86 -0.91 -41.37
N ILE D 16 -16.80 -1.70 -40.85
CA ILE D 16 -17.50 -2.66 -41.70
C ILE D 16 -18.35 -1.93 -42.74
N GLY D 17 -18.75 -0.70 -42.44
CA GLY D 17 -19.48 0.09 -43.44
C GLY D 17 -18.65 0.37 -44.68
N ALA D 18 -17.46 0.95 -44.47
CA ALA D 18 -16.57 1.22 -45.60
C ALA D 18 -16.19 -0.06 -46.34
N LYS D 19 -15.89 -1.13 -45.60
CA LYS D 19 -15.62 -2.43 -46.21
C LYS D 19 -16.77 -2.87 -47.11
N PHE D 20 -18.01 -2.65 -46.66
CA PHE D 20 -19.16 -3.00 -47.48
C PHE D 20 -19.19 -2.18 -48.77
N TRP D 21 -18.90 -0.88 -48.68
CA TRP D 21 -18.89 -0.05 -49.87
C TRP D 21 -17.75 -0.44 -50.81
N GLU D 22 -16.61 -0.86 -50.25
CA GLU D 22 -15.53 -1.38 -51.08
C GLU D 22 -16.00 -2.56 -51.93
N VAL D 23 -16.70 -3.50 -51.29
CA VAL D 23 -17.09 -4.74 -51.97
C VAL D 23 -18.08 -4.45 -53.10
N ILE D 24 -19.20 -3.80 -52.77
CA ILE D 24 -20.28 -3.66 -53.74
C ILE D 24 -19.99 -2.57 -54.76
N SER D 25 -19.04 -1.67 -54.50
CA SER D 25 -18.59 -0.77 -55.56
C SER D 25 -17.88 -1.54 -56.66
N ASP D 26 -16.99 -2.45 -56.27
CA ASP D 26 -16.37 -3.37 -57.22
C ASP D 26 -17.43 -4.15 -57.97
N GLU D 27 -18.32 -4.85 -57.25
CA GLU D 27 -19.35 -5.68 -57.87
C GLU D 27 -20.18 -4.88 -58.87
N HIS D 28 -20.42 -3.60 -58.58
CA HIS D 28 -21.15 -2.73 -59.50
C HIS D 28 -20.24 -2.01 -60.49
N GLY D 29 -18.92 -2.13 -60.35
CA GLY D 29 -18.02 -1.54 -61.32
C GLY D 29 -17.81 -0.05 -61.18
N ILE D 30 -17.74 0.46 -59.95
CA ILE D 30 -17.47 1.87 -59.69
C ILE D 30 -16.07 2.00 -59.11
N ASP D 31 -15.33 2.98 -59.60
CA ASP D 31 -13.98 3.24 -59.14
C ASP D 31 -13.99 4.22 -57.96
N PRO D 32 -12.86 4.40 -57.27
CA PRO D 32 -12.83 5.35 -56.16
C PRO D 32 -13.15 6.77 -56.55
N THR D 33 -12.96 7.15 -57.82
CA THR D 33 -13.33 8.48 -58.27
C THR D 33 -14.83 8.63 -58.50
N GLY D 34 -15.54 7.52 -58.67
CA GLY D 34 -16.98 7.56 -58.86
C GLY D 34 -17.36 7.53 -60.33
N SER D 35 -16.75 6.61 -61.08
CA SER D 35 -16.99 6.51 -62.52
C SER D 35 -17.14 5.04 -62.89
N TYR D 36 -18.07 4.75 -63.80
CA TYR D 36 -18.39 3.38 -64.16
C TYR D 36 -17.35 2.85 -65.14
N HIS D 37 -16.66 1.78 -64.75
CA HIS D 37 -15.74 1.06 -65.62
C HIS D 37 -16.08 -0.42 -65.65
N GLY D 38 -17.37 -0.73 -65.63
CA GLY D 38 -17.84 -2.10 -65.73
C GLY D 38 -17.99 -2.54 -67.17
N ASP D 39 -18.72 -3.65 -67.34
CA ASP D 39 -18.95 -4.19 -68.67
C ASP D 39 -20.20 -5.06 -68.72
N SER D 40 -21.24 -4.67 -67.98
CA SER D 40 -22.47 -5.45 -67.94
C SER D 40 -23.63 -4.57 -67.52
N ASP D 41 -24.81 -4.88 -68.06
CA ASP D 41 -26.02 -4.15 -67.71
C ASP D 41 -26.62 -4.64 -66.40
N LEU D 42 -26.43 -5.92 -66.08
CA LEU D 42 -26.89 -6.44 -64.79
C LEU D 42 -26.25 -5.72 -63.62
N GLN D 43 -25.21 -4.93 -63.86
CA GLN D 43 -24.51 -4.17 -62.82
C GLN D 43 -25.18 -2.83 -62.56
N LEU D 44 -25.53 -2.09 -63.63
CA LEU D 44 -26.19 -0.80 -63.52
C LEU D 44 -27.71 -0.90 -63.56
N GLU D 45 -28.25 -2.12 -63.52
CA GLU D 45 -29.70 -2.28 -63.56
C GLU D 45 -30.36 -1.67 -62.32
N ARG D 46 -29.78 -1.93 -61.14
CA ARG D 46 -30.30 -1.42 -59.88
C ARG D 46 -29.21 -0.71 -59.10
N ILE D 47 -28.37 0.04 -59.82
CA ILE D 47 -27.36 0.88 -59.18
C ILE D 47 -28.01 2.04 -58.45
N ASN D 48 -29.19 2.48 -58.89
CA ASN D 48 -29.90 3.56 -58.23
C ASN D 48 -30.27 3.25 -56.78
N VAL D 49 -30.13 1.99 -56.35
CA VAL D 49 -30.49 1.62 -54.99
C VAL D 49 -29.54 2.24 -53.98
N TYR D 50 -28.24 2.00 -54.16
CA TYR D 50 -27.22 2.45 -53.20
C TYR D 50 -26.44 3.66 -53.67
N TYR D 51 -26.61 4.11 -54.90
CA TYR D 51 -25.78 5.17 -55.45
C TYR D 51 -26.66 6.26 -56.08
N ASN D 52 -26.02 7.38 -56.40
CA ASN D 52 -26.68 8.49 -57.08
C ASN D 52 -26.05 8.72 -58.45
N VAL D 60 -21.93 7.89 -56.84
CA VAL D 60 -21.73 8.41 -55.49
C VAL D 60 -22.68 7.73 -54.52
N PRO D 61 -22.15 7.21 -53.42
CA PRO D 61 -22.98 6.48 -52.46
C PRO D 61 -23.98 7.39 -51.78
N ARG D 62 -25.15 6.81 -51.49
CA ARG D 62 -26.15 7.45 -50.63
C ARG D 62 -25.88 7.05 -49.18
N ALA D 63 -24.73 7.50 -48.69
CA ALA D 63 -24.19 7.04 -47.41
C ALA D 63 -23.92 8.23 -46.51
N ILE D 64 -24.28 8.08 -45.24
CA ILE D 64 -24.05 9.09 -44.22
C ILE D 64 -23.08 8.51 -43.19
N LEU D 65 -22.05 9.29 -42.86
CA LEU D 65 -21.00 8.84 -41.96
C LEU D 65 -21.09 9.61 -40.66
N VAL D 66 -21.15 8.87 -39.54
CA VAL D 66 -21.39 9.45 -38.23
C VAL D 66 -20.46 8.81 -37.21
N ASP D 67 -20.00 9.62 -36.26
CA ASP D 67 -19.22 9.19 -35.10
C ASP D 67 -19.05 10.39 -34.18
N LEU D 68 -19.06 10.13 -32.88
CA LEU D 68 -18.63 11.17 -31.95
C LEU D 68 -17.11 11.32 -31.99
N GLU D 69 -16.39 10.24 -32.18
CA GLU D 69 -14.94 10.28 -32.34
C GLU D 69 -14.58 10.94 -33.66
N PRO D 70 -14.01 12.15 -33.65
CA PRO D 70 -13.70 12.83 -34.92
C PRO D 70 -12.57 12.19 -35.71
N GLY D 71 -11.68 11.43 -35.05
CA GLY D 71 -10.59 10.77 -35.76
C GLY D 71 -11.08 9.84 -36.85
N THR D 72 -12.21 9.18 -36.62
CA THR D 72 -12.74 8.20 -37.58
C THR D 72 -12.96 8.84 -38.95
N MET D 73 -13.29 10.13 -38.99
CA MET D 73 -13.35 10.90 -40.24
C MET D 73 -12.22 10.53 -41.18
N ASP D 74 -10.99 10.65 -40.69
CA ASP D 74 -9.82 10.47 -41.53
C ASP D 74 -9.53 8.99 -41.79
N SER D 75 -9.82 8.12 -40.82
CA SER D 75 -9.68 6.70 -41.04
C SER D 75 -10.52 6.21 -42.21
N VAL D 76 -11.61 6.92 -42.54
CA VAL D 76 -12.42 6.57 -43.70
C VAL D 76 -11.89 7.20 -44.97
N ARG D 77 -11.69 8.52 -44.97
CA ARG D 77 -11.23 9.20 -46.18
C ARG D 77 -9.83 8.75 -46.60
N SER D 78 -8.97 8.44 -45.64
CA SER D 78 -7.65 7.89 -45.96
C SER D 78 -7.70 6.43 -46.36
N GLY D 79 -8.89 5.80 -46.33
CA GLY D 79 -9.04 4.47 -46.84
C GLY D 79 -9.09 4.45 -48.34
N PRO D 80 -9.24 3.25 -48.91
CA PRO D 80 -9.21 3.10 -50.38
C PRO D 80 -10.33 3.86 -51.08
N PHE D 81 -11.59 3.53 -50.77
CA PHE D 81 -12.73 4.21 -51.34
C PHE D 81 -13.19 5.39 -50.49
N GLY D 82 -12.31 5.97 -49.68
CA GLY D 82 -12.68 7.09 -48.83
C GLY D 82 -12.98 8.37 -49.59
N GLN D 83 -12.52 8.49 -50.83
CA GLN D 83 -12.72 9.72 -51.59
C GLN D 83 -14.15 9.87 -52.08
N ILE D 84 -14.92 8.77 -52.17
CA ILE D 84 -16.18 8.78 -52.89
C ILE D 84 -17.33 9.38 -52.07
N PHE D 85 -17.25 9.34 -50.75
CA PHE D 85 -18.38 9.77 -49.92
C PHE D 85 -18.55 11.29 -49.96
N ARG D 86 -19.81 11.73 -49.94
CA ARG D 86 -20.12 13.16 -50.03
C ARG D 86 -19.60 13.89 -48.80
N PRO D 87 -18.88 15.02 -48.97
CA PRO D 87 -18.36 15.75 -47.80
C PRO D 87 -19.43 16.22 -46.83
N ASP D 88 -20.61 16.61 -47.33
CA ASP D 88 -21.67 17.06 -46.43
C ASP D 88 -22.16 15.92 -45.53
N ASN D 89 -22.14 14.69 -46.03
CA ASN D 89 -22.69 13.55 -45.31
C ASN D 89 -21.76 13.05 -44.19
N PHE D 90 -20.63 13.71 -43.97
CA PHE D 90 -19.81 13.46 -42.79
C PHE D 90 -20.34 14.32 -41.64
N VAL D 91 -20.77 13.67 -40.56
CA VAL D 91 -21.30 14.37 -39.39
C VAL D 91 -20.61 13.77 -38.17
N PHE D 92 -19.76 14.57 -37.52
CA PHE D 92 -18.86 14.07 -36.50
C PHE D 92 -18.80 15.03 -35.32
N GLY D 93 -18.71 14.46 -34.11
CA GLY D 93 -18.64 15.25 -32.90
C GLY D 93 -17.22 15.61 -32.52
N GLN D 94 -17.10 16.34 -31.40
CA GLN D 94 -15.78 16.78 -30.95
C GLN D 94 -15.09 15.72 -30.11
N SER D 95 -15.77 15.22 -29.09
CA SER D 95 -15.24 14.19 -28.20
C SER D 95 -15.92 12.86 -28.47
N GLY D 96 -15.42 11.82 -27.81
CA GLY D 96 -15.94 10.49 -27.97
C GLY D 96 -16.85 10.05 -26.82
N ALA D 97 -17.56 8.94 -27.06
CA ALA D 97 -18.50 8.44 -26.07
C ALA D 97 -17.82 7.56 -25.02
N GLY D 98 -16.73 6.89 -25.39
CA GLY D 98 -16.00 6.05 -24.45
C GLY D 98 -16.79 4.92 -23.84
N ASN D 99 -17.34 4.04 -24.69
CA ASN D 99 -18.04 2.82 -24.25
C ASN D 99 -19.20 3.11 -23.30
N ASN D 100 -19.72 4.33 -23.29
CA ASN D 100 -20.83 4.71 -22.43
C ASN D 100 -22.08 4.83 -23.31
N TRP D 101 -22.97 3.84 -23.21
CA TRP D 101 -24.21 3.88 -23.98
C TRP D 101 -25.03 5.11 -23.63
N ALA D 102 -25.05 5.50 -22.35
CA ALA D 102 -25.80 6.68 -21.94
C ALA D 102 -25.28 7.95 -22.61
N LYS D 103 -23.96 8.05 -22.77
CA LYS D 103 -23.40 9.22 -23.44
C LYS D 103 -23.83 9.28 -24.91
N GLY D 104 -23.96 8.12 -25.56
CA GLY D 104 -24.41 8.11 -26.94
C GLY D 104 -25.89 8.33 -27.12
N HIS D 105 -26.70 7.90 -26.14
CA HIS D 105 -28.15 7.90 -26.28
C HIS D 105 -28.83 9.10 -25.65
N TYR D 106 -28.24 9.69 -24.61
CA TYR D 106 -28.91 10.72 -23.82
C TYR D 106 -28.16 12.04 -23.80
N THR D 107 -26.84 12.01 -23.68
CA THR D 107 -26.06 13.23 -23.48
C THR D 107 -25.41 13.71 -24.77
N GLU D 108 -24.23 13.19 -25.07
CA GLU D 108 -23.40 13.73 -26.14
C GLU D 108 -23.91 13.34 -27.52
N GLY D 109 -24.26 12.06 -27.70
CA GLY D 109 -24.82 11.63 -28.96
C GLY D 109 -26.13 12.29 -29.31
N ALA D 110 -26.92 12.66 -28.30
CA ALA D 110 -28.20 13.31 -28.56
C ALA D 110 -28.01 14.73 -29.05
N GLU D 111 -26.97 15.43 -28.57
CA GLU D 111 -26.71 16.79 -29.01
C GLU D 111 -26.37 16.85 -30.49
N LEU D 112 -25.71 15.81 -31.02
CA LEU D 112 -25.32 15.75 -32.42
C LEU D 112 -26.39 15.17 -33.34
N VAL D 113 -27.33 14.39 -32.79
CA VAL D 113 -28.24 13.59 -33.62
C VAL D 113 -29.08 14.47 -34.55
N ASP D 114 -29.32 15.73 -34.16
CA ASP D 114 -30.07 16.63 -35.03
C ASP D 114 -29.32 16.89 -36.33
N SER D 115 -28.03 17.24 -36.23
CA SER D 115 -27.20 17.42 -37.42
C SER D 115 -27.27 16.22 -38.35
N VAL D 116 -27.36 15.01 -37.79
CA VAL D 116 -27.42 13.80 -38.61
C VAL D 116 -28.75 13.73 -39.35
N LEU D 117 -29.86 13.96 -38.63
CA LEU D 117 -31.18 13.89 -39.26
C LEU D 117 -31.32 14.92 -40.38
N ASP D 118 -30.61 16.04 -40.29
CA ASP D 118 -30.65 17.02 -41.37
C ASP D 118 -30.10 16.44 -42.67
N VAL D 119 -29.00 15.66 -42.57
CA VAL D 119 -28.42 15.05 -43.77
C VAL D 119 -29.29 13.89 -44.25
N VAL D 120 -29.84 13.10 -43.31
CA VAL D 120 -30.77 12.05 -43.68
C VAL D 120 -31.93 12.62 -44.49
N ARG D 121 -32.51 13.72 -43.99
CA ARG D 121 -33.56 14.40 -44.73
C ARG D 121 -33.10 14.79 -46.13
N LYS D 122 -31.93 15.41 -46.23
CA LYS D 122 -31.42 15.88 -47.52
C LYS D 122 -31.32 14.75 -48.54
N GLU D 123 -30.77 13.60 -48.12
CA GLU D 123 -30.62 12.49 -49.05
C GLU D 123 -31.96 11.87 -49.37
N SER D 124 -32.86 11.78 -48.39
CA SER D 124 -34.20 11.27 -48.64
C SER D 124 -35.01 12.22 -49.51
N GLU D 125 -34.80 13.54 -49.35
CA GLU D 125 -35.54 14.54 -50.12
C GLU D 125 -35.46 14.26 -51.62
N SER D 126 -34.28 13.87 -52.11
CA SER D 126 -34.05 13.67 -53.54
C SER D 126 -34.13 12.21 -53.94
N CYS D 127 -35.10 11.46 -53.39
CA CYS D 127 -35.33 10.07 -53.73
C CYS D 127 -36.64 9.95 -54.49
N ASP D 128 -36.59 9.27 -55.64
CA ASP D 128 -37.81 8.95 -56.38
C ASP D 128 -38.83 8.25 -55.48
N CYS D 129 -38.44 7.14 -54.89
CA CYS D 129 -39.30 6.40 -53.97
C CYS D 129 -38.41 5.64 -53.00
N LEU D 130 -38.32 6.13 -51.76
CA LEU D 130 -37.48 5.50 -50.76
C LEU D 130 -38.03 4.13 -50.36
N GLN D 131 -37.13 3.18 -50.14
CA GLN D 131 -37.47 1.89 -49.53
C GLN D 131 -37.41 1.98 -48.01
N GLY D 132 -36.25 2.37 -47.49
CA GLY D 132 -35.99 2.30 -46.08
C GLY D 132 -34.55 2.67 -45.80
N PHE D 133 -34.07 2.28 -44.62
CA PHE D 133 -32.75 2.70 -44.16
C PHE D 133 -31.93 1.47 -43.79
N GLN D 134 -30.64 1.69 -43.59
CA GLN D 134 -29.69 0.60 -43.39
C GLN D 134 -28.58 1.09 -42.47
N LEU D 135 -28.47 0.51 -41.28
CA LEU D 135 -27.52 0.94 -40.27
C LEU D 135 -26.55 -0.18 -39.95
N THR D 136 -25.25 0.14 -39.95
CA THR D 136 -24.21 -0.75 -39.48
C THR D 136 -23.55 -0.13 -38.25
N HIS D 137 -23.32 -0.95 -37.23
CA HIS D 137 -22.81 -0.45 -35.95
C HIS D 137 -22.51 -1.63 -35.04
N SER D 138 -21.76 -1.34 -33.98
CA SER D 138 -21.48 -2.29 -32.92
C SER D 138 -22.35 -2.03 -31.71
N LEU D 139 -22.64 -3.08 -30.95
CA LEU D 139 -23.55 -2.99 -29.81
C LEU D 139 -22.84 -2.81 -28.48
N GLY D 140 -21.57 -3.21 -28.38
CA GLY D 140 -20.83 -3.02 -27.14
C GLY D 140 -20.22 -1.65 -26.96
N GLY D 141 -20.23 -0.81 -27.99
CA GLY D 141 -19.68 0.53 -27.90
C GLY D 141 -20.62 1.49 -27.21
N GLY D 142 -20.24 2.76 -27.25
CA GLY D 142 -21.07 3.83 -26.74
C GLY D 142 -21.74 4.63 -27.83
N THR D 143 -21.02 4.85 -28.94
CA THR D 143 -21.56 5.63 -30.04
C THR D 143 -22.41 4.77 -30.97
N GLY D 144 -21.85 3.67 -31.46
CA GLY D 144 -22.58 2.82 -32.39
C GLY D 144 -23.88 2.28 -31.80
N SER D 145 -23.87 1.96 -30.51
CA SER D 145 -25.04 1.43 -29.83
C SER D 145 -25.96 2.54 -29.31
N GLY D 146 -25.41 3.50 -28.57
CA GLY D 146 -26.23 4.50 -27.93
C GLY D 146 -26.81 5.51 -28.92
N MET D 147 -25.94 6.09 -29.75
CA MET D 147 -26.42 7.06 -30.73
C MET D 147 -27.14 6.37 -31.88
N GLY D 148 -26.70 5.17 -32.25
CA GLY D 148 -27.38 4.44 -33.31
C GLY D 148 -28.81 4.11 -32.98
N THR D 149 -29.04 3.47 -31.83
CA THR D 149 -30.40 3.15 -31.41
C THR D 149 -31.23 4.41 -31.20
N LEU D 150 -30.61 5.50 -30.77
CA LEU D 150 -31.33 6.77 -30.67
C LEU D 150 -31.65 7.34 -32.04
N LEU D 151 -30.71 7.23 -32.98
CA LEU D 151 -30.97 7.63 -34.35
C LEU D 151 -32.11 6.82 -34.95
N ILE D 152 -32.15 5.52 -34.67
CA ILE D 152 -33.18 4.65 -35.22
C ILE D 152 -34.57 5.14 -34.83
N SER D 153 -34.81 5.27 -33.51
CA SER D 153 -36.09 5.77 -33.04
C SER D 153 -36.44 7.12 -33.65
N LYS D 154 -35.45 8.02 -33.74
CA LYS D 154 -35.71 9.34 -34.32
C LYS D 154 -36.10 9.25 -35.79
N ILE D 155 -35.58 8.25 -36.50
CA ILE D 155 -35.99 8.02 -37.88
C ILE D 155 -37.33 7.31 -37.93
N ARG D 156 -37.48 6.25 -37.13
CA ARG D 156 -38.74 5.54 -36.95
C ARG D 156 -39.93 6.48 -36.81
N GLU D 157 -39.77 7.58 -36.07
CA GLU D 157 -40.85 8.52 -35.88
C GLU D 157 -40.91 9.59 -36.96
N GLU D 158 -39.78 9.89 -37.62
CA GLU D 158 -39.80 10.83 -38.74
C GLU D 158 -40.13 10.14 -40.06
N TYR D 159 -39.85 8.83 -40.17
CA TYR D 159 -40.16 8.06 -41.38
C TYR D 159 -40.81 6.74 -40.97
N PRO D 160 -42.05 6.78 -40.47
CA PRO D 160 -42.71 5.55 -40.02
C PRO D 160 -43.24 4.67 -41.15
N ASP D 161 -43.27 5.15 -42.38
CA ASP D 161 -43.73 4.38 -43.52
C ASP D 161 -42.59 3.67 -44.25
N ARG D 162 -41.45 3.46 -43.58
CA ARG D 162 -40.26 2.94 -44.22
C ARG D 162 -39.68 1.82 -43.36
N ILE D 163 -38.83 1.01 -43.98
CA ILE D 163 -38.21 -0.14 -43.33
C ILE D 163 -36.93 0.29 -42.61
N MET D 164 -36.64 -0.37 -41.49
CA MET D 164 -35.43 -0.15 -40.73
C MET D 164 -34.68 -1.47 -40.64
N ASN D 165 -33.48 -1.52 -41.22
CA ASN D 165 -32.72 -2.76 -41.35
C ASN D 165 -31.31 -2.50 -40.84
N THR D 166 -30.89 -3.26 -39.84
CA THR D 166 -29.62 -3.02 -39.17
C THR D 166 -28.69 -4.21 -39.28
N PHE D 167 -27.39 -3.90 -39.35
CA PHE D 167 -26.32 -4.89 -39.28
C PHE D 167 -25.59 -4.63 -37.97
N SER D 168 -26.06 -5.28 -36.90
CA SER D 168 -25.53 -5.05 -35.56
C SER D 168 -24.58 -6.18 -35.19
N VAL D 169 -23.39 -5.82 -34.72
CA VAL D 169 -22.38 -6.80 -34.35
C VAL D 169 -22.35 -6.94 -32.83
N VAL D 170 -22.33 -8.17 -32.35
CA VAL D 170 -22.44 -8.49 -30.93
C VAL D 170 -21.05 -8.53 -30.31
N PRO D 171 -20.85 -7.96 -29.13
CA PRO D 171 -19.54 -8.06 -28.46
C PRO D 171 -19.31 -9.44 -27.88
N SER D 172 -18.04 -9.80 -27.79
CA SER D 172 -17.61 -11.07 -27.19
C SER D 172 -16.31 -10.81 -26.44
N PRO D 173 -16.12 -11.46 -25.29
CA PRO D 173 -14.83 -11.34 -24.59
C PRO D 173 -13.64 -11.71 -25.45
N LYS D 174 -13.84 -12.54 -26.46
CA LYS D 174 -12.77 -12.96 -27.36
C LYS D 174 -12.24 -11.83 -28.24
N VAL D 175 -12.92 -10.68 -28.30
CA VAL D 175 -12.51 -9.60 -29.19
C VAL D 175 -12.24 -8.32 -28.42
N SER D 176 -12.89 -8.13 -27.27
CA SER D 176 -12.58 -6.98 -26.42
C SER D 176 -12.94 -7.33 -24.98
N ASP D 177 -11.99 -7.14 -24.07
CA ASP D 177 -12.17 -7.48 -22.66
C ASP D 177 -12.92 -6.42 -21.87
N THR D 178 -13.53 -5.44 -22.55
CA THR D 178 -14.32 -4.43 -21.86
C THR D 178 -15.58 -5.06 -21.28
N VAL D 179 -15.78 -4.87 -19.97
CA VAL D 179 -16.87 -5.55 -19.26
C VAL D 179 -18.18 -4.78 -19.28
N VAL D 180 -18.18 -3.52 -19.73
CA VAL D 180 -19.42 -2.76 -19.86
C VAL D 180 -20.17 -3.08 -21.14
N GLU D 181 -19.55 -3.83 -22.06
CA GLU D 181 -20.23 -4.20 -23.29
C GLU D 181 -21.53 -4.97 -23.05
N PRO D 182 -21.62 -5.92 -22.11
CA PRO D 182 -22.93 -6.50 -21.79
C PRO D 182 -23.99 -5.47 -21.42
N TYR D 183 -23.61 -4.42 -20.68
CA TYR D 183 -24.54 -3.33 -20.42
C TYR D 183 -25.00 -2.68 -21.72
N ASN D 184 -24.05 -2.21 -22.53
CA ASN D 184 -24.40 -1.47 -23.74
C ASN D 184 -25.24 -2.31 -24.70
N ALA D 185 -24.84 -3.57 -24.91
CA ALA D 185 -25.55 -4.42 -25.87
C ALA D 185 -26.95 -4.76 -25.38
N THR D 186 -27.10 -5.06 -24.09
CA THR D 186 -28.43 -5.37 -23.55
C THR D 186 -29.37 -4.18 -23.70
N LEU D 187 -28.91 -3.00 -23.33
CA LEU D 187 -29.71 -1.78 -23.52
C LEU D 187 -30.07 -1.57 -24.98
N SER D 188 -29.16 -1.94 -25.89
CA SER D 188 -29.39 -1.73 -27.32
C SER D 188 -30.36 -2.76 -27.89
N VAL D 189 -30.32 -3.99 -27.38
CA VAL D 189 -31.29 -5.00 -27.83
C VAL D 189 -32.69 -4.60 -27.40
N HIS D 190 -32.82 -4.02 -26.21
CA HIS D 190 -34.11 -3.47 -25.77
C HIS D 190 -34.66 -2.46 -26.76
N GLN D 191 -33.79 -1.78 -27.49
CA GLN D 191 -34.22 -0.85 -28.52
C GLN D 191 -34.57 -1.58 -29.82
N LEU D 192 -33.70 -2.49 -30.26
CA LEU D 192 -33.84 -3.08 -31.58
C LEU D 192 -35.10 -3.94 -31.68
N VAL D 193 -35.46 -4.63 -30.59
CA VAL D 193 -36.65 -5.47 -30.61
C VAL D 193 -37.91 -4.63 -30.78
N GLU D 194 -37.86 -3.34 -30.44
CA GLU D 194 -39.00 -2.46 -30.55
C GLU D 194 -38.95 -1.50 -31.74
N ASN D 195 -37.77 -1.29 -32.33
CA ASN D 195 -37.59 -0.19 -33.27
C ASN D 195 -37.22 -0.62 -34.69
N THR D 196 -36.85 -1.87 -34.92
CA THR D 196 -36.37 -2.30 -36.23
C THR D 196 -37.21 -3.45 -36.77
N ASP D 197 -37.37 -3.47 -38.10
CA ASP D 197 -38.12 -4.53 -38.76
C ASP D 197 -37.28 -5.79 -38.93
N GLU D 198 -35.99 -5.64 -39.22
CA GLU D 198 -35.11 -6.79 -39.37
C GLU D 198 -33.70 -6.40 -38.96
N THR D 199 -32.99 -7.34 -38.33
CA THR D 199 -31.65 -7.11 -37.82
C THR D 199 -30.81 -8.37 -38.06
N TYR D 200 -29.69 -8.20 -38.76
CA TYR D 200 -28.72 -9.27 -38.96
C TYR D 200 -27.76 -9.28 -37.78
N CYS D 201 -27.71 -10.42 -37.08
CA CYS D 201 -26.94 -10.56 -35.85
C CYS D 201 -25.55 -11.08 -36.19
N ILE D 202 -24.58 -10.16 -36.18
CA ILE D 202 -23.18 -10.51 -36.42
C ILE D 202 -22.51 -10.70 -35.07
N ASP D 203 -22.05 -11.92 -34.79
CA ASP D 203 -21.48 -12.22 -33.48
C ASP D 203 -19.97 -12.28 -33.62
N ASN D 204 -19.27 -11.40 -32.88
CA ASN D 204 -17.81 -11.43 -32.86
C ASN D 204 -17.30 -12.75 -32.28
N GLU D 205 -18.02 -13.33 -31.33
CA GLU D 205 -17.73 -14.67 -30.84
C GLU D 205 -17.58 -15.66 -32.00
N ALA D 206 -18.52 -15.64 -32.94
CA ALA D 206 -18.48 -16.57 -34.05
C ALA D 206 -17.45 -16.19 -35.10
N LEU D 207 -17.20 -14.89 -35.30
CA LEU D 207 -16.19 -14.47 -36.26
C LEU D 207 -14.80 -14.89 -35.82
N TYR D 208 -14.52 -14.81 -34.52
CA TYR D 208 -13.24 -15.29 -34.00
C TYR D 208 -13.14 -16.80 -34.15
N ASP D 209 -14.18 -17.53 -33.72
CA ASP D 209 -14.17 -18.98 -33.83
C ASP D 209 -14.05 -19.46 -35.27
N ILE D 210 -14.42 -18.63 -36.24
CA ILE D 210 -14.27 -19.02 -37.65
C ILE D 210 -12.86 -18.70 -38.14
N CYS D 211 -12.34 -17.52 -37.82
CA CYS D 211 -10.98 -17.19 -38.21
C CYS D 211 -9.95 -18.05 -37.48
N PHE D 212 -10.25 -18.46 -36.25
CA PHE D 212 -9.30 -19.22 -35.46
C PHE D 212 -9.32 -20.71 -35.81
N ARG D 213 -10.51 -21.30 -35.88
CA ARG D 213 -10.62 -22.75 -36.00
C ARG D 213 -10.75 -23.22 -37.45
N THR D 214 -11.52 -22.51 -38.27
CA THR D 214 -11.73 -22.92 -39.65
C THR D 214 -10.67 -22.35 -40.58
N LEU D 215 -10.33 -21.07 -40.43
CA LEU D 215 -9.33 -20.43 -41.29
C LEU D 215 -7.91 -20.57 -40.75
N LYS D 216 -7.75 -21.10 -39.54
CA LYS D 216 -6.44 -21.33 -38.91
C LYS D 216 -5.57 -20.09 -38.94
N LEU D 217 -6.10 -19.02 -38.36
CA LEU D 217 -5.36 -17.80 -38.09
C LEU D 217 -5.25 -17.64 -36.59
N THR D 218 -4.02 -17.64 -36.06
CA THR D 218 -3.84 -17.72 -34.62
C THR D 218 -4.33 -16.46 -33.93
N THR D 219 -4.10 -15.29 -34.53
CA THR D 219 -4.61 -14.03 -34.01
C THR D 219 -5.36 -13.27 -35.10
N PRO D 220 -6.68 -13.37 -35.13
CA PRO D 220 -7.45 -12.56 -36.09
C PRO D 220 -7.45 -11.09 -35.70
N THR D 221 -7.30 -10.23 -36.70
CA THR D 221 -7.43 -8.80 -36.54
C THR D 221 -8.86 -8.37 -36.88
N TYR D 222 -9.13 -7.09 -36.66
CA TYR D 222 -10.41 -6.52 -37.11
C TYR D 222 -10.59 -6.72 -38.61
N GLY D 223 -9.55 -6.40 -39.39
CA GLY D 223 -9.60 -6.63 -40.83
C GLY D 223 -9.98 -8.06 -41.20
N ASP D 224 -9.48 -9.04 -40.45
CA ASP D 224 -9.83 -10.43 -40.72
C ASP D 224 -11.31 -10.69 -40.44
N LEU D 225 -11.82 -10.20 -39.31
CA LEU D 225 -13.24 -10.34 -39.01
C LEU D 225 -14.08 -9.49 -39.96
N ASN D 226 -13.59 -8.31 -40.34
CA ASN D 226 -14.34 -7.44 -41.24
C ASN D 226 -14.48 -8.04 -42.63
N HIS D 227 -13.52 -8.89 -43.03
CA HIS D 227 -13.64 -9.58 -44.31
C HIS D 227 -14.85 -10.50 -44.33
N LEU D 228 -15.04 -11.28 -43.25
CA LEU D 228 -16.21 -12.15 -43.17
C LEU D 228 -17.52 -11.35 -43.18
N VAL D 229 -17.52 -10.15 -42.61
CA VAL D 229 -18.73 -9.36 -42.51
C VAL D 229 -19.10 -8.77 -43.87
N SER D 230 -18.16 -8.04 -44.48
CA SER D 230 -18.43 -7.38 -45.76
C SER D 230 -18.89 -8.37 -46.81
N ALA D 231 -18.37 -9.59 -46.80
CA ALA D 231 -18.80 -10.60 -47.76
C ALA D 231 -20.21 -11.09 -47.45
N THR D 232 -20.55 -11.21 -46.17
CA THR D 232 -21.91 -11.60 -45.79
C THR D 232 -22.92 -10.53 -46.21
N MET D 233 -22.55 -9.25 -46.07
CA MET D 233 -23.48 -8.17 -46.40
C MET D 233 -23.81 -8.16 -47.88
N SER D 234 -22.79 -8.21 -48.74
CA SER D 234 -23.03 -8.29 -50.17
C SER D 234 -23.85 -9.52 -50.53
N GLY D 235 -23.70 -10.60 -49.77
CA GLY D 235 -24.47 -11.81 -50.05
C GLY D 235 -25.95 -11.64 -49.75
N VAL D 236 -26.27 -11.08 -48.58
CA VAL D 236 -27.67 -10.90 -48.21
C VAL D 236 -28.32 -9.78 -49.01
N THR D 237 -27.53 -8.81 -49.46
CA THR D 237 -28.03 -7.71 -50.28
C THR D 237 -27.94 -7.99 -51.77
N THR D 238 -27.66 -9.24 -52.15
CA THR D 238 -27.59 -9.58 -53.57
C THR D 238 -28.94 -9.40 -54.24
N CYS D 239 -30.00 -9.90 -53.60
CA CYS D 239 -31.36 -9.71 -54.12
C CYS D 239 -31.68 -8.23 -54.33
N LEU D 240 -31.22 -7.37 -53.42
CA LEU D 240 -31.60 -5.97 -53.48
C LEU D 240 -30.89 -5.22 -54.60
N ARG D 241 -29.71 -5.68 -55.01
CA ARG D 241 -28.84 -4.90 -55.89
C ARG D 241 -28.86 -5.37 -57.34
N PHE D 242 -29.44 -6.53 -57.62
CA PHE D 242 -29.49 -7.08 -58.96
C PHE D 242 -30.91 -7.53 -59.26
N PRO D 243 -31.27 -7.68 -60.53
CA PRO D 243 -32.64 -8.10 -60.84
C PRO D 243 -32.91 -9.52 -60.37
N GLY D 244 -34.13 -9.73 -59.89
CA GLY D 244 -34.51 -10.99 -59.28
C GLY D 244 -35.95 -11.01 -58.82
N GLN D 245 -36.57 -12.19 -58.88
CA GLN D 245 -37.99 -12.32 -58.55
C GLN D 245 -38.23 -12.32 -57.04
N LEU D 246 -37.44 -13.07 -56.30
CA LEU D 246 -37.74 -13.42 -54.92
C LEU D 246 -36.96 -12.55 -53.95
N ASN D 247 -37.63 -12.14 -52.87
CA ASN D 247 -37.07 -11.26 -51.85
C ASN D 247 -36.46 -10.01 -52.47
N ALA D 248 -37.26 -9.33 -53.29
CA ALA D 248 -36.72 -8.25 -54.13
C ALA D 248 -36.43 -7.01 -53.30
N ASP D 249 -37.40 -6.54 -52.53
CA ASP D 249 -37.26 -5.31 -51.77
C ASP D 249 -37.26 -5.60 -50.27
N LEU D 250 -36.92 -4.57 -49.49
CA LEU D 250 -36.77 -4.74 -48.05
C LEU D 250 -38.06 -5.21 -47.39
N ARG D 251 -39.19 -4.64 -47.79
CA ARG D 251 -40.45 -4.99 -47.14
C ARG D 251 -40.86 -6.42 -47.46
N LYS D 252 -40.73 -6.83 -48.73
CA LYS D 252 -41.08 -8.19 -49.11
C LYS D 252 -40.23 -9.21 -48.37
N LEU D 253 -38.93 -8.94 -48.23
CA LEU D 253 -38.06 -9.80 -47.43
C LEU D 253 -38.59 -9.98 -46.02
N ALA D 254 -38.73 -8.87 -45.29
CA ALA D 254 -39.21 -8.95 -43.90
C ALA D 254 -40.58 -9.60 -43.80
N VAL D 255 -41.42 -9.40 -44.82
CA VAL D 255 -42.75 -10.02 -44.80
C VAL D 255 -42.64 -11.53 -44.81
N ASN D 256 -41.70 -12.06 -45.58
CA ASN D 256 -41.52 -13.50 -45.71
C ASN D 256 -40.49 -14.06 -44.73
N MET D 257 -39.97 -13.23 -43.83
CA MET D 257 -38.96 -13.66 -42.87
C MET D 257 -39.40 -13.52 -41.41
N VAL D 258 -40.28 -12.59 -41.10
CA VAL D 258 -40.62 -12.22 -39.74
C VAL D 258 -42.08 -12.54 -39.49
N PRO D 259 -42.38 -13.65 -38.82
CA PRO D 259 -43.79 -13.98 -38.53
C PRO D 259 -44.34 -13.27 -37.29
N PHE D 260 -43.48 -12.87 -36.36
CA PHE D 260 -43.90 -12.20 -35.14
C PHE D 260 -42.99 -10.98 -34.94
N PRO D 261 -43.56 -9.80 -34.70
CA PRO D 261 -42.76 -8.57 -34.84
C PRO D 261 -41.50 -8.52 -34.00
N ARG D 262 -41.55 -9.05 -32.77
CA ARG D 262 -40.38 -8.97 -31.90
C ARG D 262 -39.28 -9.96 -32.32
N LEU D 263 -39.65 -11.07 -32.97
CA LEU D 263 -38.70 -12.12 -33.31
C LEU D 263 -38.18 -11.90 -34.73
N HIS D 264 -37.38 -10.85 -34.89
CA HIS D 264 -36.85 -10.45 -36.19
C HIS D 264 -35.33 -10.40 -36.19
N PHE D 265 -34.69 -11.29 -35.45
CA PHE D 265 -33.23 -11.32 -35.34
C PHE D 265 -32.70 -12.51 -36.13
N PHE D 266 -32.13 -12.22 -37.29
CA PHE D 266 -31.69 -13.26 -38.21
C PHE D 266 -30.29 -13.75 -37.83
N MET D 267 -30.08 -15.06 -37.98
CA MET D 267 -28.77 -15.67 -37.82
C MET D 267 -28.17 -15.86 -39.21
N PRO D 268 -27.31 -14.96 -39.68
CA PRO D 268 -26.76 -15.09 -41.03
C PRO D 268 -25.57 -16.06 -41.06
N GLY D 269 -25.33 -16.59 -42.26
CA GLY D 269 -24.22 -17.48 -42.51
C GLY D 269 -24.10 -17.75 -43.99
N PHE D 270 -22.88 -17.95 -44.48
CA PHE D 270 -22.67 -18.07 -45.92
C PHE D 270 -21.47 -18.96 -46.19
N ALA D 271 -21.27 -19.28 -47.46
CA ALA D 271 -20.29 -20.26 -47.89
C ALA D 271 -19.85 -19.92 -49.31
N PRO D 272 -18.61 -20.27 -49.69
CA PRO D 272 -17.61 -20.89 -48.83
C PRO D 272 -16.78 -19.89 -48.03
N LEU D 273 -16.25 -20.35 -46.90
CA LEU D 273 -15.45 -19.50 -46.01
C LEU D 273 -14.03 -19.42 -46.57
N THR D 274 -13.63 -18.22 -47.00
CA THR D 274 -12.30 -18.00 -47.55
C THR D 274 -11.52 -17.05 -46.66
N SER D 275 -10.19 -17.05 -46.83
CA SER D 275 -9.33 -16.15 -46.11
C SER D 275 -9.15 -14.85 -46.90
N ARG D 276 -8.37 -13.93 -46.35
CA ARG D 276 -8.12 -12.65 -46.99
C ARG D 276 -7.26 -12.87 -48.23
N GLY D 277 -7.90 -12.97 -49.39
CA GLY D 277 -7.17 -13.07 -50.65
C GLY D 277 -6.48 -14.40 -50.91
N SER D 278 -6.99 -15.48 -50.31
CA SER D 278 -6.47 -16.82 -50.54
C SER D 278 -7.02 -17.41 -51.85
N GLN D 279 -6.54 -18.60 -52.21
CA GLN D 279 -6.90 -19.25 -53.47
C GLN D 279 -7.83 -20.43 -53.22
N GLN D 280 -8.99 -20.41 -53.87
CA GLN D 280 -10.02 -21.46 -53.81
C GLN D 280 -9.87 -22.28 -55.08
N TYR D 281 -9.08 -23.37 -55.00
CA TYR D 281 -8.64 -24.05 -56.21
C TYR D 281 -9.80 -24.66 -56.99
N ARG D 282 -10.68 -25.41 -56.31
CA ARG D 282 -11.79 -26.08 -56.97
C ARG D 282 -13.10 -25.49 -56.46
N ALA D 283 -13.90 -24.93 -57.37
CA ALA D 283 -15.16 -24.34 -56.98
C ALA D 283 -16.11 -25.42 -56.50
N LEU D 284 -16.84 -25.12 -55.41
CA LEU D 284 -17.69 -26.10 -54.77
C LEU D 284 -18.83 -26.53 -55.68
N THR D 285 -19.40 -27.68 -55.36
CA THR D 285 -20.57 -28.20 -56.05
C THR D 285 -21.84 -27.71 -55.35
N VAL D 286 -22.97 -27.87 -56.06
CA VAL D 286 -24.25 -27.46 -55.49
C VAL D 286 -24.58 -28.21 -54.20
N PRO D 287 -24.45 -29.56 -54.14
CA PRO D 287 -24.73 -30.24 -52.86
C PRO D 287 -23.78 -29.85 -51.74
N GLU D 288 -22.56 -29.46 -52.07
CA GLU D 288 -21.62 -29.02 -51.04
C GLU D 288 -22.04 -27.68 -50.44
N LEU D 289 -22.30 -26.69 -51.28
CA LEU D 289 -22.83 -25.41 -50.82
C LEU D 289 -24.06 -25.60 -49.94
N THR D 290 -25.03 -26.39 -50.41
CA THR D 290 -26.24 -26.65 -49.63
C THR D 290 -25.90 -27.20 -48.25
N GLN D 291 -24.88 -28.05 -48.15
CA GLN D 291 -24.48 -28.62 -46.87
C GLN D 291 -23.54 -27.71 -46.10
N GLN D 292 -23.72 -26.40 -46.26
CA GLN D 292 -23.11 -25.42 -45.37
C GLN D 292 -24.19 -24.65 -44.62
N MET D 293 -25.41 -25.16 -44.60
CA MET D 293 -26.54 -24.53 -43.93
C MET D 293 -26.57 -24.93 -42.45
N PHE D 294 -26.93 -26.19 -42.18
CA PHE D 294 -26.86 -26.71 -40.82
C PHE D 294 -25.45 -26.68 -40.27
N ASP D 295 -24.43 -26.66 -41.13
CA ASP D 295 -23.04 -26.60 -40.69
C ASP D 295 -22.82 -25.34 -39.86
N ALA D 296 -22.85 -25.49 -38.53
CA ALA D 296 -22.79 -24.35 -37.63
C ALA D 296 -21.46 -23.61 -37.69
N LYS D 297 -20.44 -24.20 -38.31
CA LYS D 297 -19.17 -23.52 -38.50
C LYS D 297 -19.23 -22.46 -39.59
N ASN D 298 -20.38 -22.27 -40.25
CA ASN D 298 -20.55 -21.22 -41.23
C ASN D 298 -21.49 -20.11 -40.76
N MET D 299 -22.03 -20.22 -39.55
CA MET D 299 -22.95 -19.21 -39.03
C MET D 299 -22.17 -18.01 -38.50
N MET D 300 -22.59 -16.81 -38.91
CA MET D 300 -21.98 -15.59 -38.38
C MET D 300 -22.43 -15.28 -36.95
N ALA D 301 -23.46 -15.96 -36.46
CA ALA D 301 -23.87 -15.87 -35.06
C ALA D 301 -23.51 -17.16 -34.34
N ALA D 302 -23.07 -17.03 -33.10
CA ALA D 302 -22.58 -18.17 -32.32
C ALA D 302 -23.78 -18.91 -31.73
N CYS D 303 -24.44 -19.69 -32.59
CA CYS D 303 -25.58 -20.49 -32.18
C CYS D 303 -25.58 -21.80 -32.96
N ASP D 304 -26.19 -22.82 -32.37
CA ASP D 304 -26.31 -24.12 -33.02
C ASP D 304 -27.72 -24.27 -33.56
N PRO D 305 -27.92 -24.25 -34.88
CA PRO D 305 -29.27 -24.50 -35.41
C PRO D 305 -29.84 -25.84 -35.00
N ARG D 306 -28.98 -26.82 -34.70
CA ARG D 306 -29.46 -28.12 -34.24
C ARG D 306 -30.18 -28.00 -32.89
N HIS D 307 -29.83 -26.99 -32.10
CA HIS D 307 -30.42 -26.80 -30.78
C HIS D 307 -31.73 -26.03 -30.83
N GLY D 308 -32.18 -25.62 -32.01
CA GLY D 308 -33.45 -24.95 -32.15
C GLY D 308 -34.16 -25.33 -33.41
N ARG D 309 -35.14 -24.52 -33.83
CA ARG D 309 -35.92 -24.79 -35.03
C ARG D 309 -35.98 -23.53 -35.89
N TYR D 310 -35.94 -23.74 -37.20
CA TYR D 310 -36.04 -22.64 -38.15
C TYR D 310 -37.49 -22.21 -38.31
N LEU D 311 -37.74 -20.91 -38.15
CA LEU D 311 -39.06 -20.37 -38.49
C LEU D 311 -39.16 -20.08 -39.98
N THR D 312 -38.21 -19.29 -40.50
CA THR D 312 -38.13 -19.00 -41.93
C THR D 312 -36.66 -19.04 -42.34
N VAL D 313 -36.42 -19.32 -43.62
CA VAL D 313 -35.07 -19.40 -44.17
C VAL D 313 -35.07 -18.79 -45.57
N ALA D 314 -34.05 -17.98 -45.85
CA ALA D 314 -33.82 -17.43 -47.19
C ALA D 314 -32.43 -17.84 -47.65
N ALA D 315 -32.36 -18.47 -48.82
CA ALA D 315 -31.09 -18.90 -49.40
C ALA D 315 -30.82 -18.12 -50.69
N VAL D 316 -29.58 -17.66 -50.84
CA VAL D 316 -29.16 -16.89 -52.01
C VAL D 316 -27.94 -17.57 -52.61
N PHE D 317 -28.12 -18.21 -53.76
CA PHE D 317 -27.03 -18.88 -54.48
C PHE D 317 -26.52 -17.93 -55.56
N ARG D 318 -25.22 -17.63 -55.53
CA ARG D 318 -24.60 -16.72 -56.49
C ARG D 318 -23.69 -17.49 -57.42
N GLY D 319 -23.83 -17.25 -58.71
CA GLY D 319 -23.01 -17.87 -59.73
C GLY D 319 -23.85 -18.63 -60.75
N ARG D 320 -23.17 -19.05 -61.82
CA ARG D 320 -23.80 -19.88 -62.84
C ARG D 320 -23.83 -21.32 -62.35
N MET D 321 -25.03 -21.89 -62.27
CA MET D 321 -25.20 -23.25 -61.78
C MET D 321 -26.59 -23.74 -62.19
N SER D 322 -26.87 -25.00 -61.87
CA SER D 322 -28.12 -25.63 -62.27
C SER D 322 -29.22 -25.21 -61.30
N MET D 323 -30.18 -24.43 -61.80
CA MET D 323 -31.37 -24.12 -61.02
C MET D 323 -32.14 -25.39 -60.68
N LYS D 324 -32.09 -26.39 -61.55
CA LYS D 324 -32.73 -27.67 -61.28
C LYS D 324 -32.08 -28.37 -60.08
N GLU D 325 -30.75 -28.35 -60.01
CA GLU D 325 -30.04 -29.04 -58.93
C GLU D 325 -30.21 -28.32 -57.60
N VAL D 326 -30.21 -26.98 -57.62
CA VAL D 326 -30.40 -26.21 -56.39
C VAL D 326 -31.75 -26.51 -55.77
N ASP D 327 -32.81 -26.46 -56.60
CA ASP D 327 -34.14 -26.82 -56.14
C ASP D 327 -34.17 -28.21 -55.52
N GLU D 328 -33.54 -29.18 -56.19
CA GLU D 328 -33.50 -30.54 -55.68
C GLU D 328 -32.78 -30.61 -54.33
N GLN D 329 -31.61 -29.98 -54.24
CA GLN D 329 -30.83 -30.06 -53.00
C GLN D 329 -31.54 -29.36 -51.85
N MET D 330 -32.19 -28.24 -52.11
CA MET D 330 -32.91 -27.54 -51.05
C MET D 330 -34.14 -28.32 -50.61
N LEU D 331 -34.91 -28.84 -51.57
CA LEU D 331 -36.05 -29.68 -51.23
C LEU D 331 -35.62 -30.94 -50.47
N ASN D 332 -34.44 -31.47 -50.79
CA ASN D 332 -33.88 -32.62 -50.10
C ASN D 332 -33.60 -32.29 -48.64
N VAL D 333 -32.66 -31.36 -48.42
CA VAL D 333 -32.16 -31.06 -47.07
C VAL D 333 -33.28 -30.66 -46.13
N GLN D 334 -34.40 -30.14 -46.64
CA GLN D 334 -35.52 -29.79 -45.77
C GLN D 334 -36.17 -31.04 -45.20
N ASN D 335 -36.56 -31.98 -46.06
CA ASN D 335 -37.33 -33.14 -45.63
C ASN D 335 -36.47 -34.21 -44.96
N LYS D 336 -35.17 -34.25 -45.24
CA LYS D 336 -34.29 -35.17 -44.52
C LYS D 336 -33.94 -34.67 -43.13
N ASN D 337 -34.30 -33.44 -42.79
CA ASN D 337 -34.16 -32.88 -41.46
C ASN D 337 -35.46 -32.22 -41.02
N SER D 338 -36.58 -32.85 -41.37
CA SER D 338 -37.90 -32.23 -41.21
C SER D 338 -38.20 -31.84 -39.77
N SER D 339 -37.56 -32.48 -38.80
CA SER D 339 -37.81 -32.16 -37.39
C SER D 339 -37.18 -30.84 -36.98
N TYR D 340 -36.32 -30.24 -37.82
CA TYR D 340 -35.66 -29.00 -37.49
C TYR D 340 -36.34 -27.77 -38.07
N PHE D 341 -37.19 -27.94 -39.07
CA PHE D 341 -37.99 -26.85 -39.61
C PHE D 341 -39.39 -26.92 -39.02
N VAL D 342 -39.87 -25.77 -38.53
CA VAL D 342 -41.22 -25.67 -37.97
C VAL D 342 -42.25 -26.18 -38.98
N GLU D 343 -43.18 -27.02 -38.49
CA GLU D 343 -44.19 -27.58 -39.37
C GLU D 343 -45.33 -26.60 -39.63
N TRP D 344 -45.64 -25.73 -38.67
CA TRP D 344 -46.83 -24.89 -38.80
C TRP D 344 -46.63 -23.69 -39.71
N ILE D 345 -45.47 -23.55 -40.34
CA ILE D 345 -45.24 -22.56 -41.38
C ILE D 345 -44.85 -23.30 -42.66
N PRO D 346 -45.80 -23.55 -43.56
CA PRO D 346 -45.47 -24.31 -44.78
C PRO D 346 -44.76 -23.44 -45.80
N ASN D 347 -43.85 -24.08 -46.53
CA ASN D 347 -42.99 -23.41 -47.51
C ASN D 347 -42.24 -22.25 -46.86
N ASN D 348 -41.67 -22.52 -45.68
CA ASN D 348 -40.98 -21.48 -44.92
C ASN D 348 -39.56 -21.22 -45.43
N VAL D 349 -39.00 -22.13 -46.21
CA VAL D 349 -37.69 -21.95 -46.82
C VAL D 349 -37.89 -21.43 -48.23
N LYS D 350 -37.12 -20.40 -48.60
CA LYS D 350 -37.22 -19.77 -49.91
C LYS D 350 -35.83 -19.61 -50.49
N THR D 351 -35.65 -20.03 -51.74
CA THR D 351 -34.37 -19.99 -52.41
C THR D 351 -34.41 -19.01 -53.58
N ALA D 352 -33.28 -18.34 -53.82
CA ALA D 352 -33.15 -17.42 -54.94
C ALA D 352 -31.73 -17.53 -55.49
N VAL D 353 -31.59 -17.26 -56.80
CA VAL D 353 -30.32 -17.39 -57.49
C VAL D 353 -29.98 -16.08 -58.18
N CYS D 354 -28.69 -15.76 -58.22
CA CYS D 354 -28.18 -14.60 -58.93
C CYS D 354 -26.96 -15.03 -59.73
N ASP D 355 -26.94 -14.68 -61.02
CA ASP D 355 -25.92 -15.21 -61.92
C ASP D 355 -24.54 -14.61 -61.66
N ILE D 356 -24.47 -13.36 -61.23
CA ILE D 356 -23.18 -12.71 -61.00
C ILE D 356 -22.63 -13.16 -59.65
N PRO D 357 -21.50 -13.86 -59.63
CA PRO D 357 -20.94 -14.34 -58.37
C PRO D 357 -20.21 -13.21 -57.65
N PRO D 358 -19.79 -13.41 -56.40
CA PRO D 358 -18.96 -12.40 -55.74
C PRO D 358 -17.50 -12.55 -56.14
N ARG D 359 -16.80 -11.42 -56.15
CA ARG D 359 -15.49 -11.37 -56.76
C ARG D 359 -14.50 -12.24 -56.00
N GLY D 360 -13.79 -13.10 -56.74
CA GLY D 360 -12.91 -14.10 -56.16
C GLY D 360 -13.45 -15.50 -56.31
N LEU D 361 -14.77 -15.67 -56.17
CA LEU D 361 -15.43 -16.95 -56.09
C LEU D 361 -16.20 -17.24 -57.37
N LYS D 362 -16.19 -18.52 -57.78
CA LYS D 362 -17.03 -18.94 -58.91
C LYS D 362 -18.46 -19.18 -58.46
N MET D 363 -18.65 -19.79 -57.29
CA MET D 363 -19.97 -20.03 -56.72
C MET D 363 -19.95 -19.65 -55.25
N SER D 364 -21.11 -19.30 -54.72
CA SER D 364 -21.26 -18.98 -53.31
C SER D 364 -22.72 -19.15 -52.92
N ALA D 365 -22.98 -19.14 -51.62
CA ALA D 365 -24.32 -19.36 -51.10
C ALA D 365 -24.44 -18.73 -49.72
N THR D 366 -25.44 -17.86 -49.55
CA THR D 366 -25.71 -17.19 -48.29
C THR D 366 -27.00 -17.72 -47.69
N PHE D 367 -27.02 -17.87 -46.36
CA PHE D 367 -28.07 -18.61 -45.66
C PHE D 367 -28.63 -17.74 -44.53
N ILE D 368 -29.63 -16.93 -44.84
CA ILE D 368 -30.28 -16.08 -43.84
C ILE D 368 -31.37 -16.90 -43.16
N GLY D 369 -31.28 -17.03 -41.84
CA GLY D 369 -32.22 -17.85 -41.11
C GLY D 369 -32.75 -17.26 -39.81
N ASN D 370 -34.06 -17.27 -39.64
CA ASN D 370 -34.69 -16.96 -38.36
C ASN D 370 -34.82 -18.25 -37.57
N SER D 371 -33.77 -18.59 -36.84
CA SER D 371 -33.72 -19.81 -36.05
C SER D 371 -33.93 -19.47 -34.59
N THR D 372 -34.78 -20.26 -33.92
CA THR D 372 -35.00 -20.07 -32.49
C THR D 372 -33.75 -20.34 -31.67
N ALA D 373 -32.76 -21.01 -32.26
CA ALA D 373 -31.48 -21.21 -31.59
C ALA D 373 -30.81 -19.90 -31.20
N ILE D 374 -31.16 -18.79 -31.86
CA ILE D 374 -30.62 -17.46 -31.57
C ILE D 374 -30.80 -17.11 -30.09
N GLN D 375 -31.73 -17.80 -29.41
CA GLN D 375 -31.89 -17.58 -27.97
C GLN D 375 -30.60 -17.90 -27.20
N GLU D 376 -29.78 -18.81 -27.72
CA GLU D 376 -28.47 -19.07 -27.12
C GLU D 376 -27.64 -17.79 -27.06
N LEU D 377 -27.66 -17.01 -28.14
CA LEU D 377 -26.91 -15.75 -28.18
C LEU D 377 -27.39 -14.80 -27.08
N PHE D 378 -28.71 -14.61 -26.98
CA PHE D 378 -29.24 -13.69 -25.98
C PHE D 378 -29.05 -14.21 -24.56
N LYS D 379 -28.98 -15.54 -24.39
CA LYS D 379 -28.61 -16.09 -23.09
C LYS D 379 -27.24 -15.61 -22.65
N ARG D 380 -26.24 -15.75 -23.55
CA ARG D 380 -24.88 -15.35 -23.22
C ARG D 380 -24.79 -13.90 -22.77
N ILE D 381 -25.42 -12.99 -23.53
CA ILE D 381 -25.37 -11.57 -23.19
C ILE D 381 -26.06 -11.32 -21.86
N SER D 382 -27.17 -12.03 -21.61
CA SER D 382 -27.94 -11.78 -20.39
C SER D 382 -27.19 -12.25 -19.15
N GLU D 383 -26.59 -13.44 -19.22
CA GLU D 383 -25.82 -13.94 -18.07
C GLU D 383 -24.65 -13.03 -17.75
N GLN D 384 -23.94 -12.55 -18.78
CA GLN D 384 -22.87 -11.59 -18.56
C GLN D 384 -23.41 -10.27 -18.00
N PHE D 385 -24.53 -9.80 -18.55
CA PHE D 385 -25.16 -8.59 -18.04
C PHE D 385 -25.56 -8.74 -16.57
N THR D 386 -26.21 -9.85 -16.23
CA THR D 386 -26.73 -10.02 -14.88
C THR D 386 -25.61 -10.18 -13.86
N ALA D 387 -24.62 -11.01 -14.17
CA ALA D 387 -23.43 -11.12 -13.33
C ALA D 387 -22.84 -9.73 -13.04
N MET D 388 -22.73 -8.89 -14.07
CA MET D 388 -22.28 -7.53 -13.87
C MET D 388 -23.27 -6.72 -13.05
N PHE D 389 -24.56 -6.83 -13.37
CA PHE D 389 -25.56 -5.94 -12.79
C PHE D 389 -25.86 -6.29 -11.33
N ARG D 390 -25.76 -7.56 -10.95
CA ARG D 390 -26.02 -7.96 -9.58
C ARG D 390 -24.98 -7.40 -8.62
N ARG D 391 -23.75 -7.22 -9.09
CA ARG D 391 -22.71 -6.55 -8.33
C ARG D 391 -22.67 -5.05 -8.60
N LYS D 392 -23.53 -4.56 -9.50
CA LYS D 392 -23.76 -3.12 -9.69
C LYS D 392 -22.50 -2.39 -10.14
N ALA D 393 -21.63 -3.09 -10.88
CA ALA D 393 -20.39 -2.48 -11.32
C ALA D 393 -20.62 -1.41 -12.37
N PHE D 394 -19.79 -0.36 -12.32
CA PHE D 394 -19.73 0.70 -13.34
C PHE D 394 -21.08 1.38 -13.56
N LEU D 395 -22.04 1.23 -12.64
CA LEU D 395 -23.35 1.85 -12.82
C LEU D 395 -23.29 3.37 -12.74
N HIS D 396 -22.33 3.91 -11.98
CA HIS D 396 -22.26 5.36 -11.82
C HIS D 396 -21.95 6.07 -13.13
N TRP D 397 -21.32 5.38 -14.08
CA TRP D 397 -21.17 5.92 -15.43
C TRP D 397 -22.53 6.28 -16.02
N TYR D 398 -23.41 5.29 -16.13
CA TYR D 398 -24.68 5.48 -16.82
C TYR D 398 -25.61 6.38 -16.04
N THR D 399 -25.73 6.15 -14.73
CA THR D 399 -26.62 6.97 -13.90
C THR D 399 -26.16 8.42 -13.90
N GLY D 400 -24.84 8.65 -13.91
CA GLY D 400 -24.33 10.01 -13.97
C GLY D 400 -24.79 10.77 -15.20
N GLU D 401 -24.98 10.06 -16.32
CA GLU D 401 -25.43 10.67 -17.56
C GLU D 401 -26.94 10.80 -17.66
N GLY D 402 -27.65 10.69 -16.54
CA GLY D 402 -29.09 10.87 -16.52
C GLY D 402 -29.92 9.60 -16.56
N MET D 403 -29.28 8.43 -16.68
CA MET D 403 -30.02 7.19 -16.72
C MET D 403 -30.48 6.80 -15.32
N ASP D 404 -31.56 6.01 -15.28
CA ASP D 404 -32.10 5.51 -14.03
C ASP D 404 -31.77 4.03 -13.89
N GLU D 405 -31.47 3.61 -12.65
CA GLU D 405 -31.18 2.22 -12.36
C GLU D 405 -32.31 1.29 -12.84
N MET D 406 -33.55 1.78 -12.79
CA MET D 406 -34.70 0.99 -13.24
C MET D 406 -34.54 0.54 -14.68
N GLU D 407 -33.97 1.39 -15.54
CA GLU D 407 -33.81 1.08 -16.96
C GLU D 407 -33.10 -0.27 -17.16
N PHE D 408 -32.06 -0.53 -16.37
CA PHE D 408 -31.33 -1.78 -16.49
C PHE D 408 -32.23 -2.97 -16.21
N THR D 409 -33.06 -2.89 -15.16
CA THR D 409 -33.98 -3.97 -14.84
C THR D 409 -34.97 -4.22 -15.98
N GLU D 410 -35.49 -3.15 -16.59
CA GLU D 410 -36.44 -3.31 -17.68
C GLU D 410 -35.79 -3.98 -18.89
N ALA D 411 -34.60 -3.51 -19.27
CA ALA D 411 -33.89 -4.12 -20.38
C ALA D 411 -33.55 -5.57 -20.10
N GLU D 412 -33.15 -5.88 -18.86
CA GLU D 412 -32.91 -7.26 -18.45
C GLU D 412 -34.16 -8.11 -18.64
N SER D 413 -35.29 -7.65 -18.09
CA SER D 413 -36.53 -8.42 -18.21
C SER D 413 -37.01 -8.50 -19.66
N ASN D 414 -36.90 -7.40 -20.41
CA ASN D 414 -37.41 -7.39 -21.78
C ASN D 414 -36.63 -8.34 -22.68
N MET D 415 -35.32 -8.45 -22.48
CA MET D 415 -34.54 -9.41 -23.26
C MET D 415 -34.87 -10.84 -22.85
N ASN D 416 -35.17 -11.07 -21.57
CA ASN D 416 -35.52 -12.41 -21.11
C ASN D 416 -36.88 -12.83 -21.64
N ASP D 417 -37.83 -11.89 -21.71
CA ASP D 417 -39.08 -12.18 -22.40
C ASP D 417 -38.83 -12.58 -23.85
N LEU D 418 -37.89 -11.90 -24.50
CA LEU D 418 -37.51 -12.26 -25.87
C LEU D 418 -36.97 -13.67 -25.93
N VAL D 419 -36.21 -14.08 -24.92
CA VAL D 419 -35.69 -15.45 -24.87
C VAL D 419 -36.81 -16.45 -24.67
N SER D 420 -37.72 -16.16 -23.74
CA SER D 420 -38.85 -17.05 -23.50
C SER D 420 -39.70 -17.22 -24.75
N GLU D 421 -39.96 -16.13 -25.47
CA GLU D 421 -40.74 -16.21 -26.70
C GLU D 421 -40.13 -17.19 -27.69
N TYR D 422 -38.82 -17.08 -27.92
CA TYR D 422 -38.14 -18.03 -28.80
C TYR D 422 -38.29 -19.46 -28.27
N GLN D 423 -38.23 -19.63 -26.95
CA GLN D 423 -38.37 -20.97 -26.38
C GLN D 423 -39.80 -21.50 -26.54
N GLN D 424 -40.80 -20.62 -26.49
CA GLN D 424 -42.18 -21.04 -26.68
C GLN D 424 -42.40 -21.63 -28.06
N TYR D 425 -42.02 -20.89 -29.10
CA TYR D 425 -42.26 -21.35 -30.47
C TYR D 425 -41.37 -22.53 -30.83
N GLN D 426 -40.26 -22.73 -30.11
CA GLN D 426 -39.45 -23.93 -30.32
C GLN D 426 -40.19 -25.18 -29.85
N ASP D 427 -40.86 -25.10 -28.71
CA ASP D 427 -41.60 -26.23 -28.16
C ASP D 427 -43.02 -26.34 -28.68
N ALA D 428 -43.42 -25.46 -29.60
CA ALA D 428 -44.77 -25.49 -30.14
C ALA D 428 -44.96 -26.70 -31.05
N THR D 429 -46.22 -27.11 -31.21
CA THR D 429 -46.59 -28.25 -32.02
C THR D 429 -47.77 -27.89 -32.91
N ALA D 430 -47.82 -28.54 -34.08
CA ALA D 430 -48.97 -28.36 -34.97
C ALA D 430 -50.14 -29.25 -34.56
N ASP D 431 -49.84 -30.49 -34.17
CA ASP D 431 -50.82 -31.54 -33.85
C ASP D 431 -52.13 -31.45 -34.64
N LEU E 14 -89.48 15.25 -50.89
CA LEU E 14 -90.79 14.82 -50.40
C LEU E 14 -91.16 15.58 -49.12
N GLU E 15 -90.38 16.61 -48.79
CA GLU E 15 -90.68 17.42 -47.61
C GLU E 15 -91.99 18.17 -47.77
N GLN E 16 -92.19 18.78 -48.95
CA GLN E 16 -93.43 19.48 -49.24
C GLN E 16 -94.52 18.54 -49.75
N ARG E 17 -94.15 17.32 -50.15
CA ARG E 17 -95.13 16.31 -50.55
C ARG E 17 -96.02 15.87 -49.40
N ALA E 18 -95.72 16.30 -48.17
CA ALA E 18 -96.64 16.05 -47.06
C ALA E 18 -97.99 16.72 -47.28
N SER E 19 -98.10 17.61 -48.27
CA SER E 19 -99.36 18.21 -48.68
C SER E 19 -99.70 17.86 -50.12
N HIS E 20 -99.09 16.79 -50.66
CA HIS E 20 -99.31 16.42 -52.04
C HIS E 20 -100.75 15.93 -52.25
N LYS E 21 -101.15 15.94 -53.52
CA LYS E 21 -102.52 15.62 -53.88
C LYS E 21 -102.82 14.14 -53.68
N VAL E 22 -101.92 13.26 -54.12
CA VAL E 22 -102.12 11.82 -54.00
C VAL E 22 -101.87 11.39 -52.56
N TRP E 23 -102.68 10.45 -52.07
CA TRP E 23 -102.61 10.04 -50.67
C TRP E 23 -101.33 9.28 -50.37
N LYS E 24 -100.94 8.36 -51.24
CA LYS E 24 -99.81 7.48 -50.95
C LYS E 24 -98.47 8.20 -50.92
N ALA E 25 -98.40 9.43 -51.44
CA ALA E 25 -97.21 10.24 -51.30
C ALA E 25 -97.19 11.02 -49.99
N ARG E 26 -98.36 11.38 -49.47
CA ARG E 26 -98.45 11.90 -48.12
C ARG E 26 -98.15 10.82 -47.11
N LEU E 27 -98.63 9.59 -47.36
CA LEU E 27 -98.35 8.47 -46.46
C LEU E 27 -96.85 8.26 -46.29
N ASN E 28 -96.09 8.46 -47.36
CA ASN E 28 -94.63 8.40 -47.26
C ASN E 28 -94.11 9.50 -46.34
N ALA E 29 -94.43 10.76 -46.67
CA ALA E 29 -93.93 11.90 -45.90
C ALA E 29 -94.21 11.76 -44.40
N TYR E 30 -95.32 11.13 -44.04
CA TYR E 30 -95.59 10.88 -42.62
C TYR E 30 -94.64 9.83 -42.05
N GLN E 31 -94.38 8.76 -42.82
CA GLN E 31 -93.40 7.79 -42.38
C GLN E 31 -92.00 8.36 -42.39
N GLU E 32 -91.68 9.16 -43.42
CA GLU E 32 -90.40 9.87 -43.45
C GLU E 32 -90.21 10.72 -42.21
N LEU E 33 -91.24 11.49 -41.83
CA LEU E 33 -91.16 12.32 -40.63
C LEU E 33 -91.01 11.46 -39.38
N ASN E 34 -91.84 10.41 -39.24
CA ASN E 34 -91.77 9.55 -38.07
C ASN E 34 -90.39 8.94 -37.91
N ASN E 35 -89.74 8.59 -39.02
CA ASN E 35 -88.37 8.11 -38.95
C ASN E 35 -87.41 9.23 -38.59
N LEU E 36 -87.72 10.46 -38.98
CA LEU E 36 -86.85 11.59 -38.67
C LEU E 36 -86.86 11.91 -37.18
N PHE E 37 -88.04 11.97 -36.56
CA PHE E 37 -88.12 12.42 -35.18
C PHE E 37 -87.49 11.42 -34.21
N THR E 38 -87.28 10.19 -34.64
CA THR E 38 -86.54 9.21 -33.84
C THR E 38 -85.06 9.22 -34.16
N LYS E 39 -84.68 9.58 -35.38
CA LYS E 39 -83.30 9.51 -35.83
C LYS E 39 -82.65 10.89 -35.95
N SER E 40 -83.36 11.95 -35.58
CA SER E 40 -82.80 13.30 -35.64
C SER E 40 -82.10 13.64 -34.32
N SER E 41 -81.38 14.77 -34.34
CA SER E 41 -80.49 15.15 -33.26
C SER E 41 -81.21 15.73 -32.03
N VAL E 42 -80.77 15.30 -30.85
CA VAL E 42 -81.20 15.86 -29.58
C VAL E 42 -80.10 16.79 -29.09
N ILE E 43 -80.45 18.05 -28.84
CA ILE E 43 -79.51 19.00 -28.25
C ILE E 43 -80.12 19.65 -27.02
N PRO E 46 -80.95 20.39 -32.45
CA PRO E 46 -81.97 19.91 -33.37
C PRO E 46 -82.01 20.72 -34.68
N ASN E 47 -81.88 20.02 -35.80
CA ASN E 47 -81.81 20.68 -37.10
C ASN E 47 -82.91 21.71 -37.26
N ASP E 48 -82.57 22.84 -37.89
CA ASP E 48 -83.60 23.79 -38.30
C ASP E 48 -84.66 23.13 -39.17
N VAL E 49 -84.35 21.99 -39.77
CA VAL E 49 -85.32 21.21 -40.52
C VAL E 49 -86.44 20.71 -39.61
N ALA E 50 -86.18 20.58 -38.31
CA ALA E 50 -87.21 20.21 -37.35
C ALA E 50 -88.02 21.44 -36.93
N ASN E 51 -88.73 22.02 -37.90
CA ASN E 51 -89.55 23.21 -37.69
C ASN E 51 -91.02 22.87 -37.67
N TYR E 52 -91.38 21.76 -36.99
CA TYR E 52 -92.77 21.43 -36.73
C TYR E 52 -93.17 21.85 -35.32
N TRP E 53 -92.58 22.94 -34.84
CA TRP E 53 -92.96 23.63 -33.61
C TRP E 53 -93.40 25.06 -33.88
N LEU E 54 -92.61 25.80 -34.64
CA LEU E 54 -92.88 27.21 -34.89
C LEU E 54 -94.05 27.41 -35.84
N ASP E 55 -94.32 26.42 -36.71
CA ASP E 55 -95.53 26.41 -37.54
C ASP E 55 -96.29 25.13 -37.18
N PRO E 56 -97.00 25.11 -36.06
CA PRO E 56 -97.76 23.92 -35.69
C PRO E 56 -99.05 23.75 -36.49
N GLU E 57 -99.43 24.73 -37.31
CA GLU E 57 -100.52 24.53 -38.26
C GLU E 57 -100.23 23.38 -39.22
N LEU E 58 -98.95 23.09 -39.46
CA LEU E 58 -98.57 22.03 -40.37
C LEU E 58 -99.14 20.69 -39.92
N PHE E 59 -98.75 20.25 -38.71
CA PHE E 59 -99.25 18.97 -38.22
C PHE E 59 -100.72 19.03 -37.85
N ALA E 60 -101.22 20.20 -37.43
CA ALA E 60 -102.66 20.37 -37.25
C ALA E 60 -103.41 20.02 -38.53
N SER E 61 -102.84 20.37 -39.68
CA SER E 61 -103.39 19.94 -40.95
C SER E 61 -103.22 18.43 -41.15
N TYR E 62 -102.04 17.90 -40.83
CA TYR E 62 -101.75 16.49 -41.12
C TYR E 62 -102.66 15.55 -40.34
N ILE E 63 -103.00 15.91 -39.09
CA ILE E 63 -103.84 15.05 -38.26
C ILE E 63 -105.22 14.90 -38.88
N VAL E 64 -105.67 15.89 -39.64
CA VAL E 64 -106.92 15.83 -40.38
C VAL E 64 -106.55 15.60 -41.84
N ASP E 65 -106.09 14.38 -42.16
CA ASP E 65 -105.46 14.12 -43.45
C ASP E 65 -106.46 13.95 -44.59
N SER E 66 -107.70 13.56 -44.29
CA SER E 66 -108.76 13.20 -45.26
C SER E 66 -108.53 11.81 -45.84
N ASN E 67 -107.66 11.01 -45.25
CA ASN E 67 -107.47 9.62 -45.66
C ASN E 67 -107.16 8.84 -44.38
N VAL E 68 -108.03 7.88 -44.05
CA VAL E 68 -107.94 7.21 -42.74
C VAL E 68 -106.61 6.48 -42.56
N VAL E 69 -106.05 5.94 -43.63
CA VAL E 69 -104.80 5.20 -43.50
C VAL E 69 -103.62 6.14 -43.39
N ALA E 70 -103.58 7.18 -44.22
CA ALA E 70 -102.52 8.17 -44.11
C ALA E 70 -102.71 9.09 -42.91
N GLN E 71 -103.93 9.19 -42.39
CA GLN E 71 -104.15 9.92 -41.14
C GLN E 71 -103.47 9.23 -39.99
N GLU E 72 -103.77 7.94 -39.80
CA GLU E 72 -103.17 7.16 -38.72
C GLU E 72 -101.64 7.24 -38.74
N ASN E 73 -101.05 7.28 -39.93
CA ASN E 73 -99.60 7.40 -40.03
C ASN E 73 -99.12 8.81 -39.67
N ALA E 74 -99.95 9.82 -39.88
CA ALA E 74 -99.59 11.17 -39.44
C ALA E 74 -99.66 11.29 -37.92
N ILE E 75 -100.57 10.54 -37.29
CA ILE E 75 -100.73 10.62 -35.84
C ILE E 75 -99.55 9.95 -35.13
N ILE E 76 -99.10 8.80 -35.65
CA ILE E 76 -97.95 8.14 -35.05
C ILE E 76 -96.67 8.88 -35.35
N ALA E 77 -96.66 9.70 -36.41
CA ALA E 77 -95.54 10.61 -36.62
C ALA E 77 -95.61 11.78 -35.65
N LEU E 78 -96.80 12.34 -35.46
CA LEU E 78 -96.99 13.33 -34.40
C LEU E 78 -96.65 12.75 -33.04
N HIS E 79 -97.02 11.48 -32.80
CA HIS E 79 -96.75 10.84 -31.52
C HIS E 79 -95.25 10.81 -31.21
N THR E 80 -94.45 10.33 -32.17
CA THR E 80 -93.02 10.25 -31.92
C THR E 80 -92.37 11.63 -31.98
N LEU E 81 -92.90 12.54 -32.82
CA LEU E 81 -92.55 13.94 -32.70
C LEU E 81 -92.79 14.42 -31.27
N LEU E 82 -93.99 14.16 -30.75
CA LEU E 82 -94.42 14.67 -29.45
C LEU E 82 -93.75 13.95 -28.28
N GLU E 83 -92.84 13.02 -28.53
CA GLU E 83 -91.95 12.54 -27.48
C GLU E 83 -90.49 12.81 -27.79
N TYR E 84 -90.14 13.09 -29.04
CA TYR E 84 -88.83 13.66 -29.36
C TYR E 84 -88.66 15.05 -28.77
N ILE E 85 -89.76 15.75 -28.49
CA ILE E 85 -89.71 17.10 -27.91
C ILE E 85 -89.54 17.06 -26.40
N SER E 86 -89.34 15.87 -25.84
CA SER E 86 -89.18 15.85 -24.38
C SER E 86 -87.86 16.43 -23.91
N GLN E 87 -87.10 17.12 -24.76
CA GLN E 87 -85.80 17.65 -24.41
C GLN E 87 -85.79 19.18 -24.49
N VAL E 88 -84.83 19.76 -23.78
CA VAL E 88 -84.69 21.20 -23.56
C VAL E 88 -84.08 21.86 -24.80
N PRO E 89 -84.45 23.11 -25.15
CA PRO E 89 -85.45 24.04 -24.62
C PRO E 89 -86.74 24.09 -25.43
N ASN E 90 -87.82 23.52 -24.90
CA ASN E 90 -89.12 23.51 -25.59
C ASN E 90 -90.21 24.02 -24.64
N VAL E 91 -90.04 25.27 -24.21
CA VAL E 91 -91.06 25.92 -23.38
C VAL E 91 -92.30 26.30 -24.19
N SER E 92 -92.24 26.12 -25.52
CA SER E 92 -93.30 26.48 -26.46
C SER E 92 -94.33 25.37 -26.61
N THR E 93 -94.63 24.67 -25.52
CA THR E 93 -95.66 23.65 -25.52
C THR E 93 -97.05 24.24 -25.28
N SER E 94 -97.13 25.51 -24.89
CA SER E 94 -98.43 26.17 -24.75
C SER E 94 -99.08 26.34 -26.12
N LYS E 95 -98.37 26.97 -27.05
CA LYS E 95 -98.84 27.11 -28.43
C LYS E 95 -99.27 25.76 -29.02
N LEU E 96 -98.58 24.68 -28.63
CA LEU E 96 -98.84 23.38 -29.25
C LEU E 96 -100.20 22.84 -28.84
N ARG E 97 -100.50 22.82 -27.54
CA ARG E 97 -101.76 22.27 -27.07
C ARG E 97 -102.95 23.03 -27.65
N LEU E 98 -102.83 24.34 -27.81
CA LEU E 98 -103.87 25.13 -28.46
C LEU E 98 -104.10 24.66 -29.89
N GLN E 99 -103.02 24.55 -30.66
CA GLN E 99 -103.13 24.23 -32.09
C GLN E 99 -103.52 22.77 -32.32
N TRP E 100 -103.13 21.86 -31.43
CA TRP E 100 -103.06 20.44 -31.76
C TRP E 100 -104.17 19.59 -31.17
N ILE E 101 -104.49 19.74 -29.88
CA ILE E 101 -105.45 18.82 -29.27
C ILE E 101 -106.87 19.02 -29.77
N PRO E 102 -107.31 20.19 -30.24
CA PRO E 102 -108.65 20.27 -30.84
C PRO E 102 -108.77 19.40 -32.08
N PRO E 103 -107.80 19.43 -33.02
CA PRO E 103 -107.82 18.40 -34.08
C PRO E 103 -107.71 16.98 -33.56
N LEU E 104 -106.90 16.76 -32.52
CA LEU E 104 -106.73 15.40 -31.99
C LEU E 104 -108.03 14.86 -31.41
N VAL E 105 -108.71 15.67 -30.59
CA VAL E 105 -109.98 15.23 -30.01
C VAL E 105 -111.06 15.14 -31.09
N GLU E 106 -111.23 16.22 -31.86
CA GLU E 106 -112.33 16.32 -32.81
C GLU E 106 -112.37 15.14 -33.77
N LYS E 107 -111.22 14.72 -34.29
CA LYS E 107 -111.20 13.75 -35.37
C LYS E 107 -110.27 12.56 -35.11
N GLY E 108 -109.60 12.51 -33.97
CA GLY E 108 -108.78 11.37 -33.61
C GLY E 108 -109.48 10.45 -32.63
N LEU E 109 -109.92 11.01 -31.50
CA LEU E 109 -110.77 10.28 -30.58
C LEU E 109 -112.05 9.84 -31.27
N SER E 110 -112.64 10.73 -32.07
CA SER E 110 -113.83 10.43 -32.86
C SER E 110 -113.70 9.11 -33.63
N SER E 111 -112.51 8.83 -34.15
CA SER E 111 -112.36 7.78 -35.18
C SER E 111 -112.91 6.44 -34.70
N SER E 112 -113.42 5.66 -35.66
CA SER E 112 -113.85 4.29 -35.42
C SER E 112 -112.69 3.30 -35.47
N ARG E 113 -111.54 3.72 -35.97
CA ARG E 113 -110.40 2.84 -36.15
C ARG E 113 -109.73 2.54 -34.80
N ALA E 114 -109.46 1.26 -34.54
CA ALA E 114 -108.81 0.84 -33.31
C ALA E 114 -107.55 1.66 -33.04
N ALA E 115 -106.60 1.64 -33.97
CA ALA E 115 -105.29 2.25 -33.73
C ALA E 115 -105.31 3.78 -33.88
N THR E 116 -106.13 4.30 -34.79
CA THR E 116 -106.23 5.75 -34.96
C THR E 116 -106.64 6.44 -33.66
N LYS E 117 -107.51 5.79 -32.88
CA LYS E 117 -107.93 6.35 -31.60
C LYS E 117 -106.84 6.21 -30.54
N ALA E 118 -106.28 5.01 -30.42
CA ALA E 118 -105.33 4.72 -29.34
C ALA E 118 -104.13 5.67 -29.36
N LYS E 119 -103.62 6.00 -30.55
CA LYS E 119 -102.47 6.89 -30.63
C LYS E 119 -102.84 8.35 -30.43
N ALA E 120 -104.08 8.73 -30.76
CA ALA E 120 -104.53 10.09 -30.49
C ALA E 120 -104.60 10.36 -28.99
N THR E 121 -105.13 9.41 -28.23
CA THR E 121 -105.15 9.54 -26.77
C THR E 121 -103.74 9.64 -26.21
N ASP E 122 -102.86 8.73 -26.62
CA ASP E 122 -101.48 8.76 -26.18
C ASP E 122 -100.81 10.09 -26.50
N CYS E 123 -101.16 10.68 -27.65
CA CYS E 123 -100.65 12.00 -27.99
C CYS E 123 -101.08 13.05 -26.96
N ILE E 124 -102.37 13.06 -26.62
CA ILE E 124 -102.88 14.02 -25.65
C ILE E 124 -102.18 13.84 -24.31
N MET E 125 -102.00 12.59 -23.88
CA MET E 125 -101.16 12.29 -22.72
C MET E 125 -99.86 13.09 -22.75
N LEU E 126 -99.12 12.99 -23.86
CA LEU E 126 -97.83 13.64 -23.96
C LEU E 126 -97.97 15.16 -23.99
N LEU E 127 -99.05 15.68 -24.57
CA LEU E 127 -99.30 17.11 -24.51
C LEU E 127 -99.74 17.54 -23.12
N THR E 128 -100.43 16.66 -22.38
CA THR E 128 -100.87 17.01 -21.03
C THR E 128 -99.68 17.14 -20.09
N GLN E 129 -98.68 16.26 -20.23
CA GLN E 129 -97.50 16.31 -19.38
C GLN E 129 -96.43 17.27 -19.91
N SER E 130 -96.59 17.76 -21.14
CA SER E 130 -95.84 18.95 -21.54
C SER E 130 -96.24 20.15 -20.69
N ASP E 131 -97.52 20.24 -20.33
CA ASP E 131 -98.05 21.37 -19.59
C ASP E 131 -97.57 21.33 -18.13
N THR E 132 -97.83 22.42 -17.42
CA THR E 132 -97.57 22.47 -15.98
C THR E 132 -98.62 21.68 -15.20
N SER E 133 -99.85 21.67 -15.67
CA SER E 133 -100.94 20.96 -15.02
C SER E 133 -101.87 20.42 -16.10
N ILE E 134 -103.10 20.07 -15.72
CA ILE E 134 -104.09 19.53 -16.64
C ILE E 134 -105.07 20.59 -17.13
N GLN E 135 -104.96 21.82 -16.61
CA GLN E 135 -105.98 22.82 -16.85
C GLN E 135 -106.04 23.25 -18.32
N GLN E 136 -104.90 23.55 -18.92
CA GLN E 136 -104.88 23.98 -20.32
C GLN E 136 -105.32 22.88 -21.27
N THR E 137 -105.31 21.62 -20.83
CA THR E 137 -105.82 20.52 -21.63
C THR E 137 -107.32 20.34 -21.50
N VAL E 138 -107.84 20.35 -20.27
CA VAL E 138 -109.26 20.09 -20.06
C VAL E 138 -110.11 21.14 -20.75
N ASN E 139 -109.78 22.42 -20.54
CA ASN E 139 -110.60 23.51 -21.06
C ASN E 139 -110.73 23.49 -22.57
N LEU E 140 -109.77 22.90 -23.27
CA LEU E 140 -109.86 22.83 -24.73
C LEU E 140 -110.70 21.63 -25.17
N MET E 141 -110.60 20.50 -24.48
CA MET E 141 -111.34 19.30 -24.84
C MET E 141 -112.69 19.20 -24.15
N LEU E 142 -113.08 20.20 -23.35
CA LEU E 142 -114.41 20.19 -22.76
C LEU E 142 -115.52 20.41 -23.79
N PRO E 143 -115.44 21.40 -24.69
CA PRO E 143 -116.54 21.63 -25.63
C PRO E 143 -117.00 20.39 -26.40
N SER E 144 -116.10 19.44 -26.66
CA SER E 144 -116.45 18.27 -27.46
C SER E 144 -117.50 17.38 -26.79
N LEU E 145 -117.74 17.54 -25.48
CA LEU E 145 -118.84 16.83 -24.84
C LEU E 145 -120.19 17.22 -25.42
N SER E 146 -120.29 18.39 -26.03
CA SER E 146 -121.54 18.91 -26.59
C SER E 146 -121.62 18.70 -28.10
N ASN E 147 -121.12 17.57 -28.60
CA ASN E 147 -121.11 17.29 -30.02
C ASN E 147 -122.23 16.32 -30.40
N LYS E 148 -122.68 16.44 -31.66
CA LYS E 148 -123.67 15.54 -32.23
C LYS E 148 -123.32 14.07 -31.99
N LEU E 149 -122.15 13.66 -32.45
CA LEU E 149 -121.78 12.25 -32.48
C LEU E 149 -121.63 11.69 -31.07
N PRO E 150 -122.39 10.66 -30.69
CA PRO E 150 -122.22 10.09 -29.35
C PRO E 150 -120.87 9.43 -29.13
N ARG E 151 -120.40 8.61 -30.08
CA ARG E 151 -119.13 7.91 -29.88
C ARG E 151 -117.96 8.87 -29.69
N LEU E 152 -118.11 10.14 -30.11
CA LEU E 152 -117.11 11.14 -29.79
C LEU E 152 -117.20 11.55 -28.33
N VAL E 153 -118.40 11.90 -27.86
CA VAL E 153 -118.57 12.21 -26.45
C VAL E 153 -118.44 10.96 -25.59
N SER E 154 -118.84 9.79 -26.12
CA SER E 154 -118.53 8.53 -25.46
C SER E 154 -117.03 8.40 -25.22
N SER E 155 -116.22 8.74 -26.22
CA SER E 155 -114.78 8.53 -26.14
C SER E 155 -114.10 9.64 -25.36
N CYS E 156 -114.42 10.90 -25.67
CA CYS E 156 -113.72 12.01 -25.04
C CYS E 156 -114.13 12.20 -23.59
N VAL E 157 -115.13 11.47 -23.11
CA VAL E 157 -115.36 11.37 -21.66
C VAL E 157 -114.47 10.30 -21.06
N LYS E 158 -114.15 9.23 -21.82
CA LYS E 158 -113.17 8.25 -21.37
C LYS E 158 -111.77 8.85 -21.35
N CYS E 159 -111.44 9.69 -22.34
CA CYS E 159 -110.12 10.29 -22.39
C CYS E 159 -109.93 11.33 -21.29
N LEU E 160 -110.95 12.17 -21.07
CA LEU E 160 -110.91 13.07 -19.93
C LEU E 160 -110.75 12.31 -18.62
N ALA E 161 -111.39 11.15 -18.51
CA ALA E 161 -111.35 10.37 -17.27
C ALA E 161 -109.98 9.78 -16.98
N THR E 162 -109.15 9.59 -18.00
CA THR E 162 -107.84 8.97 -17.81
C THR E 162 -106.68 9.96 -17.93
N ILE E 163 -106.94 11.22 -18.28
CA ILE E 163 -105.95 12.26 -17.98
C ILE E 163 -105.98 12.61 -16.51
N ILE E 164 -106.99 12.15 -15.78
CA ILE E 164 -107.13 12.39 -14.35
C ILE E 164 -106.57 11.22 -13.54
N GLU E 165 -107.00 10.00 -13.88
CA GLU E 165 -106.61 8.82 -13.11
C GLU E 165 -105.10 8.60 -13.14
N GLU E 166 -104.40 9.09 -14.16
CA GLU E 166 -102.96 8.94 -14.25
C GLU E 166 -102.21 10.23 -13.88
N PHE E 167 -102.75 11.39 -14.22
CA PHE E 167 -102.14 12.65 -13.78
C PHE E 167 -102.77 13.14 -12.48
N GLY E 168 -103.85 13.89 -12.57
CA GLY E 168 -104.50 14.47 -11.42
C GLY E 168 -104.32 15.97 -11.35
N PHE E 169 -105.08 16.58 -10.42
CA PHE E 169 -105.07 18.02 -10.21
C PHE E 169 -103.93 18.41 -9.30
N ILE E 170 -102.82 18.90 -9.87
CA ILE E 170 -101.76 19.53 -9.11
C ILE E 170 -101.23 20.70 -9.91
N ASN E 171 -100.76 21.73 -9.18
CA ASN E 171 -100.26 22.96 -9.78
C ASN E 171 -101.32 23.63 -10.66
N VAL E 172 -102.59 23.45 -10.32
CA VAL E 172 -103.68 24.06 -11.06
C VAL E 172 -104.10 25.33 -10.35
N SER E 173 -103.91 26.48 -11.01
CA SER E 173 -104.39 27.73 -10.45
C SER E 173 -105.91 27.67 -10.34
N ASP E 174 -106.45 28.25 -9.27
CA ASP E 174 -107.88 28.24 -8.95
C ASP E 174 -108.57 26.95 -9.39
N ILE E 175 -108.49 25.90 -8.57
CA ILE E 175 -109.13 24.64 -8.91
C ILE E 175 -110.66 24.77 -8.89
N ASN E 176 -111.18 25.61 -8.01
CA ASN E 176 -112.63 25.80 -7.90
C ASN E 176 -113.27 26.14 -9.24
N ILE E 177 -112.63 27.00 -10.03
CA ILE E 177 -113.16 27.34 -11.35
C ILE E 177 -113.12 26.13 -12.27
N LEU E 178 -112.10 25.28 -12.13
CA LEU E 178 -111.94 24.15 -13.04
C LEU E 178 -112.93 23.02 -12.71
N LEU E 179 -113.08 22.68 -11.43
CA LEU E 179 -114.01 21.62 -11.05
C LEU E 179 -115.43 21.98 -11.46
N SER E 180 -115.83 23.23 -11.28
CA SER E 180 -117.13 23.68 -11.75
C SER E 180 -117.28 23.49 -13.25
N GLU E 181 -116.23 23.81 -14.02
CA GLU E 181 -116.34 23.76 -15.47
C GLU E 181 -116.50 22.34 -15.99
N ILE E 182 -115.94 21.35 -15.30
CA ILE E 182 -116.09 19.96 -15.72
C ILE E 182 -117.26 19.25 -15.06
N LEU E 183 -117.76 19.76 -13.94
CA LEU E 183 -118.93 19.17 -13.31
C LEU E 183 -120.22 19.62 -13.95
N GLU E 184 -120.22 20.79 -14.61
CA GLU E 184 -121.44 21.33 -15.23
C GLU E 184 -122.12 20.38 -16.20
N PRO E 185 -121.43 19.72 -17.15
CA PRO E 185 -122.14 18.88 -18.11
C PRO E 185 -122.52 17.50 -17.57
N LEU E 186 -121.92 17.05 -16.46
CA LEU E 186 -122.08 15.70 -15.95
C LEU E 186 -123.54 15.28 -15.72
N PRO E 187 -124.46 16.18 -15.35
CA PRO E 187 -125.88 15.79 -15.31
C PRO E 187 -126.42 15.37 -16.68
N LYS E 188 -126.18 16.18 -17.71
CA LYS E 188 -126.67 15.85 -19.04
C LYS E 188 -125.99 14.60 -19.59
N LEU E 189 -124.69 14.45 -19.34
CA LEU E 189 -123.97 13.26 -19.82
C LEU E 189 -124.54 11.98 -19.21
N SER E 190 -124.88 12.01 -17.92
CA SER E 190 -125.42 10.84 -17.25
C SER E 190 -126.88 10.57 -17.59
N SER E 191 -127.55 11.52 -18.24
CA SER E 191 -128.89 11.30 -18.78
C SER E 191 -128.89 11.21 -20.29
N HIS E 192 -127.73 11.05 -20.90
CA HIS E 192 -127.61 10.98 -22.35
C HIS E 192 -128.18 9.66 -22.86
N ALA E 193 -128.63 9.67 -24.12
CA ALA E 193 -129.28 8.50 -24.70
C ALA E 193 -128.32 7.31 -24.77
N ASP E 194 -127.17 7.50 -25.41
CA ASP E 194 -126.18 6.43 -25.59
C ASP E 194 -125.89 5.72 -24.28
N ARG E 195 -125.88 4.38 -24.35
CA ARG E 195 -125.42 3.57 -23.21
C ARG E 195 -123.98 3.87 -22.85
N ASN E 196 -123.11 4.00 -23.86
CA ASN E 196 -121.69 4.20 -23.59
C ASN E 196 -121.42 5.55 -22.94
N VAL E 197 -122.07 6.61 -23.42
CA VAL E 197 -121.90 7.93 -22.84
C VAL E 197 -122.23 7.91 -21.35
N ARG E 198 -123.28 7.18 -20.98
CA ARG E 198 -123.65 7.06 -19.58
C ARG E 198 -122.65 6.21 -18.81
N SER E 199 -122.48 4.95 -19.22
CA SER E 199 -121.54 4.04 -18.57
C SER E 199 -120.18 4.66 -18.37
N GLU E 200 -119.66 5.35 -19.38
CA GLU E 200 -118.35 5.98 -19.29
C GLU E 200 -118.37 7.31 -18.56
N THR E 201 -119.55 7.80 -18.17
CA THR E 201 -119.64 8.99 -17.32
C THR E 201 -119.57 8.62 -15.84
N MET E 202 -120.11 7.47 -15.46
CA MET E 202 -119.96 6.98 -14.09
C MET E 202 -118.50 6.72 -13.76
N ASN E 203 -117.71 6.33 -14.75
CA ASN E 203 -116.27 6.17 -14.54
C ASN E 203 -115.61 7.50 -14.25
N LEU E 204 -115.96 8.55 -15.02
CA LEU E 204 -115.42 9.87 -14.75
C LEU E 204 -115.85 10.40 -13.39
N ILE E 205 -117.07 10.08 -12.97
CA ILE E 205 -117.50 10.44 -11.62
C ILE E 205 -116.64 9.76 -10.57
N LEU E 206 -116.40 8.45 -10.73
CA LEU E 206 -115.56 7.72 -9.79
C LEU E 206 -114.16 8.33 -9.74
N GLN E 207 -113.61 8.71 -10.89
CA GLN E 207 -112.25 9.25 -10.92
C GLN E 207 -112.18 10.63 -10.28
N ILE E 208 -113.31 11.31 -10.15
CA ILE E 208 -113.35 12.53 -9.34
C ILE E 208 -113.53 12.18 -7.87
N TYR E 209 -114.41 11.23 -7.57
CA TYR E 209 -114.51 10.70 -6.20
C TYR E 209 -113.18 10.15 -5.72
N LYS E 210 -112.46 9.45 -6.60
CA LYS E 210 -111.20 8.77 -6.27
C LYS E 210 -110.10 9.77 -5.89
N TRP E 211 -110.43 11.05 -5.98
CA TRP E 211 -109.47 12.13 -5.78
C TRP E 211 -109.95 13.19 -4.81
N PHE E 212 -111.27 13.30 -4.58
CA PHE E 212 -111.86 14.17 -3.58
C PHE E 212 -112.65 13.25 -2.65
N GLY E 213 -113.68 13.75 -1.95
CA GLY E 213 -114.46 12.91 -1.07
C GLY E 213 -115.82 12.59 -1.66
N LYS E 214 -116.55 11.72 -0.97
CA LYS E 214 -117.93 11.45 -1.36
C LYS E 214 -118.86 12.58 -0.95
N GLU E 215 -118.45 13.35 0.06
CA GLU E 215 -119.27 14.44 0.57
C GLU E 215 -119.53 15.48 -0.51
N LEU E 216 -118.49 15.86 -1.23
CA LEU E 216 -118.61 16.91 -2.25
C LEU E 216 -119.49 16.59 -3.46
N LEU E 217 -119.33 15.39 -4.01
CA LEU E 217 -120.10 14.96 -5.18
C LEU E 217 -121.59 14.82 -4.90
N GLN E 218 -121.90 14.30 -3.73
CA GLN E 218 -123.28 14.03 -3.31
C GLN E 218 -124.02 15.31 -2.99
N GLU E 219 -123.29 16.38 -2.67
CA GLU E 219 -123.90 17.67 -2.41
C GLU E 219 -124.28 18.40 -3.70
N LEU E 220 -123.42 18.38 -4.70
CA LEU E 220 -123.66 19.09 -5.95
C LEU E 220 -124.24 18.20 -7.05
N LEU E 221 -123.82 16.93 -7.15
CA LEU E 221 -124.10 16.13 -8.34
C LEU E 221 -124.96 14.90 -8.04
N LEU E 222 -124.52 14.01 -7.13
CA LEU E 222 -125.18 12.72 -6.98
C LEU E 222 -126.68 12.86 -6.77
N GLU E 223 -127.08 13.94 -6.09
CA GLU E 223 -128.50 14.24 -5.88
C GLU E 223 -129.29 14.19 -7.19
N LYS E 224 -128.68 14.64 -8.28
CA LYS E 224 -129.40 14.92 -9.52
C LYS E 224 -129.49 13.73 -10.47
N LEU E 225 -128.86 12.60 -10.14
CA LEU E 225 -128.88 11.44 -11.02
C LEU E 225 -130.02 10.49 -10.64
N LYS E 226 -130.28 9.55 -11.54
CA LYS E 226 -131.26 8.51 -11.26
C LYS E 226 -130.85 7.73 -10.02
N PRO E 227 -131.80 7.33 -9.17
CA PRO E 227 -131.43 6.57 -7.96
C PRO E 227 -130.63 5.31 -8.24
N ILE E 228 -131.02 4.53 -9.25
CA ILE E 228 -130.25 3.37 -9.66
C ILE E 228 -128.80 3.75 -9.95
N GLN E 229 -128.59 4.95 -10.50
CA GLN E 229 -127.24 5.37 -10.86
C GLN E 229 -126.37 5.60 -9.63
N GLN E 230 -126.87 6.36 -8.67
CA GLN E 230 -126.08 6.65 -7.47
C GLN E 230 -125.87 5.41 -6.61
N ARG E 231 -126.70 4.38 -6.78
CA ARG E 231 -126.40 3.09 -6.14
C ARG E 231 -125.16 2.46 -6.76
N ASP E 232 -125.11 2.39 -8.09
CA ASP E 232 -123.95 1.82 -8.77
C ASP E 232 -122.69 2.59 -8.43
N LEU E 233 -122.80 3.91 -8.28
CA LEU E 233 -121.63 4.71 -7.91
C LEU E 233 -121.15 4.37 -6.50
N SER E 234 -122.10 4.12 -5.58
CA SER E 234 -121.72 3.69 -4.23
C SER E 234 -121.10 2.30 -4.26
N ARG E 235 -121.75 1.35 -4.97
CA ARG E 235 -121.16 0.03 -5.15
C ARG E 235 -119.76 0.10 -5.72
N MET E 236 -119.49 1.12 -6.55
CA MET E 236 -118.17 1.29 -7.16
C MET E 236 -117.14 1.82 -6.18
N PHE E 237 -117.58 2.55 -5.15
CA PHE E 237 -116.63 3.11 -4.19
C PHE E 237 -116.17 2.08 -3.18
N GLU E 238 -117.04 1.12 -2.83
CA GLU E 238 -116.63 0.03 -1.95
C GLU E 238 -115.51 -0.78 -2.57
N LYS E 239 -115.66 -1.17 -3.84
CA LYS E 239 -114.61 -1.90 -4.55
C LYS E 239 -113.33 -1.09 -4.67
N TYR E 240 -113.41 0.24 -4.59
CA TYR E 240 -112.21 1.06 -4.51
C TYR E 240 -111.54 0.91 -3.16
N GLU E 241 -110.26 0.57 -3.16
CA GLU E 241 -109.44 0.56 -1.97
C GLU E 241 -108.27 1.52 -2.15
N GLY E 242 -107.88 2.17 -1.06
CA GLY E 242 -106.86 3.21 -1.12
C GLY E 242 -107.32 4.55 -0.58
N THR E 243 -106.37 5.35 -0.10
CA THR E 243 -106.68 6.55 0.66
C THR E 243 -107.47 7.54 -0.19
N ILE E 244 -108.17 8.45 0.49
CA ILE E 244 -109.17 9.32 -0.12
C ILE E 244 -108.56 10.13 -1.27
N PRO E 245 -107.47 10.88 -1.09
CA PRO E 245 -106.66 11.26 -2.24
C PRO E 245 -105.53 10.26 -2.44
N PRO E 246 -105.27 9.84 -3.67
CA PRO E 246 -104.21 8.84 -3.89
C PRO E 246 -102.87 9.37 -3.43
N LYS E 247 -102.11 8.50 -2.76
CA LYS E 247 -100.82 8.91 -2.20
C LYS E 247 -99.84 9.26 -3.31
N GLN E 248 -99.77 8.46 -4.37
CA GLN E 248 -98.84 8.68 -5.46
C GLN E 248 -99.57 8.56 -6.79
N GLN E 249 -99.28 9.49 -7.70
CA GLN E 249 -99.89 9.52 -9.02
C GLN E 249 -99.27 8.45 -9.91
N PRO E 250 -100.09 7.75 -10.71
CA PRO E 250 -99.52 6.79 -11.68
C PRO E 250 -98.73 7.41 -12.82
N ARG E 251 -98.68 8.74 -12.91
CA ARG E 251 -97.92 9.39 -13.98
C ARG E 251 -97.59 10.82 -13.56
N LEU E 252 -96.39 11.27 -13.89
CA LEU E 252 -95.90 12.58 -13.50
C LEU E 252 -95.81 13.50 -14.70
N PHE E 253 -95.74 14.81 -14.42
CA PHE E 253 -95.54 15.81 -15.45
C PHE E 253 -94.05 15.95 -15.77
N GLN E 254 -93.74 16.82 -16.73
CA GLN E 254 -92.36 17.00 -17.16
C GLN E 254 -91.55 17.76 -16.11
N TRP E 255 -92.11 18.87 -15.59
CA TRP E 255 -91.39 19.64 -14.58
C TRP E 255 -91.26 18.88 -13.26
N GLN E 256 -92.15 17.92 -13.01
CA GLN E 256 -92.08 17.17 -11.76
C GLN E 256 -91.02 16.08 -11.81
N LYS E 257 -90.96 15.32 -12.92
CA LYS E 257 -89.96 14.28 -13.03
C LYS E 257 -88.56 14.86 -13.08
N GLU E 258 -88.38 15.99 -13.78
CA GLU E 258 -87.07 16.63 -13.83
C GLU E 258 -86.67 17.15 -12.45
N GLN E 259 -87.63 17.68 -11.70
CA GLN E 259 -87.34 18.11 -10.34
C GLN E 259 -86.94 16.93 -9.46
N GLU E 260 -87.60 15.78 -9.64
CA GLU E 260 -87.22 14.59 -8.87
C GLU E 260 -85.80 14.16 -9.21
N GLN E 261 -85.43 14.22 -10.49
CA GLN E 261 -84.07 13.86 -10.90
C GLN E 261 -83.05 14.81 -10.27
N GLU E 262 -83.37 16.10 -10.21
CA GLU E 262 -82.46 17.09 -9.63
C GLU E 262 -83.23 18.10 -8.79
N ASP E 300 -65.98 22.87 1.88
CA ASP E 300 -64.98 23.91 2.09
C ASP E 300 -63.75 23.67 1.23
N PRO E 301 -63.17 24.74 0.69
CA PRO E 301 -61.97 24.56 -0.13
C PRO E 301 -60.74 24.53 0.76
N PHE E 302 -60.05 23.40 0.80
CA PHE E 302 -58.87 23.26 1.65
C PHE E 302 -57.73 24.17 1.21
N GLU E 303 -57.86 24.79 0.05
CA GLU E 303 -56.83 25.69 -0.46
C GLU E 303 -56.70 26.96 0.37
N LEU E 304 -57.62 27.21 1.31
CA LEU E 304 -57.61 28.45 2.08
C LEU E 304 -56.37 28.60 2.96
N LEU E 305 -55.56 27.56 3.12
CA LEU E 305 -54.35 27.65 3.92
C LEU E 305 -53.42 28.74 3.36
N PRO E 306 -52.59 29.37 4.18
CA PRO E 306 -51.80 30.52 3.69
C PRO E 306 -50.87 30.10 2.55
N PRO E 307 -50.66 30.99 1.56
CA PRO E 307 -49.87 30.64 0.38
C PRO E 307 -48.38 30.93 0.54
N SER E 308 -47.56 30.20 -0.23
CA SER E 308 -46.11 30.35 -0.20
C SER E 308 -45.61 31.05 -1.46
N VAL E 309 -44.47 31.74 -1.32
CA VAL E 309 -43.85 32.54 -2.37
C VAL E 309 -42.48 31.96 -2.68
N ILE E 310 -42.14 31.84 -3.96
CA ILE E 310 -40.88 31.21 -4.36
C ILE E 310 -39.95 32.12 -5.16
N LEU E 311 -40.42 33.29 -5.64
CA LEU E 311 -39.56 34.15 -6.45
C LEU E 311 -38.26 34.50 -5.74
N ASP E 312 -38.33 34.84 -4.46
CA ASP E 312 -37.11 35.17 -3.71
C ASP E 312 -36.19 33.98 -3.55
N LYS E 313 -36.69 32.75 -3.73
CA LYS E 313 -35.88 31.55 -3.51
C LYS E 313 -34.82 31.35 -4.59
N PHE E 314 -35.10 31.76 -5.84
CA PHE E 314 -34.20 31.54 -6.97
C PHE E 314 -32.79 32.05 -6.71
N PRO E 315 -31.77 31.44 -7.34
CA PRO E 315 -30.41 31.93 -7.15
C PRO E 315 -29.95 32.83 -8.29
N ALA E 316 -28.81 33.50 -8.14
CA ALA E 316 -28.34 34.39 -9.19
C ALA E 316 -27.83 33.58 -10.39
N ASP E 317 -26.96 32.61 -10.13
CA ASP E 317 -26.51 31.71 -11.19
C ASP E 317 -27.62 30.72 -11.47
N PHE E 318 -28.53 31.10 -12.37
CA PHE E 318 -29.61 30.21 -12.75
C PHE E 318 -29.95 30.39 -14.22
N GLN E 319 -30.17 31.64 -14.64
CA GLN E 319 -30.51 31.90 -16.03
C GLN E 319 -29.38 31.43 -16.96
N THR E 320 -28.13 31.66 -16.55
CA THR E 320 -27.00 31.21 -17.35
C THR E 320 -26.84 29.70 -17.29
N ARG E 321 -27.11 29.09 -16.12
CA ARG E 321 -27.00 27.65 -15.99
C ARG E 321 -28.03 26.93 -16.87
N ILE E 322 -29.28 27.40 -16.84
CA ILE E 322 -30.30 26.76 -17.68
C ILE E 322 -30.02 27.06 -19.15
N SER E 323 -29.47 28.23 -19.46
CA SER E 323 -29.11 28.58 -20.83
C SER E 323 -27.64 28.27 -21.10
N SER E 324 -27.23 27.05 -20.76
CA SER E 324 -25.85 26.61 -20.93
C SER E 324 -25.78 25.53 -22.02
N THR E 325 -24.56 25.30 -22.48
CA THR E 325 -24.31 24.23 -23.44
C THR E 325 -24.06 22.89 -22.77
N LYS E 326 -23.60 22.90 -21.53
CA LYS E 326 -23.35 21.65 -20.80
C LYS E 326 -24.66 21.15 -20.22
N TRP E 327 -25.02 19.92 -20.57
CA TRP E 327 -26.31 19.35 -20.17
C TRP E 327 -26.46 19.34 -18.65
N LYS E 328 -25.40 18.96 -17.93
CA LYS E 328 -25.52 18.80 -16.48
C LYS E 328 -25.72 20.13 -15.77
N ASP E 329 -25.23 21.21 -16.36
CA ASP E 329 -25.55 22.54 -15.84
C ASP E 329 -27.06 22.77 -15.87
N ARG E 330 -27.67 22.54 -17.04
CA ARG E 330 -29.12 22.70 -17.17
C ARG E 330 -29.86 21.78 -16.22
N VAL E 331 -29.45 20.50 -16.17
CA VAL E 331 -30.14 19.53 -15.31
C VAL E 331 -30.11 19.99 -13.86
N GLU E 332 -28.91 20.25 -13.32
CA GLU E 332 -28.80 20.66 -11.93
C GLU E 332 -29.59 21.93 -11.65
N ALA E 333 -29.51 22.91 -12.55
CA ALA E 333 -30.28 24.14 -12.41
C ALA E 333 -31.77 23.83 -12.24
N LEU E 334 -32.34 23.07 -13.18
CA LEU E 334 -33.75 22.70 -13.08
C LEU E 334 -34.00 21.82 -11.85
N GLU E 335 -33.16 20.80 -11.66
CA GLU E 335 -33.35 19.85 -10.57
C GLU E 335 -33.28 20.53 -9.20
N GLU E 336 -32.54 21.63 -9.09
CA GLU E 336 -32.43 22.31 -7.80
C GLU E 336 -33.72 23.04 -7.45
N ILE E 337 -34.16 23.97 -8.32
CA ILE E 337 -35.38 24.71 -8.07
C ILE E 337 -36.62 23.82 -7.98
N HIS E 338 -36.51 22.57 -8.40
CA HIS E 338 -37.63 21.65 -8.30
C HIS E 338 -37.64 20.94 -6.94
N ASN E 339 -36.50 20.37 -6.55
CA ASN E 339 -36.41 19.65 -5.28
C ASN E 339 -36.29 20.59 -4.09
N ASN E 340 -35.63 21.73 -4.25
CA ASN E 340 -35.41 22.65 -3.15
C ASN E 340 -36.49 23.72 -3.01
N VAL E 341 -37.16 24.08 -4.11
CA VAL E 341 -37.97 25.30 -4.15
C VAL E 341 -39.44 25.00 -4.45
N LEU E 342 -39.71 24.02 -5.29
CA LEU E 342 -41.07 23.69 -5.68
C LEU E 342 -41.65 22.49 -4.92
N LYS E 343 -40.93 21.37 -4.90
CA LYS E 343 -41.40 20.17 -4.21
C LYS E 343 -41.81 20.39 -2.76
N PRO E 344 -41.11 21.20 -1.95
CA PRO E 344 -41.57 21.39 -0.56
C PRO E 344 -42.94 22.06 -0.45
N VAL E 345 -43.19 23.13 -1.21
CA VAL E 345 -44.35 23.98 -1.02
C VAL E 345 -45.64 23.22 -1.32
N LYS E 346 -46.77 23.78 -0.89
CA LYS E 346 -48.08 23.18 -1.13
C LYS E 346 -49.10 24.20 -1.64
N LYS E 347 -48.71 25.47 -1.78
CA LYS E 347 -49.59 26.50 -2.33
C LYS E 347 -48.72 27.67 -2.74
N LEU E 348 -48.81 28.07 -4.01
CA LEU E 348 -48.04 29.20 -4.49
C LEU E 348 -48.85 30.49 -4.36
N ALA E 349 -48.17 31.61 -4.57
CA ALA E 349 -48.76 32.92 -4.32
C ALA E 349 -49.59 33.35 -5.53
N HIS E 350 -50.91 33.41 -5.35
CA HIS E 350 -51.80 33.89 -6.40
C HIS E 350 -51.57 35.37 -6.70
N LYS E 351 -51.43 36.19 -5.65
CA LYS E 351 -51.47 37.63 -5.79
C LYS E 351 -50.14 38.17 -6.31
N ASN E 352 -50.19 38.82 -7.48
CA ASN E 352 -49.13 39.71 -7.95
C ASN E 352 -47.81 38.98 -8.22
N GLN E 353 -47.88 37.75 -8.71
CA GLN E 353 -46.70 36.94 -9.02
C GLN E 353 -46.72 36.55 -10.49
N ASP E 354 -45.72 37.01 -11.25
CA ASP E 354 -45.62 36.72 -12.68
C ASP E 354 -44.64 35.56 -12.87
N TYR E 355 -45.18 34.38 -13.15
CA TYR E 355 -44.39 33.20 -13.47
C TYR E 355 -44.17 33.01 -14.96
N SER E 356 -44.71 33.91 -15.80
CA SER E 356 -44.61 33.75 -17.24
C SER E 356 -43.23 34.08 -17.78
N ASP E 357 -42.28 34.44 -16.93
CA ASP E 357 -40.87 34.43 -17.29
C ASP E 357 -40.23 33.09 -16.99
N TYR E 358 -40.59 32.48 -15.86
CA TYR E 358 -40.10 31.16 -15.52
C TYR E 358 -40.74 30.07 -16.39
N LEU E 359 -42.04 30.20 -16.67
CA LEU E 359 -42.71 29.13 -17.40
C LEU E 359 -42.31 29.08 -18.87
N ARG E 360 -41.94 30.22 -19.46
CA ARG E 360 -41.53 30.22 -20.85
C ARG E 360 -40.14 29.63 -21.05
N VAL E 361 -39.36 29.44 -19.99
CA VAL E 361 -38.09 28.73 -20.13
C VAL E 361 -38.25 27.24 -19.83
N LEU E 362 -39.27 26.86 -19.05
CA LEU E 362 -39.64 25.44 -18.97
C LEU E 362 -40.16 24.95 -20.30
N ALA E 363 -40.93 25.78 -21.02
CA ALA E 363 -41.39 25.42 -22.34
C ALA E 363 -40.21 25.29 -23.31
N ASN E 364 -39.27 26.23 -23.26
CA ASN E 364 -38.11 26.20 -24.15
C ASN E 364 -37.36 24.88 -24.06
N VAL E 365 -37.25 24.32 -22.85
CA VAL E 365 -36.56 23.05 -22.70
C VAL E 365 -37.48 21.88 -23.03
N ILE E 366 -38.74 21.91 -22.59
CA ILE E 366 -39.66 20.81 -22.86
C ILE E 366 -39.80 20.59 -24.36
N GLN E 367 -39.84 21.66 -25.13
CA GLN E 367 -39.88 21.54 -26.59
C GLN E 367 -38.53 21.13 -27.16
N LYS E 368 -37.53 22.01 -27.05
CA LYS E 368 -36.33 21.92 -27.87
C LYS E 368 -35.14 21.26 -27.20
N ASP E 369 -35.12 21.12 -25.87
CA ASP E 369 -33.91 20.68 -25.21
C ASP E 369 -33.63 19.22 -25.54
N ALA E 370 -32.41 18.95 -26.00
CA ALA E 370 -32.05 17.63 -26.50
C ALA E 370 -31.91 16.60 -25.38
N ASN E 371 -31.73 17.03 -24.13
CA ASN E 371 -31.58 16.10 -23.02
C ASN E 371 -32.96 15.67 -22.53
N VAL E 372 -33.30 14.39 -22.76
CA VAL E 372 -34.59 13.88 -22.34
C VAL E 372 -34.73 13.96 -20.82
N GLN E 373 -33.61 13.87 -20.09
CA GLN E 373 -33.67 14.03 -18.64
C GLN E 373 -34.10 15.43 -18.25
N ALA E 374 -33.56 16.45 -18.95
CA ALA E 374 -33.98 17.81 -18.67
C ALA E 374 -35.44 18.03 -19.01
N VAL E 375 -35.96 17.29 -19.99
CA VAL E 375 -37.38 17.34 -20.30
C VAL E 375 -38.20 16.79 -19.14
N THR E 376 -37.87 15.58 -18.69
CA THR E 376 -38.63 14.91 -17.63
C THR E 376 -38.73 15.78 -16.38
N ILE E 377 -37.60 16.33 -15.94
CA ILE E 377 -37.60 17.11 -14.71
C ILE E 377 -38.28 18.46 -14.90
N ALA E 378 -38.41 18.92 -16.14
CA ALA E 378 -39.08 20.20 -16.40
C ALA E 378 -40.60 20.03 -16.39
N ALA E 379 -41.11 18.99 -17.04
CA ALA E 379 -42.55 18.75 -17.05
C ALA E 379 -43.07 18.45 -15.65
N ASN E 380 -42.24 17.83 -14.81
CA ASN E 380 -42.63 17.65 -13.41
C ASN E 380 -42.65 18.99 -12.67
N SER E 381 -41.78 19.92 -13.04
CA SER E 381 -41.89 21.28 -12.51
C SER E 381 -43.17 21.95 -13.00
N VAL E 382 -43.43 21.87 -14.31
CA VAL E 382 -44.65 22.47 -14.88
C VAL E 382 -45.89 21.93 -14.17
N GLN E 383 -45.94 20.62 -13.95
CA GLN E 383 -47.06 20.03 -13.22
C GLN E 383 -47.18 20.64 -11.82
N LEU E 384 -46.06 20.77 -11.12
CA LEU E 384 -46.07 21.30 -9.76
C LEU E 384 -46.66 22.71 -9.72
N LEU E 385 -46.25 23.58 -10.65
CA LEU E 385 -46.83 24.91 -10.72
C LEU E 385 -48.33 24.86 -10.94
N CYS E 386 -48.77 24.08 -11.92
CA CYS E 386 -50.19 24.00 -12.22
C CYS E 386 -50.97 23.35 -11.09
N ASN E 387 -50.30 22.51 -10.29
CA ASN E 387 -50.98 21.80 -9.22
C ASN E 387 -51.05 22.63 -7.93
N SER E 388 -49.93 23.20 -7.50
CA SER E 388 -49.90 23.98 -6.28
C SER E 388 -50.44 25.40 -6.45
N LEU E 389 -50.70 25.83 -7.68
CA LEU E 389 -51.24 27.16 -7.96
C LEU E 389 -52.45 27.02 -8.88
N ARG E 390 -53.48 26.37 -8.36
CA ARG E 390 -54.71 26.16 -9.11
C ARG E 390 -55.46 27.46 -9.41
N SER E 391 -56.06 27.53 -10.59
CA SER E 391 -56.82 28.70 -11.03
C SER E 391 -55.92 29.88 -11.38
N ASN E 392 -54.69 29.61 -11.79
CA ASN E 392 -53.78 30.62 -12.29
C ASN E 392 -53.58 30.55 -13.80
N PHE E 393 -53.51 29.34 -14.35
CA PHE E 393 -53.18 29.11 -15.76
C PHE E 393 -54.40 29.39 -16.63
N THR E 394 -54.78 30.68 -16.67
CA THR E 394 -55.97 31.05 -17.43
C THR E 394 -55.71 30.97 -18.93
N ARG E 395 -54.81 31.80 -19.42
CA ARG E 395 -54.43 31.75 -20.83
C ARG E 395 -52.92 31.85 -20.98
N SER E 396 -52.35 33.01 -20.62
CA SER E 396 -50.92 33.24 -20.79
C SER E 396 -50.09 32.09 -20.25
N TYR E 397 -50.35 31.67 -19.00
CA TYR E 397 -49.63 30.54 -18.42
C TYR E 397 -49.94 29.25 -19.16
N GLY E 398 -51.22 28.89 -19.23
CA GLY E 398 -51.62 27.66 -19.89
C GLY E 398 -51.11 27.54 -21.32
N ALA E 399 -51.25 28.60 -22.10
CA ALA E 399 -50.87 28.56 -23.51
C ALA E 399 -49.37 28.62 -23.72
N ILE E 400 -48.61 29.07 -22.73
CA ILE E 400 -47.16 29.20 -22.91
C ILE E 400 -46.50 27.83 -22.92
N VAL E 401 -47.11 26.83 -22.26
CA VAL E 401 -46.53 25.49 -22.17
C VAL E 401 -47.33 24.45 -22.93
N LEU E 402 -48.50 24.79 -23.48
CA LEU E 402 -49.39 23.76 -23.98
C LEU E 402 -48.85 23.12 -25.26
N VAL E 403 -48.69 23.90 -26.33
CA VAL E 403 -48.23 23.36 -27.60
C VAL E 403 -46.82 22.77 -27.49
N PRO E 404 -45.92 23.24 -26.61
CA PRO E 404 -44.68 22.49 -26.40
C PRO E 404 -44.91 21.10 -25.84
N LEU E 405 -45.78 20.97 -24.82
CA LEU E 405 -46.04 19.66 -24.22
C LEU E 405 -46.59 18.67 -25.25
N LEU E 406 -47.53 19.12 -26.08
CA LEU E 406 -48.11 18.22 -27.07
C LEU E 406 -47.08 17.76 -28.10
N GLU E 407 -46.14 18.63 -28.45
CA GLU E 407 -45.07 18.24 -29.37
C GLU E 407 -44.22 17.12 -28.79
N ARG E 408 -44.02 17.13 -27.47
CA ARG E 408 -43.05 16.25 -26.85
C ARG E 408 -43.62 14.90 -26.42
N THR E 409 -44.93 14.67 -26.60
CA THR E 409 -45.47 13.32 -26.42
C THR E 409 -44.80 12.32 -27.35
N LYS E 410 -44.13 12.81 -28.40
CA LYS E 410 -43.29 11.98 -29.27
C LYS E 410 -42.36 11.07 -28.48
N GLU E 411 -41.97 11.48 -27.27
CA GLU E 411 -41.06 10.67 -26.46
C GLU E 411 -41.75 9.38 -26.04
N LYS E 412 -41.05 8.26 -26.23
CA LYS E 412 -41.59 6.95 -25.94
C LYS E 412 -41.02 6.30 -24.69
N LYS E 413 -39.96 6.87 -24.12
CA LYS E 413 -39.41 6.35 -22.87
C LYS E 413 -40.48 6.40 -21.78
N PRO E 414 -40.81 5.27 -21.15
CA PRO E 414 -41.92 5.27 -20.17
C PRO E 414 -41.85 6.36 -19.11
N SER E 415 -40.68 6.57 -18.50
CA SER E 415 -40.55 7.60 -17.48
C SER E 415 -40.86 8.98 -18.04
N VAL E 416 -40.50 9.23 -19.30
CA VAL E 416 -40.68 10.56 -19.88
C VAL E 416 -42.12 10.75 -20.33
N ASN E 417 -42.71 9.75 -20.98
CA ASN E 417 -44.13 9.81 -21.31
C ASN E 417 -44.99 9.93 -20.06
N GLU E 418 -44.55 9.29 -18.97
CA GLU E 418 -45.22 9.46 -17.68
C GLU E 418 -45.27 10.93 -17.27
N ALA E 419 -44.14 11.62 -17.34
CA ALA E 419 -44.06 12.99 -16.83
C ALA E 419 -44.73 13.99 -17.76
N ILE E 420 -44.55 13.83 -19.07
CA ILE E 420 -45.14 14.75 -20.03
C ILE E 420 -46.67 14.68 -19.97
N CYS E 421 -47.21 13.45 -20.00
CA CYS E 421 -48.66 13.28 -19.95
C CYS E 421 -49.24 13.78 -18.63
N SER E 422 -48.60 13.44 -17.51
CA SER E 422 -49.11 13.87 -16.21
C SER E 422 -49.15 15.38 -16.09
N ALA E 423 -48.21 16.09 -16.72
CA ALA E 423 -48.28 17.55 -16.75
C ALA E 423 -49.42 18.02 -17.64
N LEU E 424 -49.59 17.38 -18.79
CA LEU E 424 -50.76 17.66 -19.64
C LEU E 424 -52.06 17.43 -18.89
N ASP E 425 -52.08 16.46 -17.97
CA ASP E 425 -53.26 16.29 -17.12
C ASP E 425 -53.42 17.46 -16.15
N ALA E 426 -52.31 18.04 -15.70
CA ALA E 426 -52.39 19.18 -14.78
C ALA E 426 -53.04 20.39 -15.45
N VAL E 427 -52.53 20.79 -16.63
CA VAL E 427 -53.11 21.93 -17.33
C VAL E 427 -54.55 21.67 -17.70
N ALA E 428 -54.91 20.40 -17.96
CA ALA E 428 -56.28 20.07 -18.32
C ALA E 428 -57.22 20.27 -17.14
N THR E 429 -56.84 19.78 -15.96
CA THR E 429 -57.70 19.88 -14.79
C THR E 429 -57.90 21.33 -14.33
N TYR E 430 -57.07 22.27 -14.78
CA TYR E 430 -57.23 23.66 -14.39
C TYR E 430 -57.39 24.61 -15.58
N CYS E 431 -57.14 24.15 -16.80
CA CYS E 431 -57.49 24.92 -17.99
C CYS E 431 -58.39 24.07 -18.87
N GLY E 432 -59.55 23.67 -18.34
CA GLY E 432 -60.44 22.77 -19.05
C GLY E 432 -60.99 23.27 -20.38
N PHE E 433 -60.50 22.66 -21.47
CA PHE E 433 -60.95 22.95 -22.83
C PHE E 433 -60.84 24.43 -23.20
N ASP E 434 -59.93 25.17 -22.55
CA ASP E 434 -59.72 26.56 -22.92
C ASP E 434 -59.14 26.60 -24.33
N ASP E 435 -57.88 26.21 -24.44
CA ASP E 435 -57.17 26.06 -25.70
C ASP E 435 -56.84 24.61 -26.02
N CYS E 436 -57.04 23.68 -25.08
CA CYS E 436 -56.58 22.32 -25.29
C CYS E 436 -57.37 21.63 -26.40
N LEU E 437 -58.70 21.76 -26.37
CA LEU E 437 -59.53 21.10 -27.38
C LEU E 437 -59.11 21.51 -28.79
N GLU E 438 -58.89 22.81 -29.00
CA GLU E 438 -58.50 23.28 -30.33
C GLU E 438 -57.11 22.74 -30.71
N GLU E 439 -56.16 22.78 -29.78
CA GLU E 439 -54.80 22.36 -30.07
C GLU E 439 -54.58 20.85 -29.94
N THR E 440 -55.32 20.17 -29.06
CA THR E 440 -55.21 18.70 -28.98
C THR E 440 -55.61 18.06 -30.30
N LEU E 441 -56.68 18.54 -30.93
CA LEU E 441 -57.07 18.03 -32.24
C LEU E 441 -55.95 18.25 -33.26
N ASN E 442 -55.38 19.45 -33.30
CA ASN E 442 -54.31 19.77 -34.24
C ASN E 442 -53.21 18.72 -34.22
N TYR E 443 -52.80 18.28 -33.03
CA TYR E 443 -51.69 17.34 -32.92
C TYR E 443 -52.13 15.88 -33.03
N MET E 444 -53.44 15.61 -33.03
CA MET E 444 -53.90 14.31 -33.48
C MET E 444 -53.70 14.15 -34.99
N LYS E 445 -53.71 15.26 -35.72
CA LYS E 445 -53.48 15.28 -37.16
C LYS E 445 -51.99 15.29 -37.52
N HIS E 446 -51.11 15.10 -36.54
CA HIS E 446 -49.68 15.27 -36.74
C HIS E 446 -49.07 14.01 -37.33
N LYS E 447 -47.90 14.16 -37.94
CA LYS E 447 -47.33 13.07 -38.73
C LYS E 447 -46.69 12.00 -37.87
N THR E 448 -46.08 12.37 -36.75
CA THR E 448 -45.46 11.38 -35.87
C THR E 448 -46.51 10.39 -35.36
N PRO E 449 -46.26 9.07 -35.49
CA PRO E 449 -47.22 8.10 -34.95
C PRO E 449 -47.44 8.23 -33.46
N GLN E 450 -46.38 8.44 -32.68
CA GLN E 450 -46.51 8.44 -31.23
C GLN E 450 -47.33 9.63 -30.73
N VAL E 451 -47.15 10.80 -31.34
CA VAL E 451 -47.92 11.97 -30.89
C VAL E 451 -49.40 11.79 -31.20
N ARG E 452 -49.73 11.02 -32.24
CA ARG E 452 -51.13 10.77 -32.55
C ARG E 452 -51.80 9.95 -31.45
N ILE E 453 -51.21 8.81 -31.08
CA ILE E 453 -51.83 7.94 -30.08
C ILE E 453 -51.85 8.61 -28.71
N GLU E 454 -50.87 9.46 -28.41
CA GLU E 454 -50.79 10.06 -27.08
C GLU E 454 -51.70 11.27 -26.95
N CYS E 455 -51.74 12.13 -27.97
CA CYS E 455 -52.67 13.27 -27.94
C CYS E 455 -54.11 12.80 -28.05
N THR E 456 -54.36 11.65 -28.67
CA THR E 456 -55.70 11.09 -28.69
C THR E 456 -56.05 10.46 -27.34
N LYS E 457 -55.12 9.70 -26.76
CA LYS E 457 -55.28 9.29 -25.36
C LYS E 457 -55.50 10.49 -24.47
N PHE E 458 -54.89 11.63 -24.79
CA PHE E 458 -55.11 12.85 -24.02
C PHE E 458 -56.56 13.29 -24.08
N LEU E 459 -57.11 13.39 -25.29
CA LEU E 459 -58.53 13.70 -25.42
C LEU E 459 -59.40 12.71 -24.65
N THR E 460 -58.99 11.44 -24.63
CA THR E 460 -59.71 10.44 -23.84
C THR E 460 -59.66 10.77 -22.35
N ARG E 461 -58.46 11.07 -21.84
CA ARG E 461 -58.30 11.46 -20.44
C ARG E 461 -59.20 12.64 -20.10
N MET E 462 -59.13 13.71 -20.91
CA MET E 462 -59.94 14.90 -20.67
C MET E 462 -61.42 14.57 -20.71
N LEU E 463 -61.83 13.72 -21.66
CA LEU E 463 -63.25 13.46 -21.87
C LEU E 463 -63.89 12.74 -20.69
N GLN E 464 -63.15 11.85 -20.02
CA GLN E 464 -63.70 11.16 -18.86
C GLN E 464 -64.00 12.14 -17.72
N GLY E 465 -63.22 13.20 -17.61
CA GLY E 465 -63.42 14.26 -16.62
C GLY E 465 -64.07 15.51 -17.19
N TRP E 466 -65.06 15.33 -18.06
CA TRP E 466 -65.69 16.46 -18.74
C TRP E 466 -66.77 17.12 -17.87
N LYS E 467 -66.92 18.43 -18.05
CA LYS E 467 -67.85 19.25 -17.27
C LYS E 467 -69.08 19.60 -18.09
N SER E 468 -70.25 19.54 -17.44
CA SER E 468 -71.54 19.81 -18.06
C SER E 468 -72.21 21.10 -17.56
N ASP E 469 -71.46 22.17 -17.35
CA ASP E 469 -72.08 23.41 -16.88
C ASP E 469 -72.61 24.22 -18.07
N GLY E 470 -73.69 24.94 -17.83
CA GLY E 470 -74.35 25.65 -18.91
C GLY E 470 -75.29 24.71 -19.61
N PRO E 471 -76.04 25.21 -20.60
CA PRO E 471 -76.91 24.32 -21.40
C PRO E 471 -76.09 23.33 -22.22
N LEU E 472 -76.57 22.96 -23.40
CA LEU E 472 -75.80 22.10 -24.28
C LEU E 472 -75.42 22.96 -25.47
N GLN E 473 -74.48 23.85 -25.19
CA GLN E 473 -73.83 24.75 -26.13
C GLN E 473 -72.48 25.11 -25.55
N ASN E 474 -71.82 24.10 -25.00
CA ASN E 474 -70.46 24.19 -24.51
C ASN E 474 -69.51 24.11 -25.70
N GLN E 475 -68.22 24.29 -25.42
CA GLN E 475 -67.26 24.23 -26.51
C GLN E 475 -67.24 22.86 -27.20
N LEU E 476 -67.66 21.81 -26.50
CA LEU E 476 -67.66 20.48 -27.11
C LEU E 476 -68.68 20.38 -28.23
N LEU E 477 -69.88 20.96 -28.03
CA LEU E 477 -70.92 20.81 -29.05
C LEU E 477 -70.73 21.79 -30.21
N PHE E 478 -70.18 22.98 -29.94
CA PHE E 478 -69.92 23.92 -31.03
C PHE E 478 -69.04 23.30 -32.10
N LYS E 479 -68.15 22.38 -31.71
CA LYS E 479 -67.18 21.80 -32.63
C LYS E 479 -67.24 20.27 -32.67
N LEU E 480 -68.34 19.68 -32.19
CA LEU E 480 -68.41 18.23 -32.03
C LEU E 480 -68.31 17.51 -33.38
N LEU E 481 -69.40 17.49 -34.14
CA LEU E 481 -69.35 16.90 -35.48
C LEU E 481 -68.36 17.59 -36.39
N PRO E 482 -68.31 18.93 -36.48
CA PRO E 482 -67.35 19.56 -37.41
C PRO E 482 -65.90 19.14 -37.20
N GLU E 483 -65.43 19.09 -35.96
CA GLU E 483 -64.00 18.94 -35.69
C GLU E 483 -63.68 17.71 -34.86
N VAL E 484 -64.31 17.54 -33.70
CA VAL E 484 -63.97 16.43 -32.80
C VAL E 484 -64.14 15.10 -33.51
N THR E 485 -65.31 14.87 -34.10
CA THR E 485 -65.59 13.58 -34.72
C THR E 485 -64.74 13.37 -35.98
N THR E 486 -64.64 14.40 -36.83
CA THR E 486 -63.83 14.28 -38.03
C THR E 486 -62.38 13.95 -37.70
N ALA E 487 -61.89 14.39 -36.54
CA ALA E 487 -60.51 14.10 -36.14
C ALA E 487 -60.38 12.76 -35.44
N VAL E 488 -61.38 12.34 -34.68
CA VAL E 488 -61.32 11.05 -34.00
C VAL E 488 -61.44 9.91 -35.01
N LEU E 489 -62.17 10.12 -36.10
CA LEU E 489 -62.24 9.11 -37.15
C LEU E 489 -60.90 8.91 -37.84
N LYS E 490 -60.10 9.98 -37.97
CA LYS E 490 -58.76 9.82 -38.53
C LYS E 490 -57.90 8.91 -37.68
N ILE E 491 -58.13 8.90 -36.36
CA ILE E 491 -57.43 7.95 -35.50
C ILE E 491 -58.05 6.57 -35.62
N VAL E 492 -59.39 6.48 -35.64
CA VAL E 492 -60.07 5.21 -35.75
C VAL E 492 -59.69 4.47 -37.03
N ASN E 493 -59.37 5.21 -38.08
CA ASN E 493 -59.02 4.63 -39.38
C ASN E 493 -57.53 4.71 -39.68
N ASP E 494 -56.70 4.69 -38.64
CA ASP E 494 -55.26 4.79 -38.84
C ASP E 494 -54.71 3.49 -39.40
N THR E 495 -53.49 3.55 -39.93
CA THR E 495 -52.86 2.36 -40.48
C THR E 495 -52.45 1.38 -39.37
N GLN E 496 -52.06 1.89 -38.19
CA GLN E 496 -51.57 1.06 -37.11
C GLN E 496 -52.72 0.57 -36.24
N PRO E 497 -52.61 -0.66 -35.68
CA PRO E 497 -53.66 -1.17 -34.79
C PRO E 497 -53.66 -0.49 -33.43
N THR E 498 -52.48 -0.35 -32.82
CA THR E 498 -52.41 0.29 -31.52
C THR E 498 -52.87 1.74 -31.58
N THR E 499 -52.70 2.39 -32.74
CA THR E 499 -53.29 3.70 -32.94
C THR E 499 -54.80 3.61 -33.06
N ARG E 500 -55.28 2.75 -33.98
CA ARG E 500 -56.72 2.53 -34.13
C ARG E 500 -57.38 2.16 -32.81
N ASN E 501 -56.71 1.34 -32.00
CA ASN E 501 -57.33 0.85 -30.77
C ASN E 501 -57.52 1.97 -29.75
N THR E 502 -56.68 3.00 -29.78
CA THR E 502 -56.90 4.17 -28.94
C THR E 502 -58.12 4.96 -29.40
N GLY E 503 -58.27 5.11 -30.72
CA GLY E 503 -59.47 5.75 -31.25
C GLY E 503 -60.74 5.03 -30.86
N PHE E 504 -60.69 3.69 -30.78
CA PHE E 504 -61.89 2.93 -30.44
C PHE E 504 -62.37 3.25 -29.04
N GLU E 505 -61.44 3.40 -28.09
CA GLU E 505 -61.82 3.92 -26.78
C GLU E 505 -62.23 5.39 -26.88
N CYS E 506 -61.41 6.21 -27.55
CA CYS E 506 -61.68 7.64 -27.65
C CYS E 506 -62.95 7.94 -28.42
N PHE E 507 -63.55 6.95 -29.08
CA PHE E 507 -64.87 7.10 -29.67
C PHE E 507 -65.95 6.54 -28.77
N ALA E 508 -65.66 5.50 -28.00
CA ALA E 508 -66.65 4.94 -27.08
C ALA E 508 -66.78 5.79 -25.82
N THR E 509 -65.73 6.51 -25.44
CA THR E 509 -65.85 7.52 -24.39
C THR E 509 -66.55 8.77 -24.90
N LEU E 510 -66.59 8.96 -26.22
CA LEU E 510 -67.32 10.08 -26.80
C LEU E 510 -68.82 9.80 -26.83
N MET E 511 -69.20 8.63 -27.33
CA MET E 511 -70.61 8.22 -27.34
C MET E 511 -71.20 8.28 -25.93
N LYS E 512 -70.45 7.77 -24.95
CA LYS E 512 -70.91 7.78 -23.56
C LYS E 512 -71.28 9.18 -23.10
N LEU E 513 -70.56 10.21 -23.58
CA LEU E 513 -70.84 11.58 -23.18
C LEU E 513 -72.01 12.18 -23.94
N VAL E 514 -72.14 11.87 -25.22
CA VAL E 514 -73.00 12.66 -26.10
C VAL E 514 -73.97 11.77 -26.87
N GLY E 515 -74.27 10.60 -26.32
CA GLY E 515 -75.37 9.81 -26.83
C GLY E 515 -75.07 8.97 -28.05
N GLU E 516 -75.13 7.64 -27.89
CA GLU E 516 -74.84 6.73 -29.00
C GLU E 516 -75.81 6.89 -30.17
N ARG E 517 -76.85 7.71 -30.04
CA ARG E 517 -77.79 7.98 -31.12
C ARG E 517 -77.36 9.16 -31.98
N GLU E 518 -76.81 10.21 -31.36
CA GLU E 518 -76.35 11.38 -32.11
C GLU E 518 -75.27 11.00 -33.12
N LEU E 519 -74.35 10.13 -32.72
CA LEU E 519 -73.23 9.74 -33.57
C LEU E 519 -73.49 8.48 -34.39
N ALA E 520 -74.75 8.02 -34.45
CA ALA E 520 -75.07 6.86 -35.29
C ALA E 520 -74.89 7.14 -36.76
N ASP E 521 -74.75 8.42 -37.16
CA ASP E 521 -74.49 8.72 -38.58
C ASP E 521 -73.09 8.28 -39.00
N PRO E 522 -72.00 8.73 -38.35
CA PRO E 522 -70.68 8.21 -38.72
C PRO E 522 -70.44 6.78 -38.28
N LEU E 523 -71.28 6.21 -37.41
CA LEU E 523 -71.18 4.79 -37.09
C LEU E 523 -71.48 3.94 -38.31
N GLU E 524 -72.50 4.32 -39.08
CA GLU E 524 -72.89 3.56 -40.26
C GLU E 524 -71.79 3.55 -41.30
N LYS E 525 -71.19 4.73 -41.56
CA LYS E 525 -70.10 4.82 -42.52
C LYS E 525 -68.89 3.99 -42.11
N LEU E 526 -68.80 3.56 -40.85
CA LEU E 526 -67.71 2.73 -40.38
C LEU E 526 -67.98 1.26 -40.65
N ASP E 527 -66.89 0.51 -40.81
CA ASP E 527 -66.94 -0.95 -40.94
C ASP E 527 -67.80 -1.58 -39.85
N ASN E 528 -68.55 -2.61 -40.23
CA ASN E 528 -69.19 -3.47 -39.24
C ASN E 528 -68.15 -4.15 -38.35
N LEU E 529 -66.93 -4.34 -38.85
CA LEU E 529 -65.90 -5.00 -38.07
C LEU E 529 -65.31 -4.08 -37.02
N LYS E 530 -65.07 -2.81 -37.38
CA LYS E 530 -64.60 -1.84 -36.40
C LYS E 530 -65.72 -1.45 -35.43
N LYS E 531 -66.98 -1.56 -35.86
CA LYS E 531 -68.10 -1.17 -35.00
C LYS E 531 -68.10 -1.97 -33.70
N LYS E 532 -67.93 -3.29 -33.80
CA LYS E 532 -68.02 -4.14 -32.61
C LYS E 532 -66.82 -4.00 -31.69
N LYS E 533 -65.72 -3.43 -32.18
CA LYS E 533 -64.62 -3.05 -31.30
C LYS E 533 -64.96 -1.77 -30.54
N ILE E 534 -65.52 -0.78 -31.23
CA ILE E 534 -65.95 0.46 -30.58
C ILE E 534 -66.96 0.16 -29.49
N TYR E 535 -67.95 -0.69 -29.80
CA TYR E 535 -68.97 -1.04 -28.81
C TYR E 535 -68.36 -1.76 -27.61
N GLU E 536 -67.31 -2.56 -27.83
CA GLU E 536 -66.62 -3.23 -26.72
C GLU E 536 -66.23 -2.24 -25.64
N TYR E 537 -65.63 -1.11 -26.03
CA TYR E 537 -65.20 -0.13 -25.04
C TYR E 537 -66.39 0.62 -24.46
N TYR E 538 -67.42 0.88 -25.28
CA TYR E 538 -68.61 1.56 -24.78
C TYR E 538 -69.20 0.83 -23.57
N GLU E 539 -69.14 -0.50 -23.58
CA GLU E 539 -69.68 -1.28 -22.48
C GLU E 539 -68.77 -1.21 -21.26
N LYS E 540 -67.47 -0.95 -21.46
CA LYS E 540 -66.50 -0.98 -20.38
C LYS E 540 -66.05 0.40 -19.91
N VAL E 541 -66.63 1.47 -20.43
CA VAL E 541 -66.21 2.83 -20.11
C VAL E 541 -67.27 3.48 -19.24
N GLU E 542 -66.84 4.14 -18.18
CA GLU E 542 -67.72 4.83 -17.24
C GLU E 542 -67.59 6.34 -17.41
N VAL E 543 -68.35 7.08 -16.59
CA VAL E 543 -68.34 8.54 -16.60
C VAL E 543 -68.18 9.06 -15.18
N ASP F 13 -81.03 -11.40 -57.78
CA ASP F 13 -81.48 -12.76 -58.01
C ASP F 13 -82.38 -12.83 -59.23
N LEU F 14 -82.01 -13.69 -60.19
CA LEU F 14 -82.79 -13.84 -61.40
C LEU F 14 -84.02 -14.73 -61.19
N GLY F 15 -83.99 -15.63 -60.20
CA GLY F 15 -85.16 -16.41 -59.88
C GLY F 15 -86.28 -15.60 -59.26
N LYS F 16 -85.97 -14.42 -58.72
CA LYS F 16 -86.98 -13.55 -58.13
C LYS F 16 -87.62 -12.64 -59.15
N LYS F 17 -86.89 -12.26 -60.20
CA LYS F 17 -87.48 -11.49 -61.29
C LYS F 17 -88.44 -12.35 -62.11
N LEU F 18 -88.16 -13.66 -62.21
CA LEU F 18 -89.04 -14.55 -62.96
C LEU F 18 -90.36 -14.78 -62.23
N LEU F 19 -90.36 -14.66 -60.91
CA LEU F 19 -91.61 -14.71 -60.16
C LEU F 19 -92.40 -13.42 -60.34
N GLU F 20 -91.71 -12.27 -60.28
CA GLU F 20 -92.36 -10.99 -60.51
C GLU F 20 -93.08 -10.94 -61.85
N ALA F 21 -92.45 -11.46 -62.90
CA ALA F 21 -93.06 -11.43 -64.22
C ALA F 21 -94.21 -12.42 -64.34
N ALA F 22 -93.96 -13.69 -64.00
CA ALA F 22 -94.98 -14.73 -64.12
C ALA F 22 -96.25 -14.38 -63.34
N ARG F 23 -96.10 -13.65 -62.23
CA ARG F 23 -97.25 -13.18 -61.46
C ARG F 23 -97.98 -12.08 -62.21
N ALA F 24 -97.32 -10.92 -62.37
CA ALA F 24 -97.96 -9.76 -62.99
C ALA F 24 -98.35 -10.00 -64.44
N GLY F 25 -97.77 -11.01 -65.08
CA GLY F 25 -98.23 -11.42 -66.39
C GLY F 25 -97.62 -10.67 -67.57
N GLN F 26 -96.31 -10.52 -67.58
CA GLN F 26 -95.58 -9.95 -68.72
C GLN F 26 -95.02 -11.12 -69.52
N ASP F 27 -95.80 -11.56 -70.52
CA ASP F 27 -95.44 -12.75 -71.29
C ASP F 27 -94.07 -12.61 -71.95
N ASP F 28 -93.76 -11.43 -72.49
CA ASP F 28 -92.52 -11.27 -73.23
C ASP F 28 -91.31 -11.32 -72.30
N GLU F 29 -91.39 -10.66 -71.16
CA GLU F 29 -90.23 -10.57 -70.27
C GLU F 29 -89.97 -11.85 -69.49
N VAL F 30 -90.82 -12.86 -69.63
CA VAL F 30 -90.46 -14.19 -69.13
C VAL F 30 -89.42 -14.82 -70.05
N ARG F 31 -89.65 -14.76 -71.36
CA ARG F 31 -88.66 -15.27 -72.32
C ARG F 31 -87.32 -14.58 -72.14
N ILE F 32 -87.33 -13.27 -71.85
CA ILE F 32 -86.08 -12.56 -71.59
C ILE F 32 -85.39 -13.12 -70.36
N LEU F 33 -86.11 -13.24 -69.25
CA LEU F 33 -85.51 -13.70 -68.00
C LEU F 33 -85.11 -15.17 -68.08
N MET F 34 -85.87 -15.98 -68.83
CA MET F 34 -85.54 -17.39 -68.97
C MET F 34 -84.37 -17.61 -69.91
N ALA F 35 -84.22 -16.76 -70.93
CA ALA F 35 -83.04 -16.81 -71.79
C ALA F 35 -81.77 -16.46 -71.03
N ASN F 36 -81.88 -15.77 -69.89
CA ASN F 36 -80.76 -15.54 -68.99
C ASN F 36 -80.63 -16.64 -67.93
N GLY F 37 -81.30 -17.77 -68.13
CA GLY F 37 -81.16 -18.92 -67.25
C GLY F 37 -81.75 -18.76 -65.86
N ALA F 38 -82.93 -18.16 -65.75
CA ALA F 38 -83.56 -18.01 -64.46
C ALA F 38 -84.13 -19.36 -64.00
N ASP F 39 -84.19 -19.54 -62.68
CA ASP F 39 -84.63 -20.81 -62.10
C ASP F 39 -86.13 -20.97 -62.33
N VAL F 40 -86.50 -21.95 -63.17
CA VAL F 40 -87.90 -22.15 -63.53
C VAL F 40 -88.71 -22.52 -62.28
N ASN F 41 -88.10 -23.22 -61.33
CA ASN F 41 -88.75 -23.61 -60.10
C ASN F 41 -88.25 -22.80 -58.91
N ALA F 42 -88.02 -21.51 -59.14
CA ALA F 42 -87.55 -20.63 -58.08
C ALA F 42 -88.67 -20.38 -57.07
N THR F 43 -88.39 -20.64 -55.80
CA THR F 43 -89.36 -20.43 -54.74
C THR F 43 -89.24 -19.02 -54.18
N ASP F 44 -90.39 -18.39 -53.93
CA ASP F 44 -90.42 -17.09 -53.27
C ASP F 44 -90.20 -17.25 -51.77
N ALA F 45 -91.12 -16.75 -50.94
CA ALA F 45 -91.00 -16.88 -49.50
C ALA F 45 -91.84 -18.04 -48.98
N SER F 46 -93.08 -18.16 -49.45
CA SER F 46 -93.98 -19.22 -49.03
C SER F 46 -93.90 -20.44 -49.95
N GLY F 47 -92.82 -20.59 -50.71
CA GLY F 47 -92.61 -21.79 -51.49
C GLY F 47 -93.32 -21.84 -52.82
N LEU F 48 -93.71 -20.69 -53.37
CA LEU F 48 -94.50 -20.65 -54.60
C LEU F 48 -93.57 -20.49 -55.81
N THR F 49 -93.62 -21.48 -56.70
CA THR F 49 -92.88 -21.42 -57.96
C THR F 49 -93.60 -20.46 -58.91
N PRO F 50 -92.93 -20.03 -60.00
CA PRO F 50 -93.64 -19.21 -60.99
C PRO F 50 -94.85 -19.89 -61.58
N LEU F 51 -94.82 -21.22 -61.71
CA LEU F 51 -95.98 -21.96 -62.20
C LEU F 51 -97.18 -21.77 -61.28
N HIS F 52 -96.95 -21.75 -59.97
CA HIS F 52 -98.00 -21.38 -59.02
C HIS F 52 -98.62 -20.04 -59.38
N LEU F 53 -97.79 -19.01 -59.55
CA LEU F 53 -98.30 -17.64 -59.71
C LEU F 53 -99.03 -17.48 -61.03
N ALA F 54 -98.48 -18.01 -62.11
CA ALA F 54 -99.14 -17.92 -63.41
C ALA F 54 -100.47 -18.68 -63.42
N ALA F 55 -100.51 -19.84 -62.75
CA ALA F 55 -101.75 -20.62 -62.67
C ALA F 55 -102.79 -19.99 -61.76
N THR F 56 -102.38 -19.04 -60.92
CA THR F 56 -103.34 -18.34 -60.08
C THR F 56 -104.01 -17.19 -60.83
N TYR F 57 -103.23 -16.42 -61.59
CA TYR F 57 -103.70 -15.19 -62.19
C TYR F 57 -104.04 -15.34 -63.66
N GLY F 58 -104.10 -16.57 -64.16
CA GLY F 58 -104.58 -16.83 -65.52
C GLY F 58 -103.73 -16.25 -66.64
N HIS F 59 -102.50 -16.73 -66.78
CA HIS F 59 -101.61 -16.32 -67.86
C HIS F 59 -101.22 -17.59 -68.60
N LEU F 60 -102.09 -18.02 -69.52
CA LEU F 60 -101.98 -19.36 -70.10
C LEU F 60 -100.68 -19.54 -70.86
N GLU F 61 -100.27 -18.53 -71.64
CA GLU F 61 -99.04 -18.66 -72.41
C GLU F 61 -97.82 -18.77 -71.51
N ILE F 62 -97.87 -18.16 -70.33
CA ILE F 62 -96.73 -18.27 -69.41
C ILE F 62 -96.70 -19.65 -68.74
N VAL F 63 -97.86 -20.26 -68.53
CA VAL F 63 -97.90 -21.61 -67.95
C VAL F 63 -97.26 -22.61 -68.90
N GLU F 64 -97.69 -22.61 -70.17
CA GLU F 64 -97.17 -23.56 -71.13
C GLU F 64 -95.70 -23.31 -71.45
N VAL F 65 -95.24 -22.07 -71.32
CA VAL F 65 -93.82 -21.77 -71.52
C VAL F 65 -92.99 -22.39 -70.39
N LEU F 66 -93.44 -22.21 -69.15
CA LEU F 66 -92.68 -22.75 -68.02
C LEU F 66 -92.73 -24.27 -67.98
N LEU F 67 -93.89 -24.87 -68.31
CA LEU F 67 -94.02 -26.32 -68.25
C LEU F 67 -93.08 -27.00 -69.24
N LYS F 68 -93.00 -26.49 -70.46
CA LYS F 68 -92.15 -27.11 -71.47
C LYS F 68 -90.66 -26.84 -71.25
N HIS F 69 -90.31 -25.91 -70.36
CA HIS F 69 -88.93 -25.71 -69.97
C HIS F 69 -88.57 -26.50 -68.72
N GLY F 70 -89.55 -27.12 -68.07
CA GLY F 70 -89.32 -28.06 -67.00
C GLY F 70 -89.73 -27.42 -65.70
N ALA F 71 -91.03 -27.35 -65.48
CA ALA F 71 -91.60 -26.78 -64.27
C ALA F 71 -92.29 -27.89 -63.50
N ASP F 72 -92.04 -27.97 -62.20
CA ASP F 72 -92.60 -29.06 -61.41
C ASP F 72 -94.12 -28.92 -61.41
N VAL F 73 -94.78 -29.80 -62.16
CA VAL F 73 -96.24 -29.71 -62.31
C VAL F 73 -96.92 -30.00 -60.98
N ASN F 74 -96.28 -30.78 -60.13
CA ASN F 74 -96.84 -31.19 -58.85
C ASN F 74 -96.02 -30.61 -57.69
N ALA F 75 -95.44 -29.43 -57.90
CA ALA F 75 -94.74 -28.73 -56.84
C ALA F 75 -95.73 -28.23 -55.79
N ILE F 76 -95.38 -28.43 -54.53
CA ILE F 76 -96.17 -27.90 -53.43
C ILE F 76 -95.47 -26.68 -52.86
N ASP F 77 -96.17 -25.96 -52.00
CA ASP F 77 -95.59 -24.81 -51.33
C ASP F 77 -95.51 -25.12 -49.84
N ILE F 78 -95.39 -24.07 -49.02
CA ILE F 78 -95.33 -24.25 -47.58
C ILE F 78 -96.65 -24.76 -47.03
N MET F 79 -97.75 -24.52 -47.75
CA MET F 79 -99.08 -24.97 -47.33
C MET F 79 -99.57 -26.15 -48.15
N GLY F 80 -98.70 -26.80 -48.92
CA GLY F 80 -99.07 -27.98 -49.67
C GLY F 80 -99.93 -27.72 -50.89
N SER F 81 -99.92 -26.49 -51.41
CA SER F 81 -100.73 -26.13 -52.56
C SER F 81 -99.96 -26.39 -53.85
N THR F 82 -100.52 -27.24 -54.72
CA THR F 82 -100.00 -27.41 -56.06
C THR F 82 -100.58 -26.34 -56.98
N PRO F 83 -99.96 -26.10 -58.14
CA PRO F 83 -100.58 -25.18 -59.11
C PRO F 83 -101.95 -25.60 -59.56
N LEU F 84 -102.24 -26.91 -59.57
CA LEU F 84 -103.57 -27.38 -59.91
C LEU F 84 -104.60 -26.99 -58.84
N HIS F 85 -104.17 -26.97 -57.56
CA HIS F 85 -105.01 -26.40 -56.52
C HIS F 85 -105.39 -24.96 -56.85
N LEU F 86 -104.41 -24.12 -57.16
CA LEU F 86 -104.66 -22.70 -57.36
C LEU F 86 -105.42 -22.42 -58.65
N ALA F 87 -105.16 -23.21 -59.70
CA ALA F 87 -105.92 -23.04 -60.94
C ALA F 87 -107.39 -23.41 -60.74
N ALA F 88 -107.66 -24.48 -59.99
CA ALA F 88 -109.04 -24.88 -59.73
C ALA F 88 -109.73 -23.95 -58.74
N LEU F 89 -108.96 -23.25 -57.90
CA LEU F 89 -109.55 -22.27 -56.98
C LEU F 89 -110.04 -21.04 -57.74
N ILE F 90 -109.16 -20.39 -58.49
CA ILE F 90 -109.50 -19.13 -59.14
C ILE F 90 -110.43 -19.36 -60.32
N GLY F 91 -110.37 -20.53 -60.94
CA GLY F 91 -111.25 -20.84 -62.06
C GLY F 91 -110.66 -20.55 -63.42
N HIS F 92 -109.51 -21.15 -63.72
CA HIS F 92 -108.82 -20.97 -64.98
C HIS F 92 -108.90 -22.30 -65.73
N LEU F 93 -110.03 -22.52 -66.41
CA LEU F 93 -110.28 -23.80 -67.08
C LEU F 93 -109.22 -24.07 -68.15
N GLU F 94 -108.78 -23.03 -68.86
CA GLU F 94 -107.72 -23.20 -69.86
C GLU F 94 -106.46 -23.78 -69.24
N ILE F 95 -106.09 -23.30 -68.05
CA ILE F 95 -104.85 -23.73 -67.42
C ILE F 95 -105.00 -25.10 -66.78
N VAL F 96 -106.18 -25.40 -66.23
CA VAL F 96 -106.40 -26.68 -65.55
C VAL F 96 -106.09 -27.84 -66.49
N GLU F 97 -106.62 -27.78 -67.72
CA GLU F 97 -106.41 -28.87 -68.66
C GLU F 97 -104.97 -28.91 -69.15
N VAL F 98 -104.27 -27.77 -69.15
CA VAL F 98 -102.86 -27.76 -69.50
C VAL F 98 -102.04 -28.47 -68.44
N LEU F 99 -102.32 -28.19 -67.17
CA LEU F 99 -101.61 -28.84 -66.08
C LEU F 99 -101.87 -30.35 -66.07
N LEU F 100 -103.15 -30.75 -66.15
CA LEU F 100 -103.48 -32.17 -66.15
C LEU F 100 -102.83 -32.90 -67.31
N LYS F 101 -102.80 -32.28 -68.49
CA LYS F 101 -102.13 -32.89 -69.64
C LYS F 101 -100.63 -33.04 -69.38
N HIS F 102 -100.05 -32.14 -68.59
CA HIS F 102 -98.65 -32.25 -68.18
C HIS F 102 -98.48 -33.05 -66.89
N GLY F 103 -99.41 -33.96 -66.60
CA GLY F 103 -99.29 -34.84 -65.46
C GLY F 103 -99.50 -34.17 -64.11
N ALA F 104 -100.61 -33.45 -63.95
CA ALA F 104 -100.90 -32.84 -62.66
C ALA F 104 -101.54 -33.86 -61.73
N ASP F 105 -101.47 -33.58 -60.43
CA ASP F 105 -101.98 -34.50 -59.42
C ASP F 105 -103.45 -34.17 -59.20
N VAL F 106 -104.33 -35.03 -59.71
CA VAL F 106 -105.76 -34.74 -59.67
C VAL F 106 -106.31 -34.87 -58.25
N ASN F 107 -105.72 -35.74 -57.44
CA ASN F 107 -106.16 -35.94 -56.06
C ASN F 107 -105.09 -35.51 -55.07
N ALA F 108 -104.38 -34.44 -55.39
CA ALA F 108 -103.44 -33.85 -54.46
C ALA F 108 -104.17 -33.30 -53.25
N VAL F 109 -103.53 -33.37 -52.09
CA VAL F 109 -104.07 -32.80 -50.86
C VAL F 109 -103.15 -31.69 -50.38
N ASP F 110 -103.72 -30.72 -49.69
CA ASP F 110 -102.97 -29.62 -49.09
C ASP F 110 -103.17 -29.64 -47.57
N THR F 111 -102.51 -28.70 -46.89
CA THR F 111 -102.44 -28.72 -45.44
C THR F 111 -103.82 -28.67 -44.76
N TRP F 112 -104.84 -28.14 -45.44
CA TRP F 112 -106.18 -28.10 -44.90
C TRP F 112 -107.01 -29.32 -45.29
N GLY F 113 -106.43 -30.28 -46.00
CA GLY F 113 -107.13 -31.48 -46.39
C GLY F 113 -107.92 -31.39 -47.66
N ASP F 114 -107.84 -30.27 -48.38
CA ASP F 114 -108.61 -30.07 -49.60
C ASP F 114 -107.88 -30.64 -50.81
N THR F 115 -108.65 -31.19 -51.74
CA THR F 115 -108.20 -31.50 -53.08
C THR F 115 -108.61 -30.39 -54.04
N PRO F 116 -108.04 -30.35 -55.24
CA PRO F 116 -108.56 -29.40 -56.24
C PRO F 116 -110.05 -29.52 -56.49
N LEU F 117 -110.63 -30.72 -56.31
CA LEU F 117 -112.06 -30.89 -56.46
C LEU F 117 -112.83 -30.15 -55.37
N HIS F 118 -112.28 -30.11 -54.16
CA HIS F 118 -112.89 -29.33 -53.08
C HIS F 118 -112.96 -27.85 -53.45
N LEU F 119 -111.87 -27.31 -53.98
CA LEU F 119 -111.78 -25.88 -54.23
C LEU F 119 -112.68 -25.46 -55.40
N ALA F 120 -112.70 -26.24 -56.47
CA ALA F 120 -113.55 -25.93 -57.61
C ALA F 120 -115.04 -26.02 -57.25
N ALA F 121 -115.38 -26.89 -56.30
CA ALA F 121 -116.77 -27.00 -55.87
C ALA F 121 -117.19 -25.83 -54.98
N ILE F 122 -116.30 -25.40 -54.08
CA ILE F 122 -116.61 -24.28 -53.20
C ILE F 122 -116.85 -23.01 -54.01
N MET F 123 -116.00 -22.76 -55.01
CA MET F 123 -116.06 -21.53 -55.78
C MET F 123 -117.06 -21.61 -56.94
N GLY F 124 -117.77 -22.71 -57.09
CA GLY F 124 -118.81 -22.81 -58.11
C GLY F 124 -118.30 -22.88 -59.54
N HIS F 125 -117.11 -23.41 -59.76
CA HIS F 125 -116.57 -23.58 -61.11
C HIS F 125 -117.01 -24.94 -61.66
N LEU F 126 -118.29 -25.00 -62.03
CA LEU F 126 -118.89 -26.27 -62.46
C LEU F 126 -118.19 -26.84 -63.69
N GLU F 127 -117.73 -25.96 -64.60
CA GLU F 127 -117.04 -26.45 -65.78
C GLU F 127 -115.68 -27.06 -65.43
N ILE F 128 -115.02 -26.54 -64.40
CA ILE F 128 -113.74 -27.12 -63.99
C ILE F 128 -113.96 -28.39 -63.18
N VAL F 129 -115.03 -28.45 -62.39
CA VAL F 129 -115.34 -29.65 -61.62
C VAL F 129 -115.45 -30.86 -62.54
N GLU F 130 -116.16 -30.72 -63.66
CA GLU F 130 -116.37 -31.84 -64.56
C GLU F 130 -115.07 -32.30 -65.21
N VAL F 131 -114.15 -31.37 -65.47
CA VAL F 131 -112.86 -31.75 -66.04
C VAL F 131 -112.05 -32.56 -65.04
N LEU F 132 -111.98 -32.10 -63.80
CA LEU F 132 -111.27 -32.83 -62.76
C LEU F 132 -111.85 -34.22 -62.56
N LEU F 133 -113.18 -34.33 -62.51
CA LEU F 133 -113.82 -35.63 -62.32
C LEU F 133 -113.42 -36.62 -63.41
N LYS F 134 -113.41 -36.16 -64.67
CA LYS F 134 -113.09 -37.06 -65.77
C LYS F 134 -111.63 -37.43 -65.82
N HIS F 135 -110.76 -36.66 -65.15
CA HIS F 135 -109.37 -37.05 -64.96
C HIS F 135 -109.15 -37.88 -63.70
N GLY F 136 -110.21 -38.54 -63.21
CA GLY F 136 -110.11 -39.39 -62.05
C GLY F 136 -109.94 -38.65 -60.73
N ALA F 137 -110.84 -37.72 -60.43
CA ALA F 137 -110.84 -37.06 -59.14
C ALA F 137 -111.57 -37.94 -58.11
N ASP F 138 -111.13 -37.82 -56.86
CA ASP F 138 -111.70 -38.63 -55.78
C ASP F 138 -112.92 -37.89 -55.24
N VAL F 139 -114.11 -38.34 -55.66
CA VAL F 139 -115.35 -37.69 -55.23
C VAL F 139 -115.58 -37.87 -53.74
N ASN F 140 -115.11 -38.98 -53.17
CA ASN F 140 -115.30 -39.28 -51.75
C ASN F 140 -114.16 -38.75 -50.88
N ALA F 141 -113.27 -37.94 -51.43
CA ALA F 141 -112.16 -37.38 -50.65
C ALA F 141 -112.69 -36.43 -49.59
N GLN F 142 -112.09 -36.48 -48.40
CA GLN F 142 -112.51 -35.69 -47.26
C GLN F 142 -111.45 -34.66 -46.91
N ASP F 143 -111.88 -33.58 -46.26
CA ASP F 143 -110.99 -32.54 -45.77
C ASP F 143 -110.72 -32.73 -44.27
N LYS F 144 -110.16 -31.70 -43.64
CA LYS F 144 -109.88 -31.76 -42.20
C LYS F 144 -111.16 -31.94 -41.40
N PHE F 145 -112.16 -31.10 -41.66
CA PHE F 145 -113.43 -31.19 -40.93
C PHE F 145 -114.17 -32.49 -41.22
N GLY F 146 -113.83 -33.18 -42.30
CA GLY F 146 -114.46 -34.44 -42.65
C GLY F 146 -115.51 -34.36 -43.72
N LYS F 147 -115.42 -33.39 -44.62
CA LYS F 147 -116.46 -33.11 -45.60
C LYS F 147 -115.97 -33.45 -47.01
N THR F 148 -116.82 -34.12 -47.77
CA THR F 148 -116.52 -34.44 -49.16
C THR F 148 -116.93 -33.26 -50.05
N ALA F 149 -116.58 -33.38 -51.34
CA ALA F 149 -117.09 -32.44 -52.33
C ALA F 149 -118.60 -32.52 -52.45
N PHE F 150 -119.17 -33.72 -52.27
CA PHE F 150 -120.62 -33.87 -52.32
C PHE F 150 -121.30 -33.23 -51.12
N ASP F 151 -120.67 -33.32 -49.95
CA ASP F 151 -121.21 -32.66 -48.77
C ASP F 151 -121.24 -31.14 -48.93
N ILE F 152 -120.29 -30.60 -49.70
CA ILE F 152 -120.24 -29.15 -49.91
C ILE F 152 -121.43 -28.69 -50.74
N SER F 153 -121.81 -29.46 -51.76
CA SER F 153 -122.97 -29.11 -52.56
C SER F 153 -124.26 -29.20 -51.74
N ILE F 154 -124.34 -30.20 -50.86
CA ILE F 154 -125.48 -30.32 -49.95
C ILE F 154 -125.54 -29.11 -49.02
N ASP F 155 -124.40 -28.74 -48.45
CA ASP F 155 -124.38 -27.66 -47.47
C ASP F 155 -124.58 -26.29 -48.10
N ASN F 156 -124.18 -26.13 -49.36
CA ASN F 156 -124.16 -24.81 -50.00
C ASN F 156 -125.37 -24.54 -50.89
N GLY F 157 -126.33 -25.46 -50.96
CA GLY F 157 -127.56 -25.12 -51.63
C GLY F 157 -127.49 -25.25 -53.12
N ASN F 158 -126.40 -25.76 -53.65
CA ASN F 158 -126.14 -25.84 -55.07
C ASN F 158 -126.64 -27.20 -55.53
N GLU F 159 -127.80 -27.21 -56.21
CA GLU F 159 -128.31 -28.46 -56.77
C GLU F 159 -127.80 -28.68 -58.18
N ASP F 160 -127.38 -27.61 -58.85
CA ASP F 160 -126.68 -27.76 -60.12
C ASP F 160 -125.36 -28.50 -59.94
N LEU F 161 -124.74 -28.35 -58.76
CA LEU F 161 -123.47 -29.02 -58.49
C LEU F 161 -123.67 -30.45 -58.01
N ALA F 162 -124.72 -30.68 -57.21
CA ALA F 162 -125.01 -32.04 -56.74
C ALA F 162 -125.24 -32.99 -57.92
N GLU F 163 -125.94 -32.53 -58.95
CA GLU F 163 -126.16 -33.37 -60.12
C GLU F 163 -124.87 -33.59 -60.90
N ILE F 164 -123.99 -32.59 -60.94
CA ILE F 164 -122.74 -32.71 -61.66
C ILE F 164 -121.74 -33.59 -60.92
N LEU F 165 -121.96 -33.85 -59.63
CA LEU F 165 -121.05 -34.66 -58.84
C LEU F 165 -121.42 -36.14 -58.85
N GLN F 166 -122.67 -36.49 -59.10
CA GLN F 166 -123.10 -37.87 -59.18
C GLN F 166 -123.13 -38.40 -60.62
N LYS F 167 -122.79 -37.57 -61.59
CA LYS F 167 -122.74 -38.00 -62.99
C LYS F 167 -121.67 -39.06 -63.21
N ASP G 13 -16.35 12.38 8.04
CA ASP G 13 -15.86 11.02 8.24
C ASP G 13 -14.66 10.76 7.33
N LEU G 14 -13.53 10.37 7.93
CA LEU G 14 -12.33 10.07 7.16
C LEU G 14 -12.38 8.71 6.49
N GLY G 15 -13.18 7.77 7.02
CA GLY G 15 -13.37 6.50 6.37
C GLY G 15 -14.16 6.60 5.08
N LYS G 16 -14.93 7.69 4.92
CA LYS G 16 -15.72 7.90 3.71
C LYS G 16 -14.92 8.60 2.62
N LYS G 17 -13.95 9.44 2.98
CA LYS G 17 -13.08 10.05 1.99
C LYS G 17 -12.13 9.02 1.40
N LEU G 18 -11.72 8.02 2.19
CA LEU G 18 -10.82 6.99 1.70
C LEU G 18 -11.52 6.05 0.71
N LEU G 19 -12.84 5.90 0.84
CA LEU G 19 -13.58 5.15 -0.16
C LEU G 19 -13.72 5.95 -1.45
N GLU G 20 -14.01 7.25 -1.34
CA GLU G 20 -14.08 8.11 -2.51
C GLU G 20 -12.79 8.06 -3.32
N ALA G 21 -11.65 8.09 -2.64
CA ALA G 21 -10.36 8.10 -3.33
C ALA G 21 -10.05 6.74 -3.95
N ALA G 22 -10.12 5.67 -3.14
CA ALA G 22 -9.80 4.33 -3.62
C ALA G 22 -10.63 3.94 -4.83
N ARG G 23 -11.88 4.42 -4.89
CA ARG G 23 -12.73 4.17 -6.04
C ARG G 23 -12.27 4.93 -7.27
N ALA G 24 -12.36 6.27 -7.22
CA ALA G 24 -12.03 7.09 -8.38
C ALA G 24 -10.56 6.99 -8.77
N GLY G 25 -9.71 6.51 -7.87
CA GLY G 25 -8.33 6.20 -8.24
C GLY G 25 -7.35 7.36 -8.15
N GLN G 26 -7.36 8.08 -7.03
CA GLN G 26 -6.37 9.12 -6.77
C GLN G 26 -5.32 8.50 -5.84
N ASP G 27 -4.28 7.93 -6.45
CA ASP G 27 -3.27 7.19 -5.70
C ASP G 27 -2.63 8.04 -4.61
N ASP G 28 -2.33 9.31 -4.92
CA ASP G 28 -1.62 10.16 -3.98
C ASP G 28 -2.49 10.51 -2.77
N GLU G 29 -3.77 10.82 -3.01
CA GLU G 29 -4.63 11.28 -1.93
C GLU G 29 -5.11 10.14 -1.03
N VAL G 30 -4.77 8.89 -1.36
CA VAL G 30 -4.94 7.80 -0.41
C VAL G 30 -3.89 7.89 0.68
N ARG G 31 -2.63 8.09 0.29
CA ARG G 31 -1.55 8.26 1.27
C ARG G 31 -1.83 9.42 2.21
N ILE G 32 -2.41 10.51 1.69
CA ILE G 32 -2.77 11.65 2.55
C ILE G 32 -3.82 11.22 3.57
N LEU G 33 -4.90 10.60 3.09
CA LEU G 33 -6.00 10.23 3.99
C LEU G 33 -5.59 9.14 4.97
N MET G 34 -4.71 8.22 4.54
CA MET G 34 -4.27 7.16 5.43
C MET G 34 -3.26 7.66 6.47
N ALA G 35 -2.44 8.64 6.09
CA ALA G 35 -1.57 9.29 7.08
C ALA G 35 -2.37 10.04 8.14
N ASN G 36 -3.62 10.36 7.85
CA ASN G 36 -4.54 10.91 8.84
C ASN G 36 -5.31 9.82 9.60
N GLY G 37 -4.85 8.57 9.50
CA GLY G 37 -5.45 7.48 10.25
C GLY G 37 -6.85 7.09 9.81
N ALA G 38 -7.09 7.06 8.51
CA ALA G 38 -8.41 6.68 8.01
C ALA G 38 -8.60 5.17 8.14
N ASP G 39 -9.86 4.76 8.32
CA ASP G 39 -10.18 3.36 8.54
C ASP G 39 -9.97 2.58 7.24
N VAL G 40 -8.96 1.72 7.23
CA VAL G 40 -8.62 0.98 6.02
C VAL G 40 -9.76 0.06 5.60
N ASN G 41 -10.51 -0.45 6.57
CA ASN G 41 -11.64 -1.33 6.32
C ASN G 41 -12.97 -0.62 6.56
N ALA G 42 -13.03 0.65 6.18
CA ALA G 42 -14.26 1.43 6.33
C ALA G 42 -15.31 0.99 5.31
N THR G 43 -16.49 0.64 5.81
CA THR G 43 -17.59 0.20 4.96
C THR G 43 -18.44 1.39 4.54
N ASP G 44 -18.84 1.39 3.27
CA ASP G 44 -19.77 2.41 2.78
C ASP G 44 -21.20 2.06 3.20
N ALA G 45 -22.11 1.90 2.25
CA ALA G 45 -23.50 1.57 2.57
C ALA G 45 -23.76 0.07 2.41
N SER G 46 -23.32 -0.52 1.31
CA SER G 46 -23.52 -1.95 1.07
C SER G 46 -22.34 -2.80 1.56
N GLY G 47 -21.53 -2.28 2.48
CA GLY G 47 -20.50 -3.07 3.10
C GLY G 47 -19.21 -3.20 2.31
N LEU G 48 -18.95 -2.29 1.39
CA LEU G 48 -17.79 -2.38 0.51
C LEU G 48 -16.62 -1.59 1.10
N THR G 49 -15.54 -2.29 1.39
CA THR G 49 -14.31 -1.66 1.87
C THR G 49 -13.60 -0.99 0.71
N PRO G 50 -12.62 -0.11 0.99
CA PRO G 50 -11.84 0.48 -0.12
C PRO G 50 -11.13 -0.55 -0.96
N LEU G 51 -10.69 -1.67 -0.35
CA LEU G 51 -10.06 -2.74 -1.13
C LEU G 51 -11.02 -3.31 -2.17
N HIS G 52 -12.29 -3.45 -1.80
CA HIS G 52 -13.32 -3.82 -2.78
C HIS G 52 -13.30 -2.87 -3.97
N LEU G 53 -13.39 -1.56 -3.70
CA LEU G 53 -13.57 -0.58 -4.78
C LEU G 53 -12.34 -0.48 -5.67
N ALA G 54 -11.14 -0.47 -5.08
CA ALA G 54 -9.93 -0.41 -5.88
C ALA G 54 -9.76 -1.67 -6.73
N ALA G 55 -10.14 -2.83 -6.20
CA ALA G 55 -10.05 -4.06 -6.97
C ALA G 55 -11.11 -4.16 -8.06
N THR G 56 -12.14 -3.32 -8.00
CA THR G 56 -13.14 -3.31 -9.05
C THR G 56 -12.70 -2.48 -10.25
N TYR G 57 -12.10 -1.31 -9.99
CA TYR G 57 -11.80 -0.34 -11.03
C TYR G 57 -10.31 -0.35 -11.41
N GLY G 58 -9.56 -1.36 -10.99
CA GLY G 58 -8.20 -1.56 -11.44
C GLY G 58 -7.21 -0.48 -11.06
N HIS G 59 -6.94 -0.33 -9.77
CA HIS G 59 -5.96 0.62 -9.25
C HIS G 59 -4.94 -0.18 -8.44
N LEU G 60 -3.96 -0.75 -9.14
CA LEU G 60 -3.08 -1.75 -8.55
C LEU G 60 -2.27 -1.19 -7.38
N GLU G 61 -1.74 0.02 -7.53
CA GLU G 61 -0.94 0.60 -6.47
C GLU G 61 -1.78 0.88 -5.22
N ILE G 62 -3.07 1.17 -5.40
CA ILE G 62 -3.93 1.43 -4.24
C ILE G 62 -4.28 0.12 -3.53
N VAL G 63 -4.37 -1.00 -4.27
CA VAL G 63 -4.62 -2.29 -3.65
C VAL G 63 -3.45 -2.69 -2.75
N GLU G 64 -2.23 -2.62 -3.29
CA GLU G 64 -1.07 -3.03 -2.52
C GLU G 64 -0.80 -2.10 -1.35
N VAL G 65 -1.20 -0.82 -1.47
CA VAL G 65 -1.06 0.10 -0.34
C VAL G 65 -2.01 -0.27 0.79
N LEU G 66 -3.27 -0.56 0.45
CA LEU G 66 -4.25 -0.90 1.49
C LEU G 66 -3.94 -2.26 2.12
N LEU G 67 -3.52 -3.24 1.31
CA LEU G 67 -3.24 -4.57 1.83
C LEU G 67 -2.10 -4.54 2.85
N LYS G 68 -1.02 -3.83 2.54
CA LYS G 68 0.13 -3.80 3.45
C LYS G 68 -0.11 -2.92 4.68
N HIS G 69 -1.17 -2.12 4.69
CA HIS G 69 -1.58 -1.40 5.89
C HIS G 69 -2.61 -2.15 6.70
N GLY G 70 -3.12 -3.26 6.17
CA GLY G 70 -3.97 -4.17 6.91
C GLY G 70 -5.39 -4.04 6.42
N ALA G 71 -5.65 -4.62 5.26
CA ALA G 71 -6.98 -4.60 4.66
C ALA G 71 -7.48 -6.04 4.62
N ASP G 72 -8.71 -6.24 5.07
CA ASP G 72 -9.23 -7.60 5.14
C ASP G 72 -9.35 -8.12 3.71
N VAL G 73 -8.44 -9.02 3.34
CA VAL G 73 -8.39 -9.52 1.97
C VAL G 73 -9.62 -10.37 1.69
N ASN G 74 -10.21 -10.96 2.72
CA ASN G 74 -11.37 -11.83 2.59
C ASN G 74 -12.59 -11.18 3.23
N ALA G 75 -12.64 -9.85 3.21
CA ALA G 75 -13.81 -9.12 3.67
C ALA G 75 -14.95 -9.32 2.69
N ILE G 76 -16.14 -9.58 3.22
CA ILE G 76 -17.33 -9.68 2.41
C ILE G 76 -18.15 -8.41 2.59
N ASP G 77 -19.15 -8.23 1.73
CA ASP G 77 -20.04 -7.09 1.84
C ASP G 77 -21.45 -7.58 2.17
N ILE G 78 -22.46 -6.74 1.89
CA ILE G 78 -23.83 -7.14 2.18
C ILE G 78 -24.27 -8.31 1.31
N MET G 79 -23.66 -8.50 0.15
CA MET G 79 -23.99 -9.59 -0.75
C MET G 79 -22.95 -10.70 -0.76
N GLY G 80 -22.02 -10.69 0.20
CA GLY G 80 -21.03 -11.75 0.28
C GLY G 80 -19.92 -11.66 -0.75
N SER G 81 -19.69 -10.49 -1.33
CA SER G 81 -18.68 -10.31 -2.36
C SER G 81 -17.35 -9.98 -1.71
N THR G 82 -16.34 -10.82 -1.97
CA THR G 82 -14.97 -10.52 -1.61
C THR G 82 -14.32 -9.67 -2.69
N PRO G 83 -13.22 -8.97 -2.37
CA PRO G 83 -12.51 -8.23 -3.42
C PRO G 83 -12.01 -9.11 -4.55
N LEU G 84 -11.71 -10.39 -4.28
CA LEU G 84 -11.31 -11.30 -5.34
C LEU G 84 -12.47 -11.60 -6.28
N HIS G 85 -13.70 -11.64 -5.76
CA HIS G 85 -14.88 -11.73 -6.61
C HIS G 85 -14.89 -10.59 -7.63
N LEU G 86 -14.73 -9.36 -7.15
CA LEU G 86 -14.88 -8.19 -8.02
C LEU G 86 -13.71 -8.07 -8.99
N ALA G 87 -12.51 -8.44 -8.56
CA ALA G 87 -11.36 -8.43 -9.46
C ALA G 87 -11.52 -9.46 -10.56
N ALA G 88 -11.99 -10.67 -10.21
CA ALA G 88 -12.18 -11.71 -11.21
C ALA G 88 -13.37 -11.43 -12.11
N LEU G 89 -14.31 -10.61 -11.66
CA LEU G 89 -15.43 -10.21 -12.50
C LEU G 89 -14.98 -9.24 -13.58
N ILE G 90 -14.36 -8.13 -13.17
CA ILE G 90 -13.98 -7.09 -14.12
C ILE G 90 -12.79 -7.52 -14.96
N GLY G 91 -11.93 -8.38 -14.43
CA GLY G 91 -10.80 -8.88 -15.21
C GLY G 91 -9.52 -8.10 -15.00
N HIS G 92 -9.07 -8.00 -13.76
CA HIS G 92 -7.85 -7.29 -13.40
C HIS G 92 -6.81 -8.32 -12.98
N LEU G 93 -6.14 -8.90 -13.97
CA LEU G 93 -5.18 -9.98 -13.72
C LEU G 93 -4.07 -9.56 -12.77
N GLU G 94 -3.59 -8.32 -12.91
CA GLU G 94 -2.55 -7.81 -12.01
C GLU G 94 -3.02 -7.84 -10.56
N ILE G 95 -4.28 -7.50 -10.31
CA ILE G 95 -4.78 -7.42 -8.95
C ILE G 95 -5.11 -8.81 -8.39
N VAL G 96 -5.59 -9.71 -9.25
CA VAL G 96 -5.97 -11.05 -8.81
C VAL G 96 -4.80 -11.75 -8.13
N GLU G 97 -3.63 -11.72 -8.77
CA GLU G 97 -2.47 -12.40 -8.20
C GLU G 97 -1.95 -11.70 -6.94
N VAL G 98 -2.19 -10.38 -6.82
CA VAL G 98 -1.81 -9.68 -5.61
C VAL G 98 -2.69 -10.12 -4.43
N LEU G 99 -3.99 -10.22 -4.66
CA LEU G 99 -4.91 -10.67 -3.60
C LEU G 99 -4.59 -12.09 -3.17
N LEU G 100 -4.46 -13.00 -4.14
CA LEU G 100 -4.17 -14.40 -3.81
C LEU G 100 -2.86 -14.53 -3.04
N LYS G 101 -1.85 -13.75 -3.42
CA LYS G 101 -0.58 -13.77 -2.69
C LYS G 101 -0.75 -13.27 -1.26
N HIS G 102 -1.72 -12.37 -1.04
CA HIS G 102 -2.05 -11.91 0.30
C HIS G 102 -3.11 -12.76 0.97
N GLY G 103 -3.24 -14.02 0.58
CA GLY G 103 -4.16 -14.95 1.23
C GLY G 103 -5.62 -14.70 0.94
N ALA G 104 -5.97 -14.59 -0.34
CA ALA G 104 -7.36 -14.41 -0.71
C ALA G 104 -8.08 -15.77 -0.74
N ASP G 105 -9.40 -15.72 -0.65
CA ASP G 105 -10.21 -16.94 -0.61
C ASP G 105 -10.51 -17.34 -2.05
N VAL G 106 -9.85 -18.38 -2.53
CA VAL G 106 -9.96 -18.78 -3.93
C VAL G 106 -11.32 -19.40 -4.21
N ASN G 107 -11.92 -20.05 -3.22
CA ASN G 107 -13.22 -20.70 -3.36
C ASN G 107 -14.26 -20.03 -2.48
N ALA G 108 -14.17 -18.70 -2.35
CA ALA G 108 -15.19 -17.93 -1.66
C ALA G 108 -16.51 -18.01 -2.42
N VAL G 109 -17.61 -18.00 -1.66
CA VAL G 109 -18.95 -17.99 -2.24
C VAL G 109 -19.63 -16.68 -1.86
N ASP G 110 -20.54 -16.23 -2.71
CA ASP G 110 -21.34 -15.03 -2.48
C ASP G 110 -22.82 -15.42 -2.46
N THR G 111 -23.67 -14.42 -2.19
CA THR G 111 -25.09 -14.66 -1.95
C THR G 111 -25.79 -15.33 -3.11
N TRP G 112 -25.27 -15.20 -4.33
CA TRP G 112 -25.85 -15.86 -5.49
C TRP G 112 -25.22 -17.23 -5.75
N GLY G 113 -24.31 -17.68 -4.89
CA GLY G 113 -23.70 -18.99 -5.01
C GLY G 113 -22.49 -19.06 -5.90
N ASP G 114 -22.02 -17.94 -6.42
CA ASP G 114 -20.89 -17.92 -7.35
C ASP G 114 -19.56 -17.87 -6.60
N THR G 115 -18.56 -18.53 -7.17
CA THR G 115 -17.17 -18.39 -6.79
C THR G 115 -16.48 -17.41 -7.73
N PRO G 116 -15.31 -16.91 -7.38
CA PRO G 116 -14.54 -16.10 -8.34
C PRO G 116 -14.29 -16.80 -9.66
N LEU G 117 -14.20 -18.13 -9.66
CA LEU G 117 -14.04 -18.86 -10.92
C LEU G 117 -15.27 -18.73 -11.81
N HIS G 118 -16.46 -18.67 -11.21
CA HIS G 118 -17.68 -18.46 -11.99
C HIS G 118 -17.63 -17.12 -12.73
N LEU G 119 -17.21 -16.06 -12.04
CA LEU G 119 -17.27 -14.72 -12.63
C LEU G 119 -16.24 -14.55 -13.73
N ALA G 120 -15.02 -15.05 -13.51
CA ALA G 120 -13.99 -14.95 -14.54
C ALA G 120 -14.34 -15.76 -15.77
N ALA G 121 -15.08 -16.86 -15.59
CA ALA G 121 -15.50 -17.66 -16.73
C ALA G 121 -16.64 -17.02 -17.51
N ILE G 122 -17.61 -16.42 -16.79
CA ILE G 122 -18.73 -15.76 -17.45
C ILE G 122 -18.25 -14.60 -18.31
N MET G 123 -17.31 -13.81 -17.79
CA MET G 123 -16.82 -12.63 -18.49
C MET G 123 -15.71 -12.94 -19.49
N GLY G 124 -15.35 -14.20 -19.65
CA GLY G 124 -14.37 -14.58 -20.65
C GLY G 124 -12.95 -14.16 -20.34
N HIS G 125 -12.59 -14.04 -19.06
CA HIS G 125 -11.23 -13.70 -18.67
C HIS G 125 -10.41 -14.99 -18.54
N LEU G 126 -10.08 -15.55 -19.71
CA LEU G 126 -9.40 -16.84 -19.75
C LEU G 126 -8.05 -16.80 -19.03
N GLU G 127 -7.34 -15.67 -19.11
CA GLU G 127 -6.05 -15.57 -18.43
C GLU G 127 -6.20 -15.58 -16.92
N ILE G 128 -7.30 -15.03 -16.40
CA ILE G 128 -7.53 -15.04 -14.96
C ILE G 128 -8.04 -16.41 -14.51
N VAL G 129 -8.84 -17.07 -15.35
CA VAL G 129 -9.35 -18.40 -15.04
C VAL G 129 -8.19 -19.35 -14.70
N GLU G 130 -7.14 -19.32 -15.52
CA GLU G 130 -6.00 -20.21 -15.30
C GLU G 130 -5.26 -19.88 -14.01
N VAL G 131 -5.22 -18.61 -13.63
CA VAL G 131 -4.57 -18.23 -12.37
C VAL G 131 -5.35 -18.78 -11.18
N LEU G 132 -6.67 -18.58 -11.18
CA LEU G 132 -7.49 -19.10 -10.09
C LEU G 132 -7.38 -20.62 -9.97
N LEU G 133 -7.46 -21.33 -11.10
CA LEU G 133 -7.37 -22.78 -11.08
C LEU G 133 -6.08 -23.26 -10.43
N LYS G 134 -4.95 -22.63 -10.78
CA LYS G 134 -3.67 -23.07 -10.25
C LYS G 134 -3.51 -22.73 -8.78
N HIS G 135 -4.31 -21.81 -8.25
CA HIS G 135 -4.39 -21.56 -6.82
C HIS G 135 -5.43 -22.44 -6.13
N GLY G 136 -5.79 -23.58 -6.73
CA GLY G 136 -6.74 -24.50 -6.13
C GLY G 136 -8.17 -24.01 -6.13
N ALA G 137 -8.69 -23.65 -7.30
CA ALA G 137 -10.09 -23.29 -7.44
C ALA G 137 -10.95 -24.55 -7.57
N ASP G 138 -12.20 -24.44 -7.11
CA ASP G 138 -13.14 -25.56 -7.15
C ASP G 138 -13.82 -25.55 -8.51
N VAL G 139 -13.34 -26.40 -9.42
CA VAL G 139 -13.91 -26.45 -10.76
C VAL G 139 -15.33 -26.99 -10.74
N ASN G 140 -15.62 -27.89 -9.79
CA ASN G 140 -16.94 -28.49 -9.68
C ASN G 140 -17.87 -27.71 -8.76
N ALA G 141 -17.48 -26.51 -8.34
CA ALA G 141 -18.32 -25.70 -7.48
C ALA G 141 -19.58 -25.27 -8.21
N GLN G 142 -20.71 -25.28 -7.51
CA GLN G 142 -22.01 -24.97 -8.08
C GLN G 142 -22.54 -23.66 -7.55
N ASP G 143 -23.43 -23.05 -8.33
CA ASP G 143 -24.11 -21.82 -7.94
C ASP G 143 -25.51 -22.14 -7.43
N LYS G 144 -26.35 -21.11 -7.31
CA LYS G 144 -27.72 -21.31 -6.86
C LYS G 144 -28.50 -22.18 -7.84
N PHE G 145 -28.45 -21.85 -9.14
CA PHE G 145 -29.16 -22.61 -10.14
C PHE G 145 -28.62 -24.03 -10.30
N GLY G 146 -27.40 -24.29 -9.83
CA GLY G 146 -26.82 -25.60 -9.89
C GLY G 146 -25.82 -25.83 -11.00
N LYS G 147 -25.14 -24.79 -11.46
CA LYS G 147 -24.28 -24.85 -12.63
C LYS G 147 -22.83 -24.66 -12.22
N THR G 148 -21.95 -25.50 -12.75
CA THR G 148 -20.52 -25.36 -12.51
C THR G 148 -19.91 -24.36 -13.48
N ALA G 149 -18.62 -24.06 -13.27
CA ALA G 149 -17.87 -23.28 -14.25
C ALA G 149 -17.77 -24.01 -15.58
N PHE G 150 -17.72 -25.35 -15.55
CA PHE G 150 -17.67 -26.13 -16.77
C PHE G 150 -19.00 -26.06 -17.52
N ASP G 151 -20.11 -26.03 -16.78
CA ASP G 151 -21.42 -25.88 -17.43
C ASP G 151 -21.55 -24.55 -18.15
N ILE G 152 -20.91 -23.50 -17.63
CA ILE G 152 -21.02 -22.20 -18.27
C ILE G 152 -20.31 -22.21 -19.62
N SER G 153 -19.16 -22.88 -19.70
CA SER G 153 -18.46 -22.99 -20.99
C SER G 153 -19.27 -23.82 -21.97
N ILE G 154 -19.94 -24.87 -21.49
CA ILE G 154 -20.83 -25.66 -22.34
C ILE G 154 -21.99 -24.80 -22.82
N ASP G 155 -22.60 -24.04 -21.91
CA ASP G 155 -23.79 -23.27 -22.25
C ASP G 155 -23.47 -22.05 -23.12
N ASN G 156 -22.27 -21.49 -22.99
CA ASN G 156 -21.94 -20.22 -23.61
C ASN G 156 -21.15 -20.36 -24.90
N GLY G 157 -20.90 -21.57 -25.38
CA GLY G 157 -20.33 -21.70 -26.69
C GLY G 157 -18.84 -21.51 -26.75
N ASN G 158 -18.21 -21.36 -25.60
CA ASN G 158 -16.79 -21.06 -25.49
C ASN G 158 -16.07 -22.40 -25.38
N GLU G 159 -15.44 -22.82 -26.47
CA GLU G 159 -14.64 -24.05 -26.43
C GLU G 159 -13.21 -23.75 -26.02
N ASP G 160 -12.76 -22.50 -26.20
CA ASP G 160 -11.49 -22.09 -25.65
C ASP G 160 -11.49 -22.17 -24.13
N LEU G 161 -12.65 -21.96 -23.50
CA LEU G 161 -12.74 -22.03 -22.05
C LEU G 161 -12.93 -23.46 -21.55
N ALA G 162 -13.69 -24.28 -22.30
CA ALA G 162 -13.87 -25.68 -21.92
C ALA G 162 -12.53 -26.41 -21.86
N GLU G 163 -11.65 -26.13 -22.81
CA GLU G 163 -10.33 -26.76 -22.80
C GLU G 163 -9.49 -26.24 -21.65
N ILE G 164 -9.63 -24.95 -21.31
CA ILE G 164 -8.85 -24.37 -20.22
C ILE G 164 -9.38 -24.81 -18.86
N LEU G 165 -10.58 -25.36 -18.79
CA LEU G 165 -11.16 -25.81 -17.52
C LEU G 165 -10.85 -27.27 -17.20
N GLN G 166 -10.57 -28.09 -18.21
CA GLN G 166 -10.23 -29.48 -18.01
C GLN G 166 -8.72 -29.73 -17.98
N LYS G 167 -7.92 -28.68 -18.13
CA LYS G 167 -6.47 -28.79 -18.08
C LYS G 167 -6.00 -29.24 -16.70
N ARG H 2 -11.99 21.34 8.91
CA ARG H 2 -11.13 21.17 10.08
C ARG H 2 -11.85 21.57 11.36
N GLU H 3 -12.58 22.68 11.30
CA GLU H 3 -12.83 23.50 12.49
C GLU H 3 -13.92 22.89 13.36
N CYS H 4 -13.94 23.34 14.62
CA CYS H 4 -14.87 22.85 15.63
C CYS H 4 -15.35 24.03 16.47
N ILE H 5 -16.66 24.11 16.70
CA ILE H 5 -17.28 25.21 17.43
C ILE H 5 -17.66 24.74 18.82
N SER H 6 -17.32 25.54 19.83
CA SER H 6 -17.69 25.28 21.21
C SER H 6 -18.85 26.19 21.60
N ILE H 7 -19.77 25.65 22.38
CA ILE H 7 -20.93 26.39 22.89
C ILE H 7 -21.06 26.13 24.38
N HIS H 8 -21.39 27.17 25.13
CA HIS H 8 -21.43 27.10 26.59
C HIS H 8 -22.78 27.61 27.07
N VAL H 9 -23.52 26.75 27.77
CA VAL H 9 -24.91 27.01 28.14
C VAL H 9 -25.01 26.91 29.66
N GLY H 10 -25.68 27.90 30.27
CA GLY H 10 -25.80 27.97 31.71
C GLY H 10 -24.52 28.33 32.41
N GLN H 11 -24.62 28.70 33.69
CA GLN H 11 -23.45 29.06 34.48
C GLN H 11 -22.38 27.96 34.43
N ALA H 12 -22.79 26.71 34.55
CA ALA H 12 -21.85 25.59 34.49
C ALA H 12 -21.04 25.63 33.19
N GLY H 13 -21.74 25.59 32.05
CA GLY H 13 -21.05 25.69 30.77
C GLY H 13 -20.14 26.89 30.68
N VAL H 14 -20.67 28.07 31.01
CA VAL H 14 -19.90 29.30 30.85
C VAL H 14 -18.68 29.32 31.75
N GLN H 15 -18.85 28.90 33.01
CA GLN H 15 -17.73 28.98 33.96
C GLN H 15 -16.71 27.87 33.74
N ILE H 16 -17.15 26.69 33.31
CA ILE H 16 -16.19 25.67 32.89
C ILE H 16 -15.51 26.08 31.59
N GLY H 17 -16.26 26.75 30.70
CA GLY H 17 -15.65 27.29 29.50
C GLY H 17 -14.49 28.21 29.79
N ASN H 18 -14.68 29.16 30.72
CA ASN H 18 -13.59 30.04 31.13
C ASN H 18 -12.36 29.25 31.56
N ALA H 19 -12.57 28.22 32.39
CA ALA H 19 -11.45 27.41 32.85
C ALA H 19 -10.75 26.68 31.70
N CYS H 20 -11.52 26.27 30.68
CA CYS H 20 -10.92 25.54 29.56
C CYS H 20 -10.18 26.48 28.61
N TRP H 21 -10.78 27.62 28.27
CA TRP H 21 -10.11 28.55 27.36
C TRP H 21 -8.96 29.27 28.03
N GLU H 22 -9.01 29.44 29.35
CA GLU H 22 -7.80 29.81 30.09
C GLU H 22 -6.71 28.77 29.89
N LEU H 23 -7.07 27.49 29.99
CA LEU H 23 -6.09 26.42 29.86
C LEU H 23 -5.68 26.18 28.41
N TYR H 24 -6.59 26.40 27.46
CA TYR H 24 -6.21 26.30 26.05
C TYR H 24 -5.20 27.37 25.66
N CYS H 25 -5.36 28.59 26.18
CA CYS H 25 -4.46 29.68 25.79
C CYS H 25 -3.08 29.51 26.40
N LEU H 26 -2.98 28.85 27.54
CA LEU H 26 -1.67 28.53 28.10
C LEU H 26 -1.00 27.41 27.32
N GLU H 27 -1.78 26.41 26.90
CA GLU H 27 -1.21 25.30 26.13
C GLU H 27 -0.77 25.77 24.74
N HIS H 28 -1.38 26.80 24.20
CA HIS H 28 -1.06 27.31 22.87
C HIS H 28 -0.28 28.61 22.92
N GLY H 29 0.21 29.01 24.09
CA GLY H 29 0.97 30.25 24.23
C GLY H 29 0.27 31.49 23.72
N ILE H 30 -1.06 31.52 23.80
CA ILE H 30 -1.85 32.67 23.36
C ILE H 30 -2.05 33.60 24.54
N GLN H 31 -2.00 34.90 24.28
CA GLN H 31 -2.04 35.93 25.30
C GLN H 31 -3.48 36.27 25.67
N PRO H 32 -3.70 36.86 26.85
CA PRO H 32 -5.07 37.28 27.20
C PRO H 32 -5.65 38.30 26.24
N ASP H 33 -4.81 39.17 25.66
CA ASP H 33 -5.25 40.12 24.66
C ASP H 33 -5.46 39.49 23.29
N GLY H 34 -5.11 38.21 23.12
CA GLY H 34 -5.33 37.51 21.87
C GLY H 34 -4.08 37.30 21.05
N GLN H 35 -2.98 37.97 21.38
CA GLN H 35 -1.77 37.89 20.58
C GLN H 35 -1.07 36.55 20.80
N MET H 36 -0.02 36.33 20.01
CA MET H 36 0.74 35.09 20.04
C MET H 36 2.12 35.33 19.45
N PRO H 37 3.20 35.08 20.21
CA PRO H 37 4.55 35.28 19.67
C PRO H 37 5.02 34.05 18.91
N SER H 38 4.09 33.17 18.55
CA SER H 38 4.42 31.88 17.98
C SER H 38 3.50 31.56 16.79
N ASP H 47 -2.50 25.24 10.61
CA ASP H 47 -1.91 24.62 11.79
C ASP H 47 -2.91 23.73 12.52
N SER H 48 -2.41 22.94 13.46
CA SER H 48 -3.26 22.02 14.20
C SER H 48 -4.13 22.73 15.23
N PHE H 49 -3.65 23.84 15.80
CA PHE H 49 -4.39 24.53 16.85
C PHE H 49 -5.50 25.40 16.32
N ASN H 50 -5.51 25.74 15.02
CA ASN H 50 -6.56 26.55 14.45
C ASN H 50 -7.85 25.77 14.21
N THR H 51 -7.90 24.51 14.65
CA THR H 51 -9.18 23.82 14.77
C THR H 51 -10.11 24.56 15.72
N PHE H 52 -9.56 25.20 16.74
CA PHE H 52 -10.32 25.85 17.79
C PHE H 52 -10.34 27.37 17.68
N PHE H 53 -9.29 27.97 17.14
CA PHE H 53 -9.16 29.43 17.06
C PHE H 53 -9.19 29.88 15.61
N SER H 54 -9.73 31.08 15.40
CA SER H 54 -9.64 31.78 14.13
C SER H 54 -8.59 32.89 14.24
N GLU H 55 -8.43 33.66 13.17
CA GLU H 55 -7.37 34.67 13.12
C GLU H 55 -7.90 35.97 12.54
N THR H 56 -7.53 37.08 13.18
CA THR H 56 -7.79 38.41 12.67
C THR H 56 -6.66 38.83 11.74
N GLY H 57 -6.96 39.82 10.88
CA GLY H 57 -5.94 40.40 10.04
C GLY H 57 -4.80 41.04 10.81
N ALA H 58 -5.05 41.45 12.05
CA ALA H 58 -4.04 42.09 12.89
C ALA H 58 -3.30 41.10 13.78
N GLY H 59 -3.19 39.84 13.36
CA GLY H 59 -2.44 38.86 14.13
C GLY H 59 -3.06 38.44 15.43
N LYS H 60 -4.37 38.55 15.56
CA LYS H 60 -5.08 38.21 16.79
C LYS H 60 -5.84 36.91 16.60
N HIS H 61 -5.83 36.07 17.64
CA HIS H 61 -6.38 34.71 17.57
C HIS H 61 -7.64 34.67 18.44
N VAL H 62 -8.79 34.49 17.80
CA VAL H 62 -10.08 34.54 18.47
C VAL H 62 -10.65 33.12 18.59
N PRO H 63 -11.19 32.74 19.75
CA PRO H 63 -11.81 31.42 19.89
C PRO H 63 -13.05 31.28 19.01
N ARG H 64 -13.33 30.04 18.62
CA ARG H 64 -14.57 29.70 17.91
C ARG H 64 -15.60 29.22 18.92
N ALA H 65 -16.13 30.18 19.69
CA ALA H 65 -16.94 29.84 20.85
C ALA H 65 -18.11 30.79 20.99
N VAL H 66 -19.22 30.26 21.51
CA VAL H 66 -20.40 31.03 21.86
C VAL H 66 -20.72 30.75 23.33
N PHE H 67 -21.01 31.81 24.08
CA PHE H 67 -21.41 31.69 25.47
C PHE H 67 -22.86 32.12 25.61
N VAL H 68 -23.67 31.29 26.27
CA VAL H 68 -25.09 31.55 26.41
C VAL H 68 -25.49 31.36 27.87
N ASP H 69 -26.29 32.30 28.38
CA ASP H 69 -26.88 32.22 29.70
C ASP H 69 -28.13 33.10 29.67
N LEU H 70 -29.19 32.64 30.33
CA LEU H 70 -30.44 33.39 30.29
C LEU H 70 -30.46 34.50 31.33
N GLU H 71 -29.28 35.01 31.69
CA GLU H 71 -29.11 35.93 32.80
C GLU H 71 -27.67 36.44 32.79
N PRO H 72 -27.48 37.76 32.93
CA PRO H 72 -26.16 38.35 32.63
C PRO H 72 -25.02 37.96 33.57
N THR H 73 -25.26 37.95 34.89
CA THR H 73 -24.20 37.98 35.90
C THR H 73 -22.95 37.17 35.55
N VAL H 74 -23.14 35.93 35.10
CA VAL H 74 -21.99 35.05 34.89
C VAL H 74 -21.19 35.50 33.67
N ILE H 75 -21.87 35.80 32.56
CA ILE H 75 -21.17 36.21 31.35
C ILE H 75 -20.69 37.66 31.45
N ASP H 76 -21.33 38.48 32.29
CA ASP H 76 -20.82 39.82 32.54
C ASP H 76 -19.40 39.80 33.08
N GLU H 77 -19.08 38.82 33.93
CA GLU H 77 -17.74 38.70 34.45
C GLU H 77 -16.74 38.26 33.39
N VAL H 78 -17.19 37.61 32.32
CA VAL H 78 -16.31 37.25 31.23
C VAL H 78 -15.81 38.50 30.51
N ARG H 79 -16.75 39.38 30.11
CA ARG H 79 -16.44 40.58 29.35
C ARG H 79 -15.91 41.73 30.22
N THR H 80 -15.71 41.48 31.52
CA THR H 80 -14.98 42.43 32.36
C THR H 80 -13.85 41.71 33.11
N GLY H 81 -13.49 40.50 32.66
CA GLY H 81 -12.48 39.71 33.32
C GLY H 81 -11.13 39.76 32.63
N THR H 82 -10.25 38.86 33.07
CA THR H 82 -8.92 38.75 32.48
C THR H 82 -8.97 38.58 30.96
N TYR H 83 -9.89 37.77 30.46
CA TYR H 83 -10.01 37.48 29.03
C TYR H 83 -11.17 38.22 28.39
N ARG H 84 -11.38 39.48 28.77
CA ARG H 84 -12.44 40.28 28.16
C ARG H 84 -12.14 40.60 26.70
N GLN H 85 -10.86 40.78 26.37
CA GLN H 85 -10.46 41.12 25.00
C GLN H 85 -10.45 39.91 24.08
N LEU H 86 -10.42 38.70 24.64
CA LEU H 86 -10.28 37.50 23.82
C LEU H 86 -11.51 37.26 22.95
N PHE H 87 -12.71 37.45 23.51
CA PHE H 87 -13.95 37.17 22.79
C PHE H 87 -14.48 38.44 22.13
N HIS H 88 -15.08 38.26 20.95
CA HIS H 88 -15.87 39.32 20.37
C HIS H 88 -17.17 39.49 21.17
N PRO H 89 -17.61 40.73 21.41
CA PRO H 89 -18.80 40.93 22.25
C PRO H 89 -20.06 40.27 21.71
N GLU H 90 -20.17 40.07 20.41
CA GLU H 90 -21.33 39.38 19.85
C GLU H 90 -21.33 37.88 20.16
N GLN H 91 -20.20 37.34 20.64
CA GLN H 91 -20.13 35.93 20.98
C GLN H 91 -20.74 35.66 22.35
N LEU H 92 -20.74 36.65 23.23
CA LEU H 92 -21.25 36.51 24.59
C LEU H 92 -22.69 37.00 24.60
N ILE H 93 -23.64 36.07 24.76
CA ILE H 93 -25.06 36.37 24.68
C ILE H 93 -25.69 36.16 26.05
N THR H 94 -26.50 37.13 26.48
CA THR H 94 -27.20 37.06 27.75
C THR H 94 -28.64 37.54 27.59
N GLY H 95 -29.55 36.87 28.30
CA GLY H 95 -30.90 37.36 28.49
C GLY H 95 -31.03 38.16 29.77
N LYS H 96 -32.23 38.17 30.33
CA LYS H 96 -32.45 38.90 31.57
C LYS H 96 -33.07 38.01 32.64
N GLU H 97 -34.16 37.32 32.30
CA GLU H 97 -34.79 36.39 33.23
C GLU H 97 -34.21 34.99 33.05
N ASP H 98 -33.70 34.42 34.14
CA ASP H 98 -33.13 33.08 34.12
C ASP H 98 -34.24 32.03 34.08
N ALA H 99 -33.83 30.76 33.97
CA ALA H 99 -34.76 29.65 33.92
C ALA H 99 -35.22 29.18 35.29
N ALA H 100 -34.54 29.59 36.35
CA ALA H 100 -34.92 29.26 37.73
C ALA H 100 -35.02 27.75 37.95
N ASN H 101 -33.94 27.04 37.60
CA ASN H 101 -33.82 25.60 37.83
C ASN H 101 -35.02 24.84 37.26
N ASN H 102 -35.58 25.34 36.17
CA ASN H 102 -36.80 24.78 35.58
C ASN H 102 -36.51 24.45 34.13
N TYR H 103 -36.49 23.16 33.80
CA TYR H 103 -36.27 22.73 32.43
C TYR H 103 -37.30 23.35 31.49
N ALA H 104 -38.55 23.46 31.95
CA ALA H 104 -39.60 24.04 31.11
C ALA H 104 -39.26 25.46 30.67
N ARG H 105 -38.78 26.28 31.60
CA ARG H 105 -38.45 27.66 31.25
C ARG H 105 -37.25 27.71 30.32
N GLY H 106 -36.24 26.88 30.57
CA GLY H 106 -35.10 26.83 29.67
C GLY H 106 -35.48 26.36 28.29
N HIS H 107 -36.41 25.41 28.21
CA HIS H 107 -36.78 24.79 26.93
C HIS H 107 -37.95 25.49 26.25
N TYR H 108 -39.00 25.82 26.98
CA TYR H 108 -40.25 26.31 26.39
C TYR H 108 -40.42 27.82 26.54
N THR H 109 -40.51 28.31 27.77
CA THR H 109 -40.98 29.68 28.00
C THR H 109 -39.88 30.70 27.70
N ILE H 110 -38.75 30.58 28.38
CA ILE H 110 -37.68 31.57 28.22
C ILE H 110 -36.78 31.22 27.04
N GLY H 111 -36.53 29.93 26.81
CA GLY H 111 -35.60 29.54 25.77
C GLY H 111 -36.02 29.97 24.38
N LYS H 112 -37.33 29.97 24.10
CA LYS H 112 -37.81 30.35 22.79
C LYS H 112 -37.62 31.83 22.49
N GLU H 113 -37.47 32.66 23.53
CA GLU H 113 -37.31 34.09 23.32
C GLU H 113 -35.93 34.47 22.81
N ILE H 114 -34.94 33.59 22.92
CA ILE H 114 -33.56 33.95 22.61
C ILE H 114 -32.92 32.92 21.70
N ILE H 115 -33.61 31.80 21.47
CA ILE H 115 -33.04 30.71 20.68
C ILE H 115 -32.66 31.19 19.28
N ASP H 116 -33.45 32.09 18.69
CA ASP H 116 -33.18 32.54 17.34
C ASP H 116 -31.95 33.43 17.27
N LEU H 117 -31.81 34.34 18.24
CA LEU H 117 -30.59 35.14 18.33
C LEU H 117 -29.36 34.26 18.52
N VAL H 118 -29.50 33.18 19.31
CA VAL H 118 -28.37 32.30 19.57
C VAL H 118 -27.96 31.53 18.33
N LEU H 119 -28.95 30.92 17.65
CA LEU H 119 -28.66 30.22 16.40
C LEU H 119 -28.07 31.15 15.35
N ASP H 120 -28.49 32.42 15.34
CA ASP H 120 -27.96 33.37 14.37
C ASP H 120 -26.49 33.66 14.63
N ARG H 121 -26.10 33.86 15.89
CA ARG H 121 -24.71 34.14 16.21
C ARG H 121 -23.81 32.92 15.97
N ILE H 122 -24.38 31.71 16.01
CA ILE H 122 -23.62 30.52 15.64
C ILE H 122 -23.33 30.50 14.15
N ARG H 123 -24.30 30.92 13.34
CA ARG H 123 -24.11 30.97 11.90
C ARG H 123 -22.95 31.88 11.51
N LYS H 124 -22.73 32.95 12.27
CA LYS H 124 -21.64 33.87 11.94
C LYS H 124 -20.28 33.24 12.17
N LEU H 125 -20.16 32.35 13.17
CA LEU H 125 -18.92 31.61 13.35
C LEU H 125 -18.80 30.46 12.35
N ALA H 126 -19.92 29.84 11.98
CA ALA H 126 -19.88 28.77 11.00
C ALA H 126 -19.65 29.30 9.59
N ASP H 127 -20.04 30.55 9.33
CA ASP H 127 -19.79 31.15 8.02
C ASP H 127 -18.31 31.49 7.86
N GLN H 128 -17.61 31.79 8.96
CA GLN H 128 -16.18 32.01 8.91
C GLN H 128 -15.40 30.72 8.67
N CYS H 129 -16.02 29.57 8.92
CA CYS H 129 -15.36 28.28 8.82
C CYS H 129 -15.62 27.64 7.46
N THR H 130 -14.66 26.86 6.99
CA THR H 130 -14.72 26.24 5.67
C THR H 130 -15.23 24.81 5.73
N GLY H 131 -14.54 23.94 6.49
CA GLY H 131 -14.95 22.56 6.63
C GLY H 131 -15.33 22.22 8.06
N LEU H 132 -16.45 22.78 8.51
CA LEU H 132 -16.84 22.64 9.91
C LEU H 132 -17.13 21.19 10.25
N GLN H 133 -16.62 20.75 11.41
CA GLN H 133 -16.77 19.36 11.86
C GLN H 133 -18.04 19.15 12.66
N GLY H 134 -18.33 20.04 13.60
CA GLY H 134 -19.40 19.80 14.55
C GLY H 134 -19.29 20.75 15.73
N PHE H 135 -19.92 20.35 16.84
CA PHE H 135 -20.11 21.22 17.99
C PHE H 135 -19.74 20.49 19.27
N SER H 136 -19.08 21.22 20.17
CA SER H 136 -18.89 20.81 21.55
C SER H 136 -19.83 21.65 22.42
N VAL H 137 -20.54 20.99 23.34
CA VAL H 137 -21.60 21.63 24.10
C VAL H 137 -21.31 21.44 25.58
N PHE H 138 -21.35 22.53 26.34
CA PHE H 138 -21.02 22.52 27.75
C PHE H 138 -22.24 23.03 28.53
N HIS H 139 -22.70 22.24 29.49
CA HIS H 139 -23.92 22.56 30.21
C HIS H 139 -24.04 21.67 31.44
N SER H 140 -24.80 22.15 32.42
CA SER H 140 -25.16 21.36 33.59
C SER H 140 -26.37 20.48 33.30
N PHE H 141 -26.63 19.55 34.22
CA PHE H 141 -27.85 18.76 34.22
C PHE H 141 -28.96 19.44 35.02
N GLY H 142 -28.68 19.75 36.28
CA GLY H 142 -29.73 20.25 37.17
C GLY H 142 -30.19 21.66 36.87
N GLY H 143 -29.35 22.46 36.19
CA GLY H 143 -29.74 23.81 35.87
C GLY H 143 -30.95 23.85 34.95
N GLY H 144 -31.75 24.91 35.10
CA GLY H 144 -32.87 25.11 34.20
C GLY H 144 -32.41 25.47 32.80
N THR H 145 -31.51 26.44 32.70
CA THR H 145 -30.89 26.78 31.42
C THR H 145 -30.11 25.59 30.88
N GLY H 146 -29.24 25.00 31.70
CA GLY H 146 -28.41 23.90 31.24
C GLY H 146 -29.21 22.73 30.71
N SER H 147 -30.31 22.39 31.37
CA SER H 147 -31.15 21.29 30.91
C SER H 147 -32.06 21.72 29.77
N GLY H 148 -32.87 22.76 30.00
CA GLY H 148 -33.91 23.11 29.05
C GLY H 148 -33.38 23.69 27.76
N PHE H 149 -32.58 24.76 27.86
CA PHE H 149 -32.15 25.48 26.66
C PHE H 149 -31.24 24.63 25.79
N THR H 150 -30.29 23.92 26.40
CA THR H 150 -29.40 23.04 25.64
C THR H 150 -30.20 22.04 24.82
N SER H 151 -31.11 21.31 25.47
CA SER H 151 -31.93 20.33 24.76
C SER H 151 -32.68 20.97 23.59
N LEU H 152 -33.13 22.21 23.75
CA LEU H 152 -33.72 22.94 22.63
C LEU H 152 -32.70 23.22 21.55
N LEU H 153 -31.56 23.82 21.93
CA LEU H 153 -30.52 24.14 20.96
C LEU H 153 -30.02 22.90 20.23
N MET H 154 -29.93 21.77 20.93
CA MET H 154 -29.49 20.53 20.28
C MET H 154 -30.50 20.08 19.22
N GLU H 155 -31.79 20.24 19.50
CA GLU H 155 -32.82 19.94 18.51
C GLU H 155 -32.63 20.79 17.25
N ARG H 156 -32.41 22.09 17.43
CA ARG H 156 -32.33 23.00 16.30
C ARG H 156 -31.00 22.87 15.55
N LEU H 157 -29.93 22.46 16.23
CA LEU H 157 -28.67 22.22 15.55
C LEU H 157 -28.72 20.94 14.72
N SER H 158 -29.53 19.97 15.14
CA SER H 158 -29.75 18.77 14.33
C SER H 158 -30.55 19.05 13.06
N VAL H 159 -31.08 20.26 12.91
CA VAL H 159 -31.75 20.68 11.69
C VAL H 159 -30.79 21.53 10.85
N ASP H 160 -30.38 22.67 11.40
CA ASP H 160 -29.59 23.65 10.64
C ASP H 160 -28.18 23.16 10.33
N TYR H 161 -27.71 22.10 11.00
CA TYR H 161 -26.40 21.52 10.75
C TYR H 161 -26.46 20.00 10.83
N GLY H 162 -27.60 19.42 10.44
CA GLY H 162 -27.90 18.04 10.80
C GLY H 162 -26.84 17.03 10.42
N LYS H 163 -26.13 17.26 9.32
CA LYS H 163 -25.19 16.27 8.79
C LYS H 163 -23.79 16.39 9.39
N LYS H 164 -23.68 16.58 10.71
CA LYS H 164 -22.38 16.65 11.35
C LYS H 164 -22.53 16.33 12.84
N SER H 165 -21.39 16.21 13.52
CA SER H 165 -21.32 15.65 14.85
C SER H 165 -21.65 16.69 15.93
N LYS H 166 -22.05 16.20 17.09
CA LYS H 166 -22.31 17.02 18.27
C LYS H 166 -21.93 16.22 19.51
N LEU H 167 -21.08 16.80 20.35
CA LEU H 167 -20.58 16.13 21.55
C LEU H 167 -20.96 16.92 22.79
N GLU H 168 -21.33 16.19 23.84
CA GLU H 168 -21.78 16.78 25.10
C GLU H 168 -20.69 16.75 26.16
N PHE H 169 -20.74 17.73 27.06
CA PHE H 169 -19.96 17.74 28.30
C PHE H 169 -20.92 18.13 29.42
N SER H 170 -21.60 17.13 29.96
CA SER H 170 -22.65 17.32 30.95
C SER H 170 -22.09 17.26 32.36
N ILE H 171 -22.69 18.05 33.25
CA ILE H 171 -22.30 18.09 34.66
C ILE H 171 -23.35 17.30 35.43
N TYR H 172 -23.00 16.07 35.79
CA TYR H 172 -23.89 15.22 36.56
C TYR H 172 -24.04 15.80 37.97
N PRO H 173 -25.26 15.93 38.49
CA PRO H 173 -25.46 16.64 39.75
C PRO H 173 -25.03 15.82 40.96
N ALA H 174 -24.79 16.54 42.06
CA ALA H 174 -24.31 15.94 43.31
C ALA H 174 -24.76 16.81 44.48
N PRO H 175 -25.43 16.22 45.47
CA PRO H 175 -25.97 16.99 46.60
C PRO H 175 -24.97 17.90 47.30
N GLN H 176 -23.67 17.64 47.17
CA GLN H 176 -22.68 18.43 47.88
C GLN H 176 -22.55 19.85 47.32
N VAL H 177 -22.94 20.07 46.07
CA VAL H 177 -22.91 21.40 45.48
C VAL H 177 -24.25 21.71 44.81
N SER H 178 -25.24 20.85 45.04
CA SER H 178 -26.52 20.97 44.36
C SER H 178 -27.25 22.23 44.81
N THR H 179 -27.78 22.98 43.84
CA THR H 179 -28.50 24.22 44.10
C THR H 179 -30.02 24.05 44.10
N ALA H 180 -30.53 22.89 43.68
CA ALA H 180 -31.96 22.73 43.47
C ALA H 180 -32.41 21.34 43.92
N VAL H 181 -33.68 21.26 44.33
CA VAL H 181 -34.29 19.98 44.65
C VAL H 181 -34.63 19.22 43.37
N VAL H 182 -34.97 19.94 42.31
CA VAL H 182 -35.55 19.35 41.10
C VAL H 182 -34.47 18.94 40.11
N GLU H 183 -33.22 18.88 40.54
CA GLU H 183 -32.15 18.52 39.62
C GLU H 183 -32.29 17.11 39.04
N PRO H 184 -32.79 16.10 39.76
CA PRO H 184 -33.13 14.84 39.07
C PRO H 184 -34.10 15.02 37.92
N TYR H 185 -35.17 15.81 38.12
CA TYR H 185 -36.11 16.09 37.05
C TYR H 185 -35.40 16.65 35.82
N ASN H 186 -34.65 17.74 36.01
CA ASN H 186 -34.01 18.40 34.88
C ASN H 186 -33.04 17.47 34.16
N SER H 187 -32.30 16.65 34.92
CA SER H 187 -31.37 15.71 34.31
C SER H 187 -32.10 14.71 33.42
N ILE H 188 -33.12 14.05 33.96
CA ILE H 188 -33.90 13.09 33.18
C ILE H 188 -34.52 13.75 31.96
N LEU H 189 -35.05 14.96 32.12
CA LEU H 189 -35.78 15.61 31.03
C LEU H 189 -34.87 15.95 29.87
N THR H 190 -33.68 16.50 30.15
CA THR H 190 -32.77 16.83 29.06
C THR H 190 -32.16 15.57 28.44
N THR H 191 -31.85 14.56 29.28
CA THR H 191 -31.27 13.34 28.76
C THR H 191 -32.24 12.60 27.85
N HIS H 192 -33.54 12.77 28.07
CA HIS H 192 -34.53 12.20 27.18
C HIS H 192 -34.54 12.91 25.82
N THR H 193 -34.64 14.23 25.83
CA THR H 193 -34.78 15.01 24.60
C THR H 193 -33.45 15.22 23.88
N THR H 194 -32.32 15.07 24.56
CA THR H 194 -31.01 15.22 23.93
C THR H 194 -30.39 13.88 23.57
N LEU H 195 -31.07 12.76 23.87
CA LEU H 195 -30.50 11.44 23.60
C LEU H 195 -30.34 11.21 22.10
N GLU H 196 -31.38 11.50 21.33
CA GLU H 196 -31.33 11.26 19.89
C GLU H 196 -30.42 12.24 19.16
N HIS H 197 -30.18 13.42 19.73
CA HIS H 197 -29.45 14.49 19.03
C HIS H 197 -27.98 14.55 19.40
N SER H 198 -27.50 13.69 20.28
CA SER H 198 -26.10 13.69 20.70
C SER H 198 -25.42 12.41 20.22
N ASP H 199 -24.22 12.56 19.64
CA ASP H 199 -23.48 11.40 19.16
C ASP H 199 -22.65 10.76 20.27
N CYS H 200 -22.12 11.56 21.17
CA CYS H 200 -21.37 11.03 22.31
C CYS H 200 -21.38 12.08 23.41
N ALA H 201 -21.30 11.62 24.67
CA ALA H 201 -21.53 12.49 25.80
C ALA H 201 -20.70 12.02 26.99
N PHE H 202 -19.83 12.90 27.49
CA PHE H 202 -18.98 12.62 28.64
C PHE H 202 -19.63 13.22 29.89
N MET H 203 -20.11 12.35 30.78
CA MET H 203 -20.68 12.81 32.04
C MET H 203 -19.58 13.15 33.03
N VAL H 204 -19.85 14.14 33.89
CA VAL H 204 -18.94 14.55 34.94
C VAL H 204 -19.74 14.61 36.24
N ASP H 205 -19.57 13.59 37.09
CA ASP H 205 -20.20 13.58 38.41
C ASP H 205 -19.49 14.58 39.31
N ASN H 206 -20.21 15.63 39.73
CA ASN H 206 -19.62 16.61 40.62
C ASN H 206 -19.21 16.02 41.97
N GLU H 207 -19.74 14.84 42.33
CA GLU H 207 -19.34 14.19 43.56
C GLU H 207 -17.93 13.64 43.45
N ALA H 208 -17.63 12.95 42.35
CA ALA H 208 -16.28 12.43 42.14
C ALA H 208 -15.26 13.56 42.11
N ILE H 209 -15.57 14.63 41.38
CA ILE H 209 -14.67 15.79 41.35
C ILE H 209 -14.54 16.37 42.75
N TYR H 210 -15.61 16.35 43.53
CA TYR H 210 -15.53 16.77 44.92
C TYR H 210 -14.65 15.81 45.71
N ASP H 211 -14.93 14.51 45.63
CA ASP H 211 -14.12 13.51 46.33
C ASP H 211 -12.65 13.63 45.96
N ILE H 212 -12.35 13.79 44.67
CA ILE H 212 -10.96 13.86 44.21
C ILE H 212 -10.27 15.08 44.81
N CYS H 213 -10.95 16.23 44.79
CA CYS H 213 -10.34 17.46 45.29
C CYS H 213 -10.10 17.41 46.79
N ARG H 214 -10.91 16.65 47.53
CA ARG H 214 -10.71 16.53 48.97
C ARG H 214 -9.59 15.57 49.32
N ARG H 215 -9.38 14.54 48.51
CA ARG H 215 -8.38 13.51 48.81
C ARG H 215 -7.01 13.86 48.22
N ASN H 216 -6.96 14.11 46.92
CA ASN H 216 -5.69 14.22 46.22
C ASN H 216 -5.20 15.66 46.09
N LEU H 217 -6.11 16.63 46.06
CA LEU H 217 -5.72 18.03 46.09
C LEU H 217 -5.65 18.59 47.51
N ASP H 218 -6.18 17.87 48.50
CA ASP H 218 -6.11 18.23 49.91
C ASP H 218 -6.77 19.57 50.18
N ILE H 219 -8.08 19.63 49.91
CA ILE H 219 -8.90 20.80 50.17
C ILE H 219 -10.07 20.38 51.03
N GLU H 220 -10.34 21.14 52.09
CA GLU H 220 -11.45 20.82 52.99
C GLU H 220 -12.79 21.02 52.29
N ARG H 221 -13.09 22.27 51.89
CA ARG H 221 -14.33 22.61 51.20
C ARG H 221 -13.98 23.23 49.86
N PRO H 222 -13.92 22.43 48.79
CA PRO H 222 -13.60 22.98 47.47
C PRO H 222 -14.62 24.00 47.00
N THR H 223 -14.16 24.95 46.19
CA THR H 223 -15.01 25.90 45.52
C THR H 223 -15.25 25.45 44.08
N TYR H 224 -16.06 26.23 43.35
CA TYR H 224 -16.31 25.92 41.95
C TYR H 224 -15.05 26.05 41.11
N THR H 225 -14.21 27.04 41.42
CA THR H 225 -12.92 27.17 40.75
C THR H 225 -12.08 25.90 40.90
N ASN H 226 -12.04 25.34 42.12
CA ASN H 226 -11.34 24.08 42.34
C ASN H 226 -11.85 22.99 41.41
N LEU H 227 -13.17 22.78 41.39
CA LEU H 227 -13.73 21.72 40.56
C LEU H 227 -13.55 22.04 39.08
N ASN H 228 -13.76 23.30 38.68
CA ASN H 228 -13.67 23.67 37.28
C ASN H 228 -12.24 23.49 36.75
N ARG H 229 -11.24 23.86 37.55
CA ARG H 229 -9.86 23.68 37.13
C ARG H 229 -9.54 22.20 36.92
N LEU H 230 -9.95 21.35 37.87
CA LEU H 230 -9.81 19.91 37.69
C LEU H 230 -10.54 19.43 36.44
N ILE H 231 -11.76 19.93 36.22
CA ILE H 231 -12.54 19.54 35.05
C ILE H 231 -11.85 19.98 33.77
N GLY H 232 -11.39 21.24 33.74
CA GLY H 232 -10.72 21.73 32.54
C GLY H 232 -9.48 20.94 32.17
N GLN H 233 -8.75 20.43 33.16
CA GLN H 233 -7.61 19.57 32.88
C GLN H 233 -8.03 18.29 32.16
N ILE H 234 -9.13 17.66 32.62
CA ILE H 234 -9.55 16.40 32.02
C ILE H 234 -10.23 16.65 30.67
N VAL H 235 -10.91 17.79 30.52
CA VAL H 235 -11.47 18.15 29.22
C VAL H 235 -10.35 18.42 28.22
N SER H 236 -9.31 19.15 28.65
CA SER H 236 -8.16 19.39 27.80
C SER H 236 -7.52 18.08 27.34
N SER H 237 -7.47 17.08 28.22
CA SER H 237 -6.88 15.80 27.86
C SER H 237 -7.67 15.11 26.74
N ILE H 238 -8.99 15.35 26.69
CA ILE H 238 -9.82 14.72 25.67
C ILE H 238 -9.73 15.46 24.36
N THR H 239 -9.68 16.79 24.40
CA THR H 239 -9.59 17.62 23.20
C THR H 239 -8.15 17.83 22.73
N ALA H 240 -7.17 17.27 23.42
CA ALA H 240 -5.77 17.44 23.02
C ALA H 240 -5.53 16.83 21.64
N SER H 241 -6.17 15.70 21.35
CA SER H 241 -6.01 15.05 20.05
C SER H 241 -6.50 15.94 18.90
N LEU H 242 -7.48 16.79 19.17
CA LEU H 242 -8.04 17.67 18.14
C LEU H 242 -7.26 18.96 17.97
N ARG H 243 -6.44 19.33 18.95
CA ARG H 243 -5.79 20.63 18.96
C ARG H 243 -4.31 20.58 18.61
N PHE H 244 -3.70 19.39 18.64
CA PHE H 244 -2.28 19.25 18.36
C PHE H 244 -1.97 18.27 17.24
N ASP H 245 -3.00 17.72 16.58
CA ASP H 245 -2.85 16.72 15.50
C ASP H 245 -2.06 15.50 16.01
N GLY H 246 -2.74 14.71 16.83
CA GLY H 246 -2.22 13.45 17.30
C GLY H 246 -2.44 12.33 16.29
N ALA H 247 -2.38 11.10 16.78
CA ALA H 247 -2.66 9.92 15.98
C ALA H 247 -4.06 9.36 16.23
N LEU H 248 -4.52 9.39 17.48
CA LEU H 248 -5.83 8.89 17.84
C LEU H 248 -6.82 10.05 18.00
N ASN H 249 -8.08 9.80 17.65
CA ASN H 249 -9.18 10.74 17.84
C ASN H 249 -8.87 12.12 17.27
N VAL H 250 -8.46 12.14 15.99
CA VAL H 250 -8.04 13.39 15.37
C VAL H 250 -9.21 14.24 14.89
N ASP H 251 -10.41 13.66 14.76
CA ASP H 251 -11.59 14.42 14.39
C ASP H 251 -12.81 13.86 15.12
N LEU H 252 -13.92 14.60 15.03
CA LEU H 252 -15.07 14.33 15.89
C LEU H 252 -15.73 13.00 15.55
N THR H 253 -15.63 12.55 14.30
CA THR H 253 -16.22 11.26 13.94
C THR H 253 -15.53 10.11 14.67
N GLU H 254 -14.21 10.20 14.83
CA GLU H 254 -13.44 9.10 15.42
C GLU H 254 -13.89 8.81 16.85
N PHE H 255 -14.41 9.80 17.57
CA PHE H 255 -14.94 9.56 18.90
C PHE H 255 -16.09 8.54 18.85
N GLN H 256 -16.99 8.69 17.88
CA GLN H 256 -18.08 7.72 17.74
C GLN H 256 -17.56 6.37 17.25
N THR H 257 -16.62 6.38 16.30
CA THR H 257 -16.06 5.14 15.78
C THR H 257 -15.45 4.29 16.90
N ASN H 258 -14.61 4.91 17.73
CA ASN H 258 -13.85 4.14 18.70
C ASN H 258 -14.66 3.82 19.95
N LEU H 259 -15.54 4.73 20.38
CA LEU H 259 -16.17 4.61 21.68
C LEU H 259 -17.66 4.28 21.64
N VAL H 260 -18.31 4.37 20.48
CA VAL H 260 -19.77 4.23 20.44
C VAL H 260 -20.16 3.07 19.53
N PRO H 261 -20.39 1.87 20.08
CA PRO H 261 -20.85 0.75 19.25
C PRO H 261 -22.37 0.56 19.32
N TYR H 262 -23.08 1.61 19.74
CA TYR H 262 -24.52 1.61 19.85
C TYR H 262 -24.99 3.05 19.98
N PRO H 263 -25.78 3.55 19.02
CA PRO H 263 -26.18 4.97 19.04
C PRO H 263 -26.67 5.47 20.40
N ARG H 264 -27.52 4.71 21.07
CA ARG H 264 -28.06 5.15 22.36
C ARG H 264 -26.98 5.15 23.44
N ALA H 265 -26.32 4.00 23.65
CA ALA H 265 -25.31 3.87 24.68
C ALA H 265 -24.03 4.59 24.23
N HIS H 266 -24.03 5.91 24.39
CA HIS H 266 -22.93 6.78 23.97
C HIS H 266 -22.39 7.60 25.13
N PHE H 267 -22.22 6.98 26.31
CA PHE H 267 -21.82 7.66 27.53
C PHE H 267 -20.56 7.04 28.08
N PRO H 268 -19.38 7.52 27.67
CA PRO H 268 -18.13 6.95 28.15
C PRO H 268 -17.80 7.38 29.57
N LEU H 269 -17.12 6.48 30.29
CA LEU H 269 -16.52 6.79 31.58
C LEU H 269 -15.08 7.28 31.36
N ALA H 270 -14.77 8.46 31.87
CA ALA H 270 -13.42 9.03 31.75
C ALA H 270 -12.68 8.90 33.08
N THR H 271 -11.44 8.44 33.02
CA THR H 271 -10.57 8.30 34.19
C THR H 271 -9.26 9.01 33.91
N TYR H 272 -8.82 9.84 34.85
CA TYR H 272 -7.66 10.70 34.67
C TYR H 272 -6.67 10.49 35.80
N ALA H 273 -5.40 10.26 35.44
CA ALA H 273 -4.29 10.18 36.38
C ALA H 273 -3.07 10.83 35.74
N PRO H 274 -2.19 11.45 36.55
CA PRO H 274 -2.27 11.61 38.00
C PRO H 274 -2.68 13.02 38.43
N VAL H 275 -3.31 13.11 39.60
CA VAL H 275 -3.74 14.39 40.18
C VAL H 275 -2.85 14.66 41.38
N ILE H 276 -1.81 15.46 41.18
CA ILE H 276 -0.76 15.69 42.17
C ILE H 276 -0.93 17.08 42.76
N SER H 277 -1.00 17.15 44.09
CA SER H 277 -1.07 18.44 44.77
C SER H 277 0.22 19.22 44.56
N ALA H 278 0.12 20.55 44.64
CA ALA H 278 1.27 21.43 44.46
C ALA H 278 1.87 21.81 45.81
N GLU H 279 2.23 20.78 46.57
CA GLU H 279 2.82 20.97 47.90
C GLU H 279 3.36 19.65 48.42
N GLN H 285 8.13 12.34 40.54
CA GLN H 285 7.15 12.03 39.50
C GLN H 285 6.84 10.53 39.47
N LEU H 286 5.67 10.18 38.97
CA LEU H 286 5.25 8.79 38.87
C LEU H 286 5.73 8.17 37.57
N SER H 287 5.51 6.86 37.44
CA SER H 287 5.91 6.10 36.27
C SER H 287 4.75 5.94 35.30
N VAL H 288 5.06 5.42 34.12
CA VAL H 288 4.03 5.11 33.14
C VAL H 288 3.14 3.97 33.64
N ALA H 289 3.75 2.97 34.29
CA ALA H 289 2.97 1.85 34.81
C ALA H 289 2.07 2.27 35.95
N GLU H 290 2.57 3.13 36.85
CA GLU H 290 1.80 3.54 38.02
C GLU H 290 0.55 4.32 37.61
N ILE H 291 0.66 5.21 36.63
CA ILE H 291 -0.49 6.01 36.23
C ILE H 291 -1.51 5.18 35.47
N THR H 292 -1.05 4.13 34.77
CA THR H 292 -1.98 3.29 34.02
C THR H 292 -2.77 2.36 34.95
N ASN H 293 -2.17 1.95 36.06
CA ASN H 293 -2.92 1.20 37.07
C ASN H 293 -3.98 2.07 37.73
N ALA H 294 -3.71 3.37 37.89
CA ALA H 294 -4.68 4.27 38.49
C ALA H 294 -5.89 4.51 37.59
N CYS H 295 -5.77 4.20 36.30
CA CYS H 295 -6.92 4.32 35.41
C CYS H 295 -7.97 3.25 35.68
N PHE H 296 -7.59 2.15 36.31
CA PHE H 296 -8.52 1.10 36.70
C PHE H 296 -8.81 1.13 38.19
N GLU H 297 -8.54 2.26 38.84
CA GLU H 297 -8.92 2.48 40.22
C GLU H 297 -10.15 3.38 40.24
N PRO H 298 -11.26 2.95 40.84
CA PRO H 298 -12.48 3.78 40.80
C PRO H 298 -12.31 5.16 41.40
N ALA H 299 -11.37 5.34 42.33
CA ALA H 299 -11.21 6.62 43.02
C ALA H 299 -10.88 7.76 42.07
N ASN H 300 -10.33 7.47 40.89
CA ASN H 300 -9.92 8.49 39.94
C ASN H 300 -10.87 8.62 38.76
N GLN H 301 -12.05 8.02 38.84
CA GLN H 301 -13.04 8.15 37.78
C GLN H 301 -13.79 9.48 37.92
N MET H 302 -14.37 9.92 36.80
CA MET H 302 -15.20 11.12 36.80
C MET H 302 -16.66 10.85 37.12
N VAL H 303 -17.11 9.60 36.98
CA VAL H 303 -18.47 9.20 37.35
C VAL H 303 -18.36 8.06 38.35
N LYS H 304 -19.07 8.18 39.47
CA LYS H 304 -18.94 7.22 40.56
C LYS H 304 -19.70 5.95 40.22
N CYS H 305 -18.96 4.90 39.89
CA CYS H 305 -19.52 3.57 39.67
C CYS H 305 -18.40 2.55 39.82
N ASP H 306 -18.72 1.29 39.60
CA ASP H 306 -17.75 0.19 39.73
C ASP H 306 -17.66 -0.58 38.42
N PRO H 307 -16.68 -0.31 37.56
CA PRO H 307 -16.56 -1.04 36.29
C PRO H 307 -16.39 -2.53 36.47
N ARG H 308 -15.93 -2.99 37.64
CA ARG H 308 -15.83 -4.43 37.89
C ARG H 308 -17.19 -5.12 37.81
N HIS H 309 -18.28 -4.38 38.02
CA HIS H 309 -19.63 -4.90 37.91
C HIS H 309 -20.22 -4.75 36.51
N GLY H 310 -19.37 -4.53 35.49
CA GLY H 310 -19.87 -4.25 34.16
C GLY H 310 -18.90 -4.70 33.10
N LYS H 311 -19.41 -4.72 31.87
CA LYS H 311 -18.65 -5.17 30.71
C LYS H 311 -18.20 -3.97 29.88
N TYR H 312 -16.97 -4.04 29.36
CA TYR H 312 -16.41 -2.98 28.55
C TYR H 312 -16.81 -3.15 27.09
N MET H 313 -17.32 -2.07 26.49
CA MET H 313 -17.57 -2.05 25.05
C MET H 313 -16.40 -1.52 24.24
N ALA H 314 -15.60 -0.63 24.83
CA ALA H 314 -14.42 -0.09 24.18
C ALA H 314 -13.55 0.58 25.25
N CYS H 315 -12.32 0.92 24.86
CA CYS H 315 -11.37 1.49 25.82
C CYS H 315 -10.22 2.15 25.08
N CYS H 316 -10.02 3.45 25.29
CA CYS H 316 -8.93 4.19 24.72
C CYS H 316 -8.06 4.80 25.82
N LEU H 317 -6.77 4.94 25.53
CA LEU H 317 -5.81 5.56 26.44
C LEU H 317 -5.14 6.72 25.74
N LEU H 318 -5.25 7.92 26.30
CA LEU H 318 -4.66 9.13 25.74
C LEU H 318 -3.55 9.61 26.68
N TYR H 319 -2.32 9.16 26.40
CA TYR H 319 -1.18 9.62 27.16
C TYR H 319 -0.69 10.96 26.62
N ARG H 320 -0.10 11.77 27.51
CA ARG H 320 0.55 12.99 27.08
C ARG H 320 1.71 13.30 28.00
N GLY H 321 2.88 13.53 27.41
CA GLY H 321 4.06 13.92 28.16
C GLY H 321 5.28 13.05 27.91
N ASP H 322 6.11 12.88 28.94
CA ASP H 322 7.31 12.04 28.86
C ASP H 322 6.90 10.58 28.94
N VAL H 323 6.61 9.99 27.77
CA VAL H 323 6.11 8.62 27.70
C VAL H 323 6.90 7.86 26.62
N VAL H 324 7.37 6.67 26.98
CA VAL H 324 8.05 5.78 26.04
C VAL H 324 7.02 4.77 25.54
N PRO H 325 6.80 4.66 24.22
CA PRO H 325 5.77 3.73 23.71
C PRO H 325 5.89 2.30 24.22
N LYS H 326 7.09 1.85 24.60
CA LYS H 326 7.25 0.49 25.11
C LYS H 326 6.76 0.36 26.55
N ASP H 327 6.97 1.41 27.36
CA ASP H 327 6.42 1.41 28.72
C ASP H 327 4.91 1.22 28.70
N VAL H 328 4.24 1.84 27.72
CA VAL H 328 2.80 1.69 27.59
C VAL H 328 2.43 0.23 27.37
N ASN H 329 3.09 -0.43 26.41
CA ASN H 329 2.76 -1.81 26.10
C ASN H 329 3.02 -2.74 27.28
N ALA H 330 4.05 -2.45 28.08
CA ALA H 330 4.27 -3.21 29.30
C ALA H 330 3.14 -3.01 30.30
N ALA H 331 2.80 -1.74 30.56
CA ALA H 331 1.70 -1.44 31.48
C ALA H 331 0.38 -2.01 31.00
N ILE H 332 0.18 -2.08 29.68
CA ILE H 332 -1.03 -2.70 29.14
C ILE H 332 -1.02 -4.19 29.43
N ALA H 333 0.09 -4.86 29.09
CA ALA H 333 0.18 -6.31 29.32
C ALA H 333 0.06 -6.63 30.81
N THR H 334 0.65 -5.78 31.67
CA THR H 334 0.48 -5.96 33.11
C THR H 334 -0.99 -5.99 33.50
N ILE H 335 -1.76 -4.98 33.06
CA ILE H 335 -3.16 -4.89 33.45
C ILE H 335 -3.98 -5.93 32.72
N LYS H 336 -3.64 -6.23 31.47
CA LYS H 336 -4.36 -7.26 30.73
C LYS H 336 -4.11 -8.65 31.28
N THR H 337 -2.99 -8.85 31.98
CA THR H 337 -2.66 -10.13 32.60
C THR H 337 -2.96 -10.17 34.09
N LYS H 338 -2.65 -9.11 34.83
CA LYS H 338 -2.73 -9.12 36.28
C LYS H 338 -4.03 -8.51 36.81
N ARG H 339 -4.94 -8.12 35.93
CA ARG H 339 -6.31 -7.81 36.30
C ARG H 339 -7.25 -8.51 35.31
N THR H 340 -8.52 -8.63 35.72
CA THR H 340 -9.53 -9.33 34.92
C THR H 340 -10.54 -8.31 34.42
N ILE H 341 -10.16 -7.58 33.37
CA ILE H 341 -11.04 -6.61 32.72
C ILE H 341 -11.94 -7.38 31.75
N GLN H 342 -13.19 -7.58 32.14
CA GLN H 342 -14.13 -8.32 31.31
C GLN H 342 -14.60 -7.48 30.14
N PHE H 343 -14.54 -8.05 28.94
CA PHE H 343 -15.06 -7.43 27.73
C PHE H 343 -16.29 -8.17 27.24
N VAL H 344 -17.05 -7.51 26.36
CA VAL H 344 -18.12 -8.19 25.64
C VAL H 344 -17.52 -8.99 24.50
N ASP H 345 -18.20 -10.07 24.12
CA ASP H 345 -17.64 -10.97 23.12
C ASP H 345 -17.62 -10.37 21.71
N TRP H 346 -18.50 -9.41 21.43
CA TRP H 346 -18.59 -8.78 20.11
C TRP H 346 -17.77 -7.49 20.03
N CYS H 347 -16.67 -7.41 20.75
CA CYS H 347 -15.79 -6.26 20.76
C CYS H 347 -14.40 -6.64 20.27
N PRO H 348 -13.67 -5.71 19.64
CA PRO H 348 -12.26 -5.97 19.33
C PRO H 348 -11.40 -6.27 20.55
N THR H 349 -11.88 -5.95 21.76
CA THR H 349 -11.22 -6.19 23.05
C THR H 349 -9.76 -5.74 23.11
N GLY H 350 -9.28 -5.05 22.10
CA GLY H 350 -7.93 -4.51 22.09
C GLY H 350 -7.94 -3.03 22.47
N PHE H 351 -7.01 -2.65 23.34
CA PHE H 351 -6.94 -1.28 23.84
C PHE H 351 -6.29 -0.37 22.81
N LYS H 352 -7.02 0.66 22.38
CA LYS H 352 -6.49 1.69 21.50
C LYS H 352 -5.68 2.69 22.33
N VAL H 353 -4.63 3.23 21.71
CA VAL H 353 -3.68 4.11 22.40
C VAL H 353 -3.32 5.28 21.49
N GLY H 354 -3.08 6.43 22.12
CA GLY H 354 -2.49 7.57 21.43
C GLY H 354 -1.66 8.38 22.40
N ILE H 355 -0.64 9.06 21.88
CA ILE H 355 0.33 9.80 22.69
C ILE H 355 0.55 11.18 22.10
N ASN H 356 0.74 12.17 22.98
CA ASN H 356 1.08 13.54 22.59
C ASN H 356 2.17 14.02 23.54
N TYR H 357 3.38 14.21 23.01
CA TYR H 357 4.57 14.38 23.86
C TYR H 357 4.62 15.73 24.59
N GLU H 358 3.61 16.58 24.45
CA GLU H 358 3.66 17.86 25.15
C GLU H 358 3.21 17.69 26.61
N PRO H 359 3.81 18.42 27.54
CA PRO H 359 3.52 18.21 28.96
C PRO H 359 2.19 18.82 29.35
N PRO H 360 1.50 18.24 30.34
CA PRO H 360 0.24 18.82 30.82
C PRO H 360 0.45 20.18 31.44
N THR H 361 -0.15 21.21 30.83
CA THR H 361 -0.08 22.55 31.35
C THR H 361 -1.05 22.73 32.52
N VAL H 362 -0.57 23.40 33.57
CA VAL H 362 -1.41 23.83 34.68
C VAL H 362 -1.47 25.35 34.69
N VAL H 363 -2.30 25.89 35.57
CA VAL H 363 -2.47 27.33 35.70
C VAL H 363 -1.44 27.86 36.69
N PRO H 364 -0.76 28.98 36.39
CA PRO H 364 0.15 29.57 37.38
C PRO H 364 -0.60 30.02 38.62
N GLY H 365 -0.33 29.37 39.74
CA GLY H 365 -1.08 29.55 40.97
C GLY H 365 -1.98 28.39 41.30
N GLY H 366 -2.24 27.50 40.34
CA GLY H 366 -3.17 26.41 40.59
C GLY H 366 -2.68 25.46 41.66
N ASP H 367 -3.65 24.88 42.39
CA ASP H 367 -3.35 23.84 43.35
C ASP H 367 -2.85 22.56 42.68
N LEU H 368 -3.14 22.38 41.39
CA LEU H 368 -2.65 21.24 40.66
C LEU H 368 -1.21 21.49 40.21
N ALA H 369 -0.35 20.49 40.42
CA ALA H 369 1.06 20.62 40.10
C ALA H 369 1.35 20.15 38.68
N LYS H 370 2.42 20.69 38.10
CA LYS H 370 2.89 20.21 36.81
C LYS H 370 3.43 18.80 36.95
N VAL H 371 2.89 17.87 36.17
CA VAL H 371 3.33 16.48 36.19
C VAL H 371 4.12 16.20 34.91
N GLN H 372 5.05 15.25 35.00
CA GLN H 372 5.89 14.92 33.86
C GLN H 372 5.08 14.26 32.76
N ARG H 373 4.23 13.31 33.13
CA ARG H 373 3.38 12.61 32.18
C ARG H 373 1.98 12.47 32.78
N ALA H 374 1.01 12.20 31.91
CA ALA H 374 -0.37 12.03 32.36
C ALA H 374 -1.12 11.19 31.34
N VAL H 375 -2.27 10.66 31.76
CA VAL H 375 -3.07 9.77 30.95
C VAL H 375 -4.54 10.01 31.25
N CYS H 376 -5.39 9.85 30.25
CA CYS H 376 -6.83 9.97 30.38
C CYS H 376 -7.49 8.80 29.66
N MET H 377 -8.05 7.87 30.43
CA MET H 377 -8.65 6.65 29.88
C MET H 377 -10.14 6.86 29.65
N LEU H 378 -10.57 6.69 28.41
CA LEU H 378 -11.97 6.80 28.03
C LEU H 378 -12.49 5.38 27.73
N SER H 379 -13.49 4.95 28.49
CA SER H 379 -13.95 3.56 28.44
C SER H 379 -15.46 3.52 28.59
N ASN H 380 -16.15 2.96 27.59
CA ASN H 380 -17.61 2.89 27.57
C ASN H 380 -18.07 1.61 28.28
N THR H 381 -17.98 1.64 29.60
CA THR H 381 -18.38 0.49 30.42
C THR H 381 -19.88 0.53 30.71
N THR H 382 -20.45 -0.65 30.88
CA THR H 382 -21.87 -0.75 31.23
C THR H 382 -22.14 -0.44 32.70
N ALA H 383 -21.09 -0.29 33.51
CA ALA H 383 -21.28 0.04 34.91
C ALA H 383 -21.73 1.49 35.10
N ILE H 384 -21.57 2.34 34.08
CA ILE H 384 -22.07 3.70 34.16
C ILE H 384 -23.58 3.76 34.25
N ALA H 385 -24.27 2.65 33.95
CA ALA H 385 -25.70 2.56 34.17
C ALA H 385 -26.05 2.76 35.64
N GLU H 386 -25.13 2.42 36.55
CA GLU H 386 -25.36 2.69 37.97
C GLU H 386 -25.64 4.16 38.23
N ALA H 387 -25.00 5.04 37.47
CA ALA H 387 -25.25 6.47 37.62
C ALA H 387 -26.66 6.83 37.19
N TRP H 388 -27.14 6.26 36.08
CA TRP H 388 -28.51 6.48 35.65
C TRP H 388 -29.51 5.93 36.66
N ALA H 389 -29.18 4.81 37.32
CA ALA H 389 -30.09 4.23 38.30
C ALA H 389 -30.29 5.15 39.49
N ARG H 390 -29.24 5.87 39.90
CA ARG H 390 -29.36 6.77 41.03
C ARG H 390 -30.26 7.96 40.70
N LEU H 391 -30.13 8.52 39.50
CA LEU H 391 -31.02 9.59 39.07
C LEU H 391 -32.46 9.10 38.95
N ASP H 392 -32.67 7.98 38.25
CA ASP H 392 -34.01 7.45 38.06
C ASP H 392 -34.71 7.19 39.39
N HIS H 393 -33.98 6.70 40.38
CA HIS H 393 -34.59 6.41 41.68
C HIS H 393 -35.06 7.70 42.36
N LYS H 394 -34.18 8.69 42.47
CA LYS H 394 -34.58 10.00 43.00
C LYS H 394 -35.78 10.55 42.24
N PHE H 395 -35.73 10.48 40.91
CA PHE H 395 -36.85 10.91 40.08
C PHE H 395 -38.14 10.19 40.47
N ASP H 396 -38.07 8.86 40.63
CA ASP H 396 -39.27 8.08 40.92
C ASP H 396 -39.93 8.52 42.22
N LEU H 397 -39.14 8.75 43.25
CA LEU H 397 -39.69 9.13 44.56
C LEU H 397 -40.52 10.40 44.45
N MET H 398 -40.00 11.42 43.77
CA MET H 398 -40.71 12.70 43.70
C MET H 398 -41.89 12.62 42.74
N TYR H 399 -41.72 11.96 41.59
CA TYR H 399 -42.82 11.84 40.64
C TYR H 399 -43.91 10.92 41.12
N ALA H 400 -43.63 10.04 42.08
CA ALA H 400 -44.67 9.20 42.65
C ALA H 400 -45.75 10.04 43.35
N LYS H 401 -45.36 11.19 43.88
CA LYS H 401 -46.30 12.12 44.51
C LYS H 401 -46.57 13.34 43.64
N ARG H 402 -46.05 13.35 42.41
CA ARG H 402 -46.17 14.50 41.50
C ARG H 402 -45.63 15.77 42.15
N ALA H 403 -44.54 15.63 42.90
CA ALA H 403 -43.94 16.77 43.58
C ALA H 403 -43.27 17.71 42.60
N PHE H 404 -43.43 19.02 42.84
CA PHE H 404 -42.80 20.08 42.05
C PHE H 404 -43.21 20.06 40.58
N VAL H 405 -44.13 19.17 40.21
CA VAL H 405 -44.47 19.01 38.80
C VAL H 405 -45.24 20.22 38.28
N HIS H 406 -45.97 20.92 39.15
CA HIS H 406 -46.78 22.04 38.70
C HIS H 406 -45.92 23.17 38.15
N TRP H 407 -44.71 23.35 38.68
CA TRP H 407 -43.80 24.35 38.14
C TRP H 407 -43.53 24.09 36.66
N TYR H 408 -43.22 22.84 36.32
CA TYR H 408 -42.92 22.50 34.93
C TYR H 408 -44.15 22.64 34.06
N VAL H 409 -45.28 22.06 34.49
CA VAL H 409 -46.50 22.10 33.69
C VAL H 409 -46.98 23.52 33.48
N GLY H 410 -46.74 24.40 34.45
CA GLY H 410 -47.12 25.79 34.33
C GLY H 410 -46.24 26.64 33.44
N GLU H 411 -45.19 26.06 32.88
CA GLU H 411 -44.33 26.80 31.96
C GLU H 411 -44.27 26.13 30.59
N GLY H 412 -45.42 25.75 30.05
CA GLY H 412 -45.51 25.29 28.68
C GLY H 412 -45.25 23.82 28.45
N MET H 413 -45.14 23.02 29.51
CA MET H 413 -44.77 21.62 29.40
C MET H 413 -45.97 20.73 29.71
N GLU H 414 -46.17 19.71 28.88
CA GLU H 414 -47.18 18.70 29.16
C GLU H 414 -46.68 17.72 30.21
N GLU H 415 -47.57 17.33 31.12
CA GLU H 415 -47.20 16.41 32.20
C GLU H 415 -46.75 15.07 31.64
N GLY H 416 -47.38 14.61 30.57
CA GLY H 416 -46.99 13.34 29.95
C GLY H 416 -45.52 13.25 29.62
N GLU H 417 -44.91 14.38 29.26
CA GLU H 417 -43.48 14.40 28.92
C GLU H 417 -42.62 13.82 30.05
N PHE H 418 -43.07 13.97 31.30
CA PHE H 418 -42.39 13.33 32.42
C PHE H 418 -42.33 11.82 32.23
N SER H 419 -43.48 11.19 31.99
CA SER H 419 -43.53 9.75 31.84
C SER H 419 -42.79 9.29 30.60
N GLU H 420 -42.98 9.98 29.48
CA GLU H 420 -42.27 9.63 28.25
C GLU H 420 -40.76 9.68 28.46
N ALA H 421 -40.28 10.63 29.27
CA ALA H 421 -38.85 10.68 29.59
C ALA H 421 -38.45 9.51 30.48
N ARG H 422 -39.26 9.19 31.49
CA ARG H 422 -38.92 8.10 32.41
C ARG H 422 -38.87 6.77 31.69
N GLU H 423 -39.81 6.51 30.78
CA GLU H 423 -39.79 5.28 30.00
C GLU H 423 -38.53 5.20 29.14
N ASP H 424 -38.09 6.33 28.59
CA ASP H 424 -36.85 6.33 27.82
C ASP H 424 -35.65 6.06 28.71
N MET H 425 -35.74 6.40 30.00
CA MET H 425 -34.66 6.10 30.92
C MET H 425 -34.71 4.65 31.38
N ALA H 426 -35.91 4.11 31.61
CA ALA H 426 -36.05 2.69 31.92
C ALA H 426 -35.60 1.82 30.76
N ALA H 427 -35.95 2.21 29.53
CA ALA H 427 -35.53 1.47 28.36
C ALA H 427 -34.02 1.49 28.20
N LEU H 428 -33.38 2.62 28.55
CA LEU H 428 -31.93 2.69 28.47
C LEU H 428 -31.26 1.79 29.50
N GLU H 429 -31.87 1.65 30.68
CA GLU H 429 -31.34 0.74 31.68
C GLU H 429 -31.42 -0.71 31.23
N LYS H 430 -32.47 -1.05 30.48
CA LYS H 430 -32.54 -2.39 29.89
C LYS H 430 -31.52 -2.55 28.77
N ASP H 431 -31.27 -1.48 28.01
CA ASP H 431 -30.29 -1.55 26.93
C ASP H 431 -28.88 -1.81 27.47
N TYR H 432 -28.56 -1.22 28.62
CA TYR H 432 -27.27 -1.50 29.25
C TYR H 432 -27.21 -2.91 29.81
N GLU H 433 -28.34 -3.43 30.28
CA GLU H 433 -28.35 -4.77 30.87
C GLU H 433 -28.13 -5.85 29.82
N GLU H 434 -28.86 -5.77 28.70
CA GLU H 434 -28.82 -6.84 27.71
C GLU H 434 -27.45 -6.96 27.06
N VAL H 435 -26.74 -5.84 26.90
CA VAL H 435 -25.37 -5.90 26.37
C VAL H 435 -24.46 -6.65 27.33
N GLY H 436 -24.64 -6.43 28.63
CA GLY H 436 -23.80 -7.06 29.63
C GLY H 436 -24.40 -8.28 30.29
N VAL H 437 -24.65 -9.33 29.52
CA VAL H 437 -25.11 -10.60 30.07
C VAL H 437 -24.66 -11.77 29.20
N MET I 1 -33.54 38.72 36.59
CA MET I 1 -34.04 38.64 37.95
C MET I 1 -33.23 39.53 38.88
N ARG I 2 -33.57 40.82 38.93
CA ARG I 2 -32.82 41.76 39.75
C ARG I 2 -33.68 42.46 40.80
N GLU I 3 -34.48 43.43 40.38
CA GLU I 3 -35.13 44.34 41.30
C GLU I 3 -36.34 43.70 41.98
N ILE I 4 -36.62 44.17 43.19
CA ILE I 4 -37.81 43.78 43.95
C ILE I 4 -38.54 45.04 44.38
N VAL I 5 -39.85 45.09 44.10
CA VAL I 5 -40.70 46.18 44.58
C VAL I 5 -41.32 45.76 45.91
N HIS I 6 -41.23 46.65 46.90
CA HIS I 6 -41.76 46.38 48.23
C HIS I 6 -43.02 47.19 48.48
N ILE I 7 -43.97 46.58 49.21
CA ILE I 7 -45.22 47.23 49.59
C ILE I 7 -45.47 46.97 51.07
N GLN I 8 -46.04 47.95 51.76
CA GLN I 8 -46.49 47.79 53.13
C GLN I 8 -47.87 48.41 53.27
N ALA I 9 -48.80 47.66 53.88
CA ALA I 9 -50.19 48.06 53.93
C ALA I 9 -50.75 47.80 55.32
N GLY I 10 -51.58 48.72 55.80
CA GLY I 10 -52.14 48.64 57.13
C GLY I 10 -51.16 49.09 58.19
N GLN I 11 -51.67 49.18 59.43
CA GLN I 11 -50.82 49.60 60.54
C GLN I 11 -49.64 48.67 60.70
N CYS I 12 -49.91 47.39 60.98
CA CYS I 12 -48.83 46.40 61.10
C CYS I 12 -47.92 46.40 59.88
N GLY I 13 -48.52 46.44 58.69
CA GLY I 13 -47.72 46.49 57.47
C GLY I 13 -46.63 47.52 57.50
N ASN I 14 -46.99 48.77 57.82
CA ASN I 14 -45.99 49.84 57.87
C ASN I 14 -45.11 49.75 59.10
N GLN I 15 -45.56 49.10 60.17
CA GLN I 15 -44.73 48.98 61.37
C GLN I 15 -43.56 48.03 61.15
N ILE I 16 -43.85 46.74 60.91
CA ILE I 16 -42.77 45.79 60.67
C ILE I 16 -42.06 46.10 59.37
N GLY I 17 -42.74 46.76 58.43
CA GLY I 17 -42.12 47.20 57.19
C GLY I 17 -41.01 48.20 57.41
N ALA I 18 -41.32 49.30 58.11
CA ALA I 18 -40.29 50.28 58.43
C ALA I 18 -39.17 49.66 59.26
N LYS I 19 -39.53 48.82 60.22
CA LYS I 19 -38.52 48.08 60.99
C LYS I 19 -37.59 47.30 60.08
N PHE I 20 -38.15 46.67 59.03
CA PHE I 20 -37.32 45.95 58.07
C PHE I 20 -36.37 46.90 57.34
N TRP I 21 -36.88 48.05 56.90
CA TRP I 21 -36.02 49.01 56.20
C TRP I 21 -34.94 49.56 57.13
N GLU I 22 -35.26 49.77 58.41
CA GLU I 22 -34.25 50.15 59.38
C GLU I 22 -33.12 49.14 59.43
N VAL I 23 -33.46 47.85 59.48
CA VAL I 23 -32.46 46.79 59.64
C VAL I 23 -31.53 46.74 58.43
N ILE I 24 -32.11 46.56 57.24
CA ILE I 24 -31.29 46.30 56.07
C ILE I 24 -30.65 47.57 55.49
N SER I 25 -31.14 48.76 55.86
CA SER I 25 -30.41 49.98 55.53
C SER I 25 -29.09 50.03 56.27
N ASP I 26 -29.11 49.73 57.57
CA ASP I 26 -27.88 49.58 58.34
C ASP I 26 -26.97 48.53 57.72
N GLU I 27 -27.49 47.30 57.53
CA GLU I 27 -26.68 46.20 57.01
C GLU I 27 -26.02 46.57 55.68
N HIS I 28 -26.71 47.37 54.86
CA HIS I 28 -26.14 47.85 53.61
C HIS I 28 -25.41 49.17 53.75
N GLY I 29 -25.44 49.79 54.93
CA GLY I 29 -24.69 51.02 55.15
C GLY I 29 -25.31 52.26 54.58
N ILE I 30 -26.63 52.40 54.64
CA ILE I 30 -27.34 53.59 54.17
C ILE I 30 -27.84 54.37 55.37
N ASP I 31 -27.66 55.68 55.32
CA ASP I 31 -28.10 56.58 56.38
C ASP I 31 -29.51 57.06 56.09
N PRO I 32 -30.17 57.71 57.06
CA PRO I 32 -31.53 58.22 56.81
C PRO I 32 -31.63 59.24 55.69
N THR I 33 -30.54 59.95 55.36
CA THR I 33 -30.58 60.88 54.24
C THR I 33 -30.48 60.18 52.88
N GLY I 34 -30.01 58.94 52.86
CA GLY I 34 -29.92 58.19 51.62
C GLY I 34 -28.54 58.26 50.99
N SER I 35 -27.49 58.06 51.80
CA SER I 35 -26.12 58.15 51.33
C SER I 35 -25.31 57.00 51.92
N TYR I 36 -24.41 56.45 51.11
CA TYR I 36 -23.63 55.28 51.49
C TYR I 36 -22.47 55.69 52.39
N HIS I 37 -22.45 55.17 53.61
CA HIS I 37 -21.34 55.34 54.54
C HIS I 37 -20.84 54.00 55.04
N GLY I 38 -20.82 53.00 54.17
CA GLY I 38 -20.33 51.68 54.50
C GLY I 38 -18.83 51.57 54.28
N ASP I 39 -18.36 50.32 54.23
CA ASP I 39 -16.94 50.06 54.03
C ASP I 39 -16.67 48.68 53.44
N SER I 40 -17.55 48.22 52.55
CA SER I 40 -17.38 46.89 51.96
C SER I 40 -18.12 46.84 50.64
N ASP I 41 -17.58 46.06 49.70
CA ASP I 41 -18.20 45.88 48.39
C ASP I 41 -19.31 44.83 48.43
N LEU I 42 -19.19 43.83 49.30
CA LEU I 42 -20.26 42.84 49.45
C LEU I 42 -21.59 43.47 49.87
N GLN I 43 -21.58 44.74 50.27
CA GLN I 43 -22.77 45.47 50.68
C GLN I 43 -23.50 46.11 49.50
N LEU I 44 -22.76 46.77 48.61
CA LEU I 44 -23.34 47.41 47.43
C LEU I 44 -23.36 46.49 46.22
N GLU I 45 -23.01 45.21 46.40
CA GLU I 45 -23.02 44.28 45.28
C GLU I 45 -24.43 44.09 44.75
N ARG I 46 -25.40 43.93 45.64
CA ARG I 46 -26.79 43.73 45.27
C ARG I 46 -27.69 44.72 46.00
N ILE I 47 -27.21 45.96 46.13
CA ILE I 47 -28.04 47.04 46.67
C ILE I 47 -29.15 47.40 45.70
N ASN I 48 -28.94 47.15 44.39
CA ASN I 48 -29.94 47.42 43.38
C ASN I 48 -31.24 46.63 43.59
N VAL I 49 -31.24 45.65 44.49
CA VAL I 49 -32.43 44.84 44.71
C VAL I 49 -33.52 45.65 45.38
N TYR I 50 -33.21 46.27 46.52
CA TYR I 50 -34.20 46.98 47.31
C TYR I 50 -34.11 48.50 47.20
N TYR I 51 -33.09 49.04 46.54
CA TYR I 51 -32.88 50.48 46.51
C TYR I 51 -32.68 50.97 45.08
N ASN I 52 -32.68 52.29 44.93
CA ASN I 52 -32.42 52.94 43.65
C ASN I 52 -31.13 53.76 43.71
N VAL I 60 -32.14 55.17 47.98
CA VAL I 60 -33.57 55.38 48.19
C VAL I 60 -34.34 54.07 47.98
N PRO I 61 -35.18 53.71 48.95
CA PRO I 61 -35.91 52.43 48.86
C PRO I 61 -36.92 52.43 47.73
N ARG I 62 -37.09 51.25 47.15
CA ARG I 62 -38.17 50.98 46.19
C ARG I 62 -39.38 50.46 46.96
N ALA I 63 -39.93 51.35 47.80
CA ALA I 63 -40.94 50.97 48.77
C ALA I 63 -42.17 51.85 48.60
N ILE I 64 -43.34 51.21 48.66
CA ILE I 64 -44.62 51.90 48.58
C ILE I 64 -45.34 51.73 49.91
N LEU I 65 -45.84 52.83 50.46
CA LEU I 65 -46.48 52.84 51.76
C LEU I 65 -47.97 53.08 51.59
N VAL I 66 -48.78 52.21 52.20
CA VAL I 66 -50.23 52.23 51.97
C VAL I 66 -50.93 52.04 53.31
N ASP I 67 -52.05 52.74 53.47
CA ASP I 67 -52.98 52.58 54.58
C ASP I 67 -54.20 53.44 54.31
N LEU I 68 -55.37 52.94 54.71
CA LEU I 68 -56.54 53.80 54.71
C LEU I 68 -56.47 54.81 55.85
N GLU I 69 -55.91 54.41 56.97
CA GLU I 69 -55.68 55.28 58.12
C GLU I 69 -54.63 56.32 57.76
N PRO I 70 -54.99 57.60 57.61
CA PRO I 70 -53.99 58.61 57.23
C PRO I 70 -52.97 58.91 58.31
N GLY I 71 -53.29 58.63 59.58
CA GLY I 71 -52.34 58.88 60.65
C GLY I 71 -51.04 58.12 60.48
N THR I 72 -51.11 56.91 59.93
CA THR I 72 -49.92 56.07 59.78
C THR I 72 -48.83 56.77 58.96
N MET I 73 -49.24 57.63 58.02
CA MET I 73 -48.31 58.50 57.29
C MET I 73 -47.23 59.07 58.20
N ASP I 74 -47.65 59.73 59.27
CA ASP I 74 -46.74 60.46 60.14
C ASP I 74 -45.99 59.52 61.07
N SER I 75 -46.64 58.44 61.52
CA SER I 75 -45.95 57.45 62.34
C SER I 75 -44.73 56.87 61.63
N VAL I 76 -44.74 56.89 60.30
CA VAL I 76 -43.58 56.43 59.54
C VAL I 76 -42.56 57.54 59.33
N ARG I 77 -43.00 58.69 58.80
CA ARG I 77 -42.06 59.77 58.50
C ARG I 77 -41.41 60.31 59.77
N SER I 78 -42.14 60.35 60.89
CA SER I 78 -41.55 60.76 62.15
C SER I 78 -40.68 59.69 62.78
N GLY I 79 -40.60 58.50 62.16
CA GLY I 79 -39.69 57.49 62.61
C GLY I 79 -38.26 57.78 62.21
N PRO I 80 -37.35 56.88 62.59
CA PRO I 80 -35.92 57.12 62.35
C PRO I 80 -35.59 57.23 60.87
N PHE I 81 -35.86 56.19 60.09
CA PHE I 81 -35.62 56.19 58.66
C PHE I 81 -36.83 56.69 57.86
N GLY I 82 -37.70 57.49 58.48
CA GLY I 82 -38.89 57.97 57.78
C GLY I 82 -38.61 58.97 56.69
N GLN I 83 -37.45 59.62 56.72
CA GLN I 83 -37.13 60.64 55.72
C GLN I 83 -36.79 60.05 54.37
N ILE I 84 -36.38 58.78 54.31
CA ILE I 84 -35.79 58.24 53.09
C ILE I 84 -36.83 57.84 52.05
N PHE I 85 -38.07 57.55 52.46
CA PHE I 85 -39.07 57.05 51.53
C PHE I 85 -39.53 58.14 50.58
N ARG I 86 -39.78 57.77 49.33
CA ARG I 86 -40.18 58.72 48.31
C ARG I 86 -41.54 59.32 48.64
N PRO I 87 -41.70 60.65 48.60
CA PRO I 87 -42.99 61.25 48.94
C PRO I 87 -44.14 60.77 48.06
N ASP I 88 -43.88 60.54 46.77
CA ASP I 88 -44.94 60.08 45.87
C ASP I 88 -45.47 58.70 46.27
N ASN I 89 -44.59 57.85 46.81
CA ASN I 89 -44.96 56.47 47.12
C ASN I 89 -45.81 56.34 48.38
N PHE I 90 -46.17 57.45 49.03
CA PHE I 90 -47.15 57.44 50.09
C PHE I 90 -48.54 57.57 49.48
N VAL I 91 -49.39 56.57 49.70
CA VAL I 91 -50.75 56.56 49.17
C VAL I 91 -51.68 56.18 50.33
N PHE I 92 -52.50 57.14 50.75
CA PHE I 92 -53.25 57.00 52.00
C PHE I 92 -54.68 57.49 51.82
N GLY I 93 -55.62 56.79 52.46
CA GLY I 93 -57.01 57.16 52.39
C GLY I 93 -57.43 58.16 53.45
N GLN I 94 -58.72 58.51 53.42
CA GLN I 94 -59.28 59.49 54.34
C GLN I 94 -59.69 58.86 55.67
N SER I 95 -60.51 57.82 55.62
CA SER I 95 -60.99 57.12 56.80
C SER I 95 -60.29 55.76 56.91
N GLY I 96 -60.57 55.06 58.01
CA GLY I 96 -59.99 53.75 58.24
C GLY I 96 -60.99 52.63 57.96
N ALA I 97 -60.45 51.41 57.90
CA ALA I 97 -61.28 50.25 57.59
C ALA I 97 -61.98 49.70 58.83
N GLY I 98 -61.38 49.88 60.00
CA GLY I 98 -61.96 49.40 61.24
C GLY I 98 -62.17 47.90 61.29
N ASN I 99 -61.09 47.14 61.08
CA ASN I 99 -61.08 45.69 61.23
C ASN I 99 -62.14 44.98 60.39
N ASN I 100 -62.62 45.63 59.33
CA ASN I 100 -63.61 45.05 58.43
C ASN I 100 -62.91 44.66 57.14
N TRP I 101 -62.70 43.36 56.94
CA TRP I 101 -62.05 42.86 55.73
C TRP I 101 -62.82 43.30 54.48
N ALA I 102 -64.15 43.29 54.56
CA ALA I 102 -64.96 43.69 53.41
C ALA I 102 -64.73 45.15 53.05
N LYS I 103 -64.57 46.02 54.04
CA LYS I 103 -64.29 47.44 53.77
C LYS I 103 -62.95 47.61 53.07
N GLY I 104 -61.97 46.78 53.43
CA GLY I 104 -60.68 46.85 52.76
C GLY I 104 -60.67 46.19 51.40
N HIS I 105 -61.50 45.18 51.19
CA HIS I 105 -61.45 44.37 49.98
C HIS I 105 -62.47 44.77 48.93
N TYR I 106 -63.61 45.34 49.33
CA TYR I 106 -64.71 45.61 48.41
C TYR I 106 -65.12 47.07 48.32
N THR I 107 -65.18 47.78 49.45
CA THR I 107 -65.71 49.14 49.45
C THR I 107 -64.60 50.19 49.47
N GLU I 108 -64.12 50.52 50.66
CA GLU I 108 -63.22 51.66 50.81
C GLU I 108 -61.81 51.35 50.30
N GLY I 109 -61.28 50.18 50.65
CA GLY I 109 -59.98 49.79 50.13
C GLY I 109 -59.95 49.68 48.62
N ALA I 110 -61.09 49.35 48.01
CA ALA I 110 -61.14 49.23 46.55
C ALA I 110 -61.06 50.59 45.87
N GLU I 111 -61.62 51.64 46.48
CA GLU I 111 -61.58 52.96 45.86
C GLU I 111 -60.15 53.48 45.76
N LEU I 112 -59.30 53.14 46.73
CA LEU I 112 -57.93 53.64 46.76
C LEU I 112 -56.97 52.77 45.98
N VAL I 113 -57.30 51.50 45.75
CA VAL I 113 -56.34 50.54 45.21
C VAL I 113 -55.82 50.98 43.84
N ASP I 114 -56.60 51.75 43.09
CA ASP I 114 -56.14 52.24 41.79
C ASP I 114 -54.95 53.20 41.96
N SER I 115 -55.09 54.18 42.86
CA SER I 115 -54.00 55.10 43.15
C SER I 115 -52.72 54.35 43.53
N VAL I 116 -52.86 53.22 44.24
CA VAL I 116 -51.69 52.45 44.64
C VAL I 116 -51.04 51.80 43.41
N LEU I 117 -51.86 51.18 42.56
CA LEU I 117 -51.34 50.54 41.36
C LEU I 117 -50.63 51.53 40.45
N ASP I 118 -51.04 52.80 40.48
CA ASP I 118 -50.35 53.82 39.69
C ASP I 118 -48.90 53.99 40.14
N VAL I 119 -48.66 53.98 41.45
CA VAL I 119 -47.31 54.11 41.97
C VAL I 119 -46.54 52.80 41.75
N VAL I 120 -47.20 51.66 41.93
CA VAL I 120 -46.58 50.37 41.64
C VAL I 120 -46.07 50.34 40.21
N ARG I 121 -46.91 50.76 39.27
CA ARG I 121 -46.52 50.86 37.88
C ARG I 121 -45.28 51.74 37.71
N LYS I 122 -45.30 52.93 38.33
CA LYS I 122 -44.19 53.87 38.21
C LYS I 122 -42.87 53.25 38.65
N GLU I 123 -42.88 52.55 39.79
CA GLU I 123 -41.63 51.98 40.30
C GLU I 123 -41.18 50.80 39.44
N SER I 124 -42.11 49.99 38.97
CA SER I 124 -41.75 48.87 38.10
C SER I 124 -41.27 49.35 36.73
N GLU I 125 -41.84 50.46 36.23
CA GLU I 125 -41.48 50.98 34.92
C GLU I 125 -39.97 51.17 34.77
N SER I 126 -39.31 51.65 35.82
CA SER I 126 -37.88 51.96 35.78
C SER I 126 -37.04 50.84 36.39
N CYS I 127 -37.39 49.59 36.12
CA CYS I 127 -36.63 48.43 36.59
C CYS I 127 -35.95 47.75 35.40
N ASP I 128 -34.64 47.53 35.52
CA ASP I 128 -33.91 46.75 34.52
C ASP I 128 -34.59 45.41 34.25
N CYS I 129 -34.77 44.62 35.31
CA CYS I 129 -35.43 43.32 35.19
C CYS I 129 -36.09 43.03 36.54
N LEU I 130 -37.42 43.15 36.59
CA LEU I 130 -38.15 42.91 37.82
C LEU I 130 -38.12 41.43 38.19
N GLN I 131 -37.99 41.16 39.50
CA GLN I 131 -38.19 39.82 40.04
C GLN I 131 -39.65 39.59 40.39
N GLY I 132 -40.18 40.44 41.26
CA GLY I 132 -41.49 40.22 41.85
C GLY I 132 -41.76 41.28 42.90
N PHE I 133 -42.71 40.98 43.78
CA PHE I 133 -43.17 41.95 44.76
C PHE I 133 -43.05 41.36 46.16
N GLN I 134 -43.22 42.22 47.15
CA GLN I 134 -43.00 41.86 48.55
C GLN I 134 -43.95 42.67 49.41
N LEU I 135 -44.89 42.01 50.07
CA LEU I 135 -45.92 42.66 50.85
C LEU I 135 -45.82 42.28 52.31
N THR I 136 -45.86 43.28 53.18
CA THR I 136 -45.96 43.09 54.62
C THR I 136 -47.31 43.62 55.10
N HIS I 137 -47.98 42.87 55.95
CA HIS I 137 -49.32 43.22 56.40
C HIS I 137 -49.76 42.24 57.48
N SER I 138 -50.82 42.63 58.19
CA SER I 138 -51.47 41.79 59.18
C SER I 138 -52.75 41.19 58.61
N LEU I 139 -53.10 40.01 59.11
CA LEU I 139 -54.25 39.27 58.60
C LEU I 139 -55.53 39.50 59.38
N GLY I 140 -55.42 39.90 60.65
CA GLY I 140 -56.61 40.17 61.45
C GLY I 140 -57.21 41.54 61.27
N GLY I 141 -56.51 42.45 60.58
CA GLY I 141 -56.99 43.78 60.35
C GLY I 141 -58.02 43.85 59.23
N GLY I 142 -58.39 45.08 58.88
CA GLY I 142 -59.27 45.32 57.75
C GLY I 142 -58.53 45.81 56.52
N THR I 143 -57.53 46.67 56.72
CA THR I 143 -56.77 47.23 55.61
C THR I 143 -55.66 46.30 55.16
N GLY I 144 -54.80 45.88 56.09
CA GLY I 144 -53.69 45.01 55.72
C GLY I 144 -54.14 43.71 55.10
N SER I 145 -55.25 43.15 55.58
CA SER I 145 -55.77 41.90 55.05
C SER I 145 -56.70 42.13 53.85
N GLY I 146 -57.69 43.00 53.99
CA GLY I 146 -58.68 43.15 52.94
C GLY I 146 -58.14 43.85 51.72
N MET I 147 -57.50 45.02 51.91
CA MET I 147 -56.95 45.73 50.77
C MET I 147 -55.68 45.07 50.26
N GLY I 148 -54.89 44.47 51.16
CA GLY I 148 -53.70 43.77 50.72
C GLY I 148 -54.01 42.62 49.78
N THR I 149 -54.89 41.72 50.20
CA THR I 149 -55.28 40.60 49.35
C THR I 149 -55.93 41.09 48.06
N LEU I 150 -56.63 42.23 48.11
CA LEU I 150 -57.17 42.82 46.90
C LEU I 150 -56.06 43.39 46.03
N LEU I 151 -55.07 44.04 46.65
CA LEU I 151 -53.91 44.52 45.91
C LEU I 151 -53.16 43.38 45.25
N ILE I 152 -52.99 42.27 45.97
CA ILE I 152 -52.26 41.12 45.43
C ILE I 152 -52.91 40.63 44.15
N SER I 153 -54.21 40.32 44.22
CA SER I 153 -54.95 39.89 43.03
C SER I 153 -54.84 40.90 41.90
N LYS I 154 -54.93 42.20 42.23
CA LYS I 154 -54.84 43.23 41.20
C LYS I 154 -53.45 43.29 40.57
N ILE I 155 -52.40 42.95 41.34
CA ILE I 155 -51.06 42.89 40.77
C ILE I 155 -50.84 41.59 40.02
N ARG I 156 -51.21 40.47 40.65
CA ARG I 156 -51.19 39.14 40.03
C ARG I 156 -51.72 39.16 38.60
N GLU I 157 -52.79 39.93 38.35
CA GLU I 157 -53.36 40.01 37.02
C GLU I 157 -52.70 41.06 36.14
N GLU I 158 -52.10 42.10 36.73
CA GLU I 158 -51.34 43.07 35.95
C GLU I 158 -49.88 42.64 35.75
N TYR I 159 -49.34 41.81 36.64
CA TYR I 159 -47.97 41.30 36.53
C TYR I 159 -47.99 39.80 36.76
N PRO I 160 -48.53 39.02 35.82
CA PRO I 160 -48.60 37.57 36.02
C PRO I 160 -47.28 36.84 35.78
N ASP I 161 -46.27 37.51 35.22
CA ASP I 161 -44.97 36.90 34.98
C ASP I 161 -43.98 37.14 36.12
N ARG I 162 -44.47 37.44 37.31
CA ARG I 162 -43.63 37.84 38.43
C ARG I 162 -44.04 37.07 39.68
N ILE I 163 -43.14 37.07 40.67
CA ILE I 163 -43.34 36.37 41.93
C ILE I 163 -44.07 37.29 42.89
N MET I 164 -44.91 36.69 43.75
CA MET I 164 -45.62 37.41 44.80
C MET I 164 -45.26 36.80 46.14
N ASN I 165 -44.63 37.59 47.00
CA ASN I 165 -44.08 37.11 48.26
C ASN I 165 -44.58 38.00 49.39
N THR I 166 -45.24 37.39 50.38
CA THR I 166 -45.89 38.14 51.43
C THR I 166 -45.33 37.75 52.79
N PHE I 167 -45.28 38.72 53.69
CA PHE I 167 -44.96 38.51 55.10
C PHE I 167 -46.24 38.80 55.88
N SER I 168 -47.05 37.76 56.07
CA SER I 168 -48.36 37.90 56.70
C SER I 168 -48.28 37.45 58.14
N VAL I 169 -48.79 38.28 59.05
CA VAL I 169 -48.75 37.98 60.48
C VAL I 169 -50.13 37.51 60.92
N VAL I 170 -50.16 36.43 61.70
CA VAL I 170 -51.39 35.78 62.11
C VAL I 170 -51.89 36.41 63.41
N PRO I 171 -53.19 36.68 63.54
CA PRO I 171 -53.71 37.20 64.80
C PRO I 171 -53.79 36.11 65.87
N SER I 172 -53.69 36.54 67.12
CA SER I 172 -53.81 35.66 68.27
C SER I 172 -54.53 36.40 69.39
N PRO I 173 -55.37 35.71 70.15
CA PRO I 173 -56.00 36.35 71.32
C PRO I 173 -55.00 36.93 72.29
N LYS I 174 -53.78 36.42 72.32
CA LYS I 174 -52.73 36.91 73.22
C LYS I 174 -52.25 38.30 72.87
N VAL I 175 -52.62 38.85 71.71
CA VAL I 175 -52.12 40.15 71.29
C VAL I 175 -53.27 41.12 71.03
N SER I 176 -54.43 40.61 70.66
CA SER I 176 -55.61 41.47 70.51
C SER I 176 -56.86 40.64 70.70
N ASP I 177 -57.75 41.11 71.57
CA ASP I 177 -58.98 40.42 71.92
C ASP I 177 -60.10 40.64 70.91
N THR I 178 -59.82 41.22 69.75
CA THR I 178 -60.84 41.40 68.72
C THR I 178 -61.24 40.05 68.15
N VAL I 179 -62.54 39.73 68.21
CA VAL I 179 -63.01 38.41 67.82
C VAL I 179 -63.34 38.30 66.34
N VAL I 180 -63.36 39.41 65.60
CA VAL I 180 -63.56 39.34 64.16
C VAL I 180 -62.30 38.98 63.41
N GLU I 181 -61.16 38.97 64.08
CA GLU I 181 -59.91 38.58 63.44
C GLU I 181 -59.95 37.18 62.83
N PRO I 182 -60.52 36.15 63.50
CA PRO I 182 -60.71 34.86 62.80
C PRO I 182 -61.43 34.97 61.47
N TYR I 183 -62.46 35.82 61.39
CA TYR I 183 -63.11 36.07 60.10
C TYR I 183 -62.13 36.63 59.08
N ASN I 184 -61.49 37.76 59.42
CA ASN I 184 -60.62 38.44 58.47
C ASN I 184 -59.48 37.55 58.02
N ALA I 185 -58.86 36.82 58.96
CA ALA I 185 -57.72 35.97 58.60
C ALA I 185 -58.15 34.81 57.73
N THR I 186 -59.30 34.19 58.03
CA THR I 186 -59.79 33.08 57.22
C THR I 186 -60.08 33.54 55.79
N LEU I 187 -60.80 34.67 55.66
CA LEU I 187 -61.05 35.23 54.34
C LEU I 187 -59.75 35.55 53.62
N SER I 188 -58.74 36.00 54.36
CA SER I 188 -57.46 36.36 53.75
C SER I 188 -56.64 35.13 53.38
N VAL I 189 -56.71 34.07 54.18
CA VAL I 189 -56.03 32.82 53.84
C VAL I 189 -56.64 32.21 52.58
N HIS I 190 -57.97 32.32 52.44
CA HIS I 190 -58.64 31.91 51.21
C HIS I 190 -58.05 32.63 49.99
N GLN I 191 -57.52 33.83 50.19
CA GLN I 191 -56.90 34.57 49.09
C GLN I 191 -55.46 34.11 48.87
N LEU I 192 -54.68 34.00 49.94
CA LEU I 192 -53.24 33.77 49.81
C LEU I 192 -52.94 32.41 49.20
N VAL I 193 -53.74 31.39 49.52
CA VAL I 193 -53.53 30.06 48.98
C VAL I 193 -53.70 30.03 47.47
N GLU I 194 -54.44 30.99 46.91
CA GLU I 194 -54.70 31.04 45.48
C GLU I 194 -53.87 32.11 44.76
N ASN I 195 -53.32 33.09 45.48
CA ASN I 195 -52.80 34.30 44.84
C ASN I 195 -51.31 34.54 45.02
N THR I 196 -50.64 33.84 45.94
CA THR I 196 -49.24 34.11 46.23
C THR I 196 -48.39 32.87 46.02
N ASP I 197 -47.14 33.09 45.57
CA ASP I 197 -46.21 32.00 45.36
C ASP I 197 -45.59 31.52 46.66
N GLU I 198 -45.28 32.42 47.58
CA GLU I 198 -44.71 32.05 48.86
C GLU I 198 -45.14 33.07 49.92
N THR I 199 -45.39 32.57 51.13
CA THR I 199 -45.87 33.40 52.23
C THR I 199 -45.21 32.94 53.52
N TYR I 200 -44.54 33.87 54.20
CA TYR I 200 -43.96 33.59 55.51
C TYR I 200 -45.02 33.83 56.59
N CYS I 201 -45.28 32.81 57.39
CA CYS I 201 -46.35 32.86 58.40
C CYS I 201 -45.76 33.34 59.72
N ILE I 202 -46.00 34.60 60.05
CA ILE I 202 -45.57 35.18 61.31
C ILE I 202 -46.73 35.07 62.29
N ASP I 203 -46.57 34.30 63.35
CA ASP I 203 -47.65 34.05 64.30
C ASP I 203 -47.43 34.89 65.55
N ASN I 204 -48.37 35.79 65.83
CA ASN I 204 -48.29 36.58 67.06
C ASN I 204 -48.39 35.71 68.29
N GLU I 205 -49.15 34.61 68.21
CA GLU I 205 -49.15 33.60 69.27
C GLU I 205 -47.72 33.17 69.60
N ALA I 206 -46.91 32.90 68.58
CA ALA I 206 -45.53 32.46 68.81
C ALA I 206 -44.61 33.61 69.19
N LEU I 207 -44.88 34.83 68.70
CA LEU I 207 -44.06 35.98 69.09
C LEU I 207 -44.26 36.31 70.56
N TYR I 208 -45.50 36.22 71.05
CA TYR I 208 -45.77 36.44 72.46
C TYR I 208 -45.13 35.35 73.31
N ASP I 209 -45.36 34.08 72.94
CA ASP I 209 -44.79 32.97 73.69
C ASP I 209 -43.27 32.98 73.70
N ILE I 210 -42.64 33.63 72.72
CA ILE I 210 -41.19 33.74 72.73
C ILE I 210 -40.73 34.91 73.59
N CYS I 211 -41.39 36.07 73.45
CA CYS I 211 -41.06 37.20 74.30
C CYS I 211 -41.41 36.95 75.76
N PHE I 212 -42.44 36.15 76.02
CA PHE I 212 -42.87 35.90 77.39
C PHE I 212 -42.04 34.80 78.06
N ARG I 213 -41.85 33.67 77.39
CA ARG I 213 -41.27 32.50 78.02
C ARG I 213 -39.76 32.42 77.85
N THR I 214 -39.25 32.70 76.66
CA THR I 214 -37.81 32.59 76.42
C THR I 214 -37.06 33.86 76.78
N LEU I 215 -37.59 35.02 76.41
CA LEU I 215 -36.93 36.30 76.70
C LEU I 215 -37.33 36.89 78.04
N LYS I 216 -38.30 36.28 78.73
CA LYS I 216 -38.74 36.70 80.06
C LYS I 216 -39.06 38.19 80.11
N LEU I 217 -40.00 38.59 79.26
CA LEU I 217 -40.61 39.91 79.31
C LEU I 217 -42.07 39.74 79.64
N THR I 218 -42.50 40.28 80.79
CA THR I 218 -43.82 39.99 81.30
C THR I 218 -44.91 40.60 80.43
N THR I 219 -44.68 41.79 79.89
CA THR I 219 -45.61 42.44 78.97
C THR I 219 -44.89 42.81 77.68
N PRO I 220 -44.94 41.96 76.65
CA PRO I 220 -44.36 42.33 75.37
C PRO I 220 -45.18 43.42 74.67
N THR I 221 -44.49 44.38 74.09
CA THR I 221 -45.09 45.40 73.25
C THR I 221 -44.99 45.00 71.78
N TYR I 222 -45.63 45.80 70.93
CA TYR I 222 -45.46 45.63 69.48
C TYR I 222 -43.99 45.72 69.10
N GLY I 223 -43.30 46.75 69.59
CA GLY I 223 -41.87 46.88 69.34
C GLY I 223 -41.08 45.63 69.70
N ASP I 224 -41.46 44.98 70.80
CA ASP I 224 -40.78 43.75 71.19
C ASP I 224 -41.05 42.63 70.18
N LEU I 225 -42.30 42.49 69.77
CA LEU I 225 -42.62 41.51 68.73
C LEU I 225 -42.05 41.92 67.38
N ASN I 226 -42.06 43.23 67.08
CA ASN I 226 -41.54 43.70 65.80
C ASN I 226 -40.04 43.51 65.67
N HIS I 227 -39.32 43.49 66.80
CA HIS I 227 -37.89 43.20 66.74
C HIS I 227 -37.63 41.79 66.23
N LEU I 228 -38.40 40.81 66.74
CA LEU I 228 -38.27 39.44 66.26
C LEU I 228 -38.59 39.34 64.77
N VAL I 229 -39.53 40.14 64.29
CA VAL I 229 -39.97 40.04 62.89
C VAL I 229 -38.89 40.60 61.97
N SER I 230 -38.48 41.85 62.20
CA SER I 230 -37.49 42.48 61.33
C SER I 230 -36.20 41.69 61.26
N ALA I 231 -35.81 41.05 62.37
CA ALA I 231 -34.58 40.24 62.37
C ALA I 231 -34.77 38.97 61.56
N THR I 232 -35.96 38.36 61.64
CA THR I 232 -36.26 37.20 60.81
C THR I 232 -36.28 37.56 59.33
N MET I 233 -36.81 38.74 59.00
CA MET I 233 -36.93 39.14 57.60
C MET I 233 -35.57 39.33 56.94
N SER I 234 -34.69 40.09 57.58
CA SER I 234 -33.34 40.25 57.06
C SER I 234 -32.62 38.91 56.93
N GLY I 235 -32.93 37.96 57.82
CA GLY I 235 -32.29 36.65 57.74
C GLY I 235 -32.75 35.85 56.53
N VAL I 236 -34.06 35.82 56.29
CA VAL I 236 -34.57 35.04 55.15
C VAL I 236 -34.24 35.73 53.84
N THR I 237 -34.10 37.06 53.85
CA THR I 237 -33.75 37.82 52.65
C THR I 237 -32.25 38.02 52.51
N THR I 238 -31.45 37.32 53.31
CA THR I 238 -29.99 37.45 53.21
C THR I 238 -29.49 36.98 51.85
N CYS I 239 -29.97 35.80 51.40
CA CYS I 239 -29.61 35.30 50.08
C CYS I 239 -29.92 36.32 48.99
N LEU I 240 -31.05 37.02 49.11
CA LEU I 240 -31.49 37.93 48.06
C LEU I 240 -30.64 39.19 48.00
N ARG I 241 -30.05 39.60 49.12
CA ARG I 241 -29.43 40.91 49.23
C ARG I 241 -27.91 40.89 49.11
N PHE I 242 -27.29 39.72 49.15
CA PHE I 242 -25.85 39.57 49.07
C PHE I 242 -25.52 38.48 48.06
N PRO I 243 -24.29 38.47 47.53
CA PRO I 243 -23.94 37.45 46.53
C PRO I 243 -23.93 36.05 47.14
N GLY I 244 -24.39 35.08 46.36
CA GLY I 244 -24.55 33.73 46.84
C GLY I 244 -25.08 32.77 45.78
N GLN I 245 -24.66 31.50 45.86
CA GLN I 245 -25.02 30.52 44.85
C GLN I 245 -26.45 30.01 45.02
N LEU I 246 -26.84 29.68 46.24
CA LEU I 246 -28.04 28.91 46.49
C LEU I 246 -29.20 29.80 46.90
N ASN I 247 -30.39 29.48 46.38
CA ASN I 247 -31.61 30.26 46.63
C ASN I 247 -31.38 31.75 46.37
N ALA I 248 -30.87 32.05 45.18
CA ALA I 248 -30.40 33.40 44.89
C ALA I 248 -31.58 34.36 44.67
N ASP I 249 -32.50 34.01 43.79
CA ASP I 249 -33.61 34.88 43.46
C ASP I 249 -34.93 34.27 43.94
N LEU I 250 -35.99 35.09 43.84
CA LEU I 250 -37.29 34.70 44.37
C LEU I 250 -37.81 33.43 43.71
N ARG I 251 -37.69 33.32 42.39
CA ARG I 251 -38.26 32.18 41.69
C ARG I 251 -37.51 30.88 42.04
N LYS I 252 -36.18 30.94 42.05
CA LYS I 252 -35.40 29.74 42.39
C LYS I 252 -35.72 29.25 43.80
N LEU I 253 -35.88 30.19 44.74
CA LEU I 253 -36.30 29.83 46.09
C LEU I 253 -37.61 29.05 46.07
N ALA I 254 -38.67 29.65 45.51
CA ALA I 254 -39.98 29.00 45.47
C ALA I 254 -39.94 27.67 44.74
N VAL I 255 -39.08 27.54 43.72
CA VAL I 255 -38.97 26.28 42.99
C VAL I 255 -38.48 25.17 43.91
N ASN I 256 -37.52 25.47 44.79
CA ASN I 256 -36.93 24.48 45.66
C ASN I 256 -37.63 24.38 47.02
N MET I 257 -38.72 25.12 47.23
CA MET I 257 -39.41 25.12 48.50
C MET I 257 -40.86 24.63 48.41
N VAL I 258 -41.52 24.79 47.28
CA VAL I 258 -42.94 24.54 47.14
C VAL I 258 -43.15 23.42 46.14
N PRO I 259 -43.40 22.19 46.61
CA PRO I 259 -43.65 21.08 45.67
C PRO I 259 -45.07 21.02 45.16
N PHE I 260 -46.04 21.59 45.88
CA PHE I 260 -47.44 21.58 45.48
C PHE I 260 -47.98 23.00 45.63
N PRO I 261 -48.63 23.55 44.60
CA PRO I 261 -48.85 25.01 44.57
C PRO I 261 -49.58 25.57 45.78
N ARG I 262 -50.57 24.86 46.31
CA ARG I 262 -51.34 25.40 47.43
C ARG I 262 -50.55 25.36 48.74
N LEU I 263 -49.60 24.44 48.87
CA LEU I 263 -48.88 24.24 50.13
C LEU I 263 -47.58 25.04 50.11
N HIS I 264 -47.74 26.37 50.18
CA HIS I 264 -46.62 27.29 50.08
C HIS I 264 -46.55 28.22 51.30
N PHE I 265 -46.90 27.70 52.48
CA PHE I 265 -46.89 28.48 53.71
C PHE I 265 -45.73 28.03 54.57
N PHE I 266 -44.68 28.84 54.61
CA PHE I 266 -43.45 28.48 55.29
C PHE I 266 -43.54 28.80 56.78
N MET I 267 -42.96 27.92 57.60
CA MET I 267 -42.82 28.15 59.02
C MET I 267 -41.43 28.70 59.29
N PRO I 268 -41.26 30.01 59.43
CA PRO I 268 -39.92 30.56 59.65
C PRO I 268 -39.50 30.46 61.10
N GLY I 269 -38.19 30.49 61.30
CA GLY I 269 -37.60 30.48 62.62
C GLY I 269 -36.12 30.74 62.52
N PHE I 270 -35.53 31.38 63.53
CA PHE I 270 -34.13 31.77 63.43
C PHE I 270 -33.54 31.80 64.83
N ALA I 271 -32.21 31.95 64.88
CA ALA I 271 -31.46 31.82 66.11
C ALA I 271 -30.19 32.65 66.01
N PRO I 272 -29.66 33.12 67.15
CA PRO I 272 -30.25 32.99 68.49
C PRO I 272 -31.26 34.09 68.81
N LEU I 273 -32.18 33.80 69.73
CA LEU I 273 -33.22 34.74 70.11
C LEU I 273 -32.66 35.76 71.10
N THR I 274 -32.62 37.02 70.69
CA THR I 274 -32.09 38.10 71.50
C THR I 274 -33.20 39.09 71.86
N SER I 275 -32.94 39.88 72.90
CA SER I 275 -33.86 40.92 73.34
C SER I 275 -33.54 42.23 72.62
N ARG I 276 -34.30 43.27 72.93
CA ARG I 276 -34.12 44.59 72.33
C ARG I 276 -32.82 45.20 72.84
N GLY I 277 -31.75 45.06 72.05
CA GLY I 277 -30.49 45.70 72.39
C GLY I 277 -29.77 45.12 73.58
N SER I 278 -30.00 43.85 73.89
CA SER I 278 -29.28 43.17 74.95
C SER I 278 -27.92 42.69 74.44
N GLN I 279 -27.12 42.15 75.35
CA GLN I 279 -25.76 41.72 75.03
C GLN I 279 -25.68 40.21 75.03
N GLN I 280 -25.17 39.65 73.94
CA GLN I 280 -25.01 38.21 73.78
C GLN I 280 -23.57 37.88 74.16
N TYR I 281 -23.42 37.24 75.33
CA TYR I 281 -22.10 37.13 75.96
C TYR I 281 -21.14 36.28 75.16
N ARG I 282 -21.53 35.06 74.81
CA ARG I 282 -20.69 34.12 74.09
C ARG I 282 -21.33 33.78 72.76
N ALA I 283 -20.64 34.04 71.65
CA ALA I 283 -21.20 33.71 70.36
C ALA I 283 -21.37 32.20 70.24
N LEU I 284 -22.52 31.78 69.73
CA LEU I 284 -22.86 30.36 69.69
C LEU I 284 -21.93 29.59 68.75
N THR I 285 -21.90 28.28 68.96
CA THR I 285 -21.15 27.39 68.09
C THR I 285 -22.05 26.89 66.97
N VAL I 286 -21.42 26.30 65.95
CA VAL I 286 -22.17 25.77 64.81
C VAL I 286 -23.14 24.66 65.25
N PRO I 287 -22.75 23.67 66.05
CA PRO I 287 -23.74 22.66 66.47
C PRO I 287 -24.86 23.24 67.33
N GLU I 288 -24.59 24.33 68.05
CA GLU I 288 -25.65 24.96 68.85
C GLU I 288 -26.70 25.61 67.97
N LEU I 289 -26.26 26.46 67.03
CA LEU I 289 -27.16 27.05 66.04
C LEU I 289 -28.00 25.98 65.35
N THR I 290 -27.34 24.92 64.85
CA THR I 290 -28.04 23.83 64.18
C THR I 290 -29.16 23.25 65.06
N GLN I 291 -28.93 23.13 66.36
CA GLN I 291 -29.93 22.59 67.26
C GLN I 291 -30.92 23.66 67.71
N GLN I 292 -31.20 24.64 66.85
CA GLN I 292 -32.33 25.53 67.02
C GLN I 292 -33.34 25.35 65.91
N MET I 293 -33.26 24.22 65.20
CA MET I 293 -34.17 23.90 64.10
C MET I 293 -35.41 23.22 64.64
N PHE I 294 -35.28 21.97 65.10
CA PHE I 294 -36.37 21.27 65.77
C PHE I 294 -36.81 21.98 67.03
N ASP I 295 -35.94 22.78 67.64
CA ASP I 295 -36.28 23.54 68.84
C ASP I 295 -37.48 24.43 68.54
N ALA I 296 -38.67 23.98 68.93
CA ALA I 296 -39.90 24.68 68.58
C ALA I 296 -40.02 26.03 69.26
N LYS I 297 -39.18 26.31 70.27
CA LYS I 297 -39.14 27.62 70.91
C LYS I 297 -38.46 28.68 70.05
N ASN I 298 -37.98 28.33 68.87
CA ASN I 298 -37.39 29.29 67.93
C ASN I 298 -38.25 29.52 66.70
N MET I 299 -39.40 28.86 66.58
CA MET I 299 -40.26 29.03 65.42
C MET I 299 -41.12 30.28 65.57
N MET I 300 -41.15 31.10 64.52
CA MET I 300 -42.03 32.27 64.51
C MET I 300 -43.49 31.91 64.33
N ALA I 301 -43.79 30.67 63.96
CA ALA I 301 -45.15 30.16 63.93
C ALA I 301 -45.36 29.18 65.08
N ALA I 302 -46.54 29.24 65.69
CA ALA I 302 -46.84 28.45 66.88
C ALA I 302 -47.21 27.03 66.43
N CYS I 303 -46.19 26.26 66.07
CA CYS I 303 -46.36 24.89 65.63
C CYS I 303 -45.20 24.05 66.13
N ASP I 304 -45.45 22.76 66.29
CA ASP I 304 -44.42 21.82 66.72
C ASP I 304 -43.94 21.02 65.52
N PRO I 305 -42.71 21.24 65.04
CA PRO I 305 -42.20 20.40 63.94
C PRO I 305 -42.20 18.92 64.26
N ARG I 306 -42.12 18.55 65.55
CA ARG I 306 -42.17 17.15 65.93
C ARG I 306 -43.51 16.51 65.57
N HIS I 307 -44.57 17.31 65.50
CA HIS I 307 -45.91 16.80 65.23
C HIS I 307 -46.21 16.68 63.73
N GLY I 308 -45.25 17.01 62.88
CA GLY I 308 -45.43 16.86 61.45
C GLY I 308 -44.16 16.44 60.74
N ARG I 309 -44.12 16.62 59.42
CA ARG I 309 -42.95 16.25 58.62
C ARG I 309 -42.56 17.41 57.72
N TYR I 310 -41.26 17.59 57.54
CA TYR I 310 -40.74 18.64 56.66
C TYR I 310 -40.79 18.19 55.20
N LEU I 311 -41.39 19.02 54.34
CA LEU I 311 -41.31 18.77 52.91
C LEU I 311 -40.00 19.31 52.34
N THR I 312 -39.72 20.60 52.57
CA THR I 312 -38.48 21.23 52.16
C THR I 312 -37.99 22.13 53.28
N VAL I 313 -36.67 22.34 53.34
CA VAL I 313 -36.05 23.16 54.36
C VAL I 313 -34.93 23.99 53.73
N ALA I 314 -34.85 25.26 54.09
CA ALA I 314 -33.77 26.15 53.71
C ALA I 314 -33.13 26.74 54.96
N ALA I 315 -31.81 26.57 55.09
CA ALA I 315 -31.06 27.10 56.22
C ALA I 315 -30.10 28.17 55.73
N VAL I 316 -30.04 29.29 56.47
CA VAL I 316 -29.19 30.43 56.13
C VAL I 316 -28.32 30.75 57.34
N PHE I 317 -27.03 30.43 57.26
CA PHE I 317 -26.06 30.74 58.31
C PHE I 317 -25.34 32.04 57.97
N ARG I 318 -25.37 32.99 58.88
CA ARG I 318 -24.72 34.28 58.70
C ARG I 318 -23.54 34.41 59.65
N GLY I 319 -22.39 34.83 59.11
CA GLY I 319 -21.20 35.02 59.89
C GLY I 319 -20.04 34.19 59.38
N ARG I 320 -18.86 34.50 59.92
CA ARG I 320 -17.66 33.73 59.62
C ARG I 320 -17.65 32.45 60.44
N MET I 321 -17.61 31.30 59.76
CA MET I 321 -17.65 30.01 60.42
C MET I 321 -17.17 28.95 59.44
N SER I 322 -17.08 27.72 59.93
CA SER I 322 -16.57 26.60 59.15
C SER I 322 -17.68 26.08 58.24
N MET I 323 -17.51 26.26 56.92
CA MET I 323 -18.40 25.61 55.97
C MET I 323 -18.35 24.10 56.09
N LYS I 324 -17.19 23.57 56.47
CA LYS I 324 -17.05 22.13 56.69
C LYS I 324 -17.91 21.66 57.86
N GLU I 325 -17.91 22.43 58.95
CA GLU I 325 -18.66 22.03 60.14
C GLU I 325 -20.17 22.17 59.93
N VAL I 326 -20.59 23.23 59.23
CA VAL I 326 -22.01 23.42 58.95
C VAL I 326 -22.56 22.25 58.14
N ASP I 327 -21.86 21.88 57.07
CA ASP I 327 -22.25 20.72 56.27
C ASP I 327 -22.38 19.47 57.12
N GLU I 328 -21.39 19.23 58.00
CA GLU I 328 -21.43 18.05 58.86
C GLU I 328 -22.64 18.07 59.78
N GLN I 329 -22.88 19.22 60.45
CA GLN I 329 -23.97 19.29 61.41
C GLN I 329 -25.33 19.16 60.74
N MET I 330 -25.50 19.75 59.56
CA MET I 330 -26.77 19.65 58.85
C MET I 330 -27.00 18.23 58.33
N LEU I 331 -25.97 17.62 57.74
CA LEU I 331 -26.08 16.23 57.33
C LEU I 331 -26.35 15.32 58.52
N ASN I 332 -25.83 15.67 59.68
CA ASN I 332 -26.05 14.94 60.92
C ASN I 332 -27.52 15.00 61.31
N VAL I 333 -28.01 16.21 61.62
CA VAL I 333 -29.35 16.40 62.17
C VAL I 333 -30.44 15.84 61.25
N GLN I 334 -30.17 15.74 59.95
CA GLN I 334 -31.17 15.19 59.04
C GLN I 334 -31.39 13.70 59.27
N ASN I 335 -30.32 12.90 59.23
CA ASN I 335 -30.44 11.45 59.32
C ASN I 335 -30.64 10.96 60.74
N LYS I 336 -30.25 11.74 61.75
CA LYS I 336 -30.53 11.35 63.13
C LYS I 336 -31.99 11.60 63.52
N ASN I 337 -32.74 12.26 62.66
CA ASN I 337 -34.18 12.47 62.79
C ASN I 337 -34.88 12.11 61.49
N SER I 338 -34.41 11.03 60.86
CA SER I 338 -34.82 10.69 59.49
C SER I 338 -36.31 10.48 59.37
N SER I 339 -37.00 10.14 60.46
CA SER I 339 -38.45 9.93 60.38
C SER I 339 -39.22 11.23 60.31
N TYR I 340 -38.58 12.38 60.50
CA TYR I 340 -39.27 13.66 60.48
C TYR I 340 -39.15 14.39 59.15
N PHE I 341 -38.20 14.00 58.30
CA PHE I 341 -38.09 14.54 56.95
C PHE I 341 -38.72 13.55 55.97
N VAL I 342 -39.58 14.06 55.09
CA VAL I 342 -40.22 13.25 54.07
C VAL I 342 -39.18 12.50 53.25
N GLU I 343 -39.42 11.20 53.03
CA GLU I 343 -38.48 10.38 52.29
C GLU I 343 -38.58 10.57 50.79
N TRP I 344 -39.78 10.85 50.26
CA TRP I 344 -39.98 10.87 48.82
C TRP I 344 -39.49 12.16 48.15
N ILE I 345 -38.88 13.07 48.89
CA ILE I 345 -38.21 14.23 48.32
C ILE I 345 -36.75 14.16 48.74
N PRO I 346 -35.87 13.66 47.87
CA PRO I 346 -34.46 13.52 48.25
C PRO I 346 -33.72 14.84 48.16
N ASN I 347 -32.79 15.04 49.10
CA ASN I 347 -32.02 16.28 49.23
C ASN I 347 -32.94 17.48 49.33
N ASN I 348 -33.96 17.36 50.19
CA ASN I 348 -34.96 18.41 50.34
C ASN I 348 -34.49 19.55 51.25
N VAL I 349 -33.45 19.34 52.04
CA VAL I 349 -32.88 20.38 52.89
C VAL I 349 -31.71 21.02 52.15
N LYS I 350 -31.66 22.36 52.13
CA LYS I 350 -30.64 23.10 51.43
C LYS I 350 -30.08 24.18 52.36
N THR I 351 -28.75 24.24 52.46
CA THR I 351 -28.06 25.17 53.36
C THR I 351 -27.26 26.17 52.55
N ALA I 352 -27.16 27.39 53.06
CA ALA I 352 -26.38 28.46 52.44
C ALA I 352 -25.74 29.29 53.53
N VAL I 353 -24.58 29.88 53.21
CA VAL I 353 -23.80 30.65 54.17
C VAL I 353 -23.55 32.05 53.61
N CYS I 354 -23.54 33.04 54.51
CA CYS I 354 -23.21 34.41 54.18
C CYS I 354 -22.25 34.95 55.21
N ASP I 355 -21.15 35.54 54.75
CA ASP I 355 -20.08 35.94 55.67
C ASP I 355 -20.46 37.13 56.53
N ILE I 356 -21.28 38.04 56.01
CA ILE I 356 -21.69 39.23 56.76
C ILE I 356 -22.77 38.86 57.76
N PRO I 357 -22.51 38.94 59.06
CA PRO I 357 -23.52 38.59 60.05
C PRO I 357 -24.51 39.71 60.23
N PRO I 358 -25.61 39.49 60.96
CA PRO I 358 -26.52 40.60 61.26
C PRO I 358 -26.03 41.41 62.44
N ARG I 359 -26.37 42.70 62.42
CA ARG I 359 -25.74 43.65 63.34
C ARG I 359 -26.13 43.35 64.78
N GLY I 360 -25.14 43.29 65.65
CA GLY I 360 -25.37 42.90 67.03
C GLY I 360 -24.78 41.54 67.34
N LEU I 361 -24.94 40.61 66.41
CA LEU I 361 -24.58 39.20 66.62
C LEU I 361 -23.36 38.84 65.78
N LYS I 362 -22.52 37.95 66.33
CA LYS I 362 -21.37 37.46 65.59
C LYS I 362 -21.77 36.39 64.59
N MET I 363 -22.67 35.48 64.98
CA MET I 363 -23.18 34.43 64.12
C MET I 363 -24.69 34.34 64.28
N SER I 364 -25.35 33.81 63.26
CA SER I 364 -26.80 33.64 63.29
C SER I 364 -27.20 32.56 62.31
N ALA I 365 -28.44 32.11 62.42
CA ALA I 365 -28.93 31.02 61.57
C ALA I 365 -30.44 31.12 61.48
N THR I 366 -30.97 31.17 60.26
CA THR I 366 -32.40 31.24 59.99
C THR I 366 -32.87 29.93 59.35
N PHE I 367 -34.07 29.49 59.73
CA PHE I 367 -34.55 28.14 59.40
C PHE I 367 -35.93 28.24 58.75
N ILE I 368 -35.96 28.38 57.42
CA ILE I 368 -37.19 28.44 56.66
C ILE I 368 -37.63 27.01 56.34
N GLY I 369 -38.84 26.64 56.76
CA GLY I 369 -39.30 25.28 56.58
C GLY I 369 -40.75 25.13 56.13
N ASN I 370 -40.97 24.31 55.10
CA ASN I 370 -42.31 23.89 54.71
C ASN I 370 -42.64 22.61 55.47
N SER I 371 -43.16 22.78 56.68
CA SER I 371 -43.51 21.65 57.55
C SER I 371 -45.02 21.45 57.55
N THR I 372 -45.43 20.18 57.42
CA THR I 372 -46.85 19.86 57.48
C THR I 372 -47.47 20.17 58.83
N ALA I 373 -46.64 20.35 59.87
CA ALA I 373 -47.14 20.74 61.18
C ALA I 373 -47.90 22.06 61.15
N ILE I 374 -47.65 22.90 60.14
CA ILE I 374 -48.32 24.19 59.97
C ILE I 374 -49.84 24.03 59.99
N GLN I 375 -50.32 22.80 59.76
CA GLN I 375 -51.76 22.54 59.85
C GLN I 375 -52.30 22.85 61.24
N GLU I 376 -51.46 22.74 62.28
CA GLU I 376 -51.87 23.16 63.62
C GLU I 376 -52.29 24.61 63.64
N LEU I 377 -51.52 25.48 62.95
CA LEU I 377 -51.86 26.90 62.90
C LEU I 377 -53.22 27.12 62.26
N PHE I 378 -53.46 26.48 61.11
CA PHE I 378 -54.73 26.66 60.41
C PHE I 378 -55.89 26.02 61.18
N LYS I 379 -55.61 24.99 61.97
CA LYS I 379 -56.62 24.44 62.86
C LYS I 379 -57.13 25.49 63.83
N ARG I 380 -56.19 26.20 64.50
CA ARG I 380 -56.56 27.22 65.48
C ARG I 380 -57.46 28.29 64.85
N ILE I 381 -57.07 28.80 63.69
CA ILE I 381 -57.85 29.86 63.05
C ILE I 381 -59.23 29.35 62.65
N SER I 382 -59.31 28.12 62.18
CA SER I 382 -60.59 27.59 61.71
C SER I 382 -61.56 27.34 62.85
N GLU I 383 -61.07 26.76 63.95
CA GLU I 383 -61.93 26.52 65.10
C GLU I 383 -62.46 27.83 65.67
N GLN I 384 -61.60 28.85 65.77
CA GLN I 384 -62.06 30.16 66.19
C GLN I 384 -63.05 30.75 65.17
N PHE I 385 -62.76 30.59 63.88
CA PHE I 385 -63.69 31.05 62.85
C PHE I 385 -65.03 30.35 62.96
N THR I 386 -65.00 29.03 63.12
CA THR I 386 -66.25 28.25 63.11
C THR I 386 -67.09 28.55 64.33
N ALA I 387 -66.48 28.55 65.52
CA ALA I 387 -67.17 28.97 66.73
C ALA I 387 -67.86 30.31 66.54
N MET I 388 -67.15 31.29 65.96
CA MET I 388 -67.75 32.58 65.66
C MET I 388 -68.86 32.44 64.61
N PHE I 389 -68.59 31.70 63.53
CA PHE I 389 -69.50 31.69 62.39
C PHE I 389 -70.76 30.88 62.66
N ARG I 390 -70.66 29.84 63.49
CA ARG I 390 -71.84 29.03 63.78
C ARG I 390 -72.89 29.83 64.55
N ARG I 391 -72.45 30.80 65.36
CA ARG I 391 -73.35 31.73 66.01
C ARG I 391 -73.58 33.00 65.18
N LYS I 392 -72.93 33.10 64.02
CA LYS I 392 -73.20 34.15 63.03
C LYS I 392 -72.93 35.56 63.57
N ALA I 393 -71.97 35.68 64.48
CA ALA I 393 -71.68 36.98 65.08
C ALA I 393 -71.04 37.92 64.07
N PHE I 394 -71.36 39.21 64.21
CA PHE I 394 -70.73 40.31 63.47
C PHE I 394 -70.80 40.16 61.96
N LEU I 395 -71.68 39.28 61.46
CA LEU I 395 -71.77 39.08 60.01
C LEU I 395 -72.35 40.30 59.31
N HIS I 396 -73.20 41.07 59.99
CA HIS I 396 -73.83 42.23 59.37
C HIS I 396 -72.81 43.30 58.98
N TRP I 397 -71.65 43.33 59.64
CA TRP I 397 -70.55 44.18 59.19
C TRP I 397 -70.18 43.86 57.74
N TYR I 398 -69.80 42.60 57.49
CA TYR I 398 -69.26 42.22 56.19
C TYR I 398 -70.34 42.23 55.11
N THR I 399 -71.51 41.67 55.41
CA THR I 399 -72.58 41.60 54.42
C THR I 399 -73.03 42.99 54.00
N GLY I 400 -73.04 43.94 54.94
CA GLY I 400 -73.43 45.30 54.60
C GLY I 400 -72.54 45.93 53.53
N GLU I 401 -71.26 45.55 53.51
CA GLU I 401 -70.30 46.08 52.54
C GLU I 401 -70.33 45.31 51.21
N GLY I 402 -71.37 44.53 50.96
CA GLY I 402 -71.52 43.82 49.71
C GLY I 402 -71.13 42.36 49.73
N MET I 403 -70.60 41.85 50.84
CA MET I 403 -70.23 40.44 50.90
C MET I 403 -71.46 39.56 51.06
N ASP I 404 -71.33 38.32 50.62
CA ASP I 404 -72.38 37.32 50.74
C ASP I 404 -72.00 36.29 51.81
N GLU I 405 -73.02 35.84 52.55
CA GLU I 405 -72.81 34.82 53.59
C GLU I 405 -72.12 33.59 53.04
N MET I 406 -72.38 33.25 51.77
CA MET I 406 -71.77 32.07 51.16
C MET I 406 -70.24 32.14 51.20
N GLU I 407 -69.67 33.34 51.02
CA GLU I 407 -68.22 33.50 50.99
C GLU I 407 -67.56 32.90 52.23
N PHE I 408 -68.16 33.11 53.40
CA PHE I 408 -67.59 32.59 54.63
C PHE I 408 -67.52 31.06 54.60
N THR I 409 -68.59 30.42 54.11
CA THR I 409 -68.60 28.97 54.01
C THR I 409 -67.51 28.47 53.08
N GLU I 410 -67.31 29.14 51.94
CA GLU I 410 -66.28 28.73 50.99
C GLU I 410 -64.89 28.88 51.60
N ALA I 411 -64.60 30.03 52.23
CA ALA I 411 -63.31 30.23 52.87
C ALA I 411 -63.09 29.22 53.99
N GLU I 412 -64.13 28.95 54.77
CA GLU I 412 -64.05 27.91 55.80
C GLU I 412 -63.70 26.57 55.18
N SER I 413 -64.45 26.15 54.16
CA SER I 413 -64.20 24.86 53.52
C SER I 413 -62.84 24.85 52.83
N ASN I 414 -62.47 25.95 52.18
CA ASN I 414 -61.20 25.98 51.44
C ASN I 414 -60.02 25.87 52.39
N MET I 415 -60.11 26.48 53.57
CA MET I 415 -59.05 26.35 54.55
C MET I 415 -58.98 24.93 55.10
N ASN I 416 -60.14 24.27 55.25
CA ASN I 416 -60.15 22.91 55.77
C ASN I 416 -59.57 21.92 54.76
N ASP I 417 -59.85 22.13 53.47
CA ASP I 417 -59.18 21.36 52.42
C ASP I 417 -57.66 21.55 52.50
N LEU I 418 -57.21 22.77 52.75
CA LEU I 418 -55.79 23.04 52.91
C LEU I 418 -55.22 22.27 54.09
N VAL I 419 -55.98 22.13 55.17
CA VAL I 419 -55.53 21.36 56.32
C VAL I 419 -55.45 19.88 55.97
N SER I 420 -56.48 19.35 55.30
CA SER I 420 -56.49 17.95 54.91
C SER I 420 -55.30 17.61 54.01
N GLU I 421 -54.98 18.48 53.06
CA GLU I 421 -53.84 18.26 52.17
C GLU I 421 -52.56 18.07 52.95
N TYR I 422 -52.31 18.96 53.92
CA TYR I 422 -51.13 18.81 54.78
C TYR I 422 -51.16 17.48 55.52
N GLN I 423 -52.33 17.05 55.97
CA GLN I 423 -52.45 15.78 56.69
C GLN I 423 -52.21 14.60 55.75
N GLN I 424 -52.63 14.71 54.48
CA GLN I 424 -52.41 13.64 53.53
C GLN I 424 -50.92 13.38 53.32
N TYR I 425 -50.16 14.42 52.98
CA TYR I 425 -48.73 14.25 52.70
C TYR I 425 -47.95 13.91 53.97
N GLN I 426 -48.50 14.21 55.15
CA GLN I 426 -47.86 13.79 56.39
C GLN I 426 -47.94 12.28 56.54
N ASP I 427 -49.08 11.68 56.22
CA ASP I 427 -49.29 10.24 56.33
C ASP I 427 -48.85 9.49 55.08
N ALA I 428 -48.28 10.17 54.09
CA ALA I 428 -47.84 9.51 52.88
C ALA I 428 -46.61 8.65 53.15
N THR I 429 -46.41 7.65 52.28
CA THR I 429 -45.30 6.73 52.40
C THR I 429 -44.62 6.55 51.06
N ALA I 430 -43.32 6.27 51.10
CA ALA I 430 -42.58 5.98 49.87
C ALA I 430 -42.77 4.54 49.43
N ASP I 431 -42.77 3.61 50.40
CA ASP I 431 -42.81 2.15 50.17
C ASP I 431 -42.15 1.69 48.87
N ARG J 2 -104.25 68.53 69.47
CA ARG J 2 -104.63 67.65 70.57
C ARG J 2 -105.98 66.99 70.30
N GLU J 3 -106.55 67.26 69.12
CA GLU J 3 -107.96 67.05 68.89
C GLU J 3 -108.27 65.60 68.53
N CYS J 4 -109.55 65.24 68.68
CA CYS J 4 -110.04 63.89 68.44
C CYS J 4 -111.40 63.97 67.76
N ILE J 5 -111.58 63.19 66.69
CA ILE J 5 -112.80 63.19 65.90
C ILE J 5 -113.59 61.92 66.20
N SER J 6 -114.89 62.08 66.45
CA SER J 6 -115.79 60.95 66.68
C SER J 6 -116.63 60.69 65.44
N ILE J 7 -116.89 59.41 65.18
CA ILE J 7 -117.70 58.98 64.04
C ILE J 7 -118.73 57.98 64.52
N HIS J 8 -119.96 58.08 64.00
CA HIS J 8 -121.07 57.24 64.43
C HIS J 8 -121.71 56.63 63.19
N VAL J 9 -121.74 55.30 63.14
CA VAL J 9 -122.15 54.55 61.95
C VAL J 9 -123.31 53.65 62.32
N GLY J 10 -124.36 53.66 61.49
CA GLY J 10 -125.54 52.88 61.77
C GLY J 10 -126.36 53.41 62.92
N GLN J 11 -127.59 52.91 63.05
CA GLN J 11 -128.48 53.33 64.14
C GLN J 11 -127.81 53.19 65.50
N ALA J 12 -127.09 52.08 65.74
CA ALA J 12 -126.41 51.87 67.00
C ALA J 12 -125.44 53.01 67.30
N GLY J 13 -124.46 53.21 66.41
CA GLY J 13 -123.54 54.33 66.57
C GLY J 13 -124.25 55.65 66.74
N VAL J 14 -125.20 55.94 65.87
CA VAL J 14 -125.87 57.24 65.86
C VAL J 14 -126.66 57.45 67.16
N GLN J 15 -127.39 56.44 67.60
CA GLN J 15 -128.25 56.61 68.78
C GLN J 15 -127.46 56.57 70.07
N ILE J 16 -126.37 55.79 70.13
CA ILE J 16 -125.47 55.88 71.26
C ILE J 16 -124.72 57.21 71.24
N GLY J 17 -124.40 57.72 70.05
CA GLY J 17 -123.82 59.04 69.94
C GLY J 17 -124.65 60.12 70.62
N ASN J 18 -125.95 60.13 70.34
CA ASN J 18 -126.85 61.07 71.01
C ASN J 18 -126.71 60.99 72.52
N ALA J 19 -126.73 59.77 73.07
CA ALA J 19 -126.63 59.60 74.52
C ALA J 19 -125.29 60.10 75.05
N CYS J 20 -124.22 59.94 74.27
CA CYS J 20 -122.91 60.37 74.74
C CYS J 20 -122.73 61.88 74.64
N TRP J 21 -123.15 62.49 73.52
CA TRP J 21 -123.01 63.93 73.37
C TRP J 21 -124.02 64.69 74.21
N GLU J 22 -125.17 64.07 74.50
CA GLU J 22 -126.04 64.57 75.56
C GLU J 22 -125.31 64.61 76.89
N LEU J 23 -124.59 63.52 77.20
CA LEU J 23 -123.89 63.41 78.47
C LEU J 23 -122.61 64.24 78.49
N TYR J 24 -121.95 64.40 77.34
CA TYR J 24 -120.79 65.28 77.27
C TYR J 24 -121.16 66.73 77.53
N CYS J 25 -122.31 67.17 76.99
CA CYS J 25 -122.70 68.57 77.13
C CYS J 25 -123.15 68.89 78.55
N LEU J 26 -123.67 67.90 79.28
CA LEU J 26 -123.99 68.12 80.69
C LEU J 26 -122.72 68.16 81.54
N GLU J 27 -121.76 67.30 81.23
CA GLU J 27 -120.50 67.29 81.97
C GLU J 27 -119.69 68.55 81.72
N HIS J 28 -119.85 69.18 80.55
CA HIS J 28 -119.11 70.38 80.20
C HIS J 28 -119.96 71.64 80.27
N GLY J 29 -121.15 71.55 80.85
CA GLY J 29 -122.03 72.70 80.97
C GLY J 29 -122.35 73.39 79.67
N ILE J 30 -122.40 72.63 78.57
CA ILE J 30 -122.72 73.19 77.26
C ILE J 30 -124.22 73.05 77.03
N GLN J 31 -124.81 74.07 76.42
CA GLN J 31 -126.24 74.18 76.23
C GLN J 31 -126.67 73.44 74.97
N PRO J 32 -127.96 73.09 74.86
CA PRO J 32 -128.43 72.46 73.62
C PRO J 32 -128.26 73.33 72.40
N ASP J 33 -128.37 74.66 72.54
CA ASP J 33 -128.13 75.57 71.43
C ASP J 33 -126.65 75.78 71.14
N GLY J 34 -125.76 75.21 71.96
CA GLY J 34 -124.33 75.31 71.73
C GLY J 34 -123.60 76.30 72.62
N GLN J 35 -124.32 77.16 73.33
CA GLN J 35 -123.67 78.18 74.13
C GLN J 35 -123.08 77.57 75.40
N MET J 36 -122.34 78.40 76.13
CA MET J 36 -121.65 77.98 77.35
C MET J 36 -121.35 79.20 78.21
N PRO J 37 -121.85 79.24 79.45
CA PRO J 37 -121.57 80.39 80.32
C PRO J 37 -120.26 80.25 81.08
N SER J 38 -119.39 79.35 80.61
CA SER J 38 -118.18 79.00 81.34
C SER J 38 -116.98 78.92 80.43
N ASP J 47 -108.04 74.76 76.09
CA ASP J 47 -108.60 74.09 77.25
C ASP J 47 -108.60 72.57 77.05
N SER J 48 -108.87 71.84 78.13
CA SER J 48 -108.86 70.38 78.04
C SER J 48 -110.08 69.84 77.32
N PHE J 49 -111.22 70.52 77.41
CA PHE J 49 -112.44 70.02 76.81
C PHE J 49 -112.51 70.28 75.31
N ASN J 50 -111.67 71.18 74.79
CA ASN J 50 -111.65 71.44 73.36
C ASN J 50 -110.94 70.36 72.57
N THR J 51 -110.52 69.28 73.24
CA THR J 51 -110.14 68.06 72.52
C THR J 51 -111.30 67.53 71.70
N PHE J 52 -112.53 67.71 72.19
CA PHE J 52 -113.73 67.16 71.57
C PHE J 52 -114.55 68.20 70.82
N PHE J 53 -114.55 69.45 71.27
CA PHE J 53 -115.37 70.50 70.70
C PHE J 53 -114.50 71.56 70.02
N SER J 54 -115.04 72.16 68.97
CA SER J 54 -114.47 73.34 68.34
C SER J 54 -115.26 74.57 68.77
N GLU J 55 -114.88 75.74 68.24
CA GLU J 55 -115.49 76.99 68.66
C GLU J 55 -115.80 77.87 67.46
N THR J 56 -116.99 78.45 67.48
CA THR J 56 -117.40 79.45 66.50
C THR J 56 -116.94 80.84 66.96
N GLY J 57 -116.86 81.76 65.99
CA GLY J 57 -116.61 83.15 66.33
C GLY J 57 -117.66 83.78 67.22
N ALA J 58 -118.89 83.24 67.20
CA ALA J 58 -120.00 83.75 68.00
C ALA J 58 -120.13 83.05 69.35
N GLY J 59 -119.04 82.52 69.88
CA GLY J 59 -119.08 81.89 71.19
C GLY J 59 -119.82 80.57 71.26
N LYS J 60 -119.93 79.86 70.14
CA LYS J 60 -120.67 78.60 70.07
C LYS J 60 -119.68 77.44 69.98
N HIS J 61 -119.99 76.35 70.68
CA HIS J 61 -119.09 75.21 70.80
C HIS J 61 -119.68 74.03 70.01
N VAL J 62 -119.00 73.65 68.94
CA VAL J 62 -119.51 72.63 68.02
C VAL J 62 -118.72 71.34 68.21
N PRO J 63 -119.39 70.18 68.28
CA PRO J 63 -118.67 68.91 68.40
C PRO J 63 -117.83 68.60 67.17
N ARG J 64 -116.77 67.84 67.39
CA ARG J 64 -115.95 67.31 66.30
C ARG J 64 -116.41 65.90 65.96
N ALA J 65 -117.58 65.83 65.32
CA ALA J 65 -118.27 64.56 65.15
C ALA J 65 -118.90 64.48 63.76
N VAL J 66 -118.98 63.25 63.25
CA VAL J 66 -119.68 62.94 62.00
C VAL J 66 -120.70 61.87 62.31
N PHE J 67 -121.91 62.04 61.79
CA PHE J 67 -122.98 61.05 61.91
C PHE J 67 -123.27 60.46 60.54
N VAL J 68 -123.29 59.13 60.46
CA VAL J 68 -123.48 58.43 59.21
C VAL J 68 -124.52 57.33 59.39
N ASP J 69 -125.42 57.23 58.43
CA ASP J 69 -126.38 56.14 58.37
C ASP J 69 -126.84 56.04 56.92
N LEU J 70 -127.03 54.81 56.44
CA LEU J 70 -127.41 54.61 55.04
C LEU J 70 -128.92 54.77 54.89
N GLU J 71 -129.53 55.57 55.75
CA GLU J 71 -130.98 55.67 55.87
C GLU J 71 -131.34 56.86 56.74
N PRO J 72 -132.29 57.70 56.31
CA PRO J 72 -132.50 58.97 57.02
C PRO J 72 -133.07 58.81 58.42
N THR J 73 -134.03 57.89 58.60
CA THR J 73 -134.92 57.88 59.76
C THR J 73 -134.25 58.23 61.09
N VAL J 74 -133.12 57.58 61.39
CA VAL J 74 -132.50 57.78 62.69
C VAL J 74 -131.83 59.15 62.77
N ILE J 75 -131.06 59.52 61.75
CA ILE J 75 -130.37 60.80 61.78
C ILE J 75 -131.33 61.96 61.53
N ASP J 76 -132.46 61.70 60.87
CA ASP J 76 -133.51 62.72 60.78
C ASP J 76 -133.99 63.12 62.17
N GLU J 77 -134.09 62.14 63.08
CA GLU J 77 -134.44 62.46 64.46
C GLU J 77 -133.29 63.14 65.17
N VAL J 78 -132.05 62.83 64.76
CA VAL J 78 -130.88 63.53 65.24
C VAL J 78 -130.90 64.96 64.71
N ARG J 79 -131.29 65.13 63.44
CA ARG J 79 -131.29 66.44 62.80
C ARG J 79 -132.45 67.32 63.25
N THR J 80 -133.44 66.76 63.95
CA THR J 80 -134.54 67.56 64.49
C THR J 80 -134.74 67.32 65.98
N GLY J 81 -133.78 66.70 66.65
CA GLY J 81 -133.94 66.43 68.06
C GLY J 81 -133.64 67.67 68.86
N THR J 82 -133.61 67.50 70.18
CA THR J 82 -133.29 68.60 71.07
C THR J 82 -131.97 69.24 70.69
N TYR J 83 -131.01 68.44 70.25
CA TYR J 83 -129.67 68.90 69.92
C TYR J 83 -129.51 69.11 68.42
N ARG J 84 -130.55 69.64 67.78
CA ARG J 84 -130.50 69.95 66.35
C ARG J 84 -129.58 71.12 66.07
N GLN J 85 -129.53 72.09 66.98
CA GLN J 85 -128.71 73.28 66.78
C GLN J 85 -127.24 73.02 67.07
N LEU J 86 -126.92 71.95 67.79
CA LEU J 86 -125.55 71.71 68.21
C LEU J 86 -124.67 71.34 67.02
N PHE J 87 -125.17 70.52 66.10
CA PHE J 87 -124.39 70.03 64.98
C PHE J 87 -124.58 70.92 63.75
N HIS J 88 -123.51 71.09 62.99
CA HIS J 88 -123.64 71.67 61.66
C HIS J 88 -124.33 70.67 60.73
N PRO J 89 -125.24 71.13 59.87
CA PRO J 89 -125.98 70.17 59.02
C PRO J 89 -125.09 69.37 58.09
N GLU J 90 -123.92 69.88 57.72
CA GLU J 90 -123.00 69.12 56.88
C GLU J 90 -122.37 67.94 57.61
N GLN J 91 -122.49 67.88 58.95
CA GLN J 91 -121.93 66.78 59.70
C GLN J 91 -122.84 65.56 59.69
N LEU J 92 -124.15 65.77 59.49
CA LEU J 92 -125.14 64.70 59.52
C LEU J 92 -125.37 64.22 58.09
N ILE J 93 -124.90 63.01 57.78
CA ILE J 93 -124.96 62.45 56.43
C ILE J 93 -125.90 61.26 56.43
N THR J 94 -126.79 61.21 55.44
CA THR J 94 -127.73 60.10 55.30
C THR J 94 -127.83 59.68 53.85
N GLY J 95 -127.96 58.37 53.63
CA GLY J 95 -128.34 57.82 52.34
C GLY J 95 -129.84 57.61 52.24
N LYS J 96 -130.24 56.68 51.39
CA LYS J 96 -131.66 56.37 51.22
C LYS J 96 -131.94 54.89 51.41
N GLU J 97 -131.21 54.01 50.73
CA GLU J 97 -131.37 52.58 50.91
C GLU J 97 -130.41 52.09 51.99
N ASP J 98 -130.96 51.45 53.02
CA ASP J 98 -130.15 50.91 54.10
C ASP J 98 -129.45 49.63 53.64
N ALA J 99 -128.62 49.07 54.53
CA ALA J 99 -127.87 47.86 54.20
C ALA J 99 -128.67 46.59 54.44
N ALA J 100 -129.80 46.68 55.14
CA ALA J 100 -130.69 45.54 55.39
C ALA J 100 -129.95 44.38 56.04
N ASN J 101 -129.27 44.67 57.15
CA ASN J 101 -128.60 43.65 57.97
C ASN J 101 -127.64 42.80 57.14
N ASN J 102 -127.03 43.39 56.12
CA ASN J 102 -126.15 42.65 55.20
C ASN J 102 -124.81 43.37 55.15
N TYR J 103 -123.77 42.70 55.65
CA TYR J 103 -122.42 43.25 55.61
C TYR J 103 -121.99 43.59 54.19
N ALA J 104 -122.37 42.75 53.22
CA ALA J 104 -122.00 42.97 51.83
C ALA J 104 -122.50 44.32 51.33
N ARG J 105 -123.76 44.65 51.62
CA ARG J 105 -124.32 45.91 51.14
C ARG J 105 -123.67 47.10 51.84
N GLY J 106 -123.43 46.99 53.14
CA GLY J 106 -122.74 48.05 53.85
C GLY J 106 -121.34 48.28 53.34
N HIS J 107 -120.63 47.21 53.00
CA HIS J 107 -119.23 47.29 52.61
C HIS J 107 -119.05 47.47 51.11
N TYR J 108 -119.79 46.70 50.29
CA TYR J 108 -119.55 46.65 48.85
C TYR J 108 -120.58 47.45 48.06
N THR J 109 -121.86 47.07 48.16
CA THR J 109 -122.86 47.55 47.22
C THR J 109 -123.30 48.99 47.54
N ILE J 110 -123.81 49.21 48.75
CA ILE J 110 -124.32 50.53 49.11
C ILE J 110 -123.20 51.43 49.65
N GLY J 111 -122.26 50.86 50.41
CA GLY J 111 -121.23 51.67 51.04
C GLY J 111 -120.36 52.43 50.08
N LYS J 112 -120.08 51.86 48.90
CA LYS J 112 -119.23 52.54 47.94
C LYS J 112 -119.89 53.78 47.34
N GLU J 113 -121.23 53.86 47.39
CA GLU J 113 -121.93 55.00 46.83
C GLU J 113 -121.80 56.27 47.68
N ILE J 114 -121.39 56.15 48.94
CA ILE J 114 -121.44 57.29 49.85
C ILE J 114 -120.10 57.45 50.59
N ILE J 115 -119.21 56.47 50.44
CA ILE J 115 -117.95 56.50 51.19
C ILE J 115 -117.16 57.76 50.88
N ASP J 116 -117.21 58.23 49.62
CA ASP J 116 -116.41 59.38 49.24
C ASP J 116 -116.96 60.67 49.84
N LEU J 117 -118.29 60.83 49.83
CA LEU J 117 -118.90 61.98 50.51
C LEU J 117 -118.59 61.98 51.99
N VAL J 118 -118.57 60.80 52.61
CA VAL J 118 -118.30 60.71 54.05
C VAL J 118 -116.85 61.07 54.36
N LEU J 119 -115.91 60.50 53.60
CA LEU J 119 -114.50 60.86 53.77
C LEU J 119 -114.26 62.34 53.53
N ASP J 120 -115.02 62.95 52.61
CA ASP J 120 -114.86 64.38 52.34
C ASP J 120 -115.28 65.22 53.53
N ARG J 121 -116.42 64.89 54.15
CA ARG J 121 -116.87 65.67 55.30
C ARG J 121 -115.98 65.46 56.52
N ILE J 122 -115.26 64.34 56.58
CA ILE J 122 -114.27 64.16 57.64
C ILE J 122 -113.09 65.09 57.45
N ARG J 123 -112.66 65.27 56.19
CA ARG J 123 -111.56 66.18 55.89
C ARG J 123 -111.87 67.61 56.33
N LYS J 124 -113.14 68.01 56.27
CA LYS J 124 -113.50 69.37 56.67
C LYS J 124 -113.32 69.59 58.16
N LEU J 125 -113.55 68.56 58.97
CA LEU J 125 -113.29 68.67 60.41
C LEU J 125 -111.81 68.52 60.73
N ALA J 126 -111.08 67.71 59.96
CA ALA J 126 -109.66 67.55 60.19
C ALA J 126 -108.87 68.78 59.73
N ASP J 127 -109.41 69.52 58.76
CA ASP J 127 -108.76 70.76 58.32
C ASP J 127 -108.89 71.86 59.36
N GLN J 128 -109.98 71.84 60.14
CA GLN J 128 -110.13 72.79 61.24
C GLN J 128 -109.18 72.49 62.39
N CYS J 129 -108.64 71.27 62.45
CA CYS J 129 -107.81 70.84 63.56
C CYS J 129 -106.34 71.02 63.23
N THR J 130 -105.54 71.28 64.27
CA THR J 130 -104.11 71.53 64.12
C THR J 130 -103.28 70.29 64.40
N GLY J 131 -103.45 69.70 65.58
CA GLY J 131 -102.73 68.49 65.94
C GLY J 131 -103.65 67.30 66.16
N LEU J 132 -104.27 66.82 65.09
CA LEU J 132 -105.28 65.77 65.21
C LEU J 132 -104.65 64.48 65.74
N GLN J 133 -105.35 63.86 66.71
CA GLN J 133 -104.86 62.64 67.35
C GLN J 133 -105.31 61.38 66.62
N GLY J 134 -106.58 61.31 66.25
CA GLY J 134 -107.14 60.07 65.74
C GLY J 134 -108.65 60.11 65.75
N PHE J 135 -109.25 58.91 65.73
CA PHE J 135 -110.67 58.75 65.50
C PHE J 135 -111.29 57.82 66.52
N SER J 136 -112.48 58.18 67.00
CA SER J 136 -113.35 57.29 67.76
C SER J 136 -114.51 56.86 66.87
N VAL J 137 -114.81 55.57 66.86
CA VAL J 137 -115.77 54.99 65.93
C VAL J 137 -116.81 54.20 66.72
N PHE J 138 -118.09 54.48 66.46
CA PHE J 138 -119.20 53.86 67.16
C PHE J 138 -120.09 53.14 66.16
N HIS J 139 -120.35 51.85 66.39
CA HIS J 139 -121.09 51.05 65.44
C HIS J 139 -121.51 49.74 66.09
N SER J 140 -122.57 49.14 65.54
CA SER J 140 -123.00 47.80 65.93
C SER J 140 -122.19 46.72 65.21
N PHE J 141 -122.35 45.49 65.70
CA PHE J 141 -121.82 44.30 65.02
C PHE J 141 -122.83 43.71 64.03
N GLY J 142 -124.02 43.38 64.50
CA GLY J 142 -124.99 42.68 63.67
C GLY J 142 -125.60 43.52 62.56
N GLY J 143 -125.58 44.84 62.71
CA GLY J 143 -126.13 45.70 61.67
C GLY J 143 -125.37 45.57 60.37
N GLY J 144 -126.10 45.76 59.27
CA GLY J 144 -125.45 45.76 57.96
C GLY J 144 -124.59 46.99 57.76
N THR J 145 -125.14 48.17 58.05
CA THR J 145 -124.36 49.41 58.01
C THR J 145 -123.22 49.37 59.02
N GLY J 146 -123.53 49.02 60.27
CA GLY J 146 -122.51 49.00 61.31
C GLY J 146 -121.33 48.10 60.99
N SER J 147 -121.60 46.92 60.44
CA SER J 147 -120.51 46.00 60.12
C SER J 147 -119.82 46.38 58.81
N GLY J 148 -120.58 46.48 57.72
CA GLY J 148 -119.97 46.64 56.42
C GLY J 148 -119.33 48.00 56.21
N PHE J 149 -120.10 49.07 56.42
CA PHE J 149 -119.63 50.41 56.09
C PHE J 149 -118.47 50.83 56.99
N THR J 150 -118.57 50.55 58.29
CA THR J 150 -117.47 50.88 59.21
C THR J 150 -116.16 50.23 58.75
N SER J 151 -116.19 48.92 58.52
CA SER J 151 -114.99 48.21 58.08
C SER J 151 -114.42 48.82 56.81
N LEU J 152 -115.29 49.28 55.91
CA LEU J 152 -114.82 50.01 54.73
C LEU J 152 -114.19 51.34 55.13
N LEU J 153 -114.91 52.15 55.93
CA LEU J 153 -114.40 53.44 56.36
C LEU J 153 -113.09 53.29 57.13
N MET J 154 -112.97 52.22 57.92
CA MET J 154 -111.72 51.99 58.67
C MET J 154 -110.56 51.72 57.71
N GLU J 155 -110.82 50.95 56.65
CA GLU J 155 -109.80 50.72 55.62
C GLU J 155 -109.34 52.03 55.00
N ARG J 156 -110.28 52.90 54.65
CA ARG J 156 -109.94 54.14 53.95
C ARG J 156 -109.33 55.17 54.88
N LEU J 157 -109.66 55.14 56.18
CA LEU J 157 -109.01 56.04 57.12
C LEU J 157 -107.57 55.64 57.39
N SER J 158 -107.27 54.34 57.28
CA SER J 158 -105.89 53.89 57.39
C SER J 158 -105.04 54.33 56.20
N VAL J 159 -105.65 54.91 55.16
CA VAL J 159 -104.91 55.45 54.03
C VAL J 159 -104.78 56.96 54.20
N ASP J 160 -105.91 57.67 54.20
CA ASP J 160 -105.92 59.13 54.21
C ASP J 160 -105.43 59.72 55.52
N TYR J 161 -105.34 58.93 56.59
CA TYR J 161 -104.86 59.40 57.87
C TYR J 161 -103.99 58.33 58.54
N GLY J 162 -103.26 57.55 57.74
CA GLY J 162 -102.69 56.30 58.22
C GLY J 162 -101.84 56.42 59.46
N LYS J 163 -101.15 57.54 59.63
CA LYS J 163 -100.17 57.69 60.72
C LYS J 163 -100.80 58.20 62.01
N LYS J 164 -101.96 57.68 62.41
CA LYS J 164 -102.58 58.09 63.67
C LYS J 164 -103.56 57.04 64.13
N SER J 165 -104.09 57.22 65.35
CA SER J 165 -104.82 56.20 66.07
C SER J 165 -106.29 56.13 65.64
N LYS J 166 -106.90 54.98 65.89
CA LYS J 166 -108.33 54.75 65.65
C LYS J 166 -108.86 53.79 66.70
N LEU J 167 -109.93 54.19 67.40
CA LEU J 167 -110.50 53.39 68.48
C LEU J 167 -111.95 53.03 68.16
N GLU J 168 -112.33 51.79 68.49
CA GLU J 168 -113.65 51.26 68.22
C GLU J 168 -114.52 51.24 69.48
N PHE J 169 -115.83 51.35 69.27
CA PHE J 169 -116.85 51.11 70.30
C PHE J 169 -117.93 50.22 69.69
N SER J 170 -117.72 48.91 69.78
CA SER J 170 -118.59 47.93 69.14
C SER J 170 -119.70 47.46 70.07
N ILE J 171 -120.86 47.18 69.47
CA ILE J 171 -122.03 46.67 70.20
C ILE J 171 -122.14 45.18 69.90
N TYR J 172 -121.70 44.36 70.83
CA TYR J 172 -121.79 42.92 70.68
C TYR J 172 -123.25 42.46 70.73
N PRO J 173 -123.69 41.61 69.81
CA PRO J 173 -125.11 41.29 69.71
C PRO J 173 -125.62 40.37 70.81
N ALA J 174 -126.94 40.39 70.99
CA ALA J 174 -127.61 39.63 72.04
C ALA J 174 -129.04 39.29 71.61
N PRO J 175 -129.43 37.99 71.64
CA PRO J 175 -130.76 37.59 71.16
C PRO J 175 -131.92 38.37 71.78
N GLN J 176 -131.71 38.97 72.96
CA GLN J 176 -132.79 39.68 73.64
C GLN J 176 -133.18 40.96 72.92
N VAL J 177 -132.29 41.55 72.11
CA VAL J 177 -132.60 42.75 71.35
C VAL J 177 -132.21 42.54 69.90
N SER J 178 -131.85 41.31 69.54
CA SER J 178 -131.35 41.02 68.21
C SER J 178 -132.46 41.20 67.17
N THR J 179 -132.14 41.90 66.09
CA THR J 179 -133.08 42.15 65.01
C THR J 179 -132.92 41.21 63.82
N ALA J 180 -131.83 40.43 63.77
CA ALA J 180 -131.51 39.65 62.59
C ALA J 180 -130.96 38.29 63.00
N VAL J 181 -131.18 37.31 62.12
CA VAL J 181 -130.59 35.98 62.28
C VAL J 181 -129.10 36.00 61.92
N VAL J 182 -128.71 36.84 60.97
CA VAL J 182 -127.38 36.79 60.35
C VAL J 182 -126.38 37.64 61.13
N GLU J 183 -126.75 38.05 62.34
CA GLU J 183 -125.84 38.87 63.13
C GLU J 183 -124.52 38.19 63.45
N PRO J 184 -124.44 36.87 63.69
CA PRO J 184 -123.12 36.23 63.76
C PRO J 184 -122.27 36.44 62.53
N TYR J 185 -122.84 36.28 61.33
CA TYR J 185 -122.11 36.54 60.10
C TYR J 185 -121.52 37.95 60.09
N ASN J 186 -122.36 38.96 60.28
CA ASN J 186 -121.92 40.34 60.19
C ASN J 186 -120.82 40.65 61.21
N SER J 187 -120.94 40.12 62.43
CA SER J 187 -119.92 40.34 63.44
C SER J 187 -118.57 39.77 63.00
N ILE J 188 -118.55 38.51 62.60
CA ILE J 188 -117.30 37.88 62.15
C ILE J 188 -116.71 38.63 60.97
N LEU J 189 -117.55 39.05 60.02
CA LEU J 189 -117.05 39.65 58.79
C LEU J 189 -116.37 41.00 59.05
N THR J 190 -116.98 41.85 59.87
CA THR J 190 -116.37 43.14 60.15
C THR J 190 -115.15 42.98 61.06
N THR J 191 -115.22 42.07 62.04
CA THR J 191 -114.09 41.87 62.94
C THR J 191 -112.87 41.34 62.21
N HIS J 192 -113.10 40.61 61.11
CA HIS J 192 -111.99 40.15 60.28
C HIS J 192 -111.33 41.31 59.54
N THR J 193 -112.14 42.11 58.84
CA THR J 193 -111.60 43.18 58.00
C THR J 193 -111.23 44.43 58.78
N THR J 194 -111.72 44.59 60.01
CA THR J 194 -111.39 45.75 60.83
C THR J 194 -110.32 45.42 61.87
N LEU J 195 -109.84 44.18 61.90
CA LEU J 195 -108.85 43.79 62.90
C LEU J 195 -107.53 44.51 62.69
N GLU J 196 -107.05 44.55 61.46
CA GLU J 196 -105.76 45.18 61.16
C GLU J 196 -105.81 46.69 61.26
N HIS J 197 -106.99 47.30 61.10
CA HIS J 197 -107.11 48.75 61.02
C HIS J 197 -107.51 49.39 62.34
N SER J 198 -107.67 48.61 63.41
CA SER J 198 -108.07 49.13 64.71
C SER J 198 -106.94 48.93 65.70
N ASP J 199 -106.62 49.98 66.44
CA ASP J 199 -105.59 49.92 67.47
C ASP J 199 -106.12 49.41 68.80
N CYS J 200 -107.36 49.75 69.14
CA CYS J 200 -108.01 49.25 70.34
C CYS J 200 -109.51 49.31 70.14
N ALA J 201 -110.23 48.41 70.80
CA ALA J 201 -111.66 48.23 70.54
C ALA J 201 -112.36 47.75 71.79
N PHE J 202 -113.33 48.52 72.26
CA PHE J 202 -114.12 48.20 73.45
C PHE J 202 -115.45 47.57 73.02
N MET J 203 -115.61 46.28 73.29
CA MET J 203 -116.86 45.59 73.01
C MET J 203 -117.90 45.88 74.10
N VAL J 204 -119.17 45.90 73.68
CA VAL J 204 -120.30 46.09 74.59
C VAL J 204 -121.31 44.98 74.30
N ASP J 205 -121.36 43.97 75.16
CA ASP J 205 -122.36 42.91 75.04
C ASP J 205 -123.73 43.45 75.47
N ASN J 206 -124.66 43.50 74.52
CA ASN J 206 -126.00 43.99 74.82
C ASN J 206 -126.74 43.11 75.82
N GLU J 207 -126.30 41.86 76.02
CA GLU J 207 -126.93 41.00 77.01
C GLU J 207 -126.57 41.46 78.43
N ALA J 208 -125.29 41.74 78.67
CA ALA J 208 -124.87 42.22 79.98
C ALA J 208 -125.57 43.53 80.31
N ILE J 209 -125.61 44.47 79.35
CA ILE J 209 -126.32 45.73 79.56
C ILE J 209 -127.80 45.46 79.83
N TYR J 210 -128.35 44.45 79.16
CA TYR J 210 -129.73 44.04 79.45
C TYR J 210 -129.84 43.48 80.86
N ASP J 211 -128.99 42.51 81.20
CA ASP J 211 -128.98 41.93 82.54
C ASP J 211 -128.82 43.00 83.62
N ILE J 212 -127.89 43.92 83.41
CA ILE J 212 -127.63 44.97 84.41
C ILE J 212 -128.87 45.83 84.58
N CYS J 213 -129.51 46.23 83.48
CA CYS J 213 -130.68 47.09 83.57
C CYS J 213 -131.86 46.38 84.22
N ARG J 214 -131.93 45.06 84.11
CA ARG J 214 -133.02 44.32 84.75
C ARG J 214 -132.78 44.11 86.23
N ARG J 215 -131.52 43.98 86.65
CA ARG J 215 -131.18 43.69 88.04
C ARG J 215 -130.99 44.97 88.85
N ASN J 216 -130.10 45.85 88.41
CA ASN J 216 -129.67 46.98 89.22
C ASN J 216 -130.44 48.26 88.94
N LEU J 217 -130.96 48.42 87.72
CA LEU J 217 -131.85 49.53 87.41
C LEU J 217 -133.32 49.18 87.64
N ASP J 218 -133.62 47.91 87.85
CA ASP J 218 -134.96 47.43 88.20
C ASP J 218 -135.97 47.78 87.10
N ILE J 219 -135.73 47.24 85.92
CA ILE J 219 -136.60 47.40 84.77
C ILE J 219 -136.98 46.03 84.23
N GLU J 220 -138.27 45.83 83.97
CA GLU J 220 -138.73 44.53 83.45
C GLU J 220 -138.20 44.29 82.04
N ARG J 221 -138.60 45.13 81.09
CA ARG J 221 -138.16 45.04 79.69
C ARG J 221 -137.49 46.34 79.30
N PRO J 222 -136.17 46.43 79.40
CA PRO J 222 -135.46 47.67 79.05
C PRO J 222 -135.67 48.04 77.59
N THR J 223 -135.64 49.35 77.32
CA THR J 223 -135.66 49.88 75.98
C THR J 223 -134.24 50.24 75.55
N TYR J 224 -134.12 50.72 74.30
CA TYR J 224 -132.81 51.14 73.80
C TYR J 224 -132.30 52.36 74.56
N THR J 225 -133.19 53.28 74.92
CA THR J 225 -132.80 54.43 75.73
C THR J 225 -132.19 53.98 77.05
N ASN J 226 -132.81 52.99 77.70
CA ASN J 226 -132.24 52.43 78.94
C ASN J 226 -130.82 51.93 78.69
N LEU J 227 -130.64 51.09 77.67
CA LEU J 227 -129.32 50.52 77.40
C LEU J 227 -128.34 51.61 76.98
N ASN J 228 -128.78 52.54 76.12
CA ASN J 228 -127.87 53.58 75.61
C ASN J 228 -127.40 54.49 76.73
N ARG J 229 -128.30 54.87 77.65
CA ARG J 229 -127.91 55.73 78.77
C ARG J 229 -126.87 55.04 79.64
N LEU J 230 -127.12 53.78 80.00
CA LEU J 230 -126.12 53.01 80.74
C LEU J 230 -124.81 52.93 79.99
N ILE J 231 -124.86 52.66 78.68
CA ILE J 231 -123.65 52.57 77.87
C ILE J 231 -122.95 53.92 77.81
N GLY J 232 -123.72 54.99 77.58
CA GLY J 232 -123.12 56.31 77.51
C GLY J 232 -122.37 56.71 78.76
N GLN J 233 -122.86 56.27 79.92
CA GLN J 233 -122.14 56.51 81.17
C GLN J 233 -120.77 55.84 81.16
N ILE J 234 -120.70 54.61 80.66
CA ILE J 234 -119.44 53.87 80.68
C ILE J 234 -118.49 54.38 79.59
N VAL J 235 -119.02 54.85 78.47
CA VAL J 235 -118.18 55.48 77.46
C VAL J 235 -117.57 56.77 78.00
N SER J 236 -118.38 57.58 78.69
CA SER J 236 -117.88 58.79 79.31
C SER J 236 -116.74 58.50 80.27
N SER J 237 -116.83 57.39 81.01
CA SER J 237 -115.80 57.03 81.98
C SER J 237 -114.46 56.77 81.29
N ILE J 238 -114.49 56.24 80.07
CA ILE J 238 -113.25 55.94 79.36
C ILE J 238 -112.67 57.19 78.70
N THR J 239 -113.55 58.04 78.16
CA THR J 239 -113.14 59.26 77.48
C THR J 239 -112.97 60.44 78.43
N ALA J 240 -113.20 60.26 79.73
CA ALA J 240 -113.03 61.36 80.68
C ALA J 240 -111.59 61.83 80.72
N SER J 241 -110.64 60.89 80.61
CA SER J 241 -109.23 61.25 80.65
C SER J 241 -108.84 62.16 79.49
N LEU J 242 -109.53 62.05 78.36
CA LEU J 242 -109.22 62.85 77.18
C LEU J 242 -109.89 64.22 77.20
N ARG J 243 -110.92 64.40 78.02
CA ARG J 243 -111.73 65.60 77.99
C ARG J 243 -111.46 66.56 79.15
N PHE J 244 -110.79 66.10 80.20
CA PHE J 244 -110.52 66.92 81.37
C PHE J 244 -109.04 67.04 81.69
N ASP J 245 -108.16 66.45 80.88
CA ASP J 245 -106.72 66.43 81.12
C ASP J 245 -106.40 65.83 82.49
N GLY J 246 -106.57 64.51 82.56
CA GLY J 246 -106.19 63.75 83.73
C GLY J 246 -104.71 63.43 83.72
N ALA J 247 -104.35 62.40 84.49
CA ALA J 247 -102.98 61.89 84.52
C ALA J 247 -102.81 60.62 83.68
N LEU J 248 -103.80 59.74 83.69
CA LEU J 248 -103.76 58.50 82.93
C LEU J 248 -104.57 58.65 81.64
N ASN J 249 -104.11 57.97 80.60
CA ASN J 249 -104.79 57.89 79.30
C ASN J 249 -105.16 59.28 78.78
N VAL J 250 -104.16 60.17 78.74
CA VAL J 250 -104.43 61.55 78.34
C VAL J 250 -104.52 61.72 76.82
N ASP J 251 -104.02 60.76 76.04
CA ASP J 251 -104.15 60.81 74.59
C ASP J 251 -104.35 59.39 74.05
N LEU J 252 -104.70 59.31 72.77
CA LEU J 252 -105.17 58.05 72.21
C LEU J 252 -104.07 57.00 72.15
N THR J 253 -102.81 57.42 72.04
CA THR J 253 -101.71 56.45 72.00
C THR J 253 -101.61 55.69 73.33
N GLU J 254 -101.85 56.38 74.44
CA GLU J 254 -101.69 55.76 75.76
C GLU J 254 -102.63 54.57 75.95
N PHE J 255 -103.79 54.58 75.27
CA PHE J 255 -104.68 53.41 75.32
C PHE J 255 -103.98 52.17 74.80
N GLN J 256 -103.26 52.29 73.69
CA GLN J 256 -102.50 51.15 73.16
C GLN J 256 -101.34 50.80 74.07
N THR J 257 -100.64 51.81 74.59
CA THR J 257 -99.51 51.58 75.47
C THR J 257 -99.91 50.76 76.69
N ASN J 258 -100.98 51.16 77.37
CA ASN J 258 -101.33 50.56 78.65
C ASN J 258 -102.08 49.25 78.51
N LEU J 259 -102.94 49.13 77.50
CA LEU J 259 -103.88 48.02 77.42
C LEU J 259 -103.59 47.00 76.32
N VAL J 260 -102.70 47.32 75.37
CA VAL J 260 -102.53 46.46 74.21
C VAL J 260 -101.09 45.97 74.14
N PRO J 261 -100.80 44.77 74.66
CA PRO J 261 -99.44 44.21 74.54
C PRO J 261 -99.32 43.24 73.39
N TYR J 262 -100.25 43.33 72.44
CA TYR J 262 -100.28 42.48 71.25
C TYR J 262 -101.21 43.13 70.24
N PRO J 263 -100.69 43.54 69.06
CA PRO J 263 -101.55 44.25 68.09
C PRO J 263 -102.91 43.60 67.84
N ARG J 264 -102.95 42.28 67.66
CA ARG J 264 -104.22 41.61 67.38
C ARG J 264 -105.13 41.63 68.62
N ALA J 265 -104.64 41.13 69.74
CA ALA J 265 -105.42 41.05 70.97
C ALA J 265 -105.53 42.45 71.58
N HIS J 266 -106.45 43.24 71.03
CA HIS J 266 -106.65 44.63 71.44
C HIS J 266 -108.10 44.87 71.87
N PHE J 267 -108.66 43.94 72.65
CA PHE J 267 -110.07 43.96 73.04
C PHE J 267 -110.17 43.96 74.55
N PRO J 268 -110.19 45.13 75.19
CA PRO J 268 -110.27 45.19 76.65
C PRO J 268 -111.67 44.90 77.16
N LEU J 269 -111.71 44.29 78.35
CA LEU J 269 -112.95 44.13 79.11
C LEU J 269 -113.14 45.32 80.03
N ALA J 270 -114.29 45.99 79.91
CA ALA J 270 -114.61 47.13 80.75
C ALA J 270 -115.61 46.72 81.82
N THR J 271 -115.35 47.12 83.07
CA THR J 271 -116.24 46.85 84.19
C THR J 271 -116.50 48.17 84.91
N TYR J 272 -117.78 48.45 85.17
CA TYR J 272 -118.19 49.73 85.71
C TYR J 272 -119.03 49.54 86.97
N ALA J 273 -118.66 50.24 88.03
CA ALA J 273 -119.41 50.30 89.28
C ALA J 273 -119.35 51.72 89.82
N PRO J 274 -120.41 52.17 90.51
CA PRO J 274 -121.65 51.46 90.77
C PRO J 274 -122.82 51.94 89.90
N VAL J 275 -123.77 51.05 89.65
CA VAL J 275 -124.97 51.36 88.86
C VAL J 275 -126.13 51.38 89.84
N ILE J 276 -126.51 52.59 90.29
CA ILE J 276 -127.46 52.78 91.37
C ILE J 276 -128.77 53.28 90.77
N SER J 277 -129.86 52.57 91.07
CA SER J 277 -131.18 53.01 90.65
C SER J 277 -131.57 54.30 91.36
N ALA J 278 -132.45 55.08 90.72
CA ALA J 278 -132.94 56.34 91.28
C ALA J 278 -134.28 56.13 92.01
N GLU J 279 -134.26 55.21 92.97
CA GLU J 279 -135.46 54.88 93.75
C GLU J 279 -135.12 53.99 94.95
N GLN J 285 -124.46 56.43 100.05
CA GLN J 285 -123.41 56.20 99.06
C GLN J 285 -122.51 55.05 99.48
N LEU J 286 -121.86 54.43 98.50
CA LEU J 286 -120.95 53.33 98.74
C LEU J 286 -119.54 53.85 99.04
N SER J 287 -118.66 52.93 99.41
CA SER J 287 -117.28 53.27 99.74
C SER J 287 -116.38 53.06 98.53
N VAL J 288 -115.13 53.51 98.67
CA VAL J 288 -114.13 53.27 97.64
C VAL J 288 -113.80 51.79 97.53
N ALA J 289 -113.71 51.10 98.68
CA ALA J 289 -113.40 49.67 98.67
C ALA J 289 -114.53 48.84 98.07
N GLU J 290 -115.78 49.19 98.38
CA GLU J 290 -116.91 48.39 97.89
C GLU J 290 -117.02 48.42 96.38
N ILE J 291 -116.81 49.59 95.77
CA ILE J 291 -116.95 49.70 94.31
C ILE J 291 -115.79 49.01 93.61
N THR J 292 -114.62 48.96 94.24
CA THR J 292 -113.47 48.30 93.61
C THR J 292 -113.62 46.78 93.65
N ASN J 293 -114.29 46.25 94.68
CA ASN J 293 -114.61 44.82 94.68
C ASN J 293 -115.60 44.48 93.57
N ALA J 294 -116.52 45.40 93.26
CA ALA J 294 -117.49 45.16 92.20
C ALA J 294 -116.86 45.14 90.81
N CYS J 295 -115.66 45.68 90.66
CA CYS J 295 -114.97 45.61 89.38
C CYS J 295 -114.50 44.20 89.05
N PHE J 296 -114.35 43.34 90.07
CA PHE J 296 -113.99 41.95 89.86
C PHE J 296 -115.18 41.02 90.08
N GLU J 297 -116.41 41.57 90.01
CA GLU J 297 -117.61 40.77 90.01
C GLU J 297 -118.13 40.67 88.58
N PRO J 298 -118.31 39.47 88.04
CA PRO J 298 -118.73 39.36 86.63
C PRO J 298 -120.06 40.03 86.33
N ALA J 299 -120.94 40.16 87.33
CA ALA J 299 -122.27 40.72 87.10
C ALA J 299 -122.24 42.14 86.57
N ASN J 300 -121.15 42.87 86.79
CA ASN J 300 -121.05 44.27 86.38
C ASN J 300 -120.14 44.47 85.17
N GLN J 301 -119.79 43.39 84.47
CA GLN J 301 -118.99 43.51 83.27
C GLN J 301 -119.86 43.93 82.08
N MET J 302 -119.21 44.49 81.06
CA MET J 302 -119.89 44.83 79.82
C MET J 302 -119.90 43.69 78.82
N VAL J 303 -119.02 42.70 78.98
CA VAL J 303 -119.00 41.51 78.14
C VAL J 303 -119.12 40.29 79.05
N LYS J 304 -120.05 39.40 78.73
CA LYS J 304 -120.35 38.27 79.58
C LYS J 304 -119.28 37.19 79.41
N CYS J 305 -118.41 37.06 80.41
CA CYS J 305 -117.43 36.00 80.48
C CYS J 305 -116.98 35.86 81.93
N ASP J 306 -116.02 34.97 82.16
CA ASP J 306 -115.50 34.71 83.51
C ASP J 306 -114.00 34.97 83.55
N PRO J 307 -113.56 36.14 84.01
CA PRO J 307 -112.11 36.42 84.07
C PRO J 307 -111.34 35.44 84.92
N ARG J 308 -112.00 34.74 85.84
CA ARG J 308 -111.33 33.72 86.64
C ARG J 308 -110.76 32.60 85.78
N HIS J 309 -111.29 32.40 84.58
CA HIS J 309 -110.81 31.39 83.64
C HIS J 309 -109.74 31.93 82.70
N GLY J 310 -109.12 33.05 83.02
CA GLY J 310 -108.19 33.67 82.10
C GLY J 310 -107.13 34.46 82.81
N LYS J 311 -106.10 34.82 82.05
CA LYS J 311 -104.96 35.56 82.56
C LYS J 311 -105.07 37.01 82.12
N TYR J 312 -104.71 37.92 83.02
CA TYR J 312 -104.76 39.35 82.73
C TYR J 312 -103.49 39.78 82.01
N MET J 313 -103.65 40.49 80.90
CA MET J 313 -102.51 41.10 80.23
C MET J 313 -102.26 42.52 80.70
N ALA J 314 -103.31 43.21 81.13
CA ALA J 314 -103.19 44.56 81.69
C ALA J 314 -104.48 44.88 82.42
N CYS J 315 -104.44 45.98 83.18
CA CYS J 315 -105.57 46.38 84.00
C CYS J 315 -105.44 47.84 84.46
N CYS J 316 -106.40 48.68 84.09
CA CYS J 316 -106.41 50.08 84.50
C CYS J 316 -107.66 50.36 85.31
N LEU J 317 -107.54 51.30 86.24
CA LEU J 317 -108.67 51.76 87.05
C LEU J 317 -108.81 53.27 86.88
N LEU J 318 -109.97 53.70 86.42
CA LEU J 318 -110.27 55.11 86.20
C LEU J 318 -111.36 55.54 87.20
N TYR J 319 -110.93 56.02 88.36
CA TYR J 319 -111.85 56.55 89.36
C TYR J 319 -112.24 57.98 89.03
N ARG J 320 -113.45 58.36 89.44
CA ARG J 320 -113.87 59.75 89.31
C ARG J 320 -114.84 60.11 90.42
N GLY J 321 -114.55 61.21 91.11
CA GLY J 321 -115.45 61.72 92.15
C GLY J 321 -114.77 61.98 93.48
N ASP J 322 -115.53 61.82 94.57
CA ASP J 322 -115.01 61.99 95.91
C ASP J 322 -114.16 60.79 96.30
N VAL J 323 -112.87 60.82 95.97
CA VAL J 323 -111.98 59.70 96.15
C VAL J 323 -110.71 60.17 96.84
N VAL J 324 -110.30 59.46 97.89
CA VAL J 324 -109.04 59.70 98.57
C VAL J 324 -108.00 58.73 98.00
N PRO J 325 -106.88 59.22 97.46
CA PRO J 325 -105.89 58.31 96.86
C PRO J 325 -105.45 57.17 97.76
N LYS J 326 -105.53 57.34 99.08
CA LYS J 326 -105.13 56.27 99.98
C LYS J 326 -106.18 55.17 100.05
N ASP J 327 -107.46 55.53 99.99
CA ASP J 327 -108.52 54.53 99.92
C ASP J 327 -108.30 53.59 98.73
N VAL J 328 -107.86 54.14 97.60
CA VAL J 328 -107.60 53.33 96.42
C VAL J 328 -106.52 52.28 96.71
N ASN J 329 -105.39 52.72 97.28
CA ASN J 329 -104.29 51.80 97.54
C ASN J 329 -104.68 50.72 98.54
N ALA J 330 -105.53 51.04 99.51
CA ALA J 330 -106.05 50.02 100.42
C ALA J 330 -106.91 49.01 99.67
N ALA J 331 -107.87 49.49 98.88
CA ALA J 331 -108.74 48.60 98.11
C ALA J 331 -107.94 47.76 97.12
N ILE J 332 -106.85 48.31 96.58
CA ILE J 332 -106.00 47.53 95.68
C ILE J 332 -105.33 46.39 96.43
N ALA J 333 -104.68 46.71 97.56
CA ALA J 333 -104.00 45.69 98.35
C ALA J 333 -104.97 44.62 98.83
N THR J 334 -106.18 45.00 99.21
CA THR J 334 -107.21 44.03 99.57
C THR J 334 -107.44 43.02 98.46
N ILE J 335 -107.68 43.50 97.24
CA ILE J 335 -107.99 42.60 96.13
C ILE J 335 -106.75 41.83 95.69
N LYS J 336 -105.58 42.47 95.73
CA LYS J 336 -104.35 41.78 95.34
C LYS J 336 -103.95 40.71 96.35
N THR J 337 -104.42 40.82 97.60
CA THR J 337 -104.13 39.82 98.62
C THR J 337 -105.29 38.85 98.86
N LYS J 338 -106.53 39.34 98.89
CA LYS J 338 -107.68 38.52 99.27
C LYS J 338 -108.43 37.95 98.08
N ARG J 339 -107.95 38.19 96.86
CA ARG J 339 -108.39 37.47 95.68
C ARG J 339 -107.16 37.02 94.89
N THR J 340 -107.36 36.05 94.01
CA THR J 340 -106.28 35.47 93.22
C THR J 340 -106.46 35.87 91.76
N ILE J 341 -106.08 37.10 91.46
CA ILE J 341 -106.14 37.62 90.08
C ILE J 341 -104.87 37.15 89.38
N GLN J 342 -105.00 36.13 88.53
CA GLN J 342 -103.85 35.57 87.82
C GLN J 342 -103.42 36.50 86.69
N PHE J 343 -102.12 36.80 86.64
CA PHE J 343 -101.52 37.58 85.57
C PHE J 343 -100.62 36.69 84.72
N VAL J 344 -100.29 37.18 83.53
CA VAL J 344 -99.26 36.54 82.72
C VAL J 344 -97.89 36.95 83.25
N ASP J 345 -96.90 36.08 83.06
CA ASP J 345 -95.58 36.31 83.64
C ASP J 345 -94.84 37.45 82.96
N TRP J 346 -95.16 37.75 81.70
CA TRP J 346 -94.47 38.81 80.94
C TRP J 346 -95.21 40.13 81.00
N CYS J 347 -95.88 40.42 82.12
CA CYS J 347 -96.62 41.65 82.34
C CYS J 347 -96.05 42.39 83.54
N PRO J 348 -96.15 43.72 83.56
CA PRO J 348 -95.79 44.47 84.78
C PRO J 348 -96.57 44.04 86.01
N THR J 349 -97.76 43.47 85.85
CA THR J 349 -98.61 42.97 86.93
C THR J 349 -99.00 44.04 87.94
N GLY J 350 -98.67 45.30 87.69
CA GLY J 350 -99.06 46.40 88.57
C GLY J 350 -100.27 47.12 88.00
N PHE J 351 -101.24 47.41 88.87
CA PHE J 351 -102.47 48.05 88.46
C PHE J 351 -102.23 49.55 88.27
N LYS J 352 -102.46 50.04 87.06
CA LYS J 352 -102.40 51.46 86.78
C LYS J 352 -103.67 52.16 87.24
N VAL J 353 -103.53 53.40 87.70
CA VAL J 353 -104.64 54.13 88.30
C VAL J 353 -104.63 55.57 87.82
N GLY J 354 -105.82 56.15 87.70
CA GLY J 354 -105.98 57.58 87.50
C GLY J 354 -107.28 58.04 88.12
N ILE J 355 -107.32 59.31 88.51
CA ILE J 355 -108.45 59.87 89.24
C ILE J 355 -108.84 61.21 88.64
N ASN J 356 -110.14 61.50 88.60
CA ASN J 356 -110.66 62.80 88.16
C ASN J 356 -111.75 63.21 89.13
N TYR J 357 -111.50 64.26 89.90
CA TYR J 357 -112.34 64.58 91.06
C TYR J 357 -113.73 65.09 90.69
N GLU J 358 -114.08 65.16 89.41
CA GLU J 358 -115.41 65.65 89.03
C GLU J 358 -116.44 64.53 89.19
N PRO J 359 -117.65 64.85 89.64
CA PRO J 359 -118.63 63.80 89.94
C PRO J 359 -119.28 63.25 88.68
N PRO J 360 -119.68 61.97 88.71
CA PRO J 360 -120.37 61.39 87.55
C PRO J 360 -121.71 62.06 87.30
N THR J 361 -121.83 62.71 86.14
CA THR J 361 -123.08 63.34 85.75
C THR J 361 -124.06 62.30 85.21
N VAL J 362 -125.33 62.43 85.60
CA VAL J 362 -126.41 61.64 85.03
C VAL J 362 -127.34 62.60 84.29
N VAL J 363 -128.33 62.03 83.60
CA VAL J 363 -129.30 62.81 82.84
C VAL J 363 -130.45 63.20 83.76
N PRO J 364 -130.91 64.46 83.72
CA PRO J 364 -132.08 64.84 84.52
C PRO J 364 -133.32 64.08 84.09
N GLY J 365 -133.84 63.23 84.98
CA GLY J 365 -134.90 62.30 84.65
C GLY J 365 -134.45 60.87 84.53
N GLY J 366 -133.13 60.64 84.40
CA GLY J 366 -132.64 59.30 84.18
C GLY J 366 -132.93 58.36 85.34
N ASP J 367 -133.13 57.09 85.00
CA ASP J 367 -133.27 56.05 86.02
C ASP J 367 -131.96 55.82 86.79
N LEU J 368 -130.83 56.22 86.22
CA LEU J 368 -129.55 56.13 86.90
C LEU J 368 -129.39 57.30 87.86
N ALA J 369 -128.98 57.01 89.09
CA ALA J 369 -128.85 58.04 90.12
C ALA J 369 -127.45 58.64 90.13
N LYS J 370 -127.37 59.88 90.61
CA LYS J 370 -126.08 60.53 90.84
C LYS J 370 -125.37 59.83 91.99
N VAL J 371 -124.16 59.34 91.74
CA VAL J 371 -123.36 58.69 92.76
C VAL J 371 -122.21 59.61 93.16
N GLN J 372 -121.76 59.46 94.41
CA GLN J 372 -120.69 60.31 94.92
C GLN J 372 -119.37 60.02 94.22
N ARG J 373 -119.05 58.74 94.05
CA ARG J 373 -117.83 58.32 93.37
C ARG J 373 -118.16 57.15 92.44
N ALA J 374 -117.26 56.91 91.50
CA ALA J 374 -117.45 55.82 90.53
C ALA J 374 -116.11 55.39 89.99
N VAL J 375 -116.10 54.20 89.37
CA VAL J 375 -114.89 53.58 88.87
C VAL J 375 -115.22 52.81 87.61
N CYS J 376 -114.27 52.76 86.68
CA CYS J 376 -114.40 51.99 85.44
C CYS J 376 -113.10 51.26 85.20
N MET J 377 -113.11 49.93 85.37
CA MET J 377 -111.91 49.12 85.24
C MET J 377 -111.79 48.58 83.83
N LEU J 378 -110.67 48.91 83.17
CA LEU J 378 -110.37 48.41 81.83
C LEU J 378 -109.27 47.37 81.95
N SER J 379 -109.57 46.13 81.54
CA SER J 379 -108.68 45.00 81.79
C SER J 379 -108.71 44.06 80.60
N ASN J 380 -107.54 43.83 80.00
CA ASN J 380 -107.42 42.98 78.82
C ASN J 380 -107.22 41.52 79.23
N THR J 381 -108.31 40.91 79.69
CA THR J 381 -108.28 39.52 80.14
C THR J 381 -108.46 38.58 78.96
N THR J 382 -107.87 37.38 79.09
CA THR J 382 -108.01 36.34 78.07
C THR J 382 -109.35 35.63 78.13
N ALA J 383 -110.15 35.88 79.18
CA ALA J 383 -111.46 35.26 79.26
C ALA J 383 -112.45 35.84 78.26
N ILE J 384 -112.14 37.01 77.69
CA ILE J 384 -112.98 37.58 76.65
C ILE J 384 -113.01 36.73 75.39
N ALA J 385 -112.09 35.78 75.27
CA ALA J 385 -112.14 34.80 74.19
C ALA J 385 -113.43 33.98 74.23
N GLU J 386 -114.02 33.82 75.42
CA GLU J 386 -115.31 33.14 75.53
C GLU J 386 -116.36 33.83 74.68
N ALA J 387 -116.31 35.17 74.59
CA ALA J 387 -117.27 35.91 73.79
C ALA J 387 -117.10 35.61 72.30
N TRP J 388 -115.85 35.56 71.83
CA TRP J 388 -115.61 35.20 70.44
C TRP J 388 -116.05 33.77 70.14
N ALA J 389 -115.91 32.87 71.12
CA ALA J 389 -116.30 31.47 70.92
C ALA J 389 -117.79 31.34 70.69
N ARG J 390 -118.60 32.16 71.36
CA ARG J 390 -120.05 32.07 71.20
C ARG J 390 -120.47 32.50 69.79
N LEU J 391 -119.87 33.57 69.27
CA LEU J 391 -120.14 33.99 67.91
C LEU J 391 -119.67 32.94 66.91
N ASP J 392 -118.42 32.47 67.06
CA ASP J 392 -117.86 31.49 66.14
C ASP J 392 -118.74 30.24 66.05
N HIS J 393 -119.29 29.79 67.17
CA HIS J 393 -120.13 28.60 67.16
C HIS J 393 -121.42 28.82 66.37
N LYS J 394 -122.15 29.90 66.70
CA LYS J 394 -123.33 30.26 65.92
C LYS J 394 -123.01 30.37 64.44
N PHE J 395 -121.91 31.05 64.11
CA PHE J 395 -121.45 31.17 62.74
C PHE J 395 -121.30 29.78 62.09
N ASP J 396 -120.64 28.86 62.79
CA ASP J 396 -120.35 27.55 62.22
C ASP J 396 -121.63 26.79 61.88
N LEU J 397 -122.64 26.85 62.75
CA LEU J 397 -123.89 26.13 62.51
C LEU J 397 -124.52 26.55 61.19
N MET J 398 -124.60 27.86 60.94
CA MET J 398 -125.25 28.33 59.73
C MET J 398 -124.36 28.12 58.50
N TYR J 399 -123.06 28.39 58.62
CA TYR J 399 -122.18 28.23 57.47
C TYR J 399 -121.94 26.76 57.11
N ALA J 400 -122.20 25.84 58.04
CA ALA J 400 -122.10 24.43 57.70
C ALA J 400 -123.11 24.04 56.65
N LYS J 401 -124.26 24.72 56.61
CA LYS J 401 -125.28 24.49 55.60
C LYS J 401 -125.31 25.60 54.56
N ARG J 402 -124.36 26.54 54.62
CA ARG J 402 -124.32 27.70 53.73
C ARG J 402 -125.62 28.50 53.79
N ALA J 403 -126.19 28.60 54.99
CA ALA J 403 -127.44 29.31 55.16
C ALA J 403 -127.23 30.82 55.02
N PHE J 404 -128.18 31.47 54.35
CA PHE J 404 -128.20 32.93 54.16
C PHE J 404 -126.98 33.43 53.38
N VAL J 405 -126.13 32.51 52.90
CA VAL J 405 -124.89 32.93 52.25
C VAL J 405 -125.17 33.57 50.90
N HIS J 406 -126.27 33.17 50.24
CA HIS J 406 -126.57 33.70 48.92
C HIS J 406 -126.86 35.21 48.96
N TRP J 407 -127.44 35.69 50.05
CA TRP J 407 -127.65 37.13 50.20
C TRP J 407 -126.33 37.89 50.12
N TYR J 408 -125.33 37.44 50.86
CA TYR J 408 -124.03 38.12 50.86
C TYR J 408 -123.36 38.00 49.50
N VAL J 409 -123.28 36.79 48.96
CA VAL J 409 -122.61 36.57 47.68
C VAL J 409 -123.30 37.34 46.58
N GLY J 410 -124.62 37.53 46.69
CA GLY J 410 -125.37 38.27 45.70
C GLY J 410 -125.22 39.78 45.76
N GLU J 411 -124.45 40.31 46.72
CA GLU J 411 -124.20 41.73 46.78
C GLU J 411 -122.72 42.07 46.71
N GLY J 412 -122.01 41.46 45.76
CA GLY J 412 -120.65 41.84 45.45
C GLY J 412 -119.58 41.18 46.29
N MET J 413 -119.93 40.19 47.10
CA MET J 413 -118.99 39.55 48.02
C MET J 413 -118.66 38.14 47.54
N GLU J 414 -117.37 37.80 47.60
CA GLU J 414 -116.94 36.44 47.31
C GLU J 414 -117.22 35.52 48.50
N GLU J 415 -117.65 34.30 48.19
CA GLU J 415 -117.96 33.34 49.24
C GLU J 415 -116.73 33.02 50.08
N GLY J 416 -115.56 32.99 49.44
CA GLY J 416 -114.32 32.72 50.16
C GLY J 416 -114.10 33.64 51.35
N GLU J 417 -114.57 34.89 51.26
CA GLU J 417 -114.39 35.84 52.35
C GLU J 417 -114.96 35.32 53.66
N PHE J 418 -116.02 34.51 53.58
CA PHE J 418 -116.54 33.85 54.77
C PHE J 418 -115.47 32.98 55.43
N SER J 419 -114.84 32.10 54.65
CA SER J 419 -113.84 31.20 55.20
C SER J 419 -112.60 31.96 55.67
N GLU J 420 -112.13 32.92 54.87
CA GLU J 420 -110.97 33.72 55.28
C GLU J 420 -111.23 34.44 56.59
N ALA J 421 -112.47 34.90 56.80
CA ALA J 421 -112.82 35.52 58.07
C ALA J 421 -112.86 34.49 59.20
N ARG J 422 -113.44 33.31 58.94
CA ARG J 422 -113.54 32.29 59.97
C ARG J 422 -112.16 31.81 60.42
N GLU J 423 -111.24 31.62 59.47
CA GLU J 423 -109.89 31.23 59.84
C GLU J 423 -109.20 32.31 60.66
N ASP J 424 -109.44 33.58 60.34
CA ASP J 424 -108.88 34.67 61.14
C ASP J 424 -109.46 34.70 62.54
N MET J 425 -110.70 34.21 62.71
CA MET J 425 -111.28 34.14 64.04
C MET J 425 -110.78 32.92 64.80
N ALA J 426 -110.60 31.79 64.11
CA ALA J 426 -109.98 30.63 64.74
C ALA J 426 -108.55 30.91 65.15
N ALA J 427 -107.80 31.63 64.30
CA ALA J 427 -106.43 31.98 64.64
C ALA J 427 -106.38 32.91 65.85
N LEU J 428 -107.35 33.81 65.97
CA LEU J 428 -107.41 34.69 67.13
C LEU J 428 -107.74 33.91 68.40
N GLU J 429 -108.58 32.88 68.28
CA GLU J 429 -108.87 32.04 69.44
C GLU J 429 -107.65 31.27 69.90
N LYS J 430 -106.79 30.85 68.97
CA LYS J 430 -105.53 30.23 69.35
C LYS J 430 -104.58 31.27 69.96
N ASP J 431 -104.63 32.50 69.44
CA ASP J 431 -103.78 33.56 69.97
C ASP J 431 -104.13 33.86 71.43
N TYR J 432 -105.42 33.81 71.77
CA TYR J 432 -105.82 33.98 73.16
C TYR J 432 -105.40 32.79 74.02
N GLU J 433 -105.40 31.58 73.45
CA GLU J 433 -105.05 30.40 74.22
C GLU J 433 -103.57 30.38 74.56
N GLU J 434 -102.71 30.63 73.58
CA GLU J 434 -101.27 30.50 73.81
C GLU J 434 -100.74 31.50 74.83
N VAL J 435 -101.33 32.70 74.88
CA VAL J 435 -100.93 33.67 75.90
C VAL J 435 -101.27 33.15 77.30
N GLY J 436 -102.43 32.51 77.45
CA GLY J 436 -102.87 32.02 78.74
C GLY J 436 -102.65 30.55 79.00
N VAL J 437 -101.37 30.13 79.07
CA VAL J 437 -101.05 28.75 79.44
C VAL J 437 -99.69 28.69 80.12
N MET K 1 -136.01 52.85 51.67
CA MET K 1 -137.00 51.78 51.65
C MET K 1 -138.36 52.26 52.16
N ARG K 2 -139.15 52.85 51.28
CA ARG K 2 -140.44 53.40 51.68
C ARG K 2 -141.61 52.78 50.92
N GLU K 3 -141.76 53.18 49.66
CA GLU K 3 -142.97 52.91 48.92
C GLU K 3 -142.99 51.47 48.40
N ILE K 4 -144.21 50.93 48.25
CA ILE K 4 -144.44 49.62 47.66
C ILE K 4 -145.48 49.77 46.55
N VAL K 5 -145.16 49.24 45.37
CA VAL K 5 -146.11 49.19 44.25
C VAL K 5 -146.85 47.87 44.30
N HIS K 6 -148.18 47.93 44.21
CA HIS K 6 -149.03 46.75 44.26
C HIS K 6 -149.60 46.43 42.88
N ILE K 7 -149.73 45.13 42.59
CA ILE K 7 -150.31 44.64 41.35
C ILE K 7 -151.28 43.52 41.68
N GLN K 8 -152.37 43.45 40.91
CA GLN K 8 -153.31 42.32 40.98
C GLN K 8 -153.67 41.88 39.57
N ALA K 9 -153.60 40.58 39.33
CA ALA K 9 -153.77 40.03 37.98
C ALA K 9 -154.64 38.80 38.02
N GLY K 10 -155.50 38.66 37.01
CA GLY K 10 -156.43 37.56 36.94
C GLY K 10 -157.66 37.78 37.80
N GLN K 11 -158.63 36.87 37.65
CA GLN K 11 -159.86 36.97 38.43
C GLN K 11 -159.56 36.94 39.92
N CYS K 12 -159.00 35.83 40.40
CA CYS K 12 -158.65 35.73 41.82
C CYS K 12 -157.75 36.87 42.27
N GLY K 13 -156.75 37.21 41.45
CA GLY K 13 -155.87 38.32 41.78
C GLY K 13 -156.62 39.59 42.19
N ASN K 14 -157.58 40.01 41.37
CA ASN K 14 -158.34 41.21 41.69
C ASN K 14 -159.36 40.97 42.79
N GLN K 15 -159.78 39.73 43.02
CA GLN K 15 -160.75 39.45 44.08
C GLN K 15 -160.11 39.61 45.45
N ILE K 16 -159.12 38.77 45.77
CA ILE K 16 -158.45 38.89 47.06
C ILE K 16 -157.68 40.21 47.14
N GLY K 17 -157.27 40.75 45.99
CA GLY K 17 -156.61 42.05 45.98
C GLY K 17 -157.50 43.16 46.48
N ALA K 18 -158.69 43.31 45.89
CA ALA K 18 -159.64 44.31 46.35
C ALA K 18 -160.02 44.09 47.81
N LYS K 19 -160.25 42.83 48.20
CA LYS K 19 -160.51 42.50 49.60
C LYS K 19 -159.40 43.01 50.51
N PHE K 20 -158.14 42.88 50.07
CA PHE K 20 -157.03 43.40 50.86
C PHE K 20 -157.11 44.91 51.00
N TRP K 21 -157.41 45.61 49.91
CA TRP K 21 -157.51 47.06 49.97
C TRP K 21 -158.68 47.51 50.83
N GLU K 22 -159.78 46.75 50.81
CA GLU K 22 -160.89 47.04 51.72
C GLU K 22 -160.42 47.00 53.18
N VAL K 23 -159.66 45.97 53.53
CA VAL K 23 -159.26 45.78 54.93
C VAL K 23 -158.35 46.91 55.39
N ILE K 24 -157.24 47.12 54.68
CA ILE K 24 -156.23 48.07 55.15
C ILE K 24 -156.61 49.53 54.90
N SER K 25 -157.58 49.79 54.03
CA SER K 25 -158.12 51.16 53.94
C SER K 25 -158.85 51.52 55.22
N ASP K 26 -159.71 50.63 55.70
CA ASP K 26 -160.35 50.80 57.00
C ASP K 26 -159.31 50.98 58.10
N GLU K 27 -158.39 50.03 58.23
CA GLU K 27 -157.38 50.07 59.29
C GLU K 27 -156.60 51.39 59.28
N HIS K 28 -156.36 51.96 58.11
CA HIS K 28 -155.68 53.24 58.01
C HIS K 28 -156.64 54.43 58.01
N GLY K 29 -157.95 54.19 58.01
CA GLY K 29 -158.91 55.27 58.10
C GLY K 29 -159.15 56.04 56.82
N ILE K 30 -159.17 55.35 55.69
CA ILE K 30 -159.46 55.97 54.39
C ILE K 30 -160.83 55.51 53.94
N ASP K 31 -161.63 56.45 53.44
CA ASP K 31 -162.96 56.16 52.91
C ASP K 31 -162.88 55.83 51.43
N PRO K 32 -163.98 55.33 50.84
CA PRO K 32 -163.96 55.02 49.40
C PRO K 32 -163.69 56.22 48.51
N THR K 33 -163.96 57.45 48.98
CA THR K 33 -163.65 58.63 48.19
C THR K 33 -162.18 59.00 48.22
N GLY K 34 -161.44 58.51 49.22
CA GLY K 34 -160.02 58.79 49.30
C GLY K 34 -159.69 59.95 50.22
N SER K 35 -160.30 59.97 51.39
CA SER K 35 -160.11 61.05 52.36
C SER K 35 -159.94 60.45 53.75
N TYR K 36 -159.05 61.05 54.53
CA TYR K 36 -158.72 60.51 55.85
C TYR K 36 -159.80 60.90 56.86
N HIS K 37 -160.44 59.90 57.45
CA HIS K 37 -161.40 60.09 58.54
C HIS K 37 -161.02 59.21 59.73
N GLY K 38 -159.72 59.10 60.00
CA GLY K 38 -159.22 58.37 61.14
C GLY K 38 -159.14 59.23 62.38
N ASP K 39 -158.40 58.74 63.36
CA ASP K 39 -158.25 59.47 64.62
C ASP K 39 -156.97 59.08 65.36
N SER K 40 -155.89 58.82 64.62
CA SER K 40 -154.63 58.41 65.23
C SER K 40 -153.50 58.73 64.27
N ASP K 41 -152.32 58.99 64.84
CA ASP K 41 -151.14 59.26 64.02
C ASP K 41 -150.51 57.97 63.51
N LEU K 42 -150.63 56.89 64.28
CA LEU K 42 -150.16 55.58 63.83
C LEU K 42 -150.83 55.13 62.54
N GLN K 43 -151.90 55.81 62.11
CA GLN K 43 -152.57 55.45 60.87
C GLN K 43 -151.88 56.09 59.68
N LEU K 44 -151.55 57.37 59.78
CA LEU K 44 -150.86 58.11 58.73
C LEU K 44 -149.34 58.12 58.91
N GLU K 45 -148.81 57.36 59.87
CA GLU K 45 -147.37 57.35 60.08
C GLU K 45 -146.63 56.75 58.88
N ARG K 46 -147.12 55.64 58.36
CA ARG K 46 -146.53 54.98 57.21
C ARG K 46 -147.59 54.72 56.15
N ILE K 47 -148.49 55.68 55.96
CA ILE K 47 -149.48 55.61 54.90
C ILE K 47 -148.80 55.78 53.53
N ASN K 48 -147.65 56.44 53.50
CA ASN K 48 -146.90 56.63 52.25
C ASN K 48 -146.47 55.30 51.63
N VAL K 49 -146.58 54.18 52.35
CA VAL K 49 -146.15 52.89 51.82
C VAL K 49 -147.08 52.44 50.71
N TYR K 50 -148.38 52.36 51.00
CA TYR K 50 -149.36 51.82 50.06
C TYR K 50 -150.22 52.87 49.37
N TYR K 51 -150.12 54.13 49.77
CA TYR K 51 -151.00 55.18 49.26
C TYR K 51 -150.18 56.38 48.79
N ASN K 52 -150.87 57.30 48.11
CA ASN K 52 -150.27 58.55 47.68
C ASN K 52 -150.93 59.74 48.37
N VAL K 60 -155.00 57.63 47.90
CA VAL K 60 -155.17 56.84 46.68
C VAL K 60 -154.15 55.71 46.66
N PRO K 61 -154.61 54.49 46.41
CA PRO K 61 -153.71 53.33 46.44
C PRO K 61 -152.69 53.38 45.31
N ARG K 62 -151.50 52.86 45.60
CA ARG K 62 -150.48 52.63 44.58
C ARG K 62 -150.65 51.21 44.02
N ALA K 63 -151.79 51.00 43.37
CA ALA K 63 -152.23 49.68 42.94
C ALA K 63 -152.53 49.68 41.45
N ILE K 64 -152.09 48.64 40.77
CA ILE K 64 -152.34 48.45 39.35
C ILE K 64 -153.19 47.20 39.17
N LEU K 65 -154.25 47.31 38.37
CA LEU K 65 -155.22 46.24 38.17
C LEU K 65 -155.07 45.71 36.77
N VAL K 66 -154.92 44.38 36.65
CA VAL K 66 -154.61 43.74 35.38
C VAL K 66 -155.46 42.48 35.25
N ASP K 67 -155.92 42.21 34.03
CA ASP K 67 -156.59 40.98 33.66
C ASP K 67 -156.81 40.99 32.16
N LEU K 68 -156.70 39.81 31.54
CA LEU K 68 -157.11 39.71 30.15
C LEU K 68 -158.63 39.73 30.04
N GLU K 69 -159.33 39.17 31.01
CA GLU K 69 -160.78 39.20 31.10
C GLU K 69 -161.27 40.62 31.35
N PRO K 70 -161.91 41.27 30.38
CA PRO K 70 -162.33 42.67 30.59
C PRO K 70 -163.47 42.82 31.59
N GLY K 71 -164.26 41.77 31.82
CA GLY K 71 -165.35 41.86 32.79
C GLY K 71 -164.86 42.20 34.19
N THR K 72 -163.69 41.70 34.56
CA THR K 72 -163.16 41.92 35.91
C THR K 72 -163.03 43.41 36.23
N MET K 73 -162.76 44.24 35.22
CA MET K 73 -162.80 45.70 35.36
C MET K 73 -163.96 46.15 36.23
N ASP K 74 -165.16 45.76 35.84
CA ASP K 74 -166.38 46.25 36.47
C ASP K 74 -166.66 45.57 37.79
N SER K 75 -166.31 44.29 37.93
CA SER K 75 -166.46 43.61 39.21
C SER K 75 -165.67 44.29 40.33
N VAL K 76 -164.61 45.01 39.98
CA VAL K 76 -163.85 45.75 40.98
C VAL K 76 -164.44 47.13 41.23
N ARG K 77 -164.67 47.91 40.17
CA ARG K 77 -165.19 49.27 40.36
C ARG K 77 -166.59 49.24 40.95
N SER K 78 -167.39 48.25 40.60
CA SER K 78 -168.70 48.10 41.23
C SER K 78 -168.61 47.54 42.64
N GLY K 79 -167.41 47.20 43.11
CA GLY K 79 -167.22 46.82 44.48
C GLY K 79 -167.25 48.02 45.41
N PRO K 80 -167.10 47.75 46.70
CA PRO K 80 -167.22 48.84 47.69
C PRO K 80 -166.17 49.92 47.51
N PHE K 81 -164.89 49.56 47.59
CA PHE K 81 -163.80 50.50 47.42
C PHE K 81 -163.31 50.59 45.97
N GLY K 82 -164.17 50.26 45.00
CA GLY K 82 -163.78 50.29 43.61
C GLY K 82 -163.57 51.69 43.05
N GLN K 83 -164.11 52.71 43.70
CA GLN K 83 -164.00 54.08 43.18
C GLN K 83 -162.61 54.66 43.39
N ILE K 84 -161.83 54.14 44.33
CA ILE K 84 -160.61 54.80 44.75
C ILE K 84 -159.44 54.56 43.81
N PHE K 85 -159.45 53.48 43.04
CA PHE K 85 -158.30 53.12 42.22
C PHE K 85 -158.17 54.08 41.04
N ARG K 86 -156.93 54.40 40.68
CA ARG K 86 -156.67 55.33 39.59
C ARG K 86 -157.16 54.74 38.27
N PRO K 87 -157.92 55.49 37.48
CA PRO K 87 -158.41 54.94 36.20
C PRO K 87 -157.30 54.51 35.25
N ASP K 88 -156.18 55.24 35.23
CA ASP K 88 -155.08 54.87 34.34
C ASP K 88 -154.49 53.51 34.69
N ASN K 89 -154.48 53.16 35.97
CA ASN K 89 -153.86 51.92 36.42
C ASN K 89 -154.68 50.68 36.13
N PHE K 90 -155.85 50.83 35.48
CA PHE K 90 -156.59 49.69 34.96
C PHE K 90 -156.05 49.35 33.57
N VAL K 91 -155.52 48.13 33.41
CA VAL K 91 -154.96 47.67 32.14
C VAL K 91 -155.55 46.30 31.87
N PHE K 92 -156.38 46.20 30.84
CA PHE K 92 -157.19 45.00 30.62
C PHE K 92 -157.22 44.65 29.13
N GLY K 93 -157.19 43.35 28.84
CA GLY K 93 -157.22 42.87 27.48
C GLY K 93 -158.64 42.67 26.95
N GLN K 94 -158.71 42.21 25.71
CA GLN K 94 -160.00 42.03 25.04
C GLN K 94 -160.62 40.68 25.39
N SER K 95 -159.87 39.59 25.19
CA SER K 95 -160.35 38.25 25.48
C SER K 95 -159.68 37.70 26.73
N GLY K 96 -160.12 36.52 27.15
CA GLY K 96 -159.59 35.88 28.34
C GLY K 96 -158.62 34.76 27.99
N ALA K 97 -157.91 34.29 29.02
CA ALA K 97 -156.89 33.27 28.82
C ALA K 97 -157.49 31.86 28.84
N GLY K 98 -158.59 31.66 29.56
CA GLY K 98 -159.24 30.37 29.61
C GLY K 98 -158.37 29.24 30.14
N ASN K 99 -157.85 29.41 31.35
CA ASN K 99 -157.09 28.39 32.08
C ASN K 99 -155.89 27.87 31.30
N ASN K 100 -155.40 28.62 30.32
CA ASN K 100 -154.24 28.23 29.54
C ASN K 100 -153.06 29.09 29.98
N TRP K 101 -152.13 28.48 30.74
CA TRP K 101 -150.95 29.19 31.20
C TRP K 101 -150.14 29.76 30.04
N ALA K 102 -150.05 29.01 28.93
CA ALA K 102 -149.30 29.47 27.77
C ALA K 102 -149.90 30.73 27.16
N LYS K 103 -151.23 30.82 27.12
CA LYS K 103 -151.87 32.01 26.57
C LYS K 103 -151.55 33.25 27.41
N GLY K 104 -151.44 33.08 28.73
CA GLY K 104 -151.08 34.21 29.58
C GLY K 104 -149.61 34.54 29.54
N HIS K 105 -148.75 33.56 29.30
CA HIS K 105 -147.32 33.75 29.42
C HIS K 105 -146.61 34.02 28.09
N TYR K 106 -147.14 33.53 26.97
CA TYR K 106 -146.42 33.62 25.70
C TYR K 106 -147.17 34.36 24.61
N THR K 107 -148.48 34.15 24.47
CA THR K 107 -149.22 34.72 23.36
C THR K 107 -150.02 35.94 23.79
N GLU K 108 -151.22 35.71 24.33
CA GLU K 108 -152.15 36.82 24.57
C GLU K 108 -151.73 37.66 25.77
N GLY K 109 -151.35 37.01 26.87
CA GLY K 109 -150.86 37.75 28.02
C GLY K 109 -149.60 38.55 27.73
N ALA K 110 -148.79 38.07 26.80
CA ALA K 110 -147.56 38.78 26.45
C ALA K 110 -147.83 40.06 25.69
N GLU K 111 -148.88 40.08 24.86
CA GLU K 111 -149.19 41.27 24.08
C GLU K 111 -149.58 42.44 24.97
N LEU K 112 -150.22 42.17 26.11
CA LEU K 112 -150.69 43.22 27.00
C LEU K 112 -149.64 43.65 28.02
N VAL K 113 -148.65 42.81 28.30
CA VAL K 113 -147.74 43.04 29.42
C VAL K 113 -146.96 44.35 29.26
N ASP K 114 -146.75 44.80 28.02
CA ASP K 114 -146.08 46.08 27.81
C ASP K 114 -146.92 47.23 28.35
N SER K 115 -148.21 47.27 27.99
CA SER K 115 -149.10 48.29 28.54
C SER K 115 -149.07 48.32 30.06
N VAL K 116 -148.93 47.16 30.69
CA VAL K 116 -148.87 47.10 32.15
C VAL K 116 -147.56 47.72 32.66
N LEU K 117 -146.44 47.33 32.05
CA LEU K 117 -145.15 47.86 32.48
C LEU K 117 -145.08 49.38 32.34
N ASP K 118 -145.82 49.95 31.39
CA ASP K 118 -145.86 51.40 31.25
C ASP K 118 -146.46 52.06 32.49
N VAL K 119 -147.51 51.45 33.06
CA VAL K 119 -148.13 52.01 34.26
C VAL K 119 -147.27 51.75 35.49
N VAL K 120 -146.65 50.56 35.56
CA VAL K 120 -145.72 50.27 36.66
C VAL K 120 -144.61 51.32 36.70
N ARG K 121 -144.02 51.60 35.54
CA ARG K 121 -143.01 52.65 35.44
C ARG K 121 -143.54 53.98 35.97
N LYS K 122 -144.76 54.37 35.53
CA LYS K 122 -145.34 55.63 35.93
C LYS K 122 -145.43 55.75 37.45
N GLU K 123 -145.90 54.70 38.12
CA GLU K 123 -146.05 54.76 39.57
C GLU K 123 -144.70 54.76 40.28
N SER K 124 -143.74 53.99 39.76
CA SER K 124 -142.40 53.97 40.34
C SER K 124 -141.67 55.28 40.13
N GLU K 125 -141.90 55.94 38.99
CA GLU K 125 -141.19 57.19 38.67
C GLU K 125 -141.32 58.22 39.79
N SER K 126 -142.50 58.35 40.38
CA SER K 126 -142.77 59.36 41.40
C SER K 126 -142.70 58.78 42.81
N CYS K 127 -141.73 57.90 43.07
CA CYS K 127 -141.51 57.33 44.38
C CYS K 127 -140.21 57.87 44.97
N ASP K 128 -140.29 58.38 46.20
CA ASP K 128 -139.09 58.81 46.92
C ASP K 128 -138.03 57.72 46.94
N CYS K 129 -138.38 56.54 47.47
CA CYS K 129 -137.45 55.41 47.52
C CYS K 129 -138.27 54.13 47.50
N LEU K 130 -138.25 53.45 46.35
CA LEU K 130 -139.02 52.21 46.20
C LEU K 130 -138.43 51.09 47.06
N GLN K 131 -139.31 50.27 47.64
CA GLN K 131 -138.93 49.03 48.30
C GLN K 131 -138.92 47.87 47.32
N GLY K 132 -140.07 47.62 46.70
CA GLY K 132 -140.27 46.42 45.91
C GLY K 132 -141.70 46.35 45.43
N PHE K 133 -142.13 45.16 45.03
CA PHE K 133 -143.43 45.00 44.41
C PHE K 133 -144.23 43.93 45.14
N GLN K 134 -145.52 43.85 44.81
CA GLN K 134 -146.46 42.99 45.53
C GLN K 134 -147.55 42.55 44.57
N LEU K 135 -147.61 41.25 44.28
CA LEU K 135 -148.55 40.69 43.31
C LEU K 135 -149.47 39.67 43.98
N THR K 136 -150.77 39.77 43.70
CA THR K 136 -151.76 38.78 44.10
C THR K 136 -152.33 38.10 42.86
N HIS K 137 -152.48 36.77 42.93
CA HIS K 137 -152.92 36.01 41.76
C HIS K 137 -153.15 34.56 42.17
N SER K 138 -153.84 33.83 41.29
CA SER K 138 -154.04 32.40 41.42
C SER K 138 -153.12 31.66 40.47
N LEU K 139 -152.76 30.42 40.85
CA LEU K 139 -151.81 29.63 40.08
C LEU K 139 -152.48 28.65 39.13
N GLY K 140 -153.73 28.25 39.38
CA GLY K 140 -154.41 27.34 38.48
C GLY K 140 -155.05 27.98 37.28
N GLY K 141 -155.12 29.30 37.25
CA GLY K 141 -155.69 30.03 36.13
C GLY K 141 -154.74 30.12 34.96
N GLY K 142 -155.16 30.90 33.97
CA GLY K 142 -154.31 31.19 32.83
C GLY K 142 -153.69 32.57 32.87
N THR K 143 -154.47 33.55 33.34
CA THR K 143 -154.00 34.94 33.39
C THR K 143 -153.18 35.20 34.65
N GLY K 144 -153.74 34.90 35.82
CA GLY K 144 -153.04 35.16 37.06
C GLY K 144 -151.71 34.43 37.15
N SER K 145 -151.66 33.22 36.62
CA SER K 145 -150.44 32.42 36.64
C SER K 145 -149.53 32.72 35.46
N GLY K 146 -150.05 32.68 34.24
CA GLY K 146 -149.21 32.82 33.06
C GLY K 146 -148.71 34.24 32.87
N MET K 147 -149.62 35.21 32.89
CA MET K 147 -149.21 36.60 32.69
C MET K 147 -148.55 37.17 33.94
N GLY K 148 -148.98 36.73 35.12
CA GLY K 148 -148.33 37.18 36.34
C GLY K 148 -146.86 36.82 36.40
N THR K 149 -146.55 35.53 36.20
CA THR K 149 -145.16 35.09 36.20
C THR K 149 -144.37 35.75 35.08
N LEU K 150 -145.02 36.06 33.96
CA LEU K 150 -144.37 36.80 32.89
C LEU K 150 -144.11 38.25 33.31
N LEU K 151 -145.09 38.86 33.97
CA LEU K 151 -144.89 40.20 34.51
C LEU K 151 -143.75 40.23 35.52
N ILE K 152 -143.66 39.21 36.38
CA ILE K 152 -142.62 39.16 37.41
C ILE K 152 -141.24 39.21 36.77
N SER K 153 -140.96 38.26 35.88
CA SER K 153 -139.67 38.24 35.18
C SER K 153 -139.39 39.56 34.48
N LYS K 154 -140.40 40.15 33.83
CA LYS K 154 -140.20 41.40 33.11
C LYS K 154 -139.87 42.55 34.06
N ILE K 155 -140.37 42.51 35.29
CA ILE K 155 -140.02 43.52 36.28
C ILE K 155 -138.65 43.22 36.87
N ARG K 156 -138.42 41.97 37.27
CA ARG K 156 -137.14 41.48 37.75
C ARG K 156 -135.97 41.99 36.92
N GLU K 157 -136.13 42.05 35.60
CA GLU K 157 -135.06 42.53 34.74
C GLU K 157 -135.07 44.04 34.55
N GLU K 158 -136.22 44.70 34.69
CA GLU K 158 -136.26 46.15 34.64
C GLU K 158 -136.00 46.80 36.00
N TYR K 159 -136.26 46.10 37.09
CA TYR K 159 -136.01 46.59 38.45
C TYR K 159 -135.29 45.51 39.25
N PRO K 160 -134.03 45.23 38.94
CA PRO K 160 -133.31 44.18 39.67
C PRO K 160 -132.83 44.59 41.05
N ASP K 161 -132.91 45.87 41.41
CA ASP K 161 -132.51 46.34 42.72
C ASP K 161 -133.66 46.40 43.71
N ARG K 162 -134.74 45.65 43.47
CA ARG K 162 -135.95 45.74 44.26
C ARG K 162 -136.43 44.34 44.64
N ILE K 163 -137.31 44.29 45.64
CA ILE K 163 -137.86 43.04 46.17
C ILE K 163 -139.10 42.65 45.38
N MET K 164 -139.32 41.34 45.24
CA MET K 164 -140.50 40.80 44.58
C MET K 164 -141.21 39.87 45.57
N ASN K 165 -142.44 40.23 45.93
CA ASN K 165 -143.19 39.54 46.97
C ASN K 165 -144.58 39.20 46.42
N THR K 166 -144.93 37.92 46.44
CA THR K 166 -146.16 37.45 45.80
C THR K 166 -147.09 36.79 46.81
N PHE K 167 -148.39 36.94 46.57
CA PHE K 167 -149.44 36.23 47.30
C PHE K 167 -150.16 35.31 46.31
N SER K 168 -149.64 34.09 46.17
CA SER K 168 -150.14 33.13 45.18
C SER K 168 -151.02 32.08 45.86
N VAL K 169 -152.21 31.85 45.30
CA VAL K 169 -153.14 30.88 45.86
C VAL K 169 -153.10 29.60 45.04
N VAL K 170 -153.05 28.46 45.72
CA VAL K 170 -152.86 27.15 45.12
C VAL K 170 -154.22 26.53 44.77
N PRO K 171 -154.36 25.90 43.60
CA PRO K 171 -155.62 25.23 43.26
C PRO K 171 -155.79 23.91 44.01
N SER K 172 -157.05 23.54 44.21
CA SER K 172 -157.41 22.28 44.85
C SER K 172 -158.67 21.73 44.19
N PRO K 173 -158.77 20.41 44.02
CA PRO K 173 -160.01 19.83 43.48
C PRO K 173 -161.25 20.20 44.27
N LYS K 174 -161.12 20.51 45.56
CA LYS K 174 -162.26 20.88 46.39
C LYS K 174 -162.86 22.23 46.02
N VAL K 175 -162.20 23.04 45.19
CA VAL K 175 -162.70 24.37 44.89
C VAL K 175 -162.95 24.53 43.39
N SER K 176 -162.21 23.79 42.56
CA SER K 176 -162.49 23.77 41.14
C SER K 176 -161.98 22.46 40.56
N ASP K 177 -162.86 21.75 39.85
CA ASP K 177 -162.54 20.45 39.28
C ASP K 177 -161.79 20.53 37.95
N THR K 178 -161.30 21.71 37.57
CA THR K 178 -160.53 21.84 36.33
C THR K 178 -159.22 21.08 36.48
N VAL K 179 -158.97 20.16 35.54
CA VAL K 179 -157.83 19.24 35.66
C VAL K 179 -156.54 19.79 35.07
N VAL K 180 -156.60 20.91 34.34
CA VAL K 180 -155.38 21.54 33.83
C VAL K 180 -154.70 22.40 34.87
N GLU K 181 -155.35 22.64 36.01
CA GLU K 181 -154.73 23.42 37.08
C GLU K 181 -153.40 22.84 37.56
N PRO K 182 -153.25 21.52 37.77
CA PRO K 182 -151.91 20.98 38.07
C PRO K 182 -150.84 21.40 37.07
N TYR K 183 -151.18 21.42 35.77
CA TYR K 183 -150.25 21.93 34.77
C TYR K 183 -149.90 23.39 35.06
N ASN K 184 -150.92 24.25 35.14
CA ASN K 184 -150.69 25.69 35.28
C ASN K 184 -149.90 26.01 36.54
N ALA K 185 -150.24 25.36 37.66
CA ALA K 185 -149.56 25.64 38.91
C ALA K 185 -148.11 25.17 38.88
N THR K 186 -147.86 24.00 38.29
CA THR K 186 -146.50 23.49 38.19
C THR K 186 -145.62 24.42 37.36
N LEU K 187 -146.12 24.82 36.18
CA LEU K 187 -145.38 25.78 35.35
C LEU K 187 -145.13 27.09 36.09
N SER K 188 -146.07 27.51 36.92
CA SER K 188 -145.91 28.78 37.62
C SER K 188 -144.93 28.66 38.78
N VAL K 189 -144.92 27.51 39.47
CA VAL K 189 -143.96 27.30 40.54
C VAL K 189 -142.55 27.23 39.99
N HIS K 190 -142.39 26.65 38.80
CA HIS K 190 -141.10 26.66 38.11
C HIS K 190 -140.58 28.07 37.91
N GLN K 191 -141.48 29.06 37.80
CA GLN K 191 -141.08 30.45 37.67
C GLN K 191 -140.77 31.08 39.03
N LEU K 192 -141.66 30.87 40.02
CA LEU K 192 -141.56 31.59 41.28
C LEU K 192 -140.29 31.24 42.03
N VAL K 193 -139.85 29.98 41.94
CA VAL K 193 -138.64 29.55 42.62
C VAL K 193 -137.40 30.27 42.09
N GLU K 194 -137.47 30.79 40.86
CA GLU K 194 -136.36 31.49 40.25
C GLU K 194 -136.50 33.01 40.24
N ASN K 195 -137.72 33.54 40.40
CA ASN K 195 -137.98 34.93 40.10
C ASN K 195 -138.43 35.78 41.28
N THR K 196 -138.79 35.19 42.42
CA THR K 196 -139.33 35.94 43.54
C THR K 196 -138.50 35.73 44.79
N ASP K 197 -138.41 36.78 45.61
CA ASP K 197 -137.66 36.72 46.86
C ASP K 197 -138.45 36.01 47.96
N GLU K 198 -139.76 36.24 48.02
CA GLU K 198 -140.60 35.60 49.02
C GLU K 198 -142.00 35.41 48.47
N THR K 199 -142.62 34.28 48.85
CA THR K 199 -143.94 33.91 48.35
C THR K 199 -144.76 33.31 49.48
N TYR K 200 -145.92 33.91 49.73
CA TYR K 200 -146.87 33.37 50.71
C TYR K 200 -147.78 32.36 50.00
N CYS K 201 -147.79 31.13 50.51
CA CYS K 201 -148.52 30.03 49.89
C CYS K 201 -149.93 29.95 50.49
N ILE K 202 -150.91 30.44 49.76
CA ILE K 202 -152.31 30.35 50.14
C ILE K 202 -152.91 29.13 49.46
N ASP K 203 -153.34 28.15 50.24
CA ASP K 203 -153.84 26.89 49.69
C ASP K 203 -155.35 26.88 49.78
N ASN K 204 -156.02 26.79 48.61
CA ASN K 204 -157.47 26.67 48.60
C ASN K 204 -157.93 25.38 49.27
N GLU K 205 -157.14 24.31 49.16
CA GLU K 205 -157.40 23.08 49.90
C GLU K 205 -157.58 23.37 51.40
N ALA K 206 -156.68 24.18 51.97
CA ALA K 206 -156.76 24.47 53.40
C ALA K 206 -157.85 25.49 53.72
N LEU K 207 -158.14 26.40 52.78
CA LEU K 207 -159.20 27.37 53.01
C LEU K 207 -160.57 26.69 53.07
N TYR K 208 -160.78 25.69 52.22
CA TYR K 208 -162.01 24.91 52.28
C TYR K 208 -162.09 24.12 53.58
N ASP K 209 -161.01 23.41 53.92
CA ASP K 209 -160.97 22.59 55.13
C ASP K 209 -161.17 23.40 56.40
N ILE K 210 -160.88 24.70 56.38
CA ILE K 210 -161.11 25.55 57.56
C ILE K 210 -162.54 26.05 57.60
N CYS K 211 -163.08 26.52 56.47
CA CYS K 211 -164.47 26.95 56.42
C CYS K 211 -165.43 25.79 56.64
N PHE K 212 -165.05 24.58 56.21
CA PHE K 212 -165.94 23.43 56.31
C PHE K 212 -165.91 22.81 57.71
N ARG K 213 -164.72 22.57 58.24
CA ARG K 213 -164.57 21.77 59.46
C ARG K 213 -164.50 22.63 60.72
N THR K 214 -163.76 23.74 60.67
CA THR K 214 -163.62 24.60 61.84
C THR K 214 -164.73 25.65 61.92
N LEU K 215 -165.07 26.28 60.80
CA LEU K 215 -166.13 27.28 60.77
C LEU K 215 -167.51 26.69 60.54
N LYS K 216 -167.59 25.39 60.23
CA LYS K 216 -168.84 24.67 60.03
C LYS K 216 -169.74 25.40 59.03
N LEU K 217 -169.21 25.60 57.83
CA LEU K 217 -169.97 26.08 56.68
C LEU K 217 -170.00 24.96 55.65
N THR K 218 -171.20 24.47 55.34
CA THR K 218 -171.32 23.27 54.51
C THR K 218 -170.88 23.54 53.08
N THR K 219 -171.21 24.71 52.54
CA THR K 219 -170.77 25.12 51.21
C THR K 219 -170.06 26.47 51.30
N PRO K 220 -168.73 26.48 51.41
CA PRO K 220 -168.00 27.75 51.38
C PRO K 220 -168.03 28.37 49.99
N THR K 221 -168.22 29.68 49.95
CA THR K 221 -168.12 30.45 48.72
C THR K 221 -166.72 31.04 48.60
N TYR K 222 -166.45 31.65 47.44
CA TYR K 222 -165.22 32.40 47.28
C TYR K 222 -165.08 33.49 48.34
N GLY K 223 -166.14 34.27 48.53
CA GLY K 223 -166.15 35.28 49.58
C GLY K 223 -165.75 34.75 50.94
N ASP K 224 -166.21 33.54 51.28
CA ASP K 224 -165.83 32.94 52.56
C ASP K 224 -164.34 32.64 52.61
N LEU K 225 -163.79 32.06 51.53
CA LEU K 225 -162.36 31.82 51.48
C LEU K 225 -161.57 33.13 51.40
N ASN K 226 -162.11 34.12 50.67
CA ASN K 226 -161.43 35.40 50.54
C ASN K 226 -161.39 36.17 51.86
N HIS K 227 -162.36 35.93 52.75
CA HIS K 227 -162.30 36.56 54.07
C HIS K 227 -161.07 36.08 54.84
N LEU K 228 -160.80 34.78 54.82
CA LEU K 228 -159.61 34.26 55.47
C LEU K 228 -158.34 34.84 54.89
N VAL K 229 -158.33 35.11 53.59
CA VAL K 229 -157.13 35.58 52.91
C VAL K 229 -156.84 37.03 53.27
N SER K 230 -157.83 37.92 53.04
CA SER K 230 -157.64 39.35 53.28
C SER K 230 -157.20 39.63 54.71
N ALA K 231 -157.68 38.85 55.67
CA ALA K 231 -157.28 39.03 57.06
C ALA K 231 -155.83 38.59 57.27
N THR K 232 -155.43 37.51 56.61
CA THR K 232 -154.03 37.07 56.69
C THR K 232 -153.09 38.10 56.09
N MET K 233 -153.49 38.74 54.98
CA MET K 233 -152.62 39.70 54.32
C MET K 233 -152.36 40.92 55.21
N SER K 234 -153.42 41.49 55.78
CA SER K 234 -153.24 42.59 56.72
C SER K 234 -152.38 42.19 57.90
N GLY K 235 -152.42 40.91 58.31
CA GLY K 235 -151.61 40.47 59.42
C GLY K 235 -150.13 40.43 59.10
N VAL K 236 -149.78 39.87 57.94
CA VAL K 236 -148.37 39.75 57.58
C VAL K 236 -147.79 41.11 57.18
N THR K 237 -148.63 42.01 56.67
CA THR K 237 -148.20 43.35 56.28
C THR K 237 -148.35 44.36 57.41
N THR K 238 -148.62 43.91 58.63
CA THR K 238 -148.75 44.83 59.76
C THR K 238 -147.43 45.54 60.04
N CYS K 239 -146.33 44.78 60.09
CA CYS K 239 -145.01 45.38 60.29
C CYS K 239 -144.72 46.46 59.25
N LEU K 240 -145.13 46.23 57.99
CA LEU K 240 -144.78 47.16 56.92
C LEU K 240 -145.58 48.45 57.00
N ARG K 241 -146.78 48.42 57.59
CA ARG K 241 -147.72 49.53 57.50
C ARG K 241 -147.76 50.40 58.73
N PHE K 242 -147.14 49.98 59.83
CA PHE K 242 -147.14 50.73 61.08
C PHE K 242 -145.71 50.79 61.60
N PRO K 243 -145.39 51.75 62.47
CA PRO K 243 -144.02 51.83 62.99
C PRO K 243 -143.68 50.63 63.85
N GLY K 244 -142.44 50.17 63.74
CA GLY K 244 -142.00 48.97 64.40
C GLY K 244 -140.54 48.66 64.13
N GLN K 245 -139.88 48.04 65.12
CA GLN K 245 -138.45 47.79 65.02
C GLN K 245 -138.14 46.60 64.12
N LEU K 246 -138.88 45.50 64.28
CA LEU K 246 -138.51 44.21 63.74
C LEU K 246 -139.28 43.91 62.45
N ASN K 247 -138.57 43.32 61.48
CA ASN K 247 -139.13 43.00 60.16
C ASN K 247 -139.80 44.22 59.54
N ALA K 248 -139.05 45.33 59.49
CA ALA K 248 -139.65 46.61 59.12
C ALA K 248 -139.94 46.69 57.63
N ASP K 249 -138.95 46.43 56.80
CA ASP K 249 -139.09 46.55 55.35
C ASP K 249 -138.99 45.19 54.68
N LEU K 250 -139.32 45.17 53.38
CA LEU K 250 -139.38 43.92 52.63
C LEU K 250 -138.04 43.18 52.63
N ARG K 251 -136.94 43.91 52.44
CA ARG K 251 -135.64 43.26 52.31
C ARG K 251 -135.21 42.64 53.65
N LYS K 252 -135.36 43.38 54.75
CA LYS K 252 -134.98 42.85 56.05
C LYS K 252 -135.79 41.61 56.40
N LEU K 253 -137.09 41.62 56.09
CA LEU K 253 -137.92 40.45 56.30
C LEU K 253 -137.35 39.23 55.57
N ALA K 254 -137.18 39.35 54.25
CA ALA K 254 -136.65 38.24 53.46
C ALA K 254 -135.26 37.82 53.94
N VAL K 255 -134.46 38.77 54.43
CA VAL K 255 -133.12 38.45 54.93
C VAL K 255 -133.22 37.52 56.13
N ASN K 256 -134.19 37.74 57.01
CA ASN K 256 -134.36 36.95 58.22
C ASN K 256 -135.31 35.78 58.04
N MET K 257 -135.81 35.54 56.84
CA MET K 257 -136.76 34.46 56.58
C MET K 257 -136.26 33.42 55.59
N VAL K 258 -135.38 33.79 54.66
CA VAL K 258 -135.00 32.94 53.55
C VAL K 258 -133.53 32.61 53.67
N PRO K 259 -133.17 31.42 54.16
CA PRO K 259 -131.75 31.04 54.25
C PRO K 259 -131.17 30.52 52.96
N PHE K 260 -132.00 29.99 52.06
CA PHE K 260 -131.56 29.44 50.79
C PHE K 260 -132.47 29.99 49.70
N PRO K 261 -131.91 30.54 48.62
CA PRO K 261 -132.72 31.39 47.72
C PRO K 261 -133.97 30.70 47.18
N ARG K 262 -133.88 29.40 46.85
CA ARG K 262 -135.02 28.72 46.26
C ARG K 262 -136.09 28.40 47.28
N LEU K 263 -135.72 28.25 48.56
CA LEU K 263 -136.65 27.82 49.60
C LEU K 263 -137.25 29.04 50.30
N HIS K 264 -138.08 29.76 49.56
CA HIS K 264 -138.68 31.00 50.04
C HIS K 264 -140.20 30.95 49.98
N PHE K 265 -140.77 29.77 50.23
CA PHE K 265 -142.21 29.57 50.17
C PHE K 265 -142.74 29.43 51.58
N PHE K 266 -143.37 30.49 52.08
CA PHE K 266 -143.81 30.55 53.47
C PHE K 266 -145.18 29.89 53.62
N MET K 267 -145.36 29.18 54.74
CA MET K 267 -146.65 28.62 55.11
C MET K 267 -147.31 29.57 56.11
N PRO K 268 -148.22 30.43 55.69
CA PRO K 268 -148.84 31.38 56.61
C PRO K 268 -149.99 30.77 57.40
N GLY K 269 -150.28 31.39 58.53
CA GLY K 269 -151.37 30.98 59.38
C GLY K 269 -151.59 32.01 60.47
N PHE K 270 -152.84 32.19 60.91
CA PHE K 270 -153.14 33.25 61.86
C PHE K 270 -154.34 32.85 62.70
N ALA K 271 -154.60 33.64 63.74
CA ALA K 271 -155.58 33.32 64.77
C ALA K 271 -156.11 34.60 65.38
N PRO K 272 -157.35 34.61 65.89
CA PRO K 272 -158.28 33.47 65.82
C PRO K 272 -159.08 33.42 64.53
N LEU K 273 -159.54 32.22 64.17
CA LEU K 273 -160.28 32.00 62.94
C LEU K 273 -161.75 32.39 63.18
N THR K 274 -162.21 33.43 62.49
CA THR K 274 -163.56 33.92 62.62
C THR K 274 -164.32 33.73 61.31
N SER K 275 -165.65 33.75 61.40
CA SER K 275 -166.49 33.65 60.23
C SER K 275 -166.78 35.05 59.69
N ARG K 276 -167.58 35.12 58.63
CA ARG K 276 -167.91 36.40 58.01
C ARG K 276 -168.79 37.22 58.95
N GLY K 277 -168.15 38.12 59.69
CA GLY K 277 -168.81 39.06 60.57
C GLY K 277 -169.40 38.48 61.84
N SER K 278 -168.93 37.30 62.27
CA SER K 278 -169.31 36.76 63.57
C SER K 278 -168.37 37.28 64.64
N GLN K 279 -168.89 37.42 65.85
CA GLN K 279 -168.11 37.85 67.01
C GLN K 279 -168.17 36.75 68.07
N GLN K 280 -167.00 36.31 68.55
CA GLN K 280 -166.97 35.23 69.54
C GLN K 280 -167.38 35.68 70.94
N TYR K 281 -167.54 36.99 71.15
CA TYR K 281 -167.81 37.58 72.46
C TYR K 281 -166.72 37.37 73.51
N ARG K 282 -165.82 36.42 73.29
CA ARG K 282 -164.75 36.14 74.25
C ARG K 282 -163.39 36.35 73.59
N ALA K 283 -162.64 37.34 74.08
CA ALA K 283 -161.30 37.59 73.55
C ALA K 283 -160.31 36.54 74.04
N LEU K 284 -159.46 36.06 73.12
CA LEU K 284 -158.48 35.04 73.45
C LEU K 284 -157.39 35.60 74.37
N THR K 285 -156.72 34.69 75.08
CA THR K 285 -155.56 35.03 75.90
C THR K 285 -154.27 34.88 75.10
N VAL K 286 -153.18 35.42 75.66
CA VAL K 286 -151.87 35.32 74.99
C VAL K 286 -151.42 33.87 74.85
N PRO K 287 -151.47 33.01 75.88
CA PRO K 287 -151.08 31.60 75.66
C PRO K 287 -151.97 30.86 74.69
N GLU K 288 -153.24 31.26 74.57
CA GLU K 288 -154.12 30.62 73.61
C GLU K 288 -153.73 30.97 72.18
N LEU K 289 -153.56 32.26 71.90
CA LEU K 289 -153.05 32.70 70.60
C LEU K 289 -151.77 31.94 70.22
N THR K 290 -150.80 31.92 71.14
CA THR K 290 -149.54 31.21 70.91
C THR K 290 -149.79 29.76 70.51
N GLN K 291 -150.78 29.10 71.13
CA GLN K 291 -151.09 27.72 70.81
C GLN K 291 -152.00 27.60 69.60
N GLN K 292 -151.89 28.52 68.66
CA GLN K 292 -152.48 28.38 67.34
C GLN K 292 -151.40 28.33 66.27
N MET K 293 -150.15 28.08 66.69
CA MET K 293 -149.00 28.00 65.79
C MET K 293 -148.89 26.59 65.22
N PHE K 294 -148.49 25.62 66.07
CA PHE K 294 -148.49 24.22 65.67
C PHE K 294 -149.87 23.73 65.30
N ASP K 295 -150.92 24.38 65.82
CA ASP K 295 -152.29 24.00 65.50
C ASP K 295 -152.50 24.09 63.99
N ALA K 296 -152.39 22.94 63.32
CA ALA K 296 -152.43 22.90 61.86
C ALA K 296 -153.78 23.32 61.29
N LYS K 297 -154.82 23.39 62.12
CA LYS K 297 -156.12 23.88 61.67
C LYS K 297 -156.14 25.39 61.49
N ASN K 298 -155.03 26.09 61.75
CA ASN K 298 -154.92 27.51 61.51
C ASN K 298 -153.97 27.86 60.38
N MET K 299 -153.36 26.86 59.73
CA MET K 299 -152.44 27.11 58.64
C MET K 299 -153.20 27.37 57.35
N MET K 300 -152.82 28.43 56.64
CA MET K 300 -153.43 28.74 55.35
C MET K 300 -152.94 27.82 54.24
N ALA K 301 -151.89 27.04 54.49
CA ALA K 301 -151.46 25.99 53.57
C ALA K 301 -151.80 24.64 54.16
N ALA K 302 -152.22 23.71 53.30
CA ALA K 302 -152.68 22.39 53.76
C ALA K 302 -151.46 21.52 54.00
N CYS K 303 -150.80 21.77 55.13
CA CYS K 303 -149.62 21.01 55.53
C CYS K 303 -149.62 20.86 57.04
N ASP K 304 -148.95 19.81 57.51
CA ASP K 304 -148.83 19.57 58.94
C ASP K 304 -147.43 19.99 59.39
N PRO K 305 -147.30 21.08 60.15
CA PRO K 305 -145.97 21.44 60.67
C PRO K 305 -145.32 20.33 61.48
N ARG K 306 -146.12 19.46 62.08
CA ARG K 306 -145.59 18.33 62.84
C ARG K 306 -144.80 17.38 61.94
N HIS K 307 -145.13 17.34 60.65
CA HIS K 307 -144.48 16.43 59.71
C HIS K 307 -143.20 17.01 59.13
N GLY K 308 -142.81 18.22 59.52
CA GLY K 308 -141.57 18.81 59.07
C GLY K 308 -140.88 19.62 60.15
N ARG K 309 -139.96 20.48 59.76
CA ARG K 309 -139.22 21.32 60.71
C ARG K 309 -139.23 22.76 60.24
N TYR K 310 -139.33 23.68 61.19
CA TYR K 310 -139.31 25.11 60.87
C TYR K 310 -137.88 25.57 60.65
N LEU K 311 -137.64 26.23 59.51
CA LEU K 311 -136.37 26.90 59.30
C LEU K 311 -136.36 28.27 59.94
N THR K 312 -137.34 29.11 59.61
CA THR K 312 -137.51 30.42 60.22
C THR K 312 -138.99 30.65 60.50
N VAL K 313 -139.26 31.50 61.50
CA VAL K 313 -140.62 31.81 61.91
C VAL K 313 -140.70 33.29 62.24
N ALA K 314 -141.78 33.95 61.77
CA ALA K 314 -142.09 35.32 62.14
C ALA K 314 -143.49 35.37 62.73
N ALA K 315 -143.59 35.92 63.94
CA ALA K 315 -144.87 36.05 64.64
C ALA K 315 -145.21 37.53 64.78
N VAL K 316 -146.47 37.86 64.50
CA VAL K 316 -146.96 39.23 64.58
C VAL K 316 -148.19 39.23 65.49
N PHE K 317 -148.04 39.77 66.69
CA PHE K 317 -149.15 39.89 67.64
C PHE K 317 -149.73 41.30 67.54
N ARG K 318 -151.03 41.39 67.28
CA ARG K 318 -151.72 42.66 67.14
C ARG K 318 -152.67 42.86 68.31
N GLY K 319 -152.62 44.04 68.92
CA GLY K 319 -153.48 44.40 70.02
C GLY K 319 -152.69 44.78 71.26
N ARG K 320 -153.42 45.33 72.23
CA ARG K 320 -152.83 45.67 73.52
C ARG K 320 -152.73 44.41 74.36
N MET K 321 -151.52 44.08 74.78
CA MET K 321 -151.26 42.86 75.55
C MET K 321 -149.89 42.99 76.19
N SER K 322 -149.54 41.98 76.99
CA SER K 322 -148.27 41.99 77.73
C SER K 322 -147.15 41.56 76.80
N MET K 323 -146.24 42.50 76.49
CA MET K 323 -145.02 42.14 75.79
C MET K 323 -144.20 41.14 76.59
N LYS K 324 -144.28 41.23 77.92
CA LYS K 324 -143.60 40.28 78.79
C LYS K 324 -144.16 38.86 78.62
N GLU K 325 -145.49 38.75 78.55
CA GLU K 325 -146.11 37.43 78.45
C GLU K 325 -145.89 36.82 77.07
N VAL K 326 -145.95 37.64 76.02
CA VAL K 326 -145.71 37.14 74.66
C VAL K 326 -144.30 36.55 74.55
N ASP K 327 -143.30 37.30 75.02
CA ASP K 327 -141.93 36.79 75.03
C ASP K 327 -141.85 35.46 75.77
N GLU K 328 -142.48 35.38 76.94
CA GLU K 328 -142.45 34.15 77.72
C GLU K 328 -143.09 32.99 76.97
N GLN K 329 -144.28 33.21 76.41
CA GLN K 329 -144.99 32.14 75.72
C GLN K 329 -144.26 31.69 74.47
N MET K 330 -143.65 32.63 73.74
CA MET K 330 -142.91 32.25 72.55
C MET K 330 -141.62 31.52 72.92
N LEU K 331 -140.91 32.01 73.93
CA LEU K 331 -139.72 31.31 74.42
C LEU K 331 -140.09 29.93 74.94
N ASN K 332 -141.29 29.79 75.52
CA ASN K 332 -141.79 28.51 76.01
C ASN K 332 -142.01 27.54 74.85
N VAL K 333 -142.95 27.87 73.96
CA VAL K 333 -143.38 26.96 72.90
C VAL K 333 -142.23 26.52 72.00
N GLN K 334 -141.16 27.32 71.92
CA GLN K 334 -140.02 26.94 71.09
C GLN K 334 -139.30 25.72 71.67
N ASN K 335 -138.90 25.80 72.94
CA ASN K 335 -138.11 24.74 73.55
C ASN K 335 -138.93 23.54 73.99
N LYS K 336 -140.22 23.71 74.21
CA LYS K 336 -141.08 22.57 74.53
C LYS K 336 -141.41 21.73 73.31
N ASN K 337 -141.02 22.19 72.13
CA ASN K 337 -141.10 21.46 70.88
C ASN K 337 -139.78 21.55 70.15
N SER K 338 -138.67 21.49 70.91
CA SER K 338 -137.34 21.81 70.38
C SER K 338 -136.96 20.93 69.20
N SER K 339 -137.53 19.74 69.08
CA SER K 339 -137.22 18.86 67.97
C SER K 339 -137.87 19.30 66.66
N TYR K 340 -138.77 20.28 66.70
CA TYR K 340 -139.46 20.75 65.51
C TYR K 340 -138.83 21.99 64.89
N PHE K 341 -138.03 22.73 65.64
CA PHE K 341 -137.29 23.86 65.10
C PHE K 341 -135.86 23.43 64.80
N VAL K 342 -135.40 23.76 63.59
CA VAL K 342 -134.04 23.44 63.17
C VAL K 342 -133.04 23.99 64.18
N GLU K 343 -132.06 23.15 64.55
CA GLU K 343 -131.06 23.55 65.54
C GLU K 343 -129.96 24.43 64.96
N TRP K 344 -129.60 24.24 63.69
CA TRP K 344 -128.43 24.92 63.14
C TRP K 344 -128.70 26.37 62.74
N ILE K 345 -129.89 26.88 62.98
CA ILE K 345 -130.19 28.30 62.82
C ILE K 345 -130.63 28.85 64.17
N PRO K 346 -129.73 29.48 64.93
CA PRO K 346 -130.09 29.96 66.26
C PRO K 346 -130.88 31.26 66.21
N ASN K 347 -131.80 31.38 67.16
CA ASN K 347 -132.73 32.51 67.24
C ASN K 347 -133.48 32.70 65.92
N ASN K 348 -134.00 31.58 65.40
CA ASN K 348 -134.68 31.61 64.11
C ASN K 348 -136.12 32.10 64.20
N VAL K 349 -136.70 32.12 65.40
CA VAL K 349 -138.04 32.64 65.60
C VAL K 349 -137.93 34.09 66.07
N LYS K 350 -138.70 34.97 65.46
CA LYS K 350 -138.68 36.40 65.78
C LYS K 350 -140.12 36.88 65.95
N THR K 351 -140.36 37.59 67.06
CA THR K 351 -141.69 38.07 67.39
C THR K 351 -141.72 39.59 67.37
N ALA K 352 -142.87 40.14 66.95
CA ALA K 352 -143.08 41.58 66.92
C ALA K 352 -144.52 41.87 67.32
N VAL K 353 -144.74 43.04 67.91
CA VAL K 353 -146.05 43.42 68.42
C VAL K 353 -146.47 44.74 67.80
N CYS K 354 -147.76 44.88 67.54
CA CYS K 354 -148.36 46.12 67.05
C CYS K 354 -149.61 46.39 67.87
N ASP K 355 -149.72 47.61 68.40
CA ASP K 355 -150.78 47.91 69.35
C ASP K 355 -152.15 47.99 68.68
N ILE K 356 -152.20 48.41 67.41
CA ILE K 356 -153.47 48.55 66.70
C ILE K 356 -153.94 47.16 66.25
N PRO K 357 -155.07 46.68 66.76
CA PRO K 357 -155.55 45.35 66.38
C PRO K 357 -156.26 45.41 65.04
N PRO K 358 -156.60 44.26 64.45
CA PRO K 358 -157.43 44.28 63.24
C PRO K 358 -158.90 44.41 63.58
N ARG K 359 -159.64 45.04 62.67
CA ARG K 359 -161.00 45.47 62.96
C ARG K 359 -161.91 44.26 63.16
N GLY K 360 -162.66 44.27 64.26
CA GLY K 360 -163.47 43.15 64.68
C GLY K 360 -162.91 42.45 65.91
N LEU K 361 -161.59 42.32 65.99
CA LEU K 361 -160.91 41.54 66.99
C LEU K 361 -160.22 42.43 68.01
N LYS K 362 -160.22 42.00 69.27
CA LYS K 362 -159.46 42.69 70.29
C LYS K 362 -157.98 42.31 70.25
N MET K 363 -157.70 41.03 70.02
CA MET K 363 -156.34 40.53 69.87
C MET K 363 -156.28 39.58 68.68
N SER K 364 -155.11 39.46 68.09
CA SER K 364 -154.88 38.54 66.99
C SER K 364 -153.40 38.23 66.90
N ALA K 365 -153.06 37.21 66.12
CA ALA K 365 -151.69 36.75 65.99
C ALA K 365 -151.51 36.01 64.68
N THR K 366 -150.54 36.45 63.88
CA THR K 366 -150.23 35.85 62.59
C THR K 366 -148.89 35.13 62.67
N PHE K 367 -148.79 33.98 62.01
CA PHE K 367 -147.67 33.05 62.19
C PHE K 367 -147.08 32.70 60.81
N ILE K 368 -146.13 33.51 60.36
CA ILE K 368 -145.45 33.26 59.09
C ILE K 368 -144.31 32.28 59.35
N GLY K 369 -144.33 31.15 58.63
CA GLY K 369 -143.33 30.13 58.87
C GLY K 369 -142.77 29.49 57.61
N ASN K 370 -141.44 29.43 57.52
CA ASN K 370 -140.75 28.65 56.49
C ASN K 370 -140.56 27.24 57.02
N SER K 371 -141.56 26.39 56.84
CA SER K 371 -141.54 25.02 57.32
C SER K 371 -141.27 24.07 56.17
N THR K 372 -140.36 23.11 56.40
CA THR K 372 -140.06 22.10 55.38
C THR K 372 -141.26 21.20 55.09
N ALA K 373 -142.25 21.18 55.99
CA ALA K 373 -143.48 20.45 55.74
C ALA K 373 -144.18 20.89 54.46
N ILE K 374 -143.92 22.12 54.00
CA ILE K 374 -144.49 22.67 52.77
C ILE K 374 -144.24 21.74 51.59
N GLN K 375 -143.27 20.83 51.71
CA GLN K 375 -143.04 19.84 50.68
C GLN K 375 -144.28 18.98 50.45
N GLU K 376 -145.09 18.78 51.49
CA GLU K 376 -146.36 18.07 51.32
C GLU K 376 -147.24 18.74 50.26
N LEU K 377 -147.30 20.08 50.28
CA LEU K 377 -148.09 20.81 49.29
C LEU K 377 -147.57 20.55 47.88
N PHE K 378 -146.26 20.66 47.68
CA PHE K 378 -145.69 20.47 46.36
C PHE K 378 -145.77 19.01 45.91
N LYS K 379 -145.79 18.07 46.86
CA LYS K 379 -146.06 16.68 46.51
C LYS K 379 -147.43 16.55 45.85
N ARG K 380 -148.45 17.14 46.45
CA ARG K 380 -149.81 17.05 45.91
C ARG K 380 -149.88 17.56 44.48
N ILE K 381 -149.31 18.75 44.22
CA ILE K 381 -149.38 19.33 42.89
C ILE K 381 -148.65 18.46 41.87
N SER K 382 -147.51 17.89 42.26
CA SER K 382 -146.71 17.11 41.31
C SER K 382 -147.38 15.80 40.96
N GLU K 383 -147.93 15.09 41.95
CA GLU K 383 -148.60 13.83 41.67
C GLU K 383 -149.80 14.04 40.76
N GLN K 384 -150.58 15.09 40.99
CA GLN K 384 -151.66 15.42 40.06
C GLN K 384 -151.11 15.79 38.69
N PHE K 385 -150.03 16.57 38.66
CA PHE K 385 -149.39 16.93 37.40
C PHE K 385 -148.92 15.69 36.65
N THR K 386 -148.24 14.77 37.35
CA THR K 386 -147.64 13.62 36.68
C THR K 386 -148.69 12.67 36.13
N ALA K 387 -149.70 12.34 36.95
CA ALA K 387 -150.84 11.55 36.46
C ALA K 387 -151.40 12.12 35.17
N MET K 388 -151.60 13.44 35.14
CA MET K 388 -152.07 14.10 33.92
C MET K 388 -151.02 14.00 32.81
N PHE K 389 -149.76 14.27 33.15
CA PHE K 389 -148.72 14.41 32.12
C PHE K 389 -148.31 13.07 31.53
N ARG K 390 -148.37 11.99 32.31
CA ARG K 390 -147.98 10.68 31.79
C ARG K 390 -148.95 10.20 30.71
N ARG K 391 -150.22 10.57 30.81
CA ARG K 391 -151.19 10.30 29.75
C ARG K 391 -151.30 11.43 28.74
N LYS K 392 -150.54 12.52 28.94
CA LYS K 392 -150.37 13.59 27.95
C LYS K 392 -151.68 14.29 27.64
N ALA K 393 -152.58 14.38 28.61
CA ALA K 393 -153.87 15.01 28.38
C ALA K 393 -153.73 16.51 28.19
N PHE K 394 -154.58 17.07 27.33
CA PHE K 394 -154.73 18.52 27.12
C PHE K 394 -153.41 19.21 26.74
N LEU K 395 -152.40 18.44 26.31
CA LEU K 395 -151.12 19.06 25.95
C LEU K 395 -151.23 19.94 24.72
N HIS K 396 -152.14 19.62 23.80
CA HIS K 396 -152.26 20.38 22.56
C HIS K 396 -152.72 21.82 22.81
N TRP K 397 -153.38 22.09 23.93
CA TRP K 397 -153.65 23.47 24.34
C TRP K 397 -152.35 24.26 24.43
N TYR K 398 -151.43 23.80 25.29
CA TYR K 398 -150.23 24.55 25.58
C TYR K 398 -149.28 24.58 24.38
N THR K 399 -149.07 23.41 23.76
CA THR K 399 -148.14 23.34 22.63
C THR K 399 -148.59 24.21 21.48
N GLY K 400 -149.90 24.30 21.25
CA GLY K 400 -150.40 25.15 20.18
C GLY K 400 -150.02 26.61 20.34
N GLU K 401 -149.89 27.08 21.59
CA GLU K 401 -149.53 28.47 21.88
C GLU K 401 -148.03 28.71 21.86
N GLY K 402 -147.25 27.80 21.28
CA GLY K 402 -145.82 27.98 21.16
C GLY K 402 -144.98 27.27 22.20
N MET K 403 -145.60 26.63 23.19
CA MET K 403 -144.84 25.93 24.21
C MET K 403 -144.30 24.61 23.67
N ASP K 404 -143.22 24.14 24.29
CA ASP K 404 -142.60 22.87 23.94
C ASP K 404 -142.89 21.85 25.03
N GLU K 405 -143.13 20.60 24.61
CA GLU K 405 -143.36 19.52 25.55
C GLU K 405 -142.25 19.41 26.59
N MET K 406 -141.02 19.74 26.21
CA MET K 406 -139.89 19.67 27.13
C MET K 406 -140.13 20.53 28.38
N GLU K 407 -140.75 21.69 28.22
CA GLU K 407 -140.98 22.60 29.35
C GLU K 407 -141.66 21.89 30.51
N PHE K 408 -142.66 21.05 30.21
CA PHE K 408 -143.36 20.34 31.27
C PHE K 408 -142.43 19.43 32.06
N THR K 409 -141.56 18.70 31.36
CA THR K 409 -140.59 17.84 32.04
C THR K 409 -139.66 18.65 32.92
N GLU K 410 -139.19 19.81 32.45
CA GLU K 410 -138.30 20.64 33.24
C GLU K 410 -139.01 21.16 34.49
N ALA K 411 -140.23 21.68 34.32
CA ALA K 411 -140.99 22.16 35.47
C ALA K 411 -141.29 21.02 36.44
N GLU K 412 -141.63 19.84 35.90
CA GLU K 412 -141.82 18.66 36.74
C GLU K 412 -140.54 18.36 37.52
N SER K 413 -139.40 18.28 36.83
CA SER K 413 -138.14 17.96 37.49
C SER K 413 -137.73 19.07 38.46
N ASN K 414 -137.94 20.33 38.08
CA ASN K 414 -137.53 21.44 38.94
C ASN K 414 -138.34 21.46 40.23
N MET K 415 -139.63 21.13 40.16
CA MET K 415 -140.43 21.05 41.38
C MET K 415 -139.99 19.88 42.26
N ASN K 416 -139.58 18.77 41.64
CA ASN K 416 -139.13 17.61 42.42
C ASN K 416 -137.80 17.90 43.12
N ASP K 417 -136.91 18.62 42.44
CA ASP K 417 -135.69 19.10 43.10
C ASP K 417 -136.05 19.99 44.28
N LEU K 418 -137.05 20.86 44.12
CA LEU K 418 -137.50 21.70 45.22
C LEU K 418 -138.02 20.86 46.38
N VAL K 419 -138.72 19.76 46.07
CA VAL K 419 -139.21 18.86 47.11
C VAL K 419 -138.04 18.16 47.80
N SER K 420 -137.09 17.67 47.01
CA SER K 420 -135.92 17.00 47.57
C SER K 420 -135.14 17.94 48.48
N GLU K 421 -134.97 19.20 48.07
CA GLU K 421 -134.24 20.17 48.89
C GLU K 421 -134.88 20.31 50.27
N TYR K 422 -136.20 20.48 50.31
CA TYR K 422 -136.91 20.55 51.59
C TYR K 422 -136.68 19.29 52.41
N GLN K 423 -136.67 18.13 51.76
CA GLN K 423 -136.44 16.88 52.48
C GLN K 423 -135.01 16.79 53.00
N GLN K 424 -134.04 17.35 52.25
CA GLN K 424 -132.65 17.35 52.70
C GLN K 424 -132.49 18.09 54.02
N TYR K 425 -132.94 19.35 54.07
CA TYR K 425 -132.76 20.15 55.26
C TYR K 425 -133.64 19.66 56.41
N GLN K 426 -134.70 18.92 56.12
CA GLN K 426 -135.49 18.31 57.18
C GLN K 426 -134.71 17.23 57.89
N ASP K 427 -133.99 16.39 57.14
CA ASP K 427 -133.20 15.31 57.70
C ASP K 427 -131.78 15.74 58.09
N ALA K 428 -131.47 17.03 57.95
CA ALA K 428 -130.14 17.51 58.31
C ALA K 428 -129.96 17.51 59.82
N THR K 429 -128.70 17.45 60.25
CA THR K 429 -128.36 17.43 61.67
C THR K 429 -127.22 18.41 61.94
N ALA K 430 -127.21 18.96 63.15
CA ALA K 430 -126.11 19.83 63.56
C ALA K 430 -124.91 19.02 64.04
N ASP K 431 -125.18 17.94 64.78
CA ASP K 431 -124.16 17.10 65.44
C ASP K 431 -122.88 17.84 65.86
N LEU L 14 -85.13 56.78 40.38
CA LEU L 14 -83.91 56.01 40.44
C LEU L 14 -83.36 55.71 39.05
N GLU L 15 -83.96 56.36 38.04
CA GLU L 15 -83.50 56.18 36.67
C GLU L 15 -82.09 56.73 36.47
N GLN L 16 -81.81 57.92 36.99
CA GLN L 16 -80.48 58.49 36.92
C GLN L 16 -79.58 57.98 38.03
N ARG L 17 -80.17 57.37 39.07
CA ARG L 17 -79.42 56.78 40.17
C ARG L 17 -78.57 55.58 39.74
N ALA L 18 -78.78 55.05 38.53
CA ALA L 18 -77.96 53.99 37.97
C ALA L 18 -76.51 54.38 37.73
N SER L 19 -76.18 55.67 37.73
CA SER L 19 -74.80 56.13 37.59
C SER L 19 -74.35 56.95 38.79
N HIS L 20 -75.01 56.79 39.93
CA HIS L 20 -74.70 57.58 41.11
C HIS L 20 -73.31 57.24 41.65
N LYS L 21 -72.79 58.14 42.48
CA LYS L 21 -71.43 57.97 43.00
C LYS L 21 -71.36 56.80 43.97
N VAL L 22 -72.35 56.67 44.84
CA VAL L 22 -72.35 55.60 45.83
C VAL L 22 -72.65 54.28 45.15
N TRP L 23 -71.95 53.22 45.57
CA TRP L 23 -72.09 51.92 44.92
C TRP L 23 -73.45 51.30 45.22
N LYS L 24 -73.88 51.36 46.48
CA LYS L 24 -75.12 50.73 46.90
C LYS L 24 -76.34 51.41 46.30
N ALA L 25 -76.18 52.60 45.74
CA ALA L 25 -77.26 53.26 45.02
C ALA L 25 -77.33 52.84 43.56
N ARG L 26 -76.19 52.51 42.94
CA ARG L 26 -76.23 51.85 41.63
C ARG L 26 -76.74 50.41 41.76
N LEU L 27 -76.36 49.72 42.84
CA LEU L 27 -76.79 48.35 43.05
C LEU L 27 -78.31 48.24 43.04
N ASN L 28 -79.01 49.24 43.58
CA ASN L 28 -80.47 49.26 43.52
C ASN L 28 -80.96 49.35 42.09
N ALA L 29 -80.56 50.40 41.37
CA ALA L 29 -81.04 50.62 40.00
C ALA L 29 -80.83 49.41 39.11
N TYR L 30 -79.78 48.63 39.36
CA TYR L 30 -79.59 47.40 38.58
C TYR L 30 -80.66 46.37 38.94
N GLN L 31 -80.98 46.24 40.23
CA GLN L 31 -82.07 45.35 40.62
C GLN L 31 -83.41 45.91 40.16
N GLU L 32 -83.60 47.23 40.28
CA GLU L 32 -84.80 47.88 39.74
C GLU L 32 -84.97 47.57 38.26
N LEU L 33 -83.89 47.70 37.48
CA LEU L 33 -83.96 47.40 36.05
C LEU L 33 -84.29 45.93 35.82
N ASN L 34 -83.57 45.03 36.51
CA ASN L 34 -83.81 43.60 36.35
C ASN L 34 -85.27 43.24 36.64
N ASN L 35 -85.86 43.89 37.64
CA ASN L 35 -87.27 43.66 37.92
C ASN L 35 -88.14 44.27 36.83
N LEU L 36 -87.70 45.35 36.20
CA LEU L 36 -88.48 45.98 35.14
C LEU L 36 -88.54 45.10 33.90
N PHE L 37 -87.39 44.57 33.46
CA PHE L 37 -87.37 43.82 32.21
C PHE L 37 -88.11 42.49 32.32
N THR L 38 -88.38 42.03 33.53
CA THR L 38 -89.22 40.85 33.74
C THR L 38 -90.68 41.20 33.91
N LYS L 39 -90.99 42.40 34.39
CA LYS L 39 -92.35 42.82 34.71
C LYS L 39 -92.89 43.84 33.70
N SER L 40 -92.15 44.14 32.64
CA SER L 40 -92.55 45.13 31.66
C SER L 40 -93.45 44.52 30.57
N SER L 41 -94.05 45.41 29.80
CA SER L 41 -95.01 45.03 28.77
C SER L 41 -94.29 44.47 27.55
N VAL L 42 -94.79 43.34 27.05
CA VAL L 42 -94.25 42.73 25.83
C VAL L 42 -95.19 43.05 24.67
N ILE L 43 -94.64 43.66 23.63
CA ILE L 43 -95.37 43.89 22.39
C ILE L 43 -94.56 43.33 21.23
N PRO L 46 -93.87 47.87 24.29
CA PRO L 46 -92.81 48.06 25.27
C PRO L 46 -92.57 49.53 25.59
N ASN L 47 -92.67 49.88 26.88
CA ASN L 47 -92.59 51.27 27.31
C ASN L 47 -91.40 51.99 26.68
N ASP L 48 -91.62 53.26 26.32
CA ASP L 48 -90.51 54.12 25.94
C ASP L 48 -89.48 54.22 27.06
N VAL L 49 -89.88 53.90 28.29
CA VAL L 49 -88.96 53.81 29.41
C VAL L 49 -87.93 52.70 29.20
N ALA L 50 -88.27 51.69 28.39
CA ALA L 50 -87.32 50.63 28.05
C ALA L 50 -86.45 51.08 26.87
N ASN L 51 -85.64 52.11 27.12
CA ASN L 51 -84.77 52.71 26.12
C ASN L 51 -83.31 52.33 26.39
N TYR L 52 -83.07 51.06 26.73
CA TYR L 52 -81.72 50.51 26.82
C TYR L 52 -81.36 49.72 25.58
N TRP L 53 -81.88 50.16 24.43
CA TRP L 53 -81.52 49.67 23.12
C TRP L 53 -80.93 50.78 22.27
N LEU L 54 -81.61 51.93 22.22
CA LEU L 54 -81.19 53.03 21.35
C LEU L 54 -79.95 53.73 21.89
N ASP L 55 -79.72 53.68 23.21
CA ASP L 55 -78.47 54.14 23.82
C ASP L 55 -77.85 52.95 24.53
N PRO L 56 -77.22 52.03 23.78
CA PRO L 56 -76.58 50.88 24.41
C PRO L 56 -75.27 51.19 25.11
N GLU L 57 -74.76 52.41 24.96
CA GLU L 57 -73.62 52.85 25.78
C GLU L 57 -73.95 52.78 27.27
N LEU L 58 -75.23 52.90 27.62
CA LEU L 58 -75.65 52.86 29.01
C LEU L 58 -75.23 51.56 29.68
N PHE L 59 -75.72 50.42 29.17
CA PHE L 59 -75.39 49.15 29.79
C PHE L 59 -73.93 48.77 29.54
N ALA L 60 -73.35 49.20 28.43
CA ALA L 60 -71.91 49.03 28.24
C ALA L 60 -71.14 49.67 29.40
N SER L 61 -71.63 50.80 29.90
CA SER L 61 -71.06 51.39 31.11
C SER L 61 -71.37 50.53 32.34
N TYR L 62 -72.62 50.06 32.47
CA TYR L 62 -73.00 49.34 33.69
C TYR L 62 -72.24 48.03 33.83
N ILE L 63 -71.99 47.34 32.71
CA ILE L 63 -71.29 46.06 32.77
C ILE L 63 -69.87 46.24 33.30
N VAL L 64 -69.27 47.41 33.08
CA VAL L 64 -67.96 47.67 33.65
C VAL L 64 -68.14 48.56 34.87
N ASP L 65 -68.78 48.02 35.90
CA ASP L 65 -69.03 48.79 37.11
C ASP L 65 -67.82 48.71 38.01
N SER L 66 -67.51 49.80 38.70
CA SER L 66 -66.32 49.88 39.52
C SER L 66 -66.46 49.13 40.84
N ASN L 67 -67.46 48.24 40.95
CA ASN L 67 -67.69 47.45 42.17
C ASN L 67 -68.16 46.07 41.76
N VAL L 68 -67.42 45.04 42.18
CA VAL L 68 -67.66 43.68 41.72
C VAL L 68 -69.06 43.21 42.08
N VAL L 69 -69.61 43.67 43.20
CA VAL L 69 -70.94 43.23 43.62
C VAL L 69 -72.02 43.93 42.79
N ALA L 70 -71.87 45.25 42.60
CA ALA L 70 -72.81 45.97 41.75
C ALA L 70 -72.59 45.68 40.28
N GLN L 71 -71.41 45.22 39.91
CA GLN L 71 -71.18 44.74 38.55
C GLN L 71 -72.02 43.50 38.26
N GLU L 72 -71.87 42.47 39.09
CA GLU L 72 -72.63 41.23 38.92
C GLU L 72 -74.12 41.48 38.82
N ASN L 73 -74.63 42.46 39.58
CA ASN L 73 -76.05 42.78 39.51
C ASN L 73 -76.40 43.51 38.23
N ALA L 74 -75.45 44.24 37.64
CA ALA L 74 -75.68 44.86 36.35
C ALA L 74 -75.71 43.83 35.23
N ILE L 75 -74.94 42.76 35.37
CA ILE L 75 -74.89 41.74 34.32
C ILE L 75 -76.16 40.91 34.31
N ILE L 76 -76.67 40.55 35.51
CA ILE L 76 -77.90 39.77 35.56
C ILE L 76 -79.10 40.62 35.20
N ALA L 77 -79.00 41.94 35.31
CA ALA L 77 -80.02 42.81 34.74
C ALA L 77 -79.90 42.86 33.22
N LEU L 78 -78.66 42.97 32.72
CA LEU L 78 -78.44 42.83 31.28
C LEU L 78 -78.90 41.47 30.78
N HIS L 79 -78.69 40.41 31.58
CA HIS L 79 -79.10 39.06 31.17
C HIS L 79 -80.60 38.99 30.92
N THR L 80 -81.40 39.46 31.87
CA THR L 80 -82.85 39.40 31.71
C THR L 80 -83.35 40.45 30.73
N LEU L 81 -82.69 41.61 30.66
CA LEU L 81 -82.92 42.52 29.54
C LEU L 81 -82.70 41.78 28.22
N LEU L 82 -81.56 41.10 28.10
CA LEU L 82 -81.15 40.44 26.86
C LEU L 82 -81.95 39.17 26.59
N GLU L 83 -82.92 38.83 27.43
CA GLU L 83 -83.93 37.83 27.09
C GLU L 83 -85.34 38.38 27.09
N TYR L 84 -85.57 39.54 27.72
CA TYR L 84 -86.79 40.30 27.48
C TYR L 84 -86.88 40.78 26.04
N ILE L 85 -85.75 40.84 25.34
CA ILE L 85 -85.70 41.25 23.94
C ILE L 85 -86.10 40.09 23.02
N SER L 86 -86.58 39.00 23.60
CA SER L 86 -86.99 37.91 22.73
C SER L 86 -88.25 38.21 21.95
N GLN L 87 -88.74 39.45 21.89
CA GLN L 87 -89.97 39.76 21.20
C GLN L 87 -89.70 40.66 20.00
N VAL L 88 -90.54 40.51 18.99
CA VAL L 88 -90.44 41.21 17.70
C VAL L 88 -91.07 42.59 17.85
N PRO L 89 -90.54 43.64 17.18
CA PRO L 89 -89.34 43.72 16.35
C PRO L 89 -88.13 44.36 17.03
N ASN L 90 -87.03 43.61 17.06
CA ASN L 90 -85.76 44.06 17.62
C ASN L 90 -84.62 43.67 16.67
N VAL L 91 -84.71 44.20 15.45
CA VAL L 91 -83.73 43.96 14.40
C VAL L 91 -82.45 44.71 14.75
N SER L 92 -82.50 45.50 15.83
CA SER L 92 -81.36 46.31 16.26
C SER L 92 -80.41 45.52 17.16
N THR L 93 -80.23 44.23 16.89
CA THR L 93 -79.28 43.41 17.63
C THR L 93 -77.86 43.50 17.08
N SER L 94 -77.69 44.08 15.89
CA SER L 94 -76.35 44.30 15.36
C SER L 94 -75.60 45.34 16.18
N LYS L 95 -76.20 46.52 16.33
CA LYS L 95 -75.62 47.58 17.17
C LYS L 95 -75.28 47.07 18.55
N LEU L 96 -76.09 46.15 19.09
CA LEU L 96 -75.91 45.73 20.48
C LEU L 96 -74.63 44.90 20.65
N ARG L 97 -74.42 43.91 19.78
CA ARG L 97 -73.25 43.04 19.91
C ARG L 97 -71.95 43.82 19.80
N LEU L 98 -71.93 44.85 18.95
CA LEU L 98 -70.76 45.72 18.86
C LEU L 98 -70.50 46.42 20.19
N GLN L 99 -71.55 47.02 20.77
CA GLN L 99 -71.39 47.83 21.97
C GLN L 99 -71.12 46.97 23.21
N TRP L 100 -71.66 45.75 23.25
CA TRP L 100 -71.83 45.05 24.53
C TRP L 100 -70.85 43.91 24.77
N ILE L 101 -70.60 43.04 23.79
CA ILE L 101 -69.79 41.87 24.07
C ILE L 101 -68.31 42.21 24.31
N PRO L 102 -67.73 43.30 23.79
CA PRO L 102 -66.36 43.63 24.18
C PRO L 102 -66.25 43.95 25.66
N PRO L 103 -67.13 44.79 26.24
CA PRO L 103 -67.13 44.90 27.70
C PRO L 103 -67.43 43.57 28.39
N LEU L 104 -68.34 42.77 27.82
CA LEU L 104 -68.68 41.49 28.43
C LEU L 104 -67.48 40.56 28.45
N VAL L 105 -66.76 40.45 27.34
CA VAL L 105 -65.58 39.59 27.29
C VAL L 105 -64.45 40.18 28.13
N GLU L 106 -64.13 41.45 27.91
CA GLU L 106 -62.96 42.08 28.53
C GLU L 106 -62.97 41.93 30.05
N LYS L 107 -64.13 42.15 30.68
CA LYS L 107 -64.19 42.24 32.13
C LYS L 107 -65.25 41.37 32.77
N GLY L 108 -66.02 40.62 32.00
CA GLY L 108 -67.00 39.69 32.56
C GLY L 108 -66.47 38.28 32.55
N LEU L 109 -66.06 37.80 31.37
CA LEU L 109 -65.36 36.52 31.31
C LEU L 109 -64.08 36.55 32.14
N SER L 110 -63.32 37.65 32.05
CA SER L 110 -62.11 37.87 32.84
C SER L 110 -62.32 37.58 34.33
N SER L 111 -63.48 37.94 34.86
CA SER L 111 -63.69 38.00 36.31
C SER L 111 -63.32 36.69 36.99
N SER L 112 -62.82 36.82 38.23
CA SER L 112 -62.55 35.68 39.09
C SER L 112 -63.80 35.19 39.82
N ARG L 113 -64.87 35.99 39.84
CA ARG L 113 -66.07 35.64 40.58
C ARG L 113 -66.84 34.55 39.84
N ALA L 114 -67.23 33.51 40.59
CA ALA L 114 -67.98 32.40 40.01
C ALA L 114 -69.19 32.88 39.22
N ALA L 115 -70.08 33.64 39.88
CA ALA L 115 -71.33 34.02 39.24
C ALA L 115 -71.18 35.14 38.24
N THR L 116 -70.25 36.08 38.47
CA THR L 116 -70.01 37.16 37.52
C THR L 116 -69.63 36.61 36.14
N LYS L 117 -68.88 35.50 36.11
CA LYS L 117 -68.48 34.90 34.85
C LYS L 117 -69.63 34.15 34.19
N ALA L 118 -70.32 33.31 34.97
CA ALA L 118 -71.35 32.44 34.40
C ALA L 118 -72.43 33.22 33.67
N LYS L 119 -72.83 34.37 34.22
CA LYS L 119 -73.88 35.16 33.58
C LYS L 119 -73.36 35.94 32.38
N ALA L 120 -72.07 36.31 32.38
CA ALA L 120 -71.49 36.96 31.21
C ALA L 120 -71.48 36.02 30.01
N THR L 121 -71.10 34.76 30.23
CA THR L 121 -71.17 33.77 29.16
C THR L 121 -72.60 33.58 28.67
N ASP L 122 -73.53 33.40 29.61
CA ASP L 122 -74.94 33.27 29.25
C ASP L 122 -75.42 34.49 28.48
N CYS L 123 -74.92 35.68 28.83
CA CYS L 123 -75.25 36.88 28.08
C CYS L 123 -74.78 36.77 26.64
N ILE L 124 -73.52 36.36 26.44
CA ILE L 124 -72.98 36.23 25.09
C ILE L 124 -73.79 35.22 24.29
N MET L 125 -74.16 34.09 24.92
CA MET L 125 -75.10 33.14 24.33
C MET L 125 -76.28 33.85 23.67
N LEU L 126 -76.97 34.68 24.46
CA LEU L 126 -78.18 35.34 23.98
C LEU L 126 -77.88 36.36 22.90
N LEU L 127 -76.71 37.02 22.97
CA LEU L 127 -76.32 37.92 21.88
C LEU L 127 -75.90 37.14 20.64
N THR L 128 -75.37 35.92 20.83
CA THR L 128 -74.97 35.11 19.67
C THR L 128 -76.19 34.65 18.89
N GLN L 129 -77.27 34.29 19.57
CA GLN L 129 -78.49 33.82 18.91
C GLN L 129 -79.41 34.96 18.50
N SER L 130 -79.15 36.19 18.96
CA SER L 130 -79.75 37.36 18.33
C SER L 130 -79.30 37.50 16.88
N ASP L 131 -78.03 37.18 16.62
CA ASP L 131 -77.45 37.36 15.30
C ASP L 131 -77.99 36.32 14.32
N THR L 132 -77.66 36.52 13.03
CA THR L 132 -77.99 35.54 12.01
C THR L 132 -77.07 34.33 12.08
N SER L 133 -75.82 34.53 12.45
CA SER L 133 -74.84 33.45 12.56
C SER L 133 -73.91 33.78 13.73
N ILE L 134 -72.76 33.11 13.80
CA ILE L 134 -71.82 33.32 14.89
C ILE L 134 -70.68 34.25 14.53
N GLN L 135 -70.55 34.66 13.27
CA GLN L 135 -69.33 35.30 12.81
C GLN L 135 -69.10 36.67 13.45
N GLN L 136 -70.12 37.53 13.48
CA GLN L 136 -69.91 38.88 14.02
C GLN L 136 -69.59 38.86 15.51
N THR L 137 -70.11 37.88 16.25
CA THR L 137 -69.76 37.79 17.67
C THR L 137 -68.37 37.22 17.83
N VAL L 138 -68.06 36.17 17.07
CA VAL L 138 -66.75 35.55 17.14
C VAL L 138 -65.67 36.57 16.77
N ASN L 139 -65.90 37.31 15.68
CA ASN L 139 -64.88 38.24 15.17
C ASN L 139 -64.52 39.31 16.20
N LEU L 140 -65.45 39.63 17.12
CA LEU L 140 -65.18 40.66 18.11
C LEU L 140 -64.44 40.11 19.32
N MET L 141 -64.74 38.88 19.73
CA MET L 141 -64.11 38.29 20.90
C MET L 141 -62.82 37.53 20.58
N LEU L 142 -62.39 37.54 19.32
CA LEU L 142 -61.10 36.92 18.98
C LEU L 142 -59.93 37.71 19.53
N PRO L 143 -59.84 39.05 19.37
CA PRO L 143 -58.66 39.78 19.87
C PRO L 143 -58.30 39.49 21.33
N SER L 144 -59.29 39.18 22.16
CA SER L 144 -59.03 38.96 23.59
C SER L 144 -58.14 37.76 23.85
N LEU L 145 -57.94 36.87 22.87
CA LEU L 145 -56.99 35.78 23.02
C LEU L 145 -55.56 36.29 23.18
N SER L 146 -55.26 37.50 22.72
CA SER L 146 -53.91 38.07 22.79
C SER L 146 -53.75 39.04 23.95
N ASN L 147 -54.37 38.75 25.10
CA ASN L 147 -54.31 39.63 26.25
C ASN L 147 -53.30 39.12 27.28
N LYS L 148 -52.74 40.06 28.04
CA LYS L 148 -51.81 39.75 29.12
C LYS L 148 -52.34 38.64 30.02
N LEU L 149 -53.50 38.84 30.60
CA LEU L 149 -54.02 37.95 31.64
C LEU L 149 -54.32 36.56 31.08
N PRO L 150 -53.70 35.50 31.61
CA PRO L 150 -54.02 34.15 31.11
C PRO L 150 -55.46 33.73 31.38
N ARG L 151 -55.95 33.93 32.61
CA ARG L 151 -57.30 33.48 32.94
C ARG L 151 -58.37 34.12 32.06
N LEU L 152 -58.06 35.25 31.42
CA LEU L 152 -58.97 35.81 30.44
C LEU L 152 -58.92 35.01 29.14
N VAL L 153 -57.72 34.77 28.63
CA VAL L 153 -57.60 33.94 27.42
C VAL L 153 -57.91 32.48 27.75
N SER L 154 -57.60 32.02 28.98
CA SER L 154 -58.07 30.71 29.43
C SER L 154 -59.58 30.60 29.31
N SER L 155 -60.31 31.64 29.72
CA SER L 155 -61.76 31.60 29.76
C SER L 155 -62.36 31.89 28.38
N CYS L 156 -61.88 32.93 27.70
CA CYS L 156 -62.48 33.34 26.43
C CYS L 156 -62.18 32.35 25.31
N VAL L 157 -61.29 31.38 25.53
CA VAL L 157 -61.19 30.26 24.60
C VAL L 157 -62.23 29.18 24.95
N LYS L 158 -62.59 29.06 26.23
CA LYS L 158 -63.69 28.16 26.61
C LYS L 158 -65.02 28.70 26.10
N CYS L 159 -65.22 30.02 26.15
CA CYS L 159 -66.49 30.59 25.70
C CYS L 159 -66.61 30.50 24.19
N LEU L 160 -65.53 30.81 23.46
CA LEU L 160 -65.51 30.59 22.03
C LEU L 160 -65.82 29.13 21.69
N ALA L 161 -65.31 28.19 22.49
CA ALA L 161 -65.50 26.77 22.21
C ALA L 161 -66.95 26.33 22.42
N THR L 162 -67.73 27.03 23.24
CA THR L 162 -69.09 26.63 23.53
C THR L 162 -70.14 27.51 22.88
N ILE L 163 -69.72 28.59 22.18
CA ILE L 163 -70.61 29.19 21.19
C ILE L 163 -70.66 28.34 19.93
N ILE L 164 -69.73 27.40 19.79
CA ILE L 164 -69.65 26.52 18.63
C ILE L 164 -70.36 25.19 18.87
N GLU L 165 -70.04 24.52 19.98
CA GLU L 165 -70.58 23.20 20.25
C GLU L 165 -72.10 23.22 20.39
N GLU L 166 -72.69 24.37 20.71
CA GLU L 166 -74.14 24.49 20.83
C GLU L 166 -74.78 25.17 19.62
N PHE L 167 -74.10 26.15 19.02
CA PHE L 167 -74.59 26.76 17.78
C PHE L 167 -74.00 26.08 16.55
N GLY L 168 -72.83 26.52 16.11
CA GLY L 168 -72.18 25.99 14.93
C GLY L 168 -72.18 26.99 13.77
N PHE L 169 -71.42 26.63 12.74
CA PHE L 169 -71.24 27.47 11.55
C PHE L 169 -72.37 27.20 10.56
N ILE L 170 -73.40 28.06 10.57
CA ILE L 170 -74.41 28.06 9.51
C ILE L 170 -74.83 29.49 9.26
N ASN L 171 -75.23 29.77 8.01
CA ASN L 171 -75.58 31.11 7.54
C ASN L 171 -74.41 32.07 7.68
N VAL L 172 -73.20 31.54 7.53
CA VAL L 172 -71.96 32.31 7.58
C VAL L 172 -71.59 32.66 6.15
N SER L 173 -71.44 33.96 5.88
CA SER L 173 -71.17 34.42 4.52
C SER L 173 -69.92 33.77 3.94
N ASP L 174 -68.76 34.07 4.53
CA ASP L 174 -67.49 33.54 4.06
C ASP L 174 -66.88 32.71 5.20
N ILE L 175 -67.21 31.42 5.23
CA ILE L 175 -66.67 30.55 6.28
C ILE L 175 -65.16 30.42 6.11
N ASN L 176 -64.67 30.45 4.88
CA ASN L 176 -63.23 30.34 4.63
C ASN L 176 -62.45 31.45 5.33
N ILE L 177 -62.92 32.69 5.25
CA ILE L 177 -62.23 33.78 5.95
C ILE L 177 -62.33 33.60 7.46
N LEU L 178 -63.43 33.02 7.93
CA LEU L 178 -63.66 32.89 9.37
C LEU L 178 -62.80 31.79 9.97
N LEU L 179 -62.71 30.64 9.30
CA LEU L 179 -61.89 29.54 9.81
C LEU L 179 -60.42 29.93 9.93
N SER L 180 -59.90 30.63 8.93
CA SER L 180 -58.53 31.13 9.02
C SER L 180 -58.35 32.05 10.21
N GLU L 181 -59.31 32.93 10.46
CA GLU L 181 -59.16 33.93 11.51
C GLU L 181 -59.16 33.29 12.90
N ILE L 182 -59.87 32.18 13.09
CA ILE L 182 -59.89 31.51 14.39
C ILE L 182 -58.84 30.40 14.51
N LEU L 183 -58.34 29.89 13.39
CA LEU L 183 -57.26 28.91 13.42
C LEU L 183 -55.89 29.55 13.59
N GLU L 184 -55.76 30.82 13.20
CA GLU L 184 -54.47 31.53 13.29
C GLU L 184 -53.86 31.52 14.68
N PRO L 185 -54.57 31.82 15.77
CA PRO L 185 -53.90 31.87 17.08
C PRO L 185 -53.70 30.52 17.72
N LEU L 186 -54.38 29.48 17.25
CA LEU L 186 -54.37 28.16 17.88
C LEU L 186 -52.97 27.58 18.08
N PRO L 187 -51.99 27.82 17.19
CA PRO L 187 -50.62 27.39 17.52
C PRO L 187 -50.05 28.05 18.76
N LYS L 188 -50.16 29.38 18.86
CA LYS L 188 -49.63 30.08 20.03
C LYS L 188 -50.40 29.73 21.30
N LEU L 189 -51.72 29.59 21.19
CA LEU L 189 -52.53 29.24 22.35
C LEU L 189 -52.15 27.86 22.89
N SER L 190 -51.90 26.90 22.00
CA SER L 190 -51.55 25.54 22.40
C SER L 190 -50.10 25.40 22.88
N SER L 191 -49.27 26.43 22.65
CA SER L 191 -47.93 26.48 23.21
C SER L 191 -47.83 27.52 24.31
N HIS L 192 -48.96 28.00 24.81
CA HIS L 192 -49.00 29.04 25.83
C HIS L 192 -48.53 28.45 27.17
N ALA L 193 -48.01 29.33 28.02
CA ALA L 193 -47.45 28.90 29.30
C ALA L 193 -48.53 28.25 30.18
N ASP L 194 -49.62 28.97 30.43
CA ASP L 194 -50.70 28.50 31.27
C ASP L 194 -51.15 27.09 30.90
N ARG L 195 -51.28 26.24 31.92
CA ARG L 195 -51.88 24.92 31.73
C ARG L 195 -53.31 25.02 31.22
N ASN L 196 -54.09 25.95 31.78
CA ASN L 196 -55.51 26.04 31.42
C ASN L 196 -55.68 26.50 29.98
N VAL L 197 -54.90 27.51 29.55
CA VAL L 197 -54.98 27.98 28.18
C VAL L 197 -54.75 26.84 27.20
N ARG L 198 -53.79 25.96 27.52
CA ARG L 198 -53.52 24.82 26.66
C ARG L 198 -54.66 23.80 26.72
N SER L 199 -54.92 23.27 27.92
CA SER L 199 -56.00 22.30 28.12
C SER L 199 -57.30 22.75 27.46
N GLU L 200 -57.66 24.03 27.63
CA GLU L 200 -58.89 24.56 27.05
C GLU L 200 -58.75 24.90 25.57
N THR L 201 -57.56 24.79 25.00
CA THR L 201 -57.38 24.94 23.57
C THR L 201 -57.57 23.62 22.83
N MET L 202 -57.20 22.51 23.46
CA MET L 202 -57.48 21.19 22.89
C MET L 202 -58.98 20.96 22.77
N ASN L 203 -59.76 21.53 23.69
CA ASN L 203 -61.21 21.45 23.60
C ASN L 203 -61.74 22.20 22.39
N LEU L 204 -61.22 23.41 22.14
CA LEU L 204 -61.64 24.18 20.98
C LEU L 204 -61.26 23.49 19.67
N ILE L 205 -60.11 22.82 19.65
CA ILE L 205 -59.71 22.04 18.48
C ILE L 205 -60.69 20.90 18.23
N LEU L 206 -61.03 20.17 19.30
CA LEU L 206 -61.98 19.06 19.15
C LEU L 206 -63.32 19.56 18.61
N GLN L 207 -63.78 20.72 19.10
CA GLN L 207 -65.08 21.24 18.68
C GLN L 207 -65.06 21.73 17.24
N ILE L 208 -63.87 22.00 16.69
CA ILE L 208 -63.76 22.26 15.26
C ILE L 208 -63.69 20.95 14.48
N TYR L 209 -62.91 19.98 14.98
CA TYR L 209 -62.94 18.64 14.42
C TYR L 209 -64.35 18.06 14.46
N LYS L 210 -65.07 18.29 15.55
CA LYS L 210 -66.39 17.73 15.77
C LYS L 210 -67.38 18.24 14.74
N TRP L 211 -66.93 19.11 13.83
CA TRP L 211 -67.82 19.75 12.88
C TRP L 211 -67.28 19.65 11.45
N PHE L 212 -65.95 19.55 11.31
CA PHE L 212 -65.33 19.25 10.01
C PHE L 212 -63.84 18.90 10.16
N GLY L 213 -63.58 17.62 10.46
CA GLY L 213 -62.29 17.01 10.66
C GLY L 213 -62.46 15.55 10.30
N LYS L 214 -61.39 14.76 10.44
CA LYS L 214 -60.04 15.08 10.90
C LYS L 214 -59.10 15.68 9.84
N GLU L 215 -59.46 15.46 8.57
CA GLU L 215 -58.55 15.72 7.45
C GLU L 215 -58.06 17.16 7.41
N LEU L 216 -58.96 18.12 7.65
CA LEU L 216 -58.61 19.53 7.42
C LEU L 216 -57.54 20.03 8.39
N LEU L 217 -57.78 19.85 9.70
CA LEU L 217 -56.90 20.45 10.71
C LEU L 217 -55.61 19.66 10.93
N GLN L 218 -55.50 18.43 10.43
CA GLN L 218 -54.22 17.75 10.51
C GLN L 218 -53.20 18.35 9.55
N GLU L 219 -53.64 18.89 8.42
CA GLU L 219 -52.73 19.56 7.50
C GLU L 219 -52.50 21.01 7.92
N LEU L 220 -53.51 21.67 8.45
CA LEU L 220 -53.39 23.08 8.76
C LEU L 220 -52.83 23.33 10.16
N LEU L 221 -53.23 22.52 11.13
CA LEU L 221 -52.91 22.80 12.53
C LEU L 221 -52.14 21.68 13.21
N LEU L 222 -52.68 20.45 13.21
CA LEU L 222 -52.10 19.38 14.03
C LEU L 222 -50.61 19.19 13.78
N GLU L 223 -50.17 19.41 12.54
CA GLU L 223 -48.76 19.32 12.20
C GLU L 223 -47.89 20.13 13.15
N LYS L 224 -48.37 21.29 13.57
CA LYS L 224 -47.54 22.29 14.26
C LYS L 224 -47.54 22.13 15.79
N LEU L 225 -48.31 21.21 16.35
CA LEU L 225 -48.35 21.06 17.80
C LEU L 225 -47.35 20.00 18.27
N LYS L 226 -47.15 19.97 19.57
CA LYS L 226 -46.30 18.94 20.18
C LYS L 226 -46.87 17.56 19.87
N PRO L 227 -46.00 16.58 19.60
CA PRO L 227 -46.52 15.21 19.32
C PRO L 227 -47.43 14.66 20.41
N ILE L 228 -47.04 14.82 21.67
CA ILE L 228 -47.90 14.41 22.78
C ILE L 228 -49.28 15.03 22.66
N GLN L 229 -49.35 16.26 22.16
CA GLN L 229 -50.64 16.95 22.05
C GLN L 229 -51.53 16.31 21.00
N GLN L 230 -51.00 16.07 19.80
CA GLN L 230 -51.82 15.48 18.74
C GLN L 230 -52.20 14.03 19.04
N ARG L 231 -51.47 13.36 19.93
CA ARG L 231 -51.93 12.06 20.41
C ARG L 231 -53.21 12.19 21.23
N ASP L 232 -53.21 13.10 22.21
CA ASP L 232 -54.39 13.31 23.05
C ASP L 232 -55.60 13.71 22.22
N LEU L 233 -55.38 14.49 21.15
CA LEU L 233 -56.48 14.88 20.28
C LEU L 233 -57.04 13.68 19.54
N SER L 234 -56.18 12.76 19.12
CA SER L 234 -56.65 11.54 18.48
C SER L 234 -57.42 10.67 19.47
N ARG L 235 -56.85 10.46 20.66
CA ARG L 235 -57.57 9.75 21.72
C ARG L 235 -58.93 10.39 22.00
N MET L 236 -59.02 11.72 21.83
CA MET L 236 -60.27 12.42 22.05
C MET L 236 -61.26 12.20 20.91
N PHE L 237 -60.78 11.89 19.71
CA PHE L 237 -61.67 11.69 18.58
C PHE L 237 -62.30 10.30 18.61
N GLU L 238 -61.56 9.29 19.10
CA GLU L 238 -62.15 7.97 19.30
C GLU L 238 -63.33 8.02 20.27
N LYS L 239 -63.14 8.67 21.42
CA LYS L 239 -64.22 8.81 22.39
C LYS L 239 -65.40 9.57 21.83
N TYR L 240 -65.20 10.42 20.81
CA TYR L 240 -66.30 11.05 20.11
C TYR L 240 -67.03 10.02 19.25
N GLU L 241 -68.34 9.91 19.45
CA GLU L 241 -69.21 9.11 18.60
C GLU L 241 -70.29 10.02 18.02
N GLY L 242 -70.68 9.74 16.78
CA GLY L 242 -71.62 10.59 16.07
C GLY L 242 -71.06 11.11 14.77
N THR L 243 -71.94 11.43 13.82
CA THR L 243 -71.55 11.70 12.45
C THR L 243 -70.61 12.90 12.37
N ILE L 244 -69.88 12.97 11.26
CA ILE L 244 -68.75 13.89 11.09
C ILE L 244 -69.22 15.33 11.31
N PRO L 245 -70.25 15.83 10.62
CA PRO L 245 -70.95 17.00 11.14
C PRO L 245 -72.15 16.55 11.96
N PRO L 246 -72.38 17.17 13.12
CA PRO L 246 -73.51 16.73 13.96
C PRO L 246 -74.82 16.87 13.21
N LYS L 247 -75.69 15.87 13.39
CA LYS L 247 -76.97 15.86 12.69
C LYS L 247 -77.85 17.02 13.13
N GLN L 248 -77.93 17.26 14.43
CA GLN L 248 -78.77 18.32 14.97
C GLN L 248 -77.99 19.15 15.98
N GLN L 249 -78.15 20.48 15.90
CA GLN L 249 -77.47 21.39 16.80
C GLN L 249 -78.13 21.37 18.19
N PRO L 250 -77.34 21.43 19.26
CA PRO L 250 -77.94 21.55 20.60
C PRO L 250 -78.60 22.90 20.86
N ARG L 251 -78.49 23.86 19.94
CA ARG L 251 -79.10 25.16 20.13
C ARG L 251 -79.25 25.85 18.78
N LEU L 252 -80.38 26.54 18.59
CA LEU L 252 -80.71 27.22 17.35
C LEU L 252 -80.67 28.73 17.53
N PHE L 253 -80.60 29.45 16.42
CA PHE L 253 -80.67 30.90 16.43
C PHE L 253 -82.12 31.36 16.51
N GLN L 254 -82.31 32.68 16.55
CA GLN L 254 -83.65 33.24 16.67
C GLN L 254 -84.43 33.07 15.38
N TRP L 255 -83.81 33.38 14.24
CA TRP L 255 -84.51 33.23 12.96
C TRP L 255 -84.75 31.77 12.62
N GLN L 256 -83.95 30.85 13.16
CA GLN L 256 -84.11 29.43 12.86
C GLN L 256 -85.23 28.80 13.69
N LYS L 257 -85.28 29.09 14.99
CA LYS L 257 -86.30 28.53 15.86
C LYS L 257 -87.69 28.99 15.44
N GLU L 258 -87.82 30.27 15.05
CA GLU L 258 -89.11 30.78 14.59
C GLU L 258 -89.56 30.12 13.30
N GLN L 259 -88.62 29.86 12.38
CA GLN L 259 -88.98 29.19 11.14
C GLN L 259 -89.46 27.77 11.41
N GLU L 260 -88.79 27.07 12.34
CA GLU L 260 -89.23 25.72 12.71
C GLU L 260 -90.62 25.73 13.33
N GLN L 261 -90.88 26.70 14.22
CA GLN L 261 -92.20 26.80 14.83
C GLN L 261 -93.27 27.08 13.79
N GLU L 262 -92.93 27.85 12.76
CA GLU L 262 -93.91 28.14 11.72
C GLU L 262 -94.11 26.94 10.82
N GLN L 263 -93.06 26.13 10.67
CA GLN L 263 -93.18 24.88 9.92
C GLN L 263 -94.04 23.88 10.67
N GLU L 264 -93.87 23.78 11.99
CA GLU L 264 -94.72 22.88 12.78
C GLU L 264 -96.17 23.33 12.77
N GLN L 265 -96.41 24.64 12.74
CA GLN L 265 -97.76 25.18 12.68
C GLN L 265 -98.09 25.66 11.28
N ASP L 300 -109.76 22.82 -0.45
CA ASP L 300 -110.80 23.40 -1.27
C ASP L 300 -112.11 23.64 -0.50
N PRO L 301 -112.73 24.81 -0.77
CA PRO L 301 -114.00 25.16 -0.11
C PRO L 301 -115.24 24.71 -0.86
N PHE L 302 -116.14 23.98 -0.20
CA PHE L 302 -117.38 23.52 -0.83
C PHE L 302 -118.29 24.68 -1.27
N GLU L 303 -117.94 25.92 -0.95
CA GLU L 303 -118.77 27.10 -1.23
C GLU L 303 -118.96 27.40 -2.72
N LEU L 304 -118.28 26.69 -3.63
CA LEU L 304 -118.37 26.95 -5.07
C LEU L 304 -119.77 26.73 -5.66
N LEU L 305 -120.68 26.14 -4.90
CA LEU L 305 -122.01 25.79 -5.40
C LEU L 305 -122.76 27.00 -5.98
N PRO L 306 -123.64 26.76 -6.96
CA PRO L 306 -124.31 27.87 -7.62
C PRO L 306 -125.20 28.63 -6.63
N PRO L 307 -125.35 29.93 -6.81
CA PRO L 307 -126.15 30.70 -5.84
C PRO L 307 -127.63 30.65 -6.19
N SER L 308 -128.45 30.67 -5.15
CA SER L 308 -129.90 30.64 -5.31
C SER L 308 -130.48 31.99 -4.93
N VAL L 309 -131.62 32.31 -5.53
CA VAL L 309 -132.29 33.59 -5.32
C VAL L 309 -133.62 33.31 -4.64
N ILE L 310 -133.95 34.10 -3.62
CA ILE L 310 -135.15 33.91 -2.82
C ILE L 310 -136.12 35.07 -2.90
N LEU L 311 -135.72 36.20 -3.50
CA LEU L 311 -136.63 37.34 -3.63
C LEU L 311 -137.92 36.94 -4.33
N ASP L 312 -137.81 36.14 -5.40
CA ASP L 312 -139.00 35.69 -6.12
C ASP L 312 -139.87 34.78 -5.27
N LYS L 313 -139.31 34.19 -4.20
CA LYS L 313 -140.06 33.25 -3.38
C LYS L 313 -141.10 33.95 -2.49
N PHE L 314 -140.82 35.19 -2.07
CA PHE L 314 -141.69 35.94 -1.17
C PHE L 314 -143.13 36.02 -1.66
N PRO L 315 -144.10 36.08 -0.74
CA PRO L 315 -145.50 36.23 -1.15
C PRO L 315 -145.97 37.68 -1.04
N ALA L 316 -147.15 37.97 -1.58
CA ALA L 316 -147.66 39.34 -1.52
C ALA L 316 -148.14 39.70 -0.12
N ASP L 317 -148.90 38.80 0.51
CA ASP L 317 -149.41 39.00 1.86
C ASP L 317 -148.33 38.83 2.94
N PHE L 318 -147.10 39.24 2.64
CA PHE L 318 -146.00 39.16 3.59
C PHE L 318 -145.79 40.44 4.41
N GLN L 319 -145.68 41.60 3.76
CA GLN L 319 -145.38 42.84 4.47
C GLN L 319 -146.44 43.19 5.51
N THR L 320 -147.71 43.03 5.17
CA THR L 320 -148.76 43.32 6.14
C THR L 320 -148.81 42.26 7.23
N ARG L 321 -148.54 41.00 6.86
CA ARG L 321 -148.58 39.91 7.83
C ARG L 321 -147.49 40.07 8.89
N ILE L 322 -146.27 40.42 8.47
CA ILE L 322 -145.20 40.61 9.44
C ILE L 322 -145.44 41.86 10.28
N SER L 323 -146.04 42.90 9.69
CA SER L 323 -146.37 44.11 10.42
C SER L 323 -147.80 44.09 10.94
N SER L 324 -148.31 42.92 11.32
CA SER L 324 -149.67 42.77 11.77
C SER L 324 -149.70 42.83 13.30
N THR L 325 -150.90 43.05 13.83
CA THR L 325 -151.10 43.04 15.27
C THR L 325 -151.34 41.65 15.82
N LYS L 326 -151.83 40.72 15.00
CA LYS L 326 -152.08 39.35 15.44
C LYS L 326 -150.77 38.58 15.44
N TRP L 327 -150.42 38.01 16.59
CA TRP L 327 -149.14 37.32 16.73
C TRP L 327 -148.98 36.18 15.72
N LYS L 328 -150.03 35.39 15.52
CA LYS L 328 -149.90 34.20 14.67
C LYS L 328 -149.72 34.57 13.21
N ASP L 329 -150.20 35.74 12.79
CA ASP L 329 -149.88 36.25 11.46
C ASP L 329 -148.38 36.43 11.31
N ARG L 330 -147.76 37.15 12.24
CA ARG L 330 -146.32 37.39 12.20
C ARG L 330 -145.54 36.08 12.25
N VAL L 331 -145.92 35.18 13.16
CA VAL L 331 -145.20 33.91 13.31
C VAL L 331 -145.21 33.13 12.01
N GLU L 332 -146.41 32.89 11.46
CA GLU L 332 -146.52 32.13 10.22
C GLU L 332 -145.74 32.80 9.08
N ALA L 333 -145.82 34.13 8.99
CA ALA L 333 -145.05 34.85 7.98
C ALA L 333 -143.56 34.51 8.05
N LEU L 334 -142.97 34.69 9.23
CA LEU L 334 -141.56 34.38 9.42
C LEU L 334 -141.31 32.88 9.24
N GLU L 335 -142.14 32.05 9.89
CA GLU L 335 -141.95 30.61 9.86
C GLU L 335 -142.03 30.04 8.44
N GLU L 336 -142.81 30.67 7.56
CA GLU L 336 -142.92 30.18 6.20
C GLU L 336 -141.65 30.47 5.40
N ILE L 337 -141.27 31.75 5.30
CA ILE L 337 -140.07 32.13 4.57
C ILE L 337 -138.81 31.51 5.15
N HIS L 338 -138.89 30.96 6.35
CA HIS L 338 -137.74 30.29 6.96
C HIS L 338 -137.72 28.80 6.61
N ASN L 339 -138.84 28.11 6.81
CA ASN L 339 -138.90 26.68 6.52
C ASN L 339 -139.04 26.39 5.04
N ASN L 340 -139.74 27.25 4.29
CA ASN L 340 -139.98 27.00 2.87
C ASN L 340 -138.92 27.63 1.97
N VAL L 341 -138.27 28.71 2.42
CA VAL L 341 -137.49 29.58 1.54
C VAL L 341 -136.02 29.64 1.94
N LEU L 342 -135.73 29.64 3.24
CA LEU L 342 -134.36 29.75 3.72
C LEU L 342 -133.73 28.41 4.06
N LYS L 343 -134.40 27.63 4.90
CA LYS L 343 -133.88 26.32 5.31
C LYS L 343 -133.48 25.42 4.14
N PRO L 344 -134.22 25.35 3.02
CA PRO L 344 -133.76 24.50 1.91
C PRO L 344 -132.43 24.94 1.31
N VAL L 345 -132.25 26.24 1.07
CA VAL L 345 -131.09 26.68 0.29
C VAL L 345 -129.81 26.40 1.06
N LYS L 346 -128.70 26.46 0.33
CA LYS L 346 -127.39 26.26 0.92
C LYS L 346 -126.37 27.29 0.49
N LYS L 347 -126.74 28.23 -0.38
CA LYS L 347 -125.88 29.34 -0.79
C LYS L 347 -126.76 30.40 -1.42
N LEU L 348 -126.70 31.62 -0.89
CA LEU L 348 -127.48 32.72 -1.44
C LEU L 348 -126.69 33.50 -2.48
N ALA L 349 -127.39 34.40 -3.18
CA ALA L 349 -126.83 35.12 -4.32
C ALA L 349 -126.03 36.33 -3.82
N HIS L 350 -124.71 36.26 -4.00
CA HIS L 350 -123.85 37.39 -3.65
C HIS L 350 -124.11 38.59 -4.54
N LYS L 351 -124.25 38.37 -5.84
CA LYS L 351 -124.27 39.43 -6.84
C LYS L 351 -125.61 40.14 -6.86
N ASN L 352 -125.60 41.45 -6.57
CA ASN L 352 -126.68 42.37 -6.90
C ASN L 352 -127.98 42.04 -6.17
N GLN L 353 -127.88 41.56 -4.93
CA GLN L 353 -129.03 41.24 -4.11
C GLN L 353 -128.96 42.05 -2.82
N ASP L 354 -129.95 42.91 -2.61
CA ASP L 354 -130.02 43.77 -1.43
C ASP L 354 -130.96 43.11 -0.42
N TYR L 355 -130.39 42.51 0.62
CA TYR L 355 -131.15 41.94 1.72
C TYR L 355 -131.34 42.92 2.86
N SER L 356 -130.81 44.14 2.75
CA SER L 356 -130.90 45.13 3.83
C SER L 356 -132.27 45.75 3.94
N ASP L 357 -133.22 45.35 3.09
CA ASP L 357 -134.63 45.64 3.32
C ASP L 357 -135.29 44.53 4.13
N TYR L 358 -134.95 43.28 3.83
CA TYR L 358 -135.44 42.15 4.61
C TYR L 358 -134.80 42.08 5.98
N LEU L 359 -133.49 42.36 6.06
CA LEU L 359 -132.79 42.18 7.33
C LEU L 359 -133.18 43.24 8.35
N ARG L 360 -133.55 44.44 7.91
CA ARG L 360 -133.96 45.47 8.85
C ARG L 360 -135.34 45.24 9.43
N VAL L 361 -136.14 44.33 8.86
CA VAL L 361 -137.41 43.96 9.46
C VAL L 361 -137.25 42.74 10.37
N LEU L 362 -136.23 41.91 10.14
CA LEU L 362 -135.86 40.91 11.13
C LEU L 362 -135.33 41.58 12.39
N ALA L 363 -134.58 42.66 12.23
CA ALA L 363 -134.12 43.43 13.38
C ALA L 363 -135.29 44.04 14.15
N ASN L 364 -136.24 44.63 13.42
CA ASN L 364 -137.40 45.25 14.06
C ASN L 364 -138.13 44.30 14.99
N VAL L 365 -138.24 43.02 14.60
CA VAL L 365 -138.92 42.06 15.46
C VAL L 365 -137.99 41.54 16.55
N ILE L 366 -136.73 41.23 16.22
CA ILE L 366 -135.82 40.71 17.22
C ILE L 366 -135.66 41.70 18.37
N GLN L 367 -135.61 42.99 18.06
CA GLN L 367 -135.57 44.02 19.09
C GLN L 367 -136.92 44.20 19.77
N LYS L 368 -137.92 44.66 19.02
CA LYS L 368 -139.13 45.25 19.59
C LYS L 368 -140.33 44.31 19.68
N ASP L 369 -140.32 43.18 18.97
CA ASP L 369 -141.51 42.34 18.91
C ASP L 369 -141.75 41.65 20.25
N ALA L 370 -142.97 41.78 20.76
CA ALA L 370 -143.31 41.26 22.09
C ALA L 370 -143.44 39.74 22.11
N ASN L 371 -143.60 39.10 20.95
CA ASN L 371 -143.76 37.65 20.91
C ASN L 371 -142.38 37.00 20.93
N VAL L 372 -142.06 36.31 22.03
CA VAL L 372 -140.78 35.65 22.16
C VAL L 372 -140.62 34.56 21.10
N GLN L 373 -141.73 33.93 20.67
CA GLN L 373 -141.65 32.92 19.62
C GLN L 373 -141.26 33.55 18.29
N ALA L 374 -141.82 34.71 17.96
CA ALA L 374 -141.48 35.40 16.73
C ALA L 374 -140.02 35.84 16.74
N VAL L 375 -139.47 36.15 17.91
CA VAL L 375 -138.06 36.48 18.02
C VAL L 375 -137.20 35.26 17.69
N THR L 376 -137.49 34.12 18.34
CA THR L 376 -136.68 32.91 18.18
C THR L 376 -136.57 32.52 16.71
N ILE L 377 -137.69 32.49 15.99
CA ILE L 377 -137.66 32.08 14.59
C ILE L 377 -137.02 33.15 13.70
N ALA L 378 -136.94 34.40 14.18
CA ALA L 378 -136.32 35.45 13.39
C ALA L 378 -134.80 35.40 13.49
N ALA L 379 -134.28 35.21 14.71
CA ALA L 379 -132.83 35.11 14.89
C ALA L 379 -132.29 33.88 14.19
N ASN L 380 -133.08 32.81 14.09
CA ASN L 380 -132.67 31.66 13.30
C ASN L 380 -132.66 31.99 11.81
N SER L 381 -133.58 32.84 11.35
CA SER L 381 -133.51 33.34 9.98
C SER L 381 -132.27 34.19 9.75
N VAL L 382 -132.01 35.13 10.66
CA VAL L 382 -130.83 35.99 10.54
C VAL L 382 -129.56 35.15 10.44
N GLN L 383 -129.45 34.12 11.28
CA GLN L 383 -128.30 33.22 11.22
C GLN L 383 -128.18 32.57 9.85
N LEU L 384 -129.30 32.06 9.31
CA LEU L 384 -129.28 31.40 8.01
C LEU L 384 -128.73 32.32 6.92
N LEU L 385 -129.18 33.58 6.91
CA LEU L 385 -128.63 34.55 5.97
C LEU L 385 -127.13 34.69 6.14
N CYS L 386 -126.68 34.90 7.38
CA CYS L 386 -125.26 35.07 7.64
C CYS L 386 -124.48 33.79 7.38
N ASN L 387 -125.11 32.63 7.46
CA ASN L 387 -124.43 31.36 7.28
C ASN L 387 -124.33 30.96 5.81
N SER L 388 -125.45 31.00 5.09
CA SER L 388 -125.46 30.62 3.68
C SER L 388 -124.95 31.71 2.76
N LEU L 389 -124.70 32.92 3.26
CA LEU L 389 -124.21 34.03 2.46
C LEU L 389 -123.00 34.64 3.15
N ARG L 390 -121.94 33.85 3.26
CA ARG L 390 -120.70 34.30 3.90
C ARG L 390 -120.00 35.41 3.12
N SER L 391 -119.37 36.34 3.85
CA SER L 391 -118.65 37.45 3.24
C SER L 391 -119.54 38.60 2.77
N ASN L 392 -120.81 38.57 3.14
CA ASN L 392 -121.75 39.62 2.73
C ASN L 392 -121.92 40.70 3.79
N PHE L 393 -121.95 40.31 5.06
CA PHE L 393 -122.28 41.21 6.17
C PHE L 393 -121.07 42.07 6.51
N THR L 394 -120.71 42.96 5.58
CA THR L 394 -119.53 43.78 5.78
C THR L 394 -119.78 44.85 6.84
N ARG L 395 -120.71 45.77 6.58
CA ARG L 395 -121.07 46.79 7.54
C ARG L 395 -122.58 46.96 7.60
N SER L 396 -123.18 47.44 6.51
CA SER L 396 -124.61 47.70 6.45
C SER L 396 -125.41 46.51 6.97
N TYR L 397 -125.14 45.31 6.45
CA TYR L 397 -125.85 44.12 6.90
C TYR L 397 -125.51 43.81 8.35
N GLY L 398 -124.22 43.63 8.65
CA GLY L 398 -123.81 43.30 10.01
C GLY L 398 -124.33 44.26 11.06
N ALA L 399 -124.22 45.56 10.79
CA ALA L 399 -124.61 46.55 11.79
C ALA L 399 -126.12 46.71 11.90
N ILE L 400 -126.88 46.26 10.90
CA ILE L 400 -128.33 46.45 10.94
C ILE L 400 -128.97 45.55 11.97
N VAL L 401 -128.37 44.39 12.27
CA VAL L 401 -128.93 43.44 13.23
C VAL L 401 -128.11 43.31 14.49
N LEU L 402 -126.94 43.93 14.57
CA LEU L 402 -126.02 43.65 15.68
C LEU L 402 -126.56 44.20 16.99
N VAL L 403 -126.70 45.53 17.08
CA VAL L 403 -127.16 46.17 18.30
C VAL L 403 -128.58 45.71 18.70
N PRO L 404 -129.48 45.37 17.76
CA PRO L 404 -130.73 44.72 18.22
C PRO L 404 -130.51 43.39 18.90
N LEU L 405 -129.67 42.52 18.32
CA LEU L 405 -129.41 41.21 18.91
C LEU L 405 -128.86 41.33 20.32
N LEU L 406 -127.93 42.26 20.54
CA LEU L 406 -127.34 42.44 21.86
C LEU L 406 -128.38 42.90 22.89
N GLU L 407 -129.35 43.71 22.45
CA GLU L 407 -130.42 44.14 23.35
C GLU L 407 -131.25 42.94 23.82
N ARG L 408 -131.45 41.96 22.94
CA ARG L 408 -132.40 40.87 23.20
C ARG L 408 -131.77 39.69 23.92
N THR L 409 -130.46 39.72 24.20
CA THR L 409 -129.88 38.71 25.07
C THR L 409 -130.53 38.71 26.45
N LYS L 410 -131.23 39.78 26.79
CA LYS L 410 -132.06 39.85 28.00
C LYS L 410 -132.96 38.63 28.16
N GLU L 411 -133.37 38.01 27.05
CA GLU L 411 -134.27 36.88 27.12
C GLU L 411 -133.61 35.70 27.82
N LYS L 412 -134.31 35.11 28.77
CA LYS L 412 -133.78 34.03 29.60
C LYS L 412 -134.33 32.66 29.25
N LYS L 413 -135.38 32.57 28.45
CA LYS L 413 -135.90 31.28 28.01
C LYS L 413 -134.80 30.52 27.29
N PRO L 414 -134.44 29.31 27.73
CA PRO L 414 -133.31 28.59 27.11
C PRO L 414 -133.34 28.53 25.60
N SER L 415 -134.49 28.17 25.01
CA SER L 415 -134.60 28.07 23.56
C SER L 415 -134.30 29.42 22.89
N VAL L 416 -134.70 30.51 23.52
CA VAL L 416 -134.56 31.83 22.89
C VAL L 416 -133.13 32.34 23.03
N ASN L 417 -132.54 32.19 24.21
CA ASN L 417 -131.12 32.52 24.37
C ASN L 417 -130.27 31.66 23.44
N GLU L 418 -130.66 30.41 23.23
CA GLU L 418 -130.00 29.55 22.25
C GLU L 418 -129.97 30.20 20.87
N ALA L 419 -131.12 30.68 20.40
CA ALA L 419 -131.20 31.18 19.03
C ALA L 419 -130.54 32.54 18.87
N ILE L 420 -130.74 33.44 19.84
CA ILE L 420 -130.16 34.78 19.77
C ILE L 420 -128.63 34.69 19.80
N CYS L 421 -128.09 33.92 20.75
CA CYS L 421 -126.65 33.79 20.87
C CYS L 421 -126.05 33.12 19.63
N SER L 422 -126.69 32.06 19.14
CA SER L 422 -126.20 31.38 17.95
C SER L 422 -126.19 32.32 16.74
N ALA L 423 -127.16 33.24 16.67
CA ALA L 423 -127.15 34.23 15.60
C ALA L 423 -126.04 35.25 15.80
N LEU L 424 -125.85 35.72 17.04
CA LEU L 424 -124.71 36.60 17.33
C LEU L 424 -123.38 35.92 17.02
N ASP L 425 -123.30 34.60 17.17
CA ASP L 425 -122.11 33.89 16.75
C ASP L 425 -121.94 33.92 15.23
N ALA L 426 -123.05 33.92 14.49
CA ALA L 426 -122.97 33.98 13.04
C ALA L 426 -122.40 35.31 12.57
N VAL L 427 -123.00 36.42 13.04
CA VAL L 427 -122.51 37.73 12.63
C VAL L 427 -121.07 37.95 13.08
N ALA L 428 -120.68 37.36 14.22
CA ALA L 428 -119.32 37.53 14.71
C ALA L 428 -118.32 36.82 13.79
N THR L 429 -118.62 35.56 13.44
CA THR L 429 -117.73 34.79 12.58
C THR L 429 -117.62 35.35 11.17
N TYR L 430 -118.50 36.27 10.78
CA TYR L 430 -118.44 36.87 9.46
C TYR L 430 -118.30 38.39 9.50
N CYS L 431 -118.32 38.99 10.69
CA CYS L 431 -117.95 40.39 10.84
C CYS L 431 -116.75 40.54 11.76
N GLY L 432 -115.96 39.48 11.92
CA GLY L 432 -114.81 39.41 12.80
C GLY L 432 -114.87 40.28 14.03
N PHE L 433 -114.28 41.48 13.94
CA PHE L 433 -114.25 42.48 15.01
C PHE L 433 -114.62 43.85 14.45
N ASP L 434 -115.39 43.89 13.37
CA ASP L 434 -115.71 45.14 12.69
C ASP L 434 -116.45 46.11 13.59
N ASP L 435 -117.72 45.82 13.88
CA ASP L 435 -118.51 46.66 14.76
C ASP L 435 -118.83 45.98 16.09
N CYS L 436 -118.62 44.67 16.20
CA CYS L 436 -119.04 43.95 17.39
C CYS L 436 -118.16 44.28 18.59
N LEU L 437 -116.84 44.35 18.40
CA LEU L 437 -115.93 44.56 19.52
C LEU L 437 -116.29 45.83 20.31
N GLU L 438 -116.54 46.93 19.59
CA GLU L 438 -116.90 48.17 20.27
C GLU L 438 -118.28 48.06 20.92
N GLU L 439 -119.26 47.51 20.20
CA GLU L 439 -120.63 47.51 20.70
C GLU L 439 -120.89 46.40 21.71
N THR L 440 -120.16 45.28 21.63
CA THR L 440 -120.27 44.26 22.67
C THR L 440 -119.85 44.84 24.02
N LEU L 441 -118.79 45.64 24.04
CA LEU L 441 -118.38 46.32 25.27
C LEU L 441 -119.49 47.23 25.78
N ASN L 442 -120.07 48.05 24.90
CA ASN L 442 -121.15 48.96 25.29
C ASN L 442 -122.24 48.24 26.07
N TYR L 443 -122.63 47.04 25.62
CA TYR L 443 -123.71 46.31 26.26
C TYR L 443 -123.26 45.44 27.43
N MET L 444 -121.94 45.31 27.64
CA MET L 444 -121.48 44.80 28.92
C MET L 444 -121.72 45.80 30.04
N LYS L 445 -121.74 47.09 29.70
CA LYS L 445 -122.00 48.17 30.64
C LYS L 445 -123.48 48.42 30.87
N HIS L 446 -124.34 47.54 30.36
CA HIS L 446 -125.78 47.79 30.34
C HIS L 446 -126.40 47.40 31.69
N LYS L 447 -127.59 47.95 31.96
CA LYS L 447 -128.17 47.84 33.29
C LYS L 447 -128.78 46.48 33.56
N THR L 448 -129.39 45.86 32.55
CA THR L 448 -129.99 44.54 32.74
C THR L 448 -128.91 43.54 33.15
N PRO L 449 -129.12 42.77 34.23
CA PRO L 449 -128.11 41.76 34.60
C PRO L 449 -127.89 40.73 33.51
N GLN L 450 -128.95 40.27 32.84
CA GLN L 450 -128.81 39.19 31.88
C GLN L 450 -128.00 39.62 30.66
N VAL L 451 -128.21 40.84 30.17
CA VAL L 451 -127.46 41.29 29.00
C VAL L 451 -125.98 41.43 29.34
N ARG L 452 -125.65 41.72 30.60
CA ARG L 452 -124.25 41.77 31.00
C ARG L 452 -123.61 40.41 30.89
N ILE L 453 -124.21 39.38 31.51
CA ILE L 453 -123.61 38.06 31.51
C ILE L 453 -123.58 37.45 30.11
N GLU L 454 -124.55 37.80 29.27
CA GLU L 454 -124.62 37.19 27.94
C GLU L 454 -123.71 37.91 26.95
N CYS L 455 -123.68 39.25 26.99
CA CYS L 455 -122.77 39.99 26.11
C CYS L 455 -121.32 39.78 26.52
N THR L 456 -121.08 39.49 27.80
CA THR L 456 -119.72 39.14 28.23
C THR L 456 -119.34 37.74 27.79
N LYS L 457 -120.25 36.77 27.96
CA LYS L 457 -120.06 35.45 27.36
C LYS L 457 -119.83 35.56 25.85
N PHE L 458 -120.46 36.54 25.21
CA PHE L 458 -120.24 36.75 23.77
C PHE L 458 -118.79 37.10 23.48
N LEU L 459 -118.25 38.09 24.20
CA LEU L 459 -116.83 38.43 24.06
C LEU L 459 -115.96 37.20 24.31
N THR L 460 -116.36 36.36 25.27
CA THR L 460 -115.63 35.13 25.54
C THR L 460 -115.66 34.20 24.34
N ARG L 461 -116.85 33.98 23.76
CA ARG L 461 -116.96 33.16 22.55
C ARG L 461 -116.06 33.70 21.45
N MET L 462 -116.18 34.99 21.16
CA MET L 462 -115.39 35.61 20.09
C MET L 462 -113.90 35.49 20.38
N LEU L 463 -113.50 35.67 21.64
CA LEU L 463 -112.09 35.69 21.98
C LEU L 463 -111.44 34.33 21.74
N GLN L 464 -112.19 33.25 21.98
CA GLN L 464 -111.68 31.92 21.70
C GLN L 464 -111.46 31.70 20.21
N GLY L 465 -112.26 32.36 19.37
CA GLY L 465 -112.03 32.27 17.93
C GLY L 465 -111.34 33.49 17.37
N TRP L 466 -110.45 34.10 18.17
CA TRP L 466 -109.67 35.25 17.73
C TRP L 466 -108.37 34.75 17.09
N LYS L 467 -108.21 35.02 15.81
CA LYS L 467 -107.02 34.61 15.07
C LYS L 467 -106.78 35.63 13.97
N SER L 468 -106.73 36.91 14.34
CA SER L 468 -106.55 37.97 13.37
C SER L 468 -105.16 37.90 12.75
N ASP L 469 -105.05 38.44 11.53
CA ASP L 469 -103.79 38.38 10.81
C ASP L 469 -102.86 39.53 11.20
N GLY L 470 -101.58 39.21 11.19
CA GLY L 470 -100.54 40.14 11.54
C GLY L 470 -99.83 39.71 12.80
N PRO L 471 -98.61 40.19 12.99
CA PRO L 471 -97.88 39.88 14.21
C PRO L 471 -98.47 40.57 15.43
N LEU L 472 -98.62 41.90 15.34
CA LEU L 472 -99.13 42.68 16.45
C LEU L 472 -100.01 43.82 15.92
N GLN L 473 -100.37 44.73 16.83
CA GLN L 473 -101.08 45.97 16.53
C GLN L 473 -102.41 45.72 15.83
N ASN L 474 -103.16 44.74 16.32
CA ASN L 474 -104.52 44.50 15.87
C ASN L 474 -105.49 45.42 16.62
N GLN L 475 -106.77 45.36 16.26
CA GLN L 475 -107.78 46.16 16.93
C GLN L 475 -107.88 45.79 18.41
N LEU L 476 -107.50 44.57 18.77
CA LEU L 476 -107.55 44.16 20.17
C LEU L 476 -106.54 44.94 21.01
N LEU L 477 -105.35 45.19 20.46
CA LEU L 477 -104.30 45.86 21.22
C LEU L 477 -104.48 47.37 21.25
N PHE L 478 -105.01 47.97 20.18
CA PHE L 478 -105.26 49.41 20.18
C PHE L 478 -106.19 49.83 21.32
N LYS L 479 -107.10 48.95 21.73
CA LYS L 479 -108.11 49.25 22.73
C LYS L 479 -108.08 48.30 23.92
N LEU L 480 -106.99 47.54 24.10
CA LEU L 480 -106.93 46.48 25.10
C LEU L 480 -107.04 47.06 26.50
N LEU L 481 -105.96 47.64 27.00
CA LEU L 481 -105.99 48.29 28.32
C LEU L 481 -107.01 49.41 28.38
N PRO L 482 -107.09 50.35 27.41
CA PRO L 482 -108.06 51.45 27.54
C PRO L 482 -109.50 51.00 27.75
N GLU L 483 -109.97 50.02 26.99
CA GLU L 483 -111.40 49.72 26.94
C GLU L 483 -111.73 48.28 27.34
N VAL L 484 -111.11 47.30 26.69
CA VAL L 484 -111.47 45.90 26.93
C VAL L 484 -111.30 45.54 28.40
N THR L 485 -110.12 45.80 28.96
CA THR L 485 -109.84 45.40 30.33
C THR L 485 -110.67 46.21 31.32
N THR L 486 -110.75 47.52 31.13
CA THR L 486 -111.57 48.35 32.02
C THR L 486 -113.02 47.90 32.03
N ALA L 487 -113.50 47.32 30.92
CA ALA L 487 -114.87 46.84 30.85
C ALA L 487 -115.03 45.44 31.42
N VAL L 488 -114.02 44.57 31.25
CA VAL L 488 -114.12 43.22 31.79
C VAL L 488 -114.02 43.25 33.31
N LEU L 489 -113.29 44.21 33.86
CA LEU L 489 -113.23 44.35 35.32
C LEU L 489 -114.58 44.75 35.89
N LYS L 490 -115.36 45.54 35.16
CA LYS L 490 -116.71 45.86 35.61
C LYS L 490 -117.57 44.61 35.75
N ILE L 491 -117.30 43.60 34.92
CA ILE L 491 -117.98 42.32 35.05
C ILE L 491 -117.38 41.50 36.19
N VAL L 492 -116.05 41.48 36.28
CA VAL L 492 -115.37 40.70 37.32
C VAL L 492 -115.77 41.17 38.71
N ASN L 493 -116.10 42.46 38.86
CA ASN L 493 -116.44 43.05 40.15
C ASN L 493 -117.94 43.31 40.28
N ASP L 494 -118.76 42.52 39.60
CA ASP L 494 -120.21 42.71 39.65
C ASP L 494 -120.78 42.27 40.99
N THR L 495 -122.01 42.71 41.25
CA THR L 495 -122.67 42.35 42.50
C THR L 495 -123.07 40.88 42.52
N GLN L 496 -123.45 40.31 41.36
CA GLN L 496 -123.93 38.94 41.31
C GLN L 496 -122.77 37.96 41.14
N PRO L 497 -122.89 36.75 41.71
CA PRO L 497 -121.83 35.75 41.54
C PRO L 497 -121.80 35.16 40.14
N THR L 498 -122.96 34.79 39.61
CA THR L 498 -123.02 34.22 38.28
C THR L 498 -122.56 35.22 37.23
N THR L 499 -122.74 36.51 37.49
CA THR L 499 -122.15 37.54 36.62
C THR L 499 -120.64 37.57 36.77
N ARG L 500 -120.17 37.71 38.02
CA ARG L 500 -118.73 37.70 38.30
C ARG L 500 -118.06 36.47 37.71
N ASN L 501 -118.72 35.31 37.79
CA ASN L 501 -118.09 34.07 37.36
C ASN L 501 -117.90 34.04 35.84
N THR L 502 -118.76 34.74 35.09
CA THR L 502 -118.53 34.87 33.66
C THR L 502 -117.32 35.75 33.37
N GLY L 503 -117.17 36.85 34.11
CA GLY L 503 -115.99 37.67 33.98
C GLY L 503 -114.70 36.93 34.27
N PHE L 504 -114.75 35.99 35.22
CA PHE L 504 -113.54 35.26 35.59
C PHE L 504 -113.04 34.41 34.42
N GLU L 505 -113.96 33.79 33.68
CA GLU L 505 -113.56 33.14 32.44
C GLU L 505 -113.14 34.18 31.40
N CYS L 506 -113.94 35.23 31.22
CA CYS L 506 -113.67 36.25 30.21
C CYS L 506 -112.40 37.04 30.49
N PHE L 507 -111.81 36.90 31.67
CA PHE L 507 -110.49 37.44 31.96
C PHE L 507 -109.40 36.39 31.79
N ALA L 508 -109.71 35.13 32.05
CA ALA L 508 -108.74 34.05 31.85
C ALA L 508 -108.62 33.67 30.38
N THR L 509 -109.66 33.89 29.59
CA THR L 509 -109.55 33.77 28.14
C THR L 509 -108.83 34.97 27.54
N LEU L 510 -108.78 36.09 28.26
CA LEU L 510 -108.04 37.27 27.81
C LEU L 510 -106.54 37.09 28.04
N MET L 511 -106.15 36.70 29.25
CA MET L 511 -104.76 36.44 29.57
C MET L 511 -104.17 35.41 28.60
N LYS L 512 -104.91 34.35 28.32
CA LYS L 512 -104.46 33.32 27.38
C LYS L 512 -104.07 33.93 26.04
N LEU L 513 -104.79 34.96 25.61
CA LEU L 513 -104.52 35.57 24.31
C LEU L 513 -103.34 36.55 24.37
N VAL L 514 -103.21 37.31 25.46
CA VAL L 514 -102.35 38.49 25.44
C VAL L 514 -101.39 38.46 26.63
N GLY L 515 -101.11 37.27 27.15
CA GLY L 515 -100.02 37.13 28.10
C GLY L 515 -100.35 37.48 29.53
N GLU L 516 -100.33 36.49 30.42
CA GLU L 516 -100.64 36.70 31.83
C GLU L 516 -99.68 37.65 32.52
N ARG L 517 -98.62 38.08 31.83
CA ARG L 517 -97.66 39.05 32.36
C ARG L 517 -98.04 40.49 32.01
N GLU L 518 -98.55 40.71 30.80
CA GLU L 518 -98.93 42.07 30.39
C GLU L 518 -100.01 42.64 31.31
N LEU L 519 -100.98 41.81 31.71
CA LEU L 519 -102.10 42.24 32.53
C LEU L 519 -101.85 42.04 34.03
N ALA L 520 -100.60 41.78 34.43
CA ALA L 520 -100.29 41.64 35.84
C ALA L 520 -100.50 42.93 36.62
N ASP L 521 -100.62 44.09 35.94
CA ASP L 521 -100.89 45.33 36.67
C ASP L 521 -102.29 45.35 37.25
N PRO L 522 -103.37 45.18 36.47
CA PRO L 522 -104.70 45.11 37.09
C PRO L 522 -104.95 43.82 37.84
N LEU L 523 -104.11 42.80 37.66
CA LEU L 523 -104.20 41.61 38.50
C LEU L 523 -103.89 41.94 39.95
N GLU L 524 -102.88 42.77 40.17
CA GLU L 524 -102.49 43.15 41.53
C GLU L 524 -103.61 43.92 42.21
N LYS L 525 -104.20 44.89 41.51
CA LYS L 525 -105.29 45.68 42.08
C LYS L 525 -106.51 44.82 42.42
N LEU L 526 -106.58 43.59 41.92
CA LEU L 526 -107.69 42.71 42.23
C LEU L 526 -107.45 41.95 43.52
N ASP L 527 -108.54 41.60 44.20
CA ASP L 527 -108.50 40.75 45.37
C ASP L 527 -107.64 39.52 45.14
N ASN L 528 -106.89 39.13 46.19
CA ASN L 528 -106.25 37.82 46.18
C ASN L 528 -107.26 36.69 46.09
N LEU L 529 -108.49 36.95 46.56
CA LEU L 529 -109.53 35.92 46.53
C LEU L 529 -110.13 35.75 45.14
N LYS L 530 -110.35 36.86 44.43
CA LYS L 530 -110.81 36.77 43.05
C LYS L 530 -109.71 36.26 42.13
N LYS L 531 -108.44 36.50 42.51
CA LYS L 531 -107.32 36.08 41.67
C LYS L 531 -107.32 34.57 41.46
N LYS L 532 -107.53 33.80 42.53
CA LYS L 532 -107.44 32.34 42.42
C LYS L 532 -108.65 31.75 41.69
N LYS L 533 -109.74 32.50 41.55
CA LYS L 533 -110.82 32.07 40.66
C LYS L 533 -110.46 32.33 39.21
N ILE L 534 -109.88 33.50 38.91
CA ILE L 534 -109.44 33.80 37.55
C ILE L 534 -108.43 32.76 37.07
N TYR L 535 -107.44 32.44 37.93
CA TYR L 535 -106.43 31.46 37.58
C TYR L 535 -107.04 30.07 37.36
N GLU L 536 -108.09 29.74 38.12
CA GLU L 536 -108.78 28.46 37.95
C GLU L 536 -109.18 28.25 36.50
N TYR L 537 -109.77 29.27 35.87
CA TYR L 537 -110.17 29.14 34.47
C TYR L 537 -108.98 29.22 33.52
N TYR L 538 -107.98 30.03 33.85
CA TYR L 538 -106.79 30.15 33.00
C TYR L 538 -106.15 28.79 32.73
N GLU L 539 -106.18 27.90 33.72
CA GLU L 539 -105.55 26.60 33.54
C GLU L 539 -106.37 25.68 32.65
N LYS L 540 -107.68 25.88 32.57
CA LYS L 540 -108.56 24.99 31.81
C LYS L 540 -109.10 25.61 30.53
N VAL L 541 -108.61 26.77 30.11
CA VAL L 541 -109.17 27.47 28.96
C VAL L 541 -108.20 27.45 27.78
N GLU L 542 -108.73 27.15 26.60
CA GLU L 542 -107.95 27.21 25.37
C GLU L 542 -108.60 28.21 24.40
N VAL L 543 -107.98 28.36 23.24
CA VAL L 543 -108.41 29.32 22.23
C VAL L 543 -109.09 28.61 21.06
N ASP M 13 -94.34 46.49 65.62
CA ASP M 13 -94.08 45.64 66.78
C ASP M 13 -93.04 46.28 67.70
N LEU M 14 -93.41 46.44 68.97
CA LEU M 14 -92.50 47.04 69.95
C LEU M 14 -91.45 46.06 70.44
N GLY M 15 -91.71 44.75 70.36
CA GLY M 15 -90.70 43.77 70.72
C GLY M 15 -89.54 43.70 69.73
N LYS M 16 -89.75 44.19 68.52
CA LYS M 16 -88.71 44.20 67.50
C LYS M 16 -87.81 45.43 67.57
N LYS M 17 -88.35 46.57 68.01
CA LYS M 17 -87.52 47.75 68.20
C LYS M 17 -86.60 47.60 69.39
N LEU M 18 -87.02 46.84 70.42
CA LEU M 18 -86.16 46.62 71.58
C LEU M 18 -84.99 45.71 71.25
N LEU M 19 -85.15 44.84 70.25
CA LEU M 19 -84.02 44.05 69.77
C LEU M 19 -83.06 44.92 68.96
N GLU M 20 -83.59 45.78 68.10
CA GLU M 20 -82.75 46.71 67.34
C GLU M 20 -81.89 47.56 68.25
N ALA M 21 -82.45 48.05 69.35
CA ALA M 21 -81.71 48.93 70.25
C ALA M 21 -80.69 48.13 71.06
N ALA M 22 -81.13 47.06 71.73
CA ALA M 22 -80.23 46.28 72.57
C ALA M 22 -79.02 45.77 71.80
N ARG M 23 -79.19 45.48 70.51
CA ARG M 23 -78.08 45.06 69.66
C ARG M 23 -77.13 46.21 69.37
N ALA M 24 -77.61 47.23 68.63
CA ALA M 24 -76.74 48.33 68.21
C ALA M 24 -76.22 49.14 69.39
N GLY M 25 -76.82 49.02 70.56
CA GLY M 25 -76.27 49.61 71.77
C GLY M 25 -76.63 51.05 72.02
N GLN M 26 -77.92 51.38 71.92
CA GLN M 26 -78.43 52.69 72.29
C GLN M 26 -79.04 52.55 73.68
N ASP M 27 -78.23 52.80 74.70
CA ASP M 27 -78.65 52.60 76.08
C ASP M 27 -79.90 53.40 76.40
N ASP M 28 -79.97 54.64 75.91
CA ASP M 28 -81.07 55.53 76.27
C ASP M 28 -82.38 55.06 75.67
N GLU M 29 -82.38 54.66 74.41
CA GLU M 29 -83.61 54.29 73.72
C GLU M 29 -84.14 52.93 74.12
N VAL M 30 -83.42 52.19 74.96
CA VAL M 30 -83.99 51.01 75.60
C VAL M 30 -85.00 51.42 76.65
N ARG M 31 -84.61 52.37 77.51
CA ARG M 31 -85.54 52.89 78.52
C ARG M 31 -86.80 53.47 77.90
N ILE M 32 -86.66 54.13 76.74
CA ILE M 32 -87.83 54.66 76.04
C ILE M 32 -88.75 53.53 75.61
N LEU M 33 -88.18 52.53 74.92
CA LEU M 33 -89.01 51.44 74.40
C LEU M 33 -89.57 50.57 75.52
N MET M 34 -88.84 50.42 76.61
CA MET M 34 -89.31 49.62 77.73
C MET M 34 -90.37 50.36 78.54
N ALA M 35 -90.28 51.69 78.62
CA ALA M 35 -91.34 52.47 79.23
C ALA M 35 -92.64 52.39 78.44
N ASN M 36 -92.57 52.01 77.16
CA ASN M 36 -93.74 51.71 76.36
C ASN M 36 -94.16 50.25 76.45
N GLY M 37 -93.66 49.51 77.43
CA GLY M 37 -94.06 48.14 77.65
C GLY M 37 -93.60 47.15 76.58
N ALA M 38 -92.36 47.29 76.11
CA ALA M 38 -91.86 46.36 75.11
C ALA M 38 -91.53 45.01 75.75
N ASP M 39 -91.65 43.95 74.96
CA ASP M 39 -91.46 42.59 75.46
C ASP M 39 -89.99 42.36 75.74
N VAL M 40 -89.65 42.21 77.03
CA VAL M 40 -88.26 42.04 77.43
C VAL M 40 -87.67 40.77 76.85
N ASN M 41 -88.49 39.73 76.68
CA ASN M 41 -88.05 38.45 76.13
C ASN M 41 -88.59 38.24 74.71
N ALA M 42 -88.64 39.31 73.92
CA ALA M 42 -89.11 39.22 72.55
C ALA M 42 -88.10 38.48 71.69
N THR M 43 -88.55 37.45 70.99
CA THR M 43 -87.70 36.67 70.12
C THR M 43 -87.69 37.25 68.72
N ASP M 44 -86.51 37.31 68.11
CA ASP M 44 -86.39 37.72 66.71
C ASP M 44 -86.78 36.57 65.78
N ALA M 45 -85.89 36.17 64.88
CA ALA M 45 -86.17 35.07 63.96
C ALA M 45 -85.56 33.77 64.45
N SER M 46 -84.29 33.81 64.89
CA SER M 46 -83.60 32.64 65.38
C SER M 46 -83.72 32.49 66.90
N GLY M 47 -84.71 33.12 67.52
CA GLY M 47 -84.98 32.90 68.93
C GLY M 47 -84.12 33.68 69.89
N LEU M 48 -83.52 34.78 69.45
CA LEU M 48 -82.59 35.55 70.26
C LEU M 48 -83.32 36.70 70.94
N THR M 49 -83.32 36.69 72.27
CA THR M 49 -83.87 37.77 73.08
C THR M 49 -82.92 38.95 73.07
N PRO M 50 -83.38 40.15 73.49
CA PRO M 50 -82.43 41.27 73.59
C PRO M 50 -81.28 41.01 74.55
N LEU M 51 -81.50 40.23 75.60
CA LEU M 51 -80.41 39.89 76.51
C LEU M 51 -79.31 39.12 75.79
N HIS M 52 -79.70 38.23 74.88
CA HIS M 52 -78.73 37.58 73.99
C HIS M 52 -77.89 38.62 73.25
N LEU M 53 -78.55 39.58 72.59
CA LEU M 53 -77.85 40.51 71.71
C LEU M 53 -76.95 41.45 72.49
N ALA M 54 -77.45 41.98 73.62
CA ALA M 54 -76.63 42.88 74.43
C ALA M 54 -75.43 42.15 75.02
N ALA M 55 -75.60 40.89 75.41
CA ALA M 55 -74.50 40.11 75.95
C ALA M 55 -73.49 39.71 74.87
N THR M 56 -73.86 39.82 73.60
CA THR M 56 -72.93 39.52 72.52
C THR M 56 -72.04 40.72 72.21
N TYR M 57 -72.62 41.92 72.16
CA TYR M 57 -71.93 43.11 71.67
C TYR M 57 -71.45 44.02 72.80
N GLY M 58 -71.47 43.54 74.05
CA GLY M 58 -70.89 44.26 75.16
C GLY M 58 -71.53 45.58 75.51
N HIS M 59 -72.78 45.54 75.95
CA HIS M 59 -73.52 46.72 76.40
C HIS M 59 -73.97 46.44 77.83
N LEU M 60 -73.07 46.68 78.78
CA LEU M 60 -73.27 46.21 80.15
C LEU M 60 -74.49 46.85 80.79
N GLU M 61 -74.69 48.15 80.60
CA GLU M 61 -75.82 48.82 81.21
C GLU M 61 -77.14 48.31 80.65
N ILE M 62 -77.17 47.88 79.38
CA ILE M 62 -78.40 47.35 78.81
C ILE M 62 -78.69 45.95 79.34
N VAL M 63 -77.65 45.18 79.65
CA VAL M 63 -77.85 43.86 80.23
C VAL M 63 -78.49 43.99 81.62
N GLU M 64 -77.91 44.85 82.47
CA GLU M 64 -78.43 45.00 83.82
C GLU M 64 -79.80 45.65 83.83
N VAL M 65 -80.13 46.46 82.82
CA VAL M 65 -81.46 47.04 82.73
C VAL M 65 -82.49 45.96 82.41
N LEU M 66 -82.19 45.10 81.44
CA LEU M 66 -83.13 44.05 81.05
C LEU M 66 -83.28 42.99 82.13
N LEU M 67 -82.18 42.62 82.79
CA LEU M 67 -82.24 41.58 83.81
C LEU M 67 -83.14 41.99 84.97
N LYS M 68 -82.99 43.22 85.46
CA LYS M 68 -83.80 43.66 86.59
C LYS M 68 -85.25 43.96 86.21
N HIS M 69 -85.57 44.02 84.93
CA HIS M 69 -86.96 44.11 84.49
C HIS M 69 -87.56 42.74 84.20
N GLY M 70 -86.73 41.70 84.22
CA GLY M 70 -87.19 40.34 84.14
C GLY M 70 -86.83 39.77 82.80
N ALA M 71 -85.57 39.44 82.62
CA ALA M 71 -85.08 38.85 81.39
C ALA M 71 -84.63 37.44 81.68
N ASP M 72 -85.06 36.50 80.84
CA ASP M 72 -84.76 35.10 81.11
C ASP M 72 -83.24 34.92 80.99
N VAL M 73 -82.58 34.75 82.13
CA VAL M 73 -81.12 34.66 82.16
C VAL M 73 -80.67 33.37 81.48
N ASN M 74 -81.52 32.35 81.48
CA ASN M 74 -81.18 31.05 80.91
C ASN M 74 -82.07 30.74 79.71
N ALA M 75 -82.47 31.79 78.99
CA ALA M 75 -83.21 31.60 77.74
C ALA M 75 -82.30 31.03 76.66
N ILE M 76 -82.80 30.06 75.92
CA ILE M 76 -82.09 29.51 74.80
C ILE M 76 -82.70 30.05 73.51
N ASP M 77 -82.01 29.84 72.39
CA ASP M 77 -82.51 30.23 71.08
C ASP M 77 -82.78 28.99 70.24
N ILE M 78 -82.83 29.14 68.91
CA ILE M 78 -83.08 27.99 68.06
C ILE M 78 -81.92 26.99 68.10
N MET M 79 -80.72 27.44 68.44
CA MET M 79 -79.56 26.55 68.53
C MET M 79 -79.13 26.26 69.97
N GLY M 80 -79.98 26.57 70.95
CA GLY M 80 -79.66 26.26 72.33
C GLY M 80 -78.62 27.15 72.98
N SER M 81 -78.39 28.34 72.44
CA SER M 81 -77.38 29.25 72.98
C SER M 81 -78.02 30.14 74.04
N THR M 82 -77.48 30.10 75.25
CA THR M 82 -77.86 31.04 76.29
C THR M 82 -77.05 32.33 76.15
N PRO M 83 -77.52 33.42 76.75
CA PRO M 83 -76.70 34.65 76.75
C PRO M 83 -75.34 34.46 77.39
N LEU M 84 -75.22 33.53 78.35
CA LEU M 84 -73.92 33.24 78.93
C LEU M 84 -72.99 32.56 77.92
N HIS M 85 -73.55 31.74 77.02
CA HIS M 85 -72.78 31.23 75.89
C HIS M 85 -72.17 32.37 75.08
N LEU M 86 -73.01 33.34 74.68
CA LEU M 86 -72.55 34.38 73.77
C LEU M 86 -71.60 35.35 74.46
N ALA M 87 -71.83 35.62 75.75
CA ALA M 87 -70.91 36.48 76.49
C ALA M 87 -69.55 35.84 76.64
N ALA M 88 -69.51 34.53 76.93
CA ALA M 88 -68.23 33.84 77.06
C ALA M 88 -67.54 33.63 75.73
N LEU M 89 -68.30 33.64 74.63
CA LEU M 89 -67.70 33.53 73.30
C LEU M 89 -66.95 34.80 72.93
N ILE M 90 -67.64 35.94 72.97
CA ILE M 90 -67.04 37.20 72.51
C ILE M 90 -66.01 37.71 73.53
N GLY M 91 -66.18 37.37 74.80
CA GLY M 91 -65.23 37.78 75.81
C GLY M 91 -65.61 39.06 76.54
N HIS M 92 -66.79 39.08 77.14
CA HIS M 92 -67.30 40.23 77.88
C HIS M 92 -67.33 39.85 79.37
N LEU M 93 -66.18 39.99 80.02
CA LEU M 93 -66.04 39.58 81.42
C LEU M 93 -67.00 40.34 82.33
N GLU M 94 -67.22 41.63 82.05
CA GLU M 94 -68.15 42.42 82.85
C GLU M 94 -69.55 41.82 82.82
N ILE M 95 -69.99 41.35 81.66
CA ILE M 95 -71.35 40.84 81.52
C ILE M 95 -71.47 39.43 82.07
N VAL M 96 -70.41 38.62 81.93
CA VAL M 96 -70.45 37.24 82.39
C VAL M 96 -70.80 37.17 83.87
N GLU M 97 -70.12 37.98 84.69
CA GLU M 97 -70.36 37.94 86.13
C GLU M 97 -71.72 38.53 86.48
N VAL M 98 -72.25 39.44 85.65
CA VAL M 98 -73.60 39.94 85.87
C VAL M 98 -74.63 38.84 85.63
N LEU M 99 -74.46 38.09 84.53
CA LEU M 99 -75.38 36.99 84.23
C LEU M 99 -75.32 35.91 85.31
N LEU M 100 -74.11 35.47 85.67
CA LEU M 100 -73.96 34.45 86.69
C LEU M 100 -74.56 34.90 88.02
N LYS M 101 -74.37 36.17 88.37
CA LYS M 101 -74.96 36.69 89.59
C LYS M 101 -76.48 36.69 89.52
N HIS M 102 -77.05 36.81 88.31
CA HIS M 102 -78.48 36.70 88.11
C HIS M 102 -78.93 35.26 87.84
N GLY M 103 -78.17 34.28 88.31
CA GLY M 103 -78.55 32.89 88.20
C GLY M 103 -78.43 32.33 86.78
N ALA M 104 -77.27 32.51 86.15
CA ALA M 104 -77.06 31.96 84.83
C ALA M 104 -76.67 30.49 84.92
N ASP M 105 -76.83 29.78 83.80
CA ASP M 105 -76.56 28.35 83.75
C ASP M 105 -75.09 28.18 83.37
N VAL M 106 -74.27 27.81 84.35
CA VAL M 106 -72.83 27.72 84.13
C VAL M 106 -72.48 26.51 83.27
N ASN M 107 -73.28 25.44 83.34
CA ASN M 107 -73.05 24.24 82.57
C ASN M 107 -74.17 24.01 81.56
N ALA M 108 -74.67 25.10 80.99
CA ALA M 108 -75.62 25.01 79.89
C ALA M 108 -74.95 24.38 78.67
N VAL M 109 -75.72 23.60 77.92
CA VAL M 109 -75.25 23.00 76.68
C VAL M 109 -76.05 23.57 75.52
N ASP M 110 -75.43 23.62 74.36
CA ASP M 110 -76.07 24.07 73.12
C ASP M 110 -76.05 22.94 72.10
N THR M 111 -76.66 23.20 70.95
CA THR M 111 -76.90 22.14 69.96
C THR M 111 -75.62 21.47 69.47
N TRP M 112 -74.48 22.15 69.57
CA TRP M 112 -73.20 21.55 69.18
C TRP M 112 -72.51 20.84 70.33
N GLY M 113 -73.13 20.78 71.51
CA GLY M 113 -72.57 20.09 72.65
C GLY M 113 -71.61 20.92 73.48
N ASP M 114 -71.44 22.19 73.16
CA ASP M 114 -70.50 23.04 73.87
C ASP M 114 -71.14 23.66 75.10
N THR M 115 -70.34 23.82 76.14
CA THR M 115 -70.65 24.65 77.29
C THR M 115 -70.01 26.01 77.13
N PRO M 116 -70.42 27.00 77.92
CA PRO M 116 -69.70 28.29 77.90
C PRO M 116 -68.21 28.14 78.18
N LEU M 117 -67.80 27.12 78.93
CA LEU M 117 -66.39 26.88 79.18
C LEU M 117 -65.66 26.50 77.89
N HIS M 118 -66.33 25.75 77.01
CA HIS M 118 -65.74 25.42 75.72
C HIS M 118 -65.44 26.69 74.92
N LEU M 119 -66.41 27.61 74.87
CA LEU M 119 -66.28 28.77 74.00
C LEU M 119 -65.22 29.75 74.51
N ALA M 120 -65.19 29.99 75.83
CA ALA M 120 -64.18 30.89 76.37
C ALA M 120 -62.78 30.32 76.24
N ALA M 121 -62.64 28.99 76.24
CA ALA M 121 -61.33 28.38 76.07
C ALA M 121 -60.88 28.44 74.62
N ILE M 122 -61.79 28.21 73.68
CA ILE M 122 -61.44 28.27 72.26
C ILE M 122 -60.97 29.67 71.88
N MET M 123 -61.67 30.69 72.37
CA MET M 123 -61.35 32.07 72.01
C MET M 123 -60.25 32.68 72.86
N GLY M 124 -59.67 31.92 73.78
CA GLY M 124 -58.54 32.41 74.56
C GLY M 124 -58.88 33.46 75.60
N HIS M 125 -60.10 33.45 76.12
CA HIS M 125 -60.50 34.39 77.18
C HIS M 125 -60.16 33.79 78.55
N LEU M 126 -58.85 33.80 78.86
CA LEU M 126 -58.39 33.16 80.09
C LEU M 126 -59.00 33.79 81.33
N GLU M 127 -59.23 35.10 81.31
CA GLU M 127 -59.83 35.76 82.47
C GLU M 127 -61.27 35.32 82.69
N ILE M 128 -62.00 35.04 81.61
CA ILE M 128 -63.38 34.58 81.76
C ILE M 128 -63.42 33.10 82.12
N VAL M 129 -62.48 32.31 81.60
CA VAL M 129 -62.41 30.88 81.92
C VAL M 129 -62.35 30.67 83.44
N GLU M 130 -61.50 31.45 84.11
CA GLU M 130 -61.35 31.28 85.55
C GLU M 130 -62.60 31.67 86.32
N VAL M 131 -63.35 32.66 85.83
CA VAL M 131 -64.60 33.04 86.50
C VAL M 131 -65.63 31.91 86.38
N LEU M 132 -65.79 31.37 85.16
CA LEU M 132 -66.73 30.28 84.95
C LEU M 132 -66.36 29.07 85.82
N LEU M 133 -65.08 28.72 85.88
CA LEU M 133 -64.64 27.58 86.67
C LEU M 133 -65.02 27.74 88.13
N LYS M 134 -64.82 28.93 88.69
CA LYS M 134 -65.10 29.16 90.11
C LYS M 134 -66.59 29.19 90.41
N HIS M 135 -67.43 29.40 89.40
CA HIS M 135 -68.87 29.25 89.53
C HIS M 135 -69.33 27.81 89.27
N GLY M 136 -68.44 26.84 89.42
CA GLY M 136 -68.77 25.44 89.23
C GLY M 136 -69.00 25.05 87.78
N ALA M 137 -68.02 25.31 86.92
CA ALA M 137 -68.08 24.84 85.55
C ALA M 137 -67.60 23.39 85.48
N ASP M 138 -68.14 22.66 84.51
CA ASP M 138 -67.82 21.24 84.32
C ASP M 138 -66.59 21.15 83.44
N VAL M 139 -65.42 20.93 84.05
CA VAL M 139 -64.18 20.85 83.30
C VAL M 139 -64.15 19.62 82.41
N ASN M 140 -64.81 18.53 82.82
CA ASN M 140 -64.83 17.29 82.06
C ASN M 140 -65.98 17.21 81.07
N ALA M 141 -66.71 18.31 80.87
CA ALA M 141 -67.81 18.30 79.92
C ALA M 141 -67.31 18.13 78.49
N GLN M 142 -68.03 17.34 77.72
CA GLN M 142 -67.66 17.02 76.34
C GLN M 142 -68.65 17.63 75.36
N ASP M 143 -68.17 17.83 74.14
CA ASP M 143 -68.99 18.35 73.04
C ASP M 143 -69.43 17.18 72.14
N LYS M 144 -69.92 17.51 70.94
CA LYS M 144 -70.35 16.48 70.00
C LYS M 144 -69.19 15.58 69.60
N PHE M 145 -68.06 16.17 69.19
CA PHE M 145 -66.92 15.38 68.77
C PHE M 145 -66.30 14.58 69.92
N GLY M 146 -66.59 14.94 71.16
CA GLY M 146 -66.08 14.22 72.31
C GLY M 146 -64.89 14.85 73.00
N LYS M 147 -64.74 16.17 72.92
CA LYS M 147 -63.56 16.86 73.42
C LYS M 147 -63.93 17.72 74.62
N THR M 148 -63.09 17.65 75.65
CA THR M 148 -63.29 18.48 76.83
C THR M 148 -62.65 19.86 76.62
N ALA M 149 -62.87 20.75 77.57
CA ALA M 149 -62.15 22.02 77.59
C ALA M 149 -60.65 21.79 77.75
N PHE M 150 -60.27 20.75 78.51
CA PHE M 150 -58.85 20.44 78.68
C PHE M 150 -58.25 19.89 77.40
N ASP M 151 -59.03 19.11 76.64
CA ASP M 151 -58.54 18.62 75.36
C ASP M 151 -58.30 19.75 74.38
N ILE M 152 -59.07 20.84 74.49
CA ILE M 152 -58.90 21.97 73.58
C ILE M 152 -57.58 22.66 73.83
N SER M 153 -57.19 22.81 75.09
CA SER M 153 -55.90 23.41 75.41
C SER M 153 -54.74 22.54 74.93
N ILE M 154 -54.89 21.23 75.04
CA ILE M 154 -53.88 20.32 74.51
C ILE M 154 -53.79 20.46 73.00
N ASP M 155 -54.93 20.50 72.31
CA ASP M 155 -54.94 20.55 70.86
C ASP M 155 -54.48 21.89 70.31
N ASN M 156 -54.70 22.98 71.06
CA ASN M 156 -54.47 24.32 70.55
C ASN M 156 -53.15 24.93 71.01
N GLY M 157 -52.32 24.18 71.72
CA GLY M 157 -50.99 24.69 71.99
C GLY M 157 -50.92 25.67 73.11
N ASN M 158 -52.02 25.88 73.83
CA ASN M 158 -52.13 26.89 74.86
C ASN M 158 -51.71 26.24 76.18
N GLU M 159 -50.51 26.54 76.66
CA GLU M 159 -50.09 26.05 77.96
C GLU M 159 -50.47 27.03 79.06
N ASP M 160 -50.70 28.29 78.72
CA ASP M 160 -51.29 29.22 79.68
C ASP M 160 -52.69 28.79 80.09
N LEU M 161 -53.42 28.14 79.17
CA LEU M 161 -54.78 27.67 79.45
C LEU M 161 -54.79 26.31 80.13
N ALA M 162 -53.86 25.42 79.75
CA ALA M 162 -53.79 24.11 80.41
C ALA M 162 -53.55 24.24 81.90
N GLU M 163 -52.68 25.17 82.31
CA GLU M 163 -52.43 25.38 83.72
C GLU M 163 -53.63 26.01 84.42
N ILE M 164 -54.34 26.90 83.72
CA ILE M 164 -55.50 27.56 84.30
C ILE M 164 -56.70 26.64 84.40
N LEU M 165 -56.68 25.50 83.69
CA LEU M 165 -57.80 24.56 83.72
C LEU M 165 -57.66 23.51 84.81
N GLN M 166 -56.44 23.22 85.26
CA GLN M 166 -56.20 22.26 86.32
C GLN M 166 -56.06 22.92 87.68
N LYS M 167 -56.17 24.24 87.77
CA LYS M 167 -56.12 24.95 89.03
C LYS M 167 -57.29 24.56 89.92
N ASP N 13 -157.68 8.61 4.42
CA ASP N 13 -158.10 7.58 5.37
C ASP N 13 -159.35 8.02 6.12
N LEU N 14 -160.40 7.19 6.06
CA LEU N 14 -161.65 7.49 6.75
C LEU N 14 -161.58 7.20 8.24
N GLY N 15 -160.70 6.29 8.65
CA GLY N 15 -160.49 6.04 10.07
C GLY N 15 -159.80 7.17 10.80
N LYS N 16 -159.10 8.04 10.07
CA LYS N 16 -158.41 9.16 10.66
C LYS N 16 -159.31 10.39 10.80
N LYS N 17 -160.29 10.55 9.91
CA LYS N 17 -161.25 11.63 10.06
C LYS N 17 -162.20 11.36 11.21
N LEU N 18 -162.48 10.08 11.50
CA LEU N 18 -163.36 9.74 12.61
C LEU N 18 -162.68 10.01 13.95
N LEU N 19 -161.34 9.95 13.98
CA LEU N 19 -160.61 10.35 15.18
C LEU N 19 -160.62 11.86 15.35
N GLU N 20 -160.41 12.60 14.25
CA GLU N 20 -160.47 14.06 14.30
C GLU N 20 -161.81 14.54 14.83
N ALA N 21 -162.91 13.91 14.40
CA ALA N 21 -164.24 14.34 14.83
C ALA N 21 -164.49 13.95 16.28
N ALA N 22 -164.30 12.67 16.61
CA ALA N 22 -164.58 12.19 17.96
C ALA N 22 -163.78 12.96 19.01
N ARG N 23 -162.59 13.42 18.66
CA ARG N 23 -161.79 14.23 19.57
C ARG N 23 -162.38 15.63 19.72
N ALA N 24 -162.37 16.41 18.63
CA ALA N 24 -162.81 17.81 18.70
C ALA N 24 -164.29 17.94 19.04
N GLY N 25 -165.06 16.86 18.90
CA GLY N 25 -166.43 16.85 19.39
C GLY N 25 -167.47 17.41 18.44
N GLN N 26 -167.44 16.97 17.19
CA GLN N 26 -168.47 17.32 16.21
C GLN N 26 -169.42 16.13 16.13
N ASP N 27 -170.48 16.19 16.95
CA ASP N 27 -171.40 15.06 17.08
C ASP N 27 -172.01 14.67 15.73
N ASP N 28 -172.38 15.66 14.91
CA ASP N 28 -173.07 15.37 13.66
C ASP N 28 -172.15 14.70 12.66
N GLU N 29 -170.91 15.19 12.54
CA GLU N 29 -170.01 14.69 11.52
C GLU N 29 -169.40 13.33 11.87
N VAL N 30 -169.68 12.80 13.05
CA VAL N 30 -169.38 11.39 13.31
C VAL N 30 -170.37 10.51 12.56
N ARG N 31 -171.66 10.83 12.66
CA ARG N 31 -172.68 10.08 11.91
C ARG N 31 -172.40 10.11 10.42
N ILE N 32 -171.93 11.25 9.90
CA ILE N 32 -171.56 11.33 8.48
C ILE N 32 -170.42 10.37 8.18
N LEU N 33 -169.34 10.44 8.96
CA LEU N 33 -168.18 9.60 8.69
C LEU N 33 -168.48 8.12 8.94
N MET N 34 -169.33 7.83 9.92
CA MET N 34 -169.70 6.44 10.20
C MET N 34 -170.67 5.91 9.16
N ALA N 35 -171.55 6.76 8.63
CA ALA N 35 -172.39 6.37 7.50
C ALA N 35 -171.55 6.11 6.26
N ASN N 36 -170.33 6.63 6.20
CA ASN N 36 -169.38 6.29 5.16
C ASN N 36 -168.49 5.11 5.54
N GLY N 37 -168.89 4.36 6.56
CA GLY N 37 -168.17 3.14 6.94
C GLY N 37 -166.78 3.35 7.52
N ALA N 38 -166.62 4.35 8.37
CA ALA N 38 -165.31 4.57 8.98
C ALA N 38 -165.04 3.53 10.06
N ASP N 39 -163.75 3.23 10.27
CA ASP N 39 -163.34 2.20 11.21
C ASP N 39 -163.61 2.69 12.63
N VAL N 40 -164.57 2.06 13.31
CA VAL N 40 -164.95 2.49 14.66
C VAL N 40 -163.79 2.34 15.63
N ASN N 41 -162.94 1.34 15.41
CA ASN N 41 -161.77 1.09 16.25
C ASN N 41 -160.48 1.46 15.53
N ALA N 42 -160.52 2.55 14.77
CA ALA N 42 -159.33 3.01 14.05
C ALA N 42 -158.32 3.61 15.03
N THR N 43 -157.09 3.11 14.98
CA THR N 43 -156.03 3.59 15.84
C THR N 43 -155.29 4.74 15.19
N ASP N 44 -154.98 5.76 15.99
CA ASP N 44 -154.15 6.87 15.51
C ASP N 44 -152.69 6.47 15.49
N ALA N 45 -151.83 7.19 16.21
CA ALA N 45 -150.41 6.86 16.25
C ALA N 45 -150.06 6.07 17.51
N SER N 46 -150.55 6.52 18.67
CA SER N 46 -150.29 5.85 19.93
C SER N 46 -151.38 4.83 20.29
N GLY N 47 -152.15 4.38 19.32
CA GLY N 47 -153.10 3.31 19.56
C GLY N 47 -154.43 3.73 20.14
N LEU N 48 -154.81 5.00 19.99
CA LEU N 48 -156.01 5.52 20.61
C LEU N 48 -157.17 5.45 19.62
N THR N 49 -158.20 4.69 19.98
CA THR N 49 -159.43 4.61 19.20
C THR N 49 -160.26 5.87 19.40
N PRO N 50 -161.26 6.11 18.55
CA PRO N 50 -162.15 7.26 18.79
C PRO N 50 -162.87 7.20 20.13
N LEU N 51 -163.17 5.99 20.62
CA LEU N 51 -163.80 5.86 21.93
C LEU N 51 -162.88 6.40 23.02
N HIS N 52 -161.57 6.15 22.90
CA HIS N 52 -160.59 6.78 23.78
C HIS N 52 -160.74 8.30 23.80
N LEU N 53 -160.74 8.91 22.60
CA LEU N 53 -160.69 10.37 22.52
C LEU N 53 -161.98 11.00 23.01
N ALA N 54 -163.14 10.44 22.65
CA ALA N 54 -164.40 10.99 23.11
C ALA N 54 -164.54 10.86 24.63
N ALA N 55 -164.06 9.75 25.20
CA ALA N 55 -164.13 9.57 26.64
C ALA N 55 -163.15 10.46 27.40
N THR N 56 -162.17 11.04 26.72
CA THR N 56 -161.24 11.95 27.38
C THR N 56 -161.82 13.36 27.48
N TYR N 57 -162.44 13.84 26.41
CA TYR N 57 -162.86 15.23 26.30
C TYR N 57 -164.35 15.42 26.54
N GLY N 58 -165.03 14.39 27.06
CA GLY N 58 -166.41 14.51 27.49
C GLY N 58 -167.42 14.80 26.40
N HIS N 59 -167.60 13.85 25.48
CA HIS N 59 -168.60 13.96 24.41
C HIS N 59 -169.50 12.73 24.53
N LEU N 60 -170.50 12.83 25.41
CA LEU N 60 -171.27 11.66 25.82
C LEU N 60 -172.02 11.03 24.65
N GLU N 61 -172.63 11.85 23.80
CA GLU N 61 -173.40 11.31 22.69
C GLU N 61 -172.51 10.58 21.68
N ILE N 62 -171.25 11.00 21.55
CA ILE N 62 -170.35 10.33 20.63
C ILE N 62 -169.88 8.99 21.19
N VAL N 63 -169.76 8.87 22.52
CA VAL N 63 -169.40 7.61 23.14
C VAL N 63 -170.50 6.58 22.91
N GLU N 64 -171.74 6.95 23.20
CA GLU N 64 -172.86 6.01 23.05
C GLU N 64 -173.12 5.67 21.59
N VAL N 65 -172.78 6.57 20.66
CA VAL N 65 -172.92 6.27 19.24
C VAL N 65 -171.91 5.20 18.83
N LEU N 66 -170.65 5.37 19.24
CA LEU N 66 -169.61 4.43 18.85
C LEU N 66 -169.79 3.07 19.52
N LEU N 67 -170.20 3.07 20.80
CA LEU N 67 -170.36 1.81 21.52
C LEU N 67 -171.42 0.93 20.89
N LYS N 68 -172.57 1.50 20.52
CA LYS N 68 -173.65 0.71 19.94
C LYS N 68 -173.38 0.30 18.50
N HIS N 69 -172.37 0.88 17.84
CA HIS N 69 -171.92 0.42 16.54
C HIS N 69 -170.81 -0.60 16.63
N GLY N 70 -170.27 -0.81 17.82
CA GLY N 70 -169.32 -1.86 18.10
C GLY N 70 -167.97 -1.26 18.31
N ALA N 71 -167.77 -0.67 19.49
CA ALA N 71 -166.50 -0.06 19.84
C ALA N 71 -165.91 -0.87 20.98
N ASP N 72 -164.63 -1.20 20.85
CA ASP N 72 -164.01 -2.06 21.85
C ASP N 72 -163.97 -1.27 23.16
N VAL N 73 -164.84 -1.65 24.09
CA VAL N 73 -164.98 -0.92 25.34
C VAL N 73 -163.73 -1.07 26.18
N ASN N 74 -163.01 -2.18 26.00
CA ASN N 74 -161.81 -2.47 26.76
C ASN N 74 -160.58 -2.47 25.86
N ALA N 75 -160.61 -1.65 24.82
CA ALA N 75 -159.45 -1.46 23.96
C ALA N 75 -158.36 -0.71 24.72
N ILE N 76 -157.13 -1.18 24.58
CA ILE N 76 -155.99 -0.51 25.15
C ILE N 76 -155.24 0.23 24.04
N ASP N 77 -154.32 1.09 24.43
CA ASP N 77 -153.48 1.82 23.49
C ASP N 77 -152.04 1.35 23.65
N ILE N 78 -151.10 2.16 23.19
CA ILE N 78 -149.69 1.81 23.29
C ILE N 78 -149.22 1.81 24.75
N MET N 79 -149.90 2.54 25.62
CA MET N 79 -149.54 2.59 27.03
C MET N 79 -150.52 1.82 27.91
N GLY N 80 -151.37 0.99 27.32
CA GLY N 80 -152.30 0.19 28.10
C GLY N 80 -153.46 0.95 28.70
N SER N 81 -153.80 2.10 28.13
CA SER N 81 -154.90 2.93 28.65
C SER N 81 -156.20 2.51 28.00
N THR N 82 -157.17 2.10 28.80
CA THR N 82 -158.52 1.89 28.34
C THR N 82 -159.30 3.20 28.36
N PRO N 83 -160.41 3.29 27.61
CA PRO N 83 -161.25 4.49 27.71
C PRO N 83 -161.77 4.76 29.11
N LEU N 84 -161.95 3.71 29.93
CA LEU N 84 -162.38 3.92 31.31
C LEU N 84 -161.28 4.59 32.13
N HIS N 85 -160.01 4.27 31.84
CA HIS N 85 -158.90 4.99 32.45
C HIS N 85 -159.02 6.50 32.19
N LEU N 86 -159.19 6.87 30.92
CA LEU N 86 -159.16 8.29 30.55
C LEU N 86 -160.39 9.02 31.05
N ALA N 87 -161.55 8.35 31.05
CA ALA N 87 -162.76 8.98 31.58
C ALA N 87 -162.65 9.22 33.08
N ALA N 88 -162.09 8.26 33.82
CA ALA N 88 -161.94 8.44 35.27
C ALA N 88 -160.84 9.43 35.62
N LEU N 89 -159.88 9.66 34.72
CA LEU N 89 -158.85 10.67 34.96
C LEU N 89 -159.43 12.08 34.85
N ILE N 90 -160.06 12.39 33.71
CA ILE N 90 -160.52 13.75 33.47
C ILE N 90 -161.74 14.06 34.33
N GLY N 91 -162.53 13.05 34.69
CA GLY N 91 -163.68 13.27 35.54
C GLY N 91 -164.97 13.43 34.77
N HIS N 92 -165.29 12.45 33.93
CA HIS N 92 -166.51 12.46 33.12
C HIS N 92 -167.44 11.39 33.67
N LEU N 93 -168.17 11.75 34.72
CA LEU N 93 -169.03 10.79 35.41
C LEU N 93 -170.10 10.22 34.49
N GLU N 94 -170.65 11.06 33.60
CA GLU N 94 -171.65 10.59 32.64
C GLU N 94 -171.11 9.47 31.77
N ILE N 95 -169.86 9.58 31.33
CA ILE N 95 -169.29 8.61 30.41
C ILE N 95 -168.87 7.35 31.15
N VAL N 96 -168.37 7.50 32.38
CA VAL N 96 -167.88 6.35 33.15
C VAL N 96 -168.97 5.29 33.29
N GLU N 97 -170.19 5.71 33.67
CA GLU N 97 -171.26 4.75 33.86
C GLU N 97 -171.76 4.17 32.54
N VAL N 98 -171.59 4.90 31.44
CA VAL N 98 -171.94 4.37 30.12
C VAL N 98 -170.97 3.25 29.74
N LEU N 99 -169.68 3.48 29.93
CA LEU N 99 -168.68 2.46 29.62
C LEU N 99 -168.88 1.22 30.47
N LEU N 100 -169.03 1.40 31.78
CA LEU N 100 -169.22 0.26 32.69
C LEU N 100 -170.47 -0.52 32.32
N LYS N 101 -171.55 0.18 31.94
CA LYS N 101 -172.77 -0.50 31.51
C LYS N 101 -172.55 -1.31 30.25
N HIS N 102 -171.62 -0.87 29.39
CA HIS N 102 -171.24 -1.62 28.19
C HIS N 102 -170.09 -2.60 28.46
N GLY N 103 -169.94 -3.04 29.70
CA GLY N 103 -168.94 -4.04 30.03
C GLY N 103 -167.51 -3.54 30.03
N ALA N 104 -167.25 -2.44 30.73
CA ALA N 104 -165.90 -1.93 30.83
C ALA N 104 -165.12 -2.67 31.91
N ASP N 105 -163.79 -2.59 31.81
CA ASP N 105 -162.91 -3.30 32.73
C ASP N 105 -162.68 -2.39 33.94
N VAL N 106 -163.31 -2.72 35.06
CA VAL N 106 -163.25 -1.86 36.24
C VAL N 106 -161.87 -1.92 36.89
N ASN N 107 -161.18 -3.06 36.76
CA ASN N 107 -159.86 -3.24 37.34
C ASN N 107 -158.80 -3.41 36.25
N ALA N 108 -158.98 -2.68 35.15
CA ALA N 108 -157.95 -2.64 34.11
C ALA N 108 -156.69 -1.98 34.64
N VAL N 109 -155.54 -2.46 34.16
CA VAL N 109 -154.25 -1.88 34.51
C VAL N 109 -153.61 -1.32 33.24
N ASP N 110 -152.79 -0.29 33.43
CA ASP N 110 -152.02 0.32 32.35
C ASP N 110 -150.53 0.20 32.64
N THR N 111 -149.71 0.68 31.70
CA THR N 111 -148.27 0.44 31.74
C THR N 111 -147.62 0.98 33.01
N TRP N 112 -148.22 1.97 33.66
CA TRP N 112 -147.69 2.50 34.91
C TRP N 112 -148.25 1.79 36.14
N GLY N 113 -149.09 0.77 35.96
CA GLY N 113 -149.63 0.00 37.06
C GLY N 113 -150.89 0.57 37.67
N ASP N 114 -151.44 1.64 37.12
CA ASP N 114 -152.61 2.28 37.68
C ASP N 114 -153.90 1.63 37.20
N THR N 115 -154.88 1.58 38.07
CA THR N 115 -156.25 1.28 37.73
C THR N 115 -157.05 2.57 37.57
N PRO N 116 -158.24 2.51 36.97
CA PRO N 116 -159.10 3.71 36.95
C PRO N 116 -159.39 4.27 38.33
N LEU N 117 -159.39 3.43 39.37
CA LEU N 117 -159.59 3.92 40.72
C LEU N 117 -158.43 4.80 41.18
N HIS N 118 -157.21 4.48 40.75
CA HIS N 118 -156.05 5.32 41.07
C HIS N 118 -156.23 6.72 40.51
N LEU N 119 -156.65 6.82 39.24
CA LEU N 119 -156.69 8.12 38.57
C LEU N 119 -157.81 8.99 39.13
N ALA N 120 -158.99 8.42 39.36
CA ALA N 120 -160.09 9.21 39.92
C ALA N 120 -159.80 9.66 41.34
N ALA N 121 -159.01 8.89 42.09
CA ALA N 121 -158.65 9.28 43.44
C ALA N 121 -157.58 10.37 43.45
N ILE N 122 -156.60 10.28 42.56
CA ILE N 122 -155.55 11.29 42.48
C ILE N 122 -156.13 12.65 42.12
N MET N 123 -157.05 12.68 41.16
CA MET N 123 -157.62 13.93 40.68
C MET N 123 -158.80 14.42 41.51
N GLY N 124 -159.14 13.73 42.59
CA GLY N 124 -160.19 14.19 43.48
C GLY N 124 -161.59 14.10 42.92
N HIS N 125 -161.85 13.14 42.03
CA HIS N 125 -163.19 12.93 41.50
C HIS N 125 -163.93 11.95 42.42
N LEU N 126 -164.32 12.48 43.59
CA LEU N 126 -164.93 11.64 44.61
C LEU N 126 -166.22 10.99 44.13
N GLU N 127 -166.98 11.68 43.29
CA GLU N 127 -168.23 11.11 42.78
C GLU N 127 -167.96 9.94 41.83
N ILE N 128 -166.86 9.98 41.08
CA ILE N 128 -166.53 8.87 40.20
C ILE N 128 -165.91 7.72 40.98
N VAL N 129 -165.14 8.03 42.03
CA VAL N 129 -164.53 7.00 42.86
C VAL N 129 -165.60 6.05 43.40
N GLU N 130 -166.70 6.62 43.90
CA GLU N 130 -167.76 5.80 44.50
C GLU N 130 -168.45 4.93 43.46
N VAL N 131 -168.60 5.42 42.23
CA VAL N 131 -169.21 4.61 41.17
C VAL N 131 -168.32 3.42 40.83
N LEU N 132 -167.03 3.67 40.62
CA LEU N 132 -166.09 2.58 40.31
C LEU N 132 -166.08 1.54 41.42
N LEU N 133 -166.05 1.98 42.69
CA LEU N 133 -166.02 1.06 43.81
C LEU N 133 -167.24 0.13 43.79
N LYS N 134 -168.43 0.67 43.52
CA LYS N 134 -169.64 -0.14 43.56
C LYS N 134 -169.74 -1.09 42.37
N HIS N 135 -168.98 -0.84 41.30
CA HIS N 135 -168.84 -1.81 40.21
C HIS N 135 -167.71 -2.80 40.45
N GLY N 136 -167.32 -3.01 41.71
CA GLY N 136 -166.29 -3.96 42.05
C GLY N 136 -164.90 -3.52 41.65
N ALA N 137 -164.49 -2.33 42.09
CA ALA N 137 -163.12 -1.90 41.90
C ALA N 137 -162.23 -2.49 42.99
N ASP N 138 -160.96 -2.72 42.63
CA ASP N 138 -160.00 -3.33 43.55
C ASP N 138 -159.40 -2.21 44.39
N VAL N 139 -159.90 -2.06 45.62
CA VAL N 139 -159.40 -1.00 46.50
C VAL N 139 -157.95 -1.26 46.90
N ASN N 140 -157.56 -2.53 46.98
CA ASN N 140 -156.20 -2.89 47.37
C ASN N 140 -155.25 -3.00 46.19
N ALA N 141 -155.67 -2.57 45.00
CA ALA N 141 -154.80 -2.63 43.83
C ALA N 141 -153.63 -1.67 43.98
N GLN N 142 -152.45 -2.12 43.54
CA GLN N 142 -151.21 -1.37 43.66
C GLN N 142 -150.71 -0.95 42.29
N ASP N 143 -149.90 0.11 42.28
CA ASP N 143 -149.27 0.60 41.07
C ASP N 143 -147.81 0.14 41.02
N LYS N 144 -147.03 0.75 40.13
CA LYS N 144 -145.61 0.39 40.01
C LYS N 144 -144.86 0.67 41.29
N PHE N 145 -145.01 1.89 41.84
CA PHE N 145 -144.31 2.25 43.06
C PHE N 145 -144.80 1.46 44.26
N GLY N 146 -145.98 0.84 44.18
CA GLY N 146 -146.51 0.04 45.24
C GLY N 146 -147.56 0.69 46.10
N LYS N 147 -148.31 1.65 45.55
CA LYS N 147 -149.25 2.44 46.32
C LYS N 147 -150.67 2.11 45.90
N THR N 148 -151.56 1.93 46.89
CA THR N 148 -152.96 1.68 46.63
C THR N 148 -153.71 3.00 46.44
N ALA N 149 -154.99 2.89 46.07
CA ALA N 149 -155.86 4.05 46.07
C ALA N 149 -156.02 4.61 47.47
N PHE N 150 -156.01 3.75 48.49
CA PHE N 150 -156.11 4.21 49.87
C PHE N 150 -154.83 4.92 50.30
N ASP N 151 -153.66 4.43 49.83
CA ASP N 151 -152.41 5.10 50.15
C ASP N 151 -152.36 6.50 49.54
N ILE N 152 -153.02 6.70 48.41
CA ILE N 152 -153.00 8.02 47.76
C ILE N 152 -153.76 9.03 48.61
N SER N 153 -154.89 8.62 49.20
CA SER N 153 -155.65 9.53 50.06
C SER N 153 -154.85 9.89 51.32
N ILE N 154 -154.12 8.91 51.87
CA ILE N 154 -153.26 9.19 53.01
C ILE N 154 -152.15 10.16 52.61
N ASP N 155 -151.53 9.93 51.45
CA ASP N 155 -150.40 10.74 51.03
C ASP N 155 -150.84 12.15 50.62
N ASN N 156 -152.07 12.29 50.13
CA ASN N 156 -152.54 13.55 49.57
C ASN N 156 -153.40 14.34 50.54
N GLY N 157 -153.58 13.87 51.77
CA GLY N 157 -154.22 14.70 52.76
C GLY N 157 -155.71 14.72 52.66
N ASN N 158 -156.28 13.92 51.78
CA ASN N 158 -157.70 13.93 51.48
C ASN N 158 -158.38 12.93 52.41
N GLU N 159 -159.04 13.43 53.45
CA GLU N 159 -159.81 12.57 54.34
C GLU N 159 -161.24 12.42 53.86
N ASP N 160 -161.72 13.35 53.04
CA ASP N 160 -162.99 13.15 52.35
C ASP N 160 -162.93 11.94 51.44
N LEU N 161 -161.75 11.65 50.89
CA LEU N 161 -161.54 10.49 50.04
C LEU N 161 -161.22 9.23 50.83
N ALA N 162 -160.48 9.37 51.94
CA ALA N 162 -160.17 8.23 52.79
C ALA N 162 -161.44 7.58 53.33
N GLU N 163 -162.41 8.41 53.75
CA GLU N 163 -163.67 7.86 54.24
C GLU N 163 -164.47 7.23 53.12
N ILE N 164 -164.42 7.81 51.92
CA ILE N 164 -165.17 7.27 50.79
C ILE N 164 -164.55 5.98 50.26
N LEU N 165 -163.29 5.70 50.61
CA LEU N 165 -162.62 4.49 50.14
C LEU N 165 -162.83 3.30 51.06
N GLN N 166 -163.13 3.54 52.33
CA GLN N 166 -163.40 2.47 53.28
C GLN N 166 -164.88 2.18 53.45
N LYS N 167 -165.74 2.91 52.75
CA LYS N 167 -167.18 2.69 52.81
C LYS N 167 -167.55 1.31 52.26
N ARG O 2 47.59 -37.54 -64.11
CA ARG O 2 46.31 -37.75 -64.80
C ARG O 2 45.16 -37.13 -64.03
N GLU O 3 45.16 -37.30 -62.71
CA GLU O 3 44.00 -37.03 -61.89
C GLU O 3 44.09 -35.65 -61.23
N CYS O 4 42.93 -35.16 -60.78
CA CYS O 4 42.80 -33.84 -60.17
C CYS O 4 41.83 -33.94 -59.01
N ILE O 5 42.20 -33.36 -57.87
CA ILE O 5 41.42 -33.43 -56.64
C ILE O 5 40.76 -32.07 -56.40
N SER O 6 39.46 -32.09 -56.08
CA SER O 6 38.72 -30.89 -55.76
C SER O 6 38.52 -30.80 -54.24
N ILE O 7 38.59 -29.57 -53.72
CA ILE O 7 38.42 -29.31 -52.30
C ILE O 7 37.42 -28.17 -52.13
N HIS O 8 36.53 -28.30 -51.14
CA HIS O 8 35.45 -27.34 -50.93
C HIS O 8 35.47 -26.91 -49.47
N VAL O 9 35.64 -25.61 -49.23
CA VAL O 9 35.85 -25.07 -47.89
C VAL O 9 34.77 -24.04 -47.63
N GLY O 10 34.15 -24.13 -46.45
CA GLY O 10 33.07 -23.24 -46.10
C GLY O 10 31.79 -23.49 -46.87
N GLN O 11 30.69 -22.91 -46.39
CA GLN O 11 29.39 -23.07 -47.06
C GLN O 11 29.48 -22.73 -48.55
N ALA O 12 30.17 -21.65 -48.90
CA ALA O 12 30.31 -21.24 -50.29
C ALA O 12 30.90 -22.36 -51.13
N GLY O 13 32.09 -22.82 -50.76
CA GLY O 13 32.69 -23.95 -51.45
C GLY O 13 31.78 -25.17 -51.52
N VAL O 14 31.23 -25.56 -50.38
CA VAL O 14 30.43 -26.79 -50.31
C VAL O 14 29.18 -26.67 -51.17
N GLN O 15 28.47 -25.54 -51.09
CA GLN O 15 27.21 -25.42 -51.81
C GLN O 15 27.41 -25.17 -53.30
N ILE O 16 28.48 -24.46 -53.68
CA ILE O 16 28.85 -24.39 -55.08
C ILE O 16 29.36 -25.74 -55.57
N GLY O 17 30.06 -26.47 -54.69
CA GLY O 17 30.47 -27.82 -55.04
C GLY O 17 29.31 -28.71 -55.44
N ASN O 18 28.24 -28.70 -54.64
CA ASN O 18 27.03 -29.45 -54.99
C ASN O 18 26.55 -29.09 -56.39
N ALA O 19 26.48 -27.79 -56.69
CA ALA O 19 26.00 -27.35 -58.00
C ALA O 19 26.91 -27.83 -59.13
N CYS O 20 28.22 -27.90 -58.88
CA CYS O 20 29.14 -28.31 -59.92
C CYS O 20 29.13 -29.82 -60.12
N TRP O 21 29.13 -30.60 -59.03
CA TRP O 21 29.12 -32.05 -59.16
C TRP O 21 27.76 -32.56 -59.60
N GLU O 22 26.69 -31.82 -59.28
CA GLU O 22 25.41 -32.06 -59.94
C GLU O 22 25.55 -31.90 -61.45
N LEU O 23 26.21 -30.83 -61.88
CA LEU O 23 26.36 -30.53 -63.30
C LEU O 23 27.40 -31.43 -63.97
N TYR O 24 28.43 -31.84 -63.24
CA TYR O 24 29.39 -32.79 -63.81
C TYR O 24 28.74 -34.14 -64.08
N CYS O 25 27.85 -34.58 -63.19
CA CYS O 25 27.23 -35.90 -63.36
C CYS O 25 26.22 -35.90 -64.50
N LEU O 26 25.61 -34.75 -64.79
CA LEU O 26 24.73 -34.66 -65.96
C LEU O 26 25.54 -34.63 -67.25
N GLU O 27 26.68 -33.92 -67.24
CA GLU O 27 27.52 -33.87 -68.44
C GLU O 27 28.18 -35.21 -68.73
N HIS O 28 28.39 -36.04 -67.71
CA HIS O 28 29.03 -37.35 -67.89
C HIS O 28 28.04 -38.50 -67.79
N GLY O 29 26.74 -38.22 -67.79
CA GLY O 29 25.73 -39.26 -67.70
C GLY O 29 25.86 -40.17 -66.48
N ILE O 30 26.37 -39.64 -65.38
CA ILE O 30 26.52 -40.40 -64.15
C ILE O 30 25.28 -40.22 -63.29
N GLN O 31 24.85 -41.29 -62.62
CA GLN O 31 23.63 -41.35 -61.86
C GLN O 31 23.84 -40.81 -60.45
N PRO O 32 22.78 -40.39 -59.76
CA PRO O 32 22.93 -39.97 -58.36
C PRO O 32 23.46 -41.06 -57.46
N ASP O 33 23.11 -42.32 -57.73
CA ASP O 33 23.62 -43.45 -56.96
C ASP O 33 25.05 -43.82 -57.34
N GLY O 34 25.62 -43.19 -58.37
CA GLY O 34 26.99 -43.44 -58.77
C GLY O 34 27.15 -44.28 -60.02
N GLN O 35 26.09 -44.94 -60.47
CA GLN O 35 26.19 -45.84 -61.62
C GLN O 35 26.31 -45.05 -62.91
N MET O 36 26.55 -45.79 -64.00
CA MET O 36 26.74 -45.20 -65.32
C MET O 36 26.50 -46.26 -66.40
N PRO O 37 25.53 -46.04 -67.30
CA PRO O 37 25.29 -47.01 -68.36
C PRO O 37 26.20 -46.83 -69.56
N SER O 38 27.29 -46.08 -69.36
CA SER O 38 28.16 -45.68 -70.47
C SER O 38 29.62 -45.83 -70.09
N ASP O 47 40.03 -43.18 -69.55
CA ASP O 47 39.14 -42.25 -70.21
C ASP O 47 39.46 -40.81 -69.82
N SER O 48 38.88 -39.85 -70.55
CA SER O 48 39.14 -38.45 -70.28
C SER O 48 38.42 -37.96 -69.03
N PHE O 49 37.26 -38.52 -68.72
CA PHE O 49 36.46 -38.06 -67.59
C PHE O 49 36.95 -38.58 -66.25
N ASN O 50 37.77 -39.63 -66.25
CA ASN O 50 38.31 -40.17 -65.02
C ASN O 50 39.43 -39.32 -64.43
N THR O 51 39.71 -38.16 -65.04
CA THR O 51 40.54 -37.16 -64.38
C THR O 51 39.90 -36.71 -63.08
N PHE O 52 38.57 -36.70 -63.02
CA PHE O 52 37.82 -36.21 -61.87
C PHE O 52 37.21 -37.31 -61.02
N PHE O 53 36.85 -38.44 -61.61
CA PHE O 53 36.19 -39.53 -60.91
C PHE O 53 37.09 -40.75 -60.82
N SER O 54 36.92 -41.51 -59.74
CA SER O 54 37.52 -42.82 -59.59
C SER O 54 36.44 -43.89 -59.79
N GLU O 55 36.83 -45.16 -59.64
CA GLU O 55 35.93 -46.26 -59.93
C GLU O 55 36.01 -47.33 -58.85
N THR O 56 34.84 -47.82 -58.45
CA THR O 56 34.73 -48.97 -57.56
C THR O 56 34.76 -50.26 -58.37
N GLY O 57 35.09 -51.36 -57.69
CA GLY O 57 34.99 -52.67 -58.32
C GLY O 57 33.60 -53.03 -58.77
N ALA O 58 32.58 -52.43 -58.15
CA ALA O 58 31.18 -52.71 -58.49
C ALA O 58 30.62 -51.74 -59.53
N GLY O 59 31.46 -51.18 -60.39
CA GLY O 59 30.99 -50.31 -61.45
C GLY O 59 30.47 -48.97 -61.00
N LYS O 60 30.91 -48.47 -59.85
CA LYS O 60 30.46 -47.21 -59.29
C LYS O 60 31.55 -46.15 -59.45
N HIS O 61 31.14 -44.93 -59.79
CA HIS O 61 32.06 -43.84 -60.10
C HIS O 61 32.00 -42.81 -58.99
N VAL O 62 33.09 -42.68 -58.25
CA VAL O 62 33.15 -41.81 -57.07
C VAL O 62 33.97 -40.57 -57.37
N PRO O 63 33.50 -39.38 -56.99
CA PRO O 63 34.31 -38.16 -57.21
C PRO O 63 35.59 -38.16 -56.40
N ARG O 64 36.59 -37.46 -56.92
CA ARG O 64 37.85 -37.22 -56.21
C ARG O 64 37.78 -35.88 -55.51
N ALA O 65 36.99 -35.84 -54.44
CA ALA O 65 36.63 -34.57 -53.81
C ALA O 65 36.61 -34.71 -52.29
N VAL O 66 36.93 -33.60 -51.62
CA VAL O 66 36.83 -33.48 -50.17
C VAL O 66 35.95 -32.28 -49.85
N PHE O 67 35.03 -32.46 -48.90
CA PHE O 67 34.16 -31.38 -48.43
C PHE O 67 34.53 -31.06 -46.99
N VAL O 68 34.74 -29.77 -46.71
CA VAL O 68 35.17 -29.32 -45.39
C VAL O 68 34.32 -28.13 -44.96
N ASP O 69 33.87 -28.16 -43.71
CA ASP O 69 33.17 -27.04 -43.08
C ASP O 69 33.35 -27.18 -41.58
N LEU O 70 33.54 -26.05 -40.90
CA LEU O 70 33.76 -26.08 -39.46
C LEU O 70 32.43 -26.17 -38.71
N GLU O 71 31.43 -26.76 -39.36
CA GLU O 71 30.05 -26.74 -38.86
C GLU O 71 29.21 -27.71 -39.69
N PRO O 72 28.41 -28.56 -39.04
CA PRO O 72 27.76 -29.65 -39.79
C PRO O 72 26.71 -29.18 -40.79
N THR O 73 25.89 -28.19 -40.43
CA THR O 73 24.62 -27.90 -41.09
C THR O 73 24.64 -28.06 -42.61
N VAL O 74 25.63 -27.47 -43.28
CA VAL O 74 25.64 -27.47 -44.74
C VAL O 74 25.99 -28.85 -45.28
N ILE O 75 27.05 -29.46 -44.73
CA ILE O 75 27.48 -30.76 -45.22
C ILE O 75 26.54 -31.88 -44.76
N ASP O 76 25.81 -31.68 -43.67
CA ASP O 76 24.79 -32.65 -43.26
C ASP O 76 23.74 -32.84 -44.35
N GLU O 77 23.41 -31.76 -45.07
CA GLU O 77 22.45 -31.86 -46.16
C GLU O 77 23.01 -32.65 -47.34
N VAL O 78 24.33 -32.71 -47.49
CA VAL O 78 24.92 -33.53 -48.55
C VAL O 78 24.65 -35.01 -48.29
N ARG O 79 24.93 -35.47 -47.08
CA ARG O 79 24.75 -36.88 -46.73
C ARG O 79 23.30 -37.23 -46.43
N THR O 80 22.37 -36.28 -46.61
CA THR O 80 20.94 -36.55 -46.58
C THR O 80 20.27 -35.99 -47.83
N GLY O 81 21.05 -35.65 -48.84
CA GLY O 81 20.54 -35.04 -50.06
C GLY O 81 20.39 -36.02 -51.20
N THR O 82 20.11 -35.45 -52.39
CA THR O 82 19.98 -36.23 -53.60
C THR O 82 21.21 -37.09 -53.87
N TYR O 83 22.40 -36.54 -53.65
CA TYR O 83 23.67 -37.21 -53.93
C TYR O 83 24.34 -37.71 -52.66
N ARG O 84 23.56 -38.26 -51.72
CA ARG O 84 24.16 -38.80 -50.50
C ARG O 84 24.96 -40.06 -50.80
N GLN O 85 24.54 -40.85 -51.79
CA GLN O 85 25.22 -42.09 -52.14
C GLN O 85 26.47 -41.86 -52.97
N LEU O 86 26.60 -40.69 -53.60
CA LEU O 86 27.71 -40.46 -54.52
C LEU O 86 29.04 -40.38 -53.78
N PHE O 87 29.08 -39.72 -52.64
CA PHE O 87 30.32 -39.52 -51.89
C PHE O 87 30.51 -40.60 -50.85
N HIS O 88 31.76 -41.00 -50.64
CA HIS O 88 32.09 -41.80 -49.48
C HIS O 88 31.99 -40.96 -48.22
N PRO O 89 31.43 -41.50 -47.13
CA PRO O 89 31.24 -40.68 -45.92
C PRO O 89 32.54 -40.14 -45.35
N GLU O 90 33.67 -40.80 -45.57
CA GLU O 90 34.95 -40.29 -45.09
C GLU O 90 35.39 -39.04 -45.83
N GLN O 91 34.76 -38.72 -46.97
CA GLN O 91 35.12 -37.52 -47.71
C GLN O 91 34.46 -36.28 -47.13
N LEU O 92 33.33 -36.43 -46.45
CA LEU O 92 32.59 -35.30 -45.89
C LEU O 92 33.02 -35.10 -44.44
N ILE O 93 33.76 -34.01 -44.19
CA ILE O 93 34.34 -33.72 -42.89
C ILE O 93 33.68 -32.47 -42.33
N THR O 94 33.26 -32.53 -41.07
CA THR O 94 32.66 -31.39 -40.38
C THR O 94 33.19 -31.29 -38.97
N GLY O 95 33.38 -30.05 -38.51
CA GLY O 95 33.60 -29.74 -37.11
C GLY O 95 32.31 -29.43 -36.40
N LYS O 96 32.41 -28.64 -35.32
CA LYS O 96 31.21 -28.29 -34.58
C LYS O 96 31.06 -26.77 -34.44
N GLU O 97 32.12 -26.10 -33.98
CA GLU O 97 32.10 -24.64 -33.86
C GLU O 97 32.64 -24.02 -35.14
N ASP O 98 31.84 -23.15 -35.76
CA ASP O 98 32.24 -22.48 -36.99
C ASP O 98 33.24 -21.37 -36.68
N ALA O 99 33.73 -20.71 -37.73
CA ALA O 99 34.73 -19.66 -37.59
C ALA O 99 34.11 -18.31 -37.28
N ALA O 100 32.79 -18.17 -37.44
CA ALA O 100 32.07 -16.93 -37.12
C ALA O 100 32.64 -15.74 -37.87
N ASN O 101 32.72 -15.87 -39.20
CA ASN O 101 33.13 -14.79 -40.09
C ASN O 101 34.46 -14.15 -39.66
N ASN O 102 35.34 -14.96 -39.07
CA ASN O 102 36.61 -14.47 -38.53
C ASN O 102 37.74 -15.28 -39.15
N TYR O 103 38.57 -14.62 -39.95
CA TYR O 103 39.72 -15.28 -40.55
C TYR O 103 40.62 -15.91 -39.49
N ALA O 104 40.78 -15.23 -38.35
CA ALA O 104 41.62 -15.75 -37.28
C ALA O 104 41.14 -17.13 -36.81
N ARG O 105 39.84 -17.28 -36.58
CA ARG O 105 39.33 -18.56 -36.12
C ARG O 105 39.47 -19.65 -37.18
N GLY O 106 39.21 -19.30 -38.45
CA GLY O 106 39.41 -20.27 -39.52
C GLY O 106 40.85 -20.70 -39.67
N HIS O 107 41.78 -19.76 -39.48
CA HIS O 107 43.19 -20.01 -39.72
C HIS O 107 43.93 -20.50 -38.47
N TYR O 108 43.68 -19.86 -37.32
CA TYR O 108 44.48 -20.12 -36.12
C TYR O 108 43.74 -20.97 -35.09
N THR O 109 42.61 -20.48 -34.57
CA THR O 109 42.01 -21.06 -33.38
C THR O 109 41.26 -22.36 -33.69
N ILE O 110 40.29 -22.30 -34.59
CA ILE O 110 39.48 -23.48 -34.90
C ILE O 110 40.13 -24.33 -35.97
N GLY O 111 40.77 -23.69 -36.96
CA GLY O 111 41.32 -24.43 -38.09
C GLY O 111 42.38 -25.45 -37.70
N LYS O 112 43.18 -25.14 -36.68
CA LYS O 112 44.24 -26.07 -36.28
C LYS O 112 43.69 -27.33 -35.64
N GLU O 113 42.44 -27.31 -35.15
CA GLU O 113 41.86 -28.48 -34.51
C GLU O 113 41.46 -29.56 -35.50
N ILE O 114 41.36 -29.22 -36.79
CA ILE O 114 40.79 -30.15 -37.76
C ILE O 114 41.68 -30.26 -39.00
N ILE O 115 42.69 -29.38 -39.09
CA ILE O 115 43.54 -29.34 -40.28
C ILE O 115 44.21 -30.69 -40.53
N ASP O 116 44.60 -31.38 -39.45
CA ASP O 116 45.32 -32.64 -39.63
C ASP O 116 44.39 -33.74 -40.12
N LEU O 117 43.17 -33.80 -39.57
CA LEU O 117 42.18 -34.74 -40.08
C LEU O 117 41.89 -34.48 -41.55
N VAL O 118 41.85 -33.21 -41.95
CA VAL O 118 41.55 -32.87 -43.34
C VAL O 118 42.69 -33.30 -44.26
N LEU O 119 43.93 -32.96 -43.88
CA LEU O 119 45.08 -33.38 -44.67
C LEU O 119 45.19 -34.90 -44.76
N ASP O 120 44.80 -35.61 -43.70
CA ASP O 120 44.86 -37.07 -43.73
C ASP O 120 43.89 -37.65 -44.73
N ARG O 121 42.65 -37.14 -44.76
CA ARG O 121 41.66 -37.63 -45.70
C ARG O 121 42.00 -37.26 -47.14
N ILE O 122 42.80 -36.20 -47.34
CA ILE O 122 43.29 -35.87 -48.67
C ILE O 122 44.32 -36.90 -49.12
N ARG O 123 45.18 -37.35 -48.19
CA ARG O 123 46.17 -38.38 -48.51
C ARG O 123 45.51 -39.67 -48.98
N LYS O 124 44.33 -40.00 -48.45
CA LYS O 124 43.66 -41.23 -48.86
C LYS O 124 43.19 -41.15 -50.31
N LEU O 125 42.79 -39.96 -50.77
CA LEU O 125 42.43 -39.79 -52.18
C LEU O 125 43.66 -39.68 -53.06
N ALA O 126 44.75 -39.08 -52.55
CA ALA O 126 45.98 -38.98 -53.33
C ALA O 126 46.69 -40.33 -53.43
N ASP O 127 46.49 -41.22 -52.44
CA ASP O 127 47.09 -42.54 -52.51
C ASP O 127 46.42 -43.42 -53.56
N GLN O 128 45.13 -43.19 -53.82
CA GLN O 128 44.44 -43.91 -54.88
C GLN O 128 44.89 -43.45 -56.26
N CYS O 129 45.50 -42.28 -56.37
CA CYS O 129 45.88 -41.70 -57.65
C CYS O 129 47.32 -42.04 -57.99
N THR O 130 47.61 -42.15 -59.28
CA THR O 130 48.93 -42.53 -59.76
C THR O 130 49.76 -41.30 -60.17
N GLY O 131 49.25 -40.50 -61.09
CA GLY O 131 49.95 -39.30 -61.53
C GLY O 131 49.18 -38.04 -61.19
N LEU O 132 49.10 -37.72 -59.90
CA LEU O 132 48.28 -36.61 -59.44
C LEU O 132 48.80 -35.29 -59.98
N GLN O 133 47.88 -34.45 -60.47
CA GLN O 133 48.23 -33.17 -61.07
C GLN O 133 48.29 -32.04 -60.04
N GLY O 134 47.29 -31.96 -59.18
CA GLY O 134 47.15 -30.80 -58.31
C GLY O 134 45.76 -30.74 -57.70
N PHE O 135 45.39 -29.53 -57.28
CA PHE O 135 44.19 -29.33 -56.47
C PHE O 135 43.36 -28.18 -57.00
N SER O 136 42.04 -28.37 -57.00
CA SER O 136 41.09 -27.29 -57.21
C SER O 136 40.46 -26.93 -55.86
N VAL O 137 40.36 -25.63 -55.57
CA VAL O 137 39.97 -25.14 -54.26
C VAL O 137 38.80 -24.18 -54.42
N PHE O 138 37.73 -24.42 -53.67
CA PHE O 138 36.51 -23.64 -53.73
C PHE O 138 36.21 -23.07 -52.35
N HIS O 139 36.06 -21.76 -52.25
CA HIS O 139 35.89 -21.11 -50.96
C HIS O 139 35.43 -19.68 -51.17
N SER O 140 34.80 -19.12 -50.15
CA SER O 140 34.43 -17.71 -50.12
C SER O 140 35.62 -16.84 -49.68
N PHE O 141 35.47 -15.54 -49.87
CA PHE O 141 36.40 -14.54 -49.34
C PHE O 141 35.98 -14.07 -47.94
N GLY O 142 34.75 -13.58 -47.81
CA GLY O 142 34.32 -12.97 -46.55
C GLY O 142 34.09 -13.96 -45.42
N GLY O 143 33.86 -15.22 -45.75
CA GLY O 143 33.64 -16.21 -44.70
C GLY O 143 34.86 -16.40 -43.82
N GLY O 144 34.61 -16.73 -42.56
CA GLY O 144 35.70 -17.03 -41.65
C GLY O 144 36.37 -18.33 -42.00
N THR O 145 35.58 -19.39 -42.21
CA THR O 145 36.13 -20.66 -42.69
C THR O 145 36.74 -20.49 -44.07
N GLY O 146 36.01 -19.88 -45.00
CA GLY O 146 36.50 -19.73 -46.36
C GLY O 146 37.83 -18.99 -46.45
N SER O 147 37.97 -17.92 -45.65
CA SER O 147 39.22 -17.16 -45.67
C SER O 147 40.31 -17.84 -44.84
N GLY O 148 40.01 -18.10 -43.56
CA GLY O 148 41.07 -18.55 -42.65
C GLY O 148 41.54 -19.96 -42.94
N PHE O 149 40.60 -20.93 -42.97
CA PHE O 149 41.00 -22.32 -43.08
C PHE O 149 41.63 -22.63 -44.44
N THR O 150 41.06 -22.08 -45.52
CA THR O 150 41.63 -22.29 -46.85
C THR O 150 43.09 -21.85 -46.90
N SER O 151 43.35 -20.61 -46.50
CA SER O 151 44.72 -20.10 -46.50
C SER O 151 45.65 -21.00 -45.68
N LEU O 152 45.14 -21.56 -44.59
CA LEU O 152 45.92 -22.54 -43.83
C LEU O 152 46.14 -23.81 -44.64
N LEU O 153 45.06 -24.39 -45.18
CA LEU O 153 45.18 -25.62 -45.96
C LEU O 153 46.08 -25.42 -47.17
N MET O 154 46.04 -24.24 -47.80
CA MET O 154 46.91 -23.96 -48.94
C MET O 154 48.38 -23.94 -48.53
N GLU O 155 48.67 -23.38 -47.36
CA GLU O 155 50.04 -23.42 -46.83
C GLU O 155 50.52 -24.85 -46.67
N ARG O 156 49.69 -25.71 -46.07
CA ARG O 156 50.10 -27.07 -45.77
C ARG O 156 50.13 -27.96 -47.01
N LEU O 157 49.31 -27.65 -48.02
CA LEU O 157 49.39 -28.41 -49.27
C LEU O 157 50.64 -28.04 -50.05
N SER O 158 51.13 -26.82 -49.90
CA SER O 158 52.40 -26.42 -50.49
C SER O 158 53.59 -27.11 -49.85
N VAL O 159 53.38 -27.83 -48.75
CA VAL O 159 54.43 -28.64 -48.13
C VAL O 159 54.26 -30.09 -48.53
N ASP O 160 53.12 -30.69 -48.17
CA ASP O 160 52.90 -32.12 -48.38
C ASP O 160 52.74 -32.49 -49.85
N TYR O 161 52.50 -31.52 -50.73
CA TYR O 161 52.37 -31.77 -52.16
C TYR O 161 53.02 -30.64 -52.96
N GLY O 162 54.10 -30.07 -52.43
CA GLY O 162 54.59 -28.78 -52.91
C GLY O 162 54.86 -28.71 -54.40
N LYS O 163 55.31 -29.82 -55.00
CA LYS O 163 55.75 -29.81 -56.39
C LYS O 163 54.61 -30.04 -57.37
N LYS O 164 53.46 -29.40 -57.18
CA LYS O 164 52.34 -29.55 -58.12
C LYS O 164 51.41 -28.34 -57.97
N SER O 165 50.43 -28.27 -58.86
CA SER O 165 49.63 -27.07 -59.06
C SER O 165 48.49 -26.99 -58.04
N LYS O 166 48.00 -25.77 -57.83
CA LYS O 166 46.85 -25.49 -56.99
C LYS O 166 46.09 -24.31 -57.57
N LEU O 167 44.79 -24.49 -57.81
CA LEU O 167 43.96 -23.47 -58.42
C LEU O 167 42.82 -23.06 -57.49
N GLU O 168 42.53 -21.77 -57.46
CA GLU O 168 41.51 -21.21 -56.59
C GLU O 168 40.22 -20.90 -57.36
N PHE O 169 39.10 -20.99 -56.64
CA PHE O 169 37.80 -20.51 -57.12
C PHE O 169 37.17 -19.71 -55.97
N SER O 170 37.51 -18.43 -55.92
CA SER O 170 37.11 -17.55 -54.83
C SER O 170 35.80 -16.82 -55.15
N ILE O 171 35.02 -16.57 -54.10
CA ILE O 171 33.76 -15.84 -54.21
C ILE O 171 34.00 -14.43 -53.68
N TYR O 172 34.16 -13.48 -54.59
CA TYR O 172 34.37 -12.09 -54.23
C TYR O 172 33.10 -11.53 -53.59
N PRO O 173 33.20 -10.82 -52.48
CA PRO O 173 32.00 -10.42 -51.73
C PRO O 173 31.24 -9.29 -52.38
N ALA O 174 29.96 -9.18 -51.99
CA ALA O 174 29.04 -8.21 -52.55
C ALA O 174 27.96 -7.87 -51.54
N PRO O 175 27.76 -6.59 -51.20
CA PRO O 175 26.79 -6.21 -50.17
C PRO O 175 25.38 -6.74 -50.35
N GLN O 176 25.01 -7.13 -51.57
CA GLN O 176 23.65 -7.59 -51.83
C GLN O 176 23.36 -8.95 -51.21
N VAL O 177 24.39 -9.76 -50.94
CA VAL O 177 24.20 -11.05 -50.28
C VAL O 177 25.19 -11.17 -49.12
N SER O 178 25.85 -10.07 -48.79
CA SER O 178 26.90 -10.10 -47.78
C SER O 178 26.31 -10.41 -46.41
N THR O 179 26.95 -11.32 -45.69
CA THR O 179 26.51 -11.74 -44.36
C THR O 179 27.27 -11.06 -43.23
N ALA O 180 28.36 -10.35 -43.54
CA ALA O 180 29.23 -9.82 -42.50
C ALA O 180 29.75 -8.45 -42.89
N VAL O 181 30.03 -7.63 -41.87
CA VAL O 181 30.68 -6.34 -42.09
C VAL O 181 32.17 -6.53 -42.38
N VAL O 182 32.78 -7.57 -41.81
CA VAL O 182 34.23 -7.73 -41.80
C VAL O 182 34.72 -8.49 -43.03
N GLU O 183 33.86 -8.61 -44.04
CA GLU O 183 34.24 -9.33 -45.25
C GLU O 183 35.42 -8.69 -45.99
N PRO O 184 35.56 -7.36 -46.04
CA PRO O 184 36.82 -6.79 -46.55
C PRO O 184 38.06 -7.29 -45.82
N TYR O 185 38.02 -7.32 -44.49
CA TYR O 185 39.15 -7.84 -43.72
C TYR O 185 39.50 -9.26 -44.17
N ASN O 186 38.53 -10.17 -44.12
CA ASN O 186 38.78 -11.57 -44.43
C ASN O 186 39.33 -11.75 -45.84
N SER O 187 38.81 -10.98 -46.80
CA SER O 187 39.29 -11.06 -48.17
C SER O 187 40.77 -10.70 -48.25
N ILE O 188 41.14 -9.53 -47.72
CA ILE O 188 42.54 -9.10 -47.73
C ILE O 188 43.41 -10.12 -47.02
N LEU O 189 42.95 -10.65 -45.88
CA LEU O 189 43.79 -11.52 -45.08
C LEU O 189 44.10 -12.83 -45.81
N THR O 190 43.10 -13.45 -46.43
CA THR O 190 43.36 -14.70 -47.15
C THR O 190 44.14 -14.44 -48.44
N THR O 191 43.82 -13.35 -49.15
CA THR O 191 44.52 -13.05 -50.40
C THR O 191 46.00 -12.77 -50.16
N HIS O 192 46.34 -12.25 -48.99
CA HIS O 192 47.74 -12.03 -48.64
C HIS O 192 48.46 -13.36 -48.42
N THR O 193 47.91 -14.22 -47.56
CA THR O 193 48.57 -15.47 -47.19
C THR O 193 48.42 -16.56 -48.24
N THR O 194 47.46 -16.45 -49.15
CA THR O 194 47.26 -17.43 -50.21
C THR O 194 47.88 -16.98 -51.54
N LEU O 195 48.48 -15.79 -51.58
CA LEU O 195 49.06 -15.28 -52.82
C LEU O 195 50.23 -16.13 -53.27
N GLU O 196 51.15 -16.42 -52.35
CA GLU O 196 52.34 -17.19 -52.70
C GLU O 196 52.03 -18.66 -52.96
N HIS O 197 50.94 -19.18 -52.41
CA HIS O 197 50.64 -20.61 -52.48
C HIS O 197 49.66 -20.96 -53.59
N SER O 198 49.21 -19.98 -54.36
CA SER O 198 48.26 -20.20 -55.44
C SER O 198 48.93 -19.93 -56.78
N ASP O 199 48.75 -20.84 -57.73
CA ASP O 199 49.30 -20.66 -59.07
C ASP O 199 48.36 -19.86 -59.96
N CYS O 200 47.06 -20.02 -59.80
CA CYS O 200 46.07 -19.24 -60.54
C CYS O 200 44.78 -19.23 -59.75
N ALA O 201 43.99 -18.17 -59.91
CA ALA O 201 42.82 -17.93 -59.07
C ALA O 201 41.76 -17.18 -59.86
N PHE O 202 40.59 -17.80 -60.01
CA PHE O 202 39.46 -17.19 -60.72
C PHE O 202 38.51 -16.57 -59.71
N MET O 203 38.43 -15.24 -59.70
CA MET O 203 37.50 -14.53 -58.83
C MET O 203 36.10 -14.53 -59.41
N VAL O 204 35.10 -14.54 -58.51
CA VAL O 204 33.69 -14.47 -58.89
C VAL O 204 33.05 -13.38 -58.03
N ASP O 205 32.79 -12.22 -58.63
CA ASP O 205 32.08 -11.15 -57.94
C ASP O 205 30.61 -11.51 -57.81
N ASN O 206 30.14 -11.69 -56.58
CA ASN O 206 28.73 -12.02 -56.36
C ASN O 206 27.80 -10.91 -56.83
N GLU O 207 28.30 -9.69 -57.01
CA GLU O 207 27.47 -8.61 -57.53
C GLU O 207 27.18 -8.81 -59.01
N ALA O 208 28.20 -9.14 -59.80
CA ALA O 208 28.00 -9.41 -61.22
C ALA O 208 27.05 -10.57 -61.43
N ILE O 209 27.25 -11.67 -60.69
CA ILE O 209 26.34 -12.81 -60.78
C ILE O 209 24.93 -12.40 -60.38
N TYR O 210 24.82 -11.50 -59.40
CA TYR O 210 23.52 -10.95 -59.03
C TYR O 210 22.93 -10.13 -60.17
N ASP O 211 23.71 -9.17 -60.68
CA ASP O 211 23.26 -8.34 -61.80
C ASP O 211 22.83 -9.19 -62.99
N ILE O 212 23.63 -10.20 -63.34
CA ILE O 212 23.31 -11.05 -64.47
C ILE O 212 22.00 -11.79 -64.25
N CYS O 213 21.81 -12.34 -63.04
CA CYS O 213 20.59 -13.09 -62.76
C CYS O 213 19.36 -12.20 -62.78
N ARG O 214 19.50 -10.91 -62.46
CA ARG O 214 18.36 -10.01 -62.49
C ARG O 214 18.03 -9.55 -63.90
N ARG O 215 19.03 -9.43 -64.77
CA ARG O 215 18.83 -8.92 -66.12
C ARG O 215 18.50 -10.02 -67.12
N ASN O 216 19.36 -11.03 -67.22
CA ASN O 216 19.26 -12.01 -68.29
C ASN O 216 18.49 -13.26 -67.88
N LEU O 217 18.50 -13.62 -66.59
CA LEU O 217 17.66 -14.69 -66.09
C LEU O 217 16.29 -14.20 -65.64
N ASP O 218 16.12 -12.88 -65.52
CA ASP O 218 14.84 -12.25 -65.21
C ASP O 218 14.31 -12.74 -63.86
N ILE O 219 15.07 -12.46 -62.81
CA ILE O 219 14.71 -12.81 -61.44
C ILE O 219 14.76 -11.54 -60.59
N GLU O 220 13.72 -11.34 -59.78
CA GLU O 220 13.67 -10.16 -58.93
C GLU O 220 14.72 -10.21 -57.83
N ARG O 221 14.61 -11.18 -56.92
CA ARG O 221 15.55 -11.36 -55.82
C ARG O 221 16.14 -12.76 -55.91
N PRO O 222 17.30 -12.93 -56.56
CA PRO O 222 17.90 -14.26 -56.69
C PRO O 222 18.24 -14.87 -55.34
N THR O 223 18.19 -16.20 -55.29
CA THR O 223 18.66 -16.97 -54.14
C THR O 223 20.06 -17.49 -54.40
N TYR O 224 20.61 -18.20 -53.40
CA TYR O 224 21.93 -18.79 -53.55
C TYR O 224 21.93 -19.87 -54.62
N THR O 225 20.85 -20.65 -54.72
CA THR O 225 20.73 -21.64 -55.78
C THR O 225 20.82 -20.98 -57.15
N ASN O 226 20.13 -19.86 -57.34
CA ASN O 226 20.24 -19.12 -58.60
C ASN O 226 21.68 -18.77 -58.92
N LEU O 227 22.37 -18.13 -57.97
CA LEU O 227 23.75 -17.71 -58.23
C LEU O 227 24.67 -18.92 -58.41
N ASN O 228 24.49 -19.96 -57.59
CA ASN O 228 25.37 -21.13 -57.66
C ASN O 228 25.22 -21.85 -59.00
N ARG O 229 24.00 -21.98 -59.50
CA ARG O 229 23.78 -22.65 -60.78
C ARG O 229 24.48 -21.89 -61.91
N LEU O 230 24.29 -20.57 -61.97
CA LEU O 230 25.00 -19.74 -62.94
C LEU O 230 26.51 -19.90 -62.79
N ILE O 231 27.00 -19.88 -61.55
CA ILE O 231 28.44 -20.04 -61.30
C ILE O 231 28.90 -21.42 -61.75
N GLY O 232 28.14 -22.46 -61.40
CA GLY O 232 28.50 -23.80 -61.80
C GLY O 232 28.59 -23.97 -63.30
N GLN O 233 27.73 -23.27 -64.05
CA GLN O 233 27.82 -23.27 -65.51
C GLN O 233 29.17 -22.73 -65.98
N ILE O 234 29.62 -21.62 -65.39
CA ILE O 234 30.86 -21.00 -65.82
C ILE O 234 32.07 -21.78 -65.33
N VAL O 235 31.97 -22.44 -64.16
CA VAL O 235 33.03 -23.31 -63.70
C VAL O 235 33.19 -24.51 -64.63
N SER O 236 32.07 -25.11 -65.03
CA SER O 236 32.11 -26.23 -65.97
C SER O 236 32.81 -25.85 -67.27
N SER O 237 32.57 -24.62 -67.74
CA SER O 237 33.20 -24.18 -68.99
C SER O 237 34.72 -24.12 -68.87
N ILE O 238 35.23 -23.83 -67.67
CA ILE O 238 36.67 -23.74 -67.48
C ILE O 238 37.28 -25.13 -67.31
N THR O 239 36.60 -26.02 -66.60
CA THR O 239 37.07 -27.38 -66.37
C THR O 239 36.69 -28.35 -67.48
N ALA O 240 36.00 -27.89 -68.52
CA ALA O 240 35.62 -28.76 -69.62
C ALA O 240 36.85 -29.32 -70.33
N SER O 241 37.90 -28.50 -70.47
CA SER O 241 39.11 -28.94 -71.14
C SER O 241 39.79 -30.09 -70.40
N LEU O 242 39.61 -30.16 -69.08
CA LEU O 242 40.24 -31.20 -68.27
C LEU O 242 39.41 -32.48 -68.22
N ARG O 243 38.13 -32.42 -68.53
CA ARG O 243 37.22 -33.55 -68.34
C ARG O 243 36.87 -34.27 -69.63
N PHE O 244 37.11 -33.67 -70.78
CA PHE O 244 36.77 -34.26 -72.07
C PHE O 244 37.96 -34.39 -73.00
N ASP O 245 39.16 -34.04 -72.56
CA ASP O 245 40.39 -34.06 -73.36
C ASP O 245 40.22 -33.23 -74.63
N GLY O 246 40.23 -31.92 -74.43
CA GLY O 246 40.24 -30.96 -75.52
C GLY O 246 41.64 -30.77 -76.08
N ALA O 247 41.82 -29.64 -76.77
CA ALA O 247 43.13 -29.24 -77.29
C ALA O 247 43.80 -28.19 -76.42
N LEU O 248 43.05 -27.25 -75.88
CA LEU O 248 43.57 -26.18 -75.03
C LEU O 248 43.34 -26.51 -73.56
N ASN O 249 44.29 -26.09 -72.73
CA ASN O 249 44.20 -26.20 -71.27
C ASN O 249 43.88 -27.63 -70.82
N VAL O 250 44.66 -28.59 -71.33
CA VAL O 250 44.38 -30.00 -71.06
C VAL O 250 44.87 -30.46 -69.70
N ASP O 251 45.78 -29.71 -69.06
CA ASP O 251 46.24 -30.04 -67.72
C ASP O 251 46.49 -28.75 -66.94
N LEU O 252 46.71 -28.90 -65.64
CA LEU O 252 46.70 -27.75 -64.73
C LEU O 252 47.87 -26.80 -64.98
N THR O 253 48.99 -27.30 -65.48
CA THR O 253 50.12 -26.42 -65.77
C THR O 253 49.77 -25.42 -66.86
N GLU O 254 49.00 -25.86 -67.86
CA GLU O 254 48.71 -25.00 -69.01
C GLU O 254 47.95 -23.75 -68.62
N PHE O 255 47.17 -23.79 -67.53
CA PHE O 255 46.49 -22.59 -67.05
C PHE O 255 47.50 -21.50 -66.68
N GLN O 256 48.58 -21.88 -65.98
CA GLN O 256 49.64 -20.93 -65.70
C GLN O 256 50.38 -20.56 -66.97
N THR O 257 50.58 -21.55 -67.84
CA THR O 257 51.26 -21.34 -69.12
C THR O 257 50.60 -20.24 -69.95
N ASN O 258 49.28 -20.35 -70.15
CA ASN O 258 48.60 -19.46 -71.08
C ASN O 258 48.22 -18.13 -70.44
N LEU O 259 47.84 -18.15 -69.16
CA LEU O 259 47.21 -16.99 -68.54
C LEU O 259 48.07 -16.26 -67.51
N VAL O 260 49.19 -16.83 -67.08
CA VAL O 260 49.95 -16.25 -65.98
C VAL O 260 51.36 -15.91 -66.44
N PRO O 261 51.61 -14.66 -66.89
CA PRO O 261 52.98 -14.27 -67.25
C PRO O 261 53.69 -13.53 -66.13
N TYR O 262 53.21 -13.70 -64.89
CA TYR O 262 53.76 -13.07 -63.71
C TYR O 262 53.21 -13.80 -62.49
N PRO O 263 54.07 -14.44 -61.69
CA PRO O 263 53.58 -15.24 -60.55
C PRO O 263 52.53 -14.56 -59.68
N ARG O 264 52.74 -13.29 -59.33
CA ARG O 264 51.79 -12.60 -58.46
C ARG O 264 50.48 -12.33 -59.19
N ALA O 265 50.54 -11.66 -60.34
CA ALA O 265 49.34 -11.31 -61.11
C ALA O 265 48.80 -12.55 -61.79
N HIS O 266 48.07 -13.36 -61.03
CA HIS O 266 47.51 -14.62 -61.50
C HIS O 266 46.00 -14.67 -61.30
N PHE O 267 45.32 -13.57 -61.62
CA PHE O 267 43.89 -13.42 -61.37
C PHE O 267 43.15 -13.13 -62.67
N PRO O 268 42.72 -14.15 -63.40
CA PRO O 268 42.03 -13.93 -64.68
C PRO O 268 40.61 -13.43 -64.51
N LEU O 269 40.19 -12.62 -65.48
CA LEU O 269 38.80 -12.22 -65.63
C LEU O 269 38.09 -13.22 -66.56
N ALA O 270 37.00 -13.81 -66.07
CA ALA O 270 36.21 -14.76 -66.85
C ALA O 270 34.94 -14.08 -67.36
N THR O 271 34.64 -14.28 -68.64
CA THR O 271 33.44 -13.76 -69.27
C THR O 271 32.72 -14.89 -69.98
N TYR O 272 31.41 -15.02 -69.73
CA TYR O 272 30.62 -16.14 -70.22
C TYR O 272 29.40 -15.63 -70.98
N ALA O 273 29.21 -16.15 -72.19
CA ALA O 273 28.03 -15.90 -73.00
C ALA O 273 27.65 -17.19 -73.72
N PRO O 274 26.36 -17.42 -73.97
CA PRO O 274 25.22 -16.57 -73.59
C PRO O 274 24.42 -17.12 -72.40
N VAL O 275 23.79 -16.23 -71.66
CA VAL O 275 22.96 -16.58 -70.51
C VAL O 275 21.51 -16.34 -70.91
N ILE O 276 20.82 -17.40 -71.32
CA ILE O 276 19.50 -17.32 -71.92
C ILE O 276 18.46 -17.83 -70.92
N SER O 277 17.45 -17.00 -70.66
CA SER O 277 16.36 -17.41 -69.79
C SER O 277 15.55 -18.53 -70.44
N ALA O 278 14.92 -19.34 -69.60
CA ALA O 278 14.10 -20.46 -70.07
C ALA O 278 12.62 -20.06 -70.12
N GLU O 279 12.36 -19.00 -70.89
CA GLU O 279 11.00 -18.46 -71.05
C GLU O 279 10.95 -17.43 -72.16
N GLN O 285 18.28 -19.31 -81.44
CA GLN O 285 19.65 -19.39 -80.95
C GLN O 285 20.51 -18.27 -81.54
N LEU O 286 21.58 -17.92 -80.83
CA LEU O 286 22.49 -16.88 -81.27
C LEU O 286 23.56 -17.44 -82.19
N SER O 287 24.36 -16.56 -82.76
CA SER O 287 25.43 -16.93 -83.68
C SER O 287 26.77 -17.02 -82.94
N VAL O 288 27.78 -17.52 -83.65
CA VAL O 288 29.14 -17.54 -83.11
C VAL O 288 29.68 -16.13 -82.97
N ALA O 289 29.39 -15.26 -83.95
CA ALA O 289 29.86 -13.89 -83.90
C ALA O 289 29.18 -13.11 -82.77
N GLU O 290 27.88 -13.32 -82.57
CA GLU O 290 27.15 -12.56 -81.55
C GLU O 290 27.67 -12.88 -80.15
N ILE O 291 27.93 -14.15 -79.86
CA ILE O 291 28.39 -14.53 -78.53
C ILE O 291 29.82 -14.07 -78.29
N THR O 292 30.64 -13.98 -79.34
CA THR O 292 32.02 -13.56 -79.16
C THR O 292 32.10 -12.05 -78.91
N ASN O 293 31.18 -11.28 -79.47
CA ASN O 293 31.10 -9.86 -79.13
C ASN O 293 30.67 -9.65 -77.68
N ALA O 294 29.82 -10.54 -77.16
CA ALA O 294 29.38 -10.44 -75.78
C ALA O 294 30.49 -10.73 -74.78
N CYS O 295 31.59 -11.37 -75.22
CA CYS O 295 32.72 -11.59 -74.34
C CYS O 295 33.47 -10.30 -74.04
N PHE O 296 33.31 -9.27 -74.87
CA PHE O 296 33.90 -7.96 -74.63
C PHE O 296 32.86 -6.93 -74.19
N GLU O 297 31.72 -7.40 -73.70
CA GLU O 297 30.72 -6.54 -73.08
C GLU O 297 30.83 -6.68 -71.56
N PRO O 298 31.05 -5.59 -70.83
CA PRO O 298 31.22 -5.72 -69.37
C PRO O 298 30.03 -6.34 -68.66
N ALA O 299 28.83 -6.22 -69.21
CA ALA O 299 27.63 -6.70 -68.54
C ALA O 299 27.67 -8.20 -68.27
N ASN O 300 28.47 -8.96 -69.02
CA ASN O 300 28.52 -10.41 -68.87
C ASN O 300 29.78 -10.90 -68.18
N GLN O 301 30.53 -10.01 -67.54
CA GLN O 301 31.72 -10.41 -66.80
C GLN O 301 31.32 -10.98 -65.44
N MET O 302 32.23 -11.78 -64.88
CA MET O 302 32.06 -12.29 -63.53
C MET O 302 32.64 -11.36 -62.46
N VAL O 303 33.53 -10.46 -62.85
CA VAL O 303 34.08 -9.45 -61.94
C VAL O 303 33.80 -8.08 -62.56
N LYS O 304 33.22 -7.19 -61.76
CA LYS O 304 32.78 -5.89 -62.26
C LYS O 304 33.97 -4.96 -62.40
N CYS O 305 34.38 -4.71 -63.65
CA CYS O 305 35.41 -3.73 -63.97
C CYS O 305 35.25 -3.34 -65.43
N ASP O 306 36.15 -2.49 -65.91
CA ASP O 306 36.13 -2.01 -67.29
C ASP O 306 37.44 -2.34 -67.98
N PRO O 307 37.51 -3.45 -68.74
CA PRO O 307 38.78 -3.79 -69.42
C PRO O 307 39.27 -2.73 -70.38
N ARG O 308 38.39 -1.84 -70.85
CA ARG O 308 38.83 -0.74 -71.71
C ARG O 308 39.83 0.17 -71.01
N HIS O 309 39.82 0.20 -69.68
CA HIS O 309 40.76 0.99 -68.89
C HIS O 309 42.02 0.22 -68.54
N GLY O 310 42.31 -0.89 -69.24
CA GLY O 310 43.43 -1.73 -68.86
C GLY O 310 44.01 -2.46 -70.05
N LYS O 311 45.19 -3.04 -69.82
CA LYS O 311 45.94 -3.76 -70.85
C LYS O 311 45.82 -5.26 -70.65
N TYR O 312 45.70 -6.00 -71.75
CA TYR O 312 45.58 -7.45 -71.72
C TYR O 312 46.96 -8.10 -71.67
N MET O 313 47.14 -9.01 -70.72
CA MET O 313 48.35 -9.83 -70.68
C MET O 313 48.19 -11.15 -71.42
N ALA O 314 46.97 -11.69 -71.50
CA ALA O 314 46.69 -12.91 -72.23
C ALA O 314 45.18 -12.99 -72.43
N CYS O 315 44.75 -13.93 -73.27
CA CYS O 315 43.34 -14.06 -73.60
C CYS O 315 43.08 -15.40 -74.27
N CYS O 316 42.21 -16.21 -73.66
CA CYS O 316 41.80 -17.50 -74.21
C CYS O 316 40.29 -17.51 -74.45
N LEU O 317 39.87 -18.26 -75.47
CA LEU O 317 38.46 -18.46 -75.79
C LEU O 317 38.17 -19.95 -75.78
N LEU O 318 37.23 -20.37 -74.93
CA LEU O 318 36.84 -21.78 -74.82
C LEU O 318 35.41 -21.93 -75.34
N TYR O 319 35.28 -22.23 -76.63
CA TYR O 319 33.97 -22.49 -77.21
C TYR O 319 33.55 -23.93 -76.93
N ARG O 320 32.24 -24.14 -76.85
CA ARG O 320 31.72 -25.50 -76.75
C ARG O 320 30.34 -25.58 -77.39
N GLY O 321 30.16 -26.55 -78.29
CA GLY O 321 28.88 -26.77 -78.91
C GLY O 321 28.92 -26.80 -80.43
N ASP O 322 27.82 -26.37 -81.05
CA ASP O 322 27.74 -26.29 -82.51
C ASP O 322 28.52 -25.09 -83.00
N VAL O 323 29.82 -25.28 -83.26
CA VAL O 323 30.73 -24.20 -83.62
C VAL O 323 31.54 -24.60 -84.84
N VAL O 324 31.60 -23.70 -85.81
CA VAL O 324 32.43 -23.88 -87.01
C VAL O 324 33.74 -23.14 -86.78
N PRO O 325 34.89 -23.83 -86.84
CA PRO O 325 36.17 -23.13 -86.60
C PRO O 325 36.39 -21.91 -87.47
N LYS O 326 35.77 -21.83 -88.66
CA LYS O 326 35.94 -20.64 -89.48
C LYS O 326 35.11 -19.47 -88.96
N ASP O 327 33.92 -19.75 -88.42
CA ASP O 327 33.14 -18.71 -87.77
C ASP O 327 33.92 -18.04 -86.65
N VAL O 328 34.70 -18.83 -85.90
CA VAL O 328 35.52 -18.29 -84.83
C VAL O 328 36.53 -17.29 -85.39
N ASN O 329 37.26 -17.69 -86.43
CA ASN O 329 38.29 -16.83 -87.01
C ASN O 329 37.69 -15.55 -87.58
N ALA O 330 36.49 -15.63 -88.14
CA ALA O 330 35.80 -14.42 -88.59
C ALA O 330 35.45 -13.51 -87.42
N ALA O 331 34.83 -14.08 -86.38
CA ALA O 331 34.47 -13.29 -85.21
C ALA O 331 35.71 -12.72 -84.52
N ILE O 332 36.84 -13.43 -84.57
CA ILE O 332 38.08 -12.90 -84.01
C ILE O 332 38.56 -11.69 -84.82
N ALA O 333 38.64 -11.84 -86.14
CA ALA O 333 39.09 -10.75 -86.99
C ALA O 333 38.18 -9.53 -86.88
N THR O 334 36.87 -9.77 -86.76
CA THR O 334 35.92 -8.67 -86.53
C THR O 334 36.31 -7.87 -85.29
N ILE O 335 36.53 -8.55 -84.16
CA ILE O 335 36.83 -7.85 -82.92
C ILE O 335 38.24 -7.29 -82.93
N LYS O 336 39.19 -7.99 -83.56
CA LYS O 336 40.55 -7.49 -83.63
C LYS O 336 40.66 -6.28 -84.54
N THR O 337 39.73 -6.11 -85.47
CA THR O 337 39.70 -4.95 -86.36
C THR O 337 38.71 -3.88 -85.94
N LYS O 338 37.51 -4.28 -85.51
CA LYS O 338 36.43 -3.33 -85.24
C LYS O 338 36.31 -2.94 -83.77
N ARG O 339 37.22 -3.44 -82.92
CA ARG O 339 37.41 -2.90 -81.58
C ARG O 339 38.89 -2.70 -81.34
N THR O 340 39.21 -1.89 -80.32
CA THR O 340 40.60 -1.54 -80.00
C THR O 340 40.95 -2.18 -78.65
N ILE O 341 41.24 -3.48 -78.69
CA ILE O 341 41.66 -4.22 -77.50
C ILE O 341 43.15 -3.98 -77.34
N GLN O 342 43.53 -3.13 -76.38
CA GLN O 342 44.93 -2.82 -76.15
C GLN O 342 45.64 -3.97 -75.45
N PHE O 343 46.79 -4.36 -75.99
CA PHE O 343 47.64 -5.37 -75.39
C PHE O 343 48.93 -4.73 -74.87
N VAL O 344 49.62 -5.46 -74.01
CA VAL O 344 50.98 -5.06 -73.62
C VAL O 344 51.95 -5.47 -74.72
N ASP O 345 53.05 -4.72 -74.84
CA ASP O 345 53.97 -4.94 -75.95
C ASP O 345 54.76 -6.24 -75.81
N TRP O 346 54.95 -6.75 -74.59
CA TRP O 346 55.72 -7.96 -74.36
C TRP O 346 54.85 -9.20 -74.28
N CYS O 347 53.72 -9.20 -74.97
CA CYS O 347 52.82 -10.35 -75.00
C CYS O 347 52.61 -10.86 -76.42
N PRO O 348 52.41 -12.18 -76.59
CA PRO O 348 51.89 -12.68 -77.88
C PRO O 348 50.54 -12.06 -78.18
N THR O 349 50.48 -11.17 -79.16
CA THR O 349 49.24 -10.49 -79.55
C THR O 349 48.16 -11.45 -80.15
N GLY O 350 48.33 -12.77 -80.15
CA GLY O 350 47.34 -13.68 -80.70
C GLY O 350 46.44 -14.33 -79.66
N PHE O 351 45.15 -14.39 -79.97
CA PHE O 351 44.15 -14.99 -79.09
C PHE O 351 44.18 -16.51 -79.20
N LYS O 352 44.39 -17.20 -78.09
CA LYS O 352 44.33 -18.66 -78.06
C LYS O 352 42.87 -19.13 -78.03
N VAL O 353 42.62 -20.28 -78.66
CA VAL O 353 41.26 -20.79 -78.84
C VAL O 353 41.24 -22.31 -78.63
N GLY O 354 40.12 -22.81 -78.11
CA GLY O 354 39.85 -24.24 -78.07
C GLY O 354 38.36 -24.49 -78.16
N ILE O 355 38.00 -25.66 -78.68
CA ILE O 355 36.60 -26.01 -78.95
C ILE O 355 36.31 -27.41 -78.43
N ASN O 356 35.09 -27.61 -77.92
CA ASN O 356 34.61 -28.92 -77.47
C ASN O 356 33.17 -29.06 -77.94
N TYR O 357 32.93 -29.97 -78.89
CA TYR O 357 31.67 -30.00 -79.64
C TYR O 357 30.48 -30.48 -78.81
N GLU O 358 30.63 -30.79 -77.51
CA GLU O 358 29.49 -31.23 -76.73
C GLU O 358 28.67 -30.02 -76.27
N PRO O 359 27.33 -30.12 -76.25
CA PRO O 359 26.52 -28.94 -75.93
C PRO O 359 26.49 -28.65 -74.44
N PRO O 360 26.33 -27.38 -74.06
CA PRO O 360 26.26 -27.03 -72.63
C PRO O 360 25.05 -27.65 -71.95
N THR O 361 25.31 -28.50 -70.96
CA THR O 361 24.24 -29.11 -70.18
C THR O 361 23.72 -28.14 -69.12
N VAL O 362 22.40 -28.10 -68.96
CA VAL O 362 21.76 -27.38 -67.88
C VAL O 362 21.05 -28.40 -66.97
N VAL O 363 20.51 -27.90 -65.86
CA VAL O 363 19.83 -28.74 -64.88
C VAL O 363 18.35 -28.85 -65.27
N PRO O 364 17.77 -30.04 -65.21
CA PRO O 364 16.32 -30.17 -65.47
C PRO O 364 15.51 -29.41 -64.42
N GLY O 365 14.81 -28.37 -64.88
CA GLY O 365 14.13 -27.44 -64.01
C GLY O 365 14.79 -26.08 -63.93
N GLY O 366 16.05 -25.98 -64.36
CA GLY O 366 16.77 -24.73 -64.22
C GLY O 366 16.16 -23.60 -65.02
N ASP O 367 16.28 -22.38 -64.47
CA ASP O 367 15.90 -21.19 -65.20
C ASP O 367 16.80 -20.92 -66.40
N LEU O 368 18.00 -21.50 -66.41
CA LEU O 368 18.89 -21.35 -67.55
C LEU O 368 18.48 -22.33 -68.65
N ALA O 369 18.41 -21.85 -69.88
CA ALA O 369 17.97 -22.64 -71.00
C ALA O 369 19.14 -23.32 -71.70
N LYS O 370 18.85 -24.45 -72.35
CA LYS O 370 19.83 -25.11 -73.20
C LYS O 370 20.12 -24.25 -74.43
N VAL O 371 21.38 -23.91 -74.62
CA VAL O 371 21.79 -23.12 -75.77
C VAL O 371 22.56 -24.02 -76.73
N GLN O 372 22.52 -23.65 -78.02
CA GLN O 372 23.18 -24.46 -79.04
C GLN O 372 24.69 -24.40 -78.90
N ARG O 373 25.24 -23.20 -78.69
CA ARG O 373 26.67 -23.02 -78.51
C ARG O 373 26.91 -22.04 -77.36
N ALA O 374 28.14 -22.05 -76.85
CA ALA O 374 28.50 -21.16 -75.75
C ALA O 374 30.00 -20.96 -75.75
N VAL O 375 30.44 -19.91 -75.04
CA VAL O 375 31.84 -19.52 -75.01
C VAL O 375 32.16 -18.95 -73.63
N CYS O 376 33.40 -19.17 -73.19
CA CYS O 376 33.89 -18.64 -71.92
C CYS O 376 35.28 -18.07 -72.15
N MET O 377 35.40 -16.74 -72.11
CA MET O 377 36.65 -16.06 -72.40
C MET O 377 37.41 -15.79 -71.10
N LEU O 378 38.64 -16.30 -71.01
CA LEU O 378 39.51 -16.09 -69.87
C LEU O 378 40.63 -15.12 -70.28
N SER O 379 40.69 -13.98 -69.61
CA SER O 379 41.58 -12.89 -70.02
C SER O 379 42.16 -12.19 -68.80
N ASN O 380 43.48 -12.18 -68.70
CA ASN O 380 44.18 -11.59 -67.56
C ASN O 380 44.43 -10.09 -67.81
N THR O 381 43.35 -9.32 -67.68
CA THR O 381 43.41 -7.88 -67.90
C THR O 381 43.84 -7.17 -66.62
N THR O 382 44.51 -6.03 -66.81
CA THR O 382 44.92 -5.19 -65.69
C THR O 382 43.78 -4.39 -65.09
N ALA O 383 42.61 -4.38 -65.74
CA ALA O 383 41.46 -3.67 -65.19
C ALA O 383 40.87 -4.38 -63.98
N ILE O 384 41.22 -5.65 -63.77
CA ILE O 384 40.78 -6.37 -62.59
C ILE O 384 41.37 -5.77 -61.31
N ALA O 385 42.39 -4.94 -61.43
CA ALA O 385 42.92 -4.19 -60.30
C ALA O 385 41.86 -3.29 -59.68
N GLU O 386 40.87 -2.86 -60.47
CA GLU O 386 39.76 -2.08 -59.93
C GLU O 386 39.05 -2.83 -58.81
N ALA O 387 38.94 -4.17 -58.93
CA ALA O 387 38.29 -4.96 -57.89
C ALA O 387 39.09 -4.95 -56.60
N TRP O 388 40.42 -5.08 -56.69
CA TRP O 388 41.25 -5.00 -55.50
C TRP O 388 41.17 -3.62 -54.85
N ALA O 389 41.03 -2.57 -55.64
CA ALA O 389 40.94 -1.22 -55.09
C ALA O 389 39.69 -1.04 -54.24
N ARG O 390 38.59 -1.68 -54.65
CA ARG O 390 37.35 -1.55 -53.88
C ARG O 390 37.46 -2.23 -52.52
N LEU O 391 38.08 -3.41 -52.46
CA LEU O 391 38.30 -4.06 -51.18
C LEU O 391 39.27 -3.26 -50.32
N ASP O 392 40.42 -2.87 -50.90
CA ASP O 392 41.42 -2.13 -50.15
C ASP O 392 40.84 -0.85 -49.55
N HIS O 393 39.99 -0.15 -50.28
CA HIS O 393 39.41 1.09 -49.78
C HIS O 393 38.50 0.83 -48.59
N LYS O 394 37.54 -0.09 -48.74
CA LYS O 394 36.70 -0.48 -47.62
C LYS O 394 37.54 -0.91 -46.42
N PHE O 395 38.56 -1.75 -46.67
CA PHE O 395 39.48 -2.16 -45.62
C PHE O 395 40.10 -0.95 -44.92
N ASP O 396 40.57 0.02 -45.70
CA ASP O 396 41.28 1.16 -45.13
C ASP O 396 40.39 1.95 -44.17
N LEU O 397 39.12 2.14 -44.55
CA LEU O 397 38.21 2.91 -43.69
C LEU O 397 38.07 2.30 -42.31
N MET O 398 37.88 0.97 -42.26
CA MET O 398 37.67 0.31 -40.97
C MET O 398 38.98 0.20 -40.18
N TYR O 399 40.08 -0.14 -40.87
CA TYR O 399 41.36 -0.25 -40.17
C TYR O 399 41.90 1.11 -39.75
N ALA O 400 41.43 2.20 -40.35
CA ALA O 400 41.83 3.52 -39.90
C ALA O 400 41.40 3.78 -38.46
N LYS O 401 40.28 3.19 -38.05
CA LYS O 401 39.80 3.28 -36.67
C LYS O 401 40.04 2.00 -35.88
N ARG O 402 40.73 1.03 -36.49
CA ARG O 402 40.96 -0.29 -35.87
C ARG O 402 39.63 -0.95 -35.48
N ALA O 403 38.62 -0.76 -36.32
CA ALA O 403 37.30 -1.31 -36.04
C ALA O 403 37.31 -2.82 -36.20
N PHE O 404 36.62 -3.51 -35.28
CA PHE O 404 36.44 -4.96 -35.29
C PHE O 404 37.76 -5.72 -35.18
N VAL O 405 38.87 -4.99 -35.00
CA VAL O 405 40.18 -5.64 -35.03
C VAL O 405 40.37 -6.51 -33.79
N HIS O 406 39.72 -6.18 -32.68
CA HIS O 406 39.92 -6.93 -31.45
C HIS O 406 39.43 -8.37 -31.59
N TRP O 407 38.40 -8.61 -32.41
CA TRP O 407 37.96 -9.97 -32.67
C TRP O 407 39.08 -10.82 -33.25
N TYR O 408 39.76 -10.30 -34.26
CA TYR O 408 40.86 -11.03 -34.89
C TYR O 408 42.03 -11.22 -33.92
N VAL O 409 42.47 -10.13 -33.29
CA VAL O 409 43.61 -10.20 -32.38
C VAL O 409 43.31 -11.13 -31.21
N GLY O 410 42.04 -11.19 -30.79
CA GLY O 410 41.65 -12.07 -29.72
C GLY O 410 41.56 -13.54 -30.06
N GLU O 411 41.81 -13.90 -31.32
CA GLU O 411 41.81 -15.31 -31.70
C GLU O 411 43.14 -15.73 -32.30
N GLY O 412 44.24 -15.37 -31.64
CA GLY O 412 45.55 -15.88 -31.99
C GLY O 412 46.31 -15.11 -33.04
N MET O 413 45.83 -13.94 -33.44
CA MET O 413 46.41 -13.18 -34.53
C MET O 413 47.12 -11.94 -34.02
N GLU O 414 48.31 -11.68 -34.56
CA GLU O 414 49.01 -10.43 -34.29
C GLU O 414 48.39 -9.32 -35.12
N GLU O 415 48.26 -8.14 -34.50
CA GLU O 415 47.66 -7.00 -35.20
C GLU O 415 48.49 -6.60 -36.41
N GLY O 416 49.81 -6.73 -36.31
CA GLY O 416 50.69 -6.40 -37.43
C GLY O 416 50.33 -7.12 -38.72
N GLU O 417 49.82 -8.35 -38.62
CA GLU O 417 49.47 -9.11 -39.82
C GLU O 417 48.49 -8.34 -40.70
N PHE O 418 47.65 -7.49 -40.10
CA PHE O 418 46.79 -6.61 -40.87
C PHE O 418 47.61 -5.71 -41.78
N SER O 419 48.61 -5.02 -41.22
CA SER O 419 49.44 -4.11 -42.01
C SER O 419 50.26 -4.85 -43.05
N GLU O 420 50.86 -5.98 -42.67
CA GLU O 420 51.65 -6.77 -43.62
C GLU O 420 50.79 -7.21 -44.80
N ALA O 421 49.51 -7.52 -44.56
CA ALA O 421 48.60 -7.87 -45.64
C ALA O 421 48.27 -6.66 -46.51
N ARG O 422 48.01 -5.51 -45.88
CA ARG O 422 47.64 -4.32 -46.63
C ARG O 422 48.78 -3.86 -47.53
N GLU O 423 50.02 -3.92 -47.04
CA GLU O 423 51.16 -3.57 -47.86
C GLU O 423 51.30 -4.51 -49.05
N ASP O 424 51.02 -5.80 -48.84
CA ASP O 424 51.05 -6.75 -49.95
C ASP O 424 49.96 -6.46 -50.96
N MET O 425 48.85 -5.86 -50.53
CA MET O 425 47.80 -5.46 -51.45
C MET O 425 48.14 -4.16 -52.15
N ALA O 426 48.75 -3.21 -51.44
CA ALA O 426 49.23 -1.99 -52.07
C ALA O 426 50.33 -2.29 -53.08
N ALA O 427 51.24 -3.20 -52.74
CA ALA O 427 52.29 -3.60 -53.67
C ALA O 427 51.72 -4.28 -54.90
N LEU O 428 50.65 -5.06 -54.72
CA LEU O 428 50.00 -5.72 -55.85
C LEU O 428 49.33 -4.70 -56.77
N GLU O 429 48.77 -3.64 -56.19
CA GLU O 429 48.18 -2.58 -57.02
C GLU O 429 49.23 -1.84 -57.82
N LYS O 430 50.45 -1.69 -57.27
CA LYS O 430 51.54 -1.11 -58.03
C LYS O 430 52.01 -2.07 -59.12
N ASP O 431 52.00 -3.37 -58.84
CA ASP O 431 52.41 -4.35 -59.84
C ASP O 431 51.49 -4.34 -61.04
N TYR O 432 50.20 -4.12 -60.83
CA TYR O 432 49.26 -4.01 -61.94
C TYR O 432 49.48 -2.72 -62.72
N GLU O 433 49.88 -1.64 -62.03
CA GLU O 433 50.06 -0.36 -62.69
C GLU O 433 51.26 -0.38 -63.62
N GLU O 434 52.41 -0.87 -63.13
CA GLU O 434 53.64 -0.81 -63.89
C GLU O 434 53.57 -1.65 -65.16
N VAL O 435 52.84 -2.78 -65.11
CA VAL O 435 52.62 -3.57 -66.32
C VAL O 435 51.83 -2.77 -67.35
N GLY O 436 50.82 -2.02 -66.89
CA GLY O 436 49.97 -1.27 -67.78
C GLY O 436 50.31 0.21 -67.90
N VAL O 437 51.49 0.52 -68.42
CA VAL O 437 51.86 1.90 -68.70
C VAL O 437 52.84 1.96 -69.87
N MET P 1 27.95 -24.40 -32.85
CA MET P 1 27.19 -23.30 -32.26
C MET P 1 25.69 -23.58 -32.29
N ARG P 2 25.19 -24.30 -31.28
CA ARG P 2 23.78 -24.66 -31.26
C ARG P 2 23.07 -24.17 -30.01
N GLU P 3 23.33 -24.82 -28.88
CA GLU P 3 22.51 -24.63 -27.70
C GLU P 3 22.87 -23.34 -26.98
N ILE P 4 21.88 -22.77 -26.30
CA ILE P 4 22.04 -21.60 -25.45
C ILE P 4 21.47 -21.91 -24.07
N VAL P 5 22.24 -21.66 -23.02
CA VAL P 5 21.79 -21.78 -21.65
C VAL P 5 21.24 -20.43 -21.20
N HIS P 6 20.05 -20.44 -20.61
CA HIS P 6 19.38 -19.23 -20.15
C HIS P 6 19.40 -19.17 -18.62
N ILE P 7 19.57 -17.96 -18.10
CA ILE P 7 19.55 -17.70 -16.66
C ILE P 7 18.69 -16.47 -16.40
N GLN P 8 17.98 -16.49 -15.28
CA GLN P 8 17.24 -15.31 -14.82
C GLN P 8 17.48 -15.15 -13.32
N ALA P 9 17.81 -13.92 -12.90
CA ALA P 9 18.22 -13.66 -11.53
C ALA P 9 17.55 -12.39 -11.01
N GLY P 10 17.16 -12.42 -9.75
CA GLY P 10 16.45 -11.30 -9.14
C GLY P 10 14.98 -11.30 -9.51
N GLN P 11 14.23 -10.41 -8.86
CA GLN P 11 12.81 -10.30 -9.14
C GLN P 11 12.56 -9.99 -10.60
N CYS P 12 13.07 -8.85 -11.07
CA CYS P 12 12.94 -8.49 -12.47
C CYS P 12 13.44 -9.59 -13.40
N GLY P 13 14.58 -10.18 -13.07
CA GLY P 13 15.11 -11.27 -13.88
C GLY P 13 14.10 -12.35 -14.17
N ASN P 14 13.44 -12.87 -13.13
CA ASN P 14 12.47 -13.93 -13.32
C ASN P 14 11.15 -13.42 -13.91
N GLN P 15 10.85 -12.13 -13.75
CA GLN P 15 9.61 -11.59 -14.32
C GLN P 15 9.70 -11.49 -15.84
N ILE P 16 10.62 -10.68 -16.35
CA ILE P 16 10.77 -10.57 -17.80
C ILE P 16 11.26 -11.88 -18.39
N GLY P 17 11.96 -12.69 -17.62
CA GLY P 17 12.39 -14.01 -18.05
C GLY P 17 11.24 -14.95 -18.36
N ALA P 18 10.35 -15.12 -17.39
CA ALA P 18 9.16 -15.95 -17.61
C ALA P 18 8.31 -15.41 -18.75
N LYS P 19 8.12 -14.07 -18.80
CA LYS P 19 7.41 -13.46 -19.91
C LYS P 19 8.03 -13.82 -21.24
N PHE P 20 9.36 -13.84 -21.31
CA PHE P 20 10.04 -14.24 -22.54
C PHE P 20 9.75 -15.70 -22.88
N TRP P 21 9.79 -16.58 -21.88
CA TRP P 21 9.49 -17.98 -22.13
C TRP P 21 8.04 -18.18 -22.53
N GLU P 22 7.13 -17.40 -21.94
CA GLU P 22 5.74 -17.45 -22.38
C GLU P 22 5.62 -17.12 -23.87
N VAL P 23 6.31 -16.09 -24.33
CA VAL P 23 6.19 -15.63 -25.71
C VAL P 23 6.73 -16.69 -26.67
N ILE P 24 7.99 -17.10 -26.47
CA ILE P 24 8.63 -17.96 -27.45
C ILE P 24 8.22 -19.43 -27.32
N SER P 25 7.63 -19.84 -26.20
CA SER P 25 7.05 -21.18 -26.12
C SER P 25 5.87 -21.28 -27.07
N ASP P 26 4.98 -20.29 -27.05
CA ASP P 26 3.92 -20.20 -28.04
C ASP P 26 4.47 -20.18 -29.46
N GLU P 27 5.36 -19.22 -29.75
CA GLU P 27 5.90 -19.06 -31.09
C GLU P 27 6.45 -20.36 -31.64
N HIS P 28 7.02 -21.20 -30.77
CA HIS P 28 7.50 -22.51 -31.16
C HIS P 28 6.45 -23.61 -31.00
N GLY P 29 5.28 -23.27 -30.44
CA GLY P 29 4.20 -24.23 -30.34
C GLY P 29 4.34 -25.24 -29.21
N ILE P 30 4.83 -24.81 -28.06
CA ILE P 30 4.94 -25.67 -26.88
C ILE P 30 3.90 -25.23 -25.86
N ASP P 31 3.22 -26.20 -25.27
CA ASP P 31 2.22 -25.94 -24.23
C ASP P 31 2.87 -25.95 -22.86
N PRO P 32 2.15 -25.52 -21.82
CA PRO P 32 2.73 -25.52 -20.47
C PRO P 32 3.14 -26.89 -19.97
N THR P 33 2.55 -27.97 -20.50
CA THR P 33 2.98 -29.31 -20.09
C THR P 33 4.28 -29.74 -20.75
N GLY P 34 4.67 -29.10 -21.84
CA GLY P 34 5.91 -29.41 -22.52
C GLY P 34 5.73 -30.37 -23.67
N SER P 35 4.73 -30.12 -24.51
CA SER P 35 4.42 -30.98 -25.64
C SER P 35 4.12 -30.13 -26.86
N TYR P 36 4.56 -30.60 -28.02
CA TYR P 36 4.44 -29.85 -29.26
C TYR P 36 3.02 -29.98 -29.83
N HIS P 37 2.34 -28.85 -29.96
CA HIS P 37 1.03 -28.77 -30.61
C HIS P 37 1.04 -27.72 -31.71
N GLY P 38 2.16 -27.60 -32.42
CA GLY P 38 2.30 -26.67 -33.52
C GLY P 38 1.82 -27.24 -34.83
N ASP P 39 2.22 -26.57 -35.92
CA ASP P 39 1.82 -27.00 -37.25
C ASP P 39 2.78 -26.51 -38.33
N SER P 40 4.07 -26.47 -38.02
CA SER P 40 5.05 -26.00 -38.99
C SER P 40 6.42 -26.55 -38.64
N ASP P 41 7.22 -26.80 -39.68
CA ASP P 41 8.57 -27.30 -39.49
C ASP P 41 9.56 -26.18 -39.17
N LEU P 42 9.31 -24.97 -39.68
CA LEU P 42 10.16 -23.82 -39.35
C LEU P 42 10.17 -23.52 -37.86
N GLN P 43 9.28 -24.14 -37.08
CA GLN P 43 9.18 -23.95 -35.65
C GLN P 43 10.13 -24.87 -34.88
N LEU P 44 10.18 -26.15 -35.24
CA LEU P 44 11.05 -27.13 -34.60
C LEU P 44 12.39 -27.26 -35.31
N GLU P 45 12.69 -26.41 -36.28
CA GLU P 45 13.97 -26.49 -36.98
C GLU P 45 15.12 -26.20 -36.03
N ARG P 46 14.99 -25.18 -35.19
CA ARG P 46 16.02 -24.79 -34.23
C ARG P 46 15.41 -24.68 -32.84
N ILE P 47 14.52 -25.62 -32.50
CA ILE P 47 13.98 -25.70 -31.15
C ILE P 47 15.05 -26.17 -30.18
N ASN P 48 16.05 -26.91 -30.66
CA ASN P 48 17.15 -27.38 -29.83
C ASN P 48 17.94 -26.24 -29.20
N VAL P 49 17.73 -25.00 -29.64
CA VAL P 49 18.49 -23.87 -29.10
C VAL P 49 18.11 -23.60 -27.65
N TYR P 50 16.81 -23.40 -27.40
CA TYR P 50 16.34 -23.02 -26.07
C TYR P 50 15.68 -24.15 -25.31
N TYR P 51 15.46 -25.31 -25.92
CA TYR P 51 14.71 -26.39 -25.31
C TYR P 51 15.47 -27.69 -25.39
N ASN P 52 14.99 -28.69 -24.65
CA ASN P 52 15.56 -30.03 -24.68
C ASN P 52 14.56 -31.04 -25.23
N VAL P 60 11.09 -28.79 -22.97
CA VAL P 60 11.50 -28.29 -21.66
C VAL P 60 12.62 -27.27 -21.82
N PRO P 61 12.46 -26.10 -21.19
CA PRO P 61 13.44 -25.03 -21.35
C PRO P 61 14.78 -25.38 -20.73
N ARG P 62 15.85 -24.88 -21.36
CA ARG P 62 17.19 -24.93 -20.79
C ARG P 62 17.42 -23.65 -19.96
N ALA P 63 16.62 -23.54 -18.90
CA ALA P 63 16.55 -22.31 -18.12
C ALA P 63 16.80 -22.61 -16.65
N ILE P 64 17.60 -21.75 -16.02
CA ILE P 64 17.90 -21.84 -14.60
C ILE P 64 17.33 -20.59 -13.92
N LEU P 65 16.62 -20.78 -12.83
CA LEU P 65 15.92 -19.72 -12.13
C LEU P 65 16.63 -19.43 -10.81
N VAL P 66 16.96 -18.16 -10.58
CA VAL P 66 17.78 -17.76 -9.45
C VAL P 66 17.18 -16.53 -8.79
N ASP P 67 17.25 -16.47 -7.47
CA ASP P 67 16.91 -15.31 -6.66
C ASP P 67 17.28 -15.63 -5.22
N LEU P 68 17.76 -14.61 -4.50
CA LEU P 68 17.91 -14.77 -3.06
C LEU P 68 16.54 -14.75 -2.37
N GLU P 69 15.62 -13.97 -2.89
CA GLU P 69 14.25 -13.92 -2.41
C GLU P 69 13.54 -15.23 -2.72
N PRO P 70 13.23 -16.06 -1.71
CA PRO P 70 12.61 -17.36 -2.01
C PRO P 70 11.18 -17.26 -2.51
N GLY P 71 10.48 -16.16 -2.23
CA GLY P 71 9.11 -16.00 -2.70
C GLY P 71 9.00 -16.04 -4.21
N THR P 72 9.99 -15.49 -4.92
CA THR P 72 9.92 -15.43 -6.38
C THR P 72 9.80 -16.82 -7.00
N MET P 73 10.41 -17.82 -6.36
CA MET P 73 10.22 -19.22 -6.73
C MET P 73 8.77 -19.53 -7.06
N ASP P 74 7.86 -19.20 -6.14
CA ASP P 74 6.46 -19.54 -6.29
C ASP P 74 5.75 -18.61 -7.27
N SER P 75 6.16 -17.34 -7.32
CA SER P 75 5.61 -16.41 -8.31
C SER P 75 5.83 -16.90 -9.73
N VAL P 76 6.83 -17.75 -9.96
CA VAL P 76 7.06 -18.29 -11.29
C VAL P 76 6.19 -19.52 -11.53
N ARG P 77 6.26 -20.50 -10.62
CA ARG P 77 5.50 -21.73 -10.82
C ARG P 77 4.00 -21.50 -10.83
N SER P 78 3.52 -20.53 -10.05
CA SER P 78 2.11 -20.18 -10.08
C SER P 78 1.74 -19.36 -11.31
N GLY P 79 2.71 -19.00 -12.15
CA GLY P 79 2.43 -18.37 -13.41
C GLY P 79 1.92 -19.36 -14.44
N PRO P 80 1.63 -18.84 -15.64
CA PRO P 80 1.05 -19.70 -16.68
C PRO P 80 1.97 -20.84 -17.09
N PHE P 81 3.17 -20.53 -17.58
CA PHE P 81 4.13 -21.55 -17.98
C PHE P 81 5.06 -21.96 -16.86
N GLY P 82 4.64 -21.80 -15.60
CA GLY P 82 5.48 -22.14 -14.47
C GLY P 82 5.72 -23.64 -14.30
N GLN P 83 4.86 -24.47 -14.87
CA GLN P 83 5.00 -25.92 -14.69
C GLN P 83 6.14 -26.50 -15.51
N ILE P 84 6.59 -25.81 -16.56
CA ILE P 84 7.49 -26.42 -17.53
C ILE P 84 8.94 -26.43 -17.07
N PHE P 85 9.33 -25.53 -16.17
CA PHE P 85 10.73 -25.40 -15.78
C PHE P 85 11.17 -26.57 -14.92
N ARG P 86 12.41 -27.01 -15.11
CA ARG P 86 12.93 -28.16 -14.39
C ARG P 86 13.03 -27.85 -12.89
N PRO P 87 12.51 -28.73 -12.02
CA PRO P 87 12.59 -28.44 -10.58
C PRO P 87 14.01 -28.27 -10.06
N ASP P 88 14.96 -29.02 -10.61
CA ASP P 88 16.35 -28.89 -10.17
C ASP P 88 16.91 -27.50 -10.48
N ASN P 89 16.46 -26.90 -11.59
CA ASN P 89 17.01 -25.62 -12.04
C ASN P 89 16.51 -24.43 -11.22
N PHE P 90 15.69 -24.66 -10.20
CA PHE P 90 15.34 -23.62 -9.24
C PHE P 90 16.40 -23.57 -8.15
N VAL P 91 17.06 -22.41 -8.00
CA VAL P 91 18.09 -22.22 -6.99
C VAL P 91 17.77 -20.92 -6.27
N PHE P 92 17.40 -21.01 -5.00
CA PHE P 92 16.86 -19.86 -4.27
C PHE P 92 17.42 -19.82 -2.86
N GLY P 93 17.69 -18.60 -2.38
CA GLY P 93 18.23 -18.39 -1.06
C GLY P 93 17.16 -18.24 0.01
N GLN P 94 17.64 -18.04 1.25
CA GLN P 94 16.72 -17.92 2.38
C GLN P 94 16.22 -16.49 2.54
N SER P 95 17.13 -15.52 2.60
CA SER P 95 16.80 -14.12 2.75
C SER P 95 17.04 -13.38 1.44
N GLY P 96 16.65 -12.10 1.41
CA GLY P 96 16.82 -11.27 0.24
C GLY P 96 18.01 -10.31 0.37
N ALA P 97 18.36 -9.71 -0.77
CA ALA P 97 19.50 -8.80 -0.81
C ALA P 97 19.13 -7.39 -0.38
N GLY P 98 17.88 -6.99 -0.59
CA GLY P 98 17.41 -5.68 -0.21
C GLY P 98 18.16 -4.51 -0.83
N ASN P 99 18.17 -4.45 -2.16
CA ASN P 99 18.73 -3.35 -2.94
C ASN P 99 20.19 -3.06 -2.62
N ASN P 100 20.91 -4.02 -2.04
CA ASN P 100 22.32 -3.85 -1.71
C ASN P 100 23.13 -4.69 -2.70
N TRP P 101 23.77 -4.00 -3.65
CA TRP P 101 24.61 -4.67 -4.64
C TRP P 101 25.71 -5.47 -3.97
N ALA P 102 26.28 -4.95 -2.88
CA ALA P 102 27.35 -5.66 -2.18
C ALA P 102 26.86 -6.99 -1.60
N LYS P 103 25.62 -7.02 -1.09
CA LYS P 103 25.08 -8.27 -0.57
C LYS P 103 24.94 -9.32 -1.67
N GLY P 104 24.59 -8.89 -2.89
CA GLY P 104 24.48 -9.81 -4.00
C GLY P 104 25.81 -10.23 -4.58
N HIS P 105 26.81 -9.35 -4.51
CA HIS P 105 28.09 -9.59 -5.18
C HIS P 105 29.16 -10.16 -4.27
N TYR P 106 29.10 -9.88 -2.97
CA TYR P 106 30.18 -10.25 -2.07
C TYR P 106 29.75 -11.16 -0.92
N THR P 107 28.60 -10.90 -0.30
CA THR P 107 28.20 -11.62 0.89
C THR P 107 27.19 -12.72 0.61
N GLU P 108 25.90 -12.36 0.57
CA GLU P 108 24.84 -13.35 0.53
C GLU P 108 24.71 -13.98 -0.85
N GLY P 109 24.73 -13.16 -1.90
CA GLY P 109 24.71 -13.71 -3.25
C GLY P 109 25.89 -14.59 -3.55
N ALA P 110 27.03 -14.34 -2.91
CA ALA P 110 28.22 -15.16 -3.15
C ALA P 110 28.08 -16.54 -2.54
N GLU P 111 27.39 -16.65 -1.39
CA GLU P 111 27.25 -17.95 -0.75
C GLU P 111 26.45 -18.93 -1.60
N LEU P 112 25.48 -18.42 -2.36
CA LEU P 112 24.60 -19.26 -3.17
C LEU P 112 25.17 -19.52 -4.57
N VAL P 113 26.08 -18.67 -5.05
CA VAL P 113 26.48 -18.70 -6.46
C VAL P 113 27.08 -20.05 -6.84
N ASP P 114 27.67 -20.76 -5.87
CA ASP P 114 28.19 -22.10 -6.17
C ASP P 114 27.08 -23.06 -6.56
N SER P 115 26.01 -23.10 -5.76
CA SER P 115 24.85 -23.92 -6.09
C SER P 115 24.33 -23.63 -7.49
N VAL P 116 24.39 -22.36 -7.92
CA VAL P 116 23.92 -22.00 -9.24
C VAL P 116 24.84 -22.57 -10.32
N LEU P 117 26.15 -22.38 -10.15
CA LEU P 117 27.11 -22.89 -11.13
C LEU P 117 27.02 -24.41 -11.28
N ASP P 118 26.62 -25.11 -10.22
CA ASP P 118 26.43 -26.56 -10.31
C ASP P 118 25.33 -26.90 -11.31
N VAL P 119 24.24 -26.14 -11.31
CA VAL P 119 23.16 -26.39 -12.26
C VAL P 119 23.56 -25.94 -13.65
N VAL P 120 24.27 -24.81 -13.75
CA VAL P 120 24.80 -24.36 -15.04
C VAL P 120 25.67 -25.44 -15.65
N ARG P 121 26.57 -26.01 -14.85
CA ARG P 121 27.39 -27.13 -15.30
C ARG P 121 26.52 -28.28 -15.80
N LYS P 122 25.53 -28.68 -15.01
CA LYS P 122 24.67 -29.81 -15.37
C LYS P 122 24.01 -29.60 -16.73
N GLU P 123 23.46 -28.39 -16.97
CA GLU P 123 22.78 -28.14 -18.23
C GLU P 123 23.76 -28.05 -19.39
N SER P 124 24.94 -27.47 -19.15
CA SER P 124 25.95 -27.38 -20.20
C SER P 124 26.55 -28.74 -20.52
N GLU P 125 26.70 -29.61 -19.51
CA GLU P 125 27.32 -30.92 -19.71
C GLU P 125 26.66 -31.69 -20.85
N SER P 126 25.33 -31.65 -20.95
CA SER P 126 24.60 -32.42 -21.94
C SER P 126 24.23 -31.60 -23.16
N CYS P 127 25.15 -30.76 -23.63
CA CYS P 127 24.95 -29.95 -24.82
C CYS P 127 25.87 -30.46 -25.94
N ASP P 128 25.28 -30.72 -27.10
CA ASP P 128 26.06 -31.09 -28.28
C ASP P 128 27.18 -30.08 -28.53
N CYS P 129 26.81 -28.81 -28.69
CA CYS P 129 27.79 -27.75 -28.91
C CYS P 129 27.21 -26.44 -28.36
N LEU P 130 27.73 -26.00 -27.22
CA LEU P 130 27.24 -24.78 -26.60
C LEU P 130 27.61 -23.55 -27.40
N GLN P 131 26.69 -22.59 -27.47
CA GLN P 131 26.98 -21.25 -27.99
C GLN P 131 27.48 -20.33 -26.90
N GLY P 132 26.67 -20.16 -25.86
CA GLY P 132 26.92 -19.15 -24.84
C GLY P 132 25.76 -19.09 -23.87
N PHE P 133 25.66 -17.98 -23.15
CA PHE P 133 24.70 -17.84 -22.07
C PHE P 133 23.86 -16.60 -22.29
N GLN P 134 22.79 -16.49 -21.50
CA GLN P 134 21.80 -15.43 -21.67
C GLN P 134 21.21 -15.11 -20.31
N LEU P 135 21.45 -13.89 -19.83
CA LEU P 135 21.02 -13.47 -18.50
C LEU P 135 20.07 -12.29 -18.60
N THR P 136 18.95 -12.38 -17.87
CA THR P 136 18.02 -11.28 -17.70
C THR P 136 18.00 -10.87 -16.24
N HIS P 137 18.02 -9.56 -15.99
CA HIS P 137 18.13 -9.04 -14.64
C HIS P 137 17.97 -7.53 -14.68
N SER P 138 17.73 -6.95 -13.50
CA SER P 138 17.68 -5.50 -13.33
C SER P 138 18.98 -5.00 -12.72
N LEU P 139 19.31 -3.75 -13.02
CA LEU P 139 20.57 -3.16 -12.59
C LEU P 139 20.46 -2.35 -11.30
N GLY P 140 19.27 -1.86 -10.97
CA GLY P 140 19.09 -1.12 -9.73
C GLY P 140 18.87 -1.96 -8.49
N GLY P 141 18.67 -3.27 -8.65
CA GLY P 141 18.44 -4.16 -7.54
C GLY P 141 19.73 -4.56 -6.83
N GLY P 142 19.58 -5.50 -5.89
CA GLY P 142 20.72 -6.06 -5.20
C GLY P 142 21.09 -7.44 -5.69
N THR P 143 20.10 -8.28 -5.99
CA THR P 143 20.35 -9.64 -6.45
C THR P 143 20.61 -9.69 -7.94
N GLY P 144 19.71 -9.13 -8.75
CA GLY P 144 19.89 -9.17 -10.19
C GLY P 144 21.17 -8.51 -10.66
N SER P 145 21.55 -7.42 -9.99
CA SER P 145 22.76 -6.69 -10.34
C SER P 145 24.00 -7.27 -9.65
N GLY P 146 23.95 -7.44 -8.33
CA GLY P 146 25.13 -7.87 -7.60
C GLY P 146 25.47 -9.32 -7.83
N MET P 147 24.49 -10.21 -7.67
CA MET P 147 24.74 -11.63 -7.88
C MET P 147 24.83 -11.96 -9.37
N GLY P 148 24.07 -11.26 -10.21
CA GLY P 148 24.16 -11.48 -11.65
C GLY P 148 25.56 -11.20 -12.19
N THR P 149 26.07 -10.00 -11.93
CA THR P 149 27.42 -9.67 -12.38
C THR P 149 28.47 -10.58 -11.77
N LEU P 150 28.23 -11.06 -10.54
CA LEU P 150 29.12 -12.05 -9.96
C LEU P 150 28.99 -13.39 -10.65
N LEU P 151 27.75 -13.78 -11.00
CA LEU P 151 27.55 -15.00 -11.77
C LEU P 151 28.23 -14.91 -13.13
N ILE P 152 28.13 -13.74 -13.79
CA ILE P 152 28.72 -13.56 -15.10
C ILE P 152 30.22 -13.82 -15.05
N SER P 153 30.93 -13.09 -14.17
CA SER P 153 32.37 -13.30 -14.01
C SER P 153 32.69 -14.75 -13.69
N LYS P 154 31.91 -15.39 -12.83
CA LYS P 154 32.17 -16.78 -12.47
C LYS P 154 31.99 -17.71 -13.67
N ILE P 155 31.09 -17.38 -14.58
CA ILE P 155 30.93 -18.18 -15.79
C ILE P 155 32.01 -17.82 -16.81
N ARG P 156 32.22 -16.52 -17.04
CA ARG P 156 33.30 -16.00 -17.89
C ARG P 156 34.62 -16.72 -17.68
N GLU P 157 34.95 -17.02 -16.43
CA GLU P 157 36.20 -17.70 -16.13
C GLU P 157 36.09 -19.22 -16.19
N GLU P 158 34.89 -19.78 -15.98
CA GLU P 158 34.69 -21.21 -16.14
C GLU P 158 34.36 -21.61 -17.58
N TYR P 159 33.81 -20.69 -18.38
CA TYR P 159 33.49 -20.94 -19.78
C TYR P 159 34.00 -19.77 -20.62
N PRO P 160 35.32 -19.63 -20.76
CA PRO P 160 35.86 -18.51 -21.54
C PRO P 160 35.75 -18.68 -23.04
N ASP P 161 35.36 -19.87 -23.52
CA ASP P 161 35.20 -20.13 -24.94
C ASP P 161 33.77 -19.91 -25.42
N ARG P 162 32.97 -19.15 -24.67
CA ARG P 162 31.55 -19.00 -24.95
C ARG P 162 31.16 -17.53 -24.88
N ILE P 163 30.00 -17.21 -25.45
CA ILE P 163 29.47 -15.86 -25.52
C ILE P 163 28.66 -15.57 -24.27
N MET P 164 28.68 -14.31 -23.83
CA MET P 164 27.89 -13.85 -22.70
C MET P 164 26.99 -12.70 -23.16
N ASN P 165 25.68 -12.90 -23.08
CA ASN P 165 24.69 -11.98 -23.62
C ASN P 165 23.67 -11.66 -22.54
N THR P 166 23.51 -10.37 -22.23
CA THR P 166 22.67 -9.96 -21.13
C THR P 166 21.55 -9.05 -21.60
N PHE P 167 20.40 -9.16 -20.94
CA PHE P 167 19.27 -8.25 -21.09
C PHE P 167 19.14 -7.51 -19.77
N SER P 168 19.84 -6.39 -19.66
CA SER P 168 19.89 -5.64 -18.42
C SER P 168 18.97 -4.43 -18.52
N VAL P 169 18.11 -4.25 -17.52
CA VAL P 169 17.16 -3.15 -17.52
C VAL P 169 17.68 -2.06 -16.59
N VAL P 170 17.61 -0.83 -17.05
CA VAL P 170 18.19 0.33 -16.35
C VAL P 170 17.15 0.91 -15.40
N PRO P 171 17.53 1.26 -14.18
CA PRO P 171 16.57 1.91 -13.27
C PRO P 171 16.31 3.35 -13.67
N SER P 172 15.12 3.83 -13.32
CA SER P 172 14.73 5.20 -13.57
C SER P 172 13.88 5.68 -12.40
N PRO P 173 14.03 6.95 -12.00
CA PRO P 173 13.17 7.49 -10.94
C PRO P 173 11.68 7.35 -11.25
N LYS P 174 11.31 7.27 -12.52
CA LYS P 174 9.92 7.12 -12.94
C LYS P 174 9.32 5.77 -12.56
N VAL P 175 10.13 4.80 -12.15
CA VAL P 175 9.63 3.47 -11.86
C VAL P 175 9.91 3.06 -10.42
N SER P 176 10.99 3.58 -9.83
CA SER P 176 11.24 3.35 -8.41
C SER P 176 12.10 4.49 -7.87
N ASP P 177 11.64 5.10 -6.78
CA ASP P 177 12.31 6.25 -6.18
C ASP P 177 13.47 5.85 -5.26
N THR P 178 13.89 4.59 -5.27
CA THR P 178 15.03 4.19 -4.46
C THR P 178 16.30 4.83 -5.00
N VAL P 179 17.02 5.55 -4.14
CA VAL P 179 18.16 6.33 -4.57
C VAL P 179 19.48 5.56 -4.57
N VAL P 180 19.50 4.33 -4.06
CA VAL P 180 20.70 3.51 -4.14
C VAL P 180 20.84 2.85 -5.50
N GLU P 181 19.80 2.92 -6.34
CA GLU P 181 19.90 2.36 -7.68
C GLU P 181 21.02 2.98 -8.51
N PRO P 182 21.25 4.30 -8.51
CA PRO P 182 22.45 4.83 -9.19
C PRO P 182 23.74 4.16 -8.76
N TYR P 183 23.91 3.88 -7.47
CA TYR P 183 25.06 3.10 -7.02
C TYR P 183 25.07 1.72 -7.66
N ASN P 184 23.99 0.96 -7.49
CA ASN P 184 23.95 -0.42 -7.93
C ASN P 184 24.17 -0.53 -9.44
N ALA P 185 23.51 0.32 -10.21
CA ALA P 185 23.63 0.24 -11.67
C ALA P 185 25.03 0.63 -12.12
N THR P 186 25.61 1.66 -11.51
CA THR P 186 26.97 2.06 -11.86
C THR P 186 27.97 0.95 -11.56
N LEU P 187 27.87 0.35 -10.38
CA LEU P 187 28.73 -0.78 -10.05
C LEU P 187 28.56 -1.93 -11.04
N SER P 188 27.33 -2.14 -11.52
CA SER P 188 27.07 -3.22 -12.46
C SER P 188 27.56 -2.90 -13.87
N VAL P 189 27.46 -1.63 -14.27
CA VAL P 189 27.99 -1.23 -15.57
C VAL P 189 29.51 -1.37 -15.58
N HIS P 190 30.16 -1.06 -14.46
CA HIS P 190 31.59 -1.31 -14.33
C HIS P 190 31.92 -2.78 -14.56
N GLN P 191 30.97 -3.68 -14.27
CA GLN P 191 31.17 -5.10 -14.52
C GLN P 191 30.90 -5.46 -15.97
N LEU P 192 29.77 -4.99 -16.50
CA LEU P 192 29.30 -5.44 -17.81
C LEU P 192 30.25 -5.02 -18.93
N VAL P 193 30.85 -3.82 -18.82
CA VAL P 193 31.77 -3.35 -19.84
C VAL P 193 32.99 -4.24 -19.94
N GLU P 194 33.31 -4.99 -18.89
CA GLU P 194 34.47 -5.88 -18.88
C GLU P 194 34.13 -7.35 -19.05
N ASN P 195 32.89 -7.76 -18.81
CA ASN P 195 32.58 -9.18 -18.65
C ASN P 195 31.63 -9.76 -19.68
N THR P 196 30.95 -8.95 -20.48
CA THR P 196 29.96 -9.46 -21.42
C THR P 196 30.30 -9.01 -22.85
N ASP P 197 29.98 -9.88 -23.81
CA ASP P 197 30.24 -9.57 -25.21
C ASP P 197 29.20 -8.63 -25.79
N GLU P 198 27.94 -8.78 -25.39
CA GLU P 198 26.87 -7.91 -25.90
C GLU P 198 25.80 -7.75 -24.82
N THR P 199 25.25 -6.55 -24.74
CA THR P 199 24.27 -6.20 -23.71
C THR P 199 23.18 -5.33 -24.32
N TYR P 200 21.93 -5.80 -24.21
CA TYR P 200 20.77 -5.03 -24.61
C TYR P 200 20.32 -4.15 -23.44
N CYS P 201 20.31 -2.84 -23.66
CA CYS P 201 20.01 -1.88 -22.61
C CYS P 201 18.52 -1.55 -22.65
N ILE P 202 17.77 -2.13 -21.72
CA ILE P 202 16.35 -1.85 -21.58
C ILE P 202 16.19 -0.74 -20.54
N ASP P 203 15.68 0.41 -20.96
CA ASP P 203 15.59 1.56 -20.08
C ASP P 203 14.15 1.71 -19.60
N ASN P 204 13.96 1.61 -18.27
CA ASN P 204 12.64 1.82 -17.69
C ASN P 204 12.15 3.25 -17.92
N GLU P 205 13.06 4.22 -17.96
CA GLU P 205 12.73 5.58 -18.36
C GLU P 205 11.98 5.60 -19.69
N ALA P 206 12.49 4.86 -20.67
CA ALA P 206 11.85 4.85 -21.99
C ALA P 206 10.61 3.98 -22.03
N LEU P 207 10.57 2.91 -21.24
CA LEU P 207 9.38 2.06 -21.20
C LEU P 207 8.20 2.82 -20.59
N TYR P 208 8.45 3.62 -19.56
CA TYR P 208 7.40 4.45 -19.01
C TYR P 208 6.96 5.52 -20.01
N ASP P 209 7.92 6.22 -20.60
CA ASP P 209 7.60 7.26 -21.58
C ASP P 209 6.88 6.71 -22.80
N ILE P 210 7.02 5.43 -23.10
CA ILE P 210 6.28 4.84 -24.21
C ILE P 210 4.89 4.40 -23.76
N CYS P 211 4.80 3.76 -22.59
CA CYS P 211 3.50 3.36 -22.07
C CYS P 211 2.64 4.57 -21.72
N PHE P 212 3.26 5.67 -21.29
CA PHE P 212 2.53 6.86 -20.88
C PHE P 212 2.14 7.72 -22.07
N ARG P 213 3.09 8.01 -22.97
CA ARG P 213 2.88 9.01 -24.01
C ARG P 213 2.37 8.41 -25.31
N THR P 214 2.92 7.27 -25.72
CA THR P 214 2.50 6.66 -26.98
C THR P 214 1.31 5.73 -26.81
N LEU P 215 1.30 4.92 -25.76
CA LEU P 215 0.20 4.00 -25.51
C LEU P 215 -0.91 4.61 -24.66
N LYS P 216 -0.71 5.81 -24.14
CA LYS P 216 -1.70 6.53 -23.35
C LYS P 216 -2.26 5.67 -22.21
N LEU P 217 -1.35 5.21 -21.36
CA LEU P 217 -1.71 4.55 -20.11
C LEU P 217 -1.23 5.43 -18.97
N THR P 218 -2.17 5.91 -18.16
CA THR P 218 -1.84 6.93 -17.16
C THR P 218 -0.95 6.36 -16.06
N THR P 219 -1.19 5.13 -15.65
CA THR P 219 -0.34 4.45 -14.67
C THR P 219 0.12 3.12 -15.26
N PRO P 220 1.32 3.08 -15.86
CA PRO P 220 1.85 1.80 -16.33
C PRO P 220 2.27 0.93 -15.15
N THR P 221 1.94 -0.35 -15.24
CA THR P 221 2.39 -1.35 -14.27
C THR P 221 3.64 -2.06 -14.80
N TYR P 222 4.21 -2.92 -13.94
CA TYR P 222 5.29 -3.79 -14.39
C TYR P 222 4.85 -4.64 -15.58
N GLY P 223 3.65 -5.25 -15.47
CA GLY P 223 3.11 -6.02 -16.59
C GLY P 223 3.09 -5.24 -17.89
N ASP P 224 2.77 -3.95 -17.83
CA ASP P 224 2.76 -3.13 -19.04
C ASP P 224 4.17 -2.95 -19.59
N LEU P 225 5.13 -2.65 -18.72
CA LEU P 225 6.52 -2.54 -19.16
C LEU P 225 7.07 -3.90 -19.59
N ASN P 226 6.68 -4.97 -18.90
CA ASN P 226 7.18 -6.30 -19.25
C ASN P 226 6.64 -6.76 -20.60
N HIS P 227 5.48 -6.28 -21.00
CA HIS P 227 4.97 -6.61 -22.34
C HIS P 227 5.88 -6.07 -23.43
N LEU P 228 6.31 -4.81 -23.29
CA LEU P 228 7.23 -4.22 -24.26
C LEU P 228 8.56 -4.99 -24.30
N VAL P 229 9.00 -5.50 -23.15
CA VAL P 229 10.30 -6.16 -23.07
C VAL P 229 10.24 -7.53 -23.75
N SER P 230 9.29 -8.38 -23.31
CA SER P 230 9.18 -9.73 -23.86
C SER P 230 9.01 -9.71 -25.37
N ALA P 231 8.30 -8.70 -25.89
CA ALA P 231 8.12 -8.61 -27.35
C ALA P 231 9.42 -8.20 -28.03
N THR P 232 10.20 -7.31 -27.39
CA THR P 232 11.51 -6.96 -27.92
C THR P 232 12.45 -8.15 -27.92
N MET P 233 12.38 -8.98 -26.87
CA MET P 233 13.29 -10.12 -26.75
C MET P 233 13.05 -11.13 -27.86
N SER P 234 11.80 -11.53 -28.06
CA SER P 234 11.48 -12.43 -29.17
C SER P 234 11.89 -11.85 -30.51
N GLY P 235 11.86 -10.53 -30.65
CA GLY P 235 12.27 -9.91 -31.90
C GLY P 235 13.76 -10.01 -32.15
N VAL P 236 14.57 -9.69 -31.13
CA VAL P 236 16.02 -9.71 -31.30
C VAL P 236 16.54 -11.15 -31.40
N THR P 237 15.83 -12.10 -30.79
CA THR P 237 16.22 -13.52 -30.84
C THR P 237 15.56 -14.25 -32.01
N THR P 238 14.95 -13.53 -32.95
CA THR P 238 14.30 -14.16 -34.09
C THR P 238 15.32 -14.90 -34.96
N CYS P 239 16.42 -14.23 -35.28
CA CYS P 239 17.49 -14.88 -36.05
C CYS P 239 17.97 -16.16 -35.39
N LEU P 240 18.06 -16.17 -34.05
CA LEU P 240 18.64 -17.30 -33.35
C LEU P 240 17.71 -18.52 -33.33
N ARG P 241 16.40 -18.30 -33.40
CA ARG P 241 15.43 -19.36 -33.12
C ARG P 241 14.84 -19.98 -34.38
N PHE P 242 15.05 -19.40 -35.54
CA PHE P 242 14.50 -19.88 -36.79
C PHE P 242 15.62 -19.91 -37.83
N PRO P 243 15.45 -20.67 -38.92
CA PRO P 243 16.51 -20.72 -39.92
C PRO P 243 16.69 -19.37 -40.61
N GLY P 244 17.95 -19.05 -40.90
CA GLY P 244 18.28 -17.75 -41.45
C GLY P 244 19.75 -17.58 -41.74
N GLN P 245 20.07 -16.79 -42.78
CA GLN P 245 21.45 -16.64 -43.21
C GLN P 245 22.23 -15.67 -42.33
N LEU P 246 21.64 -14.52 -42.01
CA LEU P 246 22.37 -13.38 -41.46
C LEU P 246 22.19 -13.29 -39.95
N ASN P 247 23.29 -12.97 -39.26
CA ASN P 247 23.32 -12.88 -37.79
C ASN P 247 22.74 -14.14 -37.15
N ALA P 248 23.26 -15.30 -37.58
CA ALA P 248 22.63 -16.57 -37.21
C ALA P 248 22.89 -16.92 -35.75
N ASP P 249 24.15 -16.91 -35.33
CA ASP P 249 24.52 -17.32 -33.99
C ASP P 249 25.05 -16.13 -33.20
N LEU P 250 25.23 -16.36 -31.89
CA LEU P 250 25.62 -15.28 -30.98
C LEU P 250 26.95 -14.64 -31.39
N ARG P 251 27.94 -15.45 -31.74
CA ARG P 251 29.25 -14.90 -32.06
C ARG P 251 29.22 -14.08 -33.34
N LYS P 252 28.57 -14.59 -34.38
CA LYS P 252 28.48 -13.85 -35.64
C LYS P 252 27.76 -12.51 -35.45
N LEU P 253 26.69 -12.51 -34.66
CA LEU P 253 26.01 -11.25 -34.33
C LEU P 253 26.97 -10.24 -33.71
N ALA P 254 27.59 -10.62 -32.60
CA ALA P 254 28.51 -9.70 -31.91
C ALA P 254 29.67 -9.28 -32.81
N VAL P 255 30.11 -10.16 -33.71
CA VAL P 255 31.21 -9.82 -34.61
C VAL P 255 30.81 -8.67 -35.52
N ASN P 256 29.57 -8.68 -36.00
CA ASN P 256 29.10 -7.66 -36.93
C ASN P 256 28.44 -6.48 -36.22
N MET P 257 28.45 -6.45 -34.89
CA MET P 257 27.82 -5.39 -34.13
C MET P 257 28.78 -4.61 -33.25
N VAL P 258 29.88 -5.22 -32.81
CA VAL P 258 30.77 -4.63 -31.81
C VAL P 258 32.13 -4.41 -32.45
N PRO P 259 32.45 -3.17 -32.82
CA PRO P 259 33.77 -2.89 -33.40
C PRO P 259 34.86 -2.67 -32.36
N PHE P 260 34.50 -2.27 -31.15
CA PHE P 260 35.45 -2.02 -30.08
C PHE P 260 34.93 -2.70 -28.82
N PRO P 261 35.76 -3.49 -28.13
CA PRO P 261 35.21 -4.43 -27.13
C PRO P 261 34.37 -3.79 -26.05
N ARG P 262 34.75 -2.61 -25.57
CA ARG P 262 34.01 -1.98 -24.47
C ARG P 262 32.69 -1.38 -24.93
N LEU P 263 32.59 -0.99 -26.20
CA LEU P 263 31.39 -0.31 -26.72
C LEU P 263 30.44 -1.33 -27.33
N HIS P 264 29.85 -2.14 -26.45
CA HIS P 264 28.95 -3.23 -26.86
C HIS P 264 27.59 -3.10 -26.20
N PHE P 265 27.11 -1.87 -26.01
CA PHE P 265 25.83 -1.62 -25.35
C PHE P 265 24.83 -1.16 -26.42
N PHE P 266 23.94 -2.07 -26.79
CA PHE P 266 23.02 -1.82 -27.89
C PHE P 266 21.79 -1.05 -27.40
N MET P 267 21.32 -0.13 -28.25
CA MET P 267 20.07 0.57 -28.02
C MET P 267 18.97 -0.12 -28.81
N PRO P 268 18.18 -1.01 -28.20
CA PRO P 268 17.15 -1.73 -28.96
C PRO P 268 15.89 -0.91 -29.13
N GLY P 269 15.12 -1.29 -30.15
CA GLY P 269 13.84 -0.67 -30.43
C GLY P 269 13.12 -1.47 -31.50
N PHE P 270 11.80 -1.49 -31.44
CA PHE P 270 11.03 -2.34 -32.36
C PHE P 270 9.67 -1.70 -32.60
N ALA P 271 8.95 -2.25 -33.58
CA ALA P 271 7.73 -1.62 -34.07
C ALA P 271 6.80 -2.68 -34.65
N PRO P 272 5.49 -2.45 -34.63
CA PRO P 272 4.87 -1.28 -34.00
C PRO P 272 4.55 -1.51 -32.52
N LEU P 273 4.44 -0.42 -31.77
CA LEU P 273 4.19 -0.47 -30.33
C LEU P 273 2.72 -0.73 -30.08
N THR P 274 2.40 -1.87 -29.48
CA THR P 274 1.04 -2.26 -29.17
C THR P 274 0.82 -2.32 -27.67
N SER P 275 -0.46 -2.28 -27.27
CA SER P 275 -0.83 -2.38 -25.88
C SER P 275 -1.05 -3.85 -25.50
N ARG P 276 -1.40 -4.09 -24.24
CA ARG P 276 -1.63 -5.43 -23.73
C ARG P 276 -2.91 -5.99 -24.35
N GLY P 277 -2.78 -6.76 -25.41
CA GLY P 277 -3.91 -7.44 -26.00
C GLY P 277 -4.88 -6.56 -26.77
N SER P 278 -4.42 -5.42 -27.29
CA SER P 278 -5.26 -4.58 -28.12
C SER P 278 -5.29 -5.11 -29.56
N GLN P 279 -6.16 -4.51 -30.37
CA GLN P 279 -6.37 -4.95 -31.75
C GLN P 279 -5.86 -3.92 -32.76
N GLN P 280 -5.00 -4.39 -33.68
CA GLN P 280 -4.45 -3.56 -34.76
C GLN P 280 -5.24 -3.84 -36.03
N TYR P 281 -6.02 -2.86 -36.49
CA TYR P 281 -6.96 -3.11 -37.58
C TYR P 281 -6.23 -3.36 -38.90
N ARG P 282 -5.30 -2.47 -39.25
CA ARG P 282 -4.58 -2.53 -40.52
C ARG P 282 -3.10 -2.74 -40.25
N ALA P 283 -2.55 -3.83 -40.78
CA ALA P 283 -1.14 -4.11 -40.62
C ALA P 283 -0.32 -3.07 -41.36
N LEU P 284 0.76 -2.62 -40.72
CA LEU P 284 1.57 -1.54 -41.26
C LEU P 284 2.22 -1.94 -42.58
N THR P 285 2.63 -0.93 -43.34
CA THR P 285 3.35 -1.14 -44.58
C THR P 285 4.85 -1.18 -44.32
N VAL P 286 5.60 -1.65 -45.32
CA VAL P 286 7.06 -1.72 -45.18
C VAL P 286 7.68 -0.34 -44.97
N PRO P 287 7.33 0.70 -45.75
CA PRO P 287 7.92 2.02 -45.47
C PRO P 287 7.54 2.57 -44.11
N GLU P 288 6.37 2.20 -43.58
CA GLU P 288 5.98 2.66 -42.25
C GLU P 288 6.84 2.03 -41.17
N LEU P 289 6.96 0.69 -41.19
CA LEU P 289 7.86 -0.01 -40.28
C LEU P 289 9.26 0.58 -40.32
N THR P 290 9.82 0.74 -41.53
CA THR P 290 11.16 1.29 -41.68
C THR P 290 11.30 2.64 -40.98
N GLN P 291 10.26 3.48 -41.04
CA GLN P 291 10.30 4.78 -40.39
C GLN P 291 9.92 4.70 -38.92
N GLN P 292 10.26 3.59 -38.28
CA GLN P 292 10.23 3.49 -36.82
C GLN P 292 11.63 3.29 -36.27
N MET P 293 12.65 3.58 -37.10
CA MET P 293 14.05 3.43 -36.72
C MET P 293 14.55 4.69 -36.02
N PHE P 294 14.72 5.77 -36.78
CA PHE P 294 15.06 7.07 -36.19
C PHE P 294 13.99 7.58 -35.25
N ASP P 295 12.74 7.13 -35.40
CA ASP P 295 11.67 7.55 -34.51
C ASP P 295 12.01 7.14 -33.08
N ALA P 296 12.50 8.12 -32.31
CA ALA P 296 13.01 7.84 -30.97
C ALA P 296 11.92 7.38 -30.02
N LYS P 297 10.64 7.54 -30.37
CA LYS P 297 9.56 7.02 -29.54
C LYS P 297 9.41 5.51 -29.63
N ASN P 298 10.26 4.83 -30.41
CA ASN P 298 10.26 3.37 -30.49
C ASN P 298 11.50 2.75 -29.86
N MET P 299 12.41 3.56 -29.31
CA MET P 299 13.62 3.03 -28.70
C MET P 299 13.33 2.54 -27.29
N MET P 300 13.79 1.33 -26.99
CA MET P 300 13.65 0.80 -25.63
C MET P 300 14.64 1.44 -24.67
N ALA P 301 15.62 2.19 -25.16
CA ALA P 301 16.51 2.99 -24.35
C ALA P 301 16.16 4.47 -24.54
N ALA P 302 16.21 5.23 -23.46
CA ALA P 302 15.80 6.64 -23.47
C ALA P 302 16.95 7.48 -24.02
N CYS P 303 17.12 7.43 -25.33
CA CYS P 303 18.15 8.19 -26.03
C CYS P 303 17.61 8.64 -27.38
N ASP P 304 18.19 9.72 -27.89
CA ASP P 304 17.80 10.23 -29.20
C ASP P 304 18.87 9.85 -30.21
N PRO P 305 18.57 8.93 -31.14
CA PRO P 305 19.56 8.62 -32.18
C PRO P 305 20.00 9.82 -32.98
N ARG P 306 19.15 10.86 -33.07
CA ARG P 306 19.52 12.07 -33.80
C ARG P 306 20.70 12.77 -33.15
N HIS P 307 20.90 12.58 -31.84
CA HIS P 307 21.96 13.25 -31.10
C HIS P 307 23.28 12.48 -31.15
N GLY P 308 23.34 11.36 -31.85
CA GLY P 308 24.58 10.63 -32.01
C GLY P 308 24.71 10.01 -33.39
N ARG P 309 25.61 9.03 -33.53
CA ARG P 309 25.84 8.36 -34.80
C ARG P 309 25.81 6.86 -34.60
N TYR P 310 25.25 6.15 -35.57
CA TYR P 310 25.19 4.69 -35.51
C TYR P 310 26.53 4.09 -35.95
N LEU P 311 27.08 3.21 -35.12
CA LEU P 311 28.25 2.43 -35.55
C LEU P 311 27.83 1.23 -36.37
N THR P 312 26.94 0.40 -35.83
CA THR P 312 26.38 -0.74 -36.54
C THR P 312 24.89 -0.82 -36.23
N VAL P 313 24.14 -1.41 -37.16
CA VAL P 313 22.70 -1.56 -37.04
C VAL P 313 22.29 -2.93 -37.57
N ALA P 314 21.40 -3.59 -36.84
CA ALA P 314 20.79 -4.84 -37.29
C ALA P 314 19.28 -4.68 -37.30
N ALA P 315 18.66 -4.97 -38.44
CA ALA P 315 17.21 -4.88 -38.59
C ALA P 315 16.62 -6.27 -38.79
N VAL P 316 15.53 -6.56 -38.10
CA VAL P 316 14.84 -7.85 -38.16
C VAL P 316 13.38 -7.60 -38.51
N PHE P 317 13.00 -7.94 -39.74
CA PHE P 317 11.62 -7.82 -40.19
C PHE P 317 10.94 -9.18 -40.08
N ARG P 318 9.82 -9.24 -39.38
CA ARG P 318 9.06 -10.48 -39.19
C ARG P 318 7.74 -10.39 -39.93
N GLY P 319 7.42 -11.43 -40.69
CA GLY P 319 6.18 -11.50 -41.44
C GLY P 319 6.41 -11.70 -42.92
N ARG P 320 5.32 -11.99 -43.62
CA ARG P 320 5.35 -12.11 -45.07
C ARG P 320 5.31 -10.73 -45.70
N MET P 321 6.33 -10.41 -46.51
CA MET P 321 6.45 -9.10 -47.12
C MET P 321 7.46 -9.17 -48.26
N SER P 322 7.59 -8.07 -48.97
CA SER P 322 8.48 -7.99 -50.14
C SER P 322 9.91 -7.78 -49.68
N MET P 323 10.76 -8.78 -49.90
CA MET P 323 12.20 -8.61 -49.67
C MET P 323 12.76 -7.53 -50.57
N LYS P 324 12.20 -7.36 -51.76
CA LYS P 324 12.62 -6.29 -52.66
C LYS P 324 12.34 -4.92 -52.06
N GLU P 325 11.16 -4.76 -51.45
CA GLU P 325 10.77 -3.47 -50.90
C GLU P 325 11.56 -3.15 -49.63
N VAL P 326 11.83 -4.16 -48.80
CA VAL P 326 12.61 -3.96 -47.58
C VAL P 326 14.01 -3.46 -47.92
N ASP P 327 14.68 -4.14 -48.86
CA ASP P 327 16.00 -3.70 -49.30
C ASP P 327 15.98 -2.26 -49.78
N GLU P 328 14.97 -1.91 -50.59
CA GLU P 328 14.87 -0.55 -51.11
C GLU P 328 14.69 0.46 -49.98
N GLN P 329 13.79 0.18 -49.04
CA GLN P 329 13.51 1.13 -47.97
C GLN P 329 14.71 1.28 -47.04
N MET P 330 15.43 0.19 -46.78
CA MET P 330 16.60 0.28 -45.92
C MET P 330 17.75 1.01 -46.62
N LEU P 331 17.99 0.70 -47.90
CA LEU P 331 18.99 1.43 -48.65
C LEU P 331 18.65 2.91 -48.76
N ASN P 332 17.36 3.24 -48.82
CA ASN P 332 16.90 4.63 -48.86
C ASN P 332 17.26 5.35 -47.57
N VAL P 333 16.67 4.91 -46.45
CA VAL P 333 16.79 5.62 -45.18
C VAL P 333 18.25 5.79 -44.75
N GLN P 334 19.14 4.93 -45.21
CA GLN P 334 20.55 5.08 -44.88
C GLN P 334 21.16 6.31 -45.55
N ASN P 335 20.99 6.43 -46.87
CA ASN P 335 21.64 7.49 -47.63
C ASN P 335 20.91 8.82 -47.51
N LYS P 336 19.61 8.83 -47.20
CA LYS P 336 18.90 10.07 -46.96
C LYS P 336 19.17 10.65 -45.58
N ASN P 337 19.88 9.92 -44.72
CA ASN P 337 20.34 10.40 -43.42
C ASN P 337 21.82 10.07 -43.26
N SER P 338 22.59 10.23 -44.35
CA SER P 338 23.96 9.73 -44.41
C SER P 338 24.86 10.34 -43.34
N SER P 339 24.52 11.51 -42.83
CA SER P 339 25.34 12.13 -41.78
C SER P 339 25.14 11.48 -40.42
N TYR P 340 24.16 10.58 -40.28
CA TYR P 340 23.90 9.93 -39.00
C TYR P 340 24.52 8.56 -38.88
N PHE P 341 24.89 7.92 -39.99
CA PHE P 341 25.61 6.66 -39.95
C PHE P 341 27.10 6.92 -40.17
N VAL P 342 27.92 6.33 -39.31
CA VAL P 342 29.37 6.47 -39.40
C VAL P 342 29.85 6.11 -40.80
N GLU P 343 30.73 6.95 -41.35
CA GLU P 343 31.24 6.72 -42.70
C GLU P 343 32.35 5.69 -42.72
N TRP P 344 33.16 5.59 -41.67
CA TRP P 344 34.33 4.74 -41.71
C TRP P 344 34.02 3.26 -41.46
N ILE P 345 32.75 2.89 -41.32
CA ILE P 345 32.33 1.50 -41.31
C ILE P 345 31.35 1.31 -42.46
N PRO P 346 31.81 0.84 -43.61
CA PRO P 346 30.91 0.67 -44.76
C PRO P 346 30.06 -0.59 -44.63
N ASN P 347 28.83 -0.48 -45.13
CA ASN P 347 27.83 -1.54 -45.01
C ASN P 347 27.64 -1.94 -43.55
N ASN P 348 27.51 -0.93 -42.69
CA ASN P 348 27.38 -1.18 -41.25
C ASN P 348 25.97 -1.55 -40.86
N VAL P 349 24.98 -1.30 -41.73
CA VAL P 349 23.60 -1.70 -41.49
C VAL P 349 23.35 -3.03 -42.18
N LYS P 350 22.72 -3.96 -41.46
CA LYS P 350 22.44 -5.29 -41.98
C LYS P 350 20.98 -5.64 -41.68
N THR P 351 20.27 -6.11 -42.69
CA THR P 351 18.84 -6.42 -42.57
C THR P 351 18.62 -7.91 -42.77
N ALA P 352 17.63 -8.44 -42.06
CA ALA P 352 17.25 -9.84 -42.17
C ALA P 352 15.74 -9.96 -42.04
N VAL P 353 15.17 -10.98 -42.69
CA VAL P 353 13.72 -11.18 -42.73
C VAL P 353 13.40 -12.59 -42.23
N CYS P 354 12.27 -12.71 -41.53
CA CYS P 354 11.75 -14.00 -41.07
C CYS P 354 10.27 -14.07 -41.37
N ASP P 355 9.85 -15.17 -42.01
CA ASP P 355 8.49 -15.24 -42.53
C ASP P 355 7.46 -15.41 -41.42
N ILE P 356 7.81 -16.09 -40.34
CA ILE P 356 6.87 -16.31 -39.23
C ILE P 356 6.81 -15.05 -38.39
N PRO P 357 5.65 -14.39 -38.31
CA PRO P 357 5.54 -13.17 -37.52
C PRO P 357 5.45 -13.50 -36.04
N PRO P 358 5.52 -12.51 -35.16
CA PRO P 358 5.29 -12.78 -33.74
C PRO P 358 3.80 -12.85 -33.46
N ARG P 359 3.45 -13.61 -32.41
CA ARG P 359 2.04 -13.97 -32.25
C ARG P 359 1.20 -12.71 -32.08
N GLY P 360 0.15 -12.62 -32.88
CA GLY P 360 -0.64 -11.41 -32.94
C GLY P 360 -0.48 -10.68 -34.26
N LEU P 361 0.42 -9.71 -34.26
CA LEU P 361 0.54 -8.78 -35.40
C LEU P 361 0.99 -9.50 -36.66
N LYS P 362 0.52 -8.97 -37.81
CA LYS P 362 0.87 -9.55 -39.11
C LYS P 362 2.30 -9.22 -39.50
N MET P 363 2.76 -8.00 -39.22
CA MET P 363 4.13 -7.61 -39.52
C MET P 363 4.74 -6.90 -38.33
N SER P 364 6.07 -6.96 -38.23
CA SER P 364 6.80 -6.29 -37.17
C SER P 364 8.24 -6.07 -37.63
N ALA P 365 8.96 -5.25 -36.87
CA ALA P 365 10.33 -4.89 -37.24
C ALA P 365 11.07 -4.47 -35.98
N THR P 366 12.20 -5.12 -35.70
CA THR P 366 13.04 -4.82 -34.55
C THR P 366 14.34 -4.18 -35.02
N PHE P 367 14.83 -3.20 -34.25
CA PHE P 367 15.92 -2.32 -34.68
C PHE P 367 17.01 -2.31 -33.60
N ILE P 368 17.95 -3.24 -33.70
CA ILE P 368 19.08 -3.30 -32.77
C ILE P 368 20.17 -2.36 -33.28
N GLY P 369 20.56 -1.40 -32.46
CA GLY P 369 21.55 -0.43 -32.87
C GLY P 369 22.60 -0.08 -31.83
N ASN P 370 23.87 -0.12 -32.23
CA ASN P 370 24.96 0.40 -31.42
C ASN P 370 25.15 1.87 -31.78
N SER P 371 24.40 2.72 -31.11
CA SER P 371 24.43 4.16 -31.37
C SER P 371 25.23 4.86 -30.28
N THR P 372 26.11 5.78 -30.70
CA THR P 372 26.88 6.55 -29.72
C THR P 372 26.00 7.45 -28.87
N ALA P 373 24.76 7.71 -29.31
CA ALA P 373 23.81 8.46 -28.50
C ALA P 373 23.54 7.80 -27.15
N ILE P 374 23.80 6.50 -27.03
CA ILE P 374 23.62 5.75 -25.79
C ILE P 374 24.39 6.41 -24.64
N GLN P 375 25.37 7.26 -24.98
CA GLN P 375 26.08 8.01 -23.95
C GLN P 375 25.15 8.88 -23.12
N GLU P 376 24.03 9.32 -23.71
CA GLU P 376 23.02 10.05 -22.96
C GLU P 376 22.52 9.23 -21.78
N LEU P 377 22.29 7.94 -21.99
CA LEU P 377 21.82 7.07 -20.90
C LEU P 377 22.86 7.02 -19.78
N PHE P 378 24.12 6.79 -20.12
CA PHE P 378 25.16 6.68 -19.10
C PHE P 378 25.44 8.02 -18.43
N LYS P 379 25.19 9.13 -19.13
CA LYS P 379 25.25 10.45 -18.48
C LYS P 379 24.27 10.52 -17.33
N ARG P 380 23.01 10.11 -17.58
CA ARG P 380 21.97 10.15 -16.55
C ARG P 380 22.39 9.36 -15.32
N ILE P 381 22.85 8.13 -15.51
CA ILE P 381 23.22 7.27 -14.38
C ILE P 381 24.39 7.88 -13.60
N SER P 382 25.36 8.45 -14.31
CA SER P 382 26.55 8.97 -13.65
C SER P 382 26.24 10.22 -12.84
N GLU P 383 25.45 11.14 -13.40
CA GLU P 383 25.12 12.37 -12.68
C GLU P 383 24.34 12.04 -11.41
N GLN P 384 23.39 11.11 -11.48
CA GLN P 384 22.68 10.66 -10.28
C GLN P 384 23.63 10.00 -9.30
N PHE P 385 24.53 9.15 -9.81
CA PHE P 385 25.52 8.51 -8.94
C PHE P 385 26.41 9.53 -8.25
N THR P 386 26.92 10.50 -9.01
CA THR P 386 27.89 11.44 -8.45
C THR P 386 27.23 12.35 -7.42
N ALA P 387 26.06 12.91 -7.76
CA ALA P 387 25.28 13.67 -6.79
C ALA P 387 25.11 12.88 -5.50
N MET P 388 24.76 11.59 -5.61
CA MET P 388 24.66 10.73 -4.43
C MET P 388 26.02 10.55 -3.77
N PHE P 389 27.06 10.28 -4.57
CA PHE P 389 28.35 9.88 -4.04
C PHE P 389 29.13 11.03 -3.42
N ARG P 390 28.96 12.25 -3.93
CA ARG P 390 29.68 13.39 -3.38
C ARG P 390 29.24 13.70 -1.96
N ARG P 391 27.98 13.44 -1.63
CA ARG P 391 27.48 13.55 -0.27
C ARG P 391 27.57 12.23 0.50
N LYS P 392 28.07 11.17 -0.14
CA LYS P 392 28.43 9.91 0.54
C LYS P 392 27.24 9.23 1.21
N ALA P 393 26.05 9.39 0.65
CA ALA P 393 24.86 8.79 1.24
C ALA P 393 24.87 7.27 1.10
N PHE P 394 24.30 6.59 2.10
CA PHE P 394 24.07 5.15 2.08
C PHE P 394 25.33 4.32 1.84
N LEU P 395 26.51 4.91 2.00
CA LEU P 395 27.74 4.15 1.76
C LEU P 395 27.96 3.07 2.80
N HIS P 396 27.48 3.27 4.03
CA HIS P 396 27.72 2.30 5.09
C HIS P 396 27.05 0.96 4.80
N TRP P 397 25.99 0.94 3.99
CA TRP P 397 25.44 -0.31 3.49
C TRP P 397 26.51 -1.13 2.79
N TYR P 398 27.10 -0.56 1.74
CA TYR P 398 28.01 -1.31 0.88
C TYR P 398 29.31 -1.64 1.59
N THR P 399 29.90 -0.65 2.29
CA THR P 399 31.17 -0.87 2.96
C THR P 399 31.05 -1.93 4.04
N GLY P 400 29.91 -1.98 4.73
CA GLY P 400 29.70 -3.00 5.75
C GLY P 400 29.80 -4.42 5.22
N GLU P 401 29.40 -4.62 3.96
CA GLU P 401 29.43 -5.94 3.34
C GLU P 401 30.78 -6.28 2.73
N GLY P 402 31.84 -5.55 3.10
CA GLY P 402 33.18 -5.84 2.64
C GLY P 402 33.67 -4.97 1.50
N MET P 403 32.82 -4.07 0.98
CA MET P 403 33.23 -3.20 -0.11
C MET P 403 34.12 -2.07 0.40
N ASP P 404 34.95 -1.55 -0.50
CA ASP P 404 35.82 -0.42 -0.21
C ASP P 404 35.30 0.82 -0.92
N GLU P 405 35.42 1.97 -0.25
CA GLU P 405 35.02 3.24 -0.84
C GLU P 405 35.68 3.47 -2.20
N MET P 406 36.91 2.97 -2.37
CA MET P 406 37.62 3.14 -3.63
C MET P 406 36.84 2.57 -4.81
N GLU P 407 36.14 1.45 -4.61
CA GLU P 407 35.39 0.80 -5.68
C GLU P 407 34.45 1.77 -6.38
N PHE P 408 33.76 2.63 -5.61
CA PHE P 408 32.83 3.59 -6.19
C PHE P 408 33.55 4.55 -7.13
N THR P 409 34.70 5.08 -6.70
CA THR P 409 35.46 6.00 -7.54
C THR P 409 35.90 5.35 -8.85
N GLU P 410 36.35 4.10 -8.79
CA GLU P 410 36.79 3.41 -9.99
C GLU P 410 35.63 3.20 -10.96
N ALA P 411 34.50 2.72 -10.46
CA ALA P 411 33.33 2.54 -11.31
C ALA P 411 32.85 3.87 -11.88
N GLU P 412 32.86 4.92 -11.07
CA GLU P 412 32.53 6.26 -11.55
C GLU P 412 33.44 6.66 -12.70
N SER P 413 34.76 6.54 -12.50
CA SER P 413 35.71 6.92 -13.55
C SER P 413 35.59 6.00 -14.76
N ASN P 414 35.38 4.70 -14.53
CA ASN P 414 35.30 3.76 -15.65
C ASN P 414 34.08 4.02 -16.51
N MET P 415 32.96 4.39 -15.90
CA MET P 415 31.77 4.75 -16.68
C MET P 415 32.00 6.04 -17.46
N ASN P 416 32.75 6.98 -16.88
CA ASN P 416 33.01 8.24 -17.57
C ASN P 416 33.94 8.04 -18.76
N ASP P 417 34.93 7.14 -18.62
CA ASP P 417 35.73 6.76 -19.78
C ASP P 417 34.87 6.15 -20.87
N LEU P 418 33.89 5.33 -20.49
CA LEU P 418 32.98 4.74 -21.47
C LEU P 418 32.18 5.82 -22.20
N VAL P 419 31.78 6.87 -21.49
CA VAL P 419 31.07 7.97 -22.12
C VAL P 419 31.99 8.73 -23.07
N SER P 420 33.21 9.01 -22.63
CA SER P 420 34.17 9.72 -23.49
C SER P 420 34.45 8.95 -24.77
N GLU P 421 34.61 7.62 -24.66
CA GLU P 421 34.85 6.80 -25.84
C GLU P 421 33.73 6.97 -26.86
N TYR P 422 32.48 6.89 -26.41
CA TYR P 422 31.35 7.13 -27.31
C TYR P 422 31.42 8.52 -27.93
N GLN P 423 31.81 9.51 -27.15
CA GLN P 423 31.92 10.87 -27.67
C GLN P 423 33.05 11.00 -28.68
N GLN P 424 34.15 10.27 -28.47
CA GLN P 424 35.28 10.30 -29.40
C GLN P 424 34.86 9.83 -30.78
N TYR P 425 34.28 8.62 -30.86
CA TYR P 425 33.90 8.06 -32.16
C TYR P 425 32.74 8.80 -32.79
N GLN P 426 31.95 9.54 -31.99
CA GLN P 426 30.92 10.39 -32.55
C GLN P 426 31.52 11.55 -33.33
N ASP P 427 32.57 12.16 -32.79
CA ASP P 427 33.25 13.28 -33.43
C ASP P 427 34.33 12.86 -34.40
N ALA P 428 34.52 11.55 -34.61
CA ALA P 428 35.53 11.07 -35.53
C ALA P 428 35.13 11.38 -36.98
N THR P 429 36.15 11.44 -37.84
CA THR P 429 35.95 11.73 -39.25
C THR P 429 36.75 10.76 -40.10
N ALA P 430 36.24 10.49 -41.31
CA ALA P 430 36.97 9.67 -42.26
C ALA P 430 38.00 10.48 -43.03
N ASP P 431 37.64 11.71 -43.42
CA ASP P 431 38.44 12.59 -44.27
C ASP P 431 39.34 11.86 -45.28
N ARG Q 2 19.97 -1.35 42.13
CA ARG Q 2 19.55 -0.24 42.98
C ARG Q 2 20.68 0.23 43.88
N GLU Q 3 21.60 -0.68 44.19
CA GLU Q 3 22.43 -0.55 45.38
C GLU Q 3 23.68 0.27 45.10
N CYS Q 4 24.29 0.75 46.19
CA CYS Q 4 25.46 1.61 46.14
C CYS Q 4 26.43 1.21 47.24
N ILE Q 5 27.71 1.07 46.89
CA ILE Q 5 28.75 0.65 47.83
C ILE Q 5 29.59 1.85 48.21
N SER Q 6 29.83 2.03 49.50
CA SER Q 6 30.70 3.08 50.00
C SER Q 6 32.06 2.51 50.39
N ILE Q 7 33.12 3.29 50.15
CA ILE Q 7 34.48 2.88 50.47
C ILE Q 7 35.14 4.03 51.23
N HIS Q 8 35.92 3.69 52.25
CA HIS Q 8 36.55 4.69 53.12
C HIS Q 8 38.03 4.35 53.23
N VAL Q 9 38.88 5.29 52.81
CA VAL Q 9 40.32 5.07 52.67
C VAL Q 9 41.04 6.09 53.52
N GLY Q 10 42.01 5.62 54.31
CA GLY Q 10 42.75 6.50 55.21
C GLY Q 10 41.93 6.97 56.39
N GLN Q 11 42.62 7.54 57.38
CA GLN Q 11 41.96 8.07 58.56
C GLN Q 11 40.82 9.02 58.20
N ALA Q 12 41.04 9.90 57.23
CA ALA Q 12 40.00 10.85 56.82
C ALA Q 12 38.73 10.12 56.39
N GLY Q 13 38.85 9.25 55.37
CA GLY Q 13 37.71 8.47 54.94
C GLY Q 13 37.03 7.70 56.07
N VAL Q 14 37.83 6.97 56.85
CA VAL Q 14 37.26 6.11 57.89
C VAL Q 14 36.54 6.93 58.94
N GLN Q 15 37.14 8.03 59.38
CA GLN Q 15 36.56 8.80 60.47
C GLN Q 15 35.39 9.66 60.00
N ILE Q 16 35.43 10.16 58.76
CA ILE Q 16 34.25 10.78 58.18
C ILE Q 16 33.18 9.75 57.89
N GLY Q 17 33.59 8.54 57.50
CA GLY Q 17 32.65 7.45 57.34
C GLY Q 17 31.84 7.19 58.59
N ASN Q 18 32.52 7.11 59.74
CA ASN Q 18 31.82 6.95 61.02
C ASN Q 18 30.76 8.02 61.20
N ALA Q 19 31.12 9.29 60.93
CA ALA Q 19 30.18 10.39 61.10
C ALA Q 19 28.99 10.26 60.15
N CYS Q 20 29.21 9.73 58.94
CA CYS Q 20 28.13 9.61 57.98
C CYS Q 20 27.19 8.45 58.31
N TRP Q 21 27.76 7.28 58.66
CA TRP Q 21 26.91 6.13 58.98
C TRP Q 21 26.24 6.28 60.33
N GLU Q 22 26.86 7.03 61.26
CA GLU Q 22 26.14 7.47 62.44
C GLU Q 22 24.93 8.30 62.05
N LEU Q 23 25.11 9.23 61.11
CA LEU Q 23 24.03 10.11 60.69
C LEU Q 23 23.03 9.40 59.79
N TYR Q 24 23.48 8.42 59.00
CA TYR Q 24 22.55 7.61 58.20
C TYR Q 24 21.64 6.78 59.10
N CYS Q 25 22.18 6.24 60.19
CA CYS Q 25 21.39 5.38 61.06
C CYS Q 25 20.39 6.17 61.88
N LEU Q 26 20.68 7.44 62.17
CA LEU Q 26 19.70 8.30 62.83
C LEU Q 26 18.61 8.73 61.85
N GLU Q 27 18.99 9.03 60.60
CA GLU Q 27 18.01 9.41 59.60
C GLU Q 27 17.09 8.24 59.23
N HIS Q 28 17.57 7.01 59.36
CA HIS Q 28 16.80 5.83 59.01
C HIS Q 28 16.31 5.07 60.23
N GLY Q 29 16.43 5.65 61.42
CA GLY Q 29 15.98 4.99 62.64
C GLY Q 29 16.59 3.62 62.88
N ILE Q 30 17.83 3.41 62.44
CA ILE Q 30 18.51 2.14 62.62
C ILE Q 30 19.33 2.21 63.91
N GLN Q 31 19.36 1.08 64.64
CA GLN Q 31 19.97 0.99 65.95
C GLN Q 31 21.47 0.72 65.82
N PRO Q 32 22.25 1.02 66.87
CA PRO Q 32 23.68 0.68 66.84
C PRO Q 32 23.93 -0.82 66.69
N ASP Q 33 23.06 -1.66 67.25
CA ASP Q 33 23.18 -3.10 67.10
C ASP Q 33 22.70 -3.60 65.75
N GLY Q 34 22.12 -2.72 64.92
CA GLY Q 34 21.68 -3.09 63.58
C GLY Q 34 20.19 -3.25 63.42
N GLN Q 35 19.44 -3.32 64.52
CA GLN Q 35 18.00 -3.55 64.44
C GLN Q 35 17.27 -2.30 63.98
N MET Q 36 15.97 -2.47 63.74
CA MET Q 36 15.11 -1.40 63.24
C MET Q 36 13.66 -1.73 63.55
N PRO Q 37 12.95 -0.88 64.32
CA PRO Q 37 11.54 -1.16 64.62
C PRO Q 37 10.61 -0.66 63.53
N SER Q 38 11.14 -0.39 62.34
CA SER Q 38 10.39 0.25 61.28
C SER Q 38 10.64 -0.42 59.93
N ASP Q 47 12.72 -1.14 49.49
CA ASP Q 47 12.55 0.20 50.02
C ASP Q 47 13.61 1.16 49.48
N SER Q 48 13.42 2.46 49.70
CA SER Q 48 14.34 3.46 49.19
C SER Q 48 15.66 3.48 49.97
N PHE Q 49 15.61 3.15 51.26
CA PHE Q 49 16.82 3.22 52.09
C PHE Q 49 17.73 2.03 51.89
N ASN Q 50 17.23 0.93 51.31
CA ASN Q 50 18.04 -0.26 51.08
C ASN Q 50 19.00 -0.09 49.91
N THR Q 51 19.07 1.09 49.31
CA THR Q 51 20.17 1.42 48.41
C THR Q 51 21.51 1.33 49.11
N PHE Q 52 21.55 1.65 50.40
CA PHE Q 52 22.78 1.73 51.17
C PHE Q 52 22.97 0.55 52.12
N PHE Q 53 21.90 -0.04 52.61
CA PHE Q 53 21.97 -1.12 53.58
C PHE Q 53 21.47 -2.43 52.98
N SER Q 54 22.05 -3.54 53.45
CA SER Q 54 21.54 -4.86 53.17
C SER Q 54 20.82 -5.40 54.40
N GLU Q 55 20.33 -6.62 54.31
CA GLU Q 55 19.51 -7.18 55.39
C GLU Q 55 19.92 -8.62 55.70
N THR Q 56 20.02 -8.92 56.99
CA THR Q 56 20.24 -10.27 57.46
C THR Q 56 18.90 -11.00 57.59
N GLY Q 57 18.96 -12.34 57.60
CA GLY Q 57 17.78 -13.12 57.88
C GLY Q 57 17.19 -12.86 59.25
N ALA Q 58 18.01 -12.37 60.19
CA ALA Q 58 17.57 -12.10 61.56
C ALA Q 58 17.11 -10.66 61.76
N GLY Q 59 16.62 -10.01 60.69
CA GLY Q 59 16.09 -8.67 60.82
C GLY Q 59 17.11 -7.60 61.09
N LYS Q 60 18.37 -7.84 60.71
CA LYS Q 60 19.46 -6.91 60.96
C LYS Q 60 19.86 -6.22 59.66
N HIS Q 61 20.14 -4.92 59.74
CA HIS Q 61 20.41 -4.09 58.58
C HIS Q 61 21.90 -3.73 58.56
N VAL Q 62 22.63 -4.25 57.58
CA VAL Q 62 24.08 -4.08 57.51
C VAL Q 62 24.43 -3.08 56.41
N PRO Q 63 25.33 -2.13 56.67
CA PRO Q 63 25.75 -1.19 55.61
C PRO Q 63 26.46 -1.89 54.48
N ARG Q 64 26.39 -1.28 53.29
CA ARG Q 64 27.15 -1.73 52.13
C ARG Q 64 28.44 -0.91 52.04
N ALA Q 65 29.36 -1.20 52.95
CA ALA Q 65 30.53 -0.36 53.14
C ALA Q 65 31.76 -1.21 53.40
N VAL Q 66 32.91 -0.69 52.97
CA VAL Q 66 34.22 -1.26 53.24
C VAL Q 66 35.08 -0.17 53.88
N PHE Q 67 35.79 -0.52 54.95
CA PHE Q 67 36.71 0.40 55.61
C PHE Q 67 38.13 -0.10 55.42
N VAL Q 68 39.01 0.78 54.95
CA VAL Q 68 40.39 0.44 54.64
C VAL Q 68 41.32 1.49 55.23
N ASP Q 69 42.40 1.01 55.85
CA ASP Q 69 43.49 1.86 56.34
C ASP Q 69 44.73 0.99 56.44
N LEU Q 70 45.88 1.56 56.09
CA LEU Q 70 47.12 0.80 56.10
C LEU Q 70 47.69 0.73 57.51
N GLU Q 71 46.82 0.77 58.51
CA GLU Q 71 47.22 0.93 59.90
C GLU Q 71 46.02 0.70 60.81
N PRO Q 72 46.19 -0.10 61.88
CA PRO Q 72 45.02 -0.54 62.65
C PRO Q 72 44.33 0.58 63.43
N THR Q 73 45.11 1.47 64.06
CA THR Q 73 44.64 2.36 65.13
C THR Q 73 43.24 2.93 64.91
N VAL Q 74 42.98 3.50 63.74
CA VAL Q 74 41.70 4.18 63.51
C VAL Q 74 40.57 3.18 63.37
N ILE Q 75 40.77 2.14 62.57
CA ILE Q 75 39.71 1.16 62.35
C ILE Q 75 39.53 0.26 63.57
N ASP Q 76 40.57 0.11 64.40
CA ASP Q 76 40.40 -0.61 65.65
C ASP Q 76 39.36 0.06 66.54
N GLU Q 77 39.30 1.39 66.50
CA GLU Q 77 38.29 2.12 67.27
C GLU Q 77 36.89 1.92 66.70
N VAL Q 78 36.77 1.58 65.42
CA VAL Q 78 35.46 1.28 64.84
C VAL Q 78 34.90 -0.01 65.45
N ARG Q 79 35.70 -1.07 65.43
CA ARG Q 79 35.28 -2.39 65.91
C ARG Q 79 35.33 -2.54 67.42
N THR Q 80 35.64 -1.46 68.15
CA THR Q 80 35.47 -1.43 69.60
C THR Q 80 34.64 -0.23 70.03
N GLY Q 81 33.95 0.41 69.08
CA GLY Q 81 33.16 1.59 69.35
C GLY Q 81 31.68 1.32 69.50
N THR Q 82 30.92 2.41 69.53
CA THR Q 82 29.46 2.35 69.62
C THR Q 82 28.86 1.47 68.52
N TYR Q 83 29.38 1.57 67.31
CA TYR Q 83 28.85 0.83 66.17
C TYR Q 83 29.73 -0.36 65.79
N ARG Q 84 30.25 -1.07 66.79
CA ARG Q 84 31.06 -2.26 66.51
C ARG Q 84 30.21 -3.39 65.95
N GLN Q 85 28.95 -3.48 66.38
CA GLN Q 85 28.06 -4.55 65.95
C GLN Q 85 27.47 -4.30 64.56
N LEU Q 86 27.51 -3.05 64.08
CA LEU Q 86 26.85 -2.71 62.82
C LEU Q 86 27.56 -3.34 61.64
N PHE Q 87 28.89 -3.34 61.64
CA PHE Q 87 29.67 -3.86 60.51
C PHE Q 87 30.05 -5.31 60.73
N HIS Q 88 30.07 -6.07 59.65
CA HIS Q 88 30.69 -7.39 59.68
C HIS Q 88 32.20 -7.25 59.77
N PRO Q 89 32.86 -8.09 60.58
CA PRO Q 89 34.32 -7.92 60.77
C PRO Q 89 35.12 -8.06 59.48
N GLU Q 90 34.62 -8.80 58.49
CA GLU Q 90 35.32 -8.90 57.21
C GLU Q 90 35.28 -7.61 56.42
N GLN Q 91 34.43 -6.65 56.79
CA GLN Q 91 34.36 -5.37 56.09
C GLN Q 91 35.46 -4.42 56.54
N LEU Q 92 35.95 -4.59 57.76
CA LEU Q 92 36.96 -3.69 58.33
C LEU Q 92 38.35 -4.29 58.10
N ILE Q 93 39.12 -3.66 57.21
CA ILE Q 93 40.42 -4.16 56.78
C ILE Q 93 41.50 -3.18 57.24
N THR Q 94 42.57 -3.72 57.84
CA THR Q 94 43.69 -2.90 58.30
C THR Q 94 45.01 -3.58 57.94
N GLY Q 95 45.99 -2.77 57.57
CA GLY Q 95 47.36 -3.22 57.47
C GLY Q 95 48.11 -2.98 58.77
N LYS Q 96 49.44 -2.86 58.65
CA LYS Q 96 50.27 -2.61 59.81
C LYS Q 96 51.15 -1.38 59.61
N GLU Q 97 51.88 -1.32 58.51
CA GLU Q 97 52.70 -0.15 58.19
C GLU Q 97 51.87 0.82 57.36
N ASP Q 98 51.74 2.05 57.85
CA ASP Q 98 51.00 3.08 57.14
C ASP Q 98 51.83 3.60 55.95
N ALA Q 99 51.23 4.52 55.18
CA ALA Q 99 51.90 5.06 53.99
C ALA Q 99 52.84 6.20 54.34
N ALA Q 100 52.79 6.72 55.56
CA ALA Q 100 53.68 7.77 56.04
C ALA Q 100 53.62 9.01 55.15
N ASN Q 101 52.41 9.51 54.93
CA ASN Q 101 52.16 10.77 54.22
C ASN Q 101 52.86 10.78 52.85
N ASN Q 102 53.00 9.61 52.23
CA ASN Q 102 53.72 9.47 50.97
C ASN Q 102 52.82 8.77 49.97
N TYR Q 103 52.44 9.49 48.92
CA TYR Q 103 51.61 8.91 47.86
C TYR Q 103 52.25 7.66 47.27
N ALA Q 104 53.59 7.67 47.13
CA ALA Q 104 54.29 6.52 46.57
C ALA Q 104 54.02 5.25 47.38
N ARG Q 105 54.09 5.35 48.70
CA ARG Q 105 53.86 4.17 49.53
C ARG Q 105 52.41 3.72 49.49
N GLY Q 106 51.47 4.68 49.48
CA GLY Q 106 50.07 4.32 49.35
C GLY Q 106 49.75 3.65 48.03
N HIS Q 107 50.39 4.10 46.95
CA HIS Q 107 50.08 3.63 45.62
C HIS Q 107 50.94 2.43 45.19
N TYR Q 108 52.25 2.49 45.45
CA TYR Q 108 53.19 1.51 44.92
C TYR Q 108 53.65 0.50 45.97
N THR Q 109 54.32 0.97 47.03
CA THR Q 109 55.07 0.07 47.90
C THR Q 109 54.15 -0.70 48.85
N ILE Q 110 53.39 0.00 49.68
CA ILE Q 110 52.53 -0.65 50.67
C ILE Q 110 51.18 -1.03 50.07
N GLY Q 111 50.65 -0.18 49.20
CA GLY Q 111 49.31 -0.43 48.67
C GLY Q 111 49.18 -1.73 47.90
N LYS Q 112 50.23 -2.15 47.20
CA LYS Q 112 50.16 -3.38 46.43
C LYS Q 112 50.08 -4.62 47.31
N GLU Q 113 50.51 -4.52 48.57
CA GLU Q 113 50.48 -5.68 49.46
C GLU Q 113 49.07 -6.03 49.94
N ILE Q 114 48.11 -5.12 49.79
CA ILE Q 114 46.80 -5.32 50.40
C ILE Q 114 45.68 -5.05 49.38
N ILE Q 115 46.05 -4.53 48.22
CA ILE Q 115 45.05 -4.15 47.21
C ILE Q 115 44.18 -5.34 46.83
N ASP Q 116 44.77 -6.54 46.75
CA ASP Q 116 44.01 -7.71 46.30
C ASP Q 116 43.02 -8.16 47.36
N LEU Q 117 43.43 -8.17 48.64
CA LEU Q 117 42.48 -8.47 49.72
C LEU Q 117 41.34 -7.47 49.75
N VAL Q 118 41.64 -6.19 49.48
CA VAL Q 118 40.60 -5.16 49.49
C VAL Q 118 39.62 -5.37 48.35
N LEU Q 119 40.14 -5.56 47.13
CA LEU Q 119 39.28 -5.84 45.99
C LEU Q 119 38.47 -7.11 46.20
N ASP Q 120 39.04 -8.10 46.90
CA ASP Q 120 38.32 -9.35 47.15
C ASP Q 120 37.13 -9.11 48.08
N ARG Q 121 37.32 -8.33 49.15
CA ARG Q 121 36.23 -8.05 50.07
C ARG Q 121 35.15 -7.17 49.44
N ILE Q 122 35.51 -6.39 48.42
CA ILE Q 122 34.52 -5.63 47.67
C ILE Q 122 33.63 -6.55 46.86
N ARG Q 123 34.24 -7.60 46.26
CA ARG Q 123 33.47 -8.57 45.49
C ARG Q 123 32.40 -9.25 46.34
N LYS Q 124 32.68 -9.46 47.63
CA LYS Q 124 31.71 -10.13 48.49
C LYS Q 124 30.47 -9.26 48.74
N LEU Q 125 30.64 -7.94 48.80
CA LEU Q 125 29.48 -7.05 48.90
C LEU Q 125 28.78 -6.87 47.57
N ALA Q 126 29.54 -6.87 46.46
CA ALA Q 126 28.94 -6.73 45.15
C ALA Q 126 28.22 -8.00 44.73
N ASP Q 127 28.65 -9.16 45.24
CA ASP Q 127 27.97 -10.41 44.94
C ASP Q 127 26.62 -10.48 45.65
N GLN Q 128 26.49 -9.84 46.82
CA GLN Q 128 25.21 -9.78 47.50
C GLN Q 128 24.22 -8.85 46.78
N CYS Q 129 24.72 -7.97 45.92
CA CYS Q 129 23.89 -6.97 45.26
C CYS Q 129 23.46 -7.48 43.88
N THR Q 130 22.27 -7.04 43.46
CA THR Q 130 21.68 -7.47 42.19
C THR Q 130 21.92 -6.45 41.08
N GLY Q 131 21.50 -5.21 41.29
CA GLY Q 131 21.71 -4.15 40.31
C GLY Q 131 22.61 -3.06 40.82
N LEU Q 132 23.89 -3.38 40.99
CA LEU Q 132 24.84 -2.45 41.60
C LEU Q 132 25.02 -1.22 40.72
N GLN Q 133 24.99 -0.04 41.35
CA GLN Q 133 25.10 1.23 40.63
C GLN Q 133 26.56 1.67 40.45
N GLY Q 134 27.34 1.60 41.52
CA GLY Q 134 28.66 2.20 41.52
C GLY Q 134 29.19 2.34 42.93
N PHE Q 135 30.15 3.26 43.08
CA PHE Q 135 30.92 3.37 44.31
C PHE Q 135 31.00 4.82 44.78
N SER Q 136 30.88 5.01 46.09
CA SER Q 136 31.20 6.28 46.73
C SER Q 136 32.53 6.11 47.46
N VAL Q 137 33.41 7.09 47.30
CA VAL Q 137 34.78 6.98 47.78
C VAL Q 137 35.10 8.17 48.67
N PHE Q 138 35.59 7.88 49.87
CA PHE Q 138 35.90 8.89 50.88
C PHE Q 138 37.37 8.77 51.24
N HIS Q 139 38.11 9.87 51.12
CA HIS Q 139 39.56 9.81 51.33
C HIS Q 139 40.10 11.23 51.44
N SER Q 140 41.26 11.35 52.07
CA SER Q 140 41.99 12.61 52.14
C SER Q 140 42.81 12.86 50.87
N PHE Q 141 43.26 14.10 50.73
CA PHE Q 141 44.23 14.47 49.69
C PHE Q 141 45.67 14.33 50.18
N GLY Q 142 46.00 15.00 51.29
CA GLY Q 142 47.38 15.05 51.75
C GLY Q 142 47.90 13.75 52.31
N GLY Q 143 47.01 12.86 52.75
CA GLY Q 143 47.45 11.58 53.29
C GLY Q 143 48.14 10.73 52.23
N GLY Q 144 49.09 9.92 52.69
CA GLY Q 144 49.71 8.96 51.80
C GLY Q 144 48.75 7.84 51.41
N THR Q 145 48.07 7.28 52.41
CA THR Q 145 47.02 6.30 52.13
C THR Q 145 45.89 6.92 51.33
N GLY Q 146 45.37 8.06 51.79
CA GLY Q 146 44.24 8.69 51.11
C GLY Q 146 44.53 9.02 49.66
N SER Q 147 45.73 9.53 49.37
CA SER Q 147 46.08 9.86 47.99
C SER Q 147 46.49 8.62 47.21
N GLY Q 148 47.48 7.87 47.72
CA GLY Q 148 48.07 6.81 46.93
C GLY Q 148 47.15 5.62 46.75
N PHE Q 149 46.65 5.06 47.86
CA PHE Q 149 45.88 3.82 47.77
C PHE Q 149 44.57 4.02 47.02
N THR Q 150 43.86 5.12 47.30
CA THR Q 150 42.63 5.41 46.58
C THR Q 150 42.87 5.44 45.07
N SER Q 151 43.85 6.23 44.63
CA SER Q 151 44.17 6.32 43.21
C SER Q 151 44.48 4.93 42.63
N LEU Q 152 45.13 4.08 43.41
CA LEU Q 152 45.33 2.69 43.00
C LEU Q 152 44.00 1.94 42.94
N LEU Q 153 43.23 1.99 44.03
CA LEU Q 153 41.94 1.30 44.06
C LEU Q 153 41.01 1.79 42.97
N MET Q 154 41.05 3.10 42.67
CA MET Q 154 40.23 3.64 41.59
C MET Q 154 40.64 3.08 40.24
N GLU Q 155 41.95 2.91 40.03
CA GLU Q 155 42.43 2.28 38.80
C GLU Q 155 41.86 0.87 38.65
N ARG Q 156 41.89 0.09 39.73
CA ARG Q 156 41.48 -1.30 39.65
C ARG Q 156 39.96 -1.46 39.60
N LEU Q 157 39.21 -0.50 40.15
CA LEU Q 157 37.76 -0.56 40.04
C LEU Q 157 37.28 -0.23 38.64
N SER Q 158 38.02 0.60 37.91
CA SER Q 158 37.69 0.87 36.52
C SER Q 158 37.94 -0.34 35.61
N VAL Q 159 38.54 -1.40 36.14
CA VAL Q 159 38.70 -2.64 35.39
C VAL Q 159 37.62 -3.65 35.82
N ASP Q 160 37.65 -4.05 37.10
CA ASP Q 160 36.77 -5.11 37.58
C ASP Q 160 35.31 -4.69 37.65
N TYR Q 161 35.01 -3.38 37.56
CA TYR Q 161 33.65 -2.88 37.56
C TYR Q 161 33.51 -1.73 36.57
N GLY Q 162 34.28 -1.77 35.48
CA GLY Q 162 34.50 -0.58 34.67
C GLY Q 162 33.25 0.12 34.17
N LYS Q 163 32.19 -0.64 33.91
CA LYS Q 163 30.99 -0.08 33.27
C LYS Q 163 30.01 0.49 34.28
N LYS Q 164 30.46 1.24 35.29
CA LYS Q 164 29.55 1.85 36.25
C LYS Q 164 30.24 3.03 36.92
N SER Q 165 29.47 3.76 37.72
CA SER Q 165 29.88 5.07 38.20
C SER Q 165 30.77 4.95 39.42
N LYS Q 166 31.54 6.01 39.66
CA LYS Q 166 32.40 6.14 40.83
C LYS Q 166 32.44 7.60 41.23
N LEU Q 167 32.12 7.89 42.49
CA LEU Q 167 32.04 9.25 43.00
C LEU Q 167 33.04 9.46 44.12
N GLU Q 168 33.68 10.64 44.12
CA GLU Q 168 34.70 10.97 45.10
C GLU Q 168 34.15 11.91 46.18
N PHE Q 169 34.72 11.81 47.37
CA PHE Q 169 34.52 12.76 48.46
C PHE Q 169 35.90 13.06 49.03
N SER Q 170 36.57 14.04 48.43
CA SER Q 170 37.94 14.37 48.77
C SER Q 170 38.01 15.44 49.85
N ILE Q 171 39.03 15.34 50.70
CA ILE Q 171 39.28 16.31 51.76
C ILE Q 171 40.43 17.19 51.30
N TYR Q 172 40.09 18.38 50.82
CA TYR Q 172 41.11 19.33 50.39
C TYR Q 172 41.90 19.81 51.61
N PRO Q 173 43.23 19.82 51.54
CA PRO Q 173 44.03 20.09 52.75
C PRO Q 173 44.03 21.57 53.13
N ALA Q 174 44.38 21.81 54.39
CA ALA Q 174 44.35 23.15 54.97
C ALA Q 174 45.38 23.28 56.09
N PRO Q 175 46.26 24.29 56.02
CA PRO Q 175 47.34 24.41 57.02
C PRO Q 175 46.87 24.40 58.48
N GLN Q 176 45.60 24.71 58.73
CA GLN Q 176 45.12 24.77 60.10
C GLN Q 176 45.01 23.40 60.75
N VAL Q 177 44.88 22.33 59.97
CA VAL Q 177 44.83 20.97 60.51
C VAL Q 177 45.81 20.09 59.75
N SER Q 178 46.66 20.70 58.92
CA SER Q 178 47.55 19.94 58.05
C SER Q 178 48.56 19.17 58.88
N THR Q 179 48.76 17.89 58.54
CA THR Q 179 49.69 17.01 59.24
C THR Q 179 51.02 16.85 58.52
N ALA Q 180 51.14 17.32 57.28
CA ALA Q 180 52.33 17.06 56.48
C ALA Q 180 52.68 18.28 55.64
N VAL Q 181 53.98 18.40 55.35
CA VAL Q 181 54.46 19.44 54.43
C VAL Q 181 54.14 19.06 52.99
N VAL Q 182 54.13 17.76 52.69
CA VAL Q 182 54.09 17.28 51.32
C VAL Q 182 52.66 17.10 50.82
N GLU Q 183 51.70 17.67 51.55
CA GLU Q 183 50.31 17.52 51.16
C GLU Q 183 49.99 18.10 49.79
N PRO Q 184 50.60 19.22 49.35
CA PRO Q 184 50.44 19.61 47.94
C PRO Q 184 50.86 18.52 46.96
N TYR Q 185 52.01 17.87 47.20
CA TYR Q 185 52.45 16.77 46.36
C TYR Q 185 51.38 15.68 46.26
N ASN Q 186 50.94 15.17 47.42
CA ASN Q 186 50.00 14.05 47.43
C ASN Q 186 48.69 14.41 46.74
N SER Q 187 48.20 15.63 46.96
CA SER Q 187 46.97 16.06 46.32
C SER Q 187 47.10 16.08 44.80
N ILE Q 188 48.14 16.76 44.29
CA ILE Q 188 48.35 16.83 42.85
C ILE Q 188 48.52 15.43 42.25
N LEU Q 189 49.27 14.56 42.94
CA LEU Q 189 49.58 13.26 42.38
C LEU Q 189 48.35 12.38 42.26
N THR Q 190 47.50 12.37 43.28
CA THR Q 190 46.27 11.56 43.19
C THR Q 190 45.27 12.18 42.23
N THR Q 191 45.18 13.52 42.20
CA THR Q 191 44.24 14.17 41.30
C THR Q 191 44.61 13.92 39.84
N HIS Q 192 45.89 13.72 39.56
CA HIS Q 192 46.32 13.37 38.21
C HIS Q 192 45.87 11.96 37.85
N THR Q 193 46.17 10.98 38.71
CA THR Q 193 45.90 9.58 38.40
C THR Q 193 44.44 9.18 38.64
N THR Q 194 43.69 9.95 39.41
CA THR Q 194 42.28 9.68 39.67
C THR Q 194 41.35 10.51 38.80
N LEU Q 195 41.90 11.38 37.94
CA LEU Q 195 41.08 12.24 37.12
C LEU Q 195 40.28 11.44 36.10
N GLU Q 196 40.93 10.52 35.38
CA GLU Q 196 40.26 9.75 34.34
C GLU Q 196 39.29 8.73 34.91
N HIS Q 197 39.49 8.29 36.15
CA HIS Q 197 38.71 7.19 36.71
C HIS Q 197 37.58 7.67 37.59
N SER Q 198 37.38 8.98 37.72
CA SER Q 198 36.32 9.54 38.54
C SER Q 198 35.30 10.24 37.65
N ASP Q 199 34.02 9.94 37.88
CA ASP Q 199 32.94 10.56 37.13
C ASP Q 199 32.50 11.89 37.72
N CYS Q 200 32.54 12.01 39.04
CA CYS Q 200 32.23 13.27 39.72
C CYS Q 200 32.90 13.24 41.09
N ALA Q 201 33.25 14.43 41.59
CA ALA Q 201 34.10 14.53 42.78
C ALA Q 201 33.79 15.80 43.54
N PHE Q 202 33.36 15.65 44.80
CA PHE Q 202 33.05 16.77 45.69
C PHE Q 202 34.24 17.06 46.59
N MET Q 203 34.89 18.20 46.36
CA MET Q 203 35.99 18.64 47.22
C MET Q 203 35.45 19.27 48.50
N VAL Q 204 36.20 19.09 49.59
CA VAL Q 204 35.88 19.68 50.89
C VAL Q 204 37.14 20.36 51.41
N ASP Q 205 37.19 21.68 51.33
CA ASP Q 205 38.31 22.43 51.90
C ASP Q 205 38.20 22.44 53.42
N ASN Q 206 39.18 21.82 54.09
CA ASN Q 206 39.18 21.82 55.55
C ASN Q 206 39.31 23.22 56.12
N GLU Q 207 39.77 24.20 55.33
CA GLU Q 207 39.83 25.57 55.81
C GLU Q 207 38.43 26.17 55.92
N ALA Q 208 37.61 25.98 54.89
CA ALA Q 208 36.23 26.46 54.93
C ALA Q 208 35.47 25.82 56.09
N ILE Q 209 35.61 24.51 56.26
CA ILE Q 209 34.97 23.82 57.38
C ILE Q 209 35.51 24.36 58.70
N TYR Q 210 36.79 24.72 58.74
CA TYR Q 210 37.35 25.36 59.92
C TYR Q 210 36.74 26.74 60.16
N ASP Q 211 36.76 27.60 59.12
CA ASP Q 211 36.15 28.92 59.23
C ASP Q 211 34.70 28.86 59.67
N ILE Q 212 33.93 27.94 59.08
CA ILE Q 212 32.51 27.82 59.41
C ILE Q 212 32.34 27.46 60.88
N CYS Q 213 33.12 26.49 61.38
CA CYS Q 213 32.98 26.07 62.76
C CYS Q 213 33.38 27.17 63.74
N ARG Q 214 34.28 28.07 63.33
CA ARG Q 214 34.69 29.16 64.20
C ARG Q 214 33.67 30.30 64.21
N ARG Q 215 32.98 30.52 63.09
CA ARG Q 215 32.04 31.63 62.97
C ARG Q 215 30.63 31.23 63.39
N ASN Q 216 30.08 30.19 62.76
CA ASN Q 216 28.67 29.87 62.92
C ASN Q 216 28.41 28.83 64.00
N LEU Q 217 29.36 27.94 64.27
CA LEU Q 217 29.24 27.04 65.39
C LEU Q 217 29.84 27.60 66.68
N ASP Q 218 30.60 28.69 66.59
CA ASP Q 218 31.16 29.39 67.75
C ASP Q 218 32.08 28.47 68.56
N ILE Q 219 33.14 28.02 67.89
CA ILE Q 219 34.16 27.17 68.49
C ILE Q 219 35.51 27.83 68.28
N GLU Q 220 36.31 27.91 69.35
CA GLU Q 220 37.64 28.53 69.24
C GLU Q 220 38.57 27.69 68.37
N ARG Q 221 38.88 26.47 68.83
CA ARG Q 221 39.75 25.54 68.09
C ARG Q 221 38.97 24.25 67.85
N PRO Q 222 38.33 24.12 66.69
CA PRO Q 222 37.56 22.90 66.40
C PRO Q 222 38.44 21.66 66.40
N THR Q 223 37.83 20.52 66.76
CA THR Q 223 38.48 19.22 66.64
C THR Q 223 38.02 18.53 65.37
N TYR Q 224 38.55 17.33 65.13
CA TYR Q 224 38.14 16.56 63.95
C TYR Q 224 36.67 16.17 64.05
N THR Q 225 36.22 15.83 65.26
CA THR Q 225 34.80 15.54 65.46
C THR Q 225 33.93 16.72 65.04
N ASN Q 226 34.33 17.93 65.41
CA ASN Q 226 33.60 19.13 64.97
C ASN Q 226 33.51 19.19 63.45
N LEU Q 227 34.66 19.07 62.77
CA LEU Q 227 34.67 19.19 61.32
C LEU Q 227 33.93 18.03 60.65
N ASN Q 228 34.15 16.80 61.14
CA ASN Q 228 33.54 15.63 60.51
C ASN Q 228 32.02 15.67 60.61
N ARG Q 229 31.48 16.07 61.76
CA ARG Q 229 30.03 16.16 61.92
C ARG Q 229 29.45 17.15 60.93
N LEU Q 230 30.04 18.35 60.83
CA LEU Q 230 29.63 19.33 59.83
C LEU Q 230 29.71 18.74 58.43
N ILE Q 231 30.80 18.07 58.11
CA ILE Q 231 30.97 17.47 56.78
C ILE Q 231 29.91 16.40 56.54
N GLY Q 232 29.70 15.53 57.53
CA GLY Q 232 28.70 14.48 57.39
C GLY Q 232 27.30 15.03 57.12
N GLN Q 233 26.99 16.18 57.70
CA GLN Q 233 25.71 16.82 57.41
C GLN Q 233 25.59 17.20 55.94
N ILE Q 234 26.66 17.74 55.36
CA ILE Q 234 26.61 18.16 53.97
C ILE Q 234 26.69 16.95 53.03
N VAL Q 235 27.40 15.90 53.45
CA VAL Q 235 27.40 14.66 52.67
C VAL Q 235 26.01 14.03 52.67
N SER Q 236 25.36 13.99 53.83
CA SER Q 236 23.99 13.47 53.91
C SER Q 236 23.04 14.22 52.99
N SER Q 237 23.22 15.55 52.89
CA SER Q 237 22.35 16.35 52.02
C SER Q 237 22.50 15.96 50.56
N ILE Q 238 23.69 15.53 50.16
CA ILE Q 238 23.91 15.17 48.76
C ILE Q 238 23.41 13.75 48.48
N THR Q 239 23.60 12.83 49.42
CA THR Q 239 23.17 11.45 49.28
C THR Q 239 21.73 11.22 49.73
N ALA Q 240 21.04 12.28 50.18
CA ALA Q 240 19.64 12.13 50.59
C ALA Q 240 18.78 11.69 49.42
N SER Q 241 19.06 12.21 48.22
CA SER Q 241 18.27 11.85 47.04
C SER Q 241 18.37 10.37 46.72
N LEU Q 242 19.49 9.74 47.08
CA LEU Q 242 19.70 8.32 46.80
C LEU Q 242 19.12 7.41 47.87
N ARG Q 243 18.84 7.95 49.06
CA ARG Q 243 18.44 7.13 50.21
C ARG Q 243 16.95 7.20 50.52
N PHE Q 244 16.23 8.18 49.98
CA PHE Q 244 14.82 8.35 50.27
C PHE Q 244 13.94 8.37 49.02
N ASP Q 245 14.52 8.16 47.85
CA ASP Q 245 13.80 8.22 46.57
C ASP Q 245 13.11 9.57 46.39
N GLY Q 246 13.93 10.58 46.13
CA GLY Q 246 13.47 11.90 45.80
C GLY Q 246 13.09 12.00 44.33
N ALA Q 247 13.04 13.23 43.84
CA ALA Q 247 12.80 13.49 42.43
C ALA Q 247 14.08 13.79 41.66
N LEU Q 248 15.01 14.51 42.26
CA LEU Q 248 16.28 14.86 41.63
C LEU Q 248 17.38 13.94 42.12
N ASN Q 249 18.33 13.65 41.23
CA ASN Q 249 19.54 12.89 41.55
C ASN Q 249 19.21 11.56 42.24
N VAL Q 250 18.31 10.78 41.61
CA VAL Q 250 17.85 9.55 42.22
C VAL Q 250 18.83 8.40 42.04
N ASP Q 251 19.77 8.49 41.10
CA ASP Q 251 20.80 7.47 40.93
C ASP Q 251 22.10 8.15 40.52
N LEU Q 252 23.18 7.36 40.53
CA LEU Q 252 24.52 7.93 40.40
C LEU Q 252 24.77 8.54 39.04
N THR Q 253 24.08 8.03 38.00
CA THR Q 253 24.26 8.61 36.66
C THR Q 253 23.78 10.05 36.62
N GLU Q 254 22.68 10.36 37.32
CA GLU Q 254 22.10 11.69 37.26
C GLU Q 254 23.05 12.76 37.78
N PHE Q 255 23.96 12.39 38.69
CA PHE Q 255 24.98 13.33 39.14
C PHE Q 255 25.84 13.83 37.99
N GLN Q 256 26.25 12.92 37.10
CA GLN Q 256 27.02 13.32 35.93
C GLN Q 256 26.17 14.11 34.94
N THR Q 257 24.92 13.66 34.74
CA THR Q 257 24.02 14.34 33.80
C THR Q 257 23.83 15.81 34.16
N ASN Q 258 23.51 16.09 35.43
CA ASN Q 258 23.12 17.43 35.81
C ASN Q 258 24.32 18.35 36.05
N LEU Q 259 25.42 17.82 36.59
CA LEU Q 259 26.50 18.66 37.09
C LEU Q 259 27.78 18.61 36.25
N VAL Q 260 27.91 17.65 35.33
CA VAL Q 260 29.17 17.45 34.63
C VAL Q 260 28.96 17.63 33.12
N PRO Q 261 29.21 18.83 32.57
CA PRO Q 261 29.11 19.01 31.12
C PRO Q 261 30.46 18.92 30.42
N TYR Q 262 31.42 18.30 31.10
CA TYR Q 262 32.78 18.10 30.59
C TYR Q 262 33.44 17.03 31.44
N PRO Q 263 33.80 15.88 30.85
CA PRO Q 263 34.36 14.78 31.65
C PRO Q 263 35.43 15.20 32.64
N ARG Q 264 36.40 16.02 32.22
CA ARG Q 264 37.47 16.43 33.12
C ARG Q 264 36.94 17.36 34.21
N ALA Q 265 36.29 18.45 33.83
CA ALA Q 265 35.77 19.43 34.80
C ALA Q 265 34.55 18.84 35.49
N HIS Q 266 34.79 17.97 36.47
CA HIS Q 266 33.75 17.27 37.21
C HIS Q 266 33.86 17.53 38.71
N PHE Q 267 34.11 18.78 39.09
CA PHE Q 267 34.37 19.15 40.49
C PHE Q 267 33.35 20.20 40.91
N PRO Q 268 32.19 19.77 41.44
CA PRO Q 268 31.17 20.74 41.84
C PRO Q 268 31.52 21.45 43.13
N LEU Q 269 31.06 22.70 43.22
CA LEU Q 269 31.10 23.46 44.47
C LEU Q 269 29.80 23.21 45.22
N ALA Q 270 29.93 22.75 46.47
CA ALA Q 270 28.78 22.50 47.33
C ALA Q 270 28.65 23.63 48.35
N THR Q 271 27.43 24.15 48.50
CA THR Q 271 27.14 25.20 49.47
C THR Q 271 25.95 24.74 50.31
N TYR Q 272 26.07 24.85 51.63
CA TYR Q 272 25.09 24.31 52.55
C TYR Q 272 24.64 25.41 53.52
N ALA Q 273 23.34 25.59 53.64
CA ALA Q 273 22.72 26.48 54.61
C ALA Q 273 21.48 25.81 55.17
N PRO Q 274 21.13 26.08 56.44
CA PRO Q 274 21.85 26.92 57.39
C PRO Q 274 22.61 26.12 58.44
N VAL Q 275 23.68 26.71 58.97
CA VAL Q 275 24.50 26.12 60.01
C VAL Q 275 24.22 26.90 61.30
N ILE Q 276 23.33 26.36 62.13
CA ILE Q 276 22.81 27.05 63.30
C ILE Q 276 23.42 26.43 64.55
N SER Q 277 24.02 27.27 65.39
CA SER Q 277 24.56 26.81 66.67
C SER Q 277 23.43 26.34 67.58
N ALA Q 278 23.77 25.42 68.48
CA ALA Q 278 22.82 24.89 69.46
C ALA Q 278 22.94 25.63 70.78
N GLU Q 279 22.80 26.95 70.70
CA GLU Q 279 22.90 27.82 71.86
C GLU Q 279 22.44 29.24 71.52
N GLN Q 285 13.54 30.07 63.59
CA GLN Q 285 13.96 29.43 62.35
C GLN Q 285 13.99 30.45 61.21
N LEU Q 286 14.78 30.15 60.19
CA LEU Q 286 14.91 31.02 59.03
C LEU Q 286 13.85 30.69 57.98
N SER Q 287 13.80 31.51 56.94
CA SER Q 287 12.85 31.35 55.85
C SER Q 287 13.48 30.61 54.69
N VAL Q 288 12.64 30.27 53.71
CA VAL Q 288 13.13 29.64 52.49
C VAL Q 288 13.96 30.64 51.68
N ALA Q 289 13.54 31.91 51.63
CA ALA Q 289 14.28 32.91 50.88
C ALA Q 289 15.63 33.21 51.53
N GLU Q 290 15.67 33.29 52.86
CA GLU Q 290 16.91 33.64 53.55
C GLU Q 290 17.98 32.59 53.34
N ILE Q 291 17.61 31.31 53.39
CA ILE Q 291 18.61 30.25 53.24
C ILE Q 291 19.08 30.14 51.79
N THR Q 292 18.23 30.49 50.83
CA THR Q 292 18.63 30.41 49.43
C THR Q 292 19.59 31.52 49.06
N ASN Q 293 19.48 32.69 49.70
CA ASN Q 293 20.48 33.74 49.50
C ASN Q 293 21.83 33.32 50.07
N ALA Q 294 21.84 32.53 51.15
CA ALA Q 294 23.09 32.07 51.75
C ALA Q 294 23.82 31.07 50.86
N CYS Q 295 23.14 30.47 49.89
CA CYS Q 295 23.81 29.58 48.95
C CYS Q 295 24.72 30.34 47.99
N PHE Q 296 24.50 31.65 47.81
CA PHE Q 296 25.35 32.49 46.99
C PHE Q 296 26.22 33.41 47.83
N GLU Q 297 26.41 33.08 49.11
CA GLU Q 297 27.35 33.77 49.99
C GLU Q 297 28.61 32.92 50.11
N PRO Q 298 29.78 33.45 49.78
CA PRO Q 298 31.00 32.63 49.83
C PRO Q 298 31.30 32.06 51.21
N ALA Q 299 30.87 32.72 52.29
CA ALA Q 299 31.20 32.28 53.64
C ALA Q 299 30.69 30.88 53.95
N ASN Q 300 29.67 30.40 53.24
CA ASN Q 300 29.07 29.10 53.52
C ASN Q 300 29.44 28.04 52.47
N GLN Q 301 30.44 28.30 51.65
CA GLN Q 301 30.90 27.31 50.69
C GLN Q 301 31.79 26.27 51.36
N MET Q 302 31.88 25.10 50.73
CA MET Q 302 32.80 24.07 51.20
C MET Q 302 34.19 24.21 50.61
N VAL Q 303 34.34 24.94 49.52
CA VAL Q 303 35.62 25.24 48.90
C VAL Q 303 35.76 26.75 48.83
N LYS Q 304 36.88 27.27 49.34
CA LYS Q 304 37.07 28.71 49.43
C LYS Q 304 37.44 29.27 48.07
N CYS Q 305 36.48 29.95 47.44
CA CYS Q 305 36.71 30.66 46.19
C CYS Q 305 35.61 31.71 46.05
N ASP Q 306 35.64 32.42 44.92
CA ASP Q 306 34.66 33.48 44.65
C ASP Q 306 33.93 33.22 43.36
N PRO Q 307 32.72 32.64 43.41
CA PRO Q 307 31.97 32.36 42.17
C PRO Q 307 31.66 33.59 41.35
N ARG Q 308 31.66 34.78 41.96
CA ARG Q 308 31.46 36.01 41.19
C ARG Q 308 32.54 36.21 40.14
N HIS Q 309 33.72 35.61 40.34
CA HIS Q 309 34.82 35.67 39.38
C HIS Q 309 34.78 34.52 38.37
N GLY Q 310 33.63 33.85 38.23
CA GLY Q 310 33.56 32.67 37.38
C GLY Q 310 32.17 32.47 36.81
N LYS Q 311 32.11 31.58 35.83
CA LYS Q 311 30.86 31.27 35.13
C LYS Q 311 30.32 29.93 35.60
N TYR Q 312 29.00 29.85 35.74
CA TYR Q 312 28.35 28.62 36.16
C TYR Q 312 28.08 27.71 34.97
N MET Q 313 28.47 26.45 35.09
CA MET Q 313 28.12 25.44 34.10
C MET Q 313 26.82 24.74 34.42
N ALA Q 314 26.48 24.63 35.71
CA ALA Q 314 25.23 24.03 36.14
C ALA Q 314 24.99 24.42 37.59
N CYS Q 315 23.78 24.15 38.07
CA CYS Q 315 23.40 24.54 39.42
C CYS Q 315 22.13 23.81 39.87
N CYS Q 316 22.23 23.03 40.94
CA CYS Q 316 21.09 22.34 41.51
C CYS Q 316 20.86 22.79 42.95
N LEU Q 317 19.60 22.76 43.38
CA LEU Q 317 19.22 23.09 44.75
C LEU Q 317 18.51 21.89 45.34
N LEU Q 318 19.03 21.36 46.44
CA LEU Q 318 18.46 20.21 47.14
C LEU Q 318 17.94 20.67 48.49
N TYR Q 319 16.67 21.06 48.53
CA TYR Q 319 16.02 21.44 49.77
C TYR Q 319 15.55 20.21 50.53
N ARG Q 320 15.51 20.31 51.85
CA ARG Q 320 14.93 19.26 52.67
C ARG Q 320 14.31 19.84 53.92
N GLY Q 321 13.04 19.51 54.16
CA GLY Q 321 12.35 19.94 55.36
C GLY Q 321 11.02 20.63 55.08
N ASP Q 322 10.66 21.58 55.95
CA ASP Q 322 9.43 22.35 55.80
C ASP Q 322 9.62 23.39 54.70
N VAL Q 323 9.31 23.01 53.47
CA VAL Q 323 9.53 23.85 52.29
C VAL Q 323 8.27 23.84 51.44
N VAL Q 324 7.81 25.02 51.05
CA VAL Q 324 6.68 25.18 50.15
C VAL Q 324 7.24 25.39 48.74
N PRO Q 325 6.87 24.57 47.75
CA PRO Q 325 7.44 24.72 46.40
C PRO Q 325 7.33 26.12 45.82
N LYS Q 326 6.35 26.92 46.26
CA LYS Q 326 6.22 28.28 45.73
C LYS Q 326 7.24 29.22 46.35
N ASP Q 327 7.58 29.03 47.63
CA ASP Q 327 8.64 29.82 48.26
C ASP Q 327 9.95 29.67 47.49
N VAL Q 328 10.24 28.45 47.01
CA VAL Q 328 11.45 28.21 46.24
C VAL Q 328 11.48 29.06 44.98
N ASN Q 329 10.39 29.03 44.21
CA ASN Q 329 10.34 29.77 42.95
C ASN Q 329 10.46 31.28 43.17
N ALA Q 330 9.92 31.78 44.28
CA ALA Q 330 10.10 33.20 44.61
C ALA Q 330 11.57 33.50 44.91
N ALA Q 331 12.18 32.70 45.78
CA ALA Q 331 13.59 32.91 46.12
C ALA Q 331 14.50 32.75 44.90
N ILE Q 332 14.14 31.87 43.97
CA ILE Q 332 14.93 31.73 42.74
C ILE Q 332 14.83 32.98 41.90
N ALA Q 333 13.60 33.44 41.63
CA ALA Q 333 13.41 34.63 40.81
C ALA Q 333 14.05 35.85 41.45
N THR Q 334 13.98 35.95 42.78
CA THR Q 334 14.68 37.02 43.49
C THR Q 334 16.18 37.02 43.14
N ILE Q 335 16.83 35.86 43.27
CA ILE Q 335 18.26 35.79 43.02
C ILE Q 335 18.57 35.90 41.54
N LYS Q 336 17.70 35.34 40.68
CA LYS Q 336 17.94 35.44 39.24
C LYS Q 336 17.74 36.85 38.71
N THR Q 337 17.00 37.70 39.42
CA THR Q 337 16.79 39.09 39.03
C THR Q 337 17.65 40.07 39.83
N LYS Q 338 17.78 39.88 41.14
CA LYS Q 338 18.44 40.84 42.01
C LYS Q 338 19.89 40.51 42.29
N ARG Q 339 20.42 39.45 41.67
CA ARG Q 339 21.86 39.21 41.60
C ARG Q 339 22.22 38.88 40.15
N THR Q 340 23.50 39.00 39.84
CA THR Q 340 24.00 38.76 38.49
C THR Q 340 24.87 37.51 38.51
N ILE Q 341 24.21 36.35 38.52
CA ILE Q 341 24.89 35.06 38.47
C ILE Q 341 25.17 34.79 36.99
N GLN Q 342 26.42 34.97 36.58
CA GLN Q 342 26.80 34.79 35.19
C GLN Q 342 26.86 33.30 34.84
N PHE Q 343 26.21 32.94 33.74
CA PHE Q 343 26.24 31.58 33.20
C PHE Q 343 27.02 31.57 31.89
N VAL Q 344 27.42 30.37 31.48
CA VAL Q 344 27.95 30.17 30.13
C VAL Q 344 26.80 30.12 29.14
N ASP Q 345 27.08 30.54 27.90
CA ASP Q 345 26.02 30.62 26.90
C ASP Q 345 25.53 29.26 26.44
N TRP Q 346 26.35 28.21 26.55
CA TRP Q 346 25.99 26.88 26.11
C TRP Q 346 25.41 26.03 27.25
N CYS Q 347 24.72 26.64 28.20
CA CYS Q 347 24.10 25.96 29.32
C CYS Q 347 22.59 26.19 29.31
N PRO Q 348 21.80 25.23 29.81
CA PRO Q 348 20.37 25.49 30.01
C PRO Q 348 20.07 26.66 30.94
N THR Q 349 21.07 27.19 31.65
CA THR Q 349 20.99 28.33 32.57
C THR Q 349 19.79 28.30 33.52
N GLY Q 350 19.05 27.21 33.56
CA GLY Q 350 17.93 27.05 34.48
C GLY Q 350 18.33 26.24 35.70
N PHE Q 351 17.90 26.71 36.87
CA PHE Q 351 18.25 26.06 38.13
C PHE Q 351 17.39 24.83 38.36
N LYS Q 352 18.03 23.67 38.47
CA LYS Q 352 17.35 22.43 38.83
C LYS Q 352 17.10 22.38 40.34
N VAL Q 353 15.99 21.78 40.73
CA VAL Q 353 15.56 21.76 42.13
C VAL Q 353 15.01 20.39 42.49
N GLY Q 354 15.21 20.00 43.75
CA GLY Q 354 14.51 18.85 44.31
C GLY Q 354 14.31 19.06 45.80
N ILE Q 355 13.26 18.43 46.33
CA ILE Q 355 12.85 18.63 47.71
C ILE Q 355 12.59 17.28 48.37
N ASN Q 356 12.93 17.19 49.66
CA ASN Q 356 12.65 16.00 50.47
C ASN Q 356 12.13 16.47 51.83
N TYR Q 357 10.86 16.22 52.10
CA TYR Q 357 10.14 16.86 53.21
C TYR Q 357 10.60 16.40 54.60
N GLU Q 358 11.57 15.50 54.70
CA GLU Q 358 12.01 15.04 56.01
C GLU Q 358 13.01 16.02 56.63
N PRO Q 359 12.99 16.20 57.94
CA PRO Q 359 13.81 17.23 58.57
C PRO Q 359 15.27 16.79 58.68
N PRO Q 360 16.20 17.74 58.62
CA PRO Q 360 17.62 17.41 58.79
C PRO Q 360 17.91 16.88 60.19
N THR Q 361 18.36 15.63 60.26
CA THR Q 361 18.74 15.02 61.52
C THR Q 361 20.12 15.50 61.96
N VAL Q 362 20.24 15.80 63.26
CA VAL Q 362 21.52 16.07 63.87
C VAL Q 362 21.83 14.97 64.88
N VAL Q 363 23.03 15.02 65.45
CA VAL Q 363 23.46 14.02 66.43
C VAL Q 363 23.03 14.49 67.81
N PRO Q 364 22.47 13.61 68.65
CA PRO Q 364 22.14 14.00 70.03
C PRO Q 364 23.39 14.37 70.82
N GLY Q 365 23.49 15.64 71.19
CA GLY Q 365 24.68 16.21 71.78
C GLY Q 365 25.45 17.13 70.86
N GLY Q 366 25.16 17.08 69.57
CA GLY Q 366 25.93 17.87 68.62
C GLY Q 366 25.78 19.35 68.84
N ASP Q 367 26.85 20.09 68.52
CA ASP Q 367 26.81 21.54 68.53
C ASP Q 367 25.91 22.10 67.45
N LEU Q 368 25.63 21.32 66.40
CA LEU Q 368 24.70 21.74 65.36
C LEU Q 368 23.26 21.53 65.82
N ALA Q 369 22.43 22.54 65.61
CA ALA Q 369 21.04 22.50 66.06
C ALA Q 369 20.12 21.94 64.98
N LYS Q 370 19.01 21.37 65.41
CA LYS Q 370 17.96 20.95 64.49
C LYS Q 370 17.30 22.16 63.86
N VAL Q 371 17.31 22.24 62.53
CA VAL Q 371 16.68 23.33 61.81
C VAL Q 371 15.42 22.82 61.13
N GLN Q 372 14.47 23.73 60.91
CA GLN Q 372 13.20 23.35 60.31
C GLN Q 372 13.39 22.97 58.84
N ARG Q 373 14.16 23.76 58.11
CA ARG Q 373 14.44 23.49 56.71
C ARG Q 373 15.92 23.75 56.44
N ALA Q 374 16.41 23.21 55.33
CA ALA Q 374 17.80 23.37 54.94
C ALA Q 374 17.93 23.15 53.45
N VAL Q 375 19.07 23.60 52.90
CA VAL Q 375 19.32 23.56 51.47
C VAL Q 375 20.81 23.29 51.24
N CYS Q 376 21.10 22.56 50.16
CA CYS Q 376 22.47 22.26 49.76
C CYS Q 376 22.59 22.48 48.26
N MET Q 377 23.29 23.55 47.88
CA MET Q 377 23.41 23.94 46.48
C MET Q 377 24.69 23.36 45.88
N LEU Q 378 24.54 22.56 44.82
CA LEU Q 378 25.66 21.98 44.09
C LEU Q 378 25.78 22.72 42.76
N SER Q 379 26.93 23.36 42.53
CA SER Q 379 27.10 24.27 41.41
C SER Q 379 28.51 24.12 40.86
N ASN Q 380 28.61 23.77 39.57
CA ASN Q 380 29.90 23.55 38.92
C ASN Q 380 30.41 24.87 38.33
N THR Q 381 30.88 25.73 39.23
CA THR Q 381 31.40 27.03 38.83
C THR Q 381 32.87 26.92 38.44
N THR Q 382 33.30 27.80 37.53
CA THR Q 382 34.70 27.84 37.11
C THR Q 382 35.58 28.54 38.12
N ALA Q 383 35.00 29.15 39.16
CA ALA Q 383 35.79 29.79 40.20
C ALA Q 383 36.48 28.78 41.10
N ILE Q 384 36.06 27.52 41.09
CA ILE Q 384 36.73 26.47 41.85
C ILE Q 384 38.14 26.22 41.34
N ALA Q 385 38.46 26.71 40.15
CA ALA Q 385 39.83 26.67 39.65
C ALA Q 385 40.79 27.42 40.56
N GLU Q 386 40.30 28.43 41.30
CA GLU Q 386 41.13 29.13 42.26
C GLU Q 386 41.73 28.16 43.28
N ALA Q 387 40.97 27.14 43.67
CA ALA Q 387 41.47 26.16 44.62
C ALA Q 387 42.61 25.34 44.03
N TRP Q 388 42.47 24.94 42.75
CA TRP Q 388 43.55 24.23 42.08
C TRP Q 388 44.80 25.09 41.95
N ALA Q 389 44.62 26.40 41.74
CA ALA Q 389 45.77 27.29 41.60
C ALA Q 389 46.58 27.36 42.89
N ARG Q 390 45.92 27.30 44.04
CA ARG Q 390 46.63 27.37 45.31
C ARG Q 390 47.49 26.14 45.53
N LEU Q 391 46.97 24.95 45.21
CA LEU Q 391 47.77 23.74 45.29
C LEU Q 391 48.93 23.78 44.30
N ASP Q 392 48.63 24.12 43.04
CA ASP Q 392 49.65 24.16 42.01
C ASP Q 392 50.81 25.08 42.39
N HIS Q 393 50.50 26.23 43.00
CA HIS Q 393 51.56 27.16 43.39
C HIS Q 393 52.44 26.56 44.48
N LYS Q 394 51.82 26.09 45.57
CA LYS Q 394 52.58 25.40 46.62
C LYS Q 394 53.42 24.28 46.03
N PHE Q 395 52.81 23.47 45.16
CA PHE Q 395 53.53 22.42 44.45
C PHE Q 395 54.74 22.98 43.73
N ASP Q 396 54.56 24.08 42.98
CA ASP Q 396 55.63 24.63 42.16
C ASP Q 396 56.84 25.05 43.00
N LEU Q 397 56.59 25.68 44.15
CA LEU Q 397 57.68 26.15 45.00
C LEU Q 397 58.59 25.00 45.42
N MET Q 398 58.01 23.89 45.88
CA MET Q 398 58.81 22.78 46.38
C MET Q 398 59.44 21.98 45.24
N TYR Q 399 58.70 21.74 44.16
CA TYR Q 399 59.27 20.99 43.05
C TYR Q 399 60.30 21.81 42.26
N ALA Q 400 60.29 23.14 42.41
CA ALA Q 400 61.34 23.94 41.79
C ALA Q 400 62.70 23.60 42.36
N LYS Q 401 62.75 23.19 43.63
CA LYS Q 401 63.99 22.77 44.28
C LYS Q 401 64.06 21.25 44.44
N ARG Q 402 63.08 20.52 43.90
CA ARG Q 402 62.99 19.06 44.06
C ARG Q 402 62.97 18.66 45.53
N ALA Q 403 62.28 19.46 46.34
CA ALA Q 403 62.21 19.19 47.77
C ALA Q 403 61.36 17.96 48.06
N PHE Q 404 61.81 17.15 49.03
CA PHE Q 404 61.09 15.96 49.49
C PHE Q 404 60.87 14.92 48.40
N VAL Q 405 61.42 15.14 47.21
CA VAL Q 405 61.13 14.27 46.08
C VAL Q 405 61.77 12.89 46.28
N HIS Q 406 62.89 12.82 47.01
CA HIS Q 406 63.58 11.55 47.18
C HIS Q 406 62.73 10.53 47.93
N TRP Q 407 61.88 11.00 48.85
CA TRP Q 407 60.98 10.09 49.55
C TRP Q 407 60.08 9.35 48.58
N TYR Q 408 59.46 10.08 47.65
CA TYR Q 408 58.58 9.47 46.66
C TYR Q 408 59.35 8.56 45.72
N VAL Q 409 60.44 9.08 45.14
CA VAL Q 409 61.21 8.31 44.17
C VAL Q 409 61.82 7.08 44.81
N GLY Q 410 62.14 7.14 46.10
CA GLY Q 410 62.68 6.02 46.81
C GLY Q 410 61.68 4.95 47.18
N GLU Q 411 60.40 5.15 46.85
CA GLU Q 411 59.40 4.13 47.10
C GLU Q 411 58.70 3.72 45.80
N GLY Q 412 59.48 3.47 44.75
CA GLY Q 412 58.97 2.87 43.54
C GLY Q 412 58.38 3.82 42.52
N MET Q 413 58.54 5.12 42.70
CA MET Q 413 57.93 6.10 41.83
C MET Q 413 58.98 6.77 40.95
N GLU Q 414 58.67 6.92 39.67
CA GLU Q 414 59.53 7.67 38.77
C GLU Q 414 59.35 9.16 38.97
N GLU Q 415 60.47 9.90 38.92
CA GLU Q 415 60.42 11.35 39.09
C GLU Q 415 59.58 12.02 38.01
N GLY Q 416 59.60 11.49 36.78
CA GLY Q 416 58.79 12.05 35.71
C GLY Q 416 57.32 12.18 36.05
N GLU Q 417 56.79 11.27 36.85
CA GLU Q 417 55.37 11.32 37.22
C GLU Q 417 55.00 12.65 37.86
N PHE Q 418 55.95 13.28 38.59
CA PHE Q 418 55.71 14.61 39.13
C PHE Q 418 55.37 15.60 38.02
N SER Q 419 56.21 15.66 36.99
CA SER Q 419 55.99 16.61 35.91
C SER Q 419 54.73 16.27 35.13
N GLU Q 420 54.52 14.99 34.82
CA GLU Q 420 53.32 14.56 34.11
C GLU Q 420 52.06 14.93 34.89
N ALA Q 421 52.12 14.85 36.21
CA ALA Q 421 50.99 15.28 37.03
C ALA Q 421 50.81 16.79 36.98
N ARG Q 422 51.91 17.53 37.08
CA ARG Q 422 51.83 18.99 37.08
C ARG Q 422 51.29 19.51 35.74
N GLU Q 423 51.74 18.92 34.63
CA GLU Q 423 51.22 19.32 33.33
C GLU Q 423 49.73 19.05 33.21
N ASP Q 424 49.27 17.92 33.78
CA ASP Q 424 47.84 17.62 33.78
C ASP Q 424 47.06 18.63 34.62
N MET Q 425 47.71 19.22 35.63
CA MET Q 425 47.05 20.25 36.41
C MET Q 425 47.09 21.61 35.72
N ALA Q 426 48.19 21.91 35.04
CA ALA Q 426 48.25 23.13 34.24
C ALA Q 426 47.25 23.10 33.09
N ALA Q 427 47.12 21.93 32.44
CA ALA Q 427 46.14 21.79 31.36
C ALA Q 427 44.72 21.92 31.91
N LEU Q 428 44.48 21.44 33.13
CA LEU Q 428 43.15 21.56 33.72
C LEU Q 428 42.81 23.01 34.04
N GLU Q 429 43.82 23.79 34.44
CA GLU Q 429 43.59 25.22 34.69
C GLU Q 429 43.24 25.96 33.40
N LYS Q 430 43.82 25.55 32.28
CA LYS Q 430 43.44 26.13 30.99
C LYS Q 430 42.04 25.70 30.58
N ASP Q 431 41.65 24.46 30.90
CA ASP Q 431 40.31 23.98 30.56
C ASP Q 431 39.24 24.79 31.28
N TYR Q 432 39.50 25.18 32.52
CA TYR Q 432 38.56 26.04 33.24
C TYR Q 432 38.54 27.45 32.65
N GLU Q 433 39.68 27.91 32.14
CA GLU Q 433 39.75 29.26 31.59
C GLU Q 433 38.96 29.38 30.29
N GLU Q 434 39.16 28.43 29.36
CA GLU Q 434 38.55 28.56 28.04
C GLU Q 434 37.02 28.47 28.11
N VAL Q 435 36.48 27.69 29.05
CA VAL Q 435 35.04 27.63 29.22
C VAL Q 435 34.50 28.99 29.65
N GLY Q 436 35.20 29.68 30.54
CA GLY Q 436 34.74 30.95 31.06
C GLY Q 436 35.37 32.17 30.40
N VAL Q 437 35.10 32.36 29.12
CA VAL Q 437 35.54 33.57 28.42
C VAL Q 437 34.60 33.90 27.27
N MET R 1 53.98 0.12 62.32
CA MET R 1 54.99 1.01 62.89
C MET R 1 54.81 1.14 64.39
N ARG R 2 55.38 0.17 65.13
CA ARG R 2 55.26 0.14 66.59
C ARG R 2 56.63 0.16 67.27
N GLU R 3 57.37 -0.95 67.28
CA GLU R 3 58.54 -1.09 68.15
C GLU R 3 59.77 -0.38 67.60
N ILE R 4 60.65 0.04 68.50
CA ILE R 4 61.95 0.61 68.17
C ILE R 4 63.02 -0.16 68.94
N VAL R 5 64.05 -0.61 68.22
CA VAL R 5 65.21 -1.24 68.85
C VAL R 5 66.24 -0.15 69.13
N HIS R 6 66.75 -0.11 70.35
CA HIS R 6 67.71 0.89 70.77
C HIS R 6 69.10 0.27 70.89
N ILE R 7 70.12 1.05 70.52
CA ILE R 7 71.51 0.63 70.62
C ILE R 7 72.32 1.78 71.22
N GLN R 8 73.32 1.44 72.04
CA GLN R 8 74.28 2.41 72.53
C GLN R 8 75.67 1.80 72.45
N ALA R 9 76.63 2.57 71.93
CA ALA R 9 77.96 2.06 71.64
C ALA R 9 79.01 3.07 72.10
N GLY R 10 80.11 2.55 72.64
CA GLY R 10 81.17 3.39 73.18
C GLY R 10 80.83 3.92 74.56
N GLN R 11 81.83 4.54 75.17
CA GLN R 11 81.64 5.12 76.51
C GLN R 11 80.50 6.12 76.51
N CYS R 12 80.63 7.19 75.73
CA CYS R 12 79.57 8.20 75.63
C CYS R 12 78.24 7.57 75.25
N GLY R 13 78.25 6.64 74.29
CA GLY R 13 77.03 5.95 73.91
C GLY R 13 76.26 5.41 75.10
N ASN R 14 76.93 4.64 75.97
CA ASN R 14 76.26 4.07 77.13
C ASN R 14 75.97 5.10 78.22
N GLN R 15 76.72 6.21 78.26
CA GLN R 15 76.47 7.22 79.28
C GLN R 15 75.16 7.96 79.00
N ILE R 16 75.08 8.67 77.88
CA ILE R 16 73.84 9.38 77.55
C ILE R 16 72.71 8.39 77.28
N GLY R 17 73.05 7.17 76.86
CA GLY R 17 72.07 6.12 76.67
C GLY R 17 71.36 5.72 77.95
N ALA R 18 72.15 5.33 78.97
CA ALA R 18 71.56 5.01 80.26
C ALA R 18 70.82 6.19 80.86
N LYS R 19 71.39 7.39 80.76
CA LYS R 19 70.71 8.60 81.20
C LYS R 19 69.35 8.74 80.55
N PHE R 20 69.26 8.44 79.24
CA PHE R 20 67.98 8.50 78.55
C PHE R 20 67.00 7.49 79.12
N TRP R 21 67.45 6.26 79.38
CA TRP R 21 66.55 5.26 79.94
C TRP R 21 66.11 5.63 81.35
N GLU R 22 66.99 6.27 82.13
CA GLU R 22 66.58 6.78 83.43
C GLU R 22 65.40 7.74 83.30
N VAL R 23 65.49 8.67 82.35
CA VAL R 23 64.47 9.71 82.21
C VAL R 23 63.12 9.11 81.83
N ILE R 24 63.09 8.36 80.72
CA ILE R 24 61.80 7.92 80.19
C ILE R 24 61.24 6.73 80.95
N SER R 25 62.05 6.03 81.75
CA SER R 25 61.50 5.04 82.67
C SER R 25 60.65 5.72 83.74
N ASP R 26 61.18 6.80 84.33
CA ASP R 26 60.40 7.62 85.25
C ASP R 26 59.12 8.13 84.60
N GLU R 27 59.26 8.82 83.47
CA GLU R 27 58.10 9.39 82.79
C GLU R 27 57.02 8.36 82.51
N HIS R 28 57.42 7.11 82.23
CA HIS R 28 56.47 6.02 82.02
C HIS R 28 56.14 5.26 83.29
N GLY R 29 56.79 5.57 84.41
CA GLY R 29 56.44 4.94 85.67
C GLY R 29 56.98 3.55 85.86
N ILE R 30 58.22 3.28 85.42
CA ILE R 30 58.87 2.00 85.59
C ILE R 30 59.97 2.14 86.64
N ASP R 31 60.05 1.19 87.55
CA ASP R 31 61.06 1.15 88.58
C ASP R 31 62.29 0.37 88.11
N PRO R 32 63.40 0.44 88.84
CA PRO R 32 64.60 -0.32 88.43
C PRO R 32 64.40 -1.82 88.36
N THR R 33 63.43 -2.38 89.09
CA THR R 33 63.16 -3.80 89.01
C THR R 33 62.36 -4.17 87.76
N GLY R 34 61.69 -3.21 87.14
CA GLY R 34 60.93 -3.49 85.92
C GLY R 34 59.47 -3.76 86.20
N SER R 35 58.85 -2.93 87.04
CA SER R 35 57.45 -3.10 87.42
C SER R 35 56.75 -1.76 87.38
N TYR R 36 55.51 -1.75 86.93
CA TYR R 36 54.77 -0.52 86.72
C TYR R 36 54.22 -0.01 88.06
N HIS R 37 54.64 1.18 88.45
CA HIS R 37 54.12 1.87 89.62
C HIS R 37 53.66 3.28 89.25
N GLY R 38 53.08 3.40 88.06
CA GLY R 38 52.53 4.66 87.59
C GLY R 38 51.09 4.85 88.04
N ASP R 39 50.43 5.80 87.39
CA ASP R 39 49.04 6.09 87.73
C ASP R 39 48.30 6.77 86.57
N SER R 40 48.61 6.37 85.33
CA SER R 40 47.97 6.99 84.18
C SER R 40 48.03 6.02 83.01
N ASP R 41 47.00 6.08 82.17
CA ASP R 41 46.95 5.24 80.97
C ASP R 41 47.73 5.84 79.82
N LEU R 42 47.82 7.17 79.75
CA LEU R 42 48.63 7.82 78.73
C LEU R 42 50.11 7.41 78.81
N GLN R 43 50.51 6.75 79.89
CA GLN R 43 51.88 6.29 80.11
C GLN R 43 52.14 4.93 79.46
N LEU R 44 51.23 3.96 79.67
CA LEU R 44 51.37 2.63 79.11
C LEU R 44 50.68 2.49 77.75
N GLU R 45 50.20 3.59 77.18
CA GLU R 45 49.52 3.52 75.89
C GLU R 45 50.48 3.06 74.80
N ARG R 46 51.69 3.60 74.78
CA ARG R 46 52.71 3.26 73.80
C ARG R 46 54.01 2.89 74.50
N ILE R 47 53.89 2.17 75.62
CA ILE R 47 55.06 1.63 76.29
C ILE R 47 55.70 0.52 75.47
N ASN R 48 54.92 -0.15 74.63
CA ASN R 48 55.43 -1.20 73.76
C ASN R 48 56.49 -0.71 72.79
N VAL R 49 56.68 0.60 72.66
CA VAL R 49 57.67 1.14 71.73
C VAL R 49 59.08 0.83 72.21
N TYR R 50 59.39 1.22 73.45
CA TYR R 50 60.74 1.09 73.98
C TYR R 50 60.91 -0.06 74.97
N TYR R 51 59.82 -0.72 75.37
CA TYR R 51 59.89 -1.73 76.42
C TYR R 51 59.20 -3.00 75.98
N ASN R 52 59.40 -4.05 76.77
CA ASN R 52 58.73 -5.34 76.55
C ASN R 52 57.80 -5.67 77.73
N VAL R 60 60.76 -4.10 80.62
CA VAL R 60 62.15 -4.33 80.26
C VAL R 60 62.50 -3.65 78.94
N PRO R 61 63.58 -2.87 78.93
CA PRO R 61 63.93 -2.12 77.72
C PRO R 61 64.35 -3.03 76.58
N ARG R 62 64.05 -2.58 75.36
CA ARG R 62 64.54 -3.21 74.13
C ARG R 62 65.86 -2.54 73.74
N ALA R 63 66.86 -2.75 74.60
CA ALA R 63 68.12 -2.02 74.52
C ALA R 63 69.28 -2.99 74.45
N ILE R 64 70.24 -2.68 73.57
CA ILE R 64 71.45 -3.46 73.40
C ILE R 64 72.63 -2.60 73.80
N LEU R 65 73.52 -3.16 74.63
CA LEU R 65 74.66 -2.44 75.16
C LEU R 65 75.94 -3.00 74.54
N VAL R 66 76.74 -2.12 73.95
CA VAL R 66 77.92 -2.51 73.20
C VAL R 66 79.06 -1.56 73.52
N ASP R 67 80.27 -2.10 73.60
CA ASP R 67 81.50 -1.34 73.72
C ASP R 67 82.67 -2.30 73.60
N LEU R 68 83.77 -1.83 73.00
CA LEU R 68 84.99 -2.60 73.04
C LEU R 68 85.61 -2.56 74.42
N GLU R 69 85.51 -1.42 75.09
CA GLU R 69 85.98 -1.30 76.47
C GLU R 69 85.10 -2.11 77.41
N PRO R 70 85.58 -3.21 77.99
CA PRO R 70 84.73 -4.02 78.85
C PRO R 70 84.36 -3.35 80.16
N GLY R 71 85.12 -2.37 80.62
CA GLY R 71 84.80 -1.68 81.86
C GLY R 71 83.43 -1.05 81.86
N THR R 72 83.00 -0.53 80.70
CA THR R 72 81.71 0.17 80.60
C THR R 72 80.56 -0.74 81.04
N MET R 73 80.68 -2.05 80.82
CA MET R 73 79.74 -3.03 81.36
C MET R 73 79.29 -2.68 82.77
N ASP R 74 80.27 -2.53 83.66
CA ASP R 74 79.99 -2.34 85.08
C ASP R 74 79.57 -0.91 85.38
N SER R 75 80.12 0.07 84.66
CA SER R 75 79.68 1.45 84.84
C SER R 75 78.19 1.62 84.56
N VAL R 76 77.61 0.73 83.76
CA VAL R 76 76.17 0.77 83.51
C VAL R 76 75.40 0.00 84.57
N ARG R 77 75.77 -1.25 84.83
CA ARG R 77 75.03 -2.06 85.79
C ARG R 77 75.13 -1.49 87.20
N SER R 78 76.27 -0.89 87.55
CA SER R 78 76.39 -0.22 88.83
C SER R 78 75.70 1.14 88.87
N GLY R 79 75.11 1.57 87.75
CA GLY R 79 74.29 2.75 87.75
C GLY R 79 72.93 2.50 88.36
N PRO R 80 72.11 3.55 88.40
CA PRO R 80 70.79 3.45 89.05
C PRO R 80 69.89 2.42 88.40
N PHE R 81 69.57 2.62 87.12
CA PHE R 81 68.72 1.69 86.37
C PHE R 81 69.52 0.60 85.67
N GLY R 82 70.72 0.29 86.16
CA GLY R 82 71.55 -0.73 85.53
C GLY R 82 71.03 -2.14 85.65
N GLN R 83 70.14 -2.39 86.60
CA GLN R 83 69.64 -3.75 86.81
C GLN R 83 68.65 -4.19 85.75
N ILE R 84 68.02 -3.23 85.05
CA ILE R 84 66.86 -3.56 84.22
C ILE R 84 67.25 -4.15 82.87
N PHE R 85 68.45 -3.87 82.36
CA PHE R 85 68.82 -4.28 81.02
C PHE R 85 69.05 -5.79 80.95
N ARG R 86 68.64 -6.39 79.82
CA ARG R 86 68.77 -7.83 79.64
C ARG R 86 70.25 -8.23 79.60
N PRO R 87 70.66 -9.23 80.38
CA PRO R 87 72.09 -9.63 80.37
C PRO R 87 72.58 -10.07 79.00
N ASP R 88 71.74 -10.73 78.20
CA ASP R 88 72.17 -11.17 76.88
C ASP R 88 72.51 -9.99 75.99
N ASN R 89 71.83 -8.87 76.15
CA ASN R 89 72.04 -7.72 75.28
C ASN R 89 73.31 -6.95 75.63
N PHE R 90 74.08 -7.41 76.60
CA PHE R 90 75.42 -6.89 76.84
C PHE R 90 76.40 -7.65 75.95
N VAL R 91 77.06 -6.93 75.04
CA VAL R 91 78.03 -7.51 74.11
C VAL R 91 79.25 -6.63 74.14
N PHE R 92 80.35 -7.15 74.67
CA PHE R 92 81.52 -6.33 74.97
C PHE R 92 82.79 -7.05 74.58
N GLY R 93 83.77 -6.29 74.07
CA GLY R 93 85.04 -6.84 73.65
C GLY R 93 86.04 -6.90 74.79
N GLN R 94 87.23 -7.39 74.47
CA GLN R 94 88.28 -7.56 75.46
C GLN R 94 89.06 -6.26 75.68
N SER R 95 89.57 -5.67 74.60
CA SER R 95 90.33 -4.43 74.67
C SER R 95 89.51 -3.27 74.11
N GLY R 96 90.07 -2.07 74.23
CA GLY R 96 89.43 -0.87 73.75
C GLY R 96 90.01 -0.37 72.43
N ALA R 97 89.29 0.57 71.82
CA ALA R 97 89.71 1.10 70.52
C ALA R 97 90.74 2.20 70.64
N GLY R 98 90.72 2.95 71.73
CA GLY R 98 91.69 4.02 71.94
C GLY R 98 91.68 5.11 70.89
N ASN R 99 90.53 5.77 70.72
CA ASN R 99 90.39 6.93 69.84
C ASN R 99 90.79 6.67 68.39
N ASN R 100 90.80 5.41 67.97
CA ASN R 100 91.14 5.04 66.59
C ASN R 100 89.86 4.59 65.89
N TRP R 101 89.35 5.45 65.00
CA TRP R 101 88.15 5.12 64.24
C TRP R 101 88.36 3.86 63.42
N ALA R 102 89.55 3.70 62.85
CA ALA R 102 89.84 2.52 62.03
C ALA R 102 89.77 1.23 62.86
N LYS R 103 90.25 1.29 64.11
CA LYS R 103 90.16 0.12 64.98
C LYS R 103 88.71 -0.26 65.25
N GLY R 104 87.84 0.74 65.37
CA GLY R 104 86.43 0.45 65.58
C GLY R 104 85.70 0.04 64.32
N HIS R 105 86.15 0.53 63.17
CA HIS R 105 85.42 0.32 61.92
C HIS R 105 85.95 -0.83 61.08
N TYR R 106 87.23 -1.15 61.18
CA TYR R 106 87.85 -2.13 60.30
C TYR R 106 88.46 -3.30 61.04
N THR R 107 89.10 -3.06 62.18
CA THR R 107 89.85 -4.09 62.88
C THR R 107 89.07 -4.70 64.05
N GLU R 108 89.18 -4.06 65.22
CA GLU R 108 88.69 -4.66 66.45
C GLU R 108 87.17 -4.56 66.56
N GLY R 109 86.61 -3.39 66.23
CA GLY R 109 85.17 -3.26 66.22
C GLY R 109 84.49 -4.16 65.22
N ALA R 110 85.17 -4.49 64.12
CA ALA R 110 84.59 -5.37 63.11
C ALA R 110 84.51 -6.81 63.59
N GLU R 111 85.47 -7.26 64.38
CA GLU R 111 85.45 -8.64 64.87
C GLU R 111 84.27 -8.90 65.80
N LEU R 112 83.85 -7.90 66.57
CA LEU R 112 82.76 -8.06 67.52
C LEU R 112 81.38 -7.77 66.92
N VAL R 113 81.32 -7.02 65.82
CA VAL R 113 80.05 -6.50 65.33
C VAL R 113 79.06 -7.61 64.99
N ASP R 114 79.56 -8.80 64.64
CA ASP R 114 78.67 -9.92 64.36
C ASP R 114 77.89 -10.32 65.61
N SER R 115 78.59 -10.48 66.73
CA SER R 115 77.93 -10.76 68.01
C SER R 115 76.82 -9.76 68.31
N VAL R 116 77.03 -8.49 67.92
CA VAL R 116 76.02 -7.46 68.16
C VAL R 116 74.79 -7.69 67.28
N LEU R 117 75.01 -7.93 65.99
CA LEU R 117 73.89 -8.15 65.07
C LEU R 117 73.07 -9.38 65.47
N ASP R 118 73.72 -10.37 66.10
CA ASP R 118 72.98 -11.54 66.56
C ASP R 118 71.95 -11.15 67.62
N VAL R 119 72.32 -10.24 68.53
CA VAL R 119 71.38 -9.78 69.54
C VAL R 119 70.35 -8.85 68.92
N VAL R 120 70.79 -7.99 67.99
CA VAL R 120 69.86 -7.13 67.25
C VAL R 120 68.77 -7.97 66.58
N ARG R 121 69.19 -9.03 65.90
CA ARG R 121 68.25 -9.96 65.28
C ARG R 121 67.27 -10.51 66.30
N LYS R 122 67.80 -10.99 67.44
CA LYS R 122 66.96 -11.60 68.48
C LYS R 122 65.86 -10.64 68.94
N GLU R 123 66.22 -9.37 69.19
CA GLU R 123 65.24 -8.42 69.68
C GLU R 123 64.24 -8.05 68.59
N SER R 124 64.71 -7.90 67.35
CA SER R 124 63.81 -7.61 66.24
C SER R 124 62.90 -8.80 65.92
N GLU R 125 63.42 -10.03 66.08
CA GLU R 125 62.63 -11.22 65.78
C GLU R 125 61.28 -11.21 66.49
N SER R 126 61.26 -10.75 67.74
CA SER R 126 60.05 -10.76 68.56
C SER R 126 59.35 -9.41 68.57
N CYS R 127 59.29 -8.73 67.43
CA CYS R 127 58.60 -7.46 67.30
C CYS R 127 57.36 -7.63 66.43
N ASP R 128 56.21 -7.19 66.94
CA ASP R 128 54.98 -7.17 66.13
C ASP R 128 55.21 -6.46 64.80
N CYS R 129 55.65 -5.20 64.85
CA CYS R 129 55.93 -4.43 63.65
C CYS R 129 57.02 -3.43 63.99
N LEU R 130 58.23 -3.70 63.52
CA LEU R 130 59.36 -2.82 63.79
C LEU R 130 59.21 -1.50 63.06
N GLN R 131 59.61 -0.41 63.73
CA GLN R 131 59.74 0.90 63.07
C GLN R 131 61.14 1.07 62.49
N GLY R 132 62.16 0.96 63.34
CA GLY R 132 63.50 1.31 62.96
C GLY R 132 64.42 1.19 64.17
N PHE R 133 65.58 1.86 64.07
CA PHE R 133 66.61 1.72 65.09
C PHE R 133 66.99 3.08 65.64
N GLN R 134 67.76 3.05 66.73
CA GLN R 134 68.09 4.26 67.48
C GLN R 134 69.47 4.06 68.10
N LEU R 135 70.46 4.83 67.64
CA LEU R 135 71.83 4.70 68.09
C LEU R 135 72.30 5.97 68.77
N THR R 136 72.89 5.83 69.95
CA THR R 136 73.56 6.92 70.64
C THR R 136 75.04 6.62 70.74
N HIS R 137 75.87 7.62 70.46
CA HIS R 137 77.32 7.44 70.43
C HIS R 137 77.99 8.79 70.23
N SER R 138 79.29 8.82 70.50
CA SER R 138 80.11 9.99 70.25
C SER R 138 80.90 9.81 68.95
N LEU R 139 81.21 10.93 68.31
CA LEU R 139 81.85 10.92 67.00
C LEU R 139 83.36 11.08 67.07
N GLY R 140 83.89 11.66 68.14
CA GLY R 140 85.33 11.81 68.28
C GLY R 140 86.04 10.59 68.82
N GLY R 141 85.31 9.60 69.31
CA GLY R 141 85.89 8.38 69.84
C GLY R 141 86.33 7.42 68.76
N GLY R 142 86.72 6.23 69.21
CA GLY R 142 87.06 5.16 68.29
C GLY R 142 85.98 4.10 68.17
N THR R 143 85.35 3.76 69.30
CA THR R 143 84.31 2.74 69.29
C THR R 143 82.96 3.31 68.89
N GLY R 144 82.52 4.37 69.56
CA GLY R 144 81.22 4.95 69.25
C GLY R 144 81.12 5.41 67.81
N SER R 145 82.20 5.94 67.26
CA SER R 145 82.24 6.41 65.88
C SER R 145 82.55 5.30 64.88
N GLY R 146 83.64 4.56 65.12
CA GLY R 146 84.06 3.57 64.14
C GLY R 146 83.16 2.34 64.11
N MET R 147 82.90 1.74 65.27
CA MET R 147 82.05 0.57 65.31
C MET R 147 80.58 0.94 65.13
N GLY R 148 80.16 2.10 65.64
CA GLY R 148 78.78 2.53 65.46
C GLY R 148 78.41 2.69 63.99
N THR R 149 79.19 3.49 63.26
CA THR R 149 78.93 3.69 61.84
C THR R 149 79.03 2.39 61.06
N LEU R 150 79.90 1.47 61.51
CA LEU R 150 79.96 0.15 60.89
C LEU R 150 78.71 -0.66 61.21
N LEU R 151 78.23 -0.57 62.44
CA LEU R 151 76.97 -1.23 62.81
C LEU R 151 75.80 -0.70 61.98
N ILE R 152 75.76 0.62 61.76
CA ILE R 152 74.68 1.24 61.02
C ILE R 152 74.57 0.64 59.62
N SER R 153 75.67 0.70 58.86
CA SER R 153 75.70 0.11 57.52
C SER R 153 75.30 -1.35 57.55
N LYS R 154 75.80 -2.10 58.54
CA LYS R 154 75.47 -3.53 58.63
C LYS R 154 73.99 -3.75 58.90
N ILE R 155 73.35 -2.82 59.61
CA ILE R 155 71.90 -2.89 59.81
C ILE R 155 71.17 -2.39 58.58
N ARG R 156 71.61 -1.24 58.05
CA ARG R 156 71.11 -0.69 56.79
C ARG R 156 70.94 -1.75 55.71
N GLU R 157 71.89 -2.68 55.61
CA GLU R 157 71.82 -3.74 54.61
C GLU R 157 71.05 -4.96 55.09
N GLU R 158 71.00 -5.22 56.40
CA GLU R 158 70.18 -6.31 56.90
C GLU R 158 68.73 -5.91 57.14
N TYR R 159 68.47 -4.62 57.39
CA TYR R 159 67.12 -4.10 57.60
C TYR R 159 66.93 -2.84 56.76
N PRO R 160 66.86 -2.97 55.44
CA PRO R 160 66.71 -1.78 54.59
C PRO R 160 65.29 -1.22 54.55
N ASP R 161 64.31 -1.93 55.10
CA ASP R 161 62.93 -1.47 55.14
C ASP R 161 62.60 -0.73 56.43
N ARG R 162 63.61 -0.21 57.12
CA ARG R 162 63.45 0.39 58.44
C ARG R 162 64.18 1.72 58.48
N ILE R 163 63.83 2.52 59.47
CA ILE R 163 64.41 3.84 59.66
C ILE R 163 65.69 3.71 60.49
N MET R 164 66.66 4.59 60.22
CA MET R 164 67.90 4.66 60.97
C MET R 164 68.01 6.05 61.58
N ASN R 165 67.98 6.13 62.90
CA ASN R 165 67.91 7.39 63.62
C ASN R 165 69.00 7.41 64.68
N THR R 166 69.89 8.41 64.61
CA THR R 166 71.06 8.47 65.47
C THR R 166 71.07 9.74 66.30
N PHE R 167 71.61 9.63 67.50
CA PHE R 167 71.90 10.74 68.39
C PHE R 167 73.42 10.84 68.51
N SER R 168 74.03 11.61 67.61
CA SER R 168 75.47 11.71 67.51
C SER R 168 75.95 13.00 68.17
N VAL R 169 76.94 12.89 69.05
CA VAL R 169 77.47 14.04 69.75
C VAL R 169 78.79 14.44 69.11
N VAL R 170 78.97 15.72 68.86
CA VAL R 170 80.12 16.25 68.11
C VAL R 170 81.24 16.58 69.10
N PRO R 171 82.49 16.25 68.79
CA PRO R 171 83.59 16.63 69.67
C PRO R 171 83.91 18.11 69.58
N SER R 172 84.44 18.66 70.68
CA SER R 172 84.87 20.04 70.76
C SER R 172 86.13 20.12 71.62
N PRO R 173 87.08 20.98 71.26
CA PRO R 173 88.27 21.15 72.11
C PRO R 173 87.93 21.53 73.54
N LYS R 174 86.76 22.14 73.77
CA LYS R 174 86.35 22.52 75.11
C LYS R 174 86.04 21.33 76.02
N VAL R 175 85.96 20.11 75.48
CA VAL R 175 85.57 18.96 76.30
C VAL R 175 86.64 17.88 76.24
N SER R 176 87.42 17.84 75.16
CA SER R 176 88.53 16.91 75.08
C SER R 176 89.59 17.44 74.12
N ASP R 177 90.83 17.50 74.61
CA ASP R 177 91.95 18.04 73.85
C ASP R 177 92.56 17.03 72.89
N THR R 178 91.91 15.88 72.68
CA THR R 178 92.41 14.91 71.72
C THR R 178 92.29 15.47 70.31
N VAL R 179 93.40 15.50 69.57
CA VAL R 179 93.43 16.15 68.26
C VAL R 179 93.04 15.21 67.13
N VAL R 180 92.91 13.91 67.37
CA VAL R 180 92.44 12.99 66.34
C VAL R 180 90.92 12.98 66.21
N GLU R 181 90.21 13.62 67.12
CA GLU R 181 88.75 13.69 67.01
C GLU R 181 88.28 14.32 65.71
N PRO R 182 88.86 15.41 65.20
CA PRO R 182 88.46 15.87 63.85
C PRO R 182 88.56 14.79 62.78
N TYR R 183 89.60 13.95 62.83
CA TYR R 183 89.67 12.80 61.93
C TYR R 183 88.46 11.90 62.12
N ASN R 184 88.25 11.42 63.34
CA ASN R 184 87.19 10.46 63.62
C ASN R 184 85.82 11.01 63.25
N ALA R 185 85.55 12.26 63.61
CA ALA R 185 84.24 12.84 63.34
C ALA R 185 84.02 13.05 61.84
N THR R 186 85.04 13.52 61.13
CA THR R 186 84.91 13.70 59.68
C THR R 186 84.67 12.37 58.99
N LEU R 187 85.46 11.35 59.34
CA LEU R 187 85.25 10.02 58.78
C LEU R 187 83.85 9.49 59.12
N SER R 188 83.35 9.82 60.32
CA SER R 188 82.04 9.34 60.74
C SER R 188 80.91 10.12 60.07
N VAL R 189 81.08 11.42 59.83
CA VAL R 189 80.07 12.19 59.12
C VAL R 189 79.94 11.70 57.68
N HIS R 190 81.06 11.31 57.07
CA HIS R 190 81.04 10.69 55.75
C HIS R 190 80.15 9.46 55.73
N GLN R 191 79.99 8.79 56.86
CA GLN R 191 79.11 7.63 56.95
C GLN R 191 77.66 8.05 57.14
N LEU R 192 77.40 8.96 58.08
CA LEU R 192 76.04 9.29 58.46
C LEU R 192 75.26 9.93 57.32
N VAL R 193 75.93 10.76 56.51
CA VAL R 193 75.28 11.42 55.39
C VAL R 193 74.78 10.41 54.36
N GLU R 194 75.38 9.21 54.33
CA GLU R 194 74.99 8.18 53.38
C GLU R 194 74.16 7.06 53.99
N ASN R 195 74.15 6.92 55.32
CA ASN R 195 73.63 5.72 55.94
C ASN R 195 72.42 5.94 56.85
N THR R 196 72.09 7.18 57.21
CA THR R 196 71.02 7.43 58.17
C THR R 196 69.94 8.32 57.58
N ASP R 197 68.70 8.08 58.00
CA ASP R 197 67.58 8.89 57.56
C ASP R 197 67.51 10.20 58.32
N GLU R 198 67.83 10.19 59.62
CA GLU R 198 67.81 11.40 60.42
C GLU R 198 68.86 11.29 61.53
N THR R 199 69.50 12.41 61.84
CA THR R 199 70.55 12.47 62.84
C THR R 199 70.45 13.77 63.63
N TYR R 200 70.31 13.65 64.95
CA TYR R 200 70.34 14.81 65.84
C TYR R 200 71.79 15.10 66.23
N CYS R 201 72.25 16.32 65.92
CA CYS R 201 73.63 16.72 66.14
C CYS R 201 73.76 17.39 67.50
N ILE R 202 74.30 16.66 68.47
CA ILE R 202 74.55 17.20 69.81
C ILE R 202 75.98 17.72 69.84
N ASP R 203 76.15 19.01 70.06
CA ASP R 203 77.48 19.62 70.00
C ASP R 203 77.98 19.86 71.41
N ASN R 204 79.10 19.22 71.76
CA ASN R 204 79.71 19.45 73.07
C ASN R 204 80.16 20.90 73.22
N GLU R 205 80.57 21.53 72.11
CA GLU R 205 80.83 22.97 72.11
C GLU R 205 79.65 23.74 72.71
N ALA R 206 78.43 23.40 72.29
CA ALA R 206 77.25 24.11 72.75
C ALA R 206 76.82 23.68 74.15
N LEU R 207 77.05 22.42 74.52
CA LEU R 207 76.69 21.98 75.87
C LEU R 207 77.55 22.66 76.92
N TYR R 208 78.84 22.84 76.63
CA TYR R 208 79.71 23.57 77.54
C TYR R 208 79.31 25.03 77.61
N ASP R 209 79.11 25.68 76.46
CA ASP R 209 78.71 27.08 76.43
C ASP R 209 77.38 27.32 77.13
N ILE R 210 76.53 26.29 77.26
CA ILE R 210 75.27 26.46 77.96
C ILE R 210 75.46 26.26 79.46
N CYS R 211 76.21 25.23 79.85
CA CYS R 211 76.49 25.02 81.27
C CYS R 211 77.36 26.12 81.85
N PHE R 212 78.24 26.69 81.03
CA PHE R 212 79.17 27.71 81.52
C PHE R 212 78.52 29.10 81.58
N ARG R 213 77.87 29.50 80.50
CA ARG R 213 77.42 30.89 80.36
C ARG R 213 75.99 31.09 80.84
N THR R 214 75.08 30.17 80.51
CA THR R 214 73.68 30.32 80.90
C THR R 214 73.40 29.73 82.28
N LEU R 215 73.94 28.55 82.58
CA LEU R 215 73.71 27.91 83.86
C LEU R 215 74.73 28.32 84.93
N LYS R 216 75.76 29.07 84.54
CA LYS R 216 76.78 29.57 85.44
C LYS R 216 77.38 28.46 86.31
N LEU R 217 77.92 27.45 85.65
CA LEU R 217 78.72 26.41 86.27
C LEU R 217 80.13 26.53 85.74
N THR R 218 81.09 26.81 86.63
CA THR R 218 82.44 27.13 86.18
C THR R 218 83.12 25.94 85.53
N THR R 219 82.92 24.74 86.07
CA THR R 219 83.42 23.51 85.47
C THR R 219 82.31 22.49 85.28
N PRO R 220 81.74 22.41 84.08
CA PRO R 220 80.75 21.36 83.81
C PRO R 220 81.42 20.00 83.72
N THR R 221 80.76 18.99 84.29
CA THR R 221 81.17 17.60 84.15
C THR R 221 80.38 16.97 83.01
N TYR R 222 80.74 15.72 82.68
CA TYR R 222 79.93 14.96 81.73
C TYR R 222 78.48 14.87 82.21
N GLY R 223 78.29 14.51 83.48
CA GLY R 223 76.95 14.46 84.04
C GLY R 223 76.16 15.73 83.84
N ASP R 224 76.83 16.89 83.96
CA ASP R 224 76.15 18.16 83.71
C ASP R 224 75.76 18.28 82.24
N LEU R 225 76.68 17.94 81.34
CA LEU R 225 76.35 17.95 79.92
C LEU R 225 75.36 16.84 79.58
N ASN R 226 75.50 15.67 80.23
CA ASN R 226 74.59 14.57 79.96
C ASN R 226 73.17 14.87 80.43
N HIS R 227 73.03 15.74 81.43
CA HIS R 227 71.69 16.16 81.84
C HIS R 227 70.99 16.91 80.71
N LEU R 228 71.70 17.81 80.05
CA LEU R 228 71.12 18.52 78.90
C LEU R 228 70.72 17.56 77.79
N VAL R 229 71.47 16.47 77.62
CA VAL R 229 71.21 15.54 76.52
C VAL R 229 69.96 14.71 76.80
N SER R 230 69.93 14.03 77.95
CA SER R 230 68.81 13.16 78.28
C SER R 230 67.47 13.88 78.25
N ALA R 231 67.47 15.16 78.66
CA ALA R 231 66.23 15.93 78.63
C ALA R 231 65.83 16.27 77.20
N THR R 232 66.81 16.55 76.34
CA THR R 232 66.51 16.79 74.93
C THR R 232 65.97 15.53 74.26
N MET R 233 66.50 14.36 74.63
CA MET R 233 66.09 13.11 73.99
C MET R 233 64.63 12.79 74.29
N SER R 234 64.26 12.82 75.57
CA SER R 234 62.86 12.61 75.93
C SER R 234 61.94 13.64 75.28
N GLY R 235 62.43 14.85 75.04
CA GLY R 235 61.61 15.86 74.41
C GLY R 235 61.33 15.55 72.94
N VAL R 236 62.37 15.17 72.20
CA VAL R 236 62.18 14.89 70.77
C VAL R 236 61.43 13.57 70.58
N THR R 237 61.55 12.64 71.53
CA THR R 237 60.86 11.36 71.47
C THR R 237 59.50 11.39 72.15
N THR R 238 59.00 12.58 72.50
CA THR R 238 57.70 12.70 73.14
C THR R 238 56.59 12.22 72.21
N CYS R 239 56.61 12.68 70.96
CA CYS R 239 55.63 12.23 69.98
C CYS R 239 55.62 10.71 69.86
N LEU R 240 56.79 10.09 69.92
CA LEU R 240 56.90 8.65 69.69
C LEU R 240 56.36 7.83 70.86
N ARG R 241 56.38 8.38 72.08
CA ARG R 241 56.14 7.59 73.27
C ARG R 241 54.74 7.78 73.85
N PHE R 242 53.99 8.76 73.39
CA PHE R 242 52.66 9.06 73.88
C PHE R 242 51.72 9.23 72.69
N PRO R 243 50.40 9.11 72.91
CA PRO R 243 49.47 9.25 71.78
C PRO R 243 49.48 10.68 71.24
N GLY R 244 49.36 10.80 69.92
CA GLY R 244 49.48 12.08 69.25
C GLY R 244 49.30 12.00 67.75
N GLN R 245 48.75 13.06 67.17
CA GLN R 245 48.43 13.07 65.74
C GLN R 245 49.67 13.29 64.87
N LEU R 246 50.49 14.26 65.23
CA LEU R 246 51.51 14.79 64.35
C LEU R 246 52.89 14.21 64.68
N ASN R 247 53.65 13.90 63.62
CA ASN R 247 54.97 13.28 63.74
C ASN R 247 54.93 12.04 64.64
N ALA R 248 54.01 11.13 64.33
CA ALA R 248 53.71 10.02 65.23
C ALA R 248 54.82 8.98 65.23
N ASP R 249 55.19 8.49 64.05
CA ASP R 249 56.20 7.43 63.93
C ASP R 249 57.45 7.96 63.24
N LEU R 250 58.48 7.12 63.26
CA LEU R 250 59.80 7.53 62.76
C LEU R 250 59.75 7.97 61.30
N ARG R 251 59.05 7.20 60.45
CA ARG R 251 59.06 7.50 59.02
C ARG R 251 58.32 8.80 58.71
N LYS R 252 57.15 9.01 59.31
CA LYS R 252 56.40 10.25 59.08
C LYS R 252 57.21 11.46 59.52
N LEU R 253 57.92 11.35 60.64
CA LEU R 253 58.80 12.43 61.10
C LEU R 253 59.81 12.80 60.02
N ALA R 254 60.63 11.83 59.60
CA ALA R 254 61.66 12.10 58.61
C ALA R 254 61.07 12.59 57.29
N VAL R 255 59.87 12.13 56.93
CA VAL R 255 59.25 12.56 55.68
C VAL R 255 58.99 14.06 55.69
N ASN R 256 58.53 14.59 56.83
CA ASN R 256 58.17 16.00 56.94
C ASN R 256 59.33 16.86 57.42
N MET R 257 60.53 16.28 57.59
CA MET R 257 61.69 17.01 58.08
C MET R 257 62.85 17.08 57.10
N VAL R 258 62.99 16.11 56.20
CA VAL R 258 64.16 15.97 55.35
C VAL R 258 63.73 16.11 53.90
N PRO R 259 63.96 17.28 53.29
CA PRO R 259 63.60 17.46 51.88
C PRO R 259 64.62 16.92 50.91
N PHE R 260 65.88 16.79 51.32
CA PHE R 260 66.94 16.29 50.47
C PHE R 260 67.72 15.26 51.26
N PRO R 261 67.95 14.05 50.71
CA PRO R 261 68.40 12.93 51.54
C PRO R 261 69.68 13.19 52.33
N ARG R 262 70.63 13.91 51.75
CA ARG R 262 71.89 14.14 52.43
C ARG R 262 71.75 15.18 53.54
N LEU R 263 70.79 16.09 53.41
CA LEU R 263 70.63 17.20 54.36
C LEU R 263 69.62 16.79 55.44
N HIS R 264 70.03 15.84 56.27
CA HIS R 264 69.17 15.28 57.32
C HIS R 264 69.80 15.42 58.70
N PHE R 265 70.53 16.51 58.92
CA PHE R 265 71.22 16.76 60.18
C PHE R 265 70.49 17.88 60.90
N PHE R 266 69.72 17.52 61.91
CA PHE R 266 68.86 18.45 62.64
C PHE R 266 69.64 19.16 63.73
N MET R 267 69.32 20.45 63.91
CA MET R 267 69.85 21.25 65.01
C MET R 267 68.82 21.27 66.13
N PRO R 268 68.95 20.43 67.16
CA PRO R 268 67.95 20.39 68.22
C PRO R 268 68.20 21.47 69.28
N GLY R 269 67.12 21.77 70.00
CA GLY R 269 67.16 22.73 71.08
C GLY R 269 65.86 22.72 71.84
N PHE R 270 65.89 23.00 73.15
CA PHE R 270 64.70 22.88 73.95
C PHE R 270 64.76 23.88 75.11
N ALA R 271 63.64 24.00 75.82
CA ALA R 271 63.46 25.02 76.83
C ALA R 271 62.45 24.53 77.85
N PRO R 272 62.53 24.99 79.11
CA PRO R 272 63.60 25.87 79.60
C PRO R 272 64.83 25.12 80.08
N LEU R 273 65.98 25.81 80.06
CA LEU R 273 67.24 25.22 80.47
C LEU R 273 67.35 25.25 81.98
N THR R 274 67.38 24.06 82.60
CA THR R 274 67.47 23.92 84.04
C THR R 274 68.79 23.28 84.43
N SER R 275 69.15 23.43 85.70
CA SER R 275 70.36 22.83 86.24
C SER R 275 70.04 21.44 86.78
N ARG R 276 71.05 20.76 87.31
CA ARG R 276 70.89 19.42 87.86
C ARG R 276 70.08 19.52 89.15
N GLY R 277 68.77 19.29 89.06
CA GLY R 277 67.93 19.24 90.23
C GLY R 277 67.67 20.57 90.90
N SER R 278 67.76 21.67 90.15
CA SER R 278 67.44 23.00 90.69
C SER R 278 65.92 23.22 90.67
N GLN R 279 65.50 24.34 91.23
CA GLN R 279 64.08 24.65 91.38
C GLN R 279 63.68 25.80 90.46
N GLN R 280 62.68 25.56 89.62
CA GLN R 280 62.12 26.51 88.67
C GLN R 280 60.86 27.11 89.28
N TYR R 281 60.98 28.27 89.92
CA TYR R 281 59.90 28.79 90.76
C TYR R 281 58.64 29.09 89.96
N ARG R 282 58.77 29.82 88.85
CA ARG R 282 57.62 30.24 88.06
C ARG R 282 57.70 29.58 86.69
N ALA R 283 56.68 28.78 86.36
CA ALA R 283 56.64 28.11 85.07
C ALA R 283 56.48 29.13 83.95
N LEU R 284 57.23 28.92 82.86
CA LEU R 284 57.25 29.89 81.78
C LEU R 284 55.89 30.00 81.11
N THR R 285 55.69 31.11 80.41
CA THR R 285 54.48 31.33 79.64
C THR R 285 54.66 30.82 78.21
N VAL R 286 53.55 30.70 77.49
CA VAL R 286 53.61 30.24 76.10
C VAL R 286 54.43 31.17 75.23
N PRO R 287 54.25 32.50 75.27
CA PRO R 287 55.11 33.36 74.44
C PRO R 287 56.58 33.31 74.84
N GLU R 288 56.88 33.02 76.10
CA GLU R 288 58.28 32.90 76.53
C GLU R 288 58.93 31.67 75.94
N LEU R 289 58.30 30.50 76.12
CA LEU R 289 58.78 29.26 75.49
C LEU R 289 59.01 29.45 74.00
N THR R 290 58.01 29.99 73.30
CA THR R 290 58.14 30.23 71.86
C THR R 290 59.39 31.05 71.54
N GLN R 291 59.71 32.03 72.39
CA GLN R 291 60.90 32.85 72.18
C GLN R 291 62.15 32.20 72.76
N GLN R 292 62.20 30.86 72.72
CA GLN R 292 63.42 30.11 72.95
C GLN R 292 63.82 29.33 71.70
N MET R 293 63.23 29.69 70.56
CA MET R 293 63.52 29.04 69.27
C MET R 293 64.73 29.71 68.62
N PHE R 294 64.54 30.93 68.11
CA PHE R 294 65.66 31.69 67.58
C PHE R 294 66.73 31.98 68.62
N ASP R 295 66.37 31.98 69.91
CA ASP R 295 67.34 32.20 70.97
C ASP R 295 68.41 31.13 70.88
N ALA R 296 69.54 31.48 70.27
CA ALA R 296 70.60 30.51 69.99
C ALA R 296 71.24 29.95 71.26
N LYS R 297 71.01 30.56 72.41
CA LYS R 297 71.50 30.02 73.67
C LYS R 297 70.73 28.80 74.14
N ASN R 298 69.72 28.36 73.39
CA ASN R 298 68.98 27.14 73.70
C ASN R 298 69.24 26.02 72.70
N MET R 299 70.08 26.25 71.70
CA MET R 299 70.38 25.23 70.70
C MET R 299 71.45 24.27 71.22
N MET R 300 71.19 22.97 71.09
CA MET R 300 72.17 21.97 71.48
C MET R 300 73.32 21.87 70.48
N ALA R 301 73.19 22.49 69.31
CA ALA R 301 74.28 22.59 68.35
C ALA R 301 74.79 24.02 68.32
N ALA R 302 76.11 24.17 68.21
CA ALA R 302 76.74 25.50 68.28
C ALA R 302 76.63 26.16 66.91
N CYS R 303 75.44 26.67 66.63
CA CYS R 303 75.15 27.37 65.39
C CYS R 303 74.16 28.49 65.67
N ASP R 304 74.21 29.51 64.82
CA ASP R 304 73.30 30.65 64.95
C ASP R 304 72.20 30.51 63.90
N PRO R 305 70.96 30.24 64.29
CA PRO R 305 69.87 30.19 63.29
C PRO R 305 69.74 31.47 62.50
N ARG R 306 70.16 32.60 63.07
CA ARG R 306 70.13 33.86 62.35
C ARG R 306 71.07 33.85 61.15
N HIS R 307 72.12 33.03 61.21
CA HIS R 307 73.12 32.97 60.15
C HIS R 307 72.73 32.02 59.02
N GLY R 308 71.57 31.38 59.11
CA GLY R 308 71.11 30.53 58.04
C GLY R 308 69.60 30.62 57.87
N ARG R 309 69.02 29.63 57.18
CA ARG R 309 67.58 29.61 56.95
C ARG R 309 67.04 28.23 57.33
N TYR R 310 65.84 28.22 57.91
CA TYR R 310 65.19 26.97 58.27
C TYR R 310 64.54 26.33 57.05
N LEU R 311 64.87 25.06 56.81
CA LEU R 311 64.16 24.30 55.79
C LEU R 311 62.85 23.74 56.34
N THR R 312 62.93 23.03 57.47
CA THR R 312 61.76 22.50 58.17
C THR R 312 61.97 22.71 59.66
N VAL R 313 60.85 22.80 60.39
CA VAL R 313 60.87 23.00 61.84
C VAL R 313 59.78 22.14 62.48
N ALA R 314 60.13 21.46 63.57
CA ALA R 314 59.17 20.73 64.39
C ALA R 314 59.28 21.21 65.84
N ALA R 315 58.15 21.64 66.40
CA ALA R 315 58.09 22.10 67.78
C ALA R 315 57.22 21.14 68.61
N VAL R 316 57.69 20.80 69.81
CA VAL R 316 56.99 19.90 70.72
C VAL R 316 56.82 20.60 72.05
N PHE R 317 55.58 21.00 72.36
CA PHE R 317 55.25 21.65 73.63
C PHE R 317 54.69 20.61 74.59
N ARG R 318 55.29 20.51 75.77
CA ARG R 318 54.87 19.55 76.78
C ARG R 318 54.25 20.28 77.97
N GLY R 319 53.09 19.81 78.40
CA GLY R 319 52.38 20.37 79.54
C GLY R 319 50.98 20.81 79.17
N ARG R 320 50.22 21.13 80.22
CA ARG R 320 48.87 21.66 80.05
C ARG R 320 48.97 23.15 79.72
N MET R 321 48.42 23.54 78.57
CA MET R 321 48.48 24.92 78.12
C MET R 321 47.45 25.12 77.02
N SER R 322 47.33 26.36 76.56
CA SER R 322 46.34 26.75 75.56
C SER R 322 46.84 26.35 74.18
N MET R 323 46.16 25.39 73.55
CA MET R 323 46.43 25.07 72.16
C MET R 323 46.17 26.27 71.26
N LYS R 324 45.21 27.12 71.63
CA LYS R 324 44.92 28.32 70.86
C LYS R 324 46.09 29.30 70.89
N GLU R 325 46.71 29.49 72.06
CA GLU R 325 47.79 30.45 72.17
C GLU R 325 49.06 29.95 71.50
N VAL R 326 49.33 28.64 71.60
CA VAL R 326 50.50 28.06 70.96
C VAL R 326 50.43 28.26 69.45
N ASP R 327 49.28 27.93 68.85
CA ASP R 327 49.09 28.16 67.42
C ASP R 327 49.35 29.62 67.07
N GLU R 328 48.80 30.54 67.87
CA GLU R 328 48.99 31.97 67.62
C GLU R 328 50.46 32.36 67.69
N GLN R 329 51.15 31.92 68.75
CA GLN R 329 52.54 32.33 68.93
C GLN R 329 53.44 31.75 67.84
N MET R 330 53.18 30.51 67.42
CA MET R 330 54.00 29.92 66.36
C MET R 330 53.70 30.59 65.01
N LEU R 331 52.42 30.82 64.71
CA LEU R 331 52.07 31.56 63.50
C LEU R 331 52.64 32.97 63.51
N ASN R 332 52.74 33.58 64.69
CA ASN R 332 53.34 34.89 64.86
C ASN R 332 54.82 34.87 64.50
N VAL R 333 55.61 34.12 65.29
CA VAL R 333 57.06 34.14 65.17
C VAL R 333 57.53 33.75 63.77
N GLN R 334 56.72 33.00 63.03
CA GLN R 334 57.09 32.63 61.66
C GLN R 334 57.10 33.86 60.74
N ASN R 335 55.98 34.60 60.71
CA ASN R 335 55.84 35.70 59.75
C ASN R 335 56.56 36.97 60.20
N LYS R 336 56.82 37.13 61.50
CA LYS R 336 57.60 38.27 61.97
C LYS R 336 59.09 38.10 61.73
N ASN R 337 59.53 36.92 61.29
CA ASN R 337 60.90 36.65 60.88
C ASN R 337 60.91 35.96 59.52
N SER R 338 60.04 36.41 58.62
CA SER R 338 59.74 35.68 57.38
C SER R 338 60.98 35.46 56.52
N SER R 339 62.01 36.29 56.66
CA SER R 339 63.22 36.14 55.87
C SER R 339 64.09 34.99 56.33
N TYR R 340 63.80 34.38 57.48
CA TYR R 340 64.62 33.29 58.01
C TYR R 340 64.09 31.91 57.70
N PHE R 341 62.81 31.79 57.34
CA PHE R 341 62.25 30.52 56.88
C PHE R 341 62.20 30.51 55.37
N VAL R 342 62.68 29.40 54.78
CA VAL R 342 62.67 29.23 53.34
C VAL R 342 61.26 29.43 52.80
N GLU R 343 61.15 30.20 51.71
CA GLU R 343 59.84 30.49 51.14
C GLU R 343 59.32 29.34 50.27
N TRP R 344 60.21 28.60 49.61
CA TRP R 344 59.78 27.60 48.64
C TRP R 344 59.30 26.30 49.30
N ILE R 345 59.26 26.23 50.62
CA ILE R 345 58.63 25.12 51.32
C ILE R 345 57.50 25.68 52.17
N PRO R 346 56.26 25.64 51.67
CA PRO R 346 55.14 26.23 52.42
C PRO R 346 54.69 25.32 53.55
N ASN R 347 54.28 25.95 54.66
CA ASN R 347 53.87 25.25 55.87
C ASN R 347 54.95 24.28 56.34
N ASN R 348 56.19 24.77 56.34
CA ASN R 348 57.35 23.96 56.71
C ASN R 348 57.52 23.80 58.21
N VAL R 349 56.89 24.65 59.01
CA VAL R 349 56.93 24.56 60.47
C VAL R 349 55.69 23.81 60.94
N LYS R 350 55.88 22.85 61.84
CA LYS R 350 54.81 22.03 62.39
C LYS R 350 54.93 22.01 63.89
N THR R 351 53.80 22.20 64.58
CA THR R 351 53.76 22.32 66.03
C THR R 351 53.04 21.10 66.62
N ALA R 352 53.43 20.73 67.84
CA ALA R 352 52.88 19.57 68.51
C ALA R 352 52.67 19.85 70.00
N VAL R 353 51.71 19.13 70.59
CA VAL R 353 51.29 19.33 71.97
C VAL R 353 51.44 18.00 72.73
N CYS R 354 51.86 18.10 73.99
CA CYS R 354 51.90 16.95 74.89
C CYS R 354 51.42 17.35 76.27
N ASP R 355 50.45 16.62 76.82
CA ASP R 355 49.90 16.99 78.11
C ASP R 355 50.84 16.62 79.25
N ILE R 356 51.55 15.50 79.12
CA ILE R 356 52.45 15.03 80.18
C ILE R 356 53.77 15.78 80.08
N PRO R 357 54.11 16.60 81.07
CA PRO R 357 55.36 17.35 81.01
C PRO R 357 56.52 16.47 81.43
N PRO R 358 57.76 16.93 81.27
CA PRO R 358 58.88 16.17 81.81
C PRO R 358 59.06 16.48 83.30
N ARG R 359 59.56 15.48 84.01
CA ARG R 359 59.51 15.50 85.47
C ARG R 359 60.39 16.64 86.00
N GLY R 360 59.81 17.45 86.89
CA GLY R 360 60.43 18.66 87.38
C GLY R 360 59.76 19.92 86.88
N LEU R 361 59.35 19.92 85.62
CA LEU R 361 58.86 21.10 84.91
C LEU R 361 57.35 21.03 84.72
N LYS R 362 56.69 22.19 84.83
CA LYS R 362 55.26 22.27 84.54
C LYS R 362 55.02 22.36 83.03
N MET R 363 55.85 23.12 82.32
CA MET R 363 55.77 23.26 80.88
C MET R 363 57.17 23.13 80.28
N SER R 364 57.23 22.72 79.02
CA SER R 364 58.50 22.61 78.31
C SER R 364 58.22 22.67 76.81
N ALA R 365 59.28 22.87 76.05
CA ALA R 365 59.16 23.02 74.60
C ALA R 365 60.49 22.68 73.94
N THR R 366 60.46 21.73 73.00
CA THR R 366 61.64 21.31 72.25
C THR R 366 61.51 21.75 70.80
N PHE R 367 62.64 22.15 70.20
CA PHE R 367 62.65 22.83 68.90
C PHE R 367 63.61 22.09 67.97
N ILE R 368 63.10 21.09 67.26
CA ILE R 368 63.91 20.33 66.28
C ILE R 368 63.90 21.08 64.96
N GLY R 369 65.09 21.41 64.45
CA GLY R 369 65.17 22.19 63.24
C GLY R 369 66.24 21.77 62.24
N ASN R 370 65.84 21.64 60.97
CA ASN R 370 66.79 21.50 59.87
C ASN R 370 67.14 22.89 59.37
N SER R 371 68.15 23.50 60.00
CA SER R 371 68.59 24.84 59.65
C SER R 371 69.88 24.76 58.85
N THR R 372 69.96 25.53 57.77
CA THR R 372 71.17 25.56 56.93
C THR R 372 72.37 26.13 57.69
N ALA R 373 72.13 26.82 58.80
CA ALA R 373 73.20 27.32 59.64
C ALA R 373 74.11 26.21 60.15
N ILE R 374 73.62 24.97 60.20
CA ILE R 374 74.39 23.80 60.64
C ILE R 374 75.71 23.69 59.88
N GLN R 375 75.81 24.34 58.72
CA GLN R 375 77.06 24.36 57.98
C GLN R 375 78.20 24.95 58.79
N GLU R 376 77.89 25.87 59.72
CA GLU R 376 78.91 26.38 60.63
C GLU R 376 79.58 25.26 61.42
N LEU R 377 78.77 24.31 61.91
CA LEU R 377 79.33 23.19 62.66
C LEU R 377 80.28 22.36 61.79
N PHE R 378 79.85 22.03 60.57
CA PHE R 378 80.70 21.23 59.70
C PHE R 378 81.91 22.02 59.21
N LYS R 379 81.80 23.35 59.15
CA LYS R 379 82.98 24.18 58.89
C LYS R 379 84.04 23.96 59.97
N ARG R 380 83.63 24.04 61.24
CA ARG R 380 84.56 23.87 62.35
C ARG R 380 85.29 22.54 62.26
N ILE R 381 84.55 21.45 62.05
CA ILE R 381 85.16 20.12 61.98
C ILE R 381 86.10 20.03 60.78
N SER R 382 85.71 20.64 59.66
CA SER R 382 86.52 20.53 58.45
C SER R 382 87.82 21.31 58.57
N GLU R 383 87.75 22.54 59.09
CA GLU R 383 88.97 23.34 59.25
C GLU R 383 89.94 22.66 60.22
N GLN R 384 89.43 22.12 61.33
CA GLN R 384 90.27 21.36 62.24
C GLN R 384 90.82 20.10 61.58
N PHE R 385 89.97 19.39 60.83
CA PHE R 385 90.42 18.20 60.11
C PHE R 385 91.52 18.54 59.10
N THR R 386 91.30 19.60 58.31
CA THR R 386 92.24 19.91 57.23
C THR R 386 93.59 20.37 57.77
N ALA R 387 93.57 21.29 58.74
CA ALA R 387 94.79 21.69 59.42
C ALA R 387 95.57 20.46 59.90
N MET R 388 94.87 19.52 60.52
CA MET R 388 95.51 18.28 60.96
C MET R 388 96.01 17.47 59.76
N PHE R 389 95.18 17.33 58.73
CA PHE R 389 95.49 16.43 57.62
C PHE R 389 96.56 16.99 56.68
N ARG R 390 96.64 18.32 56.55
CA ARG R 390 97.63 18.89 55.65
C ARG R 390 99.06 18.64 56.13
N ARG R 391 99.25 18.56 57.44
CA ARG R 391 100.53 18.17 58.02
C ARG R 391 100.62 16.67 58.26
N LYS R 392 99.56 15.92 57.94
CA LYS R 392 99.58 14.45 57.92
C LYS R 392 99.83 13.86 59.30
N ALA R 393 99.36 14.55 60.34
CA ALA R 393 99.60 14.09 61.70
C ALA R 393 98.79 12.83 62.00
N PHE R 394 99.38 11.95 62.82
CA PHE R 394 98.73 10.76 63.39
C PHE R 394 98.14 9.83 62.33
N LEU R 395 98.53 9.98 61.06
CA LEU R 395 97.97 9.13 60.02
C LEU R 395 98.41 7.68 60.15
N HIS R 396 99.59 7.44 60.71
CA HIS R 396 100.08 6.06 60.82
C HIS R 396 99.20 5.22 61.73
N TRP R 397 98.47 5.84 62.67
CA TRP R 397 97.45 5.12 63.41
C TRP R 397 96.44 4.48 62.46
N TYR R 398 95.79 5.30 61.64
CA TYR R 398 94.68 4.84 60.80
C TYR R 398 95.18 3.92 59.69
N THR R 399 96.26 4.31 59.00
CA THR R 399 96.77 3.50 57.90
C THR R 399 97.22 2.12 58.39
N GLY R 400 97.80 2.06 59.59
CA GLY R 400 98.20 0.77 60.14
C GLY R 400 97.06 -0.20 60.30
N GLU R 401 95.86 0.30 60.55
CA GLU R 401 94.68 -0.54 60.74
C GLU R 401 93.99 -0.90 59.43
N GLY R 402 94.66 -0.73 58.29
CA GLY R 402 94.12 -1.12 57.02
C GLY R 402 93.49 -0.01 56.20
N MET R 403 93.41 1.21 56.74
CA MET R 403 92.83 2.31 56.00
C MET R 403 93.80 2.84 54.95
N ASP R 404 93.24 3.47 53.93
CA ASP R 404 94.03 4.09 52.87
C ASP R 404 93.98 5.61 53.03
N GLU R 405 95.11 6.26 52.76
CA GLU R 405 95.19 7.72 52.84
C GLU R 405 94.12 8.40 51.99
N MET R 406 93.75 7.79 50.86
CA MET R 406 92.72 8.35 50.00
C MET R 406 91.42 8.57 50.76
N GLU R 407 91.09 7.65 51.69
CA GLU R 407 89.84 7.76 52.45
C GLU R 407 89.68 9.13 53.10
N PHE R 408 90.77 9.66 53.66
CA PHE R 408 90.72 10.96 54.31
C PHE R 408 90.34 12.05 53.31
N THR R 409 90.96 12.03 52.13
CA THR R 409 90.65 13.01 51.10
C THR R 409 89.19 12.91 50.66
N GLU R 410 88.67 11.69 50.53
CA GLU R 410 87.28 11.51 50.13
C GLU R 410 86.32 12.07 51.18
N ALA R 411 86.57 11.75 52.45
CA ALA R 411 85.73 12.27 53.52
C ALA R 411 85.83 13.79 53.62
N GLU R 412 87.02 14.33 53.44
CA GLU R 412 87.19 15.79 53.43
C GLU R 412 86.32 16.44 52.35
N SER R 413 86.42 15.95 51.12
CA SER R 413 85.64 16.53 50.02
C SER R 413 84.15 16.29 50.22
N ASN R 414 83.76 15.11 50.72
CA ASN R 414 82.34 14.80 50.87
C ASN R 414 81.69 15.71 51.91
N MET R 415 82.41 16.05 52.98
CA MET R 415 81.89 16.99 53.96
C MET R 415 81.78 18.39 53.38
N ASN R 416 82.73 18.77 52.52
CA ASN R 416 82.69 20.09 51.91
C ASN R 416 81.54 20.20 50.91
N ASP R 417 81.28 19.12 50.15
CA ASP R 417 80.09 19.09 49.32
C ASP R 417 78.83 19.27 50.17
N LEU R 418 78.79 18.63 51.34
CA LEU R 418 77.67 18.79 52.25
C LEU R 418 77.54 20.24 52.71
N VAL R 419 78.67 20.91 52.94
CA VAL R 419 78.63 22.32 53.33
C VAL R 419 78.13 23.18 52.18
N SER R 420 78.64 22.94 50.97
CA SER R 420 78.21 23.71 49.81
C SER R 420 76.71 23.55 49.56
N GLU R 421 76.19 22.33 49.69
CA GLU R 421 74.77 22.09 49.50
C GLU R 421 73.92 22.94 50.43
N TYR R 422 74.28 22.97 51.72
CA TYR R 422 73.58 23.85 52.66
C TYR R 422 73.68 25.30 52.23
N GLN R 423 74.84 25.72 51.73
CA GLN R 423 75.02 27.10 51.29
C GLN R 423 74.19 27.39 50.04
N GLN R 424 74.05 26.40 49.16
CA GLN R 424 73.23 26.59 47.96
C GLN R 424 71.79 26.91 48.31
N TYR R 425 71.17 26.05 49.13
CA TYR R 425 69.77 26.25 49.48
C TYR R 425 69.56 27.46 50.38
N GLN R 426 70.62 27.92 51.05
CA GLN R 426 70.52 29.16 51.82
C GLN R 426 70.37 30.36 50.89
N ASP R 427 71.13 30.40 49.80
CA ASP R 427 71.09 31.50 48.84
C ASP R 427 70.01 31.30 47.77
N ALA R 428 69.23 30.22 47.85
CA ALA R 428 68.19 29.97 46.87
C ALA R 428 67.07 30.99 47.00
N THR R 429 66.33 31.18 45.91
CA THR R 429 65.23 32.13 45.86
C THR R 429 64.02 31.47 45.22
N ALA R 430 62.84 31.93 45.64
CA ALA R 430 61.60 31.44 45.03
C ALA R 430 61.31 32.16 43.72
N ASP R 431 61.53 33.47 43.68
CA ASP R 431 61.21 34.35 42.55
C ASP R 431 59.99 33.90 41.72
N LEU S 14 39.18 -17.89 18.77
CA LEU S 14 38.85 -17.66 17.37
C LEU S 14 39.85 -18.36 16.46
N GLU S 15 40.69 -19.22 17.05
CA GLU S 15 41.65 -19.99 16.26
C GLU S 15 40.94 -20.98 15.35
N GLN S 16 39.93 -21.67 15.87
CA GLN S 16 39.16 -22.60 15.06
C GLN S 16 38.11 -21.89 14.24
N ARG S 17 37.80 -20.64 14.58
CA ARG S 17 36.90 -19.81 13.80
C ARG S 17 37.46 -19.48 12.42
N ALA S 18 38.73 -19.78 12.16
CA ALA S 18 39.29 -19.65 10.82
C ALA S 18 38.60 -20.55 9.81
N SER S 19 37.80 -21.51 10.26
CA SER S 19 37.00 -22.35 9.39
C SER S 19 35.50 -22.19 9.69
N HIS S 20 35.12 -21.09 10.35
CA HIS S 20 33.73 -20.89 10.72
C HIS S 20 32.86 -20.65 9.49
N LYS S 21 31.55 -20.83 9.68
CA LYS S 21 30.61 -20.76 8.57
C LYS S 21 30.45 -19.33 8.06
N VAL S 22 30.31 -18.37 8.96
CA VAL S 22 30.12 -16.98 8.57
C VAL S 22 31.45 -16.39 8.11
N TRP S 23 31.39 -15.57 7.07
CA TRP S 23 32.60 -15.03 6.45
C TRP S 23 33.32 -14.03 7.36
N LYS S 24 32.57 -13.11 7.97
CA LYS S 24 33.18 -12.02 8.73
C LYS S 24 33.87 -12.50 10.00
N ALA S 25 33.60 -13.74 10.43
CA ALA S 25 34.32 -14.34 11.54
C ALA S 25 35.60 -15.02 11.09
N ARG S 26 35.63 -15.54 9.86
CA ARG S 26 36.88 -15.96 9.27
C ARG S 26 37.77 -14.77 8.95
N LEU S 27 37.16 -13.67 8.49
CA LEU S 27 37.92 -12.46 8.20
C LEU S 27 38.69 -11.98 9.43
N ASN S 28 38.09 -12.11 10.61
CA ASN S 28 38.79 -11.79 11.86
C ASN S 28 39.99 -12.70 12.06
N ALA S 29 39.76 -14.01 12.09
CA ALA S 29 40.82 -14.97 12.34
C ALA S 29 42.03 -14.77 11.43
N TYR S 30 41.79 -14.30 10.20
CA TYR S 30 42.90 -13.99 9.31
C TYR S 30 43.67 -12.76 9.79
N GLN S 31 42.94 -11.73 10.24
CA GLN S 31 43.61 -10.57 10.82
C GLN S 31 44.26 -10.91 12.15
N GLU S 32 43.57 -11.73 12.96
CA GLU S 32 44.17 -12.23 14.21
C GLU S 32 45.49 -12.93 13.94
N LEU S 33 45.50 -13.83 12.94
CA LEU S 33 46.72 -14.54 12.59
C LEU S 33 47.79 -13.58 12.09
N ASN S 34 47.41 -12.67 11.18
CA ASN S 34 48.38 -11.70 10.64
C ASN S 34 49.03 -10.90 11.75
N ASN S 35 48.27 -10.58 12.80
CA ASN S 35 48.84 -9.90 13.95
C ASN S 35 49.75 -10.83 14.75
N LEU S 36 49.48 -12.14 14.74
CA LEU S 36 50.33 -13.08 15.44
C LEU S 36 51.71 -13.14 14.79
N PHE S 37 51.75 -13.27 13.46
CA PHE S 37 53.00 -13.46 12.74
C PHE S 37 53.88 -12.23 12.70
N THR S 38 53.36 -11.05 13.07
CA THR S 38 54.21 -9.88 13.13
C THR S 38 54.90 -9.70 14.47
N LYS S 39 54.26 -10.10 15.57
CA LYS S 39 54.82 -9.93 16.90
C LYS S 39 55.15 -11.24 17.59
N SER S 40 55.11 -12.36 16.89
CA SER S 40 55.34 -13.62 17.59
C SER S 40 56.83 -13.81 17.86
N SER S 41 57.14 -14.78 18.71
CA SER S 41 58.50 -14.94 19.20
C SER S 41 59.38 -15.55 18.12
N VAL S 42 60.54 -14.94 17.89
CA VAL S 42 61.52 -15.42 16.94
C VAL S 42 62.62 -16.13 17.71
N ILE S 43 62.85 -17.39 17.39
CA ILE S 43 63.95 -18.16 17.96
C ILE S 43 64.79 -18.77 16.84
N PRO S 46 59.66 -20.02 19.15
CA PRO S 46 58.36 -19.77 18.54
C PRO S 46 57.27 -20.65 19.14
N ASN S 47 56.20 -20.02 19.64
CA ASN S 47 55.15 -20.73 20.34
C ASN S 47 54.69 -21.96 19.57
N ASP S 48 54.42 -23.04 20.31
CA ASP S 48 53.75 -24.20 19.72
C ASP S 48 52.42 -23.82 19.08
N VAL S 49 51.85 -22.68 19.48
CA VAL S 49 50.64 -22.15 18.84
C VAL S 49 50.90 -21.79 17.39
N ALA S 50 52.15 -21.50 17.03
CA ALA S 50 52.52 -21.24 15.64
C ALA S 50 52.74 -22.57 14.91
N ASN S 51 51.65 -23.31 14.78
CA ASN S 51 51.65 -24.62 14.14
C ASN S 51 51.01 -24.58 12.75
N TYR S 52 51.32 -23.54 11.99
CA TYR S 52 50.92 -23.46 10.58
C TYR S 52 52.08 -23.85 9.67
N TRP S 53 52.88 -24.80 10.14
CA TRP S 53 53.94 -25.46 9.37
C TRP S 53 53.70 -26.95 9.24
N LEU S 54 53.38 -27.64 10.35
CA LEU S 54 53.25 -29.09 10.30
C LEU S 54 51.99 -29.53 9.58
N ASP S 55 50.94 -28.71 9.59
CA ASP S 55 49.73 -28.96 8.80
C ASP S 55 49.51 -27.77 7.88
N PRO S 56 50.27 -27.71 6.77
CA PRO S 56 50.06 -26.60 5.81
C PRO S 56 48.79 -26.74 5.02
N GLU S 57 48.05 -27.85 5.15
CA GLU S 57 46.71 -27.93 4.58
C GLU S 57 45.80 -26.83 5.11
N LEU S 58 46.08 -26.34 6.32
CA LEU S 58 45.27 -25.30 6.93
C LEU S 58 45.28 -24.04 6.07
N PHE S 59 46.45 -23.46 5.84
CA PHE S 59 46.51 -22.23 5.04
C PHE S 59 46.24 -22.51 3.57
N ALA S 60 46.57 -23.70 3.09
CA ALA S 60 46.15 -24.09 1.74
C ALA S 60 44.63 -23.98 1.59
N SER S 61 43.91 -24.32 2.66
CA SER S 61 42.46 -24.10 2.67
C SER S 61 42.12 -22.61 2.75
N TYR S 62 42.85 -21.86 3.59
CA TYR S 62 42.52 -20.45 3.80
C TYR S 62 42.69 -19.63 2.54
N ILE S 63 43.71 -19.95 1.73
CA ILE S 63 43.95 -19.19 0.50
C ILE S 63 42.78 -19.34 -0.47
N VAL S 64 42.08 -20.46 -0.41
CA VAL S 64 40.86 -20.68 -1.19
C VAL S 64 39.68 -20.51 -0.24
N ASP S 65 39.41 -19.27 0.15
CA ASP S 65 38.48 -18.99 1.25
C ASP S 65 37.02 -19.08 0.85
N SER S 66 36.69 -18.86 -0.41
CA SER S 66 35.33 -18.77 -0.97
C SER S 66 34.69 -17.41 -0.68
N ASN S 67 35.48 -16.42 -0.28
CA ASN S 67 34.99 -15.04 -0.09
C ASN S 67 36.14 -14.14 -0.47
N VAL S 68 35.93 -13.29 -1.49
CA VAL S 68 37.02 -12.52 -2.08
C VAL S 68 37.64 -11.57 -1.06
N VAL S 69 36.85 -11.04 -0.12
CA VAL S 69 37.39 -10.11 0.86
C VAL S 69 38.17 -10.86 1.95
N ALA S 70 37.60 -11.96 2.45
CA ALA S 70 38.31 -12.77 3.44
C ALA S 70 39.42 -13.60 2.82
N GLN S 71 39.37 -13.85 1.52
CA GLN S 71 40.49 -14.50 0.84
C GLN S 71 41.74 -13.61 0.88
N GLU S 72 41.60 -12.38 0.38
CA GLU S 72 42.71 -11.44 0.36
C GLU S 72 43.33 -11.28 1.75
N ASN S 73 42.50 -11.31 2.80
CA ASN S 73 43.03 -11.19 4.15
C ASN S 73 43.76 -12.46 4.59
N ALA S 74 43.36 -13.62 4.05
CA ALA S 74 44.11 -14.84 4.33
C ALA S 74 45.46 -14.84 3.63
N ILE S 75 45.55 -14.21 2.46
CA ILE S 75 46.80 -14.20 1.71
C ILE S 75 47.81 -13.26 2.35
N ILE S 76 47.35 -12.09 2.83
CA ILE S 76 48.26 -11.18 3.49
C ILE S 76 48.65 -11.69 4.87
N ALA S 77 47.84 -12.58 5.45
CA ALA S 77 48.26 -13.28 6.65
C ALA S 77 49.30 -14.36 6.31
N LEU S 78 49.05 -15.11 5.24
CA LEU S 78 50.06 -16.03 4.74
C LEU S 78 51.34 -15.29 4.37
N HIS S 79 51.20 -14.10 3.77
CA HIS S 79 52.37 -13.31 3.39
C HIS S 79 53.26 -12.99 4.58
N THR S 80 52.67 -12.45 5.64
CA THR S 80 53.47 -12.08 6.82
C THR S 80 53.91 -13.31 7.59
N LEU S 81 53.10 -14.38 7.61
CA LEU S 81 53.58 -15.67 8.05
C LEU S 81 54.82 -16.06 7.26
N LEU S 82 54.73 -16.00 5.94
CA LEU S 82 55.78 -16.47 5.04
C LEU S 82 57.00 -15.56 5.01
N GLU S 83 57.02 -14.49 5.81
CA GLU S 83 58.26 -13.77 6.09
C GLU S 83 58.62 -13.77 7.56
N TYR S 84 57.66 -14.06 8.45
CA TYR S 84 57.98 -14.41 9.83
C TYR S 84 58.78 -15.70 9.92
N ILE S 85 58.70 -16.56 8.89
CA ILE S 85 59.41 -17.82 8.86
C ILE S 85 60.88 -17.61 8.48
N SER S 86 61.29 -16.35 8.40
CA SER S 86 62.68 -16.02 8.09
C SER S 86 63.64 -16.38 9.23
N GLN S 87 63.24 -17.19 10.20
CA GLN S 87 64.07 -17.50 11.36
C GLN S 87 64.47 -18.98 11.36
N VAL S 88 65.61 -19.24 11.96
CA VAL S 88 66.22 -20.56 12.04
C VAL S 88 65.58 -21.31 13.21
N PRO S 89 65.31 -22.63 13.10
CA PRO S 89 65.47 -23.47 11.90
C PRO S 89 64.16 -23.72 11.17
N ASN S 90 64.15 -23.53 9.85
CA ASN S 90 62.97 -23.79 9.05
C ASN S 90 63.37 -24.48 7.74
N VAL S 91 63.98 -25.66 7.86
CA VAL S 91 64.39 -26.44 6.71
C VAL S 91 63.16 -27.08 6.06
N SER S 92 62.00 -26.95 6.70
CA SER S 92 60.76 -27.56 6.22
C SER S 92 60.04 -26.69 5.20
N THR S 93 60.77 -25.98 4.35
CA THR S 93 60.17 -25.19 3.29
C THR S 93 59.87 -25.99 2.04
N SER S 94 60.37 -27.23 1.95
CA SER S 94 60.03 -28.11 0.84
C SER S 94 58.56 -28.49 0.88
N LYS S 95 58.12 -29.06 2.00
CA LYS S 95 56.70 -29.39 2.20
C LYS S 95 55.80 -28.19 1.91
N LEU S 96 56.25 -26.97 2.23
CA LEU S 96 55.40 -25.79 2.10
C LEU S 96 55.10 -25.47 0.65
N ARG S 97 56.14 -25.39 -0.19
CA ARG S 97 55.95 -25.04 -1.60
C ARG S 97 55.04 -26.04 -2.30
N LEU S 98 55.16 -27.33 -1.95
CA LEU S 98 54.26 -28.33 -2.51
C LEU S 98 52.81 -28.03 -2.14
N GLN S 99 52.55 -27.78 -0.86
CA GLN S 99 51.19 -27.61 -0.38
C GLN S 99 50.59 -26.27 -0.81
N TRP S 100 51.41 -25.23 -0.97
CA TRP S 100 50.91 -23.86 -0.97
C TRP S 100 50.87 -23.19 -2.34
N ILE S 101 51.92 -23.29 -3.15
CA ILE S 101 51.94 -22.52 -4.39
C ILE S 101 50.93 -23.02 -5.41
N PRO S 102 50.50 -24.29 -5.44
CA PRO S 102 49.41 -24.67 -6.35
C PRO S 102 48.12 -23.95 -6.00
N PRO S 103 47.69 -23.90 -4.74
CA PRO S 103 46.56 -23.02 -4.42
C PRO S 103 46.85 -21.55 -4.71
N LEU S 104 48.08 -21.09 -4.46
CA LEU S 104 48.42 -19.69 -4.71
C LEU S 104 48.32 -19.35 -6.19
N VAL S 105 48.88 -20.19 -7.05
CA VAL S 105 48.81 -19.95 -8.49
C VAL S 105 47.38 -20.12 -8.99
N GLU S 106 46.77 -21.25 -8.67
CA GLU S 106 45.45 -21.60 -9.23
C GLU S 106 44.42 -20.51 -9.01
N LYS S 107 44.39 -19.93 -7.81
CA LYS S 107 43.30 -19.04 -7.44
C LYS S 107 43.76 -17.70 -6.89
N GLY S 108 45.06 -17.46 -6.78
CA GLY S 108 45.55 -16.17 -6.33
C GLY S 108 46.02 -15.31 -7.49
N LEU S 109 46.95 -15.85 -8.29
CA LEU S 109 47.32 -15.19 -9.53
C LEU S 109 46.10 -15.04 -10.45
N SER S 110 45.28 -16.09 -10.53
CA SER S 110 44.05 -16.05 -11.32
C SER S 110 43.22 -14.81 -11.05
N SER S 111 43.17 -14.36 -9.79
CA SER S 111 42.16 -13.40 -9.35
C SER S 111 42.16 -12.14 -10.22
N SER S 112 40.97 -11.55 -10.35
CA SER S 112 40.81 -10.26 -11.00
C SER S 112 41.09 -9.09 -10.07
N ARG S 113 41.18 -9.33 -8.77
CA ARG S 113 41.36 -8.27 -7.79
C ARG S 113 42.80 -7.79 -7.82
N ALA S 114 42.98 -6.46 -7.88
CA ALA S 114 44.30 -5.85 -7.89
C ALA S 114 45.18 -6.38 -6.75
N ALA S 115 44.73 -6.22 -5.52
CA ALA S 115 45.57 -6.55 -4.36
C ALA S 115 45.65 -8.05 -4.09
N THR S 116 44.57 -8.79 -4.36
CA THR S 116 44.60 -10.23 -4.18
C THR S 116 45.70 -10.88 -5.02
N LYS S 117 45.93 -10.35 -6.22
CA LYS S 117 46.99 -10.87 -7.08
C LYS S 117 48.37 -10.42 -6.62
N ALA S 118 48.53 -9.13 -6.33
CA ALA S 118 49.85 -8.58 -6.01
C ALA S 118 50.48 -9.31 -4.82
N LYS S 119 49.69 -9.64 -3.80
CA LYS S 119 50.23 -10.33 -2.64
C LYS S 119 50.46 -11.81 -2.90
N ALA S 120 49.69 -12.40 -3.82
CA ALA S 120 49.93 -13.79 -4.19
C ALA S 120 51.29 -13.94 -4.86
N THR S 121 51.64 -13.04 -5.78
CA THR S 121 52.96 -13.05 -6.39
C THR S 121 54.05 -12.88 -5.34
N ASP S 122 53.89 -11.88 -4.47
CA ASP S 122 54.85 -11.65 -3.40
C ASP S 122 55.00 -12.89 -2.53
N CYS S 123 53.92 -13.62 -2.31
CA CYS S 123 53.99 -14.87 -1.55
C CYS S 123 54.90 -15.88 -2.26
N ILE S 124 54.68 -16.09 -3.56
CA ILE S 124 55.51 -17.04 -4.30
C ILE S 124 56.97 -16.62 -4.28
N MET S 125 57.24 -15.33 -4.44
CA MET S 125 58.58 -14.77 -4.24
C MET S 125 59.24 -15.33 -2.99
N LEU S 126 58.56 -15.19 -1.85
CA LEU S 126 59.15 -15.60 -0.57
C LEU S 126 59.30 -17.12 -0.48
N LEU S 127 58.39 -17.88 -1.10
CA LEU S 127 58.56 -19.32 -1.16
C LEU S 127 59.68 -19.72 -2.11
N THR S 128 59.92 -18.92 -3.15
CA THR S 128 61.00 -19.21 -4.09
C THR S 128 62.35 -19.04 -3.43
N GLN S 129 62.51 -18.02 -2.59
CA GLN S 129 63.78 -17.79 -1.92
C GLN S 129 63.92 -18.60 -0.63
N SER S 130 62.85 -19.22 -0.16
CA SER S 130 62.99 -20.29 0.83
C SER S 130 63.77 -21.47 0.26
N ASP S 131 63.55 -21.76 -1.03
CA ASP S 131 64.15 -22.92 -1.68
C ASP S 131 65.63 -22.68 -1.92
N THR S 132 66.32 -23.75 -2.33
CA THR S 132 67.71 -23.64 -2.73
C THR S 132 67.86 -23.01 -4.11
N SER S 133 66.91 -23.26 -5.01
CA SER S 133 66.94 -22.73 -6.35
C SER S 133 65.51 -22.43 -6.78
N ILE S 134 65.29 -22.24 -8.09
CA ILE S 134 63.96 -21.94 -8.60
C ILE S 134 63.25 -23.15 -9.19
N GLN S 135 63.94 -24.29 -9.33
CA GLN S 135 63.38 -25.39 -10.11
C GLN S 135 62.18 -26.03 -9.41
N GLN S 136 62.34 -26.35 -8.13
CA GLN S 136 61.24 -26.93 -7.35
C GLN S 136 60.09 -25.95 -7.13
N THR S 137 60.24 -24.69 -7.51
CA THR S 137 59.10 -23.80 -7.61
C THR S 137 58.46 -23.83 -8.99
N VAL S 138 59.29 -23.75 -10.04
CA VAL S 138 58.80 -23.68 -11.42
C VAL S 138 57.99 -24.92 -11.78
N ASN S 139 58.53 -26.10 -11.45
CA ASN S 139 57.92 -27.36 -11.87
C ASN S 139 56.48 -27.51 -11.38
N LEU S 140 56.12 -26.85 -10.29
CA LEU S 140 54.75 -26.92 -9.78
C LEU S 140 53.83 -25.93 -10.48
N MET S 141 54.34 -24.74 -10.81
CA MET S 141 53.52 -23.71 -11.45
C MET S 141 53.54 -23.79 -12.96
N LEU S 142 54.25 -24.76 -13.54
CA LEU S 142 54.22 -24.94 -14.99
C LEU S 142 52.88 -25.46 -15.48
N PRO S 143 52.28 -26.51 -14.89
CA PRO S 143 50.99 -27.02 -15.43
C PRO S 143 49.91 -25.95 -15.61
N SER S 144 49.92 -24.89 -14.79
CA SER S 144 48.88 -23.88 -14.88
C SER S 144 48.90 -23.11 -16.20
N LEU S 145 49.98 -23.21 -16.98
CA LEU S 145 49.98 -22.65 -18.32
C LEU S 145 48.95 -23.31 -19.23
N SER S 146 48.54 -24.54 -18.91
CA SER S 146 47.59 -25.31 -19.71
C SER S 146 46.18 -25.26 -19.13
N ASN S 147 45.77 -24.12 -18.59
CA ASN S 147 44.45 -23.99 -17.99
C ASN S 147 43.49 -23.28 -18.94
N LYS S 148 42.21 -23.62 -18.77
CA LYS S 148 41.13 -22.97 -19.52
C LYS S 148 41.26 -21.44 -19.50
N LEU S 149 41.26 -20.86 -18.32
CA LEU S 149 41.16 -19.40 -18.16
C LEU S 149 42.39 -18.71 -18.71
N PRO S 150 42.27 -17.81 -19.70
CA PRO S 150 43.45 -17.13 -20.21
C PRO S 150 44.12 -16.22 -19.20
N ARG S 151 43.37 -15.37 -18.48
CA ARG S 151 43.99 -14.43 -17.56
C ARG S 151 44.82 -15.13 -16.48
N LEU S 152 44.58 -16.42 -16.24
CA LEU S 152 45.45 -17.18 -15.36
C LEU S 152 46.78 -17.47 -16.03
N VAL S 153 46.74 -18.00 -17.25
CA VAL S 153 47.99 -18.23 -17.99
C VAL S 153 48.60 -16.91 -18.44
N SER S 154 47.76 -15.89 -18.71
CA SER S 154 48.28 -14.54 -18.91
C SER S 154 49.12 -14.10 -17.72
N SER S 155 48.62 -14.34 -16.50
CA SER S 155 49.28 -13.85 -15.30
C SER S 155 50.41 -14.78 -14.87
N CYS S 156 50.17 -16.08 -14.82
CA CYS S 156 51.17 -17.01 -14.32
C CYS S 156 52.34 -17.18 -15.28
N VAL S 157 52.26 -16.63 -16.49
CA VAL S 157 53.46 -16.49 -17.31
C VAL S 157 54.20 -15.21 -16.94
N LYS S 158 53.49 -14.18 -16.49
CA LYS S 158 54.14 -12.99 -15.95
C LYS S 158 54.85 -13.31 -14.65
N CYS S 159 54.26 -14.17 -13.82
CA CYS S 159 54.88 -14.52 -12.54
C CYS S 159 56.10 -15.39 -12.75
N LEU S 160 56.02 -16.37 -13.66
CA LEU S 160 57.20 -17.12 -14.04
C LEU S 160 58.30 -16.21 -14.57
N ALA S 161 57.92 -15.17 -15.32
CA ALA S 161 58.91 -14.28 -15.92
C ALA S 161 59.63 -13.42 -14.89
N THR S 162 59.03 -13.18 -13.73
CA THR S 162 59.62 -12.32 -12.73
C THR S 162 60.15 -13.07 -11.51
N ILE S 163 59.92 -14.38 -11.42
CA ILE S 163 60.77 -15.19 -10.54
C ILE S 163 62.13 -15.41 -11.16
N ILE S 164 62.27 -15.10 -12.45
CA ILE S 164 63.53 -15.25 -13.17
C ILE S 164 64.30 -13.94 -13.19
N GLU S 165 63.64 -12.84 -13.56
CA GLU S 165 64.30 -11.55 -13.70
C GLU S 165 64.90 -11.08 -12.39
N GLU S 166 64.39 -11.52 -11.24
CA GLU S 166 64.92 -11.14 -9.95
C GLU S 166 65.77 -12.23 -9.31
N PHE S 167 65.43 -13.50 -9.49
CA PHE S 167 66.27 -14.57 -8.98
C PHE S 167 67.25 -15.05 -10.05
N GLY S 168 66.81 -15.97 -10.89
CA GLY S 168 67.67 -16.55 -11.92
C GLY S 168 68.03 -18.00 -11.60
N PHE S 169 68.66 -18.62 -12.59
CA PHE S 169 69.07 -20.02 -12.50
C PHE S 169 70.40 -20.10 -11.75
N ILE S 170 70.34 -20.44 -10.47
CA ILE S 170 71.53 -20.75 -9.68
C ILE S 170 71.21 -21.92 -8.78
N ASN S 171 72.23 -22.74 -8.51
CA ASN S 171 72.10 -23.94 -7.68
C ASN S 171 71.05 -24.91 -8.24
N VAL S 172 70.91 -24.92 -9.56
CA VAL S 172 69.97 -25.83 -10.23
C VAL S 172 70.75 -27.08 -10.62
N SER S 173 70.29 -28.23 -10.14
CA SER S 173 70.97 -29.51 -10.35
C SER S 173 71.21 -29.79 -11.82
N ASP S 174 70.15 -30.06 -12.58
CA ASP S 174 70.24 -30.35 -14.00
C ASP S 174 69.43 -29.29 -14.74
N ILE S 175 70.10 -28.18 -15.07
CA ILE S 175 69.44 -27.06 -15.75
C ILE S 175 68.95 -27.46 -17.14
N ASN S 176 69.66 -28.36 -17.81
CA ASN S 176 69.25 -28.82 -19.14
C ASN S 176 67.82 -29.36 -19.11
N ILE S 177 67.49 -30.18 -18.11
CA ILE S 177 66.13 -30.72 -18.00
C ILE S 177 65.13 -29.61 -17.70
N LEU S 178 65.54 -28.59 -16.93
CA LEU S 178 64.63 -27.54 -16.53
C LEU S 178 64.35 -26.57 -17.67
N LEU S 179 65.38 -26.16 -18.40
CA LEU S 179 65.19 -25.24 -19.51
C LEU S 179 64.29 -25.86 -20.59
N SER S 180 64.47 -27.15 -20.86
CA SER S 180 63.58 -27.84 -21.78
C SER S 180 62.13 -27.82 -21.28
N GLU S 181 61.95 -28.02 -19.97
CA GLU S 181 60.61 -28.14 -19.41
C GLU S 181 59.84 -26.83 -19.49
N ILE S 182 60.52 -25.69 -19.43
CA ILE S 182 59.84 -24.40 -19.53
C ILE S 182 59.80 -23.86 -20.95
N LEU S 183 60.66 -24.37 -21.85
CA LEU S 183 60.59 -23.97 -23.25
C LEU S 183 59.52 -24.73 -24.02
N GLU S 184 59.12 -25.92 -23.56
CA GLU S 184 58.15 -26.74 -24.27
C GLU S 184 56.84 -26.02 -24.61
N PRO S 185 56.17 -25.32 -23.67
CA PRO S 185 54.88 -24.70 -24.02
C PRO S 185 54.99 -23.39 -24.77
N LEU S 186 56.17 -22.75 -24.78
CA LEU S 186 56.35 -21.42 -25.34
C LEU S 186 55.89 -21.27 -26.79
N PRO S 187 55.99 -22.29 -27.65
CA PRO S 187 55.37 -22.16 -28.97
C PRO S 187 53.86 -21.99 -28.91
N LYS S 188 53.17 -22.83 -28.13
CA LYS S 188 51.72 -22.73 -28.03
C LYS S 188 51.31 -21.43 -27.34
N LEU S 189 52.06 -21.01 -26.32
CA LEU S 189 51.74 -19.76 -25.63
C LEU S 189 51.85 -18.57 -26.56
N SER S 190 52.86 -18.55 -27.43
CA SER S 190 53.05 -17.44 -28.35
C SER S 190 52.09 -17.48 -29.53
N SER S 191 51.36 -18.57 -29.71
CA SER S 191 50.27 -18.65 -30.69
C SER S 191 48.91 -18.71 -30.01
N HIS S 192 48.86 -18.38 -28.72
CA HIS S 192 47.61 -18.41 -27.96
C HIS S 192 46.68 -17.29 -28.41
N ALA S 193 45.38 -17.51 -28.22
CA ALA S 193 44.38 -16.55 -28.67
C ALA S 193 44.54 -15.20 -27.97
N ASP S 194 44.50 -15.20 -26.65
CA ASP S 194 44.60 -13.98 -25.85
C ASP S 194 45.75 -13.09 -26.28
N ARG S 195 45.46 -11.80 -26.44
CA ARG S 195 46.51 -10.80 -26.66
C ARG S 195 47.51 -10.78 -25.50
N ASN S 196 47.00 -10.82 -24.27
CA ASN S 196 47.87 -10.70 -23.11
C ASN S 196 48.78 -11.90 -22.95
N VAL S 197 48.25 -13.12 -23.17
CA VAL S 197 49.05 -14.32 -23.08
C VAL S 197 50.25 -14.24 -24.02
N ARG S 198 50.03 -13.71 -25.22
CA ARG S 198 51.11 -13.57 -26.19
C ARG S 198 52.09 -12.48 -25.76
N SER S 199 51.58 -11.25 -25.60
CA SER S 199 52.41 -10.13 -25.16
C SER S 199 53.28 -10.48 -23.95
N GLU S 200 52.69 -11.15 -22.96
CA GLU S 200 53.42 -11.52 -21.75
C GLU S 200 54.27 -12.76 -21.92
N THR S 201 54.20 -13.44 -23.07
CA THR S 201 55.10 -14.54 -23.36
C THR S 201 56.39 -14.05 -24.00
N MET S 202 56.31 -12.98 -24.79
CA MET S 202 57.52 -12.36 -25.33
C MET S 202 58.40 -11.81 -24.21
N ASN S 203 57.78 -11.37 -23.11
CA ASN S 203 58.55 -10.95 -21.95
C ASN S 203 59.31 -12.11 -21.33
N LEU S 204 58.66 -13.28 -21.20
CA LEU S 204 59.33 -14.45 -20.67
C LEU S 204 60.48 -14.89 -21.58
N ILE S 205 60.29 -14.75 -22.89
CA ILE S 205 61.37 -15.03 -23.83
C ILE S 205 62.56 -14.10 -23.59
N LEU S 206 62.28 -12.80 -23.44
CA LEU S 206 63.35 -11.84 -23.19
C LEU S 206 64.09 -12.17 -21.90
N GLN S 207 63.35 -12.55 -20.85
CA GLN S 207 63.99 -12.85 -19.57
C GLN S 207 64.80 -14.14 -19.61
N ILE S 208 64.54 -15.01 -20.60
CA ILE S 208 65.43 -16.14 -20.83
C ILE S 208 66.62 -15.71 -21.67
N TYR S 209 66.37 -14.91 -22.72
CA TYR S 209 67.47 -14.29 -23.46
C TYR S 209 68.36 -13.46 -22.55
N LYS S 210 67.76 -12.71 -21.63
CA LYS S 210 68.45 -11.77 -20.75
C LYS S 210 69.41 -12.51 -19.84
N TRP S 211 69.40 -13.83 -19.93
CA TRP S 211 70.15 -14.69 -19.04
C TRP S 211 70.97 -15.73 -19.79
N PHE S 212 70.66 -16.01 -21.06
CA PHE S 212 71.40 -16.87 -21.95
C PHE S 212 71.73 -16.07 -23.20
N GLY S 213 71.92 -16.69 -24.36
CA GLY S 213 72.28 -15.99 -25.58
C GLY S 213 71.17 -15.91 -26.62
N LYS S 214 71.48 -15.20 -27.71
CA LYS S 214 70.57 -15.17 -28.87
C LYS S 214 70.67 -16.45 -29.68
N GLU S 215 71.84 -17.08 -29.67
CA GLU S 215 72.05 -18.28 -30.48
C GLU S 215 71.14 -19.42 -30.02
N LEU S 216 70.95 -19.56 -28.70
CA LEU S 216 70.23 -20.70 -28.16
C LEU S 216 68.76 -20.66 -28.57
N LEU S 217 68.09 -19.51 -28.39
CA LEU S 217 66.66 -19.44 -28.61
C LEU S 217 66.28 -19.38 -30.09
N GLN S 218 67.19 -18.96 -30.96
CA GLN S 218 66.93 -19.07 -32.39
C GLN S 218 67.07 -20.51 -32.87
N GLU S 219 67.86 -21.30 -32.14
CA GLU S 219 68.03 -22.72 -32.40
C GLU S 219 66.85 -23.53 -31.87
N LEU S 220 66.35 -23.17 -30.68
CA LEU S 220 65.28 -23.89 -30.01
C LEU S 220 63.89 -23.33 -30.25
N LEU S 221 63.72 -22.01 -30.24
CA LEU S 221 62.37 -21.42 -30.22
C LEU S 221 62.11 -20.46 -31.36
N LEU S 222 62.96 -19.43 -31.55
CA LEU S 222 62.64 -18.32 -32.44
C LEU S 222 62.20 -18.77 -33.82
N GLU S 223 62.78 -19.88 -34.31
CA GLU S 223 62.39 -20.44 -35.60
C GLU S 223 60.88 -20.62 -35.74
N LYS S 224 60.23 -21.05 -34.66
CA LYS S 224 58.86 -21.54 -34.73
C LYS S 224 57.80 -20.46 -34.55
N LEU S 225 58.19 -19.22 -34.27
CA LEU S 225 57.20 -18.16 -34.08
C LEU S 225 56.93 -17.43 -35.39
N LYS S 226 55.87 -16.64 -35.39
CA LYS S 226 55.55 -15.80 -36.53
C LYS S 226 56.70 -14.82 -36.78
N PRO S 227 57.03 -14.53 -38.04
CA PRO S 227 58.14 -13.60 -38.33
C PRO S 227 58.01 -12.26 -37.64
N ILE S 228 56.82 -11.66 -37.65
CA ILE S 228 56.59 -10.41 -36.93
C ILE S 228 57.00 -10.55 -35.46
N GLN S 229 56.78 -11.74 -34.88
CA GLN S 229 57.11 -11.93 -33.46
C GLN S 229 58.61 -11.89 -33.23
N GLN S 230 59.38 -12.65 -34.02
CA GLN S 230 60.82 -12.67 -33.83
C GLN S 230 61.47 -11.33 -34.19
N ARG S 231 60.79 -10.50 -34.98
CA ARG S 231 61.26 -9.13 -35.18
C ARG S 231 61.14 -8.33 -33.88
N ASP S 232 59.96 -8.35 -33.25
CA ASP S 232 59.75 -7.61 -32.01
C ASP S 232 60.71 -8.06 -30.92
N LEU S 233 61.04 -9.37 -30.88
CA LEU S 233 61.99 -9.86 -29.90
C LEU S 233 63.38 -9.31 -30.17
N SER S 234 63.76 -9.19 -31.44
CA SER S 234 65.05 -8.59 -31.77
C SER S 234 65.06 -7.11 -31.39
N ARG S 235 64.00 -6.38 -31.76
CA ARG S 235 63.86 -4.99 -31.32
C ARG S 235 63.97 -4.86 -29.81
N MET S 236 63.52 -5.88 -29.07
CA MET S 236 63.60 -5.85 -27.62
C MET S 236 65.01 -6.11 -27.12
N PHE S 237 65.83 -6.81 -27.90
CA PHE S 237 67.19 -7.10 -27.46
C PHE S 237 68.12 -5.91 -27.64
N GLU S 238 67.89 -5.09 -28.67
CA GLU S 238 68.64 -3.85 -28.82
C GLU S 238 68.44 -2.93 -27.62
N LYS S 239 67.18 -2.71 -27.25
CA LYS S 239 66.88 -1.87 -26.09
C LYS S 239 67.46 -2.44 -24.79
N TYR S 240 67.71 -3.74 -24.73
CA TYR S 240 68.41 -4.31 -23.59
C TYR S 240 69.88 -3.93 -23.61
N GLU S 241 70.36 -3.35 -22.52
CA GLU S 241 71.77 -3.10 -22.31
C GLU S 241 72.23 -3.79 -21.03
N GLY S 242 73.46 -4.28 -21.04
CA GLY S 242 73.97 -5.07 -19.94
C GLY S 242 74.48 -6.42 -20.39
N THR S 243 75.42 -6.99 -19.63
CA THR S 243 76.18 -8.15 -20.09
C THR S 243 75.28 -9.36 -20.32
N ILE S 244 75.79 -10.32 -21.10
CA ILE S 244 74.95 -11.41 -21.58
C ILE S 244 74.30 -12.17 -20.45
N PRO S 245 75.02 -12.68 -19.44
CA PRO S 245 74.38 -12.97 -18.16
C PRO S 245 74.50 -11.78 -17.24
N PRO S 246 73.43 -11.43 -16.52
CA PRO S 246 73.49 -10.25 -15.66
C PRO S 246 74.58 -10.40 -14.61
N LYS S 247 75.28 -9.29 -14.34
CA LYS S 247 76.41 -9.32 -13.43
C LYS S 247 75.96 -9.68 -12.02
N GLN S 248 74.89 -9.04 -11.55
CA GLN S 248 74.37 -9.26 -10.21
C GLN S 248 72.86 -9.42 -10.28
N GLN S 249 72.35 -10.40 -9.55
CA GLN S 249 70.91 -10.62 -9.54
C GLN S 249 70.22 -9.55 -8.68
N PRO S 250 69.06 -9.06 -9.11
CA PRO S 250 68.31 -8.11 -8.27
C PRO S 250 67.75 -8.71 -6.99
N ARG S 251 67.90 -10.01 -6.76
CA ARG S 251 67.38 -10.63 -5.55
C ARG S 251 68.10 -11.94 -5.29
N LEU S 252 68.40 -12.21 -4.02
CA LEU S 252 69.13 -13.40 -3.61
C LEU S 252 68.22 -14.36 -2.85
N PHE S 253 68.67 -15.61 -2.74
CA PHE S 253 67.98 -16.63 -1.98
C PHE S 253 68.33 -16.52 -0.50
N GLN S 254 67.74 -17.39 0.32
CA GLN S 254 67.99 -17.35 1.74
C GLN S 254 69.38 -17.88 2.08
N TRP S 255 69.77 -19.02 1.50
CA TRP S 255 71.10 -19.55 1.76
C TRP S 255 72.20 -18.70 1.16
N GLN S 256 71.90 -17.93 0.11
CA GLN S 256 72.91 -17.07 -0.51
C GLN S 256 73.09 -15.77 0.27
N LYS S 257 71.98 -15.15 0.67
CA LYS S 257 72.07 -13.89 1.39
C LYS S 257 72.77 -14.07 2.74
N GLU S 258 72.51 -15.19 3.42
CA GLU S 258 73.19 -15.44 4.70
C GLU S 258 74.69 -15.62 4.49
N GLN S 259 75.08 -16.29 3.41
CA GLN S 259 76.50 -16.42 3.11
C GLN S 259 77.11 -15.06 2.81
N GLU S 260 76.39 -14.19 2.09
CA GLU S 260 76.90 -12.86 1.80
C GLU S 260 77.07 -12.05 3.09
N GLN S 261 76.11 -12.16 4.01
CA GLN S 261 76.22 -11.49 5.29
C GLN S 261 77.40 -12.01 6.10
N GLU S 262 77.76 -13.28 5.93
CA GLU S 262 78.88 -13.84 6.69
C GLU S 262 80.21 -13.46 6.07
N GLN S 263 80.26 -13.29 4.75
CA GLN S 263 81.45 -12.72 4.13
C GLN S 263 81.63 -11.26 4.54
N GLU S 264 80.54 -10.51 4.62
CA GLU S 264 80.60 -9.12 5.02
C GLU S 264 80.61 -8.98 6.54
N ASP S 300 98.07 -17.33 16.13
CA ASP S 300 98.66 -17.97 17.31
C ASP S 300 98.23 -17.27 18.59
N PRO S 301 98.02 -18.07 19.65
CA PRO S 301 97.57 -17.49 20.92
C PRO S 301 98.74 -16.97 21.73
N PHE S 302 98.72 -15.68 22.08
CA PHE S 302 99.86 -15.11 22.80
C PHE S 302 100.07 -15.72 24.17
N GLU S 303 99.10 -16.47 24.70
CA GLU S 303 99.23 -17.13 25.99
C GLU S 303 100.18 -18.33 25.96
N LEU S 304 100.60 -18.77 24.78
CA LEU S 304 101.40 -19.99 24.66
C LEU S 304 102.76 -19.91 25.35
N LEU S 305 103.20 -18.74 25.80
CA LEU S 305 104.53 -18.55 26.38
C LEU S 305 104.72 -19.51 27.56
N PRO S 306 105.95 -19.95 27.84
CA PRO S 306 106.14 -21.06 28.79
C PRO S 306 105.61 -20.74 30.18
N PRO S 307 105.07 -21.75 30.86
CA PRO S 307 104.41 -21.58 32.16
C PRO S 307 105.33 -21.70 33.37
N SER S 308 104.94 -21.01 34.43
CA SER S 308 105.60 -20.99 35.73
C SER S 308 104.75 -21.72 36.77
N VAL S 309 105.41 -22.22 37.81
CA VAL S 309 104.77 -22.96 38.90
C VAL S 309 104.94 -22.16 40.19
N ILE S 310 103.86 -22.03 40.95
CA ILE S 310 103.86 -21.23 42.17
C ILE S 310 103.53 -22.05 43.42
N LEU S 311 103.04 -23.28 43.28
CA LEU S 311 102.69 -24.08 44.45
C LEU S 311 103.88 -24.26 45.39
N ASP S 312 105.05 -24.54 44.84
CA ASP S 312 106.25 -24.68 45.66
C ASP S 312 106.67 -23.37 46.31
N LYS S 313 106.20 -22.24 45.80
CA LYS S 313 106.61 -20.96 46.38
C LYS S 313 106.00 -20.77 47.77
N PHE S 314 104.80 -21.32 47.99
CA PHE S 314 104.12 -21.19 49.27
C PHE S 314 105.01 -21.68 50.40
N PRO S 315 104.88 -21.09 51.58
CA PRO S 315 105.69 -21.53 52.72
C PRO S 315 104.90 -22.40 53.68
N ALA S 316 105.60 -22.95 54.67
CA ALA S 316 104.97 -23.81 55.67
C ALA S 316 104.08 -23.00 56.60
N ASP S 317 104.53 -21.81 57.02
CA ASP S 317 103.75 -20.95 57.90
C ASP S 317 102.53 -20.33 57.24
N PHE S 318 102.33 -20.51 55.94
CA PHE S 318 101.16 -19.93 55.28
C PHE S 318 99.87 -20.42 55.93
N GLN S 319 99.74 -21.74 56.09
CA GLN S 319 98.52 -22.31 56.65
C GLN S 319 98.24 -21.77 58.05
N THR S 320 99.28 -21.63 58.87
CA THR S 320 99.09 -21.10 60.21
C THR S 320 98.75 -19.61 60.18
N ARG S 321 99.38 -18.86 59.28
CA ARG S 321 99.10 -17.42 59.18
C ARG S 321 97.68 -17.15 58.69
N ILE S 322 97.24 -17.86 57.66
CA ILE S 322 95.89 -17.63 57.13
C ILE S 322 94.83 -18.09 58.14
N SER S 323 95.11 -19.16 58.88
CA SER S 323 94.19 -19.69 59.89
C SER S 323 94.53 -19.14 61.27
N SER S 324 94.35 -17.83 61.43
CA SER S 324 94.63 -17.18 62.70
C SER S 324 93.44 -16.32 63.14
N THR S 325 93.46 -15.94 64.42
CA THR S 325 92.49 -15.00 64.97
C THR S 325 92.92 -13.54 64.81
N LYS S 326 94.23 -13.30 64.71
CA LYS S 326 94.75 -11.94 64.55
C LYS S 326 94.63 -11.53 63.08
N TRP S 327 93.94 -10.43 62.84
CA TRP S 327 93.65 -10.00 61.47
C TRP S 327 94.93 -9.79 60.66
N LYS S 328 95.94 -9.16 61.27
CA LYS S 328 97.13 -8.78 60.52
C LYS S 328 97.95 -10.01 60.12
N ASP S 329 97.81 -11.10 60.88
CA ASP S 329 98.36 -12.38 60.44
C ASP S 329 97.76 -12.78 59.10
N ARG S 330 96.43 -12.78 59.02
CA ARG S 330 95.73 -13.16 57.79
C ARG S 330 96.11 -12.22 56.65
N VAL S 331 96.08 -10.90 56.90
CA VAL S 331 96.38 -9.92 55.86
C VAL S 331 97.76 -10.15 55.29
N GLU S 332 98.78 -10.14 56.15
CA GLU S 332 100.15 -10.33 55.69
C GLU S 332 100.31 -11.64 54.95
N ALA S 333 99.71 -12.72 55.46
CA ALA S 333 99.77 -14.01 54.79
C ALA S 333 99.28 -13.92 53.35
N LEU S 334 98.05 -13.43 53.17
CA LEU S 334 97.51 -13.28 51.83
C LEU S 334 98.31 -12.27 51.02
N GLU S 335 98.62 -11.12 51.62
CA GLU S 335 99.35 -10.06 50.92
C GLU S 335 100.71 -10.54 50.45
N GLU S 336 101.32 -11.50 51.15
CA GLU S 336 102.62 -12.03 50.74
C GLU S 336 102.49 -12.87 49.48
N ILE S 337 101.64 -13.91 49.53
CA ILE S 337 101.44 -14.78 48.38
C ILE S 337 100.90 -14.04 47.16
N HIS S 338 100.36 -12.84 47.36
CA HIS S 338 99.84 -12.09 46.22
C HIS S 338 100.93 -11.21 45.59
N ASN S 339 101.65 -10.45 46.41
CA ASN S 339 102.69 -9.57 45.88
C ASN S 339 103.98 -10.32 45.53
N ASN S 340 104.31 -11.36 46.28
CA ASN S 340 105.57 -12.08 46.07
C ASN S 340 105.45 -13.26 45.11
N VAL S 341 104.28 -13.87 45.00
CA VAL S 341 104.14 -15.19 44.38
C VAL S 341 103.25 -15.16 43.15
N LEU S 342 102.18 -14.37 43.18
CA LEU S 342 101.22 -14.30 42.09
C LEU S 342 101.46 -13.11 41.16
N LYS S 343 101.56 -11.91 41.71
CA LYS S 343 101.75 -10.71 40.91
C LYS S 343 102.90 -10.78 39.91
N PRO S 344 104.06 -11.37 40.22
CA PRO S 344 105.12 -11.42 39.20
C PRO S 344 104.76 -12.24 37.96
N VAL S 345 104.19 -13.43 38.15
CA VAL S 345 103.99 -14.38 37.04
C VAL S 345 102.96 -13.86 36.05
N LYS S 346 102.91 -14.47 34.87
CA LYS S 346 101.90 -14.15 33.87
C LYS S 346 101.25 -15.40 33.28
N LYS S 347 101.63 -16.59 33.73
CA LYS S 347 100.98 -17.82 33.29
C LYS S 347 101.28 -18.91 34.30
N LEU S 348 100.22 -19.52 34.82
CA LEU S 348 100.36 -20.59 35.79
C LEU S 348 100.37 -21.94 35.07
N ALA S 349 100.70 -22.99 35.83
CA ALA S 349 100.90 -24.31 35.26
C ALA S 349 99.56 -25.02 35.13
N HIS S 350 99.13 -25.22 33.88
CA HIS S 350 97.90 -25.96 33.61
C HIS S 350 98.03 -27.42 34.03
N LYS S 351 99.17 -28.05 33.71
CA LYS S 351 99.32 -29.49 33.84
C LYS S 351 99.55 -29.89 35.29
N ASN S 352 98.63 -30.70 35.82
CA ASN S 352 98.85 -31.47 37.05
C ASN S 352 99.03 -30.58 38.28
N GLN S 353 98.33 -29.45 38.32
CA GLN S 353 98.40 -28.52 39.44
C GLN S 353 97.02 -28.34 40.03
N ASP S 354 96.85 -28.73 41.29
CA ASP S 354 95.58 -28.62 42.00
C ASP S 354 95.58 -27.36 42.84
N TYR S 355 94.88 -26.32 42.36
CA TYR S 355 94.70 -25.09 43.11
C TYR S 355 93.42 -25.08 43.94
N SER S 356 92.63 -26.16 43.88
CA SER S 356 91.36 -26.22 44.58
C SER S 356 91.50 -26.44 46.08
N ASP S 357 92.74 -26.54 46.59
CA ASP S 357 93.00 -26.41 48.01
C ASP S 357 93.28 -24.97 48.39
N TYR S 358 94.02 -24.25 47.54
CA TYR S 358 94.28 -22.84 47.78
C TYR S 358 93.03 -22.00 47.52
N LEU S 359 92.27 -22.33 46.48
CA LEU S 359 91.14 -21.49 46.11
C LEU S 359 90.00 -21.60 47.11
N ARG S 360 89.85 -22.74 47.78
CA ARG S 360 88.79 -22.85 48.77
C ARG S 360 89.10 -22.11 50.07
N VAL S 361 90.34 -21.68 50.28
CA VAL S 361 90.64 -20.82 51.42
C VAL S 361 90.57 -19.35 51.04
N LEU S 362 90.75 -19.01 49.76
CA LEU S 362 90.39 -17.68 49.29
C LEU S 362 88.88 -17.46 49.37
N ALA S 363 88.10 -18.50 49.06
CA ALA S 363 86.65 -18.41 49.21
C ALA S 363 86.26 -18.22 50.67
N ASN S 364 86.87 -18.99 51.57
CA ASN S 364 86.53 -18.89 52.99
C ASN S 364 86.67 -17.47 53.51
N VAL S 365 87.69 -16.74 53.06
CA VAL S 365 87.86 -15.37 53.51
C VAL S 365 86.96 -14.41 52.74
N ILE S 366 86.84 -14.58 51.42
CA ILE S 366 86.00 -13.67 50.64
C ILE S 366 84.56 -13.70 51.16
N GLN S 367 84.06 -14.87 51.51
CA GLN S 367 82.75 -14.99 52.13
C GLN S 367 82.74 -14.54 53.59
N LYS S 368 83.47 -15.28 54.44
CA LYS S 368 83.25 -15.21 55.88
C LYS S 368 84.20 -14.30 56.65
N ASP S 369 85.32 -13.87 56.06
CA ASP S 369 86.31 -13.11 56.80
C ASP S 369 85.78 -11.72 57.12
N ALA S 370 85.84 -11.34 58.40
CA ALA S 370 85.29 -10.07 58.84
C ALA S 370 86.14 -8.88 58.44
N ASN S 371 87.41 -9.08 58.10
CA ASN S 371 88.28 -7.98 57.74
C ASN S 371 88.08 -7.63 56.27
N VAL S 372 87.51 -6.46 56.01
CA VAL S 372 87.25 -6.03 54.64
C VAL S 372 88.56 -5.90 53.85
N GLN S 373 89.67 -5.56 54.52
CA GLN S 373 90.95 -5.48 53.81
C GLN S 373 91.39 -6.86 53.34
N ALA S 374 91.22 -7.88 54.17
CA ALA S 374 91.57 -9.24 53.77
C ALA S 374 90.71 -9.72 52.61
N VAL S 375 89.48 -9.21 52.50
CA VAL S 375 88.64 -9.54 51.36
C VAL S 375 89.23 -8.96 50.09
N THR S 376 89.57 -7.66 50.11
CA THR S 376 90.07 -6.99 48.92
C THR S 376 91.28 -7.70 48.32
N ILE S 377 92.26 -8.05 49.16
CA ILE S 377 93.47 -8.67 48.66
C ILE S 377 93.23 -10.12 48.24
N ALA S 378 92.14 -10.74 48.70
CA ALA S 378 91.84 -12.11 48.30
C ALA S 378 91.17 -12.15 46.93
N ALA S 379 90.19 -11.28 46.71
CA ALA S 379 89.53 -11.23 45.40
C ALA S 379 90.50 -10.81 44.31
N ASN S 380 91.49 -9.99 44.62
CA ASN S 380 92.53 -9.68 43.65
C ASN S 380 93.41 -10.90 43.37
N SER S 381 93.62 -11.76 44.38
CA SER S 381 94.29 -13.02 44.15
C SER S 381 93.47 -13.94 43.25
N VAL S 382 92.18 -14.10 43.56
CA VAL S 382 91.31 -14.96 42.75
C VAL S 382 91.32 -14.51 41.29
N GLN S 383 91.22 -13.19 41.06
CA GLN S 383 91.30 -12.67 39.69
C GLN S 383 92.62 -13.05 39.04
N LEU S 384 93.72 -12.89 39.78
CA LEU S 384 95.04 -13.18 39.24
C LEU S 384 95.12 -14.64 38.78
N LEU S 385 94.61 -15.57 39.59
CA LEU S 385 94.54 -16.97 39.18
C LEU S 385 93.74 -17.12 37.89
N CYS S 386 92.54 -16.52 37.85
CA CYS S 386 91.70 -16.64 36.66
C CYS S 386 92.32 -15.96 35.44
N ASN S 387 93.17 -14.96 35.66
CA ASN S 387 93.77 -14.23 34.56
C ASN S 387 95.02 -14.92 34.03
N SER S 388 95.93 -15.30 34.93
CA SER S 388 97.16 -15.96 34.53
C SER S 388 96.97 -17.44 34.24
N LEU S 389 95.79 -18.01 34.55
CA LEU S 389 95.52 -19.42 34.31
C LEU S 389 94.19 -19.56 33.57
N ARG S 390 94.16 -19.02 32.35
CA ARG S 390 92.98 -19.09 31.51
C ARG S 390 92.63 -20.54 31.20
N SER S 391 91.32 -20.81 31.05
CA SER S 391 90.80 -22.12 30.69
C SER S 391 91.02 -23.17 31.78
N ASN S 392 91.09 -22.75 33.04
CA ASN S 392 91.17 -23.67 34.17
C ASN S 392 89.88 -23.81 34.96
N PHE S 393 89.15 -22.72 35.16
CA PHE S 393 88.00 -22.70 36.07
C PHE S 393 86.80 -23.35 35.39
N THR S 394 86.95 -24.66 35.13
CA THR S 394 85.92 -25.43 34.44
C THR S 394 84.76 -25.75 35.36
N ARG S 395 85.02 -26.45 36.47
CA ARG S 395 83.91 -26.81 37.35
C ARG S 395 84.22 -26.48 38.81
N SER S 396 85.10 -27.27 39.43
CA SER S 396 85.45 -27.05 40.84
C SER S 396 85.90 -25.62 41.07
N TYR S 397 86.86 -25.15 40.26
CA TYR S 397 87.41 -23.82 40.44
C TYR S 397 86.36 -22.73 40.26
N GLY S 398 85.68 -22.74 39.10
CA GLY S 398 84.65 -21.74 38.86
C GLY S 398 83.59 -21.69 39.95
N ALA S 399 83.07 -22.86 40.33
CA ALA S 399 81.98 -22.93 41.30
C ALA S 399 82.42 -22.75 42.75
N ILE S 400 83.70 -22.96 43.07
CA ILE S 400 84.11 -22.89 44.47
C ILE S 400 84.14 -21.45 44.97
N VAL S 401 84.39 -20.49 44.08
CA VAL S 401 84.53 -19.09 44.48
C VAL S 401 83.37 -18.22 44.00
N LEU S 402 82.46 -18.75 43.20
CA LEU S 402 81.45 -17.91 42.57
C LEU S 402 80.43 -17.41 43.60
N VAL S 403 79.70 -18.33 44.22
CA VAL S 403 78.67 -17.97 45.19
C VAL S 403 79.25 -17.21 46.39
N PRO S 404 80.49 -17.46 46.83
CA PRO S 404 81.06 -16.53 47.84
C PRO S 404 81.22 -15.12 47.30
N LEU S 405 81.74 -14.99 46.08
CA LEU S 405 81.95 -13.68 45.48
C LEU S 405 80.63 -12.91 45.37
N LEU S 406 79.58 -13.58 44.93
CA LEU S 406 78.29 -12.92 44.78
C LEU S 406 77.72 -12.48 46.13
N GLU S 407 77.96 -13.26 47.19
CA GLU S 407 77.50 -12.85 48.52
C GLU S 407 78.17 -11.56 48.97
N ARG S 408 79.43 -11.35 48.59
CA ARG S 408 80.23 -10.26 49.13
C ARG S 408 80.11 -8.97 48.33
N THR S 409 79.36 -8.97 47.22
CA THR S 409 79.04 -7.71 46.55
C THR S 409 78.30 -6.75 47.48
N LYS S 410 77.75 -7.26 48.58
CA LYS S 410 77.16 -6.42 49.63
C LYS S 410 78.07 -5.28 50.06
N GLU S 411 79.39 -5.45 49.92
CA GLU S 411 80.32 -4.41 50.37
C GLU S 411 80.18 -3.16 49.50
N LYS S 412 80.10 -2.00 50.15
CA LYS S 412 79.88 -0.75 49.47
C LYS S 412 81.11 0.15 49.39
N LYS S 413 82.17 -0.17 50.11
CA LYS S 413 83.41 0.59 50.01
C LYS S 413 83.94 0.54 48.59
N PRO S 414 84.15 1.69 47.93
CA PRO S 414 84.54 1.68 46.51
C PRO S 414 85.70 0.75 46.17
N SER S 415 86.77 0.78 46.96
CA SER S 415 87.91 -0.09 46.70
C SER S 415 87.52 -1.57 46.74
N VAL S 416 86.59 -1.93 47.62
CA VAL S 416 86.23 -3.32 47.79
C VAL S 416 85.28 -3.79 46.69
N ASN S 417 84.27 -2.97 46.37
CA ASN S 417 83.41 -3.28 45.24
C ASN S 417 84.21 -3.37 43.94
N GLU S 418 85.25 -2.54 43.81
CA GLU S 418 86.17 -2.63 42.67
C GLU S 418 86.76 -4.03 42.56
N ALA S 419 87.31 -4.54 43.66
CA ALA S 419 88.05 -5.81 43.60
C ALA S 419 87.13 -7.00 43.44
N ILE S 420 86.01 -7.01 44.16
CA ILE S 420 85.08 -8.14 44.07
C ILE S 420 84.50 -8.25 42.67
N CYS S 421 84.02 -7.13 42.12
CA CYS S 421 83.42 -7.14 40.79
C CYS S 421 84.45 -7.51 39.72
N SER S 422 85.65 -6.92 39.80
CA SER S 422 86.69 -7.24 38.82
C SER S 422 87.07 -8.71 38.86
N ALA S 423 87.02 -9.32 40.05
CA ALA S 423 87.26 -10.77 40.14
C ALA S 423 86.10 -11.54 39.55
N LEU S 424 84.87 -11.13 39.83
CA LEU S 424 83.71 -11.73 39.19
C LEU S 424 83.78 -11.61 37.67
N ASP S 425 84.39 -10.52 37.18
CA ASP S 425 84.63 -10.42 35.74
C ASP S 425 85.64 -11.44 35.26
N ALA S 426 86.64 -11.76 36.10
CA ALA S 426 87.63 -12.75 35.73
C ALA S 426 87.02 -14.13 35.59
N VAL S 427 86.28 -14.59 36.60
CA VAL S 427 85.66 -15.91 36.51
C VAL S 427 84.67 -15.96 35.36
N ALA S 428 84.02 -14.83 35.05
CA ALA S 428 83.03 -14.82 33.98
C ALA S 428 83.70 -14.98 32.62
N THR S 429 84.76 -14.22 32.34
CA THR S 429 85.44 -14.29 31.06
C THR S 429 86.10 -15.64 30.81
N TYR S 430 86.26 -16.47 31.85
CA TYR S 430 86.89 -17.78 31.71
C TYR S 430 85.97 -18.92 32.12
N CYS S 431 84.74 -18.63 32.57
CA CYS S 431 83.70 -19.63 32.73
C CYS S 431 82.51 -19.39 31.81
N GLY S 432 82.48 -18.25 31.11
CA GLY S 432 81.43 -17.91 30.17
C GLY S 432 80.00 -17.78 30.65
N PHE S 433 79.44 -18.87 31.16
CA PHE S 433 78.04 -18.92 31.59
C PHE S 433 77.74 -20.29 32.17
N ASP S 434 78.77 -20.93 32.72
CA ASP S 434 78.66 -22.27 33.28
C ASP S 434 77.69 -22.30 34.44
N ASP S 435 78.10 -21.73 35.58
CA ASP S 435 77.27 -21.64 36.76
C ASP S 435 76.84 -20.22 37.07
N CYS S 436 77.46 -19.21 36.44
CA CYS S 436 77.18 -17.83 36.80
C CYS S 436 75.77 -17.42 36.37
N LEU S 437 75.36 -17.81 35.16
CA LEU S 437 74.05 -17.40 34.66
C LEU S 437 72.94 -17.78 35.64
N GLU S 438 72.97 -19.03 36.12
CA GLU S 438 71.94 -19.47 37.07
C GLU S 438 72.08 -18.77 38.42
N GLU S 439 73.32 -18.71 38.94
CA GLU S 439 73.52 -18.22 40.29
C GLU S 439 73.50 -16.70 40.37
N THR S 440 73.90 -16.01 39.30
CA THR S 440 73.75 -14.56 39.27
C THR S 440 72.27 -14.18 39.41
N LEU S 441 71.39 -14.92 38.74
CA LEU S 441 69.95 -14.69 38.90
C LEU S 441 69.53 -14.89 40.34
N ASN S 442 69.95 -16.01 40.96
CA ASN S 442 69.60 -16.29 42.35
C ASN S 442 69.86 -15.11 43.26
N TYR S 443 71.00 -14.45 43.10
CA TYR S 443 71.38 -13.36 43.98
C TYR S 443 70.83 -12.00 43.54
N MET S 444 70.24 -11.90 42.35
CA MET S 444 69.42 -10.75 42.05
C MET S 444 68.14 -10.76 42.88
N LYS S 445 67.67 -11.94 43.26
CA LYS S 445 66.48 -12.13 44.09
C LYS S 445 66.80 -12.01 45.58
N HIS S 446 68.01 -11.57 45.93
CA HIS S 446 68.47 -11.61 47.32
C HIS S 446 67.97 -10.38 48.07
N LYS S 447 67.96 -10.49 49.40
CA LYS S 447 67.28 -9.48 50.22
C LYS S 447 68.10 -8.21 50.37
N THR S 448 69.42 -8.32 50.44
CA THR S 448 70.27 -7.13 50.55
C THR S 448 70.07 -6.23 49.33
N PRO S 449 69.80 -4.94 49.52
CA PRO S 449 69.68 -4.05 48.35
C PRO S 449 70.93 -3.99 47.50
N GLN S 450 72.10 -3.94 48.13
CA GLN S 450 73.34 -3.75 47.36
C GLN S 450 73.66 -4.96 46.48
N VAL S 451 73.43 -6.17 46.98
CA VAL S 451 73.73 -7.35 46.17
C VAL S 451 72.80 -7.42 44.96
N ARG S 452 71.60 -6.85 45.07
CA ARG S 452 70.70 -6.80 43.92
C ARG S 452 71.26 -5.92 42.81
N ILE S 453 71.65 -4.69 43.15
CA ILE S 453 72.12 -3.75 42.12
C ILE S 453 73.44 -4.21 41.54
N GLU S 454 74.28 -4.89 42.33
CA GLU S 454 75.61 -5.26 41.85
C GLU S 454 75.58 -6.55 41.02
N CYS S 455 74.80 -7.55 41.45
CA CYS S 455 74.65 -8.76 40.67
C CYS S 455 73.89 -8.51 39.38
N THR S 456 73.04 -7.48 39.36
CA THR S 456 72.37 -7.11 38.12
C THR S 456 73.32 -6.38 37.20
N LYS S 457 74.11 -5.45 37.74
CA LYS S 457 75.22 -4.89 36.98
C LYS S 457 76.16 -5.98 36.48
N PHE S 458 76.31 -7.06 37.26
CA PHE S 458 77.14 -8.18 36.81
C PHE S 458 76.57 -8.84 35.57
N LEU S 459 75.29 -9.19 35.60
CA LEU S 459 74.65 -9.74 34.41
C LEU S 459 74.78 -8.78 33.23
N THR S 460 74.70 -7.47 33.51
CA THR S 460 74.90 -6.47 32.45
C THR S 460 76.32 -6.55 31.89
N ARG S 461 77.33 -6.61 32.76
CA ARG S 461 78.70 -6.76 32.29
C ARG S 461 78.85 -7.99 31.40
N MET S 462 78.38 -9.13 31.89
CA MET S 462 78.46 -10.37 31.11
C MET S 462 77.71 -10.23 29.79
N LEU S 463 76.55 -9.60 29.81
CA LEU S 463 75.69 -9.55 28.63
C LEU S 463 76.32 -8.73 27.51
N GLN S 464 77.07 -7.66 27.85
CA GLN S 464 77.72 -6.88 26.80
C GLN S 464 78.79 -7.70 26.07
N GLY S 465 79.45 -8.61 26.78
CA GLY S 465 80.43 -9.49 26.15
C GLY S 465 79.91 -10.90 25.91
N TRP S 466 78.64 -11.03 25.54
CA TRP S 466 78.04 -12.34 25.32
C TRP S 466 78.23 -12.90 23.92
N LYS S 467 78.55 -12.06 22.93
CA LYS S 467 78.67 -12.49 21.54
C LYS S 467 79.46 -13.79 21.38
N SER S 468 78.75 -14.89 21.12
CA SER S 468 79.36 -16.21 20.99
C SER S 468 78.64 -16.99 19.89
N ASP S 469 79.35 -17.95 19.31
CA ASP S 469 78.81 -18.82 18.27
C ASP S 469 78.44 -20.19 18.84
N GLY S 470 77.65 -20.93 18.06
CA GLY S 470 77.09 -22.19 18.51
C GLY S 470 75.66 -22.31 18.01
N PRO S 471 74.99 -23.42 18.28
CA PRO S 471 73.58 -23.53 17.88
C PRO S 471 72.77 -22.46 18.60
N LEU S 472 71.90 -21.78 17.87
CA LEU S 472 71.16 -20.65 18.39
C LEU S 472 70.36 -20.96 19.67
N GLN S 473 70.46 -22.20 20.14
CA GLN S 473 69.84 -22.60 21.42
C GLN S 473 70.88 -22.63 22.53
N ASN S 474 71.53 -21.50 22.74
CA ASN S 474 72.47 -21.36 23.85
C ASN S 474 71.71 -21.30 25.17
N GLN S 475 72.49 -21.29 26.26
CA GLN S 475 71.91 -21.27 27.59
C GLN S 475 71.08 -20.02 27.84
N LEU S 476 71.36 -18.92 27.13
CA LEU S 476 70.60 -17.70 27.33
C LEU S 476 69.17 -17.85 26.87
N LEU S 477 68.95 -18.52 25.74
CA LEU S 477 67.61 -18.65 25.18
C LEU S 477 66.80 -19.75 25.84
N PHE S 478 67.47 -20.81 26.32
CA PHE S 478 66.76 -21.86 27.06
C PHE S 478 66.03 -21.30 28.27
N LYS S 479 66.56 -20.24 28.87
CA LYS S 479 66.04 -19.68 30.11
C LYS S 479 65.71 -18.20 30.01
N LEU S 480 65.60 -17.67 28.78
CA LEU S 480 65.45 -16.23 28.58
C LEU S 480 64.16 -15.71 29.21
N LEU S 481 63.03 -15.92 28.53
CA LEU S 481 61.75 -15.53 29.10
C LEU S 481 61.45 -16.23 30.43
N PRO S 482 61.64 -17.55 30.58
CA PRO S 482 61.30 -18.19 31.87
C PRO S 482 61.98 -17.57 33.08
N GLU S 483 63.28 -17.27 32.99
CA GLU S 483 64.05 -16.90 34.17
C GLU S 483 64.70 -15.52 34.05
N VAL S 484 65.46 -15.28 32.98
CA VAL S 484 66.20 -14.03 32.84
C VAL S 484 65.25 -12.83 32.91
N THR S 485 64.21 -12.84 32.08
CA THR S 485 63.31 -11.70 32.02
C THR S 485 62.48 -11.55 33.30
N THR S 486 61.93 -12.65 33.80
CA THR S 486 61.15 -12.59 35.03
C THR S 486 61.96 -12.05 36.20
N ALA S 487 63.28 -12.25 36.20
CA ALA S 487 64.14 -11.75 37.26
C ALA S 487 64.59 -10.32 37.03
N VAL S 488 64.81 -9.94 35.78
CA VAL S 488 65.24 -8.57 35.49
C VAL S 488 64.10 -7.59 35.73
N LEU S 489 62.85 -8.03 35.53
CA LEU S 489 61.71 -7.18 35.86
C LEU S 489 61.62 -6.91 37.35
N LYS S 490 62.00 -7.90 38.17
CA LYS S 490 62.04 -7.68 39.62
C LYS S 490 63.03 -6.57 39.98
N ILE S 491 64.10 -6.41 39.20
CA ILE S 491 65.02 -5.31 39.41
C ILE S 491 64.43 -4.02 38.83
N VAL S 492 63.85 -4.10 37.64
CA VAL S 492 63.23 -2.95 37.00
C VAL S 492 62.11 -2.39 37.88
N ASN S 493 61.46 -3.25 38.67
CA ASN S 493 60.33 -2.86 39.51
C ASN S 493 60.71 -2.78 40.98
N ASP S 494 61.97 -2.46 41.27
CA ASP S 494 62.42 -2.36 42.64
C ASP S 494 61.90 -1.08 43.29
N THR S 495 61.95 -1.04 44.62
CA THR S 495 61.49 0.14 45.35
C THR S 495 62.46 1.31 45.17
N GLN S 496 63.76 1.03 45.05
CA GLN S 496 64.77 2.08 44.97
C GLN S 496 64.98 2.53 43.51
N PRO S 497 65.27 3.81 43.29
CA PRO S 497 65.54 4.30 41.93
C PRO S 497 66.87 3.84 41.37
N THR S 498 67.93 3.94 42.18
CA THR S 498 69.24 3.50 41.72
C THR S 498 69.26 2.01 41.44
N THR S 499 68.43 1.24 42.14
CA THR S 499 68.25 -0.17 41.78
C THR S 499 67.50 -0.31 40.46
N ARG S 500 66.33 0.33 40.37
CA ARG S 500 65.55 0.34 39.14
C ARG S 500 66.38 0.79 37.94
N ASN S 501 67.23 1.81 38.15
CA ASN S 501 67.97 2.39 37.03
C ASN S 501 69.02 1.41 36.49
N THR S 502 69.52 0.51 37.34
CA THR S 502 70.41 -0.54 36.86
C THR S 502 69.63 -1.54 36.01
N GLY S 503 68.43 -1.90 36.45
CA GLY S 503 67.57 -2.76 35.65
C GLY S 503 67.25 -2.18 34.29
N PHE S 504 67.09 -0.85 34.22
CA PHE S 504 66.75 -0.22 32.95
C PHE S 504 67.86 -0.40 31.92
N GLU S 505 69.11 -0.28 32.35
CA GLU S 505 70.22 -0.65 31.46
C GLU S 505 70.22 -2.16 31.22
N CYS S 506 70.11 -2.96 32.29
CA CYS S 506 70.16 -4.41 32.16
C CYS S 506 68.99 -4.97 31.37
N PHE S 507 67.97 -4.16 31.08
CA PHE S 507 66.91 -4.52 30.15
C PHE S 507 67.16 -3.98 28.76
N ALA S 508 67.81 -2.81 28.64
CA ALA S 508 68.13 -2.25 27.34
C ALA S 508 69.35 -2.91 26.72
N THR S 509 70.27 -3.43 27.54
CA THR S 509 71.34 -4.27 27.03
C THR S 509 70.84 -5.67 26.68
N LEU S 510 69.70 -6.08 27.25
CA LEU S 510 69.10 -7.36 26.92
C LEU S 510 68.38 -7.29 25.57
N MET S 511 67.57 -6.24 25.37
CA MET S 511 66.90 -6.03 24.10
C MET S 511 67.89 -5.98 22.95
N LYS S 512 69.02 -5.27 23.15
CA LYS S 512 70.04 -5.18 22.12
C LYS S 512 70.50 -6.56 21.66
N LEU S 513 70.55 -7.54 22.57
CA LEU S 513 71.02 -8.87 22.21
C LEU S 513 69.94 -9.70 21.52
N VAL S 514 68.68 -9.57 21.92
CA VAL S 514 67.67 -10.56 21.55
C VAL S 514 66.43 -9.89 20.97
N GLY S 515 66.60 -8.70 20.40
CA GLY S 515 65.53 -8.12 19.60
C GLY S 515 64.44 -7.41 20.37
N GLU S 516 64.32 -6.11 20.17
CA GLU S 516 63.33 -5.29 20.86
C GLU S 516 61.90 -5.69 20.50
N ARG S 517 61.73 -6.63 19.58
CA ARG S 517 60.43 -7.17 19.23
C ARG S 517 60.06 -8.39 20.07
N GLU S 518 61.04 -9.26 20.35
CA GLU S 518 60.78 -10.46 21.13
C GLU S 518 60.24 -10.13 22.51
N LEU S 519 60.80 -9.11 23.15
CA LEU S 519 60.41 -8.73 24.50
C LEU S 519 59.33 -7.66 24.54
N ALA S 520 58.68 -7.38 23.41
CA ALA S 520 57.59 -6.41 23.41
C ALA S 520 56.40 -6.87 24.23
N ASP S 521 56.33 -8.17 24.60
CA ASP S 521 55.23 -8.62 25.44
C ASP S 521 55.35 -8.08 26.86
N PRO S 522 56.45 -8.31 27.59
CA PRO S 522 56.56 -7.66 28.91
C PRO S 522 56.83 -6.16 28.83
N LEU S 523 57.21 -5.64 27.66
CA LEU S 523 57.33 -4.19 27.51
C LEU S 523 55.98 -3.51 27.68
N GLU S 524 54.92 -4.11 27.10
CA GLU S 524 53.59 -3.53 27.22
C GLU S 524 53.11 -3.53 28.66
N LYS S 525 53.31 -4.64 29.38
CA LYS S 525 52.91 -4.73 30.77
C LYS S 525 53.62 -3.70 31.65
N LEU S 526 54.70 -3.10 31.17
CA LEU S 526 55.43 -2.08 31.92
C LEU S 526 54.82 -0.70 31.72
N ASP S 527 54.99 0.14 32.74
CA ASP S 527 54.59 1.54 32.67
C ASP S 527 55.11 2.20 31.40
N ASN S 528 54.28 3.08 30.82
CA ASN S 528 54.76 3.98 29.78
C ASN S 528 55.86 4.89 30.30
N LEU S 529 55.88 5.13 31.61
CA LEU S 529 56.88 6.01 32.22
C LEU S 529 58.23 5.31 32.34
N LYS S 530 58.22 4.04 32.75
CA LYS S 530 59.46 3.26 32.79
C LYS S 530 59.94 2.90 31.40
N LYS S 531 59.03 2.81 30.43
CA LYS S 531 59.39 2.43 29.06
C LYS S 531 60.40 3.39 28.46
N LYS S 532 60.15 4.70 28.60
CA LYS S 532 61.01 5.68 27.94
C LYS S 532 62.37 5.82 28.63
N LYS S 533 62.50 5.36 29.88
CA LYS S 533 63.82 5.26 30.49
C LYS S 533 64.58 4.06 29.93
N ILE S 534 63.91 2.92 29.77
CA ILE S 534 64.54 1.75 29.16
C ILE S 534 65.03 2.08 27.76
N TYR S 535 64.20 2.75 26.96
CA TYR S 535 64.59 3.14 25.60
C TYR S 535 65.77 4.10 25.61
N GLU S 536 65.84 4.96 26.63
CA GLU S 536 66.97 5.89 26.78
C GLU S 536 68.31 5.16 26.69
N TYR S 537 68.44 4.06 27.43
CA TYR S 537 69.68 3.30 27.43
C TYR S 537 69.84 2.46 26.16
N TYR S 538 68.73 1.95 25.61
CA TYR S 538 68.79 1.18 24.38
C TYR S 538 69.48 1.95 23.27
N GLU S 539 69.28 3.26 23.23
CA GLU S 539 69.88 4.08 22.18
C GLU S 539 71.37 4.31 22.39
N LYS S 540 71.86 4.24 23.63
CA LYS S 540 73.28 4.45 23.89
C LYS S 540 74.01 3.15 24.24
N VAL S 541 73.39 1.99 24.05
CA VAL S 541 74.00 0.71 24.36
C VAL S 541 74.35 0.03 23.04
N GLU S 542 75.56 -0.52 22.97
CA GLU S 542 76.02 -1.19 21.76
C GLU S 542 76.03 -2.71 21.92
N VAL S 543 77.05 -3.35 21.37
CA VAL S 543 77.14 -4.81 21.37
C VAL S 543 77.31 -5.35 22.79
N ASP T 13 31.64 10.69 24.72
CA ASP T 13 31.01 11.90 24.20
C ASP T 13 29.53 11.67 23.90
N LEU T 14 28.68 12.50 24.51
CA LEU T 14 27.25 12.39 24.26
C LEU T 14 26.83 13.01 22.94
N GLY T 15 27.61 13.95 22.42
CA GLY T 15 27.35 14.49 21.09
C GLY T 15 27.61 13.51 19.97
N LYS T 16 28.40 12.47 20.23
CA LYS T 16 28.70 11.45 19.23
C LYS T 16 27.67 10.33 19.22
N LYS T 17 27.05 10.03 20.37
CA LYS T 17 25.98 9.04 20.40
C LYS T 17 24.72 9.58 19.74
N LEU T 18 24.49 10.90 19.80
CA LEU T 18 23.32 11.48 19.17
C LEU T 18 23.44 11.47 17.66
N LEU T 19 24.66 11.49 17.13
CA LEU T 19 24.87 11.32 15.69
C LEU T 19 24.62 9.87 15.28
N GLU T 20 25.12 8.92 16.09
CA GLU T 20 24.87 7.50 15.82
C GLU T 20 23.37 7.20 15.72
N ALA T 21 22.58 7.78 16.63
CA ALA T 21 21.14 7.52 16.65
C ALA T 21 20.44 8.21 15.48
N ALA T 22 20.64 9.53 15.34
CA ALA T 22 19.96 10.28 14.28
C ALA T 22 20.24 9.71 12.90
N ARG T 23 21.43 9.15 12.69
CA ARG T 23 21.77 8.50 11.42
C ARG T 23 21.02 7.19 11.26
N ALA T 24 21.34 6.21 12.11
CA ALA T 24 20.76 4.87 11.98
C ALA T 24 19.24 4.87 12.20
N GLY T 25 18.70 5.92 12.80
CA GLY T 25 17.26 6.08 12.86
C GLY T 25 16.56 5.37 14.01
N GLN T 26 17.07 5.54 15.22
CA GLN T 26 16.40 5.04 16.42
C GLN T 26 15.69 6.23 17.05
N ASP T 27 14.40 6.41 16.68
CA ASP T 27 13.65 7.57 17.11
C ASP T 27 13.60 7.69 18.64
N ASP T 28 13.41 6.57 19.33
CA ASP T 28 13.24 6.62 20.79
C ASP T 28 14.54 7.01 21.49
N GLU T 29 15.67 6.45 21.04
CA GLU T 29 16.94 6.68 21.73
C GLU T 29 17.52 8.05 21.45
N VAL T 30 16.89 8.85 20.58
CA VAL T 30 17.24 10.26 20.49
C VAL T 30 16.70 11.01 21.71
N ARG T 31 15.43 10.77 22.06
CA ARG T 31 14.85 11.38 23.24
C ARG T 31 15.63 11.03 24.50
N ILE T 32 16.14 9.81 24.59
CA ILE T 32 16.97 9.42 25.73
C ILE T 32 18.25 10.25 25.76
N LEU T 33 18.96 10.31 24.63
CA LEU T 33 20.23 11.03 24.60
C LEU T 33 20.04 12.53 24.75
N MET T 34 18.92 13.07 24.24
CA MET T 34 18.65 14.49 24.37
C MET T 34 18.22 14.88 25.78
N ALA T 35 17.50 13.98 26.46
CA ALA T 35 17.18 14.20 27.86
C ALA T 35 18.42 14.21 28.74
N ASN T 36 19.52 13.64 28.27
CA ASN T 36 20.81 13.73 28.93
C ASN T 36 21.63 14.93 28.47
N GLY T 37 20.99 15.88 27.79
CA GLY T 37 21.65 17.11 27.38
C GLY T 37 22.71 16.96 26.31
N ALA T 38 22.45 16.14 25.30
CA ALA T 38 23.39 15.96 24.21
C ALA T 38 23.38 17.18 23.29
N ASP T 39 24.52 17.44 22.66
CA ASP T 39 24.69 18.62 21.82
C ASP T 39 23.89 18.42 20.53
N VAL T 40 22.83 19.22 20.36
CA VAL T 40 21.96 19.08 19.19
C VAL T 40 22.71 19.37 17.91
N ASN T 41 23.69 20.28 17.96
CA ASN T 41 24.50 20.64 16.80
C ASN T 41 25.92 20.07 16.91
N ALA T 42 26.03 18.85 17.42
CA ALA T 42 27.33 18.21 17.54
C ALA T 42 27.84 17.80 16.16
N THR T 43 29.06 18.24 15.84
CA THR T 43 29.67 17.93 14.55
C THR T 43 30.47 16.64 14.65
N ASP T 44 30.36 15.80 13.62
CA ASP T 44 31.15 14.59 13.52
C ASP T 44 32.57 14.92 13.05
N ALA T 45 33.02 14.32 11.95
CA ALA T 45 34.36 14.59 11.42
C ALA T 45 34.32 15.60 10.29
N SER T 46 33.40 15.41 9.33
CA SER T 46 33.27 16.32 8.20
C SER T 46 32.26 17.44 8.46
N GLY T 47 31.95 17.73 9.72
CA GLY T 47 31.11 18.86 10.04
C GLY T 47 29.62 18.61 9.95
N LEU T 48 29.19 17.36 10.03
CA LEU T 48 27.79 17.00 9.84
C LEU T 48 27.09 16.93 11.19
N THR T 49 26.08 17.78 11.39
CA THR T 49 25.24 17.75 12.58
C THR T 49 24.26 16.58 12.47
N PRO T 50 23.59 16.20 13.57
CA PRO T 50 22.56 15.16 13.46
C PRO T 50 21.43 15.53 12.51
N LEU T 51 21.11 16.83 12.40
CA LEU T 51 20.09 17.26 11.45
C LEU T 51 20.49 16.92 10.02
N HIS T 52 21.78 17.07 9.69
CA HIS T 52 22.30 16.59 8.42
C HIS T 52 21.97 15.11 8.21
N LEU T 53 22.31 14.27 9.20
CA LEU T 53 22.20 12.83 9.02
C LEU T 53 20.74 12.38 8.95
N ALA T 54 19.89 12.92 9.82
CA ALA T 54 18.48 12.56 9.79
C ALA T 54 17.82 13.00 8.49
N ALA T 55 18.20 14.18 7.99
CA ALA T 55 17.64 14.66 6.73
C ALA T 55 18.19 13.89 5.53
N THR T 56 19.28 13.15 5.69
CA THR T 56 19.83 12.35 4.61
C THR T 56 19.10 11.01 4.49
N TYR T 57 18.85 10.35 5.62
CA TYR T 57 18.34 8.99 5.64
C TYR T 57 16.85 8.92 5.92
N GLY T 58 16.15 10.05 5.87
CA GLY T 58 14.70 10.07 5.95
C GLY T 58 14.12 9.58 7.26
N HIS T 59 14.37 10.33 8.34
CA HIS T 59 13.80 10.04 9.66
C HIS T 59 13.06 11.29 10.09
N LEU T 60 11.80 11.39 9.63
CA LEU T 60 11.06 12.65 9.74
C LEU T 60 10.83 13.06 11.19
N GLU T 61 10.47 12.10 12.05
CA GLU T 61 10.23 12.44 13.45
C GLU T 61 11.51 12.89 14.14
N ILE T 62 12.66 12.39 13.71
CA ILE T 62 13.92 12.81 14.33
C ILE T 62 14.31 14.21 13.87
N VAL T 63 13.94 14.59 12.64
CA VAL T 63 14.21 15.94 12.17
C VAL T 63 13.38 16.95 12.97
N GLU T 64 12.08 16.70 13.10
CA GLU T 64 11.21 17.64 13.80
C GLU T 64 11.52 17.71 15.29
N VAL T 65 12.04 16.62 15.87
CA VAL T 65 12.45 16.65 17.27
C VAL T 65 13.66 17.55 17.46
N LEU T 66 14.67 17.42 16.58
CA LEU T 66 15.87 18.22 16.72
C LEU T 66 15.62 19.69 16.41
N LEU T 67 14.78 19.98 15.40
CA LEU T 67 14.52 21.37 15.04
C LEU T 67 13.87 22.15 16.17
N LYS T 68 12.87 21.56 16.83
CA LYS T 68 12.18 22.25 17.91
C LYS T 68 13.01 22.34 19.19
N HIS T 69 14.10 21.59 19.29
CA HIS T 69 15.03 21.76 20.39
C HIS T 69 16.17 22.72 20.06
N GLY T 70 16.26 23.14 18.81
CA GLY T 70 17.18 24.19 18.40
C GLY T 70 18.31 23.60 17.59
N ALA T 71 18.02 23.28 16.34
CA ALA T 71 19.01 22.72 15.44
C ALA T 71 19.25 23.72 14.33
N ASP T 72 20.52 23.96 14.02
CA ASP T 72 20.85 24.97 13.02
C ASP T 72 20.32 24.48 11.68
N VAL T 73 19.23 25.10 11.21
CA VAL T 73 18.57 24.65 9.99
C VAL T 73 19.45 24.93 8.78
N ASN T 74 20.31 25.95 8.88
CA ASN T 74 21.18 26.34 7.78
C ASN T 74 22.64 26.08 8.14
N ALA T 75 22.87 25.05 8.94
CA ALA T 75 24.23 24.65 9.26
C ALA T 75 24.88 24.03 8.03
N ILE T 76 26.13 24.41 7.79
CA ILE T 76 26.89 23.82 6.72
C ILE T 76 27.89 22.84 7.33
N ASP T 77 28.52 22.04 6.49
CA ASP T 77 29.55 21.10 6.92
C ASP T 77 30.88 21.54 6.31
N ILE T 78 31.84 20.61 6.24
CA ILE T 78 33.15 20.95 5.69
C ILE T 78 33.06 21.27 4.20
N MET T 79 32.05 20.76 3.50
CA MET T 79 31.87 21.02 2.07
C MET T 79 30.72 21.97 1.78
N GLY T 80 30.22 22.68 2.80
CA GLY T 80 29.16 23.65 2.59
C GLY T 80 27.78 23.06 2.35
N SER T 81 27.55 21.82 2.77
CA SER T 81 26.27 21.16 2.56
C SER T 81 25.33 21.48 3.73
N THR T 82 24.19 22.09 3.42
CA THR T 82 23.13 22.26 4.39
C THR T 82 22.25 21.00 4.44
N PRO T 83 21.47 20.82 5.52
CA PRO T 83 20.52 19.70 5.53
C PRO T 83 19.51 19.75 4.41
N LEU T 84 19.17 20.95 3.92
CA LEU T 84 18.26 21.03 2.77
C LEU T 84 18.92 20.51 1.50
N HIS T 85 20.23 20.70 1.35
CA HIS T 85 20.97 20.05 0.27
C HIS T 85 20.78 18.54 0.32
N LEU T 86 21.00 17.94 1.49
CA LEU T 86 20.98 16.48 1.60
C LEU T 86 19.56 15.94 1.46
N ALA T 87 18.58 16.66 2.00
CA ALA T 87 17.19 16.24 1.85
C ALA T 87 16.73 16.32 0.40
N ALA T 88 17.09 17.40 -0.30
CA ALA T 88 16.71 17.52 -1.71
C ALA T 88 17.51 16.59 -2.60
N LEU T 89 18.68 16.14 -2.14
CA LEU T 89 19.45 15.15 -2.88
C LEU T 89 18.79 13.78 -2.83
N ILE T 90 18.54 13.28 -1.62
CA ILE T 90 18.04 11.92 -1.46
C ILE T 90 16.57 11.86 -1.88
N GLY T 91 15.85 12.96 -1.77
CA GLY T 91 14.46 12.96 -2.19
C GLY T 91 13.51 12.66 -1.05
N HIS T 92 13.61 13.44 0.02
CA HIS T 92 12.76 13.29 1.20
C HIS T 92 11.82 14.48 1.23
N LEU T 93 10.74 14.38 0.47
CA LEU T 93 9.80 15.49 0.34
C LEU T 93 9.20 15.88 1.68
N GLU T 94 8.92 14.90 2.53
CA GLU T 94 8.39 15.20 3.86
C GLU T 94 9.34 16.09 4.66
N ILE T 95 10.65 15.82 4.56
CA ILE T 95 11.62 16.57 5.35
C ILE T 95 11.91 17.93 4.73
N VAL T 96 11.91 18.01 3.40
CA VAL T 96 12.22 19.26 2.71
C VAL T 96 11.28 20.36 3.17
N GLU T 97 9.98 20.07 3.20
CA GLU T 97 9.00 21.10 3.59
C GLU T 97 9.09 21.40 5.08
N VAL T 98 9.55 20.45 5.89
CA VAL T 98 9.76 20.72 7.30
C VAL T 98 10.93 21.70 7.49
N LEU T 99 12.03 21.46 6.78
CA LEU T 99 13.18 22.35 6.87
C LEU T 99 12.83 23.75 6.38
N LEU T 100 12.20 23.84 5.21
CA LEU T 100 11.83 25.15 4.67
C LEU T 100 10.90 25.90 5.61
N LYS T 101 9.95 25.19 6.23
CA LYS T 101 9.06 25.83 7.20
C LYS T 101 9.83 26.33 8.42
N HIS T 102 10.94 25.67 8.75
CA HIS T 102 11.82 26.12 9.83
C HIS T 102 12.91 27.08 9.35
N GLY T 103 12.66 27.78 8.24
CA GLY T 103 13.58 28.78 7.76
C GLY T 103 14.84 28.24 7.12
N ALA T 104 14.70 27.31 6.18
CA ALA T 104 15.86 26.77 5.48
C ALA T 104 16.30 27.71 4.36
N ASP T 105 17.54 27.55 3.93
CA ASP T 105 18.13 28.40 2.90
C ASP T 105 17.81 27.76 1.55
N VAL T 106 16.86 28.36 0.82
CA VAL T 106 16.39 27.77 -0.43
C VAL T 106 17.45 27.90 -1.52
N ASN T 107 18.26 28.95 -1.46
CA ASN T 107 19.31 29.20 -2.45
C ASN T 107 20.68 29.11 -1.81
N ALA T 108 20.84 28.18 -0.87
CA ALA T 108 22.15 27.89 -0.31
C ALA T 108 23.07 27.31 -1.38
N VAL T 109 24.34 27.64 -1.28
CA VAL T 109 25.36 27.09 -2.17
C VAL T 109 26.33 26.25 -1.36
N ASP T 110 26.90 25.24 -2.00
CA ASP T 110 27.92 24.39 -1.42
C ASP T 110 29.20 24.49 -2.24
N THR T 111 30.25 23.79 -1.77
CA THR T 111 31.59 23.97 -2.32
C THR T 111 31.65 23.67 -3.82
N TRP T 112 30.73 22.87 -4.36
CA TRP T 112 30.71 22.59 -5.79
C TRP T 112 29.84 23.56 -6.57
N GLY T 113 29.26 24.57 -5.91
CA GLY T 113 28.46 25.56 -6.59
C GLY T 113 27.00 25.20 -6.76
N ASP T 114 26.56 24.06 -6.23
CA ASP T 114 25.20 23.59 -6.40
C ASP T 114 24.28 24.21 -5.36
N THR T 115 23.05 24.46 -5.78
CA THR T 115 21.94 24.75 -4.90
C THR T 115 21.13 23.48 -4.66
N PRO T 116 20.27 23.47 -3.65
CA PRO T 116 19.34 22.33 -3.51
C PRO T 116 18.52 22.05 -4.75
N LEU T 117 18.23 23.08 -5.55
CA LEU T 117 17.50 22.88 -6.80
C LEU T 117 18.33 22.08 -7.81
N HIS T 118 19.65 22.26 -7.81
CA HIS T 118 20.51 21.46 -8.68
C HIS T 118 20.39 19.98 -8.34
N LEU T 119 20.43 19.65 -7.04
CA LEU T 119 20.49 18.25 -6.63
C LEU T 119 19.16 17.54 -6.87
N ALA T 120 18.04 18.20 -6.55
CA ALA T 120 16.74 17.59 -6.78
C ALA T 120 16.46 17.39 -8.27
N ALA T 121 17.00 18.25 -9.12
CA ALA T 121 16.83 18.09 -10.56
C ALA T 121 17.71 16.97 -11.10
N ILE T 122 18.94 16.87 -10.59
CA ILE T 122 19.85 15.81 -11.01
C ILE T 122 19.27 14.44 -10.68
N MET T 123 18.71 14.29 -9.48
CA MET T 123 18.18 13.02 -9.02
C MET T 123 16.75 12.75 -9.47
N GLY T 124 16.16 13.66 -10.25
CA GLY T 124 14.84 13.41 -10.79
C GLY T 124 13.73 13.45 -9.77
N HIS T 125 13.90 14.22 -8.70
CA HIS T 125 12.85 14.39 -7.69
C HIS T 125 11.94 15.56 -8.09
N LEU T 126 11.10 15.30 -9.10
CA LEU T 126 10.25 16.34 -9.65
C LEU T 126 9.30 16.93 -8.61
N GLU T 127 8.83 16.11 -7.67
CA GLU T 127 7.92 16.61 -6.64
C GLU T 127 8.64 17.57 -5.69
N ILE T 128 9.93 17.34 -5.43
CA ILE T 128 10.68 18.23 -4.57
C ILE T 128 11.10 19.49 -5.31
N VAL T 129 11.42 19.36 -6.60
CA VAL T 129 11.78 20.52 -7.42
C VAL T 129 10.70 21.59 -7.34
N GLU T 130 9.44 21.16 -7.48
CA GLU T 130 8.33 22.13 -7.48
C GLU T 130 8.16 22.80 -6.13
N VAL T 131 8.43 22.08 -5.03
CA VAL T 131 8.34 22.68 -3.71
C VAL T 131 9.42 23.74 -3.53
N LEU T 132 10.67 23.40 -3.88
CA LEU T 132 11.76 24.36 -3.78
C LEU T 132 11.48 25.61 -4.63
N LEU T 133 11.00 25.41 -5.85
CA LEU T 133 10.71 26.54 -6.73
C LEU T 133 9.71 27.50 -6.10
N LYS T 134 8.64 26.97 -5.50
CA LYS T 134 7.60 27.82 -4.93
C LYS T 134 8.05 28.53 -3.66
N HIS T 135 9.12 28.05 -3.02
CA HIS T 135 9.75 28.77 -1.91
C HIS T 135 10.82 29.75 -2.38
N GLY T 136 10.75 30.19 -3.65
CA GLY T 136 11.70 31.15 -4.18
C GLY T 136 13.09 30.59 -4.43
N ALA T 137 13.17 29.51 -5.20
CA ALA T 137 14.46 28.99 -5.63
C ALA T 137 14.97 29.75 -6.84
N ASP T 138 16.30 29.82 -6.96
CA ASP T 138 16.94 30.56 -8.05
C ASP T 138 17.08 29.61 -9.23
N VAL T 139 16.17 29.75 -10.21
CA VAL T 139 16.19 28.87 -11.38
C VAL T 139 17.42 29.15 -12.24
N ASN T 140 17.91 30.39 -12.25
CA ASN T 140 19.07 30.76 -13.05
C ASN T 140 20.38 30.60 -12.31
N ALA T 141 20.37 29.98 -11.13
CA ALA T 141 21.60 29.77 -10.38
C ALA T 141 22.51 28.81 -11.10
N GLN T 142 23.81 29.11 -11.07
CA GLN T 142 24.82 28.32 -11.77
C GLN T 142 25.73 27.61 -10.77
N ASP T 143 26.34 26.52 -11.24
CA ASP T 143 27.30 25.77 -10.45
C ASP T 143 28.72 26.15 -10.87
N LYS T 144 29.70 25.33 -10.46
CA LYS T 144 31.09 25.59 -10.82
C LYS T 144 31.28 25.54 -12.33
N PHE T 145 30.80 24.48 -12.98
CA PHE T 145 30.95 24.35 -14.42
C PHE T 145 30.17 25.40 -15.20
N GLY T 146 29.20 26.05 -14.56
CA GLY T 146 28.43 27.09 -15.19
C GLY T 146 27.07 26.68 -15.70
N LYS T 147 26.45 25.67 -15.10
CA LYS T 147 25.21 25.10 -15.60
C LYS T 147 24.07 25.40 -14.64
N THR T 148 22.93 25.81 -15.21
CA THR T 148 21.74 26.06 -14.41
C THR T 148 20.97 24.77 -14.18
N ALA T 149 19.93 24.87 -13.35
CA ALA T 149 18.98 23.76 -13.22
C ALA T 149 18.27 23.49 -14.54
N PHE T 150 18.01 24.54 -15.32
CA PHE T 150 17.37 24.36 -16.62
C PHE T 150 18.32 23.70 -17.61
N ASP T 151 19.61 24.02 -17.55
CA ASP T 151 20.59 23.37 -18.40
C ASP T 151 20.70 21.88 -18.13
N ILE T 152 20.47 21.47 -16.87
CA ILE T 152 20.57 20.06 -16.53
C ILE T 152 19.45 19.25 -17.18
N SER T 153 18.24 19.82 -17.22
CA SER T 153 17.13 19.13 -17.88
C SER T 153 17.36 19.00 -19.37
N ILE T 154 17.95 20.03 -20.00
CA ILE T 154 18.31 19.95 -21.41
C ILE T 154 19.34 18.86 -21.65
N ASP T 155 20.36 18.80 -20.79
CA ASP T 155 21.46 17.86 -21.01
C ASP T 155 21.05 16.41 -20.75
N ASN T 156 20.10 16.19 -19.85
CA ASN T 156 19.77 14.86 -19.39
C ASN T 156 18.53 14.27 -20.04
N GLY T 157 17.92 14.95 -21.01
CA GLY T 157 16.87 14.30 -21.75
C GLY T 157 15.54 14.32 -21.07
N ASN T 158 15.42 15.03 -19.95
CA ASN T 158 14.22 15.04 -19.13
C ASN T 158 13.36 16.19 -19.61
N GLU T 159 12.29 15.89 -20.35
CA GLU T 159 11.36 16.92 -20.76
C GLU T 159 10.26 17.12 -19.74
N ASP T 160 10.01 16.12 -18.91
CA ASP T 160 9.12 16.31 -17.76
C ASP T 160 9.67 17.35 -16.80
N LEU T 161 10.99 17.46 -16.70
CA LEU T 161 11.61 18.43 -15.80
C LEU T 161 11.73 19.80 -16.45
N ALA T 162 12.00 19.85 -17.75
CA ALA T 162 12.09 21.13 -18.45
C ALA T 162 10.79 21.91 -18.35
N GLU T 163 9.66 21.22 -18.49
CA GLU T 163 8.37 21.89 -18.37
C GLU T 163 8.10 22.33 -16.94
N ILE T 164 8.54 21.53 -15.96
CA ILE T 164 8.31 21.86 -14.55
C ILE T 164 9.24 22.98 -14.09
N LEU T 165 10.30 23.28 -14.84
CA LEU T 165 11.23 24.34 -14.47
C LEU T 165 10.83 25.70 -15.01
N GLN T 166 10.08 25.74 -16.11
CA GLN T 166 9.61 26.99 -16.69
C GLN T 166 8.21 27.37 -16.24
N LYS T 167 7.58 26.55 -15.39
CA LYS T 167 6.25 26.84 -14.86
C LYS T 167 6.28 28.09 -14.00
N ASP U 13 121.60 2.88 57.85
CA ASP U 13 121.63 4.33 58.09
C ASP U 13 121.28 4.65 59.54
N LEU U 14 122.20 5.35 60.21
CA LEU U 14 121.97 5.74 61.60
C LEU U 14 121.06 6.95 61.73
N GLY U 15 121.00 7.80 60.70
CA GLY U 15 120.07 8.92 60.71
C GLY U 15 118.62 8.52 60.61
N LYS U 16 118.34 7.31 60.13
CA LYS U 16 116.98 6.82 60.01
C LYS U 16 116.51 6.13 61.29
N LYS U 17 117.42 5.53 62.04
CA LYS U 17 117.04 4.97 63.34
C LYS U 17 116.75 6.07 64.36
N LEU U 18 117.41 7.22 64.23
CA LEU U 18 117.15 8.33 65.13
C LEU U 18 115.79 8.97 64.88
N LEU U 19 115.29 8.86 63.65
CA LEU U 19 113.92 9.31 63.37
C LEU U 19 112.90 8.34 63.93
N GLU U 20 113.14 7.04 63.79
CA GLU U 20 112.26 6.03 64.36
C GLU U 20 112.11 6.21 65.87
N ALA U 21 113.21 6.50 66.57
CA ALA U 21 113.17 6.65 68.02
C ALA U 21 112.48 7.94 68.42
N ALA U 22 112.93 9.07 67.87
CA ALA U 22 112.37 10.38 68.23
C ALA U 22 110.87 10.43 68.01
N ARG U 23 110.37 9.71 67.00
CA ARG U 23 108.94 9.64 66.75
C ARG U 23 108.23 8.80 67.81
N ALA U 24 108.54 7.49 67.85
CA ALA U 24 107.85 6.59 68.76
C ALA U 24 108.11 6.92 70.23
N GLY U 25 109.17 7.69 70.52
CA GLY U 25 109.37 8.21 71.85
C GLY U 25 110.09 7.27 72.80
N GLN U 26 111.23 6.71 72.36
CA GLN U 26 112.09 5.91 73.23
C GLN U 26 113.24 6.81 73.68
N ASP U 27 113.03 7.46 74.84
CA ASP U 27 113.98 8.45 75.33
C ASP U 27 115.38 7.87 75.48
N ASP U 28 115.48 6.64 75.99
CA ASP U 28 116.79 6.06 76.25
C ASP U 28 117.53 5.75 74.96
N GLU U 29 116.84 5.19 73.97
CA GLU U 29 117.48 4.76 72.74
C GLU U 29 117.81 5.90 71.79
N VAL U 30 117.41 7.13 72.12
CA VAL U 30 117.93 8.29 71.39
C VAL U 30 119.38 8.55 71.78
N ARG U 31 119.67 8.55 73.09
CA ARG U 31 121.03 8.72 73.56
C ARG U 31 121.97 7.66 72.99
N ILE U 32 121.48 6.42 72.86
CA ILE U 32 122.30 5.35 72.28
C ILE U 32 122.66 5.69 70.84
N LEU U 33 121.65 6.05 70.04
CA LEU U 33 121.90 6.32 68.62
C LEU U 33 122.74 7.58 68.42
N MET U 34 122.57 8.57 69.30
CA MET U 34 123.35 9.79 69.20
C MET U 34 124.78 9.60 69.68
N ALA U 35 124.98 8.74 70.68
CA ALA U 35 126.33 8.38 71.09
C ALA U 35 127.07 7.65 69.98
N ASN U 36 126.35 7.07 69.02
CA ASN U 36 126.92 6.50 67.82
C ASN U 36 127.04 7.53 66.68
N GLY U 37 126.91 8.82 67.00
CA GLY U 37 127.08 9.87 66.02
C GLY U 37 126.01 9.96 64.96
N ALA U 38 124.74 9.79 65.35
CA ALA U 38 123.66 9.89 64.37
C ALA U 38 123.41 11.36 64.01
N ASP U 39 122.93 11.57 62.78
CA ASP U 39 122.71 12.91 62.26
C ASP U 39 121.53 13.55 62.97
N VAL U 40 121.81 14.59 63.76
CA VAL U 40 120.76 15.25 64.55
C VAL U 40 119.69 15.86 63.66
N ASN U 41 120.07 16.33 62.47
CA ASN U 41 119.15 16.92 61.51
C ASN U 41 118.92 16.01 60.32
N ALA U 42 118.83 14.70 60.57
CA ALA U 42 118.60 13.74 59.50
C ALA U 42 117.17 13.84 58.98
N THR U 43 117.04 14.04 57.67
CA THR U 43 115.73 14.14 57.04
C THR U 43 115.23 12.78 56.61
N ASP U 44 113.94 12.53 56.83
CA ASP U 44 113.31 11.31 56.34
C ASP U 44 113.03 11.43 54.83
N ALA U 45 111.77 11.31 54.42
CA ALA U 45 111.41 11.42 53.02
C ALA U 45 110.88 12.82 52.70
N SER U 46 109.97 13.34 53.53
CA SER U 46 109.39 14.65 53.33
C SER U 46 110.15 15.75 54.06
N GLY U 47 111.41 15.51 54.41
CA GLY U 47 112.24 16.56 54.97
C GLY U 47 112.07 16.81 56.45
N LEU U 48 111.55 15.83 57.20
CA LEU U 48 111.26 16.00 58.62
C LEU U 48 112.44 15.53 59.45
N THR U 49 113.03 16.43 60.22
CA THR U 49 114.10 16.11 61.14
C THR U 49 113.52 15.41 62.37
N PRO U 50 114.36 14.77 63.19
CA PRO U 50 113.83 14.19 64.44
C PRO U 50 113.20 15.22 65.36
N LEU U 51 113.68 16.46 65.36
CA LEU U 51 113.07 17.51 66.16
C LEU U 51 111.63 17.77 65.74
N HIS U 52 111.36 17.73 64.44
CA HIS U 52 109.99 17.77 63.94
C HIS U 52 109.13 16.70 64.60
N LEU U 53 109.60 15.45 64.55
CA LEU U 53 108.77 14.33 64.98
C LEU U 53 108.54 14.35 66.49
N ALA U 54 109.59 14.66 67.27
CA ALA U 54 109.43 14.75 68.72
C ALA U 54 108.48 15.87 69.10
N ALA U 55 108.52 17.00 68.37
CA ALA U 55 107.63 18.11 68.66
C ALA U 55 106.19 17.83 68.26
N THR U 56 105.94 16.81 67.44
CA THR U 56 104.57 16.47 67.07
C THR U 56 103.90 15.61 68.13
N TYR U 57 104.62 14.61 68.64
CA TYR U 57 104.04 13.59 69.51
C TYR U 57 104.37 13.81 70.98
N GLY U 58 104.88 14.99 71.34
CA GLY U 58 105.08 15.35 72.73
C GLY U 58 106.08 14.52 73.49
N HIS U 59 107.36 14.62 73.12
CA HIS U 59 108.44 13.93 73.81
C HIS U 59 109.44 15.01 74.25
N LEU U 60 109.14 15.63 75.40
CA LEU U 60 109.84 16.84 75.81
C LEU U 60 111.32 16.58 76.05
N GLU U 61 111.66 15.47 76.70
CA GLU U 61 113.06 15.19 76.97
C GLU U 61 113.83 14.93 75.69
N ILE U 62 113.16 14.39 74.67
CA ILE U 62 113.84 14.15 73.40
C ILE U 62 114.05 15.45 72.63
N VAL U 63 113.15 16.42 72.78
CA VAL U 63 113.33 17.72 72.14
C VAL U 63 114.53 18.44 72.73
N GLU U 64 114.60 18.52 74.06
CA GLU U 64 115.70 19.22 74.71
C GLU U 64 117.02 18.50 74.52
N VAL U 65 116.99 17.18 74.33
CA VAL U 65 118.23 16.43 74.05
C VAL U 65 118.76 16.80 72.67
N LEU U 66 117.88 16.81 71.66
CA LEU U 66 118.32 17.11 70.30
C LEU U 66 118.71 18.58 70.14
N LEU U 67 117.95 19.49 70.79
CA LEU U 67 118.23 20.91 70.64
C LEU U 67 119.62 21.27 71.16
N LYS U 68 119.99 20.76 72.34
CA LYS U 68 121.28 21.09 72.92
C LYS U 68 122.44 20.38 72.23
N HIS U 69 122.17 19.39 71.39
CA HIS U 69 123.19 18.76 70.55
C HIS U 69 123.30 19.42 69.19
N GLY U 70 122.37 20.33 68.88
CA GLY U 70 122.44 21.15 67.70
C GLY U 70 121.39 20.70 66.73
N ALA U 71 120.15 21.06 67.01
CA ALA U 71 119.03 20.72 66.15
C ALA U 71 118.51 22.03 65.57
N ASP U 72 118.31 22.04 64.26
CA ASP U 72 117.92 23.28 63.61
C ASP U 72 116.54 23.65 64.12
N VAL U 73 116.48 24.68 64.97
CA VAL U 73 115.24 25.05 65.62
C VAL U 73 114.25 25.57 64.60
N ASN U 74 114.75 26.13 63.49
CA ASN U 74 113.90 26.70 62.46
C ASN U 74 114.04 25.93 61.15
N ALA U 75 114.29 24.63 61.25
CA ALA U 75 114.33 23.77 60.07
C ALA U 75 112.94 23.63 59.48
N ILE U 76 112.85 23.72 58.17
CA ILE U 76 111.60 23.51 57.48
C ILE U 76 111.64 22.13 56.82
N ASP U 77 110.48 21.67 56.34
CA ASP U 77 110.39 20.41 55.64
C ASP U 77 109.99 20.69 54.19
N ILE U 78 109.48 19.66 53.51
CA ILE U 78 109.06 19.81 52.12
C ILE U 78 107.85 20.72 51.99
N MET U 79 107.05 20.86 53.05
CA MET U 79 105.87 21.72 53.04
C MET U 79 106.06 23.00 53.83
N GLY U 80 107.29 23.35 54.18
CA GLY U 80 107.56 24.58 54.90
C GLY U 80 107.19 24.59 56.36
N SER U 81 107.05 23.41 56.97
CA SER U 81 106.66 23.30 58.37
C SER U 81 107.89 23.32 59.26
N THR U 82 107.95 24.28 60.20
CA THR U 82 108.94 24.26 61.25
C THR U 82 108.45 23.40 62.41
N PRO U 83 109.36 22.95 63.29
CA PRO U 83 108.90 22.22 64.48
C PRO U 83 107.95 23.01 65.36
N LEU U 84 108.06 24.34 65.36
CA LEU U 84 107.12 25.16 66.12
C LEU U 84 105.72 25.09 65.54
N HIS U 85 105.60 24.99 64.21
CA HIS U 85 104.32 24.72 63.58
C HIS U 85 103.68 23.46 64.15
N LEU U 86 104.43 22.36 64.16
CA LEU U 86 103.86 21.06 64.53
C LEU U 86 103.53 20.99 66.01
N ALA U 87 104.37 21.62 66.85
CA ALA U 87 104.07 21.68 68.28
C ALA U 87 102.82 22.51 68.55
N ALA U 88 102.67 23.64 67.85
CA ALA U 88 101.50 24.49 68.03
C ALA U 88 100.25 23.88 67.42
N LEU U 89 100.40 22.97 66.45
CA LEU U 89 99.25 22.28 65.89
C LEU U 89 98.68 21.28 66.90
N ILE U 90 99.51 20.35 67.36
CA ILE U 90 99.01 19.28 68.23
C ILE U 90 98.71 19.82 69.63
N GLY U 91 99.40 20.87 70.05
CA GLY U 91 99.14 21.45 71.36
C GLY U 91 100.07 20.94 72.45
N HIS U 92 101.37 21.11 72.26
CA HIS U 92 102.38 20.66 73.22
C HIS U 92 103.00 21.93 73.83
N LEU U 93 102.32 22.47 74.84
CA LEU U 93 102.74 23.73 75.45
C LEU U 93 104.14 23.64 76.05
N GLU U 94 104.46 22.50 76.67
CA GLU U 94 105.79 22.32 77.25
C GLU U 94 106.88 22.48 76.19
N ILE U 95 106.64 21.95 74.99
CA ILE U 95 107.64 21.99 73.94
C ILE U 95 107.68 23.36 73.27
N VAL U 96 106.51 24.00 73.14
CA VAL U 96 106.42 25.30 72.49
C VAL U 96 107.36 26.30 73.15
N GLU U 97 107.32 26.36 74.48
CA GLU U 97 108.16 27.32 75.20
C GLU U 97 109.64 26.92 75.15
N VAL U 98 109.92 25.63 74.98
CA VAL U 98 111.31 25.17 74.82
C VAL U 98 111.87 25.63 73.48
N LEU U 99 111.09 25.45 72.41
CA LEU U 99 111.54 25.86 71.07
C LEU U 99 111.75 27.36 71.00
N LEU U 100 110.78 28.16 71.46
CA LEU U 100 110.92 29.61 71.41
C LEU U 100 112.14 30.08 72.20
N LYS U 101 112.41 29.44 73.35
CA LYS U 101 113.59 29.78 74.12
C LYS U 101 114.87 29.45 73.37
N HIS U 102 114.84 28.43 72.50
CA HIS U 102 115.96 28.09 71.64
C HIS U 102 115.92 28.81 70.29
N GLY U 103 115.27 29.97 70.23
CA GLY U 103 115.24 30.79 69.03
C GLY U 103 114.39 30.27 67.90
N ALA U 104 113.13 29.93 68.20
CA ALA U 104 112.22 29.48 67.16
C ALA U 104 111.61 30.67 66.43
N ASP U 105 111.11 30.40 65.22
CA ASP U 105 110.54 31.45 64.37
C ASP U 105 109.06 31.57 64.74
N VAL U 106 108.71 32.64 65.44
CA VAL U 106 107.35 32.79 65.94
C VAL U 106 106.38 33.11 64.81
N ASN U 107 106.85 33.77 63.75
CA ASN U 107 106.03 34.14 62.61
C ASN U 107 106.49 33.41 61.36
N ALA U 108 106.92 32.15 61.52
CA ALA U 108 107.24 31.30 60.38
C ALA U 108 105.99 31.03 59.56
N VAL U 109 106.17 30.92 58.25
CA VAL U 109 105.08 30.58 57.34
C VAL U 109 105.38 29.24 56.69
N ASP U 110 104.32 28.51 56.34
CA ASP U 110 104.42 27.25 55.64
C ASP U 110 103.70 27.35 54.29
N THR U 111 103.76 26.26 53.51
CA THR U 111 103.32 26.29 52.12
C THR U 111 101.86 26.71 51.97
N TRP U 112 101.03 26.54 52.99
CA TRP U 112 99.64 26.96 52.94
C TRP U 112 99.42 28.38 53.45
N GLY U 113 100.50 29.10 53.80
CA GLY U 113 100.39 30.46 54.25
C GLY U 113 100.12 30.62 55.73
N ASP U 114 100.10 29.53 56.49
CA ASP U 114 99.78 29.56 57.91
C ASP U 114 101.03 29.86 58.74
N THR U 115 100.81 30.59 59.82
CA THR U 115 101.78 30.72 60.89
C THR U 115 101.44 29.76 62.01
N PRO U 116 102.36 29.50 62.94
CA PRO U 116 101.99 28.70 64.11
C PRO U 116 100.79 29.25 64.88
N LEU U 117 100.57 30.57 64.84
CA LEU U 117 99.40 31.15 65.48
C LEU U 117 98.11 30.69 64.82
N HIS U 118 98.13 30.50 63.50
CA HIS U 118 96.96 29.97 62.82
C HIS U 118 96.60 28.57 63.34
N LEU U 119 97.61 27.71 63.50
CA LEU U 119 97.35 26.32 63.85
C LEU U 119 96.86 26.19 65.29
N ALA U 120 97.46 26.93 66.22
CA ALA U 120 97.03 26.87 67.61
C ALA U 120 95.63 27.43 67.78
N ALA U 121 95.23 28.38 66.94
CA ALA U 121 93.88 28.94 67.01
C ALA U 121 92.86 27.99 66.43
N ILE U 122 93.18 27.33 65.32
CA ILE U 122 92.24 26.39 64.70
C ILE U 122 91.94 25.23 65.65
N MET U 123 92.96 24.70 66.32
CA MET U 123 92.81 23.53 67.18
C MET U 123 92.35 23.87 68.58
N GLY U 124 92.12 25.15 68.88
CA GLY U 124 91.60 25.53 70.18
C GLY U 124 92.59 25.41 71.33
N HIS U 125 93.88 25.55 71.05
CA HIS U 125 94.91 25.52 72.10
C HIS U 125 95.11 26.94 72.64
N LEU U 126 94.12 27.40 73.42
CA LEU U 126 94.12 28.77 73.90
C LEU U 126 95.35 29.08 74.75
N GLU U 127 95.83 28.11 75.53
CA GLU U 127 96.99 28.35 76.37
C GLU U 127 98.25 28.55 75.54
N ILE U 128 98.35 27.89 74.39
CA ILE U 128 99.51 28.07 73.52
C ILE U 128 99.39 29.37 72.72
N VAL U 129 98.17 29.76 72.35
CA VAL U 129 97.94 31.00 71.61
C VAL U 129 98.56 32.18 72.36
N GLU U 130 98.32 32.25 73.67
CA GLU U 130 98.81 33.39 74.45
C GLU U 130 100.34 33.37 74.55
N VAL U 131 100.95 32.19 74.58
CA VAL U 131 102.40 32.11 74.64
C VAL U 131 103.03 32.65 73.35
N LEU U 132 102.51 32.21 72.20
CA LEU U 132 103.00 32.72 70.92
C LEU U 132 102.83 34.22 70.81
N LEU U 133 101.66 34.74 71.20
CA LEU U 133 101.40 36.16 71.11
C LEU U 133 102.43 36.98 71.89
N LYS U 134 102.77 36.56 73.10
CA LYS U 134 103.70 37.31 73.92
C LYS U 134 105.14 37.21 73.41
N HIS U 135 105.45 36.21 72.58
CA HIS U 135 106.72 36.14 71.90
C HIS U 135 106.73 36.89 70.57
N GLY U 136 105.83 37.87 70.41
CA GLY U 136 105.76 38.67 69.20
C GLY U 136 105.19 37.94 68.00
N ALA U 137 104.01 37.34 68.14
CA ALA U 137 103.32 36.75 67.00
C ALA U 137 102.56 37.81 66.21
N ASP U 138 102.44 37.58 64.91
CA ASP U 138 101.77 38.53 64.01
C ASP U 138 100.29 38.20 63.99
N VAL U 139 99.50 38.98 64.73
CA VAL U 139 98.05 38.74 64.79
C VAL U 139 97.39 39.00 63.45
N ASN U 140 97.93 39.92 62.66
CA ASN U 140 97.36 40.27 61.36
C ASN U 140 97.91 39.41 60.23
N ALA U 141 98.65 38.36 60.53
CA ALA U 141 99.17 37.48 59.49
C ALA U 141 98.04 36.76 58.78
N GLN U 142 98.15 36.65 57.46
CA GLN U 142 97.12 36.05 56.62
C GLN U 142 97.63 34.75 56.03
N ASP U 143 96.68 33.87 55.68
CA ASP U 143 96.98 32.61 55.02
C ASP U 143 96.76 32.72 53.52
N LYS U 144 96.71 31.57 52.84
CA LYS U 144 96.46 31.56 51.41
C LYS U 144 95.07 32.11 51.10
N PHE U 145 94.06 31.63 51.81
CA PHE U 145 92.69 32.09 51.59
C PHE U 145 92.49 33.55 51.97
N GLY U 146 93.40 34.12 52.76
CA GLY U 146 93.33 35.52 53.12
C GLY U 146 92.75 35.80 54.50
N LYS U 147 92.87 34.86 55.43
CA LYS U 147 92.23 34.96 56.74
C LYS U 147 93.27 35.11 57.83
N THR U 148 93.02 36.01 58.76
CA THR U 148 93.90 36.17 59.91
C THR U 148 93.53 35.17 61.00
N ALA U 149 94.35 35.13 62.05
CA ALA U 149 93.99 34.36 63.24
C ALA U 149 92.71 34.90 63.87
N PHE U 150 92.50 36.21 63.78
CA PHE U 150 91.28 36.81 64.33
C PHE U 150 90.06 36.42 63.50
N ASP U 151 90.23 36.32 62.18
CA ASP U 151 89.12 35.88 61.34
C ASP U 151 88.71 34.45 61.66
N ILE U 152 89.65 33.62 62.09
CA ILE U 152 89.34 32.22 62.41
C ILE U 152 88.46 32.15 63.65
N SER U 153 88.73 32.98 64.65
CA SER U 153 87.90 33.01 65.84
C SER U 153 86.50 33.51 65.52
N ILE U 154 86.39 34.50 64.62
CA ILE U 154 85.09 34.96 64.17
C ILE U 154 84.34 33.85 63.44
N ASP U 155 85.04 33.14 62.55
CA ASP U 155 84.39 32.12 61.73
C ASP U 155 84.02 30.88 62.53
N ASN U 156 84.78 30.57 63.58
CA ASN U 156 84.62 29.31 64.29
C ASN U 156 83.81 29.42 65.56
N GLY U 157 83.26 30.59 65.87
CA GLY U 157 82.33 30.65 66.97
C GLY U 157 82.98 30.72 68.33
N ASN U 158 84.29 30.86 68.38
CA ASN U 158 85.05 30.84 69.61
C ASN U 158 85.15 32.27 70.10
N GLU U 159 84.37 32.61 71.12
CA GLU U 159 84.47 33.94 71.72
C GLU U 159 85.50 33.95 72.84
N ASP U 160 85.80 32.79 73.40
CA ASP U 160 86.93 32.67 74.32
C ASP U 160 88.24 33.00 73.62
N LEU U 161 88.33 32.70 72.33
CA LEU U 161 89.54 32.96 71.54
C LEU U 161 89.57 34.38 70.99
N ALA U 162 88.42 34.92 70.59
CA ALA U 162 88.38 36.30 70.10
C ALA U 162 88.87 37.27 71.17
N GLU U 163 88.47 37.05 72.42
CA GLU U 163 88.93 37.91 73.51
C GLU U 163 90.42 37.70 73.77
N ILE U 164 90.91 36.47 73.62
CA ILE U 164 92.33 36.19 73.86
C ILE U 164 93.21 36.73 72.73
N LEU U 165 92.63 37.07 71.58
CA LEU U 165 93.40 37.58 70.46
C LEU U 165 93.54 39.10 70.48
N GLN U 166 92.61 39.81 71.11
CA GLN U 166 92.67 41.25 71.23
C GLN U 166 93.29 41.71 72.54
N LYS U 167 93.69 40.79 73.40
CA LYS U 167 94.32 41.12 74.68
C LYS U 167 95.66 41.82 74.45
N ARG V 2 125.35 -6.28 63.04
CA ARG V 2 126.09 -5.30 62.25
C ARG V 2 127.30 -5.94 61.57
N GLU V 3 127.05 -6.95 60.76
CA GLU V 3 128.11 -7.75 60.18
C GLU V 3 128.44 -7.32 58.76
N CYS V 4 129.62 -7.72 58.30
CA CYS V 4 130.14 -7.37 56.98
C CYS V 4 130.85 -8.58 56.38
N ILE V 5 130.55 -8.86 55.11
CA ILE V 5 131.07 -10.02 54.40
C ILE V 5 132.11 -9.53 53.40
N SER V 6 133.28 -10.21 53.39
CA SER V 6 134.34 -9.92 52.44
C SER V 6 134.36 -10.96 51.34
N ILE V 7 134.66 -10.52 50.12
CA ILE V 7 134.74 -11.38 48.95
C ILE V 7 136.04 -11.07 48.22
N HIS V 8 136.70 -12.12 47.73
CA HIS V 8 138.01 -12.00 47.09
C HIS V 8 137.96 -12.72 45.75
N VAL V 9 138.20 -11.98 44.67
CA VAL V 9 138.03 -12.46 43.31
C VAL V 9 139.36 -12.32 42.57
N GLY V 10 139.75 -13.38 41.87
CA GLY V 10 141.02 -13.40 41.17
C GLY V 10 142.21 -13.48 42.10
N GLN V 11 143.39 -13.80 41.54
CA GLN V 11 144.61 -13.88 42.35
C GLN V 11 144.83 -12.60 43.17
N ALA V 12 144.61 -11.44 42.57
CA ALA V 12 144.78 -10.18 43.29
C ALA V 12 143.94 -10.13 44.55
N GLY V 13 142.62 -10.29 44.40
CA GLY V 13 141.75 -10.35 45.57
C GLY V 13 142.19 -11.38 46.59
N VAL V 14 142.45 -12.61 46.14
CA VAL V 14 142.76 -13.70 47.06
C VAL V 14 144.07 -13.43 47.79
N GLN V 15 145.09 -12.98 47.07
CA GLN V 15 146.41 -12.81 47.68
C GLN V 15 146.49 -11.56 48.55
N ILE V 16 145.78 -10.49 48.17
CA ILE V 16 145.65 -9.34 49.07
C ILE V 16 144.79 -9.71 50.26
N GLY V 17 143.76 -10.54 50.05
CA GLY V 17 142.97 -11.04 51.16
C GLY V 17 143.82 -11.73 52.21
N ASN V 18 144.70 -12.63 51.78
CA ASN V 18 145.63 -13.27 52.70
C ASN V 18 146.40 -12.24 53.53
N ALA V 19 146.94 -11.22 52.87
CA ALA V 19 147.68 -10.18 53.58
C ALA V 19 146.80 -9.41 54.55
N CYS V 20 145.53 -9.21 54.19
CA CYS V 20 144.63 -8.46 55.06
C CYS V 20 144.15 -9.29 56.25
N TRP V 21 143.78 -10.55 56.01
CA TRP V 21 143.33 -11.40 57.11
C TRP V 21 144.48 -11.85 57.99
N GLU V 22 145.70 -11.93 57.43
CA GLU V 22 146.89 -12.04 58.26
C GLU V 22 147.01 -10.85 59.19
N LEU V 23 146.79 -9.64 58.66
CA LEU V 23 146.95 -8.42 59.45
C LEU V 23 145.77 -8.19 60.40
N TYR V 24 144.57 -8.62 60.02
CA TYR V 24 143.43 -8.52 60.93
C TYR V 24 143.63 -9.41 62.15
N CYS V 25 144.18 -10.60 61.95
CA CYS V 25 144.34 -11.55 63.06
C CYS V 25 145.42 -11.09 64.03
N LEU V 26 146.41 -10.33 63.56
CA LEU V 26 147.39 -9.74 64.46
C LEU V 26 146.80 -8.57 65.23
N GLU V 27 145.97 -7.75 64.57
CA GLU V 27 145.34 -6.62 65.25
C GLU V 27 144.31 -7.09 66.28
N HIS V 28 143.71 -8.26 66.08
CA HIS V 28 142.70 -8.78 67.00
C HIS V 28 143.23 -9.93 67.86
N GLY V 29 144.54 -10.16 67.86
CA GLY V 29 145.12 -11.22 68.66
C GLY V 29 144.54 -12.60 68.40
N ILE V 30 144.10 -12.87 67.19
CA ILE V 30 143.52 -14.16 66.83
C ILE V 30 144.62 -15.06 66.27
N GLN V 31 144.56 -16.35 66.63
CA GLN V 31 145.60 -17.31 66.30
C GLN V 31 145.40 -17.88 64.90
N PRO V 32 146.45 -18.44 64.29
CA PRO V 32 146.26 -19.07 62.97
C PRO V 32 145.29 -20.23 63.00
N ASP V 33 145.22 -20.97 64.11
CA ASP V 33 144.24 -22.04 64.24
C ASP V 33 142.84 -21.52 64.55
N GLY V 34 142.69 -20.22 64.76
CA GLY V 34 141.40 -19.60 65.00
C GLY V 34 141.12 -19.24 66.43
N GLN V 35 141.94 -19.71 67.38
CA GLN V 35 141.66 -19.46 68.78
C GLN V 35 141.99 -18.02 69.15
N MET V 36 141.65 -17.65 70.38
CA MET V 36 141.85 -16.30 70.88
C MET V 36 141.85 -16.32 72.40
N PRO V 37 142.94 -15.88 73.04
CA PRO V 37 142.98 -15.88 74.51
C PRO V 37 142.36 -14.62 75.11
N SER V 38 141.58 -13.90 74.32
CA SER V 38 141.07 -12.60 74.72
C SER V 38 139.59 -12.44 74.36
N ASP V 47 130.73 -7.76 70.44
CA ASP V 47 131.95 -6.96 70.45
C ASP V 47 132.12 -6.21 69.13
N SER V 48 133.08 -5.27 69.10
CA SER V 48 133.30 -4.47 67.90
C SER V 48 133.99 -5.25 66.80
N PHE V 49 134.83 -6.22 67.17
CA PHE V 49 135.59 -6.96 66.17
C PHE V 49 134.76 -8.05 65.49
N ASN V 50 133.63 -8.44 66.07
CA ASN V 50 132.78 -9.47 65.48
C ASN V 50 131.96 -8.96 64.31
N THR V 51 132.17 -7.71 63.89
CA THR V 51 131.66 -7.26 62.60
C THR V 51 132.24 -8.09 61.47
N PHE V 52 133.48 -8.56 61.62
CA PHE V 52 134.20 -9.28 60.59
C PHE V 52 134.28 -10.78 60.83
N PHE V 53 134.29 -11.22 62.08
CA PHE V 53 134.45 -12.62 62.43
C PHE V 53 133.18 -13.16 63.07
N SER V 54 132.92 -14.44 62.84
CA SER V 54 131.89 -15.18 63.56
C SER V 54 132.56 -16.09 64.60
N GLU V 55 131.76 -16.88 65.31
CA GLU V 55 132.27 -17.69 66.41
C GLU V 55 131.69 -19.09 66.35
N THR V 56 132.55 -20.08 66.57
CA THR V 56 132.16 -21.46 66.73
C THR V 56 131.80 -21.74 68.19
N GLY V 57 131.03 -22.81 68.40
CA GLY V 57 130.76 -23.27 69.76
C GLY V 57 132.00 -23.64 70.54
N ALA V 58 133.07 -24.01 69.85
CA ALA V 58 134.33 -24.42 70.47
C ALA V 58 135.30 -23.26 70.66
N GLY V 59 134.80 -22.03 70.77
CA GLY V 59 135.68 -20.89 71.02
C GLY V 59 136.55 -20.50 69.86
N LYS V 60 136.16 -20.83 68.64
CA LYS V 60 136.94 -20.56 67.45
C LYS V 60 136.30 -19.42 66.66
N HIS V 61 137.14 -18.53 66.13
CA HIS V 61 136.70 -17.30 65.48
C HIS V 61 136.96 -17.42 63.98
N VAL V 62 135.88 -17.48 63.20
CA VAL V 62 135.96 -17.72 61.76
C VAL V 62 135.67 -16.43 61.00
N PRO V 63 136.46 -16.11 59.98
CA PRO V 63 136.18 -14.92 59.17
C PRO V 63 134.87 -15.05 58.40
N ARG V 64 134.25 -13.90 58.12
CA ARG V 64 133.07 -13.82 57.26
C ARG V 64 133.51 -13.48 55.84
N ALA V 65 134.11 -14.48 55.17
CA ALA V 65 134.79 -14.23 53.91
C ALA V 65 134.56 -15.37 52.93
N VAL V 66 134.55 -15.02 51.65
CA VAL V 66 134.49 -15.98 50.55
C VAL V 66 135.67 -15.72 49.63
N PHE V 67 136.35 -16.79 49.22
CA PHE V 67 137.46 -16.72 48.28
C PHE V 67 137.06 -17.38 46.97
N VAL V 68 137.27 -16.68 45.86
CA VAL V 68 136.88 -17.15 44.54
C VAL V 68 138.02 -16.93 43.56
N ASP V 69 138.28 -17.94 42.74
CA ASP V 69 139.22 -17.86 41.63
C ASP V 69 138.84 -18.95 40.64
N LEU V 70 138.96 -18.64 39.35
CA LEU V 70 138.54 -19.59 38.32
C LEU V 70 139.64 -20.62 38.05
N GLU V 71 140.47 -20.89 39.06
CA GLU V 71 141.69 -21.68 38.89
C GLU V 71 142.29 -21.95 40.26
N PRO V 72 142.66 -23.21 40.54
CA PRO V 72 142.98 -23.59 41.94
C PRO V 72 144.24 -22.97 42.51
N THR V 73 145.34 -22.93 41.74
CA THR V 73 146.70 -22.75 42.27
C THR V 73 146.79 -21.76 43.44
N VAL V 74 146.19 -20.57 43.31
CA VAL V 74 146.36 -19.54 44.33
C VAL V 74 145.62 -19.92 45.61
N ILE V 75 144.37 -20.36 45.47
CA ILE V 75 143.58 -20.71 46.65
C ILE V 75 144.02 -22.04 47.25
N ASP V 76 144.64 -22.92 46.45
CA ASP V 76 145.23 -24.15 46.99
C ASP V 76 146.29 -23.83 48.04
N GLU V 77 147.05 -22.76 47.83
CA GLU V 77 148.05 -22.37 48.82
C GLU V 77 147.42 -21.83 50.10
N VAL V 78 146.18 -21.33 50.03
CA VAL V 78 145.50 -20.88 51.23
C VAL V 78 145.18 -22.06 52.13
N ARG V 79 144.57 -23.11 51.58
CA ARG V 79 144.14 -24.28 52.35
C ARG V 79 145.27 -25.27 52.64
N THR V 80 146.50 -24.94 52.25
CA THR V 80 147.66 -25.69 52.71
C THR V 80 148.71 -24.74 53.31
N GLY V 81 148.29 -23.51 53.62
CA GLY V 81 149.19 -22.50 54.14
C GLY V 81 149.10 -22.34 55.65
N THR V 82 149.73 -21.28 56.14
CA THR V 82 149.71 -20.96 57.56
C THR V 82 148.29 -20.88 58.10
N TYR V 83 147.38 -20.28 57.33
CA TYR V 83 146.01 -20.08 57.77
C TYR V 83 145.05 -21.06 57.11
N ARG V 84 145.47 -22.33 56.95
CA ARG V 84 144.56 -23.32 56.38
C ARG V 84 143.42 -23.65 57.32
N GLN V 85 143.68 -23.61 58.64
CA GLN V 85 142.67 -23.95 59.63
C GLN V 85 141.68 -22.82 59.87
N LEU V 86 142.04 -21.59 59.51
CA LEU V 86 141.19 -20.44 59.83
C LEU V 86 139.89 -20.47 59.05
N PHE V 87 139.94 -20.82 57.77
CA PHE V 87 138.77 -20.78 56.91
C PHE V 87 138.10 -22.16 56.86
N HIS V 88 136.77 -22.16 56.79
CA HIS V 88 136.06 -23.38 56.48
C HIS V 88 136.29 -23.74 55.02
N PRO V 89 136.48 -25.02 54.69
CA PRO V 89 136.78 -25.39 53.30
C PRO V 89 135.69 -25.02 52.32
N GLU V 90 134.43 -24.92 52.76
CA GLU V 90 133.35 -24.51 51.87
C GLU V 90 133.44 -23.03 51.49
N GLN V 91 134.28 -22.25 52.17
CA GLN V 91 134.44 -20.84 51.83
C GLN V 91 135.40 -20.63 50.68
N LEU V 92 136.32 -21.56 50.45
CA LEU V 92 137.33 -21.44 49.40
C LEU V 92 136.84 -22.17 48.16
N ILE V 93 136.49 -21.40 47.12
CA ILE V 93 135.89 -21.93 45.90
C ILE V 93 136.86 -21.76 44.75
N THR V 94 137.05 -22.81 43.96
CA THR V 94 137.92 -22.77 42.80
C THR V 94 137.26 -23.50 41.64
N GLY V 95 137.44 -22.97 40.43
CA GLY V 95 137.13 -23.65 39.20
C GLY V 95 138.32 -24.40 38.66
N LYS V 96 138.34 -24.60 37.34
CA LYS V 96 139.46 -25.29 36.73
C LYS V 96 140.08 -24.46 35.62
N GLU V 97 139.26 -23.97 34.69
CA GLU V 97 139.73 -23.12 33.61
C GLU V 97 139.67 -21.66 34.03
N ASP V 98 140.80 -20.97 33.97
CA ASP V 98 140.84 -19.56 34.33
C ASP V 98 140.24 -18.71 33.22
N ALA V 99 140.14 -17.39 33.46
CA ALA V 99 139.57 -16.48 32.49
C ALA V 99 140.56 -16.00 31.45
N ALA V 100 141.86 -16.23 31.67
CA ALA V 100 142.91 -15.90 30.70
C ALA V 100 142.88 -14.42 30.32
N ASN V 101 142.91 -13.56 31.35
CA ASN V 101 143.02 -12.10 31.17
C ASN V 101 141.95 -11.55 30.22
N ASN V 102 140.78 -12.18 30.20
CA ASN V 102 139.72 -11.82 29.26
C ASN V 102 138.45 -11.57 30.08
N TYR V 103 138.00 -10.31 30.08
CA TYR V 103 136.76 -9.97 30.79
C TYR V 103 135.59 -10.83 30.32
N ALA V 104 135.54 -11.12 29.01
CA ALA V 104 134.43 -11.91 28.47
C ALA V 104 134.33 -13.28 29.14
N ARG V 105 135.47 -13.97 29.31
CA ARG V 105 135.44 -15.28 29.94
C ARG V 105 135.08 -15.19 31.41
N GLY V 106 135.61 -14.17 32.11
CA GLY V 106 135.24 -13.98 33.50
C GLY V 106 133.77 -13.67 33.68
N HIS V 107 133.19 -12.88 32.77
CA HIS V 107 131.83 -12.42 32.90
C HIS V 107 130.81 -13.35 32.25
N TYR V 108 131.11 -13.83 31.04
CA TYR V 108 130.15 -14.58 30.23
C TYR V 108 130.44 -16.07 30.20
N THR V 109 131.60 -16.47 29.68
CA THR V 109 131.82 -17.87 29.32
C THR V 109 132.09 -18.75 30.53
N ILE V 110 133.14 -18.43 31.29
CA ILE V 110 133.52 -19.25 32.43
C ILE V 110 132.76 -18.85 33.69
N GLY V 111 132.52 -17.55 33.86
CA GLY V 111 131.89 -17.07 35.08
C GLY V 111 130.50 -17.63 35.32
N LYS V 112 129.74 -17.86 34.25
CA LYS V 112 128.39 -18.38 34.42
C LYS V 112 128.37 -19.82 34.92
N GLU V 113 129.46 -20.57 34.74
CA GLU V 113 129.51 -21.94 35.20
C GLU V 113 129.66 -22.06 36.72
N ILE V 114 130.05 -20.99 37.40
CA ILE V 114 130.38 -21.08 38.82
C ILE V 114 129.68 -19.99 39.63
N ILE V 115 129.07 -19.03 38.94
CA ILE V 115 128.46 -17.89 39.63
C ILE V 115 127.40 -18.35 40.62
N ASP V 116 126.64 -19.39 40.26
CA ASP V 116 125.56 -19.84 41.13
C ASP V 116 126.08 -20.53 42.38
N LEU V 117 127.12 -21.35 42.23
CA LEU V 117 127.76 -21.95 43.40
C LEU V 117 128.31 -20.86 44.33
N VAL V 118 128.84 -19.78 43.75
CA VAL V 118 129.42 -18.70 44.56
C VAL V 118 128.32 -17.97 45.34
N LEU V 119 127.24 -17.59 44.65
CA LEU V 119 126.12 -16.94 45.33
C LEU V 119 125.51 -17.84 46.40
N ASP V 120 125.52 -19.15 46.18
CA ASP V 120 124.96 -20.07 47.19
C ASP V 120 125.82 -20.09 48.44
N ARG V 121 127.14 -20.14 48.30
CA ARG V 121 128.02 -20.15 49.46
C ARG V 121 128.01 -18.80 50.18
N ILE V 122 127.67 -17.72 49.49
CA ILE V 122 127.51 -16.42 50.14
C ILE V 122 126.27 -16.43 51.01
N ARG V 123 125.19 -17.07 50.54
CA ARG V 123 123.96 -17.17 51.31
C ARG V 123 124.20 -17.88 52.65
N LYS V 124 125.12 -18.85 52.67
CA LYS V 124 125.39 -19.57 53.91
C LYS V 124 126.05 -18.67 54.96
N LEU V 125 126.88 -17.71 54.52
CA LEU V 125 127.44 -16.74 55.45
C LEU V 125 126.43 -15.67 55.82
N ALA V 126 125.56 -15.28 54.89
CA ALA V 126 124.54 -14.29 55.19
C ALA V 126 123.44 -14.87 56.07
N ASP V 127 123.21 -16.18 55.99
CA ASP V 127 122.21 -16.82 56.85
C ASP V 127 122.69 -16.89 58.30
N GLN V 128 124.01 -16.99 58.52
CA GLN V 128 124.55 -16.94 59.87
C GLN V 128 124.46 -15.54 60.47
N CYS V 129 124.32 -14.52 59.65
CA CYS V 129 124.33 -13.13 60.10
C CYS V 129 122.90 -12.63 60.35
N THR V 130 122.77 -11.72 61.30
CA THR V 130 121.48 -11.19 61.70
C THR V 130 121.19 -9.85 61.05
N GLY V 131 122.07 -8.87 61.24
CA GLY V 131 121.89 -7.56 60.64
C GLY V 131 122.97 -7.21 59.65
N LEU V 132 122.99 -7.91 58.52
CA LEU V 132 124.06 -7.75 57.54
C LEU V 132 124.07 -6.35 56.95
N GLN V 133 125.26 -5.76 56.86
CA GLN V 133 125.44 -4.40 56.35
C GLN V 133 125.63 -4.36 54.84
N GLY V 134 126.48 -5.23 54.30
CA GLY V 134 126.88 -5.12 52.91
C GLY V 134 128.11 -5.96 52.64
N PHE V 135 128.81 -5.60 51.56
CA PHE V 135 129.88 -6.42 51.02
C PHE V 135 131.12 -5.59 50.73
N SER V 136 132.28 -6.14 51.05
CA SER V 136 133.57 -5.63 50.61
C SER V 136 134.11 -6.54 49.51
N VAL V 137 134.59 -5.95 48.43
CA VAL V 137 134.98 -6.70 47.23
C VAL V 137 136.42 -6.35 46.87
N PHE V 138 137.24 -7.37 46.69
CA PHE V 138 138.66 -7.22 46.40
C PHE V 138 138.95 -7.91 45.07
N HIS V 139 139.54 -7.18 44.12
CA HIS V 139 139.76 -7.72 42.79
C HIS V 139 140.70 -6.82 42.02
N SER V 140 141.35 -7.40 41.03
CA SER V 140 142.16 -6.64 40.08
C SER V 140 141.26 -6.03 38.99
N PHE V 141 141.85 -5.09 38.26
CA PHE V 141 141.26 -4.53 37.05
C PHE V 141 141.64 -5.33 35.80
N GLY V 142 142.94 -5.50 35.55
CA GLY V 142 143.37 -6.15 34.32
C GLY V 142 143.09 -7.63 34.24
N GLY V 143 142.92 -8.30 35.38
CA GLY V 143 142.64 -9.72 35.37
C GLY V 143 141.34 -10.04 34.67
N GLY V 144 141.30 -11.23 34.06
CA GLY V 144 140.06 -11.68 33.46
C GLY V 144 139.02 -12.05 34.51
N THR V 145 139.42 -12.84 35.50
CA THR V 145 138.55 -13.12 36.64
C THR V 145 138.21 -11.85 37.40
N GLY V 146 139.24 -11.07 37.76
CA GLY V 146 139.00 -9.87 38.56
C GLY V 146 138.05 -8.89 37.92
N SER V 147 138.19 -8.67 36.60
CA SER V 147 137.29 -7.75 35.90
C SER V 147 135.96 -8.42 35.57
N GLY V 148 136.01 -9.57 34.89
CA GLY V 148 134.78 -10.15 34.36
C GLY V 148 133.88 -10.72 35.44
N PHE V 149 134.43 -11.62 36.27
CA PHE V 149 133.57 -12.31 37.24
C PHE V 149 133.03 -11.37 38.30
N THR V 150 133.87 -10.45 38.80
CA THR V 150 133.40 -9.49 39.78
C THR V 150 132.21 -8.69 39.27
N SER V 151 132.36 -8.08 38.09
CA SER V 151 131.26 -7.29 37.51
C SER V 151 129.99 -8.13 37.39
N LEU V 152 130.12 -9.41 37.06
CA LEU V 152 128.95 -10.29 37.07
C LEU V 152 128.41 -10.48 38.48
N LEU V 153 129.30 -10.84 39.42
CA LEU V 153 128.88 -11.05 40.80
C LEU V 153 128.26 -9.78 41.39
N MET V 154 128.78 -8.61 41.03
CA MET V 154 128.20 -7.36 41.53
C MET V 154 126.79 -7.14 41.01
N GLU V 155 126.55 -7.50 39.74
CA GLU V 155 125.19 -7.44 39.19
C GLU V 155 124.23 -8.29 40.00
N ARG V 156 124.63 -9.53 40.30
CA ARG V 156 123.74 -10.46 40.96
C ARG V 156 123.57 -10.16 42.45
N LEU V 157 124.57 -9.52 43.07
CA LEU V 157 124.40 -9.13 44.46
C LEU V 157 123.46 -7.93 44.59
N SER V 158 123.40 -7.09 43.57
CA SER V 158 122.42 -6.00 43.55
C SER V 158 120.98 -6.52 43.38
N VAL V 159 120.81 -7.80 43.11
CA VAL V 159 119.49 -8.42 43.06
C VAL V 159 119.22 -9.14 44.38
N ASP V 160 120.05 -10.14 44.68
CA ASP V 160 119.82 -11.00 45.84
C ASP V 160 120.03 -10.29 47.17
N TYR V 161 120.67 -9.12 47.17
CA TYR V 161 120.88 -8.34 48.39
C TYR V 161 120.73 -6.85 48.11
N GLY V 162 119.83 -6.49 47.18
CA GLY V 162 119.85 -5.16 46.58
C GLY V 162 119.81 -4.00 47.57
N LYS V 163 119.13 -4.18 48.70
CA LYS V 163 118.90 -3.07 49.62
C LYS V 163 120.03 -2.89 50.63
N LYS V 164 121.29 -2.98 50.21
CA LYS V 164 122.41 -2.78 51.13
C LYS V 164 123.65 -2.40 50.33
N SER V 165 124.70 -2.04 51.06
CA SER V 165 125.88 -1.39 50.49
C SER V 165 126.84 -2.40 49.90
N LYS V 166 127.69 -1.92 48.99
CA LYS V 166 128.75 -2.72 48.38
C LYS V 166 129.94 -1.81 48.09
N LEU V 167 131.12 -2.19 48.59
CA LEU V 167 132.32 -1.39 48.46
C LEU V 167 133.40 -2.16 47.69
N GLU V 168 134.10 -1.44 46.81
CA GLU V 168 135.14 -2.02 45.97
C GLU V 168 136.53 -1.70 46.50
N PHE V 169 137.47 -2.61 46.23
CA PHE V 169 138.90 -2.36 46.43
C PHE V 169 139.61 -2.87 45.18
N SER V 170 139.72 -2.00 44.18
CA SER V 170 140.27 -2.36 42.88
C SER V 170 141.76 -2.11 42.81
N ILE V 171 142.45 -2.95 42.05
CA ILE V 171 143.88 -2.83 41.83
C ILE V 171 144.06 -2.21 40.44
N TYR V 172 144.35 -0.92 40.42
CA TYR V 172 144.58 -0.21 39.17
C TYR V 172 145.87 -0.73 38.52
N PRO V 173 145.86 -1.03 37.23
CA PRO V 173 147.01 -1.71 36.62
C PRO V 173 148.20 -0.79 36.42
N ALA V 174 149.37 -1.42 36.28
CA ALA V 174 150.64 -0.72 36.15
C ALA V 174 151.63 -1.58 35.38
N PRO V 175 152.21 -1.05 34.29
CA PRO V 175 153.10 -1.85 33.44
C PRO V 175 154.25 -2.53 34.17
N GLN V 176 154.60 -2.05 35.37
CA GLN V 176 155.74 -2.61 36.09
C GLN V 176 155.46 -4.02 36.63
N VAL V 177 154.20 -4.37 36.83
CA VAL V 177 153.83 -5.71 37.28
C VAL V 177 152.74 -6.28 36.38
N SER V 178 152.46 -5.59 35.28
CA SER V 178 151.35 -5.96 34.42
C SER V 178 151.63 -7.30 33.74
N THR V 179 150.62 -8.18 33.74
CA THR V 179 150.73 -9.49 33.13
C THR V 179 150.10 -9.57 31.74
N ALA V 180 149.37 -8.54 31.32
CA ALA V 180 148.60 -8.61 30.08
C ALA V 180 148.65 -7.27 29.36
N VAL V 181 148.53 -7.35 28.02
CA VAL V 181 148.40 -6.15 27.21
C VAL V 181 146.99 -5.57 27.31
N VAL V 182 145.99 -6.43 27.52
CA VAL V 182 144.58 -6.05 27.39
C VAL V 182 144.03 -5.53 28.71
N GLU V 183 144.91 -5.23 29.66
CA GLU V 183 144.45 -4.75 30.96
C GLU V 183 143.69 -3.43 30.87
N PRO V 184 144.03 -2.49 29.99
CA PRO V 184 143.12 -1.34 29.77
C PRO V 184 141.72 -1.74 29.39
N TYR V 185 141.58 -2.69 28.46
CA TYR V 185 140.25 -3.20 28.09
C TYR V 185 139.48 -3.69 29.31
N ASN V 186 140.07 -4.63 30.06
CA ASN V 186 139.38 -5.22 31.20
C ASN V 186 139.01 -4.17 32.23
N SER V 187 139.89 -3.20 32.46
CA SER V 187 139.60 -2.13 33.43
C SER V 187 138.37 -1.33 33.01
N ILE V 188 138.37 -0.83 31.77
CA ILE V 188 137.23 -0.06 31.28
C ILE V 188 135.96 -0.89 31.31
N LEU V 189 136.04 -2.16 30.92
CA LEU V 189 134.84 -2.98 30.80
C LEU V 189 134.18 -3.23 32.15
N THR V 190 134.97 -3.57 33.18
CA THR V 190 134.38 -3.81 34.49
C THR V 190 133.92 -2.50 35.13
N THR V 191 134.67 -1.42 34.96
CA THR V 191 134.29 -0.14 35.55
C THR V 191 132.98 0.37 34.94
N HIS V 192 132.70 -0.01 33.70
CA HIS V 192 131.43 0.36 33.08
C HIS V 192 130.26 -0.40 33.71
N THR V 193 130.36 -1.73 33.78
CA THR V 193 129.27 -2.55 34.26
C THR V 193 129.17 -2.59 35.78
N THR V 194 130.23 -2.23 36.50
CA THR V 194 130.21 -2.20 37.96
C THR V 194 129.98 -0.79 38.50
N LEU V 195 129.84 0.21 37.62
CA LEU V 195 129.65 1.59 38.07
C LEU V 195 128.33 1.75 38.80
N GLU V 196 127.25 1.23 38.20
CA GLU V 196 125.93 1.37 38.79
C GLU V 196 125.75 0.51 40.03
N HIS V 197 126.51 -0.57 40.17
CA HIS V 197 126.32 -1.53 41.23
C HIS V 197 127.27 -1.34 42.41
N SER V 198 128.14 -0.32 42.36
CA SER V 198 129.08 -0.05 43.43
C SER V 198 128.74 1.28 44.08
N ASP V 199 128.70 1.30 45.41
CA ASP V 199 128.43 2.53 46.15
C ASP V 199 129.69 3.36 46.39
N CYS V 200 130.83 2.71 46.60
CA CYS V 200 132.10 3.41 46.77
C CYS V 200 133.22 2.44 46.41
N ALA V 201 134.33 3.00 45.93
CA ALA V 201 135.40 2.18 45.35
C ALA V 201 136.74 2.86 45.55
N PHE V 202 137.66 2.17 46.23
CA PHE V 202 139.01 2.66 46.48
C PHE V 202 139.96 2.04 45.46
N MET V 203 140.48 2.86 44.55
CA MET V 203 141.47 2.40 43.60
C MET V 203 142.84 2.34 44.24
N VAL V 204 143.65 1.37 43.78
CA VAL V 204 145.04 1.20 44.23
C VAL V 204 145.90 1.11 42.98
N ASP V 205 146.61 2.18 42.66
CA ASP V 205 147.55 2.16 41.55
C ASP V 205 148.77 1.34 41.93
N ASN V 206 148.98 0.21 41.24
CA ASN V 206 150.15 -0.61 41.52
C ASN V 206 151.45 0.12 41.24
N GLU V 207 151.40 1.19 40.44
CA GLU V 207 152.60 1.98 40.19
C GLU V 207 152.98 2.80 41.42
N ALA V 208 151.99 3.46 42.03
CA ALA V 208 152.25 4.20 43.27
C ALA V 208 152.76 3.28 44.36
N ILE V 209 152.11 2.12 44.54
CA ILE V 209 152.58 1.14 45.52
C ILE V 209 153.98 0.66 45.16
N TYR V 210 154.25 0.52 43.87
CA TYR V 210 155.60 0.19 43.42
C TYR V 210 156.58 1.32 43.74
N ASP V 211 156.23 2.54 43.34
CA ASP V 211 157.09 3.70 43.61
C ASP V 211 157.38 3.84 45.10
N ILE V 212 156.35 3.69 45.94
CA ILE V 212 156.52 3.84 47.39
C ILE V 212 157.49 2.79 47.93
N CYS V 213 157.33 1.53 47.50
CA CYS V 213 158.18 0.46 48.01
C CYS V 213 159.64 0.65 47.59
N ARG V 214 159.89 1.31 46.46
CA ARG V 214 161.26 1.52 46.01
C ARG V 214 161.91 2.68 46.75
N ARG V 215 161.14 3.69 47.15
CA ARG V 215 161.69 4.88 47.80
C ARG V 215 161.74 4.74 49.32
N ASN V 216 160.60 4.47 49.94
CA ASN V 216 160.49 4.55 51.39
C ASN V 216 160.73 3.21 52.09
N LEU V 217 160.43 2.10 51.43
CA LEU V 217 160.79 0.79 51.95
C LEU V 217 162.17 0.34 51.48
N ASP V 218 162.74 1.03 50.49
CA ASP V 218 164.09 0.80 50.01
C ASP V 218 164.26 -0.64 49.48
N ILE V 219 163.49 -0.94 48.43
CA ILE V 219 163.53 -2.23 47.76
C ILE V 219 163.81 -1.99 46.29
N GLU V 220 164.75 -2.76 45.73
CA GLU V 220 165.10 -2.61 44.32
C GLU V 220 163.96 -3.07 43.42
N ARG V 221 163.62 -4.35 43.48
CA ARG V 221 162.53 -4.92 42.68
C ARG V 221 161.51 -5.55 43.64
N PRO V 222 160.46 -4.80 44.01
CA PRO V 222 159.47 -5.36 44.93
C PRO V 222 158.77 -6.58 44.35
N THR V 223 158.35 -7.47 45.26
CA THR V 223 157.51 -8.61 44.91
C THR V 223 156.06 -8.31 45.23
N TYR V 224 155.19 -9.28 44.92
CA TYR V 224 153.77 -9.12 45.24
C TYR V 224 153.55 -9.10 46.75
N THR V 225 154.31 -9.89 47.49
CA THR V 225 154.24 -9.84 48.95
C THR V 225 154.53 -8.44 49.47
N ASN V 226 155.58 -7.80 48.93
CA ASN V 226 155.87 -6.42 49.30
C ASN V 226 154.68 -5.50 49.05
N LEU V 227 154.12 -5.54 47.84
CA LEU V 227 153.01 -4.66 47.51
C LEU V 227 151.76 -5.01 48.32
N ASN V 228 151.47 -6.30 48.49
CA ASN V 228 150.26 -6.71 49.19
C ASN V 228 150.31 -6.29 50.67
N ARG V 229 151.47 -6.45 51.31
CA ARG V 229 151.60 -6.05 52.71
C ARG V 229 151.39 -4.54 52.87
N LEU V 230 152.05 -3.74 52.02
CA LEU V 230 151.81 -2.30 52.02
C LEU V 230 150.34 -1.98 51.80
N ILE V 231 149.72 -2.64 50.82
CA ILE V 231 148.31 -2.42 50.53
C ILE V 231 147.46 -2.85 51.72
N GLY V 232 147.75 -4.02 52.28
CA GLY V 232 147.01 -4.50 53.44
C GLY V 232 147.07 -3.54 54.62
N GLN V 233 148.21 -2.87 54.79
CA GLN V 233 148.32 -1.85 55.83
C GLN V 233 147.35 -0.71 55.59
N ILE V 234 147.23 -0.24 54.35
CA ILE V 234 146.37 0.89 54.06
C ILE V 234 144.90 0.46 54.05
N VAL V 235 144.62 -0.80 53.68
CA VAL V 235 143.27 -1.32 53.78
C VAL V 235 142.85 -1.41 55.24
N SER V 236 143.75 -1.87 56.11
CA SER V 236 143.47 -1.93 57.54
C SER V 236 143.09 -0.55 58.09
N SER V 237 143.77 0.50 57.63
CA SER V 237 143.49 1.85 58.12
C SER V 237 142.07 2.29 57.78
N ILE V 238 141.53 1.83 56.65
CA ILE V 238 140.19 2.25 56.24
C ILE V 238 139.13 1.45 56.97
N THR V 239 139.36 0.15 57.16
CA THR V 239 138.41 -0.71 57.84
C THR V 239 138.57 -0.72 59.36
N ALA V 240 139.53 0.05 59.88
CA ALA V 240 139.74 0.10 61.33
C ALA V 240 138.50 0.66 62.03
N SER V 241 137.84 1.64 61.42
CA SER V 241 136.64 2.22 62.01
C SER V 241 135.52 1.21 62.16
N LEU V 242 135.46 0.20 61.30
CA LEU V 242 134.42 -0.81 61.35
C LEU V 242 134.74 -1.96 62.31
N ARG V 243 136.01 -2.12 62.68
CA ARG V 243 136.43 -3.28 63.44
C ARG V 243 136.71 -2.99 64.91
N PHE V 244 136.83 -1.71 65.28
CA PHE V 244 137.12 -1.32 66.65
C PHE V 244 136.10 -0.36 67.24
N ASP V 245 135.03 -0.06 66.50
CA ASP V 245 133.98 0.88 66.93
C ASP V 245 134.59 2.25 67.27
N GLY V 246 134.99 2.96 66.22
CA GLY V 246 135.45 4.33 66.34
C GLY V 246 134.29 5.30 66.41
N ALA V 247 134.60 6.56 66.11
CA ALA V 247 133.59 7.61 66.01
C ALA V 247 133.19 7.92 64.57
N LEU V 248 134.14 7.90 63.65
CA LEU V 248 133.90 8.17 62.24
C LEU V 248 133.80 6.87 61.45
N ASN V 249 132.97 6.88 60.42
CA ASN V 249 132.82 5.76 59.48
C ASN V 249 132.56 4.45 60.20
N VAL V 250 131.56 4.45 61.09
CA VAL V 250 131.30 3.27 61.91
C VAL V 250 130.51 2.19 61.17
N ASP V 251 129.86 2.54 60.05
CA ASP V 251 129.15 1.56 59.25
C ASP V 251 129.28 1.92 57.77
N LEU V 252 128.86 0.98 56.93
CA LEU V 252 129.15 1.08 55.49
C LEU V 252 128.43 2.25 54.84
N THR V 253 127.27 2.64 55.36
CA THR V 253 126.54 3.77 54.79
C THR V 253 127.32 5.07 54.95
N GLU V 254 128.00 5.24 56.09
CA GLU V 254 128.70 6.49 56.38
C GLU V 254 129.78 6.78 55.36
N PHE V 255 130.37 5.75 54.74
CA PHE V 255 131.34 5.97 53.67
C PHE V 255 130.73 6.76 52.52
N GLN V 256 129.50 6.40 52.12
CA GLN V 256 128.83 7.14 51.07
C GLN V 256 128.43 8.53 51.55
N THR V 257 127.93 8.63 52.78
CA THR V 257 127.52 9.92 53.33
C THR V 257 128.68 10.91 53.32
N ASN V 258 129.84 10.49 53.81
CA ASN V 258 130.95 11.44 54.00
C ASN V 258 131.71 11.69 52.71
N LEU V 259 131.86 10.68 51.85
CA LEU V 259 132.77 10.75 50.74
C LEU V 259 132.10 10.83 49.37
N VAL V 260 130.79 10.58 49.27
CA VAL V 260 130.14 10.45 47.97
C VAL V 260 129.03 11.50 47.84
N PRO V 261 129.32 12.66 47.24
CA PRO V 261 128.25 13.65 47.00
C PRO V 261 127.70 13.57 45.58
N TYR V 262 127.92 12.43 44.93
CA TYR V 262 127.45 12.18 43.57
C TYR V 262 127.54 10.68 43.32
N PRO V 263 126.40 10.00 43.08
CA PRO V 263 126.42 8.54 42.92
C PRO V 263 127.51 8.03 41.99
N ARG V 264 127.69 8.66 40.82
CA ARG V 264 128.70 8.20 39.87
C ARG V 264 130.11 8.44 40.39
N ALA V 265 130.42 9.69 40.75
CA ALA V 265 131.75 10.05 41.23
C ALA V 265 131.94 9.53 42.66
N HIS V 266 132.24 8.23 42.76
CA HIS V 266 132.40 7.55 44.03
C HIS V 266 133.78 6.89 44.15
N PHE V 267 134.83 7.60 43.74
CA PHE V 267 136.18 7.04 43.68
C PHE V 267 137.12 7.90 44.52
N PRO V 268 137.28 7.60 45.81
CA PRO V 268 138.16 8.41 46.66
C PRO V 268 139.64 8.13 46.43
N LEU V 269 140.43 9.18 46.63
CA LEU V 269 141.89 9.06 46.69
C LEU V 269 142.33 8.82 48.13
N ALA V 270 143.08 7.75 48.35
CA ALA V 270 143.60 7.41 49.67
C ALA V 270 145.09 7.76 49.76
N THR V 271 145.47 8.43 50.85
CA THR V 271 146.85 8.80 51.11
C THR V 271 147.22 8.31 52.51
N TYR V 272 148.36 7.63 52.62
CA TYR V 272 148.76 6.98 53.87
C TYR V 272 150.16 7.42 54.25
N ALA V 273 150.33 7.88 55.48
CA ALA V 273 151.61 8.20 56.08
C ALA V 273 151.62 7.77 57.53
N PRO V 274 152.78 7.37 58.06
CA PRO V 274 154.08 7.25 57.39
C PRO V 274 154.46 5.82 57.06
N VAL V 275 155.26 5.65 56.02
CA VAL V 275 155.75 4.34 55.58
C VAL V 275 157.24 4.29 55.92
N ILE V 276 157.56 3.67 57.06
CA ILE V 276 158.90 3.70 57.62
C ILE V 276 159.55 2.33 57.42
N SER V 277 160.73 2.32 56.80
CA SER V 277 161.49 1.10 56.63
C SER V 277 161.94 0.56 57.98
N ALA V 278 162.15 -0.75 58.04
CA ALA V 278 162.61 -1.41 59.27
C ALA V 278 164.12 -1.57 59.27
N GLU V 279 164.81 -0.43 59.11
CA GLU V 279 166.26 -0.39 59.06
C GLU V 279 166.77 1.04 59.14
N GLN V 285 160.57 8.48 65.90
CA GLN V 285 159.21 8.59 65.39
C GLN V 285 158.90 10.00 64.91
N LEU V 286 157.93 10.13 64.01
CA LEU V 286 157.53 11.41 63.47
C LEU V 286 156.46 12.06 64.34
N SER V 287 156.11 13.30 64.01
CA SER V 287 155.11 14.06 64.74
C SER V 287 153.75 13.94 64.07
N VAL V 288 152.73 14.45 64.76
CA VAL V 288 151.39 14.50 64.18
C VAL V 288 151.34 15.48 63.02
N ALA V 289 152.03 16.61 63.14
CA ALA V 289 152.05 17.60 62.07
C ALA V 289 152.80 17.08 60.85
N GLU V 290 153.92 16.39 61.07
CA GLU V 290 154.73 15.91 59.95
C GLU V 290 153.97 14.89 59.10
N ILE V 291 153.23 13.98 59.74
CA ILE V 291 152.51 12.97 58.98
C ILE V 291 151.30 13.57 58.27
N THR V 292 150.71 14.63 58.85
CA THR V 292 149.55 15.25 58.22
C THR V 292 149.93 16.09 57.00
N ASN V 293 151.14 16.67 57.00
CA ASN V 293 151.63 17.32 55.80
C ASN V 293 151.89 16.32 54.69
N ALA V 294 152.30 15.10 55.06
CA ALA V 294 152.55 14.06 54.06
C ALA V 294 151.28 13.57 53.40
N CYS V 295 150.10 13.85 54.00
CA CYS V 295 148.84 13.49 53.36
C CYS V 295 148.56 14.35 52.13
N PHE V 296 149.17 15.52 52.02
CA PHE V 296 149.03 16.39 50.86
C PHE V 296 150.28 16.38 49.99
N GLU V 297 151.13 15.36 50.13
CA GLU V 297 152.26 15.15 49.25
C GLU V 297 151.91 14.07 48.24
N PRO V 298 151.99 14.34 46.94
CA PRO V 298 151.58 13.32 45.96
C PRO V 298 152.37 12.02 46.05
N ALA V 299 153.62 12.08 46.53
CA ALA V 299 154.47 10.89 46.58
C ALA V 299 153.88 9.78 47.44
N ASN V 300 152.98 10.10 48.37
CA ASN V 300 152.43 9.11 49.29
C ASN V 300 151.00 8.72 48.94
N GLN V 301 150.53 9.07 47.75
CA GLN V 301 149.20 8.69 47.32
C GLN V 301 149.19 7.24 46.83
N MET V 302 148.00 6.64 46.85
CA MET V 302 147.82 5.31 46.30
C MET V 302 147.48 5.33 44.80
N VAL V 303 147.02 6.48 44.30
CA VAL V 303 146.75 6.67 42.88
C VAL V 303 147.56 7.88 42.42
N LYS V 304 148.31 7.70 41.33
CA LYS V 304 149.23 8.73 40.85
C LYS V 304 148.46 9.83 40.14
N CYS V 305 148.34 10.98 40.79
CA CYS V 305 147.76 12.17 40.19
C CYS V 305 148.22 13.38 40.98
N ASP V 306 147.74 14.56 40.60
CA ASP V 306 148.09 15.81 41.26
C ASP V 306 146.85 16.51 41.76
N PRO V 307 146.50 16.38 43.04
CA PRO V 307 145.29 17.05 43.56
C PRO V 307 145.33 18.56 43.43
N ARG V 308 146.52 19.16 43.28
CA ARG V 308 146.60 20.61 43.06
C ARG V 308 145.87 21.04 41.80
N HIS V 309 145.71 20.14 40.83
CA HIS V 309 144.99 20.41 39.59
C HIS V 309 143.51 20.10 39.69
N GLY V 310 142.95 19.98 40.90
CA GLY V 310 141.57 19.57 41.05
C GLY V 310 140.94 20.12 42.31
N LYS V 311 139.61 19.99 42.37
CA LYS V 311 138.81 20.48 43.48
C LYS V 311 138.39 19.33 44.38
N TYR V 312 138.40 19.58 45.68
CA TYR V 312 138.01 18.58 46.67
C TYR V 312 136.50 18.59 46.88
N MET V 313 135.89 17.40 46.81
CA MET V 313 134.48 17.26 47.16
C MET V 313 134.27 16.88 48.63
N ALA V 314 135.23 16.17 49.23
CA ALA V 314 135.18 15.79 50.63
C ALA V 314 136.58 15.38 51.06
N CYS V 315 136.77 15.22 52.36
CA CYS V 315 138.10 14.91 52.89
C CYS V 315 137.96 14.42 54.32
N CYS V 316 138.41 13.19 54.59
CA CYS V 316 138.43 12.62 55.92
C CYS V 316 139.86 12.26 56.32
N LEU V 317 140.14 12.34 57.62
CA LEU V 317 141.42 11.96 58.19
C LEU V 317 141.19 10.90 59.26
N LEU V 318 141.82 9.73 59.09
CA LEU V 318 141.69 8.63 60.03
C LEU V 318 143.04 8.39 60.70
N TYR V 319 143.24 9.04 61.85
CA TYR V 319 144.44 8.84 62.65
C TYR V 319 144.30 7.59 63.51
N ARG V 320 145.43 6.95 63.79
CA ARG V 320 145.44 5.84 64.73
C ARG V 320 146.79 5.79 65.44
N GLY V 321 146.74 5.74 66.77
CA GLY V 321 147.95 5.60 67.56
C GLY V 321 148.09 6.66 68.65
N ASP V 322 149.33 7.00 68.97
CA ASP V 322 149.65 8.03 69.98
C ASP V 322 149.39 9.40 69.38
N VAL V 323 148.14 9.86 69.52
CA VAL V 323 147.70 11.11 68.90
C VAL V 323 146.95 11.94 69.94
N VAL V 324 147.31 13.22 70.04
CA VAL V 324 146.63 14.18 70.90
C VAL V 324 145.64 14.94 70.04
N PRO V 325 144.34 14.94 70.36
CA PRO V 325 143.36 15.63 69.52
C PRO V 325 143.69 17.09 69.22
N LYS V 326 144.46 17.75 70.09
CA LYS V 326 144.82 19.14 69.83
C LYS V 326 145.90 19.27 68.77
N ASP V 327 146.84 18.32 68.75
CA ASP V 327 147.85 18.29 67.67
C ASP V 327 147.18 18.22 66.31
N VAL V 328 146.09 17.45 66.20
CA VAL V 328 145.36 17.33 64.94
C VAL V 328 144.82 18.70 64.51
N ASN V 329 144.14 19.40 65.42
CA ASN V 329 143.55 20.69 65.08
C ASN V 329 144.61 21.71 64.70
N ALA V 330 145.78 21.64 65.35
CA ALA V 330 146.90 22.50 64.94
C ALA V 330 147.38 22.14 63.54
N ALA V 331 147.62 20.85 63.29
CA ALA V 331 148.06 20.42 61.97
C ALA V 331 147.02 20.73 60.90
N ILE V 332 145.73 20.71 61.25
CA ILE V 332 144.69 21.08 60.30
C ILE V 332 144.78 22.56 59.97
N ALA V 333 144.83 23.41 61.00
CA ALA V 333 144.88 24.86 60.78
C ALA V 333 146.13 25.26 59.99
N THR V 334 147.26 24.60 60.27
CA THR V 334 148.48 24.84 59.50
C THR V 334 148.23 24.61 58.01
N ILE V 335 147.65 23.46 57.65
CA ILE V 335 147.45 23.14 56.25
C ILE V 335 146.33 23.98 55.65
N LYS V 336 145.30 24.28 56.44
CA LYS V 336 144.20 25.11 55.93
C LYS V 336 144.63 26.56 55.73
N THR V 337 145.68 27.01 56.42
CA THR V 337 146.21 28.36 56.25
C THR V 337 147.45 28.43 55.37
N LYS V 338 148.38 27.49 55.52
CA LYS V 338 149.66 27.57 54.84
C LYS V 338 149.72 26.75 53.55
N ARG V 339 148.60 26.14 53.16
CA ARG V 339 148.44 25.59 51.81
C ARG V 339 147.09 26.04 51.27
N THR V 340 146.94 25.95 49.96
CA THR V 340 145.73 26.39 49.27
C THR V 340 145.00 25.18 48.73
N ILE V 341 144.29 24.48 49.61
CA ILE V 341 143.48 23.32 49.22
C ILE V 341 142.15 23.87 48.72
N GLN V 342 141.97 23.89 47.41
CA GLN V 342 140.75 24.41 46.80
C GLN V 342 139.60 23.42 46.97
N PHE V 343 138.46 23.91 47.44
CA PHE V 343 137.24 23.14 47.55
C PHE V 343 136.20 23.63 46.55
N VAL V 344 135.19 22.80 46.32
CA VAL V 344 134.02 23.23 45.57
C VAL V 344 133.13 24.06 46.48
N ASP V 345 132.37 24.99 45.88
CA ASP V 345 131.58 25.92 46.68
C ASP V 345 130.38 25.25 47.36
N TRP V 346 129.90 24.13 46.82
CA TRP V 346 128.74 23.44 47.37
C TRP V 346 129.13 22.30 48.32
N CYS V 347 130.24 22.46 49.04
CA CYS V 347 130.76 21.48 49.98
C CYS V 347 130.80 22.07 51.39
N PRO V 348 130.67 21.23 52.43
CA PRO V 348 130.89 21.73 53.79
C PRO V 348 132.26 22.36 54.00
N THR V 349 133.28 21.92 53.27
CA THR V 349 134.64 22.46 53.26
C THR V 349 135.37 22.22 54.59
N GLY V 350 134.74 21.54 55.54
CA GLY V 350 135.37 21.22 56.81
C GLY V 350 135.91 19.80 56.81
N PHE V 351 137.13 19.65 57.33
CA PHE V 351 137.80 18.35 57.36
C PHE V 351 137.24 17.50 58.49
N LYS V 352 136.65 16.36 58.14
CA LYS V 352 136.21 15.39 59.14
C LYS V 352 137.39 14.55 59.62
N VAL V 353 137.37 14.19 60.91
CA VAL V 353 138.48 13.46 61.52
C VAL V 353 137.94 12.42 62.49
N GLY V 354 138.69 11.32 62.62
CA GLY V 354 138.45 10.35 63.67
C GLY V 354 139.75 9.70 64.08
N ILE V 355 139.80 9.22 65.31
CA ILE V 355 141.02 8.69 65.91
C ILE V 355 140.73 7.35 66.57
N ASN V 356 141.71 6.44 66.50
CA ASN V 356 141.64 5.14 67.16
C ASN V 356 143.00 4.89 67.81
N TYR V 357 143.04 4.92 69.14
CA TYR V 357 144.31 5.00 69.87
C TYR V 357 145.16 3.73 69.79
N GLU V 358 144.72 2.70 69.07
CA GLU V 358 145.53 1.49 68.99
C GLU V 358 146.65 1.65 67.97
N PRO V 359 147.83 1.09 68.23
CA PRO V 359 148.99 1.33 67.36
C PRO V 359 148.90 0.52 66.08
N PRO V 360 149.48 1.03 64.98
CA PRO V 360 149.50 0.27 63.73
C PRO V 360 150.31 -1.02 63.87
N THR V 361 149.64 -2.14 63.70
CA THR V 361 150.30 -3.44 63.73
C THR V 361 151.00 -3.73 62.41
N VAL V 362 152.22 -4.26 62.49
CA VAL V 362 152.92 -4.78 61.32
C VAL V 362 153.11 -6.29 61.50
N VAL V 363 153.63 -6.93 60.46
CA VAL V 363 153.86 -8.37 60.46
C VAL V 363 155.24 -8.64 61.04
N PRO V 364 155.38 -9.64 61.93
CA PRO V 364 156.72 -9.99 62.43
C PRO V 364 157.61 -10.49 61.30
N GLY V 365 158.66 -9.73 61.01
CA GLY V 365 159.51 -9.95 59.86
C GLY V 365 159.32 -8.96 58.75
N GLY V 366 158.22 -8.19 58.77
CA GLY V 366 157.93 -7.28 57.68
C GLY V 366 158.98 -6.20 57.54
N ASP V 367 159.19 -5.78 56.29
CA ASP V 367 160.05 -4.64 56.02
C ASP V 367 159.47 -3.33 56.55
N LEU V 368 158.15 -3.28 56.77
CA LEU V 368 157.53 -2.12 57.37
C LEU V 368 157.73 -2.14 58.88
N ALA V 369 158.13 -1.01 59.44
CA ALA V 369 158.42 -0.91 60.86
C ALA V 369 157.19 -0.47 61.63
N LYS V 370 157.16 -0.85 62.92
CA LYS V 370 156.12 -0.36 63.81
C LYS V 370 156.30 1.13 64.05
N VAL V 371 155.27 1.91 63.74
CA VAL V 371 155.29 3.35 63.95
C VAL V 371 154.40 3.68 65.14
N GLN V 372 154.72 4.79 65.80
CA GLN V 372 153.98 5.19 66.99
C GLN V 372 152.57 5.65 66.63
N ARG V 373 152.44 6.46 65.58
CA ARG V 373 151.16 6.94 65.12
C ARG V 373 151.12 6.87 63.60
N ALA V 374 149.91 6.93 63.05
CA ALA V 374 149.72 6.87 61.60
C ALA V 374 148.40 7.52 61.23
N VAL V 375 148.26 7.85 59.95
CA VAL V 375 147.10 8.55 59.43
C VAL V 375 146.82 8.06 58.00
N CYS V 376 145.54 8.02 57.64
CA CYS V 376 145.11 7.65 56.29
C CYS V 376 144.03 8.63 55.85
N MET V 377 144.36 9.49 54.90
CA MET V 377 143.46 10.54 54.44
C MET V 377 142.68 10.06 53.22
N LEU V 378 141.36 10.08 53.33
CA LEU V 378 140.46 9.72 52.23
C LEU V 378 139.81 10.99 51.69
N SER V 379 140.04 11.27 50.41
CA SER V 379 139.66 12.55 49.82
C SER V 379 139.19 12.35 48.38
N ASN V 380 137.95 12.75 48.09
CA ASN V 380 137.35 12.59 46.77
C ASN V 380 137.66 13.80 45.89
N THR V 381 138.90 13.85 45.43
CA THR V 381 139.36 14.94 44.57
C THR V 381 139.04 14.66 43.10
N THR V 382 138.83 15.74 42.34
CA THR V 382 138.58 15.61 40.91
C THR V 382 139.85 15.33 40.12
N ALA V 383 141.02 15.42 40.74
CA ALA V 383 142.27 15.11 40.05
C ALA V 383 142.42 13.62 39.76
N ILE V 384 141.64 12.77 40.42
CA ILE V 384 141.66 11.34 40.13
C ILE V 384 141.16 11.04 38.74
N ALA V 385 140.51 12.01 38.08
CA ALA V 385 140.14 11.86 36.69
C ALA V 385 141.37 11.64 35.80
N GLU V 386 142.53 12.14 36.22
CA GLU V 386 143.75 11.90 35.47
C GLU V 386 144.01 10.39 35.32
N ALA V 387 143.67 9.61 36.35
CA ALA V 387 143.86 8.17 36.27
C ALA V 387 142.95 7.54 35.23
N TRP V 388 141.68 7.97 35.19
CA TRP V 388 140.78 7.48 34.15
C TRP V 388 141.24 7.88 32.76
N ALA V 389 141.84 9.08 32.63
CA ALA V 389 142.31 9.54 31.33
C ALA V 389 143.43 8.64 30.80
N ARG V 390 144.29 8.15 31.69
CA ARG V 390 145.39 7.29 31.25
C ARG V 390 144.89 5.96 30.73
N LEU V 391 143.91 5.36 31.41
CA LEU V 391 143.30 4.14 30.91
C LEU V 391 142.55 4.38 29.61
N ASP V 392 141.71 5.41 29.58
CA ASP V 392 140.94 5.72 28.38
C ASP V 392 141.83 5.92 27.16
N HIS V 393 142.97 6.59 27.35
CA HIS V 393 143.87 6.84 26.23
C HIS V 393 144.47 5.53 25.71
N LYS V 394 145.03 4.72 26.61
CA LYS V 394 145.52 3.40 26.22
C LYS V 394 144.42 2.58 25.53
N PHE V 395 143.22 2.59 26.13
CA PHE V 395 142.07 1.91 25.52
C PHE V 395 141.82 2.40 24.09
N ASP V 396 141.81 3.72 23.91
CA ASP V 396 141.47 4.27 22.59
C ASP V 396 142.45 3.83 21.52
N LEU V 397 143.75 3.82 21.85
CA LEU V 397 144.76 3.43 20.86
C LEU V 397 144.51 2.03 20.33
N MET V 398 144.22 1.08 21.23
CA MET V 398 144.04 -0.31 20.81
C MET V 398 142.70 -0.50 20.11
N TYR V 399 141.63 0.10 20.63
CA TYR V 399 140.31 -0.04 20.02
C TYR V 399 140.20 0.72 18.71
N ALA V 400 141.09 1.70 18.45
CA ALA V 400 141.07 2.39 17.17
C ALA V 400 141.38 1.43 16.03
N LYS V 401 142.18 0.39 16.29
CA LYS V 401 142.49 -0.63 15.32
C LYS V 401 141.73 -1.93 15.58
N ARG V 402 140.82 -1.93 16.56
CA ARG V 402 140.09 -3.12 16.97
C ARG V 402 141.04 -4.25 17.35
N ALA V 403 142.15 -3.89 17.99
CA ALA V 403 143.15 -4.87 18.38
C ALA V 403 142.65 -5.74 19.53
N PHE V 404 142.95 -7.04 19.45
CA PHE V 404 142.63 -8.02 20.48
C PHE V 404 141.13 -8.15 20.72
N VAL V 405 140.31 -7.46 19.92
CA VAL V 405 138.87 -7.44 20.16
C VAL V 405 138.25 -8.80 19.86
N HIS V 406 138.84 -9.57 18.94
CA HIS V 406 138.25 -10.85 18.56
C HIS V 406 138.24 -11.83 19.73
N TRP V 407 139.23 -11.76 20.62
CA TRP V 407 139.24 -12.60 21.81
C TRP V 407 137.98 -12.39 22.64
N TYR V 408 137.63 -11.13 22.90
CA TYR V 408 136.44 -10.82 23.70
C TYR V 408 135.18 -11.24 22.98
N VAL V 409 135.03 -10.83 21.71
CA VAL V 409 133.83 -11.12 20.96
C VAL V 409 133.65 -12.62 20.79
N GLY V 410 134.75 -13.38 20.73
CA GLY V 410 134.67 -14.82 20.60
C GLY V 410 134.30 -15.57 21.85
N GLU V 411 134.12 -14.87 22.98
CA GLU V 411 133.68 -15.52 24.20
C GLU V 411 132.38 -14.93 24.72
N GLY V 412 131.40 -14.76 23.83
CA GLY V 412 130.05 -14.40 24.21
C GLY V 412 129.77 -12.92 24.35
N MET V 413 130.69 -12.06 23.94
CA MET V 413 130.56 -10.63 24.13
C MET V 413 130.28 -9.92 22.80
N GLU V 414 129.35 -8.98 22.83
CA GLU V 414 129.10 -8.12 21.68
C GLU V 414 130.18 -7.04 21.59
N GLU V 415 130.61 -6.76 20.35
CA GLU V 415 131.64 -5.74 20.15
C GLU V 415 131.19 -4.37 20.61
N GLY V 416 129.91 -4.04 20.39
CA GLY V 416 129.39 -2.75 20.81
C GLY V 416 129.62 -2.42 22.28
N GLU V 417 129.61 -3.46 23.14
CA GLU V 417 129.81 -3.24 24.56
C GLU V 417 131.09 -2.46 24.83
N PHE V 418 132.10 -2.60 23.97
CA PHE V 418 133.30 -1.77 24.05
C PHE V 418 132.95 -0.29 23.96
N SER V 419 132.19 0.08 22.93
CA SER V 419 131.83 1.48 22.73
C SER V 419 130.92 2.00 23.84
N GLU V 420 129.92 1.20 24.24
CA GLU V 420 129.04 1.61 25.33
C GLU V 420 129.82 1.86 26.61
N ALA V 421 130.87 1.08 26.85
CA ALA V 421 131.73 1.30 28.00
C ALA V 421 132.56 2.57 27.83
N ARG V 422 133.12 2.77 26.64
CA ARG V 422 133.95 3.94 26.40
C ARG V 422 133.14 5.22 26.52
N GLU V 423 131.90 5.21 26.01
CA GLU V 423 131.02 6.36 26.17
C GLU V 423 130.73 6.62 27.64
N ASP V 424 130.55 5.55 28.42
CA ASP V 424 130.34 5.70 29.85
C ASP V 424 131.59 6.25 30.54
N MET V 425 132.77 5.99 29.99
CA MET V 425 134.00 6.54 30.55
C MET V 425 134.21 7.98 30.10
N ALA V 426 133.88 8.30 28.85
CA ALA V 426 133.92 9.68 28.40
C ALA V 426 132.91 10.54 29.16
N ALA V 427 131.72 10.00 29.41
CA ALA V 427 130.72 10.73 30.18
C ALA V 427 131.18 10.95 31.61
N LEU V 428 131.90 9.98 32.19
CA LEU V 428 132.40 10.15 33.55
C LEU V 428 133.49 11.22 33.60
N GLU V 429 134.32 11.30 32.55
CA GLU V 429 135.34 12.33 32.49
C GLU V 429 134.73 13.72 32.39
N LYS V 430 133.59 13.84 31.70
CA LYS V 430 132.88 15.12 31.67
C LYS V 430 132.24 15.42 33.02
N ASP V 431 131.76 14.40 33.72
CA ASP V 431 131.15 14.61 35.03
C ASP V 431 132.16 15.15 36.03
N TYR V 432 133.42 14.68 35.95
CA TYR V 432 134.46 15.22 36.82
C TYR V 432 134.80 16.66 36.46
N GLU V 433 134.71 17.00 35.18
CA GLU V 433 135.05 18.34 34.74
C GLU V 433 134.04 19.37 35.22
N GLU V 434 132.74 19.08 35.04
CA GLU V 434 131.71 20.07 35.35
C GLU V 434 131.65 20.40 36.83
N VAL V 435 131.95 19.42 37.69
CA VAL V 435 132.01 19.70 39.13
C VAL V 435 133.14 20.68 39.43
N GLY V 436 134.28 20.51 38.75
CA GLY V 436 135.43 21.36 39.00
C GLY V 436 135.61 22.50 38.01
N VAL V 437 134.68 23.44 37.99
CA VAL V 437 134.82 24.64 37.18
C VAL V 437 134.07 25.81 37.83
N MET W 1 143.45 -24.82 33.30
CA MET W 1 144.50 -24.77 32.29
C MET W 1 145.77 -25.46 32.78
N ARG W 2 145.86 -26.78 32.61
CA ARG W 2 147.02 -27.51 33.10
C ARG W 2 147.73 -28.28 31.99
N GLU W 3 147.13 -29.38 31.56
CA GLU W 3 147.82 -30.33 30.70
C GLU W 3 147.88 -29.85 29.26
N ILE W 4 148.92 -30.28 28.56
CA ILE W 4 149.09 -30.05 27.12
C ILE W 4 149.34 -31.39 26.44
N VAL W 5 148.57 -31.67 25.38
CA VAL W 5 148.80 -32.84 24.54
C VAL W 5 149.72 -32.44 23.38
N HIS W 6 150.75 -33.25 23.15
CA HIS W 6 151.73 -32.99 22.11
C HIS W 6 151.53 -33.97 20.95
N ILE W 7 151.75 -33.49 19.73
CA ILE W 7 151.66 -34.29 18.52
C ILE W 7 152.88 -34.01 17.66
N GLN W 8 153.37 -35.04 16.99
CA GLN W 8 154.44 -34.88 15.99
C GLN W 8 154.06 -35.70 14.77
N ALA W 9 154.18 -35.10 13.59
CA ALA W 9 153.70 -35.72 12.36
C ALA W 9 154.73 -35.53 11.25
N GLY W 10 154.92 -36.57 10.45
CA GLY W 10 155.90 -36.54 9.39
C GLY W 10 157.31 -36.79 9.91
N GLN W 11 158.24 -36.94 8.97
CA GLN W 11 159.64 -37.15 9.33
C GLN W 11 160.15 -36.02 10.21
N CYS W 12 160.16 -34.80 9.67
CA CYS W 12 160.60 -33.65 10.44
C CYS W 12 159.84 -33.52 11.76
N GLY W 13 158.52 -33.72 11.72
CA GLY W 13 157.73 -33.68 12.94
C GLY W 13 158.32 -34.51 14.06
N ASN W 14 158.61 -35.78 13.77
CA ASN W 14 159.17 -36.66 14.78
C ASN W 14 160.64 -36.37 15.07
N GLN W 15 161.35 -35.74 14.13
CA GLN W 15 162.76 -35.42 14.37
C GLN W 15 162.92 -34.31 15.40
N ILE W 16 162.44 -33.10 15.07
CA ILE W 16 162.53 -32.00 16.03
C ILE W 16 161.65 -32.27 17.25
N GLY W 17 160.60 -33.08 17.08
CA GLY W 17 159.76 -33.48 18.19
C GLY W 17 160.50 -34.28 19.24
N ALA W 18 161.14 -35.38 18.81
CA ALA W 18 161.94 -36.17 19.74
C ALA W 18 163.07 -35.35 20.35
N LYS W 19 163.74 -34.52 19.52
CA LYS W 19 164.76 -33.62 20.04
C LYS W 19 164.22 -32.74 21.16
N PHE W 20 162.99 -32.25 21.00
CA PHE W 20 162.37 -31.45 22.06
C PHE W 20 162.19 -32.28 23.33
N TRP W 21 161.71 -33.52 23.20
CA TRP W 21 161.53 -34.36 24.37
C TRP W 21 162.86 -34.70 25.03
N GLU W 22 163.92 -34.88 24.22
CA GLU W 22 165.25 -35.06 24.79
C GLU W 22 165.65 -33.87 25.67
N VAL W 23 165.41 -32.65 25.18
CA VAL W 23 165.85 -31.46 25.89
C VAL W 23 165.11 -31.31 27.22
N ILE W 24 163.77 -31.29 27.17
CA ILE W 24 163.00 -30.99 28.38
C ILE W 24 162.89 -32.18 29.32
N SER W 25 163.18 -33.39 28.86
CA SER W 25 163.29 -34.51 29.80
C SER W 25 164.48 -34.31 30.72
N ASP W 26 165.63 -33.94 30.14
CA ASP W 26 166.79 -33.55 30.94
C ASP W 26 166.44 -32.40 31.88
N GLU W 27 165.92 -31.30 31.32
CA GLU W 27 165.61 -30.11 32.11
C GLU W 27 164.69 -30.42 33.28
N HIS W 28 163.76 -31.36 33.10
CA HIS W 28 162.88 -31.79 34.18
C HIS W 28 163.43 -32.97 34.98
N GLY W 29 164.55 -33.54 34.57
CA GLY W 29 165.18 -34.60 35.33
C GLY W 29 164.55 -35.97 35.18
N ILE W 30 164.11 -36.32 33.97
CA ILE W 30 163.54 -37.63 33.68
C ILE W 30 164.54 -38.41 32.84
N ASP W 31 164.72 -39.68 33.18
CA ASP W 31 165.60 -40.58 32.44
C ASP W 31 164.83 -41.28 31.34
N PRO W 32 165.54 -41.97 30.42
CA PRO W 32 164.84 -42.69 29.35
C PRO W 32 163.91 -43.79 29.84
N THR W 33 164.12 -44.33 31.05
CA THR W 33 163.21 -45.33 31.58
C THR W 33 161.93 -44.71 32.13
N GLY W 34 161.94 -43.42 32.43
CA GLY W 34 160.76 -42.75 32.93
C GLY W 34 160.73 -42.64 34.44
N SER W 35 161.85 -42.24 35.03
CA SER W 35 161.98 -42.12 36.47
C SER W 35 162.71 -40.84 36.82
N TYR W 36 162.26 -40.20 37.89
CA TYR W 36 162.79 -38.90 38.30
C TYR W 36 164.10 -39.07 39.05
N HIS W 37 165.17 -38.47 38.52
CA HIS W 37 166.47 -38.42 39.19
C HIS W 37 166.97 -36.99 39.28
N GLY W 38 166.07 -36.05 39.53
CA GLY W 38 166.42 -34.65 39.70
C GLY W 38 166.81 -34.32 41.13
N ASP W 39 166.82 -33.02 41.43
CA ASP W 39 167.19 -32.55 42.75
C ASP W 39 166.60 -31.17 43.05
N SER W 40 165.38 -30.92 42.58
CA SER W 40 164.74 -29.62 42.78
C SER W 40 163.24 -29.78 42.64
N ASP W 41 162.51 -28.95 43.38
CA ASP W 41 161.04 -28.97 43.29
C ASP W 41 160.54 -28.21 42.07
N LEU W 42 161.29 -27.18 41.64
CA LEU W 42 160.94 -26.45 40.43
C LEU W 42 160.94 -27.33 39.19
N GLN W 43 161.45 -28.56 39.29
CA GLN W 43 161.46 -29.49 38.17
C GLN W 43 160.12 -30.22 38.07
N LEU W 44 159.62 -30.71 39.19
CA LEU W 44 158.35 -31.40 39.25
C LEU W 44 157.17 -30.49 39.60
N GLU W 45 157.40 -29.17 39.66
CA GLU W 45 156.32 -28.25 39.99
C GLU W 45 155.23 -28.27 38.92
N ARG W 46 155.62 -28.22 37.66
CA ARG W 46 154.69 -28.25 36.54
C ARG W 46 155.09 -29.33 35.55
N ILE W 47 155.51 -30.47 36.07
CA ILE W 47 155.78 -31.64 35.24
C ILE W 47 154.47 -32.21 34.68
N ASN W 48 153.35 -31.98 35.38
CA ASN W 48 152.04 -32.45 34.93
C ASN W 48 151.62 -31.86 33.58
N VAL W 49 152.33 -30.85 33.08
CA VAL W 49 151.96 -30.23 31.81
C VAL W 49 152.22 -31.18 30.65
N TYR W 50 153.46 -31.67 30.54
CA TYR W 50 153.88 -32.48 29.41
C TYR W 50 154.00 -33.97 29.72
N TYR W 51 153.85 -34.37 30.98
CA TYR W 51 154.10 -35.75 31.39
C TYR W 51 152.92 -36.29 32.19
N ASN W 52 152.94 -37.59 32.42
CA ASN W 52 151.94 -38.26 33.24
C ASN W 52 152.57 -38.86 34.49
N VAL W 60 156.28 -40.22 31.92
CA VAL W 60 155.91 -40.62 30.58
C VAL W 60 155.28 -39.44 29.82
N PRO W 61 155.78 -39.16 28.62
CA PRO W 61 155.27 -38.02 27.86
C PRO W 61 153.84 -38.21 27.42
N ARG W 62 153.10 -37.09 27.37
CA ARG W 62 151.78 -37.05 26.75
C ARG W 62 151.93 -36.68 25.28
N ALA W 63 152.57 -37.58 24.54
CA ALA W 63 153.00 -37.33 23.17
C ALA W 63 152.46 -38.41 22.24
N ILE W 64 151.95 -37.98 21.09
CA ILE W 64 151.44 -38.87 20.06
C ILE W 64 152.34 -38.75 18.84
N LEU W 65 152.76 -39.89 18.30
CA LEU W 65 153.71 -39.94 17.19
C LEU W 65 152.98 -40.44 15.94
N VAL W 66 153.08 -39.69 14.85
CA VAL W 66 152.32 -39.94 13.65
C VAL W 66 153.22 -39.78 12.44
N ASP W 67 153.02 -40.64 11.44
CA ASP W 67 153.66 -40.54 10.13
C ASP W 67 153.05 -41.60 9.24
N LEU W 68 152.87 -41.28 7.96
CA LEU W 68 152.50 -42.32 7.01
C LEU W 68 153.68 -43.24 6.73
N GLU W 69 154.88 -42.70 6.73
CA GLU W 69 156.10 -43.47 6.56
C GLU W 69 156.30 -44.36 7.77
N PRO W 70 156.17 -45.69 7.64
CA PRO W 70 156.31 -46.56 8.82
C PRO W 70 157.73 -46.64 9.35
N GLY W 71 158.73 -46.35 8.52
CA GLY W 71 160.11 -46.38 8.99
C GLY W 71 160.37 -45.45 10.16
N THR W 72 159.69 -44.30 10.18
CA THR W 72 159.93 -43.30 11.23
C THR W 72 159.70 -43.88 12.62
N MET W 73 158.78 -44.85 12.75
CA MET W 73 158.61 -45.63 13.97
C MET W 73 159.94 -45.94 14.64
N ASP W 74 160.81 -46.59 13.89
CA ASP W 74 162.04 -47.13 14.44
C ASP W 74 163.11 -46.05 14.65
N SER W 75 163.15 -45.05 13.77
CA SER W 75 164.08 -43.94 13.95
C SER W 75 163.84 -43.22 15.28
N VAL W 76 162.64 -43.30 15.82
CA VAL W 76 162.36 -42.69 17.11
C VAL W 76 162.69 -43.64 18.26
N ARG W 77 162.15 -44.86 18.23
CA ARG W 77 162.37 -45.79 19.32
C ARG W 77 163.83 -46.18 19.46
N SER W 78 164.56 -46.28 18.33
CA SER W 78 165.98 -46.55 18.39
C SER W 78 166.80 -45.32 18.78
N GLY W 79 166.15 -44.18 18.96
CA GLY W 79 166.80 -43.00 19.48
C GLY W 79 167.04 -43.10 20.97
N PRO W 80 167.66 -42.06 21.52
CA PRO W 80 168.02 -42.08 22.94
C PRO W 80 166.82 -42.23 23.87
N PHE W 81 165.89 -41.27 23.82
CA PHE W 81 164.68 -41.31 24.63
C PHE W 81 163.52 -42.01 23.93
N GLY W 82 163.80 -42.89 22.97
CA GLY W 82 162.74 -43.57 22.25
C GLY W 82 161.96 -44.57 23.07
N GLN W 83 162.52 -45.03 24.19
CA GLN W 83 161.84 -46.04 25.01
C GLN W 83 160.68 -45.46 25.80
N ILE W 84 160.67 -44.14 26.02
CA ILE W 84 159.74 -43.54 26.99
C ILE W 84 158.34 -43.36 26.43
N PHE W 85 158.19 -43.26 25.10
CA PHE W 85 156.89 -42.96 24.51
C PHE W 85 155.97 -44.16 24.63
N ARG W 86 154.68 -43.87 24.87
CA ARG W 86 153.70 -44.94 25.03
C ARG W 86 153.53 -45.71 23.73
N PRO W 87 153.60 -47.05 23.76
CA PRO W 87 153.45 -47.81 22.51
C PRO W 87 152.12 -47.57 21.80
N ASP W 88 151.04 -47.37 22.56
CA ASP W 88 149.74 -47.11 21.94
C ASP W 88 149.75 -45.80 21.15
N ASN W 89 150.51 -44.81 21.61
CA ASN W 89 150.52 -43.50 20.98
C ASN W 89 151.31 -43.45 19.68
N PHE W 90 151.85 -44.58 19.22
CA PHE W 90 152.42 -44.70 17.89
C PHE W 90 151.31 -45.05 16.90
N VAL W 91 151.10 -44.20 15.91
CA VAL W 91 150.07 -44.42 14.89
C VAL W 91 150.73 -44.16 13.54
N PHE W 92 150.88 -45.21 12.74
CA PHE W 92 151.70 -45.13 11.53
C PHE W 92 151.02 -45.89 10.40
N GLY W 93 151.12 -45.33 9.19
CA GLY W 93 150.55 -45.95 8.02
C GLY W 93 151.51 -46.91 7.34
N GLN W 94 151.03 -47.50 6.23
CA GLN W 94 151.80 -48.48 5.48
C GLN W 94 152.75 -47.82 4.49
N SER W 95 152.23 -46.94 3.64
CA SER W 95 153.02 -46.24 2.64
C SER W 95 153.20 -44.77 3.04
N GLY W 96 154.02 -44.06 2.26
CA GLY W 96 154.30 -42.67 2.51
C GLY W 96 153.54 -41.75 1.55
N ALA W 97 153.56 -40.45 1.90
CA ALA W 97 152.83 -39.47 1.11
C ALA W 97 153.63 -38.98 -0.10
N GLY W 98 154.96 -38.99 0.01
CA GLY W 98 155.82 -38.56 -1.08
C GLY W 98 155.62 -37.12 -1.51
N ASN W 99 155.78 -36.19 -0.58
CA ASN W 99 155.75 -34.75 -0.84
C ASN W 99 154.47 -34.29 -1.52
N ASN W 100 153.38 -35.06 -1.41
CA ASN W 100 152.10 -34.70 -2.00
C ASN W 100 151.18 -34.26 -0.88
N TRP W 101 150.95 -32.95 -0.79
CA TRP W 101 150.05 -32.40 0.24
C TRP W 101 148.66 -33.01 0.14
N ALA W 102 148.17 -33.22 -1.10
CA ALA W 102 146.85 -33.80 -1.29
C ALA W 102 146.77 -35.22 -0.74
N LYS W 103 147.84 -36.00 -0.90
CA LYS W 103 147.85 -37.36 -0.37
C LYS W 103 147.77 -37.35 1.16
N GLY W 104 148.40 -36.37 1.80
CA GLY W 104 148.31 -36.27 3.24
C GLY W 104 147.01 -35.68 3.73
N HIS W 105 146.40 -34.80 2.94
CA HIS W 105 145.22 -34.06 3.38
C HIS W 105 143.91 -34.66 2.92
N TYR W 106 143.89 -35.39 1.80
CA TYR W 106 142.66 -35.85 1.20
C TYR W 106 142.58 -37.37 1.04
N THR W 107 143.67 -38.02 0.61
CA THR W 107 143.63 -39.44 0.30
C THR W 107 144.19 -40.31 1.42
N GLU W 108 145.51 -40.50 1.41
CA GLU W 108 146.13 -41.49 2.29
C GLU W 108 146.22 -40.99 3.72
N GLY W 109 146.65 -39.75 3.92
CA GLY W 109 146.69 -39.19 5.26
C GLY W 109 145.32 -39.11 5.91
N ALA W 110 144.27 -38.96 5.11
CA ALA W 110 142.92 -38.91 5.66
C ALA W 110 142.46 -40.26 6.15
N GLU W 111 142.89 -41.34 5.51
CA GLU W 111 142.47 -42.68 5.91
C GLU W 111 142.95 -43.02 7.31
N LEU W 112 144.13 -42.52 7.69
CA LEU W 112 144.73 -42.82 8.99
C LEU W 112 144.30 -41.85 10.08
N VAL W 113 143.82 -40.65 9.72
CA VAL W 113 143.61 -39.58 10.70
C VAL W 113 142.61 -39.99 11.78
N ASP W 114 141.69 -40.91 11.46
CA ASP W 114 140.75 -41.39 12.47
C ASP W 114 141.48 -42.11 13.60
N SER W 115 142.35 -43.06 13.25
CA SER W 115 143.15 -43.76 14.24
C SER W 115 143.91 -42.80 15.15
N VAL W 116 144.37 -41.67 14.59
CA VAL W 116 145.10 -40.70 15.39
C VAL W 116 144.18 -40.01 16.39
N LEU W 117 143.01 -39.56 15.92
CA LEU W 117 142.06 -38.89 16.81
C LEU W 117 141.60 -39.79 17.94
N ASP W 118 141.57 -41.11 17.70
CA ASP W 118 141.21 -42.04 18.77
C ASP W 118 142.23 -41.99 19.91
N VAL W 119 143.52 -41.90 19.58
CA VAL W 119 144.55 -41.80 20.61
C VAL W 119 144.54 -40.41 21.23
N VAL W 120 144.33 -39.38 20.41
CA VAL W 120 144.19 -38.02 20.92
C VAL W 120 143.07 -37.97 21.96
N ARG W 121 141.93 -38.56 21.63
CA ARG W 121 140.82 -38.65 22.58
C ARG W 121 141.26 -39.34 23.86
N LYS W 122 141.93 -40.49 23.73
CA LYS W 122 142.35 -41.27 24.91
C LYS W 122 143.19 -40.43 25.86
N GLU W 123 144.17 -39.69 25.33
CA GLU W 123 145.05 -38.90 26.19
C GLU W 123 144.31 -37.71 26.80
N SER W 124 143.43 -37.07 26.02
CA SER W 124 142.65 -35.96 26.55
C SER W 124 141.63 -36.42 27.59
N GLU W 125 141.06 -37.61 27.41
CA GLU W 125 140.05 -38.13 28.33
C GLU W 125 140.53 -38.09 29.78
N SER W 126 141.78 -38.44 30.02
CA SER W 126 142.34 -38.52 31.37
C SER W 126 143.13 -37.27 31.74
N CYS W 127 142.64 -36.09 31.36
CA CYS W 127 143.26 -34.82 31.71
C CYS W 127 142.38 -34.09 32.70
N ASP W 128 142.97 -33.66 33.82
CA ASP W 128 142.26 -32.83 34.78
C ASP W 128 141.61 -31.63 34.11
N CYS W 129 142.43 -30.82 33.43
CA CYS W 129 141.92 -29.64 32.70
C CYS W 129 142.87 -29.38 31.55
N LEU W 130 142.42 -29.70 30.33
CA LEU W 130 143.26 -29.50 29.15
C LEU W 130 143.44 -28.02 28.85
N GLN W 131 144.65 -27.67 28.40
CA GLN W 131 144.92 -26.34 27.86
C GLN W 131 144.64 -26.32 26.35
N GLY W 132 145.32 -27.21 25.62
CA GLY W 132 145.31 -27.17 24.18
C GLY W 132 146.27 -28.20 23.63
N PHE W 133 146.67 -28.02 22.37
CA PHE W 133 147.46 -29.02 21.68
C PHE W 133 148.73 -28.37 21.12
N GLN W 134 149.65 -29.23 20.68
CA GLN W 134 150.98 -28.78 20.27
C GLN W 134 151.46 -29.71 19.17
N LEU W 135 151.64 -29.17 17.97
CA LEU W 135 152.02 -29.94 16.79
C LEU W 135 153.35 -29.46 16.25
N THR W 136 154.26 -30.39 15.98
CA THR W 136 155.50 -30.11 15.29
C THR W 136 155.48 -30.83 13.95
N HIS W 137 155.91 -30.13 12.90
CA HIS W 137 155.80 -30.68 11.55
C HIS W 137 156.51 -29.74 10.58
N SER W 138 156.77 -30.26 9.39
CA SER W 138 157.33 -29.50 8.29
C SER W 138 156.23 -29.14 7.29
N LEU W 139 156.42 -28.01 6.60
CA LEU W 139 155.42 -27.50 5.69
C LEU W 139 155.67 -27.88 4.24
N GLY W 140 156.91 -28.20 3.87
CA GLY W 140 157.19 -28.61 2.50
C GLY W 140 156.93 -30.07 2.19
N GLY W 141 156.66 -30.88 3.21
CA GLY W 141 156.39 -32.29 3.02
C GLY W 141 154.97 -32.55 2.56
N GLY W 142 154.62 -33.84 2.51
CA GLY W 142 153.27 -34.25 2.22
C GLY W 142 152.51 -34.69 3.45
N THR W 143 153.20 -35.38 4.36
CA THR W 143 152.55 -35.88 5.57
C THR W 143 152.50 -34.81 6.66
N GLY W 144 153.65 -34.22 6.99
CA GLY W 144 153.68 -33.22 8.04
C GLY W 144 152.79 -32.03 7.75
N SER W 145 152.73 -31.62 6.49
CA SER W 145 151.91 -30.48 6.08
C SER W 145 150.47 -30.90 5.75
N GLY W 146 150.31 -31.90 4.89
CA GLY W 146 148.97 -32.26 4.42
C GLY W 146 148.13 -32.92 5.51
N MET W 147 148.69 -33.96 6.14
CA MET W 147 147.95 -34.63 7.21
C MET W 147 147.93 -33.80 8.49
N GLY W 148 148.98 -33.03 8.75
CA GLY W 148 149.01 -32.18 9.93
C GLY W 148 147.89 -31.15 9.92
N THR W 149 147.80 -30.37 8.84
CA THR W 149 146.73 -29.38 8.74
C THR W 149 145.35 -30.02 8.77
N LEU W 150 145.23 -31.24 8.24
CA LEU W 150 143.97 -31.96 8.33
C LEU W 150 143.68 -32.41 9.76
N LEU W 151 144.71 -32.87 10.47
CA LEU W 151 144.56 -33.20 11.88
C LEU W 151 144.14 -31.98 12.69
N ILE W 152 144.75 -30.82 12.41
CA ILE W 152 144.45 -29.60 13.14
C ILE W 152 142.96 -29.26 13.02
N SER W 153 142.48 -29.13 11.78
CA SER W 153 141.07 -28.86 11.54
C SER W 153 140.17 -29.88 12.23
N LYS W 154 140.54 -31.16 12.16
CA LYS W 154 139.74 -32.21 12.78
C LYS W 154 139.72 -32.07 14.31
N ILE W 155 140.79 -31.56 14.90
CA ILE W 155 140.81 -31.31 16.33
C ILE W 155 140.07 -30.01 16.66
N ARG W 156 140.37 -28.95 15.91
CA ARG W 156 139.68 -27.67 15.99
C ARG W 156 138.16 -27.83 16.11
N GLU W 157 137.59 -28.78 15.36
CA GLU W 157 136.15 -29.00 15.41
C GLU W 157 135.75 -30.00 16.50
N GLU W 158 136.64 -30.90 16.89
CA GLU W 158 136.34 -31.79 18.02
C GLU W 158 136.69 -31.18 19.36
N TYR W 159 137.62 -30.22 19.41
CA TYR W 159 137.99 -29.53 20.63
C TYR W 159 138.04 -28.02 20.35
N PRO W 160 136.89 -27.38 20.14
CA PRO W 160 136.89 -25.95 19.82
C PRO W 160 137.11 -25.04 21.01
N ASP W 161 137.08 -25.58 22.24
CA ASP W 161 137.30 -24.79 23.44
C ASP W 161 138.76 -24.81 23.89
N ARG W 162 139.69 -25.11 22.99
CA ARG W 162 141.09 -25.31 23.34
C ARG W 162 141.97 -24.54 22.38
N ILE W 163 143.23 -24.36 22.79
CA ILE W 163 144.22 -23.63 22.01
C ILE W 163 144.89 -24.60 21.05
N MET W 164 145.29 -24.10 19.88
CA MET W 164 146.04 -24.86 18.89
C MET W 164 147.35 -24.14 18.61
N ASN W 165 148.46 -24.80 18.94
CA ASN W 165 149.78 -24.18 18.89
C ASN W 165 150.70 -25.09 18.08
N THR W 166 151.29 -24.56 17.01
CA THR W 166 152.07 -25.35 16.08
C THR W 166 153.50 -24.87 15.99
N PHE W 167 154.41 -25.80 15.76
CA PHE W 167 155.81 -25.54 15.46
C PHE W 167 156.04 -25.97 14.01
N SER W 168 155.80 -25.06 13.07
CA SER W 168 155.85 -25.35 11.65
C SER W 168 157.15 -24.82 11.07
N VAL W 169 157.88 -25.66 10.35
CA VAL W 169 159.16 -25.28 9.75
C VAL W 169 158.95 -25.02 8.26
N VAL W 170 159.54 -23.94 7.78
CA VAL W 170 159.35 -23.45 6.41
C VAL W 170 160.39 -24.11 5.50
N PRO W 171 160.01 -24.56 4.31
CA PRO W 171 161.00 -25.10 3.37
C PRO W 171 161.83 -23.99 2.73
N SER W 172 163.06 -24.35 2.36
CA SER W 172 163.97 -23.44 1.68
C SER W 172 164.79 -24.22 0.66
N PRO W 173 165.09 -23.63 -0.50
CA PRO W 173 165.96 -24.30 -1.46
C PRO W 173 167.30 -24.70 -0.87
N LYS W 174 167.76 -24.00 0.16
CA LYS W 174 169.04 -24.30 0.79
C LYS W 174 169.06 -25.64 1.54
N VAL W 175 167.90 -26.28 1.74
CA VAL W 175 167.86 -27.51 2.53
C VAL W 175 167.26 -28.65 1.72
N SER W 176 166.40 -28.31 0.76
CA SER W 176 165.86 -29.33 -0.13
C SER W 176 165.46 -28.72 -1.46
N ASP W 177 165.96 -29.29 -2.54
CA ASP W 177 165.75 -28.79 -3.89
C ASP W 177 164.42 -29.23 -4.49
N THR W 178 163.52 -29.82 -3.69
CA THR W 178 162.21 -30.21 -4.19
C THR W 178 161.38 -28.97 -4.50
N VAL W 179 160.86 -28.89 -5.74
CA VAL W 179 160.17 -27.68 -6.20
C VAL W 179 158.68 -27.68 -5.88
N VAL W 180 158.10 -28.80 -5.43
CA VAL W 180 156.69 -28.81 -5.03
C VAL W 180 156.48 -28.28 -3.62
N GLU W 181 157.55 -28.07 -2.87
CA GLU W 181 157.40 -27.51 -1.52
C GLU W 181 156.70 -26.16 -1.50
N PRO W 182 156.97 -25.21 -2.42
CA PRO W 182 156.14 -23.99 -2.46
C PRO W 182 154.65 -24.27 -2.56
N TYR W 183 154.24 -25.27 -3.34
CA TYR W 183 152.83 -25.69 -3.35
C TYR W 183 152.39 -26.12 -1.96
N ASN W 184 153.09 -27.10 -1.38
CA ASN W 184 152.67 -27.66 -0.09
C ASN W 184 152.64 -26.61 0.99
N ALA W 185 153.67 -25.75 1.04
CA ALA W 185 153.75 -24.74 2.09
C ALA W 185 152.66 -23.69 1.93
N THR W 186 152.38 -23.25 0.69
CA THR W 186 151.32 -22.28 0.46
C THR W 186 149.97 -22.84 0.87
N LEU W 187 149.66 -24.06 0.42
CA LEU W 187 148.42 -24.72 0.83
C LEU W 187 148.33 -24.85 2.35
N SER W 188 149.46 -25.10 3.01
CA SER W 188 149.46 -25.29 4.46
C SER W 188 149.30 -23.96 5.20
N VAL W 189 149.89 -22.88 4.66
CA VAL W 189 149.71 -21.56 5.26
C VAL W 189 148.25 -21.13 5.14
N HIS W 190 147.62 -21.46 4.01
CA HIS W 190 146.18 -21.23 3.85
C HIS W 190 145.38 -21.90 4.95
N GLN W 191 145.88 -22.99 5.51
CA GLN W 191 145.21 -23.68 6.61
C GLN W 191 145.49 -23.03 7.96
N LEU W 192 146.76 -22.74 8.24
CA LEU W 192 147.15 -22.31 9.58
C LEU W 192 146.56 -20.96 9.94
N VAL W 193 146.44 -20.06 8.96
CA VAL W 193 145.88 -18.73 9.23
C VAL W 193 144.43 -18.81 9.68
N GLU W 194 143.74 -19.92 9.36
CA GLU W 194 142.34 -20.08 9.73
C GLU W 194 142.12 -21.03 10.90
N ASN W 195 143.10 -21.88 11.24
CA ASN W 195 142.87 -23.00 12.14
C ASN W 195 143.67 -22.97 13.43
N THR W 196 144.70 -22.13 13.55
CA THR W 196 145.57 -22.15 14.71
C THR W 196 145.60 -20.79 15.38
N ASP W 197 145.72 -20.80 16.72
CA ASP W 197 145.80 -19.57 17.49
C ASP W 197 147.19 -18.95 17.44
N GLU W 198 148.23 -19.76 17.46
CA GLU W 198 149.59 -19.26 17.40
C GLU W 198 150.48 -20.29 16.71
N THR W 199 151.43 -19.81 15.92
CA THR W 199 152.31 -20.65 15.13
C THR W 199 153.72 -20.06 15.16
N TYR W 200 154.69 -20.87 15.60
CA TYR W 200 156.09 -20.48 15.57
C TYR W 200 156.67 -20.83 14.21
N CYS W 201 157.19 -19.83 13.50
CA CYS W 201 157.68 -20.00 12.15
C CYS W 201 159.18 -20.30 12.20
N ILE W 202 159.53 -21.56 12.03
CA ILE W 202 160.92 -21.98 11.97
C ILE W 202 161.32 -22.03 10.49
N ASP W 203 162.25 -21.18 10.10
CA ASP W 203 162.62 -21.06 8.69
C ASP W 203 163.94 -21.78 8.46
N ASN W 204 163.90 -22.82 7.60
CA ASN W 204 165.12 -23.54 7.26
C ASN W 204 166.13 -22.63 6.57
N GLU W 205 165.64 -21.64 5.80
CA GLU W 205 166.51 -20.60 5.27
C GLU W 205 167.35 -19.97 6.36
N ALA W 206 166.73 -19.63 7.49
CA ALA W 206 167.45 -18.97 8.57
C ALA W 206 168.30 -19.94 9.39
N LEU W 207 167.86 -21.20 9.51
CA LEU W 207 168.66 -22.17 10.23
C LEU W 207 169.96 -22.48 9.49
N TYR W 208 169.88 -22.57 8.16
CA TYR W 208 171.09 -22.76 7.36
C TYR W 208 171.99 -21.53 7.45
N ASP W 209 171.43 -20.33 7.25
CA ASP W 209 172.21 -19.10 7.29
C ASP W 209 172.87 -18.88 8.65
N ILE W 210 172.33 -19.47 9.72
CA ILE W 210 172.94 -19.36 11.04
C ILE W 210 174.02 -20.41 11.24
N CYS W 211 173.76 -21.66 10.87
CA CYS W 211 174.77 -22.71 10.98
C CYS W 211 175.95 -22.45 10.05
N PHE W 212 175.71 -21.83 8.90
CA PHE W 212 176.76 -21.62 7.91
C PHE W 212 177.59 -20.38 8.24
N ARG W 213 176.93 -19.26 8.53
CA ARG W 213 177.61 -17.97 8.64
C ARG W 213 178.01 -17.66 10.08
N THR W 214 177.14 -17.93 11.06
CA THR W 214 177.45 -17.62 12.45
C THR W 214 178.20 -18.75 13.14
N LEU W 215 177.78 -20.00 12.95
CA LEU W 215 178.43 -21.14 13.57
C LEU W 215 179.59 -21.70 12.74
N LYS W 216 179.76 -21.21 11.51
CA LYS W 216 180.84 -21.61 10.61
C LYS W 216 180.90 -23.14 10.47
N LEU W 217 179.79 -23.71 10.02
CA LEU W 217 179.72 -25.11 9.62
C LEU W 217 179.44 -25.16 8.13
N THR W 218 180.38 -25.73 7.36
CA THR W 218 180.30 -25.63 5.91
C THR W 218 179.13 -26.44 5.35
N THR W 219 178.87 -27.60 5.94
CA THR W 219 177.72 -28.42 5.54
C THR W 219 176.88 -28.74 6.78
N PRO W 220 175.85 -27.96 7.06
CA PRO W 220 174.95 -28.30 8.17
C PRO W 220 174.10 -29.51 7.84
N THR W 221 173.94 -30.38 8.83
CA THR W 221 173.03 -31.51 8.74
C THR W 221 171.69 -31.16 9.38
N TYR W 222 170.73 -32.07 9.25
CA TYR W 222 169.46 -31.92 9.96
C TYR W 222 169.70 -31.80 11.46
N GLY W 223 170.51 -32.71 12.02
CA GLY W 223 170.84 -32.62 13.44
C GLY W 223 171.36 -31.26 13.86
N ASP W 224 172.17 -30.63 13.00
CA ASP W 224 172.68 -29.29 13.32
C ASP W 224 171.54 -28.27 13.34
N LEU W 225 170.66 -28.31 12.35
CA LEU W 225 169.49 -27.44 12.36
C LEU W 225 168.52 -27.83 13.47
N ASN W 226 168.38 -29.13 13.74
CA ASN W 226 167.47 -29.59 14.79
C ASN W 226 167.96 -29.18 16.18
N HIS W 227 169.27 -29.00 16.34
CA HIS W 227 169.80 -28.50 17.60
C HIS W 227 169.30 -27.10 17.89
N LEU W 228 169.32 -26.23 16.88
CA LEU W 228 168.80 -24.87 17.04
C LEU W 228 167.32 -24.88 17.37
N VAL W 229 166.57 -25.83 16.81
CA VAL W 229 165.11 -25.84 16.98
C VAL W 229 164.74 -26.26 18.40
N SER W 230 165.21 -27.43 18.83
CA SER W 230 164.85 -27.96 20.14
C SER W 230 165.21 -26.98 21.25
N ALA W 231 166.32 -26.24 21.09
CA ALA W 231 166.69 -25.25 22.10
C ALA W 231 165.73 -24.07 22.08
N THR W 232 165.27 -23.66 20.90
CA THR W 232 164.27 -22.60 20.81
C THR W 232 162.96 -23.04 21.45
N MET W 233 162.58 -24.31 21.24
CA MET W 233 161.32 -24.80 21.78
C MET W 233 161.33 -24.80 23.31
N SER W 234 162.38 -25.35 23.91
CA SER W 234 162.53 -25.29 25.36
C SER W 234 162.55 -23.85 25.86
N GLY W 235 163.07 -22.92 25.06
CA GLY W 235 163.11 -21.54 25.48
C GLY W 235 161.73 -20.89 25.51
N VAL W 236 160.94 -21.09 24.45
CA VAL W 236 159.62 -20.47 24.39
C VAL W 236 158.65 -21.16 25.33
N THR W 237 158.86 -22.45 25.63
CA THR W 237 158.01 -23.20 26.55
C THR W 237 158.50 -23.14 27.99
N THR W 238 159.46 -22.25 28.28
CA THR W 238 159.95 -22.13 29.65
C THR W 238 158.86 -21.65 30.59
N CYS W 239 158.14 -20.60 30.20
CA CYS W 239 157.02 -20.11 31.00
C CYS W 239 156.01 -21.22 31.30
N LEU W 240 155.76 -22.09 30.32
CA LEU W 240 154.72 -23.10 30.46
C LEU W 240 155.12 -24.21 31.41
N ARG W 241 156.42 -24.47 31.56
CA ARG W 241 156.90 -25.67 32.26
C ARG W 241 157.38 -25.41 33.67
N PHE W 242 157.54 -24.15 34.07
CA PHE W 242 158.03 -23.79 35.39
C PHE W 242 157.11 -22.71 35.96
N PRO W 243 157.11 -22.53 37.28
CA PRO W 243 156.23 -21.51 37.87
C PRO W 243 156.67 -20.11 37.47
N GLY W 244 155.67 -19.24 37.25
CA GLY W 244 155.93 -17.91 36.72
C GLY W 244 154.66 -17.10 36.57
N GLN W 245 154.78 -15.78 36.76
CA GLN W 245 153.62 -14.91 36.75
C GLN W 245 153.13 -14.64 35.32
N LEU W 246 154.04 -14.32 34.41
CA LEU W 246 153.71 -13.73 33.13
C LEU W 246 153.72 -14.78 32.01
N ASN W 247 152.74 -14.68 31.11
CA ASN W 247 152.57 -15.62 30.00
C ASN W 247 152.56 -17.07 30.50
N ALA W 248 151.71 -17.34 31.48
CA ALA W 248 151.76 -18.62 32.19
C ALA W 248 151.20 -19.75 31.33
N ASP W 249 149.99 -19.58 30.81
CA ASP W 249 149.33 -20.64 30.05
C ASP W 249 149.17 -20.24 28.59
N LEU W 250 148.75 -21.23 27.78
CA LEU W 250 148.67 -21.05 26.34
C LEU W 250 147.74 -19.90 25.95
N ARG W 251 146.56 -19.83 26.57
CA ARG W 251 145.58 -18.82 26.18
C ARG W 251 146.06 -17.41 26.54
N LYS W 252 146.61 -17.23 27.73
CA LYS W 252 147.10 -15.91 28.14
C LYS W 252 148.20 -15.42 27.21
N LEU W 253 149.11 -16.31 26.81
CA LEU W 253 150.16 -15.95 25.85
C LEU W 253 149.57 -15.38 24.57
N ALA W 254 148.71 -16.16 23.90
CA ALA W 254 148.12 -15.70 22.64
C ALA W 254 147.31 -14.43 22.83
N VAL W 255 146.70 -14.25 23.99
CA VAL W 255 145.93 -13.03 24.24
C VAL W 255 146.83 -11.80 24.22
N ASN W 256 148.03 -11.92 24.76
CA ASN W 256 148.96 -10.80 24.85
C ASN W 256 149.92 -10.74 23.66
N MET W 257 149.75 -11.60 22.68
CA MET W 257 150.62 -11.65 21.51
C MET W 257 149.89 -11.41 20.18
N VAL W 258 148.60 -11.73 20.11
CA VAL W 258 147.87 -11.74 18.85
C VAL W 258 146.77 -10.68 18.93
N PRO W 259 146.99 -9.51 18.31
CA PRO W 259 145.93 -8.48 18.31
C PRO W 259 144.88 -8.68 17.24
N PHE W 260 145.22 -9.38 16.15
CA PHE W 260 144.29 -9.62 15.06
C PHE W 260 144.38 -11.10 14.69
N PRO W 261 143.25 -11.81 14.61
CA PRO W 261 143.29 -13.27 14.60
C PRO W 261 144.16 -13.87 13.50
N ARG W 262 144.16 -13.27 12.31
CA ARG W 262 144.93 -13.85 11.21
C ARG W 262 146.42 -13.62 11.37
N LEU W 263 146.82 -12.55 12.07
CA LEU W 263 148.23 -12.18 12.18
C LEU W 263 148.83 -12.78 13.45
N HIS W 264 148.96 -14.10 13.45
CA HIS W 264 149.44 -14.85 14.61
C HIS W 264 150.66 -15.70 14.28
N PHE W 265 151.54 -15.20 13.41
CA PHE W 265 152.74 -15.93 13.01
C PHE W 265 153.94 -15.25 13.64
N PHE W 266 154.48 -15.89 14.68
CA PHE W 266 155.56 -15.31 15.46
C PHE W 266 156.91 -15.59 14.81
N MET W 267 157.80 -14.60 14.89
CA MET W 267 159.18 -14.74 14.47
C MET W 267 160.03 -15.06 15.70
N PRO W 268 160.35 -16.32 15.96
CA PRO W 268 161.13 -16.64 17.16
C PRO W 268 162.62 -16.41 16.94
N GLY W 269 163.31 -16.24 18.05
CA GLY W 269 164.75 -16.06 18.05
C GLY W 269 165.28 -16.09 19.46
N PHE W 270 166.50 -16.57 19.65
CA PHE W 270 167.02 -16.75 20.99
C PHE W 270 168.54 -16.62 20.96
N ALA W 271 169.14 -16.56 22.14
CA ALA W 271 170.55 -16.23 22.28
C ALA W 271 171.06 -16.84 23.58
N PRO W 272 172.36 -17.18 23.65
CA PRO W 272 173.32 -17.10 22.54
C PRO W 272 173.32 -18.34 21.66
N LEU W 273 173.77 -18.17 20.41
CA LEU W 273 173.80 -19.25 19.43
C LEU W 273 175.03 -20.12 19.66
N THR W 274 174.82 -21.38 20.03
CA THR W 274 175.88 -22.32 20.30
C THR W 274 175.87 -23.45 19.27
N SER W 275 177.00 -24.15 19.17
CA SER W 275 177.13 -25.29 18.29
C SER W 275 176.74 -26.57 19.04
N ARG W 276 176.82 -27.69 18.34
CA ARG W 276 176.49 -29.00 18.93
C ARG W 276 177.56 -29.39 19.95
N GLY W 277 177.29 -29.11 21.21
CA GLY W 277 178.19 -29.57 22.27
C GLY W 277 179.52 -28.84 22.37
N SER W 278 179.59 -27.59 21.91
CA SER W 278 180.78 -26.79 22.04
C SER W 278 180.87 -26.20 23.45
N GLN W 279 181.97 -25.52 23.74
CA GLN W 279 182.23 -24.99 25.07
C GLN W 279 182.08 -23.47 25.08
N GLN W 280 181.21 -22.99 25.98
CA GLN W 280 180.91 -21.57 26.18
C GLN W 280 181.68 -21.05 27.39
N TYR W 281 182.86 -20.48 27.16
CA TYR W 281 183.77 -20.16 28.25
C TYR W 281 183.21 -19.10 29.19
N ARG W 282 182.76 -17.97 28.65
CA ARG W 282 182.30 -16.85 29.46
C ARG W 282 180.82 -16.60 29.21
N ALA W 283 180.01 -16.69 30.26
CA ALA W 283 178.58 -16.45 30.14
C ALA W 283 178.31 -14.98 29.81
N LEU W 284 177.37 -14.77 28.89
CA LEU W 284 177.07 -13.42 28.41
C LEU W 284 176.50 -12.55 29.53
N THR W 285 176.58 -11.24 29.32
CA THR W 285 176.00 -10.27 30.23
C THR W 285 174.57 -9.94 29.83
N VAL W 286 173.85 -9.30 30.75
CA VAL W 286 172.46 -8.92 30.48
C VAL W 286 172.33 -7.97 29.29
N PRO W 287 173.12 -6.88 29.19
CA PRO W 287 172.99 -6.04 27.99
C PRO W 287 173.37 -6.73 26.70
N GLU W 288 174.24 -7.75 26.76
CA GLU W 288 174.60 -8.49 25.56
C GLU W 288 173.43 -9.33 25.06
N LEU W 289 172.85 -10.14 25.96
CA LEU W 289 171.64 -10.89 25.63
C LEU W 289 170.57 -9.98 25.04
N THR W 290 170.30 -8.85 25.72
CA THR W 290 169.31 -7.89 25.23
C THR W 290 169.59 -7.46 23.79
N GLN W 291 170.88 -7.28 23.45
CA GLN W 291 171.25 -6.89 22.09
C GLN W 291 171.38 -8.07 21.15
N GLN W 292 170.59 -9.11 21.34
CA GLN W 292 170.38 -10.18 20.36
C GLN W 292 168.95 -10.21 19.88
N MET W 293 168.21 -9.12 20.12
CA MET W 293 166.80 -9.00 19.72
C MET W 293 166.72 -8.50 18.28
N PHE W 294 167.04 -7.21 18.07
CA PHE W 294 167.12 -6.69 16.71
C PHE W 294 168.17 -7.39 15.87
N ASP W 295 169.17 -8.01 16.52
CA ASP W 295 170.20 -8.75 15.80
C ASP W 295 169.55 -9.83 14.95
N ALA W 296 169.37 -9.55 13.66
CA ALA W 296 168.64 -10.43 12.78
C ALA W 296 169.33 -11.78 12.56
N LYS W 297 170.60 -11.90 12.93
CA LYS W 297 171.29 -13.18 12.85
C LYS W 297 170.89 -14.14 13.97
N ASN W 298 169.99 -13.75 14.87
CA ASN W 298 169.48 -14.62 15.90
C ASN W 298 168.03 -15.02 15.67
N MET W 299 167.42 -14.55 14.59
CA MET W 299 166.03 -14.89 14.29
C MET W 299 165.96 -16.27 13.63
N MET W 300 165.08 -17.13 14.13
CA MET W 300 164.86 -18.42 13.50
C MET W 300 164.07 -18.32 12.20
N ALA W 301 163.48 -17.15 11.92
CA ALA W 301 162.86 -16.87 10.64
C ALA W 301 163.73 -15.89 9.86
N ALA W 302 163.83 -16.10 8.55
CA ALA W 302 164.72 -15.31 7.70
C ALA W 302 164.02 -14.00 7.34
N CYS W 303 164.01 -13.07 8.30
CA CYS W 303 163.42 -11.76 8.11
C CYS W 303 164.23 -10.73 8.88
N ASP W 304 164.16 -9.48 8.42
CA ASP W 304 164.86 -8.39 9.08
C ASP W 304 163.87 -7.59 9.90
N PRO W 305 163.95 -7.63 11.23
CA PRO W 305 163.06 -6.78 12.05
C PRO W 305 163.19 -5.30 11.73
N ARG W 306 164.35 -4.87 11.23
CA ARG W 306 164.53 -3.47 10.88
C ARG W 306 163.62 -3.05 9.73
N HIS W 307 163.20 -3.99 8.89
CA HIS W 307 162.38 -3.68 7.72
C HIS W 307 160.89 -3.65 8.05
N GLY W 308 160.52 -3.89 9.30
CA GLY W 308 159.13 -3.82 9.71
C GLY W 308 158.96 -3.27 11.11
N ARG W 309 157.80 -3.50 11.72
CA ARG W 309 157.50 -3.00 13.05
C ARG W 309 156.96 -4.13 13.92
N TYR W 310 157.35 -4.12 15.20
CA TYR W 310 156.87 -5.12 16.14
C TYR W 310 155.47 -4.76 16.63
N LEU W 311 154.55 -5.71 16.55
CA LEU W 311 153.25 -5.52 17.18
C LEU W 311 153.30 -5.89 18.66
N THR W 312 153.76 -7.09 18.97
CA THR W 312 153.96 -7.54 20.34
C THR W 312 155.27 -8.31 20.43
N VAL W 313 155.86 -8.32 21.62
CA VAL W 313 157.14 -8.99 21.87
C VAL W 313 157.08 -9.66 23.24
N ALA W 314 157.56 -10.89 23.31
CA ALA W 314 157.73 -11.61 24.57
C ALA W 314 159.19 -12.04 24.72
N ALA W 315 159.80 -11.66 25.83
CA ALA W 315 161.18 -12.00 26.13
C ALA W 315 161.24 -12.94 27.34
N VAL W 316 162.05 -13.99 27.23
CA VAL W 316 162.20 -14.98 28.29
C VAL W 316 163.69 -15.10 28.60
N PHE W 317 164.10 -14.59 29.76
CA PHE W 317 165.48 -14.69 30.23
C PHE W 317 165.60 -15.87 31.20
N ARG W 318 166.51 -16.79 30.91
CA ARG W 318 166.72 -17.97 31.74
C ARG W 318 168.07 -17.89 32.43
N GLY W 319 168.08 -18.14 33.73
CA GLY W 319 169.29 -18.12 34.53
C GLY W 319 169.19 -17.15 35.69
N ARG W 320 170.17 -17.25 36.58
CA ARG W 320 170.29 -16.34 37.70
C ARG W 320 170.91 -15.03 37.22
N MET W 321 170.18 -13.92 37.39
CA MET W 321 170.63 -12.62 36.91
C MET W 321 169.80 -11.54 37.60
N SER W 322 170.15 -10.30 37.33
CA SER W 322 169.51 -9.15 37.95
C SER W 322 168.19 -8.85 37.25
N MET W 323 167.07 -9.06 37.96
CA MET W 323 165.78 -8.60 37.46
C MET W 323 165.77 -7.09 37.28
N LYS W 324 166.52 -6.37 38.11
CA LYS W 324 166.62 -4.92 37.98
C LYS W 324 167.31 -4.53 36.67
N GLU W 325 168.38 -5.23 36.31
CA GLU W 325 169.12 -4.89 35.10
C GLU W 325 168.35 -5.26 33.84
N VAL W 326 167.66 -6.40 33.87
CA VAL W 326 166.86 -6.83 32.73
C VAL W 326 165.76 -5.81 32.43
N ASP W 327 165.03 -5.39 33.47
CA ASP W 327 164.02 -4.35 33.31
C ASP W 327 164.61 -3.09 32.69
N GLU W 328 165.77 -2.66 33.18
CA GLU W 328 166.42 -1.46 32.66
C GLU W 328 166.79 -1.63 31.19
N GLN W 329 167.42 -2.76 30.85
CA GLN W 329 167.89 -2.97 29.49
C GLN W 329 166.73 -3.08 28.51
N MET W 330 165.64 -3.75 28.92
CA MET W 330 164.48 -3.87 28.04
C MET W 330 163.78 -2.53 27.88
N LEU W 331 163.59 -1.80 28.98
CA LEU W 331 163.01 -0.46 28.88
C LEU W 331 163.89 0.46 28.04
N ASN W 332 165.21 0.26 28.07
CA ASN W 332 166.15 1.02 27.26
C ASN W 332 165.93 0.74 25.78
N VAL W 333 166.16 -0.52 25.37
CA VAL W 333 166.16 -0.88 23.97
C VAL W 333 164.84 -0.56 23.27
N GLN W 334 163.74 -0.48 24.03
CA GLN W 334 162.46 -0.12 23.43
C GLN W 334 162.44 1.33 22.98
N ASN W 335 162.78 2.26 23.88
CA ASN W 335 162.66 3.68 23.58
C ASN W 335 163.81 4.21 22.74
N LYS W 336 164.96 3.53 22.74
CA LYS W 336 166.05 3.91 21.86
C LYS W 336 165.84 3.42 20.42
N ASN W 337 164.80 2.62 20.19
CA ASN W 337 164.37 2.19 18.86
C ASN W 337 162.87 2.39 18.71
N SER W 338 162.37 3.50 19.26
CA SER W 338 160.93 3.71 19.40
C SER W 338 160.19 3.69 18.07
N SER W 339 160.87 3.98 16.96
CA SER W 339 160.21 3.95 15.66
C SER W 339 159.96 2.54 15.15
N TYR W 340 160.51 1.52 15.80
CA TYR W 340 160.34 0.14 15.35
C TYR W 340 159.26 -0.61 16.10
N PHE W 341 158.84 -0.13 17.26
CA PHE W 341 157.71 -0.71 17.98
C PHE W 341 156.46 0.13 17.72
N VAL W 342 155.36 -0.54 17.38
CA VAL W 342 154.09 0.10 17.10
C VAL W 342 153.70 1.00 18.27
N GLU W 343 153.26 2.22 17.95
CA GLU W 343 152.87 3.16 18.99
C GLU W 343 151.46 2.90 19.53
N TRP W 344 150.55 2.41 18.68
CA TRP W 344 149.15 2.30 19.08
C TRP W 344 148.86 1.08 19.96
N ILE W 345 149.86 0.30 20.31
CA ILE W 345 149.73 -0.76 21.31
C ILE W 345 150.71 -0.44 22.45
N PRO W 346 150.24 0.19 23.52
CA PRO W 346 151.15 0.57 24.60
C PRO W 346 151.51 -0.61 25.48
N ASN W 347 152.77 -0.61 25.95
CA ASN W 347 153.32 -1.70 26.76
C ASN W 347 153.16 -3.05 26.06
N ASN W 348 153.53 -3.07 24.77
CA ASN W 348 153.38 -4.27 23.96
C ASN W 348 154.51 -5.26 24.17
N VAL W 349 155.62 -4.84 24.76
CA VAL W 349 156.73 -5.74 25.07
C VAL W 349 156.59 -6.21 26.51
N LYS W 350 156.74 -7.52 26.71
CA LYS W 350 156.59 -8.13 28.03
C LYS W 350 157.77 -9.05 28.29
N THR W 351 158.38 -8.91 29.46
CA THR W 351 159.56 -9.67 29.84
C THR W 351 159.25 -10.59 31.01
N ALA W 352 159.89 -11.76 31.03
CA ALA W 352 159.75 -12.72 32.11
C ALA W 352 161.09 -13.40 32.34
N VAL W 353 161.33 -13.82 33.58
CA VAL W 353 162.59 -14.43 33.99
C VAL W 353 162.32 -15.80 34.59
N CYS W 354 163.22 -16.76 34.35
CA CYS W 354 163.16 -18.09 34.94
C CYS W 354 164.56 -18.45 35.41
N ASP W 355 164.67 -18.90 36.66
CA ASP W 355 165.97 -19.09 37.28
C ASP W 355 166.73 -20.28 36.71
N ILE W 356 166.04 -21.34 36.30
CA ILE W 356 166.70 -22.56 35.82
C ILE W 356 167.19 -22.42 34.38
N PRO W 357 168.50 -22.44 34.14
CA PRO W 357 169.01 -22.34 32.77
C PRO W 357 169.04 -23.70 32.08
N PRO W 358 169.25 -23.74 30.76
CA PRO W 358 169.47 -25.01 30.08
C PRO W 358 170.93 -25.43 30.08
N ARG W 359 171.16 -26.74 30.04
CA ARG W 359 172.48 -27.30 30.27
C ARG W 359 173.43 -26.91 29.15
N GLY W 360 174.63 -26.47 29.51
CA GLY W 360 175.58 -25.93 28.55
C GLY W 360 175.76 -24.46 28.80
N LEU W 361 174.65 -23.77 29.09
CA LEU W 361 174.64 -22.32 29.22
C LEU W 361 174.37 -21.91 30.67
N LYS W 362 175.04 -20.85 31.11
CA LYS W 362 174.71 -20.26 32.41
C LYS W 362 173.49 -19.35 32.30
N MET W 363 173.40 -18.60 31.21
CA MET W 363 172.30 -17.69 30.92
C MET W 363 171.85 -17.87 29.48
N SER W 364 170.59 -17.54 29.21
CA SER W 364 170.05 -17.58 27.86
C SER W 364 168.84 -16.66 27.81
N ALA W 365 168.38 -16.38 26.59
CA ALA W 365 167.28 -15.44 26.39
C ALA W 365 166.62 -15.72 25.05
N THR W 366 165.31 -15.93 25.07
CA THR W 366 164.52 -16.20 23.88
C THR W 366 163.62 -15.01 23.57
N PHE W 367 163.43 -14.72 22.27
CA PHE W 367 162.82 -13.47 21.82
C PHE W 367 161.67 -13.80 20.85
N ILE W 368 160.48 -14.00 21.39
CA ILE W 368 159.28 -14.26 20.58
C ILE W 368 158.70 -12.92 20.14
N GLY W 369 158.56 -12.73 18.83
CA GLY W 369 158.08 -11.47 18.32
C GLY W 369 157.08 -11.54 17.18
N ASN W 370 155.97 -10.80 17.31
CA ASN W 370 155.03 -10.61 16.21
C ASN W 370 155.47 -9.38 15.43
N SER W 371 156.37 -9.57 14.47
CA SER W 371 156.91 -8.49 13.66
C SER W 371 156.27 -8.54 12.27
N THR W 372 155.85 -7.37 11.77
CA THR W 372 155.28 -7.28 10.43
C THR W 372 156.31 -7.64 9.35
N ALA W 373 157.60 -7.63 9.69
CA ALA W 373 158.64 -8.06 8.77
C ALA W 373 158.44 -9.47 8.27
N ILE W 374 157.71 -10.31 9.01
CA ILE W 374 157.42 -11.69 8.63
C ILE W 374 156.82 -11.75 7.23
N GLN W 375 156.29 -10.63 6.74
CA GLN W 375 155.79 -10.57 5.36
C GLN W 375 156.87 -10.91 4.35
N GLU W 376 158.14 -10.61 4.67
CA GLU W 376 159.24 -11.01 3.80
C GLU W 376 159.26 -12.53 3.59
N LEU W 377 159.03 -13.29 4.67
CA LEU W 377 158.99 -14.75 4.54
C LEU W 377 157.89 -15.18 3.61
N PHE W 378 156.68 -14.64 3.78
CA PHE W 378 155.56 -15.03 2.94
C PHE W 378 155.71 -14.54 1.51
N LYS W 379 156.43 -13.44 1.31
CA LYS W 379 156.77 -13.01 -0.05
C LYS W 379 157.57 -14.09 -0.77
N ARG W 380 158.61 -14.60 -0.12
CA ARG W 380 159.46 -15.63 -0.73
C ARG W 380 158.65 -16.85 -1.15
N ILE W 381 157.80 -17.34 -0.24
CA ILE W 381 157.00 -18.53 -0.53
C ILE W 381 156.05 -18.28 -1.68
N SER W 382 155.45 -17.08 -1.73
CA SER W 382 154.44 -16.79 -2.75
C SER W 382 155.07 -16.67 -4.14
N GLU W 383 156.20 -15.97 -4.24
CA GLU W 383 156.87 -15.83 -5.54
C GLU W 383 157.31 -17.18 -6.09
N GLN W 384 157.86 -18.04 -5.22
CA GLN W 384 158.19 -19.40 -5.65
C GLN W 384 156.95 -20.18 -6.05
N PHE W 385 155.87 -20.06 -5.27
CA PHE W 385 154.62 -20.72 -5.63
C PHE W 385 154.10 -20.22 -6.97
N THR W 386 154.10 -18.90 -7.17
CA THR W 386 153.51 -18.33 -8.38
C THR W 386 154.31 -18.69 -9.62
N ALA W 387 155.64 -18.54 -9.56
CA ALA W 387 156.51 -19.00 -10.63
C ALA W 387 156.19 -20.44 -11.02
N MET W 388 156.05 -21.31 -10.02
CA MET W 388 155.68 -22.70 -10.27
C MET W 388 154.27 -22.81 -10.84
N PHE W 389 153.32 -22.08 -10.25
CA PHE W 389 151.91 -22.28 -10.59
C PHE W 389 151.54 -21.68 -11.94
N ARG W 390 152.22 -20.60 -12.35
CA ARG W 390 151.89 -19.99 -13.64
C ARG W 390 152.24 -20.92 -14.79
N ARG W 391 153.27 -21.75 -14.62
CA ARG W 391 153.60 -22.79 -15.59
C ARG W 391 152.90 -24.10 -15.28
N LYS W 392 152.11 -24.16 -14.20
CA LYS W 392 151.21 -25.27 -13.92
C LYS W 392 151.95 -26.59 -13.74
N ALA W 393 153.18 -26.54 -13.23
CA ALA W 393 153.98 -27.73 -13.06
C ALA W 393 153.42 -28.62 -11.95
N PHE W 394 153.55 -29.94 -12.16
CA PHE W 394 153.24 -30.96 -11.15
C PHE W 394 151.81 -30.87 -10.62
N LEU W 395 150.93 -30.16 -11.32
CA LEU W 395 149.55 -30.02 -10.83
C LEU W 395 148.79 -31.33 -10.89
N HIS W 396 149.13 -32.20 -11.84
CA HIS W 396 148.43 -33.48 -11.97
C HIS W 396 148.65 -34.37 -10.75
N TRP W 397 149.74 -34.18 -10.02
CA TRP W 397 149.91 -34.86 -8.74
C TRP W 397 148.72 -34.58 -7.83
N TYR W 398 148.48 -33.29 -7.53
CA TYR W 398 147.48 -32.91 -6.56
C TYR W 398 146.07 -33.15 -7.09
N THR W 399 145.82 -32.75 -8.35
CA THR W 399 144.49 -32.91 -8.92
C THR W 399 144.09 -34.37 -9.02
N GLY W 400 145.04 -35.25 -9.31
CA GLY W 400 144.75 -36.68 -9.35
C GLY W 400 144.23 -37.21 -8.03
N GLU W 401 144.66 -36.62 -6.92
CA GLU W 401 144.23 -37.03 -5.59
C GLU W 401 142.93 -36.34 -5.16
N GLY W 402 142.19 -35.75 -6.10
CA GLY W 402 140.92 -35.14 -5.81
C GLY W 402 140.92 -33.63 -5.63
N MET W 403 142.08 -32.99 -5.67
CA MET W 403 142.13 -31.55 -5.52
C MET W 403 141.68 -30.84 -6.79
N ASP W 404 141.20 -29.62 -6.62
CA ASP W 404 140.77 -28.78 -7.73
C ASP W 404 141.77 -27.65 -7.94
N GLU W 405 142.01 -27.31 -9.21
CA GLU W 405 142.92 -26.22 -9.55
C GLU W 405 142.55 -24.92 -8.85
N MET W 406 141.26 -24.70 -8.60
CA MET W 406 140.81 -23.49 -7.93
C MET W 406 141.47 -23.32 -6.57
N GLU W 407 141.67 -24.42 -5.83
CA GLU W 407 142.25 -24.35 -4.50
C GLU W 407 143.58 -23.60 -4.50
N PHE W 408 144.43 -23.86 -5.49
CA PHE W 408 145.72 -23.18 -5.56
C PHE W 408 145.55 -21.66 -5.66
N THR W 409 144.63 -21.21 -6.50
CA THR W 409 144.38 -19.78 -6.64
C THR W 409 143.91 -19.18 -5.33
N GLU W 410 143.03 -19.87 -4.61
CA GLU W 410 142.54 -19.36 -3.33
C GLU W 410 143.67 -19.24 -2.31
N ALA W 411 144.48 -20.30 -2.19
CA ALA W 411 145.61 -20.25 -1.26
C ALA W 411 146.61 -19.18 -1.67
N GLU W 412 146.87 -19.04 -2.96
CA GLU W 412 147.73 -17.96 -3.46
C GLU W 412 147.18 -16.61 -3.04
N SER W 413 145.90 -16.35 -3.33
CA SER W 413 145.30 -15.06 -2.99
C SER W 413 145.22 -14.87 -1.48
N ASN W 414 144.89 -15.94 -0.74
CA ASN W 414 144.73 -15.82 0.71
C ASN W 414 146.05 -15.46 1.38
N MET W 415 147.16 -16.01 0.89
CA MET W 415 148.46 -15.64 1.43
C MET W 415 148.81 -14.19 1.08
N ASN W 416 148.39 -13.72 -0.10
CA ASN W 416 148.67 -12.35 -0.48
C ASN W 416 147.88 -11.35 0.36
N ASP W 417 146.63 -11.69 0.69
CA ASP W 417 145.89 -10.88 1.65
C ASP W 417 146.60 -10.82 3.00
N LEU W 418 147.17 -11.95 3.44
CA LEU W 418 147.92 -11.97 4.68
C LEU W 418 149.14 -11.05 4.61
N VAL W 419 149.80 -10.99 3.45
CA VAL W 419 150.93 -10.09 3.28
C VAL W 419 150.47 -8.64 3.30
N SER W 420 149.38 -8.33 2.59
CA SER W 420 148.86 -6.98 2.56
C SER W 420 148.48 -6.50 3.96
N GLU W 421 147.82 -7.36 4.75
CA GLU W 421 147.44 -6.99 6.11
C GLU W 421 148.66 -6.58 6.93
N TYR W 422 149.73 -7.37 6.87
CA TYR W 422 150.97 -7.01 7.56
C TYR W 422 151.49 -5.66 7.08
N GLN W 423 151.40 -5.40 5.78
CA GLN W 423 151.88 -4.13 5.24
C GLN W 423 151.01 -2.97 5.70
N GLN W 424 149.71 -3.20 5.84
CA GLN W 424 148.80 -2.14 6.30
C GLN W 424 149.18 -1.68 7.71
N TYR W 425 149.29 -2.62 8.64
CA TYR W 425 149.61 -2.27 10.02
C TYR W 425 151.03 -1.77 10.17
N GLN W 426 151.91 -2.08 9.22
CA GLN W 426 153.25 -1.51 9.22
C GLN W 426 153.20 -0.01 8.93
N ASP W 427 152.38 0.40 7.96
CA ASP W 427 152.25 1.79 7.58
C ASP W 427 151.20 2.54 8.40
N ALA W 428 150.59 1.89 9.39
CA ALA W 428 149.58 2.55 10.20
C ALA W 428 150.23 3.59 11.11
N THR W 429 149.42 4.56 11.53
CA THR W 429 149.88 5.65 12.38
C THR W 429 148.89 5.86 13.53
N ALA W 430 149.41 6.34 14.65
CA ALA W 430 148.55 6.69 15.78
C ALA W 430 147.96 8.09 15.62
N ASP W 431 148.76 9.03 15.13
CA ASP W 431 148.41 10.45 15.00
C ASP W 431 147.45 10.96 16.06
N ARG X 2 147.66 -63.51 -39.62
CA ARG X 2 148.40 -63.30 -40.85
C ARG X 2 147.48 -62.96 -42.01
N GLU X 3 146.22 -63.37 -41.89
CA GLU X 3 145.36 -63.54 -43.06
C GLU X 3 144.69 -62.23 -43.47
N CYS X 4 144.20 -62.20 -44.71
CA CYS X 4 143.57 -61.03 -45.29
C CYS X 4 142.37 -61.47 -46.13
N ILE X 5 141.24 -60.79 -45.96
CA ILE X 5 139.99 -61.12 -46.64
C ILE X 5 139.73 -60.08 -47.73
N SER X 6 139.40 -60.56 -48.93
CA SER X 6 139.04 -59.70 -50.05
C SER X 6 137.52 -59.67 -50.23
N ILE X 7 137.00 -58.51 -50.61
CA ILE X 7 135.56 -58.34 -50.85
C ILE X 7 135.38 -57.64 -52.18
N HIS X 8 134.39 -58.09 -52.96
CA HIS X 8 134.15 -57.57 -54.30
C HIS X 8 132.67 -57.20 -54.42
N VAL X 9 132.40 -55.93 -54.70
CA VAL X 9 131.06 -55.37 -54.67
C VAL X 9 130.73 -54.80 -56.04
N GLY X 10 129.55 -55.13 -56.56
CA GLY X 10 129.16 -54.66 -57.87
C GLY X 10 129.92 -55.33 -59.01
N GLN X 11 129.42 -55.14 -60.23
CA GLN X 11 130.08 -55.69 -61.42
C GLN X 11 131.56 -55.35 -61.46
N ALA X 12 131.90 -54.10 -61.18
CA ALA X 12 133.30 -53.66 -61.19
C ALA X 12 134.14 -54.50 -60.25
N GLY X 13 133.79 -54.51 -58.97
CA GLY X 13 134.50 -55.34 -58.00
C GLY X 13 134.57 -56.80 -58.41
N VAL X 14 133.43 -57.38 -58.78
CA VAL X 14 133.37 -58.81 -59.08
C VAL X 14 134.22 -59.14 -60.30
N GLN X 15 134.12 -58.33 -61.36
CA GLN X 15 134.81 -58.66 -62.60
C GLN X 15 136.31 -58.37 -62.53
N ILE X 16 136.70 -57.32 -61.79
CA ILE X 16 138.12 -57.11 -61.52
C ILE X 16 138.65 -58.18 -60.58
N GLY X 17 137.81 -58.62 -59.64
CA GLY X 17 138.19 -59.74 -58.78
C GLY X 17 138.59 -60.97 -59.55
N ASN X 18 137.77 -61.35 -60.54
CA ASN X 18 138.10 -62.48 -61.40
C ASN X 18 139.49 -62.32 -62.02
N ALA X 19 139.78 -61.12 -62.54
CA ALA X 19 141.08 -60.89 -63.17
C ALA X 19 142.23 -61.03 -62.18
N CYS X 20 142.01 -60.63 -60.92
CA CYS X 20 143.07 -60.71 -59.93
C CYS X 20 143.27 -62.12 -59.40
N TRP X 21 142.18 -62.83 -59.10
CA TRP X 21 142.33 -64.19 -58.59
C TRP X 21 142.74 -65.16 -59.70
N GLU X 22 142.38 -64.86 -60.94
CA GLU X 22 143.02 -65.53 -62.07
C GLU X 22 144.52 -65.29 -62.06
N LEU X 23 144.93 -64.05 -61.83
CA LEU X 23 146.34 -63.71 -61.82
C LEU X 23 147.03 -64.16 -60.55
N TYR X 24 146.31 -64.19 -59.42
CA TYR X 24 146.89 -64.74 -58.19
C TYR X 24 147.17 -66.23 -58.33
N CYS X 25 146.26 -66.97 -58.98
CA CYS X 25 146.42 -68.41 -59.09
C CYS X 25 147.54 -68.79 -60.07
N LEU X 26 147.80 -67.93 -61.06
CA LEU X 26 148.95 -68.16 -61.93
C LEU X 26 150.25 -67.82 -61.22
N GLU X 27 150.26 -66.74 -60.44
CA GLU X 27 151.46 -66.37 -59.70
C GLU X 27 151.80 -67.38 -58.61
N HIS X 28 150.80 -68.09 -58.07
CA HIS X 28 151.01 -69.06 -57.02
C HIS X 28 150.90 -70.50 -57.51
N GLY X 29 150.88 -70.71 -58.82
CA GLY X 29 150.79 -72.06 -59.37
C GLY X 29 149.60 -72.85 -58.89
N ILE X 30 148.49 -72.17 -58.59
CA ILE X 30 147.27 -72.83 -58.13
C ILE X 30 146.40 -73.12 -59.33
N GLN X 31 145.75 -74.27 -59.31
CA GLN X 31 144.97 -74.76 -60.44
C GLN X 31 143.55 -74.19 -60.39
N PRO X 32 142.85 -74.17 -61.54
CA PRO X 32 141.46 -73.72 -61.51
C PRO X 32 140.57 -74.57 -60.61
N ASP X 33 140.85 -75.87 -60.50
CA ASP X 33 140.11 -76.74 -59.60
C ASP X 33 140.53 -76.57 -58.14
N GLY X 34 141.57 -75.77 -57.87
CA GLY X 34 142.02 -75.50 -56.52
C GLY X 34 143.26 -76.23 -56.10
N GLN X 35 143.70 -77.24 -56.86
CA GLN X 35 144.86 -78.03 -56.46
C GLN X 35 146.15 -77.24 -56.67
N MET X 36 147.25 -77.83 -56.20
CA MET X 36 148.56 -77.20 -56.26
C MET X 36 149.63 -78.27 -56.13
N PRO X 37 150.51 -78.42 -57.14
CA PRO X 37 151.57 -79.43 -57.04
C PRO X 37 152.79 -78.93 -56.29
N SER X 38 152.62 -77.84 -55.54
CA SER X 38 153.74 -77.16 -54.91
C SER X 38 153.41 -76.78 -53.46
N ASP X 47 152.93 -70.63 -44.70
CA ASP X 47 153.61 -70.09 -45.87
C ASP X 47 153.22 -68.63 -46.10
N SER X 48 153.95 -67.95 -47.00
CA SER X 48 153.67 -66.54 -47.25
C SER X 48 152.42 -66.35 -48.08
N PHE X 49 152.10 -67.30 -48.96
CA PHE X 49 150.96 -67.14 -49.86
C PHE X 49 149.63 -67.46 -49.18
N ASN X 50 149.65 -68.12 -48.02
CA ASN X 50 148.42 -68.43 -47.30
C ASN X 50 147.84 -67.22 -46.57
N THR X 51 148.44 -66.04 -46.75
CA THR X 51 147.77 -64.80 -46.35
C THR X 51 146.45 -64.63 -47.07
N PHE X 52 146.36 -65.11 -48.31
CA PHE X 52 145.20 -64.92 -49.17
C PHE X 52 144.33 -66.17 -49.32
N PHE X 53 144.93 -67.36 -49.24
CA PHE X 53 144.22 -68.61 -49.45
C PHE X 53 144.18 -69.42 -48.16
N SER X 54 143.09 -70.19 -48.01
CA SER X 54 142.98 -71.20 -46.97
C SER X 54 143.20 -72.58 -47.58
N GLU X 55 143.08 -73.62 -46.76
CA GLU X 55 143.39 -74.96 -47.20
C GLU X 55 142.34 -75.95 -46.72
N THR X 56 141.92 -76.84 -47.60
CA THR X 56 141.05 -77.96 -47.27
C THR X 56 141.87 -79.15 -46.80
N GLY X 57 141.21 -80.06 -46.08
CA GLY X 57 141.84 -81.32 -45.71
C GLY X 57 142.25 -82.16 -46.89
N ALA X 58 141.60 -81.96 -48.05
CA ALA X 58 141.91 -82.73 -49.25
C ALA X 58 142.93 -82.02 -50.14
N GLY X 59 143.80 -81.19 -49.57
CA GLY X 59 144.84 -80.55 -50.35
C GLY X 59 144.36 -79.48 -51.31
N LYS X 60 143.20 -78.87 -51.04
CA LYS X 60 142.63 -77.86 -51.92
C LYS X 60 142.78 -76.48 -51.27
N HIS X 61 143.10 -75.49 -52.11
CA HIS X 61 143.42 -74.14 -51.64
C HIS X 61 142.29 -73.20 -52.05
N VAL X 62 141.57 -72.68 -51.05
CA VAL X 62 140.38 -71.86 -51.28
C VAL X 62 140.73 -70.40 -50.99
N PRO X 63 140.33 -69.47 -51.85
CA PRO X 63 140.56 -68.04 -51.57
C PRO X 63 139.78 -67.56 -50.35
N ARG X 64 140.31 -66.52 -49.71
CA ARG X 64 139.63 -65.84 -48.62
C ARG X 64 138.90 -64.62 -49.18
N ALA X 65 137.80 -64.88 -49.90
CA ALA X 65 137.14 -63.84 -50.67
C ALA X 65 135.64 -63.99 -50.62
N VAL X 66 134.94 -62.86 -50.69
CA VAL X 66 133.49 -62.79 -50.80
C VAL X 66 133.13 -61.97 -52.03
N PHE X 67 132.18 -62.46 -52.82
CA PHE X 67 131.67 -61.75 -53.98
C PHE X 67 130.24 -61.32 -53.73
N VAL X 68 129.95 -60.04 -53.96
CA VAL X 68 128.63 -59.48 -53.70
C VAL X 68 128.20 -58.63 -54.88
N ASP X 69 126.94 -58.78 -55.30
CA ASP X 69 126.32 -57.94 -56.29
C ASP X 69 124.81 -58.05 -56.08
N LEU X 70 124.11 -56.93 -56.26
CA LEU X 70 122.67 -56.90 -56.01
C LEU X 70 121.90 -57.47 -57.19
N GLU X 71 122.51 -58.39 -57.94
CA GLU X 71 121.99 -58.85 -59.21
C GLU X 71 122.81 -60.06 -59.66
N PRO X 72 122.16 -61.14 -60.08
CA PRO X 72 122.90 -62.39 -60.31
C PRO X 72 123.87 -62.34 -61.48
N THR X 73 123.47 -61.74 -62.60
CA THR X 73 124.10 -61.92 -63.90
C THR X 73 125.62 -62.05 -63.86
N VAL X 74 126.29 -61.12 -63.17
CA VAL X 74 127.75 -61.10 -63.20
C VAL X 74 128.33 -62.25 -62.38
N ILE X 75 127.79 -62.46 -61.17
CA ILE X 75 128.32 -63.51 -60.31
C ILE X 75 127.89 -64.90 -60.78
N ASP X 76 126.78 -65.00 -61.51
CA ASP X 76 126.40 -66.28 -62.11
C ASP X 76 127.49 -66.78 -63.06
N GLU X 77 128.12 -65.87 -63.81
CA GLU X 77 129.19 -66.28 -64.71
C GLU X 77 130.45 -66.70 -63.96
N VAL X 78 130.64 -66.18 -62.74
CA VAL X 78 131.77 -66.62 -61.93
C VAL X 78 131.62 -68.08 -61.54
N ARG X 79 130.46 -68.46 -61.01
CA ARG X 79 130.24 -69.82 -60.56
C ARG X 79 129.91 -70.78 -61.70
N THR X 80 129.92 -70.30 -62.95
CA THR X 80 129.79 -71.17 -64.12
C THR X 80 130.94 -70.93 -65.09
N GLY X 81 132.01 -70.29 -64.59
CA GLY X 81 133.17 -69.97 -65.39
C GLY X 81 134.28 -70.97 -65.18
N THR X 82 135.46 -70.62 -65.70
CA THR X 82 136.64 -71.46 -65.55
C THR X 82 136.93 -71.78 -64.09
N TYR X 83 136.74 -70.80 -63.21
CA TYR X 83 137.06 -70.96 -61.78
C TYR X 83 135.82 -71.20 -60.94
N ARG X 84 134.89 -72.01 -61.43
CA ARG X 84 133.69 -72.32 -60.65
C ARG X 84 134.03 -73.19 -59.43
N GLN X 85 135.03 -74.06 -59.56
CA GLN X 85 135.40 -74.97 -58.48
C GLN X 85 136.24 -74.30 -57.41
N LEU X 86 136.85 -73.15 -57.72
CA LEU X 86 137.77 -72.52 -56.79
C LEU X 86 137.04 -71.96 -55.56
N PHE X 87 135.87 -71.35 -55.76
CA PHE X 87 135.15 -70.72 -54.67
C PHE X 87 134.10 -71.66 -54.09
N HIS X 88 133.92 -71.59 -52.76
CA HIS X 88 132.78 -72.24 -52.15
C HIS X 88 131.49 -71.51 -52.52
N PRO X 89 130.41 -72.23 -52.79
CA PRO X 89 129.17 -71.56 -53.24
C PRO X 89 128.62 -70.56 -52.24
N GLU X 90 128.88 -70.76 -50.95
CA GLU X 90 128.43 -69.81 -49.94
C GLU X 90 129.18 -68.47 -50.00
N GLN X 91 130.29 -68.40 -50.73
CA GLN X 91 131.04 -67.16 -50.84
C GLN X 91 130.45 -66.21 -51.88
N LEU X 92 129.75 -66.74 -52.88
CA LEU X 92 129.17 -65.95 -53.96
C LEU X 92 127.73 -65.61 -53.61
N ILE X 93 127.47 -64.34 -53.31
CA ILE X 93 126.18 -63.87 -52.84
C ILE X 93 125.58 -62.93 -53.89
N THR X 94 124.30 -63.15 -54.21
CA THR X 94 123.59 -62.31 -55.17
C THR X 94 122.18 -62.00 -54.67
N GLY X 95 121.73 -60.79 -54.93
CA GLY X 95 120.34 -60.40 -54.79
C GLY X 95 119.57 -60.59 -56.08
N LYS X 96 118.49 -59.80 -56.24
CA LYS X 96 117.71 -59.90 -57.46
C LYS X 96 117.55 -58.55 -58.15
N GLU X 97 117.13 -57.53 -57.41
CA GLU X 97 117.00 -56.19 -57.95
C GLU X 97 118.31 -55.43 -57.74
N ASP X 98 118.88 -54.92 -58.84
CA ASP X 98 120.10 -54.15 -58.74
C ASP X 98 119.80 -52.74 -58.20
N ALA X 99 120.86 -51.96 -58.01
CA ALA X 99 120.71 -50.61 -57.46
C ALA X 99 120.38 -49.56 -58.52
N ALA X 100 120.53 -49.90 -59.80
CA ALA X 100 120.18 -49.00 -60.91
C ALA X 100 120.92 -47.66 -60.80
N ASN X 101 122.25 -47.73 -60.68
CA ASN X 101 123.13 -46.57 -60.70
C ASN X 101 122.71 -45.50 -59.69
N ASN X 102 122.11 -45.90 -58.57
CA ASN X 102 121.60 -44.98 -57.56
C ASN X 102 122.19 -45.38 -56.23
N TYR X 103 123.04 -44.50 -55.67
CA TYR X 103 123.64 -44.75 -54.37
C TYR X 103 122.59 -45.01 -53.30
N ALA X 104 121.46 -44.29 -53.36
CA ALA X 104 120.41 -44.45 -52.36
C ALA X 104 119.93 -45.90 -52.28
N ARG X 105 119.70 -46.53 -53.44
CA ARG X 105 119.22 -47.91 -53.44
C ARG X 105 120.30 -48.86 -52.93
N GLY X 106 121.56 -48.63 -53.32
CA GLY X 106 122.64 -49.45 -52.81
C GLY X 106 122.83 -49.35 -51.31
N HIS X 107 122.64 -48.14 -50.77
CA HIS X 107 122.92 -47.90 -49.35
C HIS X 107 121.68 -48.10 -48.47
N TYR X 108 120.53 -47.59 -48.90
CA TYR X 108 119.35 -47.53 -48.04
C TYR X 108 118.31 -48.60 -48.40
N THR X 109 117.78 -48.56 -49.61
CA THR X 109 116.59 -49.33 -49.95
C THR X 109 116.92 -50.80 -50.16
N ILE X 110 117.79 -51.10 -51.12
CA ILE X 110 118.10 -52.49 -51.46
C ILE X 110 119.21 -53.04 -50.58
N GLY X 111 120.20 -52.21 -50.25
CA GLY X 111 121.35 -52.70 -49.50
C GLY X 111 121.00 -53.24 -48.13
N LYS X 112 120.00 -52.66 -47.47
CA LYS X 112 119.63 -53.14 -46.15
C LYS X 112 119.01 -54.53 -46.17
N GLU X 113 118.48 -54.95 -47.33
CA GLU X 113 117.86 -56.27 -47.43
C GLU X 113 118.87 -57.41 -47.46
N ILE X 114 120.15 -57.12 -47.71
CA ILE X 114 121.12 -58.19 -47.93
C ILE X 114 122.37 -57.97 -47.11
N ILE X 115 122.49 -56.79 -46.48
CA ILE X 115 123.70 -56.46 -45.74
C ILE X 115 123.97 -57.50 -44.64
N ASP X 116 122.90 -58.00 -44.01
CA ASP X 116 123.08 -58.93 -42.89
C ASP X 116 123.57 -60.29 -43.36
N LEU X 117 123.01 -60.79 -44.47
CA LEU X 117 123.51 -62.04 -45.04
C LEU X 117 124.98 -61.91 -45.45
N VAL X 118 125.37 -60.75 -45.97
CA VAL X 118 126.75 -60.54 -46.40
C VAL X 118 127.68 -60.51 -45.19
N LEU X 119 127.32 -59.74 -44.16
CA LEU X 119 128.12 -59.70 -42.95
C LEU X 119 128.22 -61.08 -42.30
N ASP X 120 127.17 -61.90 -42.41
CA ASP X 120 127.21 -63.24 -41.84
C ASP X 120 128.21 -64.13 -42.56
N ARG X 121 128.22 -64.08 -43.90
CA ARG X 121 129.15 -64.90 -44.66
C ARG X 121 130.60 -64.43 -44.51
N ILE X 122 130.81 -63.16 -44.16
CA ILE X 122 132.16 -62.70 -43.87
C ILE X 122 132.66 -63.30 -42.56
N ARG X 123 131.77 -63.40 -41.56
CA ARG X 123 132.15 -64.00 -40.28
C ARG X 123 132.61 -65.44 -40.45
N LYS X 124 132.05 -66.17 -41.42
CA LYS X 124 132.45 -67.56 -41.62
C LYS X 124 133.88 -67.67 -42.12
N LEU X 125 134.34 -66.71 -42.92
CA LEU X 125 135.74 -66.67 -43.32
C LEU X 125 136.64 -66.12 -42.21
N ALA X 126 136.12 -65.17 -41.42
CA ALA X 126 136.91 -64.64 -40.31
C ALA X 126 137.01 -65.63 -39.16
N ASP X 127 136.05 -66.54 -39.02
CA ASP X 127 136.13 -67.57 -37.99
C ASP X 127 137.17 -68.63 -38.34
N GLN X 128 137.40 -68.86 -39.64
CA GLN X 128 138.45 -69.79 -40.05
C GLN X 128 139.84 -69.21 -39.83
N CYS X 129 139.96 -67.90 -39.67
CA CYS X 129 141.24 -67.23 -39.56
C CYS X 129 141.62 -67.03 -38.09
N THR X 130 142.93 -67.04 -37.83
CA THR X 130 143.45 -66.91 -36.47
C THR X 130 143.88 -65.47 -36.17
N GLY X 131 144.77 -64.91 -36.98
CA GLY X 131 145.22 -63.55 -36.79
C GLY X 131 144.84 -62.64 -37.96
N LEU X 132 143.54 -62.38 -38.11
CA LEU X 132 143.06 -61.63 -39.26
C LEU X 132 143.58 -60.20 -39.24
N GLN X 133 144.05 -59.74 -40.40
CA GLN X 133 144.63 -58.40 -40.53
C GLN X 133 143.58 -57.34 -40.84
N GLY X 134 142.69 -57.62 -41.80
CA GLY X 134 141.81 -56.58 -42.31
C GLY X 134 141.17 -57.03 -43.61
N PHE X 135 140.71 -56.04 -44.38
CA PHE X 135 139.87 -56.29 -45.55
C PHE X 135 140.36 -55.52 -46.76
N SER X 136 140.32 -56.17 -47.91
CA SER X 136 140.49 -55.51 -49.21
C SER X 136 139.14 -55.39 -49.89
N VAL X 137 138.84 -54.21 -50.43
CA VAL X 137 137.51 -53.90 -50.96
C VAL X 137 137.65 -53.40 -52.39
N PHE X 138 136.89 -54.00 -53.30
CA PHE X 138 136.92 -53.68 -54.72
C PHE X 138 135.52 -53.26 -55.16
N HIS X 139 135.41 -52.09 -55.75
CA HIS X 139 134.10 -51.55 -56.12
C HIS X 139 134.28 -50.37 -57.06
N SER X 140 133.22 -50.09 -57.83
CA SER X 140 133.14 -48.91 -58.67
C SER X 140 132.70 -47.68 -57.87
N PHE X 141 132.87 -46.51 -58.48
CA PHE X 141 132.32 -45.26 -57.95
C PHE X 141 130.92 -44.96 -58.47
N GLY X 142 130.75 -44.92 -59.78
CA GLY X 142 129.49 -44.49 -60.36
C GLY X 142 128.35 -45.47 -60.18
N GLY X 143 128.67 -46.75 -59.98
CA GLY X 143 127.62 -47.73 -59.79
C GLY X 143 126.81 -47.46 -58.55
N GLY X 144 125.53 -47.86 -58.61
CA GLY X 144 124.69 -47.76 -57.43
C GLY X 144 125.09 -48.76 -56.35
N THR X 145 125.29 -50.01 -56.75
CA THR X 145 125.82 -51.01 -55.81
C THR X 145 127.22 -50.63 -55.35
N GLY X 146 128.11 -50.31 -56.29
CA GLY X 146 129.48 -49.99 -55.93
C GLY X 146 129.60 -48.83 -54.96
N SER X 147 128.80 -47.78 -55.17
CA SER X 147 128.83 -46.64 -54.27
C SER X 147 128.05 -46.91 -52.99
N GLY X 148 126.78 -47.29 -53.11
CA GLY X 148 125.89 -47.38 -51.98
C GLY X 148 126.18 -48.53 -51.03
N PHE X 149 126.22 -49.75 -51.55
CA PHE X 149 126.36 -50.92 -50.68
C PHE X 149 127.72 -50.95 -50.00
N THR X 150 128.79 -50.66 -50.76
CA THR X 150 130.12 -50.62 -50.17
C THR X 150 130.18 -49.67 -48.99
N SER X 151 129.76 -48.41 -49.20
CA SER X 151 129.78 -47.43 -48.12
C SER X 151 128.98 -47.92 -46.91
N LEU X 152 127.88 -48.62 -47.15
CA LEU X 152 127.14 -49.25 -46.05
C LEU X 152 127.97 -50.35 -45.40
N LEU X 153 128.47 -51.29 -46.21
CA LEU X 153 129.24 -52.40 -45.67
C LEU X 153 130.49 -51.91 -44.93
N MET X 154 131.12 -50.85 -45.41
CA MET X 154 132.28 -50.29 -44.72
C MET X 154 131.90 -49.73 -43.36
N GLU X 155 130.74 -49.08 -43.27
CA GLU X 155 130.23 -48.61 -41.98
C GLU X 155 130.09 -49.79 -41.00
N ARG X 156 129.51 -50.89 -41.46
CA ARG X 156 129.23 -52.02 -40.57
C ARG X 156 130.48 -52.82 -40.23
N LEU X 157 131.49 -52.82 -41.12
CA LEU X 157 132.74 -53.49 -40.80
C LEU X 157 133.56 -52.70 -39.77
N SER X 158 133.40 -51.39 -39.75
CA SER X 158 134.04 -50.58 -38.71
C SER X 158 133.43 -50.81 -37.33
N VAL X 159 132.33 -51.56 -37.25
CA VAL X 159 131.73 -51.94 -35.97
C VAL X 159 132.15 -53.37 -35.62
N ASP X 160 131.77 -54.33 -36.46
CA ASP X 160 131.96 -55.74 -36.17
C ASP X 160 133.44 -56.16 -36.22
N TYR X 161 134.31 -55.34 -36.79
CA TYR X 161 135.74 -55.62 -36.84
C TYR X 161 136.55 -54.35 -36.63
N GLY X 162 136.03 -53.44 -35.82
CA GLY X 162 136.51 -52.06 -35.82
C GLY X 162 138.01 -51.89 -35.63
N LYS X 163 138.64 -52.78 -34.87
CA LYS X 163 140.05 -52.61 -34.51
C LYS X 163 141.00 -53.22 -35.53
N LYS X 164 140.76 -53.02 -36.83
CA LYS X 164 141.67 -53.54 -37.85
C LYS X 164 141.47 -52.76 -39.15
N SER X 165 142.34 -53.06 -40.11
CA SER X 165 142.50 -52.24 -41.30
C SER X 165 141.46 -52.55 -42.36
N LYS X 166 141.26 -51.58 -43.26
CA LYS X 166 140.38 -51.71 -44.43
C LYS X 166 140.95 -50.89 -45.57
N LEU X 167 141.15 -51.52 -46.72
CA LEU X 167 141.75 -50.89 -47.89
C LEU X 167 140.80 -50.91 -49.07
N GLU X 168 140.75 -49.82 -49.82
CA GLU X 168 139.86 -49.66 -50.97
C GLU X 168 140.61 -49.83 -52.29
N PHE X 169 139.88 -50.29 -53.31
CA PHE X 169 140.33 -50.29 -54.71
C PHE X 169 139.17 -49.76 -55.55
N SER X 170 139.12 -48.44 -55.70
CA SER X 170 138.01 -47.76 -56.35
C SER X 170 138.25 -47.56 -57.84
N ILE X 171 137.16 -47.61 -58.61
CA ILE X 171 137.18 -47.39 -60.05
C ILE X 171 136.63 -45.99 -60.32
N TYR X 172 137.52 -45.04 -60.56
CA TYR X 172 137.13 -43.67 -60.86
C TYR X 172 136.44 -43.62 -62.23
N PRO X 173 135.32 -42.92 -62.36
CA PRO X 173 134.53 -43.00 -63.59
C PRO X 173 135.15 -42.21 -64.73
N ALA X 174 134.73 -42.57 -65.94
CA ALA X 174 135.26 -41.99 -67.17
C ALA X 174 134.21 -42.06 -68.28
N PRO X 175 133.88 -40.92 -68.91
CA PRO X 175 132.81 -40.91 -69.94
C PRO X 175 132.98 -41.93 -71.06
N GLN X 176 134.19 -42.42 -71.28
CA GLN X 176 134.42 -43.35 -72.39
C GLN X 176 133.81 -44.72 -72.13
N VAL X 177 133.58 -45.08 -70.86
CA VAL X 177 132.94 -46.36 -70.52
C VAL X 177 131.81 -46.10 -69.54
N SER X 178 131.48 -44.83 -69.32
CA SER X 178 130.50 -44.46 -68.32
C SER X 178 129.11 -44.96 -68.72
N THR X 179 128.41 -45.57 -67.77
CA THR X 179 127.08 -46.11 -68.01
C THR X 179 125.95 -45.20 -67.52
N ALA X 180 126.26 -44.14 -66.77
CA ALA X 180 125.23 -43.32 -66.14
C ALA X 180 125.63 -41.86 -66.17
N VAL X 181 124.61 -40.99 -66.18
CA VAL X 181 124.82 -39.56 -66.06
C VAL X 181 125.16 -39.19 -64.62
N VAL X 182 124.61 -39.93 -63.65
CA VAL X 182 124.64 -39.54 -62.24
C VAL X 182 125.88 -40.09 -61.57
N GLU X 183 126.86 -40.55 -62.36
CA GLU X 183 128.08 -41.10 -61.77
C GLU X 183 128.84 -40.09 -60.92
N PRO X 184 128.89 -38.78 -61.26
CA PRO X 184 129.44 -37.82 -60.29
C PRO X 184 128.74 -37.85 -58.94
N TYR X 185 127.41 -37.90 -58.93
CA TYR X 185 126.66 -38.02 -57.68
C TYR X 185 127.14 -39.20 -56.85
N ASN X 186 127.11 -40.40 -57.44
CA ASN X 186 127.47 -41.61 -56.70
C ASN X 186 128.89 -41.54 -56.17
N SER X 187 129.82 -41.00 -56.98
CA SER X 187 131.21 -40.89 -56.54
C SER X 187 131.33 -40.02 -55.30
N ILE X 188 130.80 -38.79 -55.35
CA ILE X 188 130.86 -37.89 -54.20
C ILE X 188 130.18 -38.50 -52.98
N LEU X 189 129.02 -39.13 -53.18
CA LEU X 189 128.24 -39.62 -52.05
C LEU X 189 128.95 -40.74 -51.31
N THR X 190 129.52 -41.72 -52.03
CA THR X 190 130.21 -42.81 -51.35
C THR X 190 131.52 -42.33 -50.75
N THR X 191 132.25 -41.44 -51.45
CA THR X 191 133.51 -40.95 -50.93
C THR X 191 133.31 -40.14 -49.65
N HIS X 192 132.14 -39.53 -49.50
CA HIS X 192 131.82 -38.82 -48.25
C HIS X 192 131.62 -39.79 -47.10
N THR X 193 130.77 -40.80 -47.29
CA THR X 193 130.42 -41.72 -46.20
C THR X 193 131.48 -42.79 -45.95
N THR X 194 132.38 -43.04 -46.91
CA THR X 194 133.44 -44.03 -46.73
C THR X 194 134.76 -43.39 -46.36
N LEU X 195 134.82 -42.06 -46.24
CA LEU X 195 136.07 -41.38 -45.94
C LEU X 195 136.58 -41.74 -44.55
N GLU X 196 135.70 -41.69 -43.55
CA GLU X 196 136.11 -41.98 -42.17
C GLU X 196 136.41 -43.45 -41.94
N HIS X 197 135.84 -44.35 -42.75
CA HIS X 197 135.94 -45.78 -42.51
C HIS X 197 137.04 -46.45 -43.34
N SER X 198 137.77 -45.70 -44.14
CA SER X 198 138.82 -46.24 -44.99
C SER X 198 140.17 -45.74 -44.51
N ASP X 199 141.13 -46.66 -44.38
CA ASP X 199 142.48 -46.31 -43.98
C ASP X 199 143.35 -45.89 -45.16
N CYS X 200 143.15 -46.51 -46.32
CA CYS X 200 143.86 -46.15 -47.53
C CYS X 200 143.04 -46.61 -48.73
N ALA X 201 143.18 -45.91 -49.85
CA ALA X 201 142.30 -46.11 -51.00
C ALA X 201 143.05 -45.80 -52.28
N PHE X 202 143.18 -46.79 -53.16
CA PHE X 202 143.85 -46.63 -54.45
C PHE X 202 142.79 -46.39 -55.53
N MET X 203 142.77 -45.17 -56.08
CA MET X 203 141.86 -44.85 -57.17
C MET X 203 142.42 -45.35 -58.50
N VAL X 204 141.51 -45.73 -59.39
CA VAL X 204 141.85 -46.17 -60.74
C VAL X 204 140.97 -45.39 -61.71
N ASP X 205 141.55 -44.39 -62.37
CA ASP X 205 140.82 -43.63 -63.38
C ASP X 205 140.66 -44.50 -64.63
N ASN X 206 139.41 -44.83 -64.96
CA ASN X 206 139.14 -45.64 -66.15
C ASN X 206 139.58 -44.94 -67.44
N GLU X 207 139.75 -43.61 -67.41
CA GLU X 207 140.24 -42.91 -68.59
C GLU X 207 141.71 -43.19 -68.83
N ALA X 208 142.52 -43.12 -67.77
CA ALA X 208 143.94 -43.42 -67.90
C ALA X 208 144.15 -44.86 -68.39
N ILE X 209 143.42 -45.81 -67.79
CA ILE X 209 143.49 -47.20 -68.25
C ILE X 209 143.04 -47.30 -69.70
N TYR X 210 142.04 -46.50 -70.08
CA TYR X 210 141.63 -46.44 -71.48
C TYR X 210 142.74 -45.86 -72.35
N ASP X 211 143.27 -44.70 -71.97
CA ASP X 211 144.37 -44.07 -72.71
C ASP X 211 145.55 -45.02 -72.85
N ILE X 212 145.93 -45.70 -71.76
CA ILE X 212 147.07 -46.60 -71.79
C ILE X 212 146.82 -47.76 -72.75
N CYS X 213 145.62 -48.35 -72.69
CA CYS X 213 145.32 -49.49 -73.56
C CYS X 213 145.30 -49.12 -75.03
N ARG X 214 144.97 -47.87 -75.35
CA ARG X 214 144.97 -47.44 -76.75
C ARG X 214 146.37 -47.13 -77.25
N ARG X 215 147.26 -46.65 -76.37
CA ARG X 215 148.60 -46.23 -76.78
C ARG X 215 149.61 -47.38 -76.73
N ASN X 216 149.75 -48.02 -75.56
CA ASN X 216 150.84 -48.95 -75.34
C ASN X 216 150.46 -50.39 -75.62
N LEU X 217 149.19 -50.75 -75.46
CA LEU X 217 148.70 -52.07 -75.87
C LEU X 217 148.19 -52.10 -77.30
N ASP X 218 148.01 -50.93 -77.92
CA ASP X 218 147.60 -50.81 -79.32
C ASP X 218 146.24 -51.47 -79.57
N ILE X 219 145.23 -50.94 -78.90
CA ILE X 219 143.85 -51.40 -79.05
C ILE X 219 143.00 -50.20 -79.43
N GLU X 220 142.15 -50.38 -80.45
CA GLU X 220 141.30 -49.29 -80.91
C GLU X 220 140.24 -48.95 -79.88
N ARG X 221 139.33 -49.89 -79.62
CA ARG X 221 138.26 -49.72 -78.62
C ARG X 221 138.39 -50.83 -77.59
N PRO X 222 139.08 -50.57 -76.47
CA PRO X 222 139.25 -51.62 -75.46
C PRO X 222 137.91 -52.07 -74.88
N THR X 223 137.88 -53.33 -74.45
CA THR X 223 136.75 -53.89 -73.73
C THR X 223 137.06 -53.86 -72.23
N TYR X 224 136.09 -54.32 -71.44
CA TYR X 224 136.30 -54.39 -70.00
C TYR X 224 137.39 -55.40 -69.65
N THR X 225 137.46 -56.51 -70.38
CA THR X 225 138.52 -57.49 -70.19
C THR X 225 139.90 -56.85 -70.36
N ASN X 226 140.05 -56.02 -71.41
CA ASN X 226 141.32 -55.31 -71.62
C ASN X 226 141.66 -54.46 -70.39
N LEU X 227 140.72 -53.62 -69.95
CA LEU X 227 141.00 -52.73 -68.82
C LEU X 227 141.23 -53.52 -67.53
N ASN X 228 140.43 -54.55 -67.29
CA ASN X 228 140.55 -55.32 -66.05
C ASN X 228 141.88 -56.03 -65.95
N ARG X 229 142.35 -56.62 -67.05
CA ARG X 229 143.64 -57.31 -67.05
C ARG X 229 144.77 -56.35 -66.71
N LEU X 230 144.80 -55.18 -67.36
CA LEU X 230 145.78 -54.15 -67.02
C LEU X 230 145.66 -53.77 -65.55
N ILE X 231 144.43 -53.57 -65.07
CA ILE X 231 144.21 -53.21 -63.67
C ILE X 231 144.68 -54.33 -62.75
N GLY X 232 144.32 -55.58 -63.08
CA GLY X 232 144.74 -56.70 -62.26
C GLY X 232 146.25 -56.82 -62.15
N GLN X 233 146.97 -56.46 -63.22
CA GLN X 233 148.43 -56.43 -63.15
C GLN X 233 148.91 -55.43 -62.11
N ILE X 234 148.30 -54.25 -62.07
CA ILE X 234 148.76 -53.21 -61.13
C ILE X 234 148.30 -53.51 -59.71
N VAL X 235 147.14 -54.16 -59.55
CA VAL X 235 146.71 -54.59 -58.22
C VAL X 235 147.64 -55.67 -57.68
N SER X 236 148.02 -56.64 -58.52
CA SER X 236 148.97 -57.67 -58.11
C SER X 236 150.29 -57.07 -57.64
N SER X 237 150.75 -56.02 -58.31
CA SER X 237 152.00 -55.38 -57.93
C SER X 237 151.94 -54.77 -56.53
N ILE X 238 150.75 -54.31 -56.12
CA ILE X 238 150.62 -53.71 -54.80
C ILE X 238 150.48 -54.77 -53.72
N THR X 239 149.74 -55.84 -54.02
CA THR X 239 149.52 -56.93 -53.06
C THR X 239 150.61 -57.99 -53.10
N ALA X 240 151.63 -57.83 -53.96
CA ALA X 240 152.71 -58.80 -54.02
C ALA X 240 153.46 -58.87 -52.70
N SER X 241 153.62 -57.72 -52.04
CA SER X 241 154.34 -57.68 -50.76
C SER X 241 153.63 -58.50 -49.70
N LEU X 242 152.30 -58.62 -49.78
CA LEU X 242 151.52 -59.35 -48.80
C LEU X 242 151.45 -60.85 -49.09
N ARG X 243 151.74 -61.26 -50.33
CA ARG X 243 151.54 -62.63 -50.77
C ARG X 243 152.83 -63.44 -50.88
N PHE X 244 153.99 -62.79 -50.87
CA PHE X 244 155.26 -63.49 -51.02
C PHE X 244 156.22 -63.20 -49.88
N ASP X 245 155.80 -62.44 -48.86
CA ASP X 245 156.64 -62.04 -47.72
C ASP X 245 157.90 -61.31 -48.22
N GLY X 246 157.67 -60.08 -48.68
CA GLY X 246 158.75 -59.19 -49.05
C GLY X 246 159.34 -58.50 -47.83
N ALA X 247 160.03 -57.38 -48.10
CA ALA X 247 160.57 -56.54 -47.04
C ALA X 247 159.71 -55.32 -46.77
N LEU X 248 159.15 -54.72 -47.81
CA LEU X 248 158.31 -53.53 -47.70
C LEU X 248 156.84 -53.93 -47.76
N ASN X 249 156.01 -53.19 -47.02
CA ASN X 249 154.55 -53.35 -47.04
C ASN X 249 154.14 -54.80 -46.81
N VAL X 250 154.68 -55.40 -45.75
CA VAL X 250 154.44 -56.82 -45.50
C VAL X 250 153.10 -57.09 -44.85
N ASP X 251 152.46 -56.08 -44.25
CA ASP X 251 151.12 -56.23 -43.68
C ASP X 251 150.35 -54.94 -43.89
N LEU X 252 149.04 -54.99 -43.61
CA LEU X 252 148.15 -53.92 -44.01
C LEU X 252 148.42 -52.62 -43.26
N THR X 253 148.97 -52.69 -42.04
CA THR X 253 149.29 -51.48 -41.31
C THR X 253 150.36 -50.66 -42.01
N GLU X 254 151.36 -51.33 -42.59
CA GLU X 254 152.50 -50.64 -43.20
C GLU X 254 152.07 -49.73 -44.34
N PHE X 255 150.98 -50.05 -45.03
CA PHE X 255 150.46 -49.17 -46.08
C PHE X 255 150.12 -47.79 -45.51
N GLN X 256 149.47 -47.75 -44.35
CA GLN X 256 149.16 -46.47 -43.73
C GLN X 256 150.41 -45.79 -43.22
N THR X 257 151.33 -46.55 -42.61
CA THR X 257 152.57 -45.97 -42.09
C THR X 257 153.35 -45.26 -43.17
N ASN X 258 153.55 -45.91 -44.32
CA ASN X 258 154.44 -45.38 -45.34
C ASN X 258 153.77 -44.31 -46.20
N LEU X 259 152.48 -44.47 -46.50
CA LEU X 259 151.82 -43.66 -47.52
C LEU X 259 150.83 -42.65 -46.97
N VAL X 260 150.42 -42.75 -45.71
CA VAL X 260 149.33 -41.93 -45.20
C VAL X 260 149.81 -41.06 -44.05
N PRO X 261 150.22 -39.81 -44.29
CA PRO X 261 150.61 -38.92 -43.19
C PRO X 261 149.49 -37.99 -42.76
N TYR X 262 148.25 -38.35 -43.10
CA TYR X 262 147.06 -37.58 -42.74
C TYR X 262 145.84 -38.47 -42.94
N PRO X 263 145.08 -38.76 -41.87
CA PRO X 263 143.95 -39.70 -42.00
C PRO X 263 143.05 -39.45 -43.20
N ARG X 264 142.67 -38.21 -43.44
CA ARG X 264 141.78 -37.89 -44.56
C ARG X 264 142.47 -38.11 -45.90
N ALA X 265 143.61 -37.46 -46.10
CA ALA X 265 144.36 -37.55 -47.36
C ALA X 265 145.06 -38.91 -47.45
N HIS X 266 144.29 -39.93 -47.81
CA HIS X 266 144.76 -41.30 -47.89
C HIS X 266 144.54 -41.88 -49.29
N PHE X 267 144.83 -41.11 -50.33
CA PHE X 267 144.55 -41.48 -51.71
C PHE X 267 145.84 -41.44 -52.52
N PRO X 268 146.58 -42.54 -52.56
CA PRO X 268 147.85 -42.55 -53.30
C PRO X 268 147.65 -42.62 -54.81
N LEU X 269 148.58 -42.01 -55.53
CA LEU X 269 148.70 -42.15 -56.97
C LEU X 269 149.61 -43.33 -57.28
N ALA X 270 149.10 -44.29 -58.06
CA ALA X 270 149.88 -45.45 -58.47
C ALA X 270 150.33 -45.29 -59.91
N THR X 271 151.61 -45.56 -60.15
CA THR X 271 152.19 -45.50 -61.49
C THR X 271 152.89 -46.82 -61.77
N TYR X 272 152.62 -47.42 -62.92
CA TYR X 272 153.10 -48.76 -63.26
C TYR X 272 153.83 -48.73 -64.60
N ALA X 273 155.04 -49.27 -64.62
CA ALA X 273 155.82 -49.48 -65.82
C ALA X 273 156.54 -50.82 -65.72
N PRO X 274 156.77 -51.51 -66.85
CA PRO X 274 156.35 -51.14 -68.21
C PRO X 274 155.16 -51.93 -68.73
N VAL X 275 154.39 -51.34 -69.63
CA VAL X 275 153.24 -51.98 -70.24
C VAL X 275 153.60 -52.25 -71.71
N ILE X 276 154.05 -53.47 -71.99
CA ILE X 276 154.61 -53.85 -73.29
C ILE X 276 153.58 -54.72 -74.02
N SER X 277 153.24 -54.31 -75.24
CA SER X 277 152.34 -55.10 -76.06
C SER X 277 152.98 -56.44 -76.43
N ALA X 278 152.13 -57.42 -76.70
CA ALA X 278 152.57 -58.76 -77.09
C ALA X 278 152.59 -58.91 -78.62
N GLU X 279 153.32 -58.01 -79.26
CA GLU X 279 153.44 -58.00 -80.72
C GLU X 279 154.55 -57.06 -81.16
N GLN X 285 164.03 -56.25 -73.96
CA GLN X 285 163.57 -55.80 -72.65
C GLN X 285 164.18 -54.45 -72.28
N LEU X 286 163.51 -53.72 -71.39
CA LEU X 286 163.98 -52.42 -70.94
C LEU X 286 164.91 -52.56 -69.75
N SER X 287 165.49 -51.44 -69.34
CA SER X 287 166.41 -51.39 -68.23
C SER X 287 165.70 -50.98 -66.94
N VAL X 288 166.42 -51.07 -65.83
CA VAL X 288 165.89 -50.62 -64.54
C VAL X 288 165.74 -49.09 -64.54
N ALA X 289 166.70 -48.38 -65.15
CA ALA X 289 166.61 -46.93 -65.19
C ALA X 289 165.46 -46.45 -66.05
N GLU X 290 165.23 -47.11 -67.20
CA GLU X 290 164.18 -46.68 -68.12
C GLU X 290 162.80 -46.79 -67.48
N ILE X 291 162.54 -47.87 -66.75
CA ILE X 291 161.23 -48.06 -66.14
C ILE X 291 161.03 -47.11 -64.97
N THR X 292 162.11 -46.74 -64.28
CA THR X 292 161.96 -45.83 -63.14
C THR X 292 161.69 -44.40 -63.59
N ASN X 293 162.23 -44.01 -64.75
CA ASN X 293 161.87 -42.71 -65.32
C ASN X 293 160.41 -42.67 -65.74
N ALA X 294 159.87 -43.81 -66.19
CA ALA X 294 158.47 -43.88 -66.60
C ALA X 294 157.52 -43.76 -65.42
N CYS X 295 158.01 -43.97 -64.18
CA CYS X 295 157.17 -43.76 -63.01
C CYS X 295 156.86 -42.29 -62.77
N PHE X 296 157.67 -41.39 -63.31
CA PHE X 296 157.42 -39.96 -63.23
C PHE X 296 156.96 -39.38 -64.56
N GLU X 297 156.45 -40.23 -65.46
CA GLU X 297 155.81 -39.79 -66.68
C GLU X 297 154.30 -39.88 -66.50
N PRO X 298 153.56 -38.78 -66.68
CA PRO X 298 152.11 -38.84 -66.43
C PRO X 298 151.37 -39.86 -67.28
N ALA X 299 151.89 -40.17 -68.47
CA ALA X 299 151.19 -41.08 -69.40
C ALA X 299 150.94 -42.45 -68.80
N ASN X 300 151.72 -42.87 -67.81
CA ASN X 300 151.60 -44.21 -67.22
C ASN X 300 150.97 -44.20 -65.83
N GLN X 301 150.36 -43.09 -65.43
CA GLN X 301 149.67 -43.04 -64.16
C GLN X 301 148.29 -43.69 -64.25
N MET X 302 147.78 -44.12 -63.10
CA MET X 302 146.43 -44.67 -63.03
C MET X 302 145.36 -43.61 -62.82
N VAL X 303 145.74 -42.42 -62.35
CA VAL X 303 144.83 -41.29 -62.20
C VAL X 303 145.41 -40.12 -62.99
N LYS X 304 144.59 -39.52 -63.84
CA LYS X 304 145.06 -38.47 -64.74
C LYS X 304 145.23 -37.17 -63.98
N CYS X 305 146.48 -36.79 -63.72
CA CYS X 305 146.81 -35.51 -63.11
C CYS X 305 148.26 -35.20 -63.44
N ASP X 306 148.75 -34.08 -62.92
CA ASP X 306 150.13 -33.65 -63.15
C ASP X 306 150.85 -33.46 -61.83
N PRO X 307 151.62 -34.46 -61.36
CA PRO X 307 152.34 -34.30 -60.09
C PRO X 307 153.30 -33.13 -60.07
N ARG X 308 153.72 -32.64 -61.24
CA ARG X 308 154.58 -31.46 -61.28
C ARG X 308 153.89 -30.25 -60.66
N HIS X 309 152.56 -30.24 -60.65
CA HIS X 309 151.79 -29.16 -60.03
C HIS X 309 151.47 -29.43 -58.56
N GLY X 310 152.19 -30.36 -57.92
CA GLY X 310 151.87 -30.76 -56.57
C GLY X 310 153.08 -31.24 -55.82
N LYS X 311 152.90 -31.36 -54.50
CA LYS X 311 153.95 -31.77 -53.58
C LYS X 311 153.75 -33.22 -53.16
N TYR X 312 154.86 -33.95 -53.06
CA TYR X 312 154.82 -35.35 -52.63
C TYR X 312 154.82 -35.44 -51.11
N MET X 313 153.88 -36.21 -50.56
CA MET X 313 153.88 -36.50 -49.13
C MET X 313 154.64 -37.79 -48.81
N ALA X 314 154.67 -38.73 -49.75
CA ALA X 314 155.40 -39.97 -49.59
C ALA X 314 155.55 -40.62 -50.96
N CYS X 315 156.41 -41.64 -51.03
CA CYS X 315 156.68 -42.29 -52.31
C CYS X 315 157.38 -43.64 -52.09
N CYS X 316 156.76 -44.71 -52.56
CA CYS X 316 157.32 -46.05 -52.49
C CYS X 316 157.51 -46.62 -53.88
N LEU X 317 158.53 -47.46 -54.03
CA LEU X 317 158.82 -48.16 -55.28
C LEU X 317 158.83 -49.66 -55.00
N LEU X 318 157.97 -50.40 -55.70
CA LEU X 318 157.85 -51.84 -55.55
C LEU X 318 158.32 -52.49 -56.84
N TYR X 319 159.61 -52.83 -56.91
CA TYR X 319 160.15 -53.53 -58.05
C TYR X 319 159.89 -55.03 -57.91
N ARG X 320 159.77 -55.70 -59.06
CA ARG X 320 159.68 -57.15 -59.06
C ARG X 320 160.28 -57.70 -60.34
N GLY X 321 161.20 -58.66 -60.20
CA GLY X 321 161.80 -59.31 -61.34
C GLY X 321 163.32 -59.31 -61.33
N ASP X 322 163.92 -59.29 -62.51
CA ASP X 322 165.37 -59.26 -62.68
C ASP X 322 165.87 -57.85 -62.37
N VAL X 323 166.16 -57.60 -61.10
CA VAL X 323 166.55 -56.28 -60.61
C VAL X 323 167.79 -56.41 -59.74
N VAL X 324 168.78 -55.58 -60.01
CA VAL X 324 169.98 -55.48 -59.19
C VAL X 324 169.81 -54.30 -58.23
N PRO X 325 169.91 -54.51 -56.92
CA PRO X 325 169.69 -53.40 -55.96
C PRO X 325 170.52 -52.16 -56.23
N LYS X 326 171.67 -52.29 -56.89
CA LYS X 326 172.49 -51.11 -57.20
C LYS X 326 171.92 -50.33 -58.37
N ASP X 327 171.36 -51.02 -59.37
CA ASP X 327 170.69 -50.32 -60.46
C ASP X 327 169.59 -49.39 -59.95
N VAL X 328 168.85 -49.84 -58.93
CA VAL X 328 167.80 -49.02 -58.34
C VAL X 328 168.37 -47.73 -57.79
N ASN X 329 169.43 -47.83 -56.99
CA ASN X 329 170.01 -46.64 -56.36
C ASN X 329 170.55 -45.67 -57.39
N ALA X 330 171.08 -46.16 -58.51
CA ALA X 330 171.50 -45.28 -59.60
C ALA X 330 170.30 -44.57 -60.20
N ALA X 331 169.25 -45.32 -60.56
CA ALA X 331 168.06 -44.71 -61.14
C ALA X 331 167.39 -43.73 -60.17
N ILE X 332 167.48 -43.99 -58.87
CA ILE X 332 166.94 -43.05 -57.88
C ILE X 332 167.74 -41.75 -57.90
N ALA X 333 169.06 -41.85 -57.82
CA ALA X 333 169.91 -40.66 -57.81
C ALA X 333 169.74 -39.87 -59.09
N THR X 334 169.59 -40.56 -60.23
CA THR X 334 169.32 -39.89 -61.50
C THR X 334 168.08 -38.99 -61.39
N ILE X 335 166.96 -39.55 -60.91
CA ILE X 335 165.72 -38.80 -60.86
C ILE X 335 165.76 -37.76 -59.75
N LYS X 336 166.41 -38.06 -58.63
CA LYS X 336 166.51 -37.10 -57.54
C LYS X 336 167.40 -35.93 -57.89
N THR X 337 168.32 -36.09 -58.85
CA THR X 337 169.19 -35.01 -59.29
C THR X 337 168.74 -34.37 -60.60
N LYS X 338 168.31 -35.16 -61.58
CA LYS X 338 168.02 -34.66 -62.92
C LYS X 338 166.55 -34.35 -63.14
N ARG X 339 165.72 -34.50 -62.11
CA ARG X 339 164.37 -33.95 -62.10
C ARG X 339 164.16 -33.22 -60.77
N THR X 340 163.15 -32.36 -60.74
CA THR X 340 162.85 -31.55 -59.56
C THR X 340 161.53 -32.04 -58.97
N ILE X 341 161.59 -33.16 -58.25
CA ILE X 341 160.42 -33.70 -57.56
C ILE X 341 160.29 -32.94 -56.24
N GLN X 342 159.34 -32.01 -56.19
CA GLN X 342 159.15 -31.20 -54.99
C GLN X 342 158.48 -32.02 -53.90
N PHE X 343 159.05 -31.98 -52.70
CA PHE X 343 158.49 -32.62 -51.52
C PHE X 343 157.99 -31.56 -50.54
N VAL X 344 157.16 -32.00 -49.60
CA VAL X 344 156.79 -31.15 -48.48
C VAL X 344 157.93 -31.16 -47.47
N ASP X 345 158.05 -30.06 -46.71
CA ASP X 345 159.17 -29.92 -45.80
C ASP X 345 159.08 -30.86 -44.59
N TRP X 346 157.87 -31.30 -44.21
CA TRP X 346 157.67 -32.16 -43.07
C TRP X 346 157.62 -33.64 -43.45
N CYS X 347 158.35 -34.03 -44.49
CA CYS X 347 158.42 -35.40 -44.97
C CYS X 347 159.85 -35.93 -44.86
N PRO X 348 160.03 -37.24 -44.67
CA PRO X 348 161.39 -37.81 -44.76
C PRO X 348 162.07 -37.55 -46.09
N THR X 349 161.30 -37.34 -47.16
CA THR X 349 161.79 -37.04 -48.51
C THR X 349 162.67 -38.14 -49.08
N GLY X 350 162.81 -39.27 -48.40
CA GLY X 350 163.57 -40.41 -48.90
C GLY X 350 162.63 -41.44 -49.50
N PHE X 351 163.01 -41.95 -50.67
CA PHE X 351 162.19 -42.91 -51.39
C PHE X 351 162.36 -44.30 -50.78
N LYS X 352 161.26 -44.87 -50.30
CA LYS X 352 161.26 -46.24 -49.80
C LYS X 352 161.21 -47.21 -50.98
N VAL X 353 161.86 -48.36 -50.81
CA VAL X 353 162.01 -49.33 -51.89
C VAL X 353 161.82 -50.75 -51.35
N GLY X 354 161.26 -51.61 -52.18
CA GLY X 354 161.24 -53.04 -51.91
C GLY X 354 161.27 -53.80 -53.22
N ILE X 355 161.81 -55.02 -53.17
CA ILE X 355 162.03 -55.83 -54.37
C ILE X 355 161.52 -57.24 -54.11
N ASN X 356 160.96 -57.87 -55.15
CA ASN X 356 160.53 -59.27 -55.11
C ASN X 356 160.99 -59.93 -56.41
N TYR X 357 161.95 -60.84 -56.32
CA TYR X 357 162.66 -61.32 -57.50
C TYR X 357 161.82 -62.19 -58.42
N GLU X 358 160.54 -62.41 -58.12
CA GLU X 358 159.73 -63.24 -59.01
C GLU X 358 159.23 -62.41 -60.19
N PRO X 359 159.14 -62.99 -61.38
CA PRO X 359 158.79 -62.21 -62.57
C PRO X 359 157.31 -61.91 -62.64
N PRO X 360 156.93 -60.78 -63.25
CA PRO X 360 155.51 -60.46 -63.42
C PRO X 360 154.81 -61.48 -64.32
N THR X 361 153.85 -62.19 -63.74
CA THR X 361 153.04 -63.15 -64.50
C THR X 361 151.99 -62.43 -65.32
N VAL X 362 151.82 -62.89 -66.57
CA VAL X 362 150.72 -62.45 -67.42
C VAL X 362 149.82 -63.65 -67.70
N VAL X 363 148.70 -63.38 -68.36
CA VAL X 363 147.71 -64.41 -68.68
C VAL X 363 148.09 -65.05 -70.02
N PRO X 364 148.04 -66.37 -70.13
CA PRO X 364 148.28 -67.01 -71.45
C PRO X 364 147.20 -66.59 -72.44
N GLY X 365 147.62 -65.87 -73.47
CA GLY X 365 146.72 -65.24 -74.41
C GLY X 365 146.62 -63.73 -74.26
N GLY X 366 147.09 -63.21 -73.13
CA GLY X 366 146.93 -61.78 -72.87
C GLY X 366 147.68 -60.92 -73.87
N ASP X 367 147.11 -59.75 -74.15
CA ASP X 367 147.79 -58.75 -74.98
C ASP X 367 149.02 -58.18 -74.27
N LEU X 368 149.09 -58.29 -72.95
CA LEU X 368 150.27 -57.85 -72.21
C LEU X 368 151.36 -58.89 -72.32
N ALA X 369 152.58 -58.44 -72.61
CA ALA X 369 153.71 -59.35 -72.79
C ALA X 369 154.43 -59.57 -71.47
N LYS X 370 155.07 -60.73 -71.35
CA LYS X 370 155.93 -61.02 -70.20
C LYS X 370 157.14 -60.11 -70.25
N VAL X 371 157.35 -59.34 -69.19
CA VAL X 371 158.50 -58.45 -69.10
C VAL X 371 159.48 -59.03 -68.08
N GLN X 372 160.76 -58.71 -68.28
CA GLN X 372 161.80 -59.25 -67.40
C GLN X 372 161.70 -58.65 -66.00
N ARG X 373 161.50 -57.34 -65.92
CA ARG X 373 161.36 -56.64 -64.65
C ARG X 373 160.22 -55.63 -64.76
N ALA X 374 159.75 -55.17 -63.60
CA ALA X 374 158.64 -54.22 -63.57
C ALA X 374 158.68 -53.46 -62.25
N VAL X 375 157.96 -52.34 -62.21
CA VAL X 375 157.96 -51.45 -61.06
C VAL X 375 156.57 -50.84 -60.92
N CYS X 376 156.17 -50.60 -59.67
CA CYS X 376 154.90 -49.95 -59.37
C CYS X 376 155.15 -48.90 -58.30
N MET X 377 155.09 -47.62 -58.68
CA MET X 377 155.40 -46.53 -57.76
C MET X 377 154.12 -46.01 -57.11
N LEU X 378 154.08 -46.05 -55.78
CA LEU X 378 152.95 -45.54 -55.01
C LEU X 378 153.39 -44.24 -54.34
N SER X 379 152.72 -43.13 -54.68
CA SER X 379 153.17 -41.80 -54.28
C SER X 379 151.96 -40.95 -53.93
N ASN X 380 151.92 -40.44 -52.71
CA ASN X 380 150.79 -39.64 -52.23
C ASN X 380 151.04 -38.16 -52.55
N THR X 381 150.86 -37.84 -53.83
CA THR X 381 151.05 -36.48 -54.32
C THR X 381 149.76 -35.66 -54.15
N THR X 382 149.95 -34.36 -53.96
CA THR X 382 148.81 -33.45 -53.84
C THR X 382 148.16 -33.12 -55.18
N ALA X 383 148.77 -33.52 -56.29
CA ALA X 383 148.17 -33.28 -57.60
C ALA X 383 146.95 -34.14 -57.85
N ILE X 384 146.75 -35.21 -57.07
CA ILE X 384 145.56 -36.02 -57.18
C ILE X 384 144.31 -35.25 -56.81
N ALA X 385 144.46 -34.10 -56.17
CA ALA X 385 143.32 -33.21 -55.93
C ALA X 385 142.67 -32.77 -57.24
N GLU X 386 143.43 -32.71 -58.33
CA GLU X 386 142.85 -32.38 -59.62
C GLU X 386 141.73 -33.35 -60.00
N ALA X 387 141.89 -34.63 -59.62
CA ALA X 387 140.85 -35.61 -59.91
C ALA X 387 139.58 -35.33 -59.14
N TRP X 388 139.70 -34.97 -57.87
CA TRP X 388 138.53 -34.60 -57.08
C TRP X 388 137.83 -33.36 -57.64
N ALA X 389 138.62 -32.42 -58.18
CA ALA X 389 138.03 -31.19 -58.72
C ALA X 389 137.15 -31.48 -59.93
N ARG X 390 137.52 -32.46 -60.75
CA ARG X 390 136.72 -32.79 -61.93
C ARG X 390 135.37 -33.37 -61.53
N LEU X 391 135.34 -34.25 -60.54
CA LEU X 391 134.07 -34.77 -60.04
C LEU X 391 133.23 -33.66 -59.41
N ASP X 392 133.84 -32.87 -58.52
CA ASP X 392 133.11 -31.81 -57.83
C ASP X 392 132.48 -30.84 -58.82
N HIS X 393 133.19 -30.50 -59.89
CA HIS X 393 132.65 -29.56 -60.87
C HIS X 393 131.43 -30.14 -61.58
N LYS X 394 131.57 -31.35 -62.12
CA LYS X 394 130.42 -32.04 -62.73
C LYS X 394 129.26 -32.13 -61.74
N PHE X 395 129.57 -32.52 -60.50
CA PHE X 395 128.56 -32.57 -59.45
C PHE X 395 127.85 -31.22 -59.28
N ASP X 396 128.62 -30.14 -59.22
CA ASP X 396 128.04 -28.82 -58.96
C ASP X 396 127.05 -28.42 -60.05
N LEU X 397 127.39 -28.67 -61.31
CA LEU X 397 126.53 -28.26 -62.42
C LEU X 397 125.15 -28.89 -62.31
N MET X 398 125.09 -30.20 -62.03
CA MET X 398 123.81 -30.89 -61.96
C MET X 398 123.07 -30.54 -60.68
N TYR X 399 123.78 -30.47 -59.55
CA TYR X 399 123.12 -30.12 -58.30
C TYR X 399 122.72 -28.65 -58.25
N ALA X 400 123.31 -27.81 -59.10
CA ALA X 400 122.87 -26.41 -59.15
C ALA X 400 121.42 -26.30 -59.60
N LYS X 401 120.95 -27.24 -60.41
CA LYS X 401 119.56 -27.30 -60.83
C LYS X 401 118.78 -28.40 -60.13
N ARG X 402 119.40 -29.08 -59.15
CA ARG X 402 118.79 -30.22 -58.47
C ARG X 402 118.39 -31.30 -59.46
N ALA X 403 119.22 -31.49 -60.49
CA ALA X 403 118.93 -32.48 -61.52
C ALA X 403 119.10 -33.89 -60.98
N PHE X 404 118.17 -34.78 -61.36
CA PHE X 404 118.20 -36.20 -61.01
C PHE X 404 118.13 -36.45 -59.51
N VAL X 405 117.96 -35.40 -58.72
CA VAL X 405 118.01 -35.53 -57.27
C VAL X 405 116.79 -36.29 -56.75
N HIS X 406 115.67 -36.22 -57.47
CA HIS X 406 114.44 -36.87 -57.00
C HIS X 406 114.59 -38.39 -56.93
N TRP X 407 115.39 -38.98 -57.81
CA TRP X 407 115.65 -40.42 -57.75
C TRP X 407 116.26 -40.82 -56.41
N TYR X 408 117.29 -40.10 -55.98
CA TYR X 408 117.94 -40.40 -54.71
C TYR X 408 117.02 -40.15 -53.53
N VAL X 409 116.40 -38.97 -53.51
CA VAL X 409 115.55 -38.58 -52.38
C VAL X 409 114.37 -39.53 -52.25
N GLY X 410 113.90 -40.10 -53.36
CA GLY X 410 112.82 -41.06 -53.35
C GLY X 410 113.18 -42.47 -52.92
N GLU X 411 114.45 -42.74 -52.61
CA GLU X 411 114.82 -44.07 -52.13
C GLU X 411 115.48 -44.01 -50.75
N GLY X 412 114.87 -43.27 -49.82
CA GLY X 412 115.28 -43.29 -48.43
C GLY X 412 116.37 -42.31 -48.05
N MET X 413 116.75 -41.41 -48.93
CA MET X 413 117.85 -40.49 -48.71
C MET X 413 117.35 -39.06 -48.51
N GLU X 414 117.91 -38.38 -47.51
CA GLU X 414 117.64 -36.96 -47.32
C GLU X 414 118.43 -36.13 -48.31
N GLU X 415 117.78 -35.08 -48.83
CA GLU X 415 118.43 -34.20 -49.80
C GLU X 415 119.64 -33.51 -49.18
N GLY X 416 119.55 -33.16 -47.89
CA GLY X 416 120.68 -32.54 -47.21
C GLY X 416 121.97 -33.31 -47.33
N GLU X 417 121.90 -34.64 -47.39
CA GLU X 417 123.09 -35.47 -47.52
C GLU X 417 123.92 -35.08 -48.74
N PHE X 418 123.27 -34.59 -49.80
CA PHE X 418 124.00 -34.07 -50.95
C PHE X 418 124.91 -32.91 -50.54
N SER X 419 124.36 -31.93 -49.83
CA SER X 419 125.16 -30.76 -49.43
C SER X 419 126.23 -31.15 -48.43
N GLU X 420 125.88 -31.96 -47.43
CA GLU X 420 126.87 -32.41 -46.44
C GLU X 420 128.02 -33.15 -47.11
N ALA X 421 127.73 -33.93 -48.15
CA ALA X 421 128.79 -34.61 -48.89
C ALA X 421 129.63 -33.62 -49.68
N ARG X 422 128.98 -32.66 -50.34
CA ARG X 422 129.72 -31.68 -51.14
C ARG X 422 130.63 -30.82 -50.27
N GLU X 423 130.15 -30.42 -49.09
CA GLU X 423 130.99 -29.67 -48.17
C GLU X 423 132.19 -30.49 -47.71
N ASP X 424 131.99 -31.80 -47.49
CA ASP X 424 133.10 -32.68 -47.15
C ASP X 424 134.10 -32.80 -48.29
N MET X 425 133.64 -32.63 -49.53
CA MET X 425 134.55 -32.65 -50.67
C MET X 425 135.25 -31.31 -50.83
N ALA X 426 134.54 -30.21 -50.57
CA ALA X 426 135.17 -28.90 -50.58
C ALA X 426 136.22 -28.79 -49.48
N ALA X 427 135.92 -29.33 -48.30
CA ALA X 427 136.88 -29.32 -47.20
C ALA X 427 138.11 -30.16 -47.54
N LEU X 428 137.93 -31.27 -48.25
CA LEU X 428 139.07 -32.09 -48.65
C LEU X 428 139.94 -31.37 -49.67
N GLU X 429 139.33 -30.60 -50.57
CA GLU X 429 140.12 -29.82 -51.52
C GLU X 429 140.93 -28.75 -50.82
N LYS X 430 140.40 -28.17 -49.74
CA LYS X 430 141.19 -27.24 -48.94
C LYS X 430 142.29 -27.97 -48.19
N ASP X 431 142.02 -29.20 -47.74
CA ASP X 431 143.03 -29.98 -47.03
C ASP X 431 144.23 -30.28 -47.94
N TYR X 432 143.97 -30.55 -49.23
CA TYR X 432 145.06 -30.77 -50.17
C TYR X 432 145.83 -29.48 -50.45
N GLU X 433 145.13 -28.34 -50.45
CA GLU X 433 145.80 -27.08 -50.76
C GLU X 433 146.76 -26.65 -49.65
N GLU X 434 146.30 -26.70 -48.39
CA GLU X 434 147.11 -26.19 -47.29
C GLU X 434 148.40 -26.98 -47.10
N VAL X 435 148.37 -28.29 -47.37
CA VAL X 435 149.59 -29.09 -47.30
C VAL X 435 150.59 -28.63 -48.36
N GLY X 436 150.10 -28.31 -49.55
CA GLY X 436 150.98 -27.93 -50.65
C GLY X 436 151.07 -26.43 -50.89
N VAL X 437 151.61 -25.70 -49.92
CA VAL X 437 151.87 -24.27 -50.10
C VAL X 437 153.05 -23.83 -49.24
N MET Y 1 115.84 -57.10 -61.85
CA MET Y 1 115.22 -56.35 -62.94
C MET Y 1 115.22 -57.17 -64.22
N ARG Y 2 114.19 -58.02 -64.36
CA ARG Y 2 114.07 -58.90 -65.52
C ARG Y 2 112.76 -58.68 -66.27
N GLU Y 3 111.63 -59.15 -65.75
CA GLU Y 3 110.40 -59.22 -66.53
C GLU Y 3 109.71 -57.87 -66.65
N ILE Y 4 108.98 -57.68 -67.75
CA ILE Y 4 108.15 -56.50 -67.96
C ILE Y 4 106.74 -56.97 -68.29
N VAL Y 5 105.75 -56.43 -67.60
CA VAL Y 5 104.34 -56.68 -67.91
C VAL Y 5 103.86 -55.62 -68.88
N HIS Y 6 103.20 -56.05 -69.96
CA HIS Y 6 102.70 -55.15 -70.99
C HIS Y 6 101.19 -55.06 -70.91
N ILE Y 7 100.66 -53.86 -71.19
CA ILE Y 7 99.23 -53.60 -71.23
C ILE Y 7 98.93 -52.78 -72.48
N GLN Y 8 97.78 -53.04 -73.10
CA GLN Y 8 97.28 -52.22 -74.19
C GLN Y 8 95.80 -51.96 -73.98
N ALA Y 9 95.38 -50.71 -74.11
CA ALA Y 9 94.03 -50.30 -73.76
C ALA Y 9 93.47 -49.37 -74.82
N GLY Y 10 92.19 -49.54 -75.10
CA GLY Y 10 91.53 -48.76 -76.14
C GLY Y 10 91.81 -49.29 -77.53
N GLN Y 11 91.11 -48.72 -78.50
CA GLN Y 11 91.30 -49.13 -79.89
C GLN Y 11 92.75 -48.96 -80.31
N CYS Y 12 93.24 -47.72 -80.29
CA CYS Y 12 94.64 -47.46 -80.64
C CYS Y 12 95.60 -48.32 -79.82
N GLY Y 13 95.34 -48.44 -78.51
CA GLY Y 13 96.19 -49.26 -77.67
C GLY Y 13 96.44 -50.65 -78.23
N ASN Y 14 95.38 -51.36 -78.60
CA ASN Y 14 95.53 -52.70 -79.14
C ASN Y 14 96.04 -52.70 -80.57
N GLN Y 15 95.86 -51.61 -81.32
CA GLN Y 15 96.35 -51.58 -82.70
C GLN Y 15 97.87 -51.48 -82.75
N ILE Y 16 98.43 -50.38 -82.24
CA ILE Y 16 99.88 -50.26 -82.22
C ILE Y 16 100.50 -51.30 -81.28
N GLY Y 17 99.73 -51.75 -80.28
CA GLY Y 17 100.21 -52.82 -79.42
C GLY Y 17 100.44 -54.11 -80.17
N ALA Y 18 99.42 -54.58 -80.90
CA ALA Y 18 99.57 -55.78 -81.69
C ALA Y 18 100.68 -55.62 -82.73
N LYS Y 19 100.73 -54.45 -83.38
CA LYS Y 19 101.83 -54.15 -84.30
C LYS Y 19 103.18 -54.32 -83.62
N PHE Y 20 103.30 -53.86 -82.38
CA PHE Y 20 104.55 -54.00 -81.64
C PHE Y 20 104.89 -55.47 -81.41
N TRP Y 21 103.91 -56.27 -81.01
CA TRP Y 21 104.18 -57.69 -80.78
C TRP Y 21 104.51 -58.42 -82.07
N GLU Y 22 103.89 -58.02 -83.19
CA GLU Y 22 104.28 -58.57 -84.49
C GLU Y 22 105.76 -58.33 -84.76
N VAL Y 23 106.23 -57.10 -84.51
CA VAL Y 23 107.60 -56.74 -84.86
C VAL Y 23 108.60 -57.54 -84.04
N ILE Y 24 108.48 -57.50 -82.71
CA ILE Y 24 109.51 -58.08 -81.85
C ILE Y 24 109.38 -59.60 -81.75
N SER Y 25 108.24 -60.18 -82.13
CA SER Y 25 108.15 -61.64 -82.24
C SER Y 25 109.04 -62.14 -83.37
N ASP Y 26 108.95 -61.49 -84.55
CA ASP Y 26 109.85 -61.78 -85.66
C ASP Y 26 111.31 -61.62 -85.23
N GLU Y 27 111.65 -60.43 -84.72
CA GLU Y 27 113.03 -60.14 -84.33
C GLU Y 27 113.58 -61.17 -83.36
N HIS Y 28 112.74 -61.70 -82.49
CA HIS Y 28 113.15 -62.75 -81.55
C HIS Y 28 112.93 -64.15 -82.11
N GLY Y 29 112.33 -64.29 -83.27
CA GLY Y 29 112.17 -65.59 -83.91
C GLY Y 29 111.06 -66.44 -83.35
N ILE Y 30 109.92 -65.84 -83.01
CA ILE Y 30 108.75 -66.57 -82.52
C ILE Y 30 107.67 -66.54 -83.60
N ASP Y 31 107.04 -67.69 -83.83
CA ASP Y 31 105.96 -67.81 -84.79
C ASP Y 31 104.63 -67.54 -84.12
N PRO Y 32 103.55 -67.39 -84.91
CA PRO Y 32 102.23 -67.14 -84.30
C PRO Y 32 101.74 -68.26 -83.39
N THR Y 33 102.24 -69.50 -83.56
CA THR Y 33 101.85 -70.58 -82.66
C THR Y 33 102.58 -70.52 -81.32
N GLY Y 34 103.70 -69.80 -81.25
CA GLY Y 34 104.43 -69.67 -80.02
C GLY Y 34 105.58 -70.64 -79.87
N SER Y 35 106.38 -70.79 -80.93
CA SER Y 35 107.49 -71.73 -80.93
C SER Y 35 108.70 -71.06 -81.59
N TYR Y 36 109.88 -71.35 -81.04
CA TYR Y 36 111.12 -70.71 -81.49
C TYR Y 36 111.60 -71.36 -82.78
N HIS Y 37 111.70 -70.57 -83.84
CA HIS Y 37 112.28 -70.98 -85.11
C HIS Y 37 113.37 -70.00 -85.54
N GLY Y 38 114.14 -69.51 -84.58
CA GLY Y 38 115.25 -68.62 -84.85
C GLY Y 38 116.52 -69.37 -85.15
N ASP Y 39 117.64 -68.65 -85.07
CA ASP Y 39 118.95 -69.23 -85.35
C ASP Y 39 120.07 -68.46 -84.67
N SER Y 40 119.80 -67.96 -83.46
CA SER Y 40 120.80 -67.17 -82.74
C SER Y 40 120.49 -67.20 -81.25
N ASP Y 41 121.55 -67.11 -80.45
CA ASP Y 41 121.38 -67.06 -79.00
C ASP Y 41 121.00 -65.66 -78.53
N LEU Y 42 121.45 -64.63 -79.24
CA LEU Y 42 121.07 -63.25 -78.93
C LEU Y 42 119.56 -63.04 -79.03
N GLN Y 43 118.83 -64.00 -79.60
CA GLN Y 43 117.38 -63.89 -79.71
C GLN Y 43 116.70 -64.33 -78.42
N LEU Y 44 117.13 -65.48 -77.88
CA LEU Y 44 116.59 -66.02 -76.64
C LEU Y 44 117.38 -65.60 -75.41
N GLU Y 45 118.36 -64.71 -75.54
CA GLU Y 45 119.16 -64.30 -74.39
C GLU Y 45 118.30 -63.58 -73.36
N ARG Y 46 117.46 -62.65 -73.81
CA ARG Y 46 116.58 -61.88 -72.93
C ARG Y 46 115.15 -61.96 -73.44
N ILE Y 47 114.76 -63.14 -73.91
CA ILE Y 47 113.38 -63.40 -74.29
C ILE Y 47 112.47 -63.41 -73.06
N ASN Y 48 113.02 -63.74 -71.90
CA ASN Y 48 112.25 -63.76 -70.65
C ASN Y 48 111.68 -62.39 -70.29
N VAL Y 49 112.11 -61.32 -70.95
CA VAL Y 49 111.62 -59.98 -70.62
C VAL Y 49 110.16 -59.84 -71.01
N TYR Y 50 109.83 -60.11 -72.28
CA TYR Y 50 108.49 -59.90 -72.79
C TYR Y 50 107.68 -61.18 -72.95
N TYR Y 51 108.29 -62.35 -72.75
CA TYR Y 51 107.63 -63.62 -73.03
C TYR Y 51 107.77 -64.56 -71.85
N ASN Y 52 107.02 -65.67 -71.92
CA ASN Y 52 107.09 -66.73 -70.92
C ASN Y 52 107.61 -68.02 -71.55
N VAL Y 60 105.14 -67.23 -75.25
CA VAL Y 60 103.87 -66.57 -75.03
C VAL Y 60 104.08 -65.20 -74.41
N PRO Y 61 103.46 -64.17 -74.99
CA PRO Y 61 103.67 -62.81 -74.49
C PRO Y 61 103.10 -62.62 -73.10
N ARG Y 62 103.77 -61.78 -72.31
CA ARG Y 62 103.25 -61.32 -71.03
C ARG Y 62 102.44 -60.04 -71.25
N ALA Y 63 101.33 -60.19 -71.96
CA ALA Y 63 100.56 -59.07 -72.45
C ALA Y 63 99.10 -59.21 -72.02
N ILE Y 64 98.53 -58.11 -71.57
CA ILE Y 64 97.12 -58.04 -71.17
C ILE Y 64 96.40 -57.10 -72.12
N LEU Y 65 95.26 -57.55 -72.64
CA LEU Y 65 94.50 -56.81 -73.64
C LEU Y 65 93.22 -56.28 -73.01
N VAL Y 66 92.99 -54.98 -73.14
CA VAL Y 66 91.90 -54.30 -72.45
C VAL Y 66 91.23 -53.32 -73.42
N ASP Y 67 89.91 -53.22 -73.33
CA ASP Y 67 89.11 -52.23 -74.02
C ASP Y 67 87.68 -52.35 -73.51
N LEU Y 68 87.00 -51.20 -73.40
CA LEU Y 68 85.57 -51.26 -73.14
C LEU Y 68 84.81 -51.72 -74.38
N GLU Y 69 85.28 -51.32 -75.56
CA GLU Y 69 84.72 -51.76 -76.84
C GLU Y 69 84.96 -53.25 -77.02
N PRO Y 70 83.94 -54.10 -76.96
CA PRO Y 70 84.19 -55.55 -77.07
C PRO Y 70 84.62 -56.00 -78.46
N GLY Y 71 84.29 -55.23 -79.51
CA GLY Y 71 84.71 -55.60 -80.84
C GLY Y 71 86.21 -55.71 -81.00
N THR Y 72 86.96 -54.84 -80.31
CA THR Y 72 88.41 -54.83 -80.44
C THR Y 72 89.04 -56.17 -80.11
N MET Y 73 88.45 -56.91 -79.16
CA MET Y 73 88.85 -58.29 -78.89
C MET Y 73 89.13 -59.08 -80.16
N ASP Y 74 88.17 -59.08 -81.08
CA ASP Y 74 88.26 -59.91 -82.27
C ASP Y 74 89.20 -59.30 -83.32
N SER Y 75 89.27 -57.97 -83.40
CA SER Y 75 90.22 -57.32 -84.30
C SER Y 75 91.66 -57.72 -84.01
N VAL Y 76 91.96 -58.13 -82.79
CA VAL Y 76 93.28 -58.61 -82.43
C VAL Y 76 93.44 -60.09 -82.76
N ARG Y 77 92.48 -60.90 -82.29
CA ARG Y 77 92.56 -62.35 -82.50
C ARG Y 77 92.51 -62.70 -83.98
N SER Y 78 91.75 -61.96 -84.78
CA SER Y 78 91.72 -62.17 -86.21
C SER Y 78 92.94 -61.59 -86.92
N GLY Y 79 93.83 -60.92 -86.19
CA GLY Y 79 95.09 -60.47 -86.75
C GLY Y 79 96.08 -61.60 -86.91
N PRO Y 80 97.25 -61.26 -87.44
CA PRO Y 80 98.26 -62.28 -87.73
C PRO Y 80 98.74 -63.01 -86.48
N PHE Y 81 99.32 -62.29 -85.53
CA PHE Y 81 99.78 -62.88 -84.28
C PHE Y 81 98.72 -62.87 -83.19
N GLY Y 82 97.43 -62.84 -83.56
CA GLY Y 82 96.37 -62.80 -82.58
C GLY Y 82 96.19 -64.09 -81.80
N GLN Y 83 96.69 -65.21 -82.32
CA GLN Y 83 96.49 -66.49 -81.66
C GLN Y 83 97.37 -66.66 -80.43
N ILE Y 84 98.45 -65.88 -80.32
CA ILE Y 84 99.48 -66.15 -79.31
C ILE Y 84 99.09 -65.65 -77.93
N PHE Y 85 98.22 -64.66 -77.83
CA PHE Y 85 97.91 -64.04 -76.54
C PHE Y 85 97.10 -64.98 -75.66
N ARG Y 86 97.37 -64.94 -74.36
CA ARG Y 86 96.67 -65.81 -73.42
C ARG Y 86 95.19 -65.44 -73.37
N PRO Y 87 94.28 -66.43 -73.48
CA PRO Y 87 92.85 -66.10 -73.44
C PRO Y 87 92.40 -65.40 -72.15
N ASP Y 88 92.99 -65.77 -71.01
CA ASP Y 88 92.61 -65.12 -69.76
C ASP Y 88 92.94 -63.64 -69.75
N ASN Y 89 94.03 -63.26 -70.42
CA ASN Y 89 94.52 -61.88 -70.38
C ASN Y 89 93.70 -60.93 -71.26
N PHE Y 90 92.64 -61.42 -71.91
CA PHE Y 90 91.68 -60.54 -72.57
C PHE Y 90 90.62 -60.11 -71.57
N VAL Y 91 90.51 -58.81 -71.34
CA VAL Y 91 89.53 -58.25 -70.40
C VAL Y 91 88.82 -57.11 -71.13
N PHE Y 92 87.54 -57.29 -71.40
CA PHE Y 92 86.80 -56.40 -72.29
C PHE Y 92 85.42 -56.11 -71.71
N GLY Y 93 84.97 -54.87 -71.88
CA GLY Y 93 83.68 -54.44 -71.37
C GLY Y 93 82.55 -54.68 -72.36
N GLN Y 94 81.34 -54.31 -71.93
CA GLN Y 94 80.16 -54.53 -72.75
C GLN Y 94 79.96 -53.41 -73.76
N SER Y 95 79.93 -52.17 -73.27
CA SER Y 95 79.75 -51.00 -74.13
C SER Y 95 81.05 -50.24 -74.25
N GLY Y 96 81.04 -49.21 -75.09
CA GLY Y 96 82.20 -48.39 -75.32
C GLY Y 96 82.13 -47.06 -74.58
N ALA Y 97 83.27 -46.38 -74.53
CA ALA Y 97 83.36 -45.11 -73.82
C ALA Y 97 82.88 -43.94 -74.67
N GLY Y 98 83.01 -44.05 -75.98
CA GLY Y 98 82.58 -43.00 -76.89
C GLY Y 98 83.26 -41.67 -76.66
N ASN Y 99 84.60 -41.67 -76.73
CA ASN Y 99 85.41 -40.45 -76.66
C ASN Y 99 85.17 -39.65 -75.38
N ASN Y 100 84.65 -40.28 -74.33
CA ASN Y 100 84.39 -39.61 -73.06
C ASN Y 100 85.44 -40.07 -72.05
N TRP Y 101 86.40 -39.18 -71.75
CA TRP Y 101 87.44 -39.49 -70.77
C TRP Y 101 86.83 -39.81 -69.41
N ALA Y 102 85.78 -39.09 -69.02
CA ALA Y 102 85.13 -39.33 -67.73
C ALA Y 102 84.52 -40.72 -67.66
N LYS Y 103 83.93 -41.20 -68.75
CA LYS Y 103 83.35 -42.54 -68.75
C LYS Y 103 84.43 -43.60 -68.55
N GLY Y 104 85.62 -43.38 -69.12
CA GLY Y 104 86.71 -44.31 -68.93
C GLY Y 104 87.39 -44.22 -67.59
N HIS Y 105 87.39 -43.03 -66.99
CA HIS Y 105 88.16 -42.77 -65.78
C HIS Y 105 87.34 -42.87 -64.51
N TYR Y 106 86.04 -42.61 -64.58
CA TYR Y 106 85.20 -42.52 -63.39
C TYR Y 106 84.03 -43.49 -63.40
N THR Y 107 83.38 -43.67 -64.56
CA THR Y 107 82.14 -44.44 -64.63
C THR Y 107 82.37 -45.86 -65.14
N GLU Y 108 82.38 -46.03 -66.46
CA GLU Y 108 82.35 -47.37 -67.04
C GLU Y 108 83.73 -48.03 -66.99
N GLY Y 109 84.78 -47.28 -67.33
CA GLY Y 109 86.12 -47.83 -67.23
C GLY Y 109 86.51 -48.20 -65.81
N ALA Y 110 85.94 -47.51 -64.82
CA ALA Y 110 86.25 -47.83 -63.43
C ALA Y 110 85.64 -49.16 -63.00
N GLU Y 111 84.45 -49.49 -63.52
CA GLU Y 111 83.81 -50.75 -63.15
C GLU Y 111 84.61 -51.96 -63.62
N LEU Y 112 85.30 -51.84 -64.75
CA LEU Y 112 86.05 -52.95 -65.32
C LEU Y 112 87.48 -53.03 -64.81
N VAL Y 113 88.03 -51.92 -64.29
CA VAL Y 113 89.45 -51.85 -63.99
C VAL Y 113 89.87 -52.88 -62.95
N ASP Y 114 88.94 -53.31 -62.09
CA ASP Y 114 89.25 -54.33 -61.11
C ASP Y 114 89.56 -55.67 -61.79
N SER Y 115 88.70 -56.10 -62.72
CA SER Y 115 88.96 -57.31 -63.48
C SER Y 115 90.34 -57.28 -64.15
N VAL Y 116 90.77 -56.09 -64.59
CA VAL Y 116 92.08 -55.97 -65.23
C VAL Y 116 93.19 -56.17 -64.20
N LEU Y 117 93.08 -55.51 -63.05
CA LEU Y 117 94.10 -55.64 -62.00
C LEU Y 117 94.24 -57.08 -61.54
N ASP Y 118 93.19 -57.88 -61.61
CA ASP Y 118 93.28 -59.29 -61.24
C ASP Y 118 94.24 -60.03 -62.15
N VAL Y 119 94.19 -59.74 -63.46
CA VAL Y 119 95.09 -60.41 -64.40
C VAL Y 119 96.51 -59.86 -64.28
N VAL Y 120 96.64 -58.55 -64.06
CA VAL Y 120 97.95 -57.97 -63.83
C VAL Y 120 98.64 -58.65 -62.66
N ARG Y 121 97.91 -58.84 -61.56
CA ARG Y 121 98.43 -59.57 -60.41
C ARG Y 121 98.91 -60.96 -60.82
N LYS Y 122 98.07 -61.70 -61.54
CA LYS Y 122 98.40 -63.07 -61.93
C LYS Y 122 99.72 -63.12 -62.69
N GLU Y 123 99.92 -62.23 -63.65
CA GLU Y 123 101.14 -62.26 -64.46
C GLU Y 123 102.35 -61.82 -63.64
N SER Y 124 102.18 -60.81 -62.78
CA SER Y 124 103.28 -60.38 -61.92
C SER Y 124 103.61 -61.43 -60.87
N GLU Y 125 102.59 -62.16 -60.38
CA GLU Y 125 102.80 -63.17 -59.36
C GLU Y 125 103.88 -64.17 -59.77
N SER Y 126 103.90 -64.55 -61.05
CA SER Y 126 104.84 -65.54 -61.58
C SER Y 126 106.04 -64.89 -62.26
N CYS Y 127 106.56 -63.81 -61.71
CA CYS Y 127 107.74 -63.15 -62.23
C CYS Y 127 108.89 -63.34 -61.25
N ASP Y 128 110.03 -63.82 -61.75
CA ASP Y 128 111.25 -63.91 -60.94
C ASP Y 128 111.56 -62.58 -60.26
N CYS Y 129 111.70 -61.53 -61.06
CA CYS Y 129 111.96 -60.19 -60.54
C CYS Y 129 111.37 -59.18 -61.51
N LEU Y 130 110.25 -58.58 -61.14
CA LEU Y 130 109.57 -57.62 -61.99
C LEU Y 130 110.39 -56.34 -62.13
N GLN Y 131 110.40 -55.78 -63.35
CA GLN Y 131 110.95 -54.45 -63.61
C GLN Y 131 109.88 -53.37 -63.43
N GLY Y 132 108.81 -53.46 -64.19
CA GLY Y 132 107.83 -52.40 -64.28
C GLY Y 132 106.79 -52.74 -65.32
N PHE Y 133 106.07 -51.72 -65.79
CA PHE Y 133 104.94 -51.94 -66.67
C PHE Y 133 105.10 -51.10 -67.93
N GLN Y 134 104.24 -51.39 -68.92
CA GLN Y 134 104.35 -50.81 -70.25
C GLN Y 134 102.95 -50.72 -70.83
N LEU Y 135 102.47 -49.50 -71.04
CA LEU Y 135 101.10 -49.26 -71.51
C LEU Y 135 101.12 -48.53 -72.84
N THR Y 136 100.34 -49.02 -73.79
CA THR Y 136 100.10 -48.35 -75.06
C THR Y 136 98.65 -47.93 -75.13
N HIS Y 137 98.40 -46.70 -75.59
CA HIS Y 137 97.06 -46.14 -75.61
C HIS Y 137 97.09 -44.80 -76.32
N SER Y 138 95.90 -44.34 -76.71
CA SER Y 138 95.72 -43.02 -77.28
C SER Y 138 95.17 -42.06 -76.24
N LEU Y 139 95.47 -40.77 -76.42
CA LEU Y 139 95.11 -39.76 -75.43
C LEU Y 139 93.82 -39.03 -75.76
N GLY Y 140 93.41 -39.01 -77.03
CA GLY Y 140 92.17 -38.35 -77.39
C GLY Y 140 90.92 -39.18 -77.22
N GLY Y 141 91.07 -40.47 -76.95
CA GLY Y 141 89.94 -41.36 -76.74
C GLY Y 141 89.33 -41.23 -75.36
N GLY Y 142 88.39 -42.14 -75.09
CA GLY Y 142 87.78 -42.23 -73.78
C GLY Y 142 88.33 -43.40 -72.99
N THR Y 143 88.56 -44.53 -73.67
CA THR Y 143 89.04 -45.73 -73.00
C THR Y 143 90.55 -45.70 -72.83
N GLY Y 144 91.29 -45.51 -73.92
CA GLY Y 144 92.74 -45.50 -73.83
C GLY Y 144 93.27 -44.43 -72.90
N SER Y 145 92.63 -43.28 -72.88
CA SER Y 145 93.03 -42.18 -72.02
C SER Y 145 92.40 -42.27 -70.63
N GLY Y 146 91.08 -42.42 -70.57
CA GLY Y 146 90.40 -42.36 -69.28
C GLY Y 146 90.66 -43.59 -68.43
N MET Y 147 90.46 -44.78 -68.99
CA MET Y 147 90.70 -45.99 -68.23
C MET Y 147 92.18 -46.29 -68.07
N GLY Y 148 92.99 -45.93 -69.08
CA GLY Y 148 94.43 -46.13 -68.96
C GLY Y 148 95.04 -45.36 -67.80
N THR Y 149 94.79 -44.05 -67.76
CA THR Y 149 95.31 -43.24 -66.66
C THR Y 149 94.79 -43.70 -65.31
N LEU Y 150 93.56 -44.23 -65.27
CA LEU Y 150 93.04 -44.81 -64.04
C LEU Y 150 93.76 -46.10 -63.70
N LEU Y 151 94.02 -46.94 -64.71
CA LEU Y 151 94.80 -48.15 -64.49
C LEU Y 151 96.19 -47.83 -63.97
N ILE Y 152 96.82 -46.79 -64.53
CA ILE Y 152 98.18 -46.41 -64.12
C ILE Y 152 98.23 -46.10 -62.63
N SER Y 153 97.39 -45.15 -62.19
CA SER Y 153 97.31 -44.83 -60.77
C SER Y 153 97.01 -46.06 -59.92
N LYS Y 154 96.10 -46.92 -60.39
CA LYS Y 154 95.75 -48.10 -59.62
C LYS Y 154 96.93 -49.07 -59.51
N ILE Y 155 97.80 -49.11 -60.51
CA ILE Y 155 99.01 -49.92 -60.44
C ILE Y 155 100.08 -49.22 -59.60
N ARG Y 156 100.30 -47.94 -59.88
CA ARG Y 156 101.20 -47.08 -59.10
C ARG Y 156 101.04 -47.27 -57.60
N GLU Y 157 99.80 -47.43 -57.12
CA GLU Y 157 99.56 -47.62 -55.70
C GLU Y 157 99.62 -49.08 -55.26
N GLU Y 158 99.37 -50.03 -56.17
CA GLU Y 158 99.52 -51.44 -55.83
C GLU Y 158 100.94 -51.94 -56.04
N TYR Y 159 101.71 -51.32 -56.93
CA TYR Y 159 103.10 -51.68 -57.18
C TYR Y 159 103.95 -50.41 -57.18
N PRO Y 160 104.15 -49.81 -56.01
CA PRO Y 160 104.93 -48.56 -55.96
C PRO Y 160 106.42 -48.76 -56.10
N ASP Y 161 106.91 -49.99 -56.06
CA ASP Y 161 108.33 -50.29 -56.20
C ASP Y 161 108.72 -50.61 -57.63
N ARG Y 162 107.92 -50.19 -58.61
CA ARG Y 162 108.12 -50.58 -59.99
C ARG Y 162 108.03 -49.35 -60.89
N ILE Y 163 108.54 -49.50 -62.12
CA ILE Y 163 108.58 -48.43 -63.12
C ILE Y 163 107.27 -48.44 -63.91
N MET Y 164 106.85 -47.26 -64.35
CA MET Y 164 105.68 -47.09 -65.19
C MET Y 164 106.10 -46.39 -66.47
N ASN Y 165 105.93 -47.07 -67.61
CA ASN Y 165 106.43 -46.59 -68.89
C ASN Y 165 105.29 -46.65 -69.89
N THR Y 166 104.97 -45.50 -70.51
CA THR Y 166 103.81 -45.39 -71.37
C THR Y 166 104.21 -44.97 -72.78
N PHE Y 167 103.47 -45.49 -73.75
CA PHE Y 167 103.55 -45.07 -75.16
C PHE Y 167 102.21 -44.41 -75.50
N SER Y 168 102.12 -43.10 -75.28
CA SER Y 168 100.89 -42.35 -75.45
C SER Y 168 100.94 -41.58 -76.76
N VAL Y 169 99.88 -41.70 -77.56
CA VAL Y 169 99.82 -41.03 -78.87
C VAL Y 169 98.92 -39.80 -78.75
N VAL Y 170 99.37 -38.70 -79.32
CA VAL Y 170 98.71 -37.39 -79.21
C VAL Y 170 97.70 -37.22 -80.34
N PRO Y 171 96.51 -36.71 -80.06
CA PRO Y 171 95.56 -36.43 -81.15
C PRO Y 171 95.93 -35.18 -81.93
N SER Y 172 95.52 -35.17 -83.19
CA SER Y 172 95.72 -34.04 -84.09
C SER Y 172 94.49 -33.91 -84.99
N PRO Y 173 94.08 -32.69 -85.32
CA PRO Y 173 92.97 -32.51 -86.27
C PRO Y 173 93.22 -33.20 -87.61
N LYS Y 174 94.48 -33.41 -87.98
CA LYS Y 174 94.81 -34.06 -89.24
C LYS Y 174 94.43 -35.54 -89.26
N VAL Y 175 94.04 -36.14 -88.14
CA VAL Y 175 93.77 -37.57 -88.11
C VAL Y 175 92.34 -37.83 -87.63
N SER Y 176 91.81 -36.93 -86.83
CA SER Y 176 90.42 -37.04 -86.42
C SER Y 176 89.87 -35.67 -86.06
N ASP Y 177 88.75 -35.31 -86.67
CA ASP Y 177 88.13 -34.00 -86.47
C ASP Y 177 87.29 -33.91 -85.21
N THR Y 178 87.35 -34.90 -84.33
CA THR Y 178 86.62 -34.83 -83.07
C THR Y 178 87.21 -33.74 -82.19
N VAL Y 179 86.36 -32.82 -81.74
CA VAL Y 179 86.83 -31.62 -81.03
C VAL Y 179 86.98 -31.83 -79.54
N VAL Y 180 86.50 -32.95 -78.98
CA VAL Y 180 86.68 -33.24 -77.57
C VAL Y 180 88.05 -33.83 -77.26
N GLU Y 181 88.83 -34.19 -78.27
CA GLU Y 181 90.16 -34.74 -78.03
C GLU Y 181 91.07 -33.80 -77.23
N PRO Y 182 91.12 -32.48 -77.51
CA PRO Y 182 91.87 -31.59 -76.62
C PRO Y 182 91.47 -31.71 -75.15
N TYR Y 183 90.18 -31.87 -74.85
CA TYR Y 183 89.76 -32.13 -73.48
C TYR Y 183 90.40 -33.41 -72.96
N ASN Y 184 90.18 -34.52 -73.65
CA ASN Y 184 90.64 -35.83 -73.17
C ASN Y 184 92.15 -35.85 -72.99
N ALA Y 185 92.89 -35.32 -73.96
CA ALA Y 185 94.35 -35.36 -73.89
C ALA Y 185 94.88 -34.48 -72.77
N THR Y 186 94.30 -33.28 -72.60
CA THR Y 186 94.72 -32.40 -71.52
C THR Y 186 94.47 -33.04 -70.16
N LEU Y 187 93.27 -33.59 -69.96
CA LEU Y 187 92.97 -34.29 -68.73
C LEU Y 187 93.93 -35.45 -68.50
N SER Y 188 94.33 -36.13 -69.59
CA SER Y 188 95.22 -37.28 -69.46
C SER Y 188 96.66 -36.86 -69.19
N VAL Y 189 97.11 -35.73 -69.77
CA VAL Y 189 98.45 -35.22 -69.49
C VAL Y 189 98.56 -34.81 -68.03
N HIS Y 190 97.47 -34.25 -67.48
CA HIS Y 190 97.43 -33.94 -66.05
C HIS Y 190 97.70 -35.18 -65.20
N GLN Y 191 97.37 -36.37 -65.72
CA GLN Y 191 97.65 -37.61 -65.00
C GLN Y 191 99.09 -38.07 -65.19
N LEU Y 192 99.56 -38.07 -66.45
CA LEU Y 192 100.84 -38.69 -66.77
C LEU Y 192 102.00 -37.97 -66.09
N VAL Y 193 101.91 -36.65 -65.96
CA VAL Y 193 102.96 -35.88 -65.32
C VAL Y 193 103.14 -36.25 -63.86
N GLU Y 194 102.10 -36.82 -63.23
CA GLU Y 194 102.15 -37.20 -61.83
C GLU Y 194 102.31 -38.70 -61.58
N ASN Y 195 102.01 -39.55 -62.58
CA ASN Y 195 101.86 -40.97 -62.32
C ASN Y 195 102.85 -41.87 -63.04
N THR Y 196 103.59 -41.37 -64.02
CA THR Y 196 104.48 -42.21 -64.82
C THR Y 196 105.91 -41.72 -64.72
N ASP Y 197 106.84 -42.67 -64.77
CA ASP Y 197 108.27 -42.33 -64.70
C ASP Y 197 108.79 -41.82 -66.04
N GLU Y 198 108.33 -42.41 -67.14
CA GLU Y 198 108.75 -41.98 -68.47
C GLU Y 198 107.62 -42.21 -69.46
N THR Y 199 107.49 -41.29 -70.41
CA THR Y 199 106.42 -41.33 -71.40
C THR Y 199 106.96 -40.92 -72.76
N TYR Y 200 106.78 -41.79 -73.75
CA TYR Y 200 107.13 -41.51 -75.13
C TYR Y 200 105.93 -40.84 -75.81
N CYS Y 201 106.15 -39.64 -76.34
CA CYS Y 201 105.07 -38.82 -76.91
C CYS Y 201 105.01 -39.10 -78.42
N ILE Y 202 104.03 -39.88 -78.83
CA ILE Y 202 103.80 -40.18 -80.24
C ILE Y 202 102.75 -39.18 -80.76
N ASP Y 203 103.13 -38.34 -81.70
CA ASP Y 203 102.24 -37.29 -82.19
C ASP Y 203 101.67 -37.69 -83.54
N ASN Y 204 100.35 -37.81 -83.62
CA ASN Y 204 99.70 -38.10 -84.89
C ASN Y 204 99.91 -36.98 -85.90
N GLU Y 205 99.99 -35.73 -85.42
CA GLU Y 205 100.38 -34.60 -86.27
C GLU Y 205 101.66 -34.90 -87.04
N ALA Y 206 102.66 -35.43 -86.34
CA ALA Y 206 103.96 -35.69 -86.97
C ALA Y 206 103.93 -36.95 -87.81
N LEU Y 207 103.10 -37.94 -87.45
CA LEU Y 207 103.00 -39.16 -88.25
C LEU Y 207 102.36 -38.86 -89.60
N TYR Y 208 101.36 -37.99 -89.63
CA TYR Y 208 100.77 -37.58 -90.89
C TYR Y 208 101.76 -36.78 -91.73
N ASP Y 209 102.39 -35.78 -91.14
CA ASP Y 209 103.36 -34.95 -91.85
C ASP Y 209 104.54 -35.76 -92.38
N ILE Y 210 104.83 -36.92 -91.80
CA ILE Y 210 105.90 -37.76 -92.31
C ILE Y 210 105.39 -38.64 -93.45
N CYS Y 211 104.22 -39.24 -93.28
CA CYS Y 211 103.64 -40.07 -94.34
C CYS Y 211 103.25 -39.22 -95.55
N PHE Y 212 102.85 -37.97 -95.33
CA PHE Y 212 102.39 -37.11 -96.42
C PHE Y 212 103.55 -36.46 -97.17
N ARG Y 213 104.49 -35.87 -96.44
CA ARG Y 213 105.52 -35.02 -97.05
C ARG Y 213 106.80 -35.78 -97.37
N THR Y 214 107.25 -36.65 -96.46
CA THR Y 214 108.49 -37.39 -96.67
C THR Y 214 108.28 -38.69 -97.43
N LEU Y 215 107.24 -39.46 -97.07
CA LEU Y 215 106.96 -40.72 -97.74
C LEU Y 215 106.07 -40.56 -98.95
N LYS Y 216 105.55 -39.37 -99.19
CA LYS Y 216 104.70 -39.06 -100.35
C LYS Y 216 103.55 -40.06 -100.50
N LEU Y 217 102.74 -40.14 -99.44
CA LEU Y 217 101.48 -40.86 -99.46
C LEU Y 217 100.36 -39.85 -99.28
N THR Y 218 99.49 -39.73 -100.29
CA THR Y 218 98.52 -38.64 -100.31
C THR Y 218 97.48 -38.82 -99.22
N THR Y 219 97.07 -40.05 -98.94
CA THR Y 219 96.14 -40.35 -97.85
C THR Y 219 96.77 -41.40 -96.95
N PRO Y 220 97.42 -41.00 -95.87
CA PRO Y 220 97.95 -41.99 -94.92
C PRO Y 220 96.82 -42.68 -94.18
N THR Y 221 96.97 -43.99 -94.00
CA THR Y 221 96.06 -44.79 -93.21
C THR Y 221 96.61 -44.97 -91.80
N TYR Y 222 95.77 -45.54 -90.91
CA TYR Y 222 96.28 -45.91 -89.59
C TYR Y 222 97.43 -46.89 -89.72
N GLY Y 223 97.26 -47.92 -90.55
CA GLY Y 223 98.35 -48.87 -90.79
C GLY Y 223 99.64 -48.19 -91.20
N ASP Y 224 99.55 -47.15 -92.03
CA ASP Y 224 100.74 -46.40 -92.41
C ASP Y 224 101.34 -45.69 -91.21
N LEU Y 225 100.52 -45.04 -90.40
CA LEU Y 225 101.01 -44.41 -89.18
C LEU Y 225 101.47 -45.46 -88.16
N ASN Y 226 100.76 -46.59 -88.08
CA ASN Y 226 101.12 -47.63 -87.14
C ASN Y 226 102.44 -48.29 -87.51
N HIS Y 227 102.79 -48.29 -88.80
CA HIS Y 227 104.09 -48.82 -89.20
C HIS Y 227 105.22 -47.98 -88.60
N LEU Y 228 105.09 -46.66 -88.66
CA LEU Y 228 106.08 -45.77 -88.05
C LEU Y 228 106.18 -46.00 -86.54
N VAL Y 229 105.06 -46.33 -85.90
CA VAL Y 229 105.05 -46.48 -84.44
C VAL Y 229 105.74 -47.78 -84.03
N SER Y 230 105.28 -48.91 -84.58
CA SER Y 230 105.83 -50.21 -84.20
C SER Y 230 107.34 -50.28 -84.40
N ALA Y 231 107.85 -49.63 -85.44
CA ALA Y 231 109.29 -49.65 -85.69
C ALA Y 231 110.04 -48.82 -84.66
N THR Y 232 109.47 -47.68 -84.25
CA THR Y 232 110.08 -46.87 -83.19
C THR Y 232 110.09 -47.63 -81.87
N MET Y 233 109.04 -48.39 -81.58
CA MET Y 233 108.94 -49.10 -80.31
C MET Y 233 110.03 -50.16 -80.19
N SER Y 234 110.18 -51.01 -81.22
CA SER Y 234 111.26 -51.98 -81.22
C SER Y 234 112.62 -51.31 -81.12
N GLY Y 235 112.77 -50.11 -81.66
CA GLY Y 235 114.03 -49.40 -81.59
C GLY Y 235 114.36 -48.95 -80.18
N VAL Y 236 113.38 -48.33 -79.50
CA VAL Y 236 113.63 -47.84 -78.15
C VAL Y 236 113.74 -48.98 -77.16
N THR Y 237 113.09 -50.11 -77.46
CA THR Y 237 113.16 -51.29 -76.60
C THR Y 237 114.28 -52.25 -77.00
N THR Y 238 115.19 -51.81 -77.88
CA THR Y 238 116.29 -52.66 -78.30
C THR Y 238 117.22 -52.98 -77.13
N CYS Y 239 117.59 -51.95 -76.35
CA CYS Y 239 118.41 -52.15 -75.17
C CYS Y 239 117.79 -53.15 -74.21
N LEU Y 240 116.46 -53.11 -74.05
CA LEU Y 240 115.81 -53.96 -73.06
C LEU Y 240 115.75 -55.41 -73.50
N ARG Y 241 115.78 -55.68 -74.80
CA ARG Y 241 115.47 -57.01 -75.31
C ARG Y 241 116.70 -57.82 -75.70
N PHE Y 242 117.86 -57.19 -75.78
CA PHE Y 242 119.10 -57.86 -76.17
C PHE Y 242 120.19 -57.48 -75.19
N PRO Y 243 121.28 -58.27 -75.11
CA PRO Y 243 122.34 -57.94 -74.16
C PRO Y 243 123.04 -56.65 -74.53
N GLY Y 244 123.41 -55.89 -73.50
CA GLY Y 244 123.99 -54.58 -73.69
C GLY Y 244 124.33 -53.89 -72.38
N GLN Y 245 125.38 -53.08 -72.38
CA GLN Y 245 125.85 -52.45 -71.15
C GLN Y 245 124.99 -51.25 -70.76
N LEU Y 246 124.65 -50.39 -71.71
CA LEU Y 246 124.12 -49.07 -71.42
C LEU Y 246 122.59 -49.06 -71.56
N ASN Y 247 121.94 -48.35 -70.63
CA ASN Y 247 120.48 -48.26 -70.57
C ASN Y 247 119.84 -49.65 -70.59
N ALA Y 248 120.31 -50.51 -69.68
CA ALA Y 248 119.95 -51.93 -69.75
C ALA Y 248 118.50 -52.16 -69.32
N ASP Y 249 118.13 -51.67 -68.14
CA ASP Y 249 116.78 -51.89 -67.60
C ASP Y 249 116.03 -50.56 -67.52
N LEU Y 250 114.72 -50.69 -67.23
CA LEU Y 250 113.83 -49.53 -67.24
C LEU Y 250 114.30 -48.45 -66.27
N ARG Y 251 114.70 -48.84 -65.06
CA ARG Y 251 115.05 -47.86 -64.04
C ARG Y 251 116.31 -47.09 -64.42
N LYS Y 252 117.34 -47.80 -64.88
CA LYS Y 252 118.59 -47.13 -65.28
C LYS Y 252 118.35 -46.14 -66.41
N LEU Y 253 117.51 -46.52 -67.39
CA LEU Y 253 117.15 -45.62 -68.47
C LEU Y 253 116.58 -44.32 -67.93
N ALA Y 254 115.47 -44.41 -67.16
CA ALA Y 254 114.84 -43.21 -66.63
C ALA Y 254 115.78 -42.42 -65.73
N VAL Y 255 116.70 -43.10 -65.04
CA VAL Y 255 117.65 -42.41 -64.17
C VAL Y 255 118.53 -41.49 -65.00
N ASN Y 256 118.95 -41.93 -66.18
CA ASN Y 256 119.84 -41.16 -67.04
C ASN Y 256 119.08 -40.31 -68.06
N MET Y 257 117.76 -40.27 -68.00
CA MET Y 257 116.96 -39.52 -68.95
C MET Y 257 116.12 -38.41 -68.32
N VAL Y 258 115.71 -38.55 -67.06
CA VAL Y 258 114.74 -37.65 -66.44
C VAL Y 258 115.42 -36.95 -65.29
N PRO Y 259 115.82 -35.68 -65.46
CA PRO Y 259 116.44 -34.95 -64.35
C PRO Y 259 115.44 -34.34 -63.39
N PHE Y 260 114.21 -34.09 -63.83
CA PHE Y 260 113.18 -33.48 -63.00
C PHE Y 260 111.89 -34.29 -63.16
N PRO Y 261 111.26 -34.71 -62.06
CA PRO Y 261 110.22 -35.74 -62.15
C PRO Y 261 109.08 -35.42 -63.10
N ARG Y 262 108.64 -34.16 -63.15
CA ARG Y 262 107.52 -33.82 -64.02
C ARG Y 262 107.93 -33.78 -65.49
N LEU Y 263 109.21 -33.50 -65.77
CA LEU Y 263 109.67 -33.32 -67.15
C LEU Y 263 110.23 -34.65 -67.68
N HIS Y 264 109.32 -35.60 -67.89
CA HIS Y 264 109.69 -36.94 -68.33
C HIS Y 264 108.99 -37.34 -69.62
N PHE Y 265 108.79 -36.38 -70.52
CA PHE Y 265 108.09 -36.62 -71.78
C PHE Y 265 109.11 -36.58 -72.91
N PHE Y 266 109.45 -37.76 -73.44
CA PHE Y 266 110.50 -37.87 -74.43
C PHE Y 266 109.94 -37.62 -75.83
N MET Y 267 110.74 -36.94 -76.65
CA MET Y 267 110.44 -36.72 -78.06
C MET Y 267 111.20 -37.77 -78.88
N PRO Y 268 110.57 -38.86 -79.29
CA PRO Y 268 111.28 -39.90 -80.03
C PRO Y 268 111.38 -39.58 -81.52
N GLY Y 269 112.36 -40.21 -82.15
CA GLY Y 269 112.60 -40.09 -83.57
C GLY Y 269 113.64 -41.10 -84.01
N PHE Y 270 113.54 -41.60 -85.24
CA PHE Y 270 114.42 -42.67 -85.67
C PHE Y 270 114.62 -42.59 -87.18
N ALA Y 271 115.55 -43.41 -87.68
CA ALA Y 271 116.00 -43.34 -89.06
C ALA Y 271 116.48 -44.72 -89.48
N PRO Y 272 116.39 -45.05 -90.78
CA PRO Y 272 115.78 -44.21 -91.82
C PRO Y 272 114.28 -44.43 -91.95
N LEU Y 273 113.58 -43.42 -92.46
CA LEU Y 273 112.13 -43.47 -92.61
C LEU Y 273 111.79 -44.25 -93.88
N THR Y 274 111.14 -45.41 -93.71
CA THR Y 274 110.76 -46.27 -94.82
C THR Y 274 109.24 -46.36 -94.91
N SER Y 275 108.78 -46.78 -96.09
CA SER Y 275 107.36 -47.00 -96.33
C SER Y 275 106.98 -48.44 -95.97
N ARG Y 276 105.71 -48.78 -96.15
CA ARG Y 276 105.22 -50.12 -95.85
C ARG Y 276 105.77 -51.10 -96.88
N GLY Y 277 106.86 -51.78 -96.53
CA GLY Y 277 107.39 -52.82 -97.38
C GLY Y 277 108.07 -52.34 -98.64
N SER Y 278 108.59 -51.12 -98.65
CA SER Y 278 109.35 -50.60 -99.79
C SER Y 278 110.79 -51.11 -99.73
N GLN Y 279 111.57 -50.81 -100.77
CA GLN Y 279 112.93 -51.30 -100.90
C GLN Y 279 113.94 -50.19 -100.68
N GLN Y 280 114.85 -50.43 -99.73
CA GLN Y 280 115.94 -49.51 -99.37
C GLN Y 280 117.22 -50.01 -100.04
N TYR Y 281 117.50 -49.48 -101.23
CA TYR Y 281 118.54 -50.06 -102.08
C TYR Y 281 119.93 -49.97 -101.44
N ARG Y 282 120.30 -48.78 -100.96
CA ARG Y 282 121.63 -48.57 -100.38
C ARG Y 282 121.50 -48.25 -98.90
N ALA Y 283 122.09 -49.09 -98.05
CA ALA Y 283 122.04 -48.86 -96.62
C ALA Y 283 122.81 -47.60 -96.26
N LEU Y 284 122.23 -46.80 -95.36
CA LEU Y 284 122.81 -45.51 -95.02
C LEU Y 284 124.16 -45.69 -94.34
N THR Y 285 124.95 -44.62 -94.36
CA THR Y 285 126.23 -44.57 -93.69
C THR Y 285 126.06 -44.06 -92.26
N VAL Y 286 127.11 -44.25 -91.45
CA VAL Y 286 127.06 -43.80 -90.06
C VAL Y 286 126.85 -42.29 -89.96
N PRO Y 287 127.58 -41.44 -90.69
CA PRO Y 287 127.29 -40.00 -90.59
C PRO Y 287 125.90 -39.61 -91.08
N GLU Y 288 125.31 -40.37 -92.00
CA GLU Y 288 123.97 -40.06 -92.48
C GLU Y 288 122.93 -40.31 -91.40
N LEU Y 289 122.94 -41.51 -90.81
CA LEU Y 289 122.07 -41.81 -89.68
C LEU Y 289 122.19 -40.75 -88.59
N THR Y 290 123.43 -40.42 -88.20
CA THR Y 290 123.65 -39.41 -87.18
C THR Y 290 122.98 -38.09 -87.53
N GLN Y 291 122.98 -37.72 -88.81
CA GLN Y 291 122.34 -36.48 -89.26
C GLN Y 291 120.85 -36.66 -89.53
N GLN Y 292 120.18 -37.54 -88.78
CA GLN Y 292 118.74 -37.62 -88.70
C GLN Y 292 118.25 -37.30 -87.29
N MET Y 293 119.12 -36.70 -86.49
CA MET Y 293 118.81 -36.33 -85.11
C MET Y 293 118.13 -34.97 -85.08
N PHE Y 294 118.89 -33.90 -85.34
CA PHE Y 294 118.30 -32.58 -85.47
C PHE Y 294 117.30 -32.50 -86.62
N ASP Y 295 117.41 -33.40 -87.60
CA ASP Y 295 116.48 -33.42 -88.72
C ASP Y 295 115.06 -33.62 -88.20
N ALA Y 296 114.31 -32.52 -88.08
CA ALA Y 296 113.00 -32.55 -87.45
C ALA Y 296 111.99 -33.37 -88.26
N LYS Y 297 112.31 -33.69 -89.51
CA LYS Y 297 111.46 -34.55 -90.31
C LYS Y 297 111.53 -36.01 -89.89
N ASN Y 298 112.34 -36.36 -88.89
CA ASN Y 298 112.41 -37.71 -88.37
C ASN Y 298 111.83 -37.83 -86.96
N MET Y 299 111.35 -36.74 -86.38
CA MET Y 299 110.80 -36.78 -85.02
C MET Y 299 109.36 -37.28 -85.05
N MET Y 300 109.05 -38.24 -84.18
CA MET Y 300 107.69 -38.74 -84.04
C MET Y 300 106.78 -37.76 -83.32
N ALA Y 301 107.34 -36.73 -82.69
CA ALA Y 301 106.57 -35.64 -82.09
C ALA Y 301 106.74 -34.38 -82.93
N ALA Y 302 105.66 -33.62 -83.08
CA ALA Y 302 105.65 -32.44 -83.95
C ALA Y 302 106.27 -31.26 -83.21
N CYS Y 303 107.60 -31.28 -83.11
CA CYS Y 303 108.36 -30.21 -82.48
C CYS Y 303 109.67 -30.03 -83.21
N ASP Y 304 110.21 -28.82 -83.13
CA ASP Y 304 111.48 -28.50 -83.76
C ASP Y 304 112.57 -28.47 -82.69
N PRO Y 305 113.50 -29.43 -82.68
CA PRO Y 305 114.60 -29.37 -81.70
C PRO Y 305 115.40 -28.09 -81.78
N ARG Y 306 115.42 -27.44 -82.95
CA ARG Y 306 116.14 -26.17 -83.07
C ARG Y 306 115.52 -25.09 -82.20
N HIS Y 307 114.23 -25.21 -81.89
CA HIS Y 307 113.51 -24.22 -81.10
C HIS Y 307 113.63 -24.45 -79.60
N GLY Y 308 114.35 -25.49 -79.18
CA GLY Y 308 114.58 -25.73 -77.76
C GLY Y 308 115.97 -26.27 -77.48
N ARG Y 309 116.15 -26.85 -76.29
CA ARG Y 309 117.42 -27.40 -75.88
C ARG Y 309 117.22 -28.81 -75.34
N TYR Y 310 118.18 -29.69 -75.62
CA TYR Y 310 118.12 -31.06 -75.13
C TYR Y 310 118.62 -31.13 -73.69
N LEU Y 311 117.82 -31.75 -72.81
CA LEU Y 311 118.29 -32.04 -71.47
C LEU Y 311 119.10 -33.34 -71.45
N THR Y 312 118.52 -34.42 -71.95
CA THR Y 312 119.20 -35.70 -72.09
C THR Y 312 118.85 -36.31 -73.43
N VAL Y 313 119.76 -37.15 -73.94
CA VAL Y 313 119.58 -37.81 -75.23
C VAL Y 313 120.12 -39.24 -75.13
N ALA Y 314 119.37 -40.19 -75.68
CA ALA Y 314 119.79 -41.57 -75.81
C ALA Y 314 119.71 -42.00 -77.27
N ALA Y 315 120.82 -42.49 -77.81
CA ALA Y 315 120.91 -42.95 -79.19
C ALA Y 315 121.13 -44.47 -79.22
N VAL Y 316 120.40 -45.14 -80.11
CA VAL Y 316 120.47 -46.59 -80.26
C VAL Y 316 120.73 -46.90 -81.73
N PHE Y 317 121.94 -47.35 -82.03
CA PHE Y 317 122.33 -47.75 -83.38
C PHE Y 317 122.21 -49.26 -83.51
N ARG Y 318 121.44 -49.72 -84.49
CA ARG Y 318 121.22 -51.15 -84.73
C ARG Y 318 121.90 -51.57 -86.02
N GLY Y 319 122.65 -52.66 -85.96
CA GLY Y 319 123.33 -53.21 -87.12
C GLY Y 319 124.83 -53.31 -86.89
N ARG Y 320 125.47 -54.00 -87.84
CA ARG Y 320 126.92 -54.11 -87.83
C ARG Y 320 127.53 -52.84 -88.42
N MET Y 321 128.35 -52.16 -87.65
CA MET Y 321 128.97 -50.90 -88.07
C MET Y 321 130.14 -50.61 -87.15
N SER Y 322 130.85 -49.53 -87.46
CA SER Y 322 132.04 -49.15 -86.70
C SER Y 322 131.63 -48.44 -85.42
N MET Y 323 131.88 -49.07 -84.27
CA MET Y 323 131.71 -48.40 -82.99
C MET Y 323 132.62 -47.18 -82.88
N LYS Y 324 133.79 -47.25 -83.53
CA LYS Y 324 134.70 -46.11 -83.55
C LYS Y 324 134.09 -44.92 -84.29
N GLU Y 325 133.42 -45.19 -85.41
CA GLU Y 325 132.84 -44.11 -86.22
C GLU Y 325 131.61 -43.52 -85.53
N VAL Y 326 130.79 -44.37 -84.91
CA VAL Y 326 129.60 -43.89 -84.21
C VAL Y 326 129.99 -42.93 -83.09
N ASP Y 327 130.96 -43.34 -82.25
CA ASP Y 327 131.46 -42.46 -81.21
C ASP Y 327 131.96 -41.14 -81.79
N GLU Y 328 132.71 -41.20 -82.88
CA GLU Y 328 133.23 -39.99 -83.50
C GLU Y 328 132.11 -39.08 -83.99
N GLN Y 329 131.13 -39.64 -84.70
CA GLN Y 329 130.06 -38.82 -85.25
C GLN Y 329 129.18 -38.23 -84.15
N MET Y 330 128.94 -38.99 -83.09
CA MET Y 330 128.14 -38.47 -81.98
C MET Y 330 128.90 -37.40 -81.21
N LEU Y 331 130.18 -37.64 -80.94
CA LEU Y 331 131.01 -36.61 -80.31
C LEU Y 331 131.11 -35.37 -81.19
N ASN Y 332 131.09 -35.55 -82.50
CA ASN Y 332 131.10 -34.43 -83.45
C ASN Y 332 129.83 -33.61 -83.33
N VAL Y 333 128.69 -34.22 -83.65
CA VAL Y 333 127.42 -33.50 -83.75
C VAL Y 333 127.05 -32.78 -82.46
N GLN Y 334 127.55 -33.24 -81.31
CA GLN Y 334 127.27 -32.56 -80.05
C GLN Y 334 127.95 -31.20 -80.00
N ASN Y 335 129.27 -31.17 -80.23
CA ASN Y 335 130.04 -29.94 -80.06
C ASN Y 335 129.88 -28.98 -81.23
N LYS Y 336 129.51 -29.46 -82.41
CA LYS Y 336 129.23 -28.57 -83.52
C LYS Y 336 127.85 -27.91 -83.42
N ASN Y 337 127.05 -28.32 -82.44
CA ASN Y 337 125.78 -27.68 -82.12
C ASN Y 337 125.69 -27.44 -80.61
N SER Y 338 126.81 -27.03 -80.01
CA SER Y 338 126.94 -26.99 -78.56
C SER Y 338 125.91 -26.08 -77.89
N SER Y 339 125.37 -25.09 -78.62
CA SER Y 339 124.39 -24.20 -78.04
C SER Y 339 123.01 -24.85 -77.90
N TYR Y 340 122.81 -26.04 -78.48
CA TYR Y 340 121.53 -26.71 -78.42
C TYR Y 340 121.44 -27.76 -77.32
N PHE Y 341 122.57 -28.22 -76.80
CA PHE Y 341 122.59 -29.12 -75.65
C PHE Y 341 122.85 -28.31 -74.39
N VAL Y 342 122.02 -28.55 -73.36
CA VAL Y 342 122.18 -27.87 -72.08
C VAL Y 342 123.60 -28.06 -71.55
N GLU Y 343 124.20 -26.98 -71.06
CA GLU Y 343 125.57 -27.03 -70.57
C GLU Y 343 125.66 -27.60 -69.17
N TRP Y 344 124.65 -27.38 -68.33
CA TRP Y 344 124.76 -27.75 -66.92
C TRP Y 344 124.52 -29.23 -66.65
N ILE Y 345 124.31 -30.04 -67.68
CA ILE Y 345 124.28 -31.50 -67.55
C ILE Y 345 125.39 -32.06 -68.42
N PRO Y 346 126.56 -32.35 -67.85
CA PRO Y 346 127.66 -32.87 -68.66
C PRO Y 346 127.50 -34.34 -68.97
N ASN Y 347 127.95 -34.70 -70.18
CA ASN Y 347 127.80 -36.06 -70.70
C ASN Y 347 126.34 -36.50 -70.68
N ASN Y 348 125.46 -35.60 -71.14
CA ASN Y 348 124.03 -35.87 -71.12
C ASN Y 348 123.57 -36.73 -72.29
N VAL Y 349 124.38 -36.86 -73.34
CA VAL Y 349 124.07 -37.71 -74.47
C VAL Y 349 124.76 -39.04 -74.27
N LYS Y 350 124.03 -40.13 -74.47
CA LYS Y 350 124.54 -41.48 -74.29
C LYS Y 350 124.19 -42.34 -75.50
N THR Y 351 125.17 -43.04 -76.04
CA THR Y 351 125.00 -43.85 -77.24
C THR Y 351 125.17 -45.32 -76.91
N ALA Y 352 124.42 -46.17 -77.61
CA ALA Y 352 124.51 -47.61 -77.45
C ALA Y 352 124.32 -48.28 -78.81
N VAL Y 353 124.94 -49.45 -78.98
CA VAL Y 353 124.92 -50.17 -80.24
C VAL Y 353 124.39 -51.58 -80.01
N CYS Y 354 123.65 -52.09 -80.99
CA CYS Y 354 123.15 -53.46 -80.99
C CYS Y 354 123.40 -54.07 -82.37
N ASP Y 355 124.01 -55.26 -82.38
CA ASP Y 355 124.46 -55.83 -83.64
C ASP Y 355 123.30 -56.31 -84.51
N ILE Y 356 122.20 -56.76 -83.91
CA ILE Y 356 121.07 -57.28 -84.68
C ILE Y 356 120.26 -56.13 -85.27
N PRO Y 357 120.23 -55.99 -86.59
CA PRO Y 357 119.46 -54.91 -87.21
C PRO Y 357 117.99 -55.27 -87.27
N PRO Y 358 117.11 -54.34 -87.65
CA PRO Y 358 115.70 -54.68 -87.83
C PRO Y 358 115.43 -55.28 -89.20
N ARG Y 359 114.42 -56.15 -89.24
CA ARG Y 359 114.17 -56.93 -90.45
C ARG Y 359 113.73 -56.00 -91.57
N GLY Y 360 114.40 -56.09 -92.72
CA GLY Y 360 114.21 -55.18 -93.82
C GLY Y 360 115.39 -54.25 -94.03
N LEU Y 361 115.98 -53.76 -92.93
CA LEU Y 361 117.02 -52.75 -92.95
C LEU Y 361 118.37 -53.34 -92.54
N LYS Y 362 119.44 -52.85 -93.17
CA LYS Y 362 120.79 -53.23 -92.75
C LYS Y 362 121.25 -52.43 -91.54
N MET Y 363 120.98 -51.12 -91.51
CA MET Y 363 121.33 -50.27 -90.39
C MET Y 363 120.15 -49.37 -90.04
N SER Y 364 120.11 -48.94 -88.77
CA SER Y 364 119.09 -48.02 -88.31
C SER Y 364 119.59 -47.32 -87.06
N ALA Y 365 118.86 -46.27 -86.66
CA ALA Y 365 119.27 -45.46 -85.52
C ALA Y 365 118.04 -44.76 -84.94
N THR Y 366 117.81 -44.94 -83.64
CA THR Y 366 116.69 -44.32 -82.94
C THR Y 366 117.21 -43.26 -81.98
N PHE Y 367 116.47 -42.16 -81.86
CA PHE Y 367 116.94 -40.95 -81.19
C PHE Y 367 115.92 -40.50 -80.15
N ILE Y 368 116.04 -41.02 -78.93
CA ILE Y 368 115.16 -40.64 -77.84
C ILE Y 368 115.71 -39.38 -77.17
N GLY Y 369 114.91 -38.32 -77.12
CA GLY Y 369 115.38 -37.07 -76.57
C GLY Y 369 114.41 -36.34 -75.67
N ASN Y 370 114.87 -35.92 -74.49
CA ASN Y 370 114.12 -35.02 -73.63
C ASN Y 370 114.49 -33.59 -74.01
N SER Y 371 113.78 -33.06 -75.01
CA SER Y 371 114.02 -31.72 -75.52
C SER Y 371 112.94 -30.77 -75.00
N THR Y 372 113.38 -29.59 -74.55
CA THR Y 372 112.43 -28.57 -74.09
C THR Y 372 111.52 -28.09 -75.20
N ALA Y 373 111.88 -28.34 -76.47
CA ALA Y 373 111.01 -28.03 -77.60
C ALA Y 373 109.65 -28.70 -77.49
N ILE Y 374 109.55 -29.79 -76.73
CA ILE Y 374 108.29 -30.51 -76.50
C ILE Y 374 107.21 -29.56 -75.98
N GLN Y 375 107.63 -28.41 -75.44
CA GLN Y 375 106.66 -27.40 -75.00
C GLN Y 375 105.78 -26.93 -76.14
N GLU Y 376 106.30 -26.93 -77.38
CA GLU Y 376 105.49 -26.62 -78.54
C GLU Y 376 104.29 -27.57 -78.66
N LEU Y 377 104.53 -28.86 -78.41
CA LEU Y 377 103.44 -29.84 -78.47
C LEU Y 377 102.36 -29.52 -77.45
N PHE Y 378 102.76 -29.24 -76.20
CA PHE Y 378 101.77 -28.95 -75.17
C PHE Y 378 101.10 -27.60 -75.38
N LYS Y 379 101.77 -26.67 -76.06
CA LYS Y 379 101.12 -25.42 -76.45
C LYS Y 379 99.91 -25.69 -77.35
N ARG Y 380 100.11 -26.51 -78.39
CA ARG Y 380 99.04 -26.81 -79.34
C ARG Y 380 97.82 -27.38 -78.62
N ILE Y 381 98.03 -28.37 -77.75
CA ILE Y 381 96.93 -29.01 -77.05
C ILE Y 381 96.20 -28.02 -76.16
N SER Y 382 96.95 -27.12 -75.51
CA SER Y 382 96.34 -26.18 -74.58
C SER Y 382 95.50 -25.14 -75.30
N GLU Y 383 96.01 -24.59 -76.41
CA GLU Y 383 95.25 -23.60 -77.16
C GLU Y 383 93.95 -24.20 -77.71
N GLN Y 384 94.01 -25.42 -78.23
CA GLN Y 384 92.79 -26.11 -78.67
C GLN Y 384 91.87 -26.38 -77.48
N PHE Y 385 92.44 -26.81 -76.35
CA PHE Y 385 91.64 -27.01 -75.15
C PHE Y 385 90.99 -25.70 -74.70
N THR Y 386 91.76 -24.62 -74.70
CA THR Y 386 91.26 -23.36 -74.15
C THR Y 386 90.16 -22.77 -75.03
N ALA Y 387 90.38 -22.74 -76.35
CA ALA Y 387 89.34 -22.32 -77.29
C ALA Y 387 88.04 -23.07 -77.05
N MET Y 388 88.13 -24.39 -76.90
CA MET Y 388 86.95 -25.19 -76.58
C MET Y 388 86.38 -24.84 -75.22
N PHE Y 389 87.25 -24.72 -74.21
CA PHE Y 389 86.79 -24.60 -72.83
C PHE Y 389 86.21 -23.23 -72.54
N ARG Y 390 86.69 -22.18 -73.22
CA ARG Y 390 86.17 -20.84 -72.97
C ARG Y 390 84.72 -20.71 -73.41
N ARG Y 391 84.31 -21.44 -74.45
CA ARG Y 391 82.92 -21.49 -74.87
C ARG Y 391 82.17 -22.64 -74.21
N LYS Y 392 82.84 -23.43 -73.37
CA LYS Y 392 82.19 -24.43 -72.51
C LYS Y 392 81.49 -25.51 -73.32
N ALA Y 393 82.02 -25.81 -74.50
CA ALA Y 393 81.41 -26.80 -75.37
C ALA Y 393 81.56 -28.21 -74.80
N PHE Y 394 80.53 -29.03 -75.03
CA PHE Y 394 80.53 -30.46 -74.71
C PHE Y 394 80.85 -30.76 -73.25
N LEU Y 395 80.77 -29.75 -72.37
CA LEU Y 395 81.09 -29.98 -70.96
C LEU Y 395 80.07 -30.87 -70.28
N HIS Y 396 78.81 -30.85 -70.73
CA HIS Y 396 77.77 -31.65 -70.10
C HIS Y 396 78.02 -33.15 -70.22
N TRP Y 397 78.78 -33.58 -71.23
CA TRP Y 397 79.25 -34.96 -71.28
C TRP Y 397 80.01 -35.33 -70.03
N TYR Y 398 81.09 -34.58 -69.75
CA TYR Y 398 82.00 -34.94 -68.66
C TYR Y 398 81.36 -34.73 -67.30
N THR Y 399 80.69 -33.59 -67.12
CA THR Y 399 80.07 -33.29 -65.83
C THR Y 399 79.00 -34.32 -65.46
N GLY Y 400 78.26 -34.79 -66.46
CA GLY Y 400 77.24 -35.81 -66.20
C GLY Y 400 77.81 -37.08 -65.61
N GLU Y 401 79.04 -37.44 -65.95
CA GLU Y 401 79.69 -38.66 -65.46
C GLU Y 401 80.37 -38.46 -64.11
N GLY Y 402 80.06 -37.39 -63.39
CA GLY Y 402 80.60 -37.17 -62.08
C GLY Y 402 81.78 -36.21 -62.00
N MET Y 403 82.28 -35.74 -63.13
CA MET Y 403 83.39 -34.80 -63.12
C MET Y 403 82.92 -33.40 -62.75
N ASP Y 404 83.84 -32.61 -62.21
CA ASP Y 404 83.56 -31.23 -61.85
C ASP Y 404 84.24 -30.29 -62.83
N GLU Y 405 83.56 -29.18 -63.14
CA GLU Y 405 84.13 -28.16 -64.03
C GLU Y 405 85.49 -27.70 -63.55
N MET Y 406 85.70 -27.68 -62.24
CA MET Y 406 86.99 -27.27 -61.69
C MET Y 406 88.14 -28.12 -62.23
N GLU Y 407 87.90 -29.43 -62.42
CA GLU Y 407 88.95 -30.33 -62.91
C GLU Y 407 89.58 -29.80 -64.20
N PHE Y 408 88.77 -29.28 -65.12
CA PHE Y 408 89.30 -28.75 -66.37
C PHE Y 408 90.25 -27.59 -66.12
N THR Y 409 89.87 -26.67 -65.23
CA THR Y 409 90.74 -25.54 -64.92
C THR Y 409 92.06 -25.99 -64.33
N GLU Y 410 92.03 -26.99 -63.43
CA GLU Y 410 93.26 -27.49 -62.83
C GLU Y 410 94.16 -28.13 -63.87
N ALA Y 411 93.59 -29.01 -64.71
CA ALA Y 411 94.38 -29.64 -65.75
C ALA Y 411 94.92 -28.61 -66.74
N GLU Y 412 94.11 -27.61 -67.09
CA GLU Y 412 94.58 -26.50 -67.92
C GLU Y 412 95.79 -25.82 -67.28
N SER Y 413 95.64 -25.42 -66.00
CA SER Y 413 96.73 -24.75 -65.31
C SER Y 413 97.94 -25.67 -65.11
N ASN Y 414 97.69 -26.95 -64.81
CA ASN Y 414 98.78 -27.88 -64.57
C ASN Y 414 99.62 -28.10 -65.82
N MET Y 415 98.96 -28.12 -66.99
CA MET Y 415 99.72 -28.23 -68.24
C MET Y 415 100.52 -26.98 -68.52
N ASN Y 416 99.97 -25.81 -68.15
CA ASN Y 416 100.69 -24.55 -68.39
C ASN Y 416 101.91 -24.44 -67.48
N ASP Y 417 101.79 -24.91 -66.23
CA ASP Y 417 102.97 -25.00 -65.37
C ASP Y 417 104.02 -25.92 -66.00
N LEU Y 418 103.58 -27.03 -66.58
CA LEU Y 418 104.51 -27.93 -67.26
C LEU Y 418 105.18 -27.22 -68.44
N VAL Y 419 104.43 -26.38 -69.16
CA VAL Y 419 105.01 -25.63 -70.28
C VAL Y 419 106.00 -24.60 -69.76
N SER Y 420 105.63 -23.86 -68.71
CA SER Y 420 106.52 -22.87 -68.14
C SER Y 420 107.81 -23.50 -67.65
N GLU Y 421 107.72 -24.66 -67.00
CA GLU Y 421 108.92 -25.36 -66.52
C GLU Y 421 109.88 -25.64 -67.66
N TYR Y 422 109.35 -26.17 -68.77
CA TYR Y 422 110.19 -26.39 -69.95
C TYR Y 422 110.81 -25.09 -70.45
N GLN Y 423 110.04 -24.00 -70.41
CA GLN Y 423 110.55 -22.71 -70.85
C GLN Y 423 111.62 -22.18 -69.89
N GLN Y 424 111.46 -22.46 -68.59
CA GLN Y 424 112.46 -22.02 -67.61
C GLN Y 424 113.82 -22.64 -67.89
N TYR Y 425 113.87 -23.97 -67.98
CA TYR Y 425 115.14 -24.66 -68.19
C TYR Y 425 115.71 -24.41 -69.58
N GLN Y 426 114.87 -24.00 -70.53
CA GLN Y 426 115.38 -23.60 -71.84
C GLN Y 426 116.20 -22.32 -71.74
N ASP Y 427 115.72 -21.35 -70.95
CA ASP Y 427 116.40 -20.08 -70.77
C ASP Y 427 117.43 -20.10 -69.64
N ALA Y 428 117.64 -21.26 -69.01
CA ALA Y 428 118.60 -21.35 -67.92
C ALA Y 428 120.02 -21.22 -68.44
N THR Y 429 120.93 -20.81 -67.54
CA THR Y 429 122.33 -20.63 -67.87
C THR Y 429 123.20 -21.27 -66.81
N ALA Y 430 124.39 -21.73 -67.23
CA ALA Y 430 125.35 -22.26 -66.28
C ALA Y 430 126.16 -21.14 -65.62
N ASP Y 431 126.55 -20.14 -66.39
CA ASP Y 431 127.42 -19.03 -65.97
C ASP Y 431 128.43 -19.39 -64.89
N LEU Z 14 128.86 -51.20 -12.08
CA LEU Z 14 129.48 -50.31 -11.11
C LEU Z 14 128.44 -49.70 -10.17
N GLU Z 15 127.21 -50.23 -10.23
CA GLU Z 15 126.15 -49.72 -9.37
C GLU Z 15 126.43 -50.00 -7.91
N GLN Z 16 126.92 -51.21 -7.60
CA GLN Z 16 127.29 -51.53 -6.23
C GLN Z 16 128.65 -50.98 -5.85
N ARG Z 17 129.44 -50.54 -6.83
CA ARG Z 17 130.72 -49.90 -6.57
C ARG Z 17 130.54 -48.57 -5.83
N ALA Z 18 129.31 -48.09 -5.69
CA ALA Z 18 129.03 -46.92 -4.85
C ALA Z 18 129.39 -47.15 -3.39
N SER Z 19 129.67 -48.40 -3.00
CA SER Z 19 130.16 -48.73 -1.67
C SER Z 19 131.54 -49.39 -1.72
N HIS Z 20 132.25 -49.21 -2.83
CA HIS Z 20 133.55 -49.85 -2.98
C HIS Z 20 134.58 -49.26 -2.03
N LYS Z 21 135.66 -50.00 -1.85
CA LYS Z 21 136.68 -49.63 -0.88
C LYS Z 21 137.47 -48.40 -1.32
N VAL Z 22 137.88 -48.36 -2.58
CA VAL Z 22 138.66 -47.25 -3.11
C VAL Z 22 137.74 -46.06 -3.35
N TRP Z 23 138.24 -44.86 -3.05
CA TRP Z 23 137.41 -43.65 -3.13
C TRP Z 23 137.08 -43.29 -4.57
N LYS Z 24 138.08 -43.34 -5.46
CA LYS Z 24 137.88 -42.85 -6.83
C LYS Z 24 136.93 -43.72 -7.63
N ALA Z 25 136.62 -44.92 -7.15
CA ALA Z 25 135.59 -45.75 -7.77
C ALA Z 25 134.21 -45.42 -7.24
N ARG Z 26 134.11 -44.97 -5.99
CA ARG Z 26 132.85 -44.40 -5.50
C ARG Z 26 132.57 -43.06 -6.16
N LEU Z 27 133.62 -42.26 -6.39
CA LEU Z 27 133.46 -40.97 -7.05
C LEU Z 27 132.79 -41.13 -8.41
N ASN Z 28 133.12 -42.21 -9.14
CA ASN Z 28 132.46 -42.50 -10.40
C ASN Z 28 130.97 -42.77 -10.20
N ALA Z 29 130.64 -43.76 -9.37
CA ALA Z 29 129.25 -44.15 -9.16
C ALA Z 29 128.36 -42.96 -8.79
N TYR Z 30 128.91 -41.97 -8.08
CA TYR Z 30 128.13 -40.78 -7.77
C TYR Z 30 127.89 -39.94 -9.03
N GLN Z 31 128.91 -39.79 -9.87
CA GLN Z 31 128.75 -39.08 -11.13
C GLN Z 31 127.84 -39.84 -12.08
N GLU Z 32 128.00 -41.16 -12.15
CA GLU Z 32 127.10 -42.00 -12.94
C GLU Z 32 125.65 -41.78 -12.50
N LEU Z 33 125.40 -41.78 -11.19
CA LEU Z 33 124.06 -41.55 -10.68
C LEU Z 33 123.55 -40.17 -11.07
N ASN Z 34 124.38 -39.14 -10.88
CA ASN Z 34 123.98 -37.78 -11.24
C ASN Z 34 123.58 -37.70 -12.71
N ASN Z 35 124.29 -38.42 -13.58
CA ASN Z 35 123.90 -38.47 -14.98
C ASN Z 35 122.62 -39.26 -15.17
N LEU Z 36 122.36 -40.24 -14.31
CA LEU Z 36 121.13 -41.01 -14.41
C LEU Z 36 119.92 -40.15 -14.09
N PHE Z 37 119.96 -39.41 -12.98
CA PHE Z 37 118.81 -38.65 -12.51
C PHE Z 37 118.50 -37.41 -13.34
N THR Z 38 119.41 -36.98 -14.20
CA THR Z 38 119.12 -35.84 -15.08
C THR Z 38 118.45 -36.28 -16.38
N LYS Z 39 118.75 -37.48 -16.85
CA LYS Z 39 118.21 -38.03 -18.08
C LYS Z 39 117.26 -39.20 -17.80
N SER Z 40 116.87 -39.41 -16.55
CA SER Z 40 116.10 -40.61 -16.22
C SER Z 40 114.66 -40.46 -16.71
N SER Z 41 113.97 -41.61 -16.72
CA SER Z 41 112.64 -41.66 -17.30
C SER Z 41 111.66 -41.01 -16.33
N VAL Z 42 110.89 -40.07 -16.83
CA VAL Z 42 109.84 -39.41 -16.06
C VAL Z 42 108.51 -39.97 -16.52
N ILE Z 43 107.76 -40.54 -15.59
CA ILE Z 43 106.41 -41.01 -15.88
C ILE Z 43 105.44 -40.37 -14.91
N PRO Z 46 109.42 -44.44 -14.52
CA PRO Z 46 110.76 -44.42 -13.95
C PRO Z 46 111.31 -45.81 -13.68
N ASN Z 47 112.48 -46.10 -14.26
CA ASN Z 47 113.07 -47.43 -14.17
C ASN Z 47 113.08 -47.96 -12.75
N ASP Z 48 112.82 -49.26 -12.60
CA ASP Z 48 113.04 -49.92 -11.32
C ASP Z 48 114.47 -49.77 -10.84
N VAL Z 49 115.40 -49.47 -11.74
CA VAL Z 49 116.78 -49.18 -11.38
C VAL Z 49 116.86 -47.91 -10.54
N ALA Z 50 115.88 -47.02 -10.65
CA ALA Z 50 115.83 -45.82 -9.81
C ALA Z 50 115.18 -46.17 -8.46
N ASN Z 51 115.87 -47.03 -7.72
CA ASN Z 51 115.41 -47.51 -6.42
C ASN Z 51 116.19 -46.88 -5.27
N TYR Z 52 116.44 -45.57 -5.37
CA TYR Z 52 116.99 -44.80 -4.26
C TYR Z 52 115.90 -44.06 -3.50
N TRP Z 53 114.73 -44.68 -3.41
CA TRP Z 53 113.59 -44.23 -2.60
C TRP Z 53 113.23 -45.25 -1.54
N LEU Z 54 113.10 -46.53 -1.92
CA LEU Z 54 112.65 -47.55 -0.97
C LEU Z 54 113.72 -47.87 0.07
N ASP Z 55 115.00 -47.72 -0.28
CA ASP Z 55 116.10 -47.86 0.68
C ASP Z 55 116.86 -46.54 0.72
N PRO Z 56 116.34 -45.53 1.42
CA PRO Z 56 117.06 -44.26 1.51
C PRO Z 56 118.28 -44.31 2.42
N GLU Z 57 118.47 -45.44 3.13
CA GLU Z 57 119.74 -45.65 3.84
C GLU Z 57 120.92 -45.60 2.87
N LEU Z 58 120.69 -45.91 1.60
CA LEU Z 58 121.76 -45.89 0.61
C LEU Z 58 122.38 -44.50 0.50
N PHE Z 59 121.58 -43.51 0.12
CA PHE Z 59 122.10 -42.16 -0.02
C PHE Z 59 122.43 -41.52 1.33
N ALA Z 60 121.70 -41.91 2.38
CA ALA Z 60 122.10 -41.49 3.72
C ALA Z 60 123.53 -41.93 4.03
N SER Z 61 123.92 -43.10 3.54
CA SER Z 61 125.31 -43.53 3.63
C SER Z 61 126.21 -42.69 2.74
N TYR Z 62 125.77 -42.43 1.50
CA TYR Z 62 126.62 -41.73 0.54
C TYR Z 62 126.93 -40.31 0.98
N ILE Z 63 125.97 -39.64 1.63
CA ILE Z 63 126.19 -38.26 2.07
C ILE Z 63 127.31 -38.21 3.11
N VAL Z 64 127.48 -39.29 3.88
CA VAL Z 64 128.58 -39.41 4.82
C VAL Z 64 129.59 -40.35 4.19
N ASP Z 65 130.29 -39.86 3.16
CA ASP Z 65 131.10 -40.73 2.30
C ASP Z 65 132.44 -41.12 2.91
N SER Z 66 133.00 -40.30 3.81
CA SER Z 66 134.34 -40.42 4.40
C SER Z 66 135.42 -39.92 3.46
N ASN Z 67 135.05 -39.20 2.39
CA ASN Z 67 136.01 -38.57 1.49
C ASN Z 67 135.37 -37.28 1.02
N VAL Z 68 136.01 -36.15 1.34
CA VAL Z 68 135.39 -34.85 1.11
C VAL Z 68 135.09 -34.62 -0.37
N VAL Z 69 135.93 -35.13 -1.27
CA VAL Z 69 135.71 -34.90 -2.69
C VAL Z 69 134.61 -35.81 -3.22
N ALA Z 70 134.63 -37.08 -2.84
CA ALA Z 70 133.57 -37.99 -3.24
C ALA Z 70 132.28 -37.75 -2.45
N GLN Z 71 132.37 -37.11 -1.29
CA GLN Z 71 131.17 -36.69 -0.57
C GLN Z 71 130.41 -35.63 -1.36
N GLU Z 72 131.09 -34.54 -1.70
CA GLU Z 72 130.46 -33.45 -2.45
C GLU Z 72 129.80 -33.96 -3.73
N ASN Z 73 130.40 -34.95 -4.39
CA ASN Z 73 129.80 -35.50 -5.59
C ASN Z 73 128.57 -36.33 -5.27
N ALA Z 74 128.51 -36.93 -4.08
CA ALA Z 74 127.31 -37.64 -3.67
C ALA Z 74 126.17 -36.67 -3.34
N ILE Z 75 126.50 -35.48 -2.84
CA ILE Z 75 125.46 -34.52 -2.48
C ILE Z 75 124.85 -33.90 -3.74
N ILE Z 76 125.67 -33.59 -4.73
CA ILE Z 76 125.13 -33.02 -5.97
C ILE Z 76 124.40 -34.07 -6.78
N ALA Z 77 124.70 -35.35 -6.56
CA ALA Z 77 123.87 -36.43 -7.12
C ALA Z 77 122.56 -36.54 -6.36
N LEU Z 78 122.62 -36.48 -5.03
CA LEU Z 78 121.40 -36.40 -4.24
C LEU Z 78 120.59 -35.17 -4.62
N HIS Z 79 121.27 -34.05 -4.89
CA HIS Z 79 120.58 -32.82 -5.27
C HIS Z 79 119.74 -33.01 -6.53
N THR Z 80 120.34 -33.56 -7.59
CA THR Z 80 119.60 -33.73 -8.84
C THR Z 80 118.61 -34.88 -8.74
N LEU Z 81 118.93 -35.92 -7.98
CA LEU Z 81 117.91 -36.88 -7.60
C LEU Z 81 116.72 -36.17 -6.95
N LEU Z 82 117.01 -35.33 -5.96
CA LEU Z 82 115.99 -34.67 -5.16
C LEU Z 82 115.24 -33.57 -5.92
N GLU Z 83 115.56 -33.34 -7.21
CA GLU Z 83 114.71 -32.55 -8.08
C GLU Z 83 114.18 -33.34 -9.27
N TYR Z 84 114.80 -34.47 -9.60
CA TYR Z 84 114.17 -35.43 -10.49
C TYR Z 84 112.91 -36.04 -9.87
N ILE Z 85 112.78 -35.97 -8.55
CA ILE Z 85 111.61 -36.51 -7.84
C ILE Z 85 110.43 -35.56 -7.94
N SER Z 86 110.55 -34.51 -8.74
CA SER Z 86 109.46 -33.56 -8.97
C SER Z 86 108.33 -34.17 -9.80
N GLN Z 87 108.34 -35.50 -9.93
CA GLN Z 87 107.46 -36.26 -10.78
C GLN Z 87 106.58 -37.19 -9.96
N VAL Z 88 105.53 -37.70 -10.60
CA VAL Z 88 104.52 -38.53 -9.93
C VAL Z 88 105.13 -39.89 -9.62
N PRO Z 89 104.78 -40.53 -8.47
CA PRO Z 89 103.86 -40.05 -7.44
C PRO Z 89 104.48 -39.34 -6.25
N ASN Z 90 105.80 -39.47 -6.07
CA ASN Z 90 106.56 -38.83 -4.99
C ASN Z 90 105.82 -38.80 -3.65
N VAL Z 91 105.00 -39.82 -3.37
CA VAL Z 91 104.30 -39.87 -2.10
C VAL Z 91 105.22 -40.26 -0.96
N SER Z 92 106.43 -40.71 -1.28
CA SER Z 92 107.42 -41.17 -0.31
C SER Z 92 108.37 -40.07 0.16
N THR Z 93 107.90 -38.82 0.30
CA THR Z 93 108.77 -37.76 0.79
C THR Z 93 108.84 -37.69 2.31
N SER Z 94 107.92 -38.36 3.02
CA SER Z 94 108.01 -38.41 4.47
C SER Z 94 109.21 -39.21 4.95
N LYS Z 95 109.29 -40.47 4.52
CA LYS Z 95 110.43 -41.32 4.85
C LYS Z 95 111.77 -40.67 4.52
N LEU Z 96 111.82 -39.89 3.44
CA LEU Z 96 113.09 -39.35 2.97
C LEU Z 96 113.64 -38.31 3.94
N ARG Z 97 112.81 -37.34 4.34
CA ARG Z 97 113.28 -36.27 5.22
C ARG Z 97 113.79 -36.84 6.55
N LEU Z 98 113.14 -37.89 7.05
CA LEU Z 98 113.62 -38.56 8.25
C LEU Z 98 115.02 -39.14 8.03
N GLN Z 99 115.19 -39.88 6.93
CA GLN Z 99 116.45 -40.57 6.68
C GLN Z 99 117.57 -39.62 6.27
N TRP Z 100 117.26 -38.50 5.62
CA TRP Z 100 118.25 -37.77 4.84
C TRP Z 100 118.74 -36.48 5.47
N ILE Z 101 117.85 -35.63 5.98
CA ILE Z 101 118.31 -34.32 6.45
C ILE Z 101 119.14 -34.40 7.72
N PRO Z 102 119.00 -35.40 8.61
CA PRO Z 102 119.94 -35.48 9.75
C PRO Z 102 121.36 -35.71 9.29
N PRO Z 103 121.63 -36.65 8.36
CA PRO Z 103 122.98 -36.68 7.78
C PRO Z 103 123.34 -35.40 7.04
N LEU Z 104 122.38 -34.79 6.34
CA LEU Z 104 122.67 -33.57 5.58
C LEU Z 104 123.10 -32.44 6.51
N VAL Z 105 122.36 -32.23 7.59
CA VAL Z 105 122.70 -31.17 8.54
C VAL Z 105 123.98 -31.52 9.28
N GLU Z 106 124.04 -32.72 9.85
CA GLU Z 106 125.15 -33.11 10.73
C GLU Z 106 126.51 -32.93 10.07
N LYS Z 107 126.64 -33.31 8.79
CA LYS Z 107 127.93 -33.38 8.15
C LYS Z 107 128.00 -32.66 6.81
N GLY Z 108 126.90 -32.08 6.34
CA GLY Z 108 126.92 -31.31 5.10
C GLY Z 108 126.95 -29.82 5.38
N LEU Z 109 125.99 -29.33 6.16
CA LEU Z 109 126.03 -27.96 6.63
C LEU Z 109 127.29 -27.70 7.45
N SER Z 110 127.63 -28.66 8.33
CA SER Z 110 128.86 -28.60 9.12
C SER Z 110 130.09 -28.28 8.28
N SER Z 111 130.15 -28.79 7.05
CA SER Z 111 131.38 -28.83 6.28
C SER Z 111 132.02 -27.46 6.15
N SER Z 112 133.35 -27.45 6.09
CA SER Z 112 134.12 -26.25 5.82
C SER Z 112 134.22 -25.94 4.33
N ARG Z 113 133.87 -26.88 3.47
CA ARG Z 113 133.99 -26.70 2.03
C ARG Z 113 132.88 -25.80 1.53
N ALA Z 114 133.26 -24.79 0.73
CA ALA Z 114 132.29 -23.86 0.14
C ALA Z 114 131.14 -24.59 -0.55
N ALA Z 115 131.47 -25.44 -1.53
CA ALA Z 115 130.44 -26.06 -2.35
C ALA Z 115 129.73 -27.21 -1.64
N THR Z 116 130.45 -27.95 -0.80
CA THR Z 116 129.81 -29.04 -0.04
C THR Z 116 128.66 -28.49 0.81
N LYS Z 117 128.82 -27.28 1.34
CA LYS Z 117 127.77 -26.65 2.15
C LYS Z 117 126.63 -26.13 1.28
N ALA Z 118 126.96 -25.40 0.21
CA ALA Z 118 125.94 -24.73 -0.60
C ALA Z 118 124.92 -25.72 -1.14
N LYS Z 119 125.36 -26.90 -1.57
CA LYS Z 119 124.43 -27.88 -2.13
C LYS Z 119 123.63 -28.60 -1.05
N ALA Z 120 124.20 -28.73 0.16
CA ALA Z 120 123.44 -29.34 1.26
C ALA Z 120 122.23 -28.49 1.62
N THR Z 121 122.40 -27.17 1.70
CA THR Z 121 121.27 -26.28 1.94
C THR Z 121 120.24 -26.40 0.83
N ASP Z 122 120.68 -26.33 -0.43
CA ASP Z 122 119.77 -26.50 -1.55
C ASP Z 122 119.04 -27.83 -1.49
N CYS Z 123 119.72 -28.88 -1.02
CA CYS Z 123 119.06 -30.17 -0.83
C CYS Z 123 117.94 -30.07 0.18
N ILE Z 124 118.22 -29.47 1.35
CA ILE Z 124 117.20 -29.32 2.38
C ILE Z 124 116.02 -28.51 1.86
N MET Z 125 116.31 -27.42 1.12
CA MET Z 125 115.28 -26.68 0.39
C MET Z 125 114.31 -27.61 -0.32
N LEU Z 126 114.85 -28.50 -1.16
CA LEU Z 126 114.02 -29.37 -1.97
C LEU Z 126 113.26 -30.39 -1.12
N LEU Z 127 113.86 -30.85 -0.03
CA LEU Z 127 113.12 -31.71 0.89
C LEU Z 127 112.08 -30.93 1.68
N THR Z 128 112.34 -29.65 1.92
CA THR Z 128 111.37 -28.83 2.66
C THR Z 128 110.10 -28.60 1.84
N GLN Z 129 110.25 -28.36 0.53
CA GLN Z 129 109.10 -28.12 -0.33
C GLN Z 129 108.47 -29.39 -0.87
N SER Z 130 109.13 -30.54 -0.70
CA SER Z 130 108.43 -31.82 -0.85
C SER Z 130 107.33 -31.95 0.20
N ASP Z 131 107.58 -31.45 1.41
CA ASP Z 131 106.66 -31.59 2.52
C ASP Z 131 105.44 -30.70 2.33
N THR Z 132 104.44 -30.90 3.19
CA THR Z 132 103.27 -30.03 3.23
C THR Z 132 103.59 -28.69 3.89
N SER Z 133 104.47 -28.69 4.89
CA SER Z 133 104.86 -27.48 5.60
C SER Z 133 106.34 -27.60 5.97
N ILE Z 134 106.80 -26.73 6.88
CA ILE Z 134 108.19 -26.73 7.29
C ILE Z 134 108.42 -27.44 8.63
N GLN Z 135 107.36 -27.84 9.34
CA GLN Z 135 107.52 -28.29 10.71
C GLN Z 135 108.29 -29.61 10.78
N GLN Z 136 107.87 -30.59 9.98
CA GLN Z 136 108.56 -31.88 9.93
C GLN Z 136 109.96 -31.77 9.33
N THR Z 137 110.33 -30.61 8.79
CA THR Z 137 111.72 -30.35 8.47
C THR Z 137 112.47 -29.76 9.67
N VAL Z 138 111.88 -28.75 10.32
CA VAL Z 138 112.53 -28.07 11.43
C VAL Z 138 112.81 -29.01 12.59
N ASN Z 139 111.81 -29.83 12.95
CA ASN Z 139 111.91 -30.64 14.16
C ASN Z 139 113.10 -31.60 14.14
N LEU Z 140 113.58 -31.98 12.95
CA LEU Z 140 114.73 -32.86 12.85
C LEU Z 140 116.04 -32.09 12.94
N MET Z 141 116.10 -30.89 12.38
CA MET Z 141 117.33 -30.10 12.37
C MET Z 141 117.45 -29.18 13.58
N LEU Z 142 116.49 -29.21 14.50
CA LEU Z 142 116.62 -28.41 15.72
C LEU Z 142 117.71 -28.93 16.65
N PRO Z 143 117.78 -30.23 16.97
CA PRO Z 143 118.83 -30.69 17.92
C PRO Z 143 120.24 -30.26 17.55
N SER Z 144 120.53 -30.08 16.25
CA SER Z 144 121.88 -29.75 15.84
C SER Z 144 122.35 -28.39 16.36
N LEU Z 145 121.44 -27.54 16.83
CA LEU Z 145 121.84 -26.31 17.51
C LEU Z 145 122.61 -26.59 18.80
N SER Z 146 122.44 -27.77 19.38
CA SER Z 146 123.09 -28.14 20.64
C SER Z 146 124.33 -29.00 20.41
N ASN Z 147 125.09 -28.72 19.34
CA ASN Z 147 126.28 -29.51 19.03
C ASN Z 147 127.53 -28.76 19.46
N LYS Z 148 128.57 -29.55 19.77
CA LYS Z 148 129.89 -29.04 20.13
C LYS Z 148 130.37 -27.98 19.15
N LEU Z 149 130.48 -28.34 17.88
CA LEU Z 149 131.12 -27.48 16.88
C LEU Z 149 130.32 -26.21 16.65
N PRO Z 150 130.91 -25.03 16.86
CA PRO Z 150 130.16 -23.79 16.60
C PRO Z 150 129.77 -23.60 15.14
N ARG Z 151 130.70 -23.83 14.21
CA ARG Z 151 130.40 -23.60 12.81
C ARG Z 151 129.24 -24.45 12.30
N LEU Z 152 128.91 -25.54 13.00
CA LEU Z 152 127.70 -26.29 12.67
C LEU Z 152 126.46 -25.53 13.12
N VAL Z 153 126.43 -25.10 14.38
CA VAL Z 153 125.30 -24.31 14.86
C VAL Z 153 125.33 -22.90 14.25
N SER Z 154 126.52 -22.35 13.98
CA SER Z 154 126.62 -21.13 13.20
C SER Z 154 125.89 -21.25 11.87
N SER Z 155 126.09 -22.37 11.18
CA SER Z 155 125.53 -22.56 9.84
C SER Z 155 124.07 -23.01 9.91
N CYS Z 156 123.77 -23.99 10.76
CA CYS Z 156 122.42 -24.55 10.81
C CYS Z 156 121.41 -23.59 11.43
N VAL Z 157 121.87 -22.48 12.01
CA VAL Z 157 120.96 -21.39 12.34
C VAL Z 157 120.73 -20.49 11.13
N LYS Z 158 121.73 -20.37 10.25
CA LYS Z 158 121.53 -19.67 8.99
C LYS Z 158 120.59 -20.44 8.08
N CYS Z 159 120.69 -21.78 8.07
CA CYS Z 159 119.83 -22.59 7.21
C CYS Z 159 118.40 -22.59 7.72
N LEU Z 160 118.22 -22.74 9.03
CA LEU Z 160 116.88 -22.60 9.61
C LEU Z 160 116.27 -21.25 9.28
N ALA Z 161 117.08 -20.20 9.28
CA ALA Z 161 116.57 -18.85 9.05
C ALA Z 161 116.11 -18.63 7.62
N THR Z 162 116.63 -19.40 6.66
CA THR Z 162 116.29 -19.20 5.26
C THR Z 162 115.37 -20.28 4.70
N ILE Z 163 115.07 -21.33 5.46
CA ILE Z 163 113.87 -22.11 5.15
C ILE Z 163 112.63 -21.35 5.56
N ILE Z 164 112.80 -20.28 6.32
CA ILE Z 164 111.70 -19.42 6.78
C ILE Z 164 111.51 -18.23 5.87
N GLU Z 165 112.60 -17.50 5.58
CA GLU Z 165 112.51 -16.28 4.78
C GLU Z 165 112.00 -16.56 3.37
N GLU Z 166 112.18 -17.77 2.86
CA GLU Z 166 111.71 -18.11 1.52
C GLU Z 166 110.42 -18.92 1.53
N PHE Z 167 110.24 -19.81 2.51
CA PHE Z 167 108.98 -20.52 2.66
C PHE Z 167 108.04 -19.81 3.62
N GLY Z 168 108.16 -20.10 4.90
CA GLY Z 168 107.29 -19.55 5.91
C GLY Z 168 106.34 -20.59 6.49
N PHE Z 169 105.64 -20.17 7.55
CA PHE Z 169 104.72 -21.03 8.27
C PHE Z 169 103.37 -21.03 7.56
N ILE Z 170 103.10 -22.08 6.78
CA ILE Z 170 101.77 -22.31 6.22
C ILE Z 170 101.50 -23.81 6.26
N ASN Z 171 100.22 -24.16 6.44
CA ASN Z 171 99.76 -25.55 6.54
C ASN Z 171 100.44 -26.27 7.71
N VAL Z 172 100.75 -25.54 8.76
CA VAL Z 172 101.35 -26.09 9.97
C VAL Z 172 100.23 -26.39 10.96
N SER Z 173 100.14 -27.65 11.40
CA SER Z 173 99.07 -28.09 12.28
C SER Z 173 98.98 -27.27 13.55
N ASP Z 174 100.00 -27.36 14.42
CA ASP Z 174 100.02 -26.63 15.68
C ASP Z 174 101.24 -25.71 15.65
N ILE Z 175 101.06 -24.51 15.11
CA ILE Z 175 102.14 -23.54 15.05
C ILE Z 175 102.60 -23.14 16.45
N ASN Z 176 101.66 -23.09 17.40
CA ASN Z 176 102.00 -22.76 18.78
C ASN Z 176 103.06 -23.72 19.33
N ILE Z 177 102.92 -25.02 19.06
CA ILE Z 177 103.90 -25.99 19.51
C ILE Z 177 105.23 -25.79 18.80
N LEU Z 178 105.18 -25.41 17.53
CA LEU Z 178 106.41 -25.29 16.74
C LEU Z 178 107.17 -24.01 17.06
N LEU Z 179 106.49 -22.88 17.17
CA LEU Z 179 107.16 -21.63 17.49
C LEU Z 179 107.85 -21.72 18.86
N SER Z 180 107.19 -22.34 19.83
CA SER Z 180 107.81 -22.58 21.12
C SER Z 180 109.07 -23.43 20.98
N GLU Z 181 109.01 -24.46 20.13
CA GLU Z 181 110.13 -25.39 20.01
C GLU Z 181 111.35 -24.71 19.38
N ILE Z 182 111.13 -23.72 18.52
CA ILE Z 182 112.26 -23.01 17.91
C ILE Z 182 112.66 -21.77 18.69
N LEU Z 183 111.78 -21.25 19.55
CA LEU Z 183 112.13 -20.12 20.40
C LEU Z 183 112.92 -20.54 21.63
N GLU Z 184 112.78 -21.80 22.05
CA GLU Z 184 113.48 -22.29 23.25
C GLU Z 184 114.98 -22.07 23.23
N PRO Z 185 115.72 -22.40 22.17
CA PRO Z 185 117.19 -22.25 22.23
C PRO Z 185 117.69 -20.83 21.99
N LEU Z 186 116.88 -19.94 21.42
CA LEU Z 186 117.31 -18.61 21.01
C LEU Z 186 118.00 -17.79 22.10
N PRO Z 187 117.62 -17.90 23.37
CA PRO Z 187 118.40 -17.20 24.41
C PRO Z 187 119.84 -17.69 24.52
N LYS Z 188 120.05 -19.00 24.59
CA LYS Z 188 121.41 -19.53 24.71
C LYS Z 188 122.21 -19.27 23.44
N LEU Z 189 121.56 -19.38 22.27
CA LEU Z 189 122.23 -19.10 21.01
C LEU Z 189 122.68 -17.64 20.94
N SER Z 190 121.84 -16.73 21.43
CA SER Z 190 122.15 -15.30 21.38
C SER Z 190 123.18 -14.87 22.43
N SER Z 191 123.49 -15.73 23.40
CA SER Z 191 124.58 -15.48 24.35
C SER Z 191 125.75 -16.43 24.10
N HIS Z 192 125.79 -17.07 22.94
CA HIS Z 192 126.83 -18.04 22.61
C HIS Z 192 128.18 -17.35 22.41
N ALA Z 193 129.24 -18.11 22.64
CA ALA Z 193 130.60 -17.55 22.57
C ALA Z 193 130.91 -17.06 21.16
N ASP Z 194 130.77 -17.94 20.16
CA ASP Z 194 131.05 -17.61 18.78
C ASP Z 194 130.38 -16.31 18.34
N ARG Z 195 131.14 -15.44 17.67
CA ARG Z 195 130.58 -14.26 17.04
C ARG Z 195 129.53 -14.64 15.99
N ASN Z 196 129.83 -15.67 15.19
CA ASN Z 196 128.95 -16.03 14.08
C ASN Z 196 127.62 -16.57 14.59
N VAL Z 197 127.65 -17.44 15.61
CA VAL Z 197 126.42 -18.00 16.16
C VAL Z 197 125.50 -16.89 16.63
N ARG Z 198 126.05 -15.85 17.24
CA ARG Z 198 125.25 -14.73 17.72
C ARG Z 198 124.72 -13.90 16.55
N SER Z 199 125.63 -13.33 15.74
CA SER Z 199 125.24 -12.53 14.58
C SER Z 199 124.18 -13.22 13.73
N GLU Z 200 124.35 -14.52 13.48
CA GLU Z 200 123.41 -15.27 12.67
C GLU Z 200 122.17 -15.69 13.43
N THR Z 201 122.09 -15.42 14.74
CA THR Z 201 120.87 -15.64 15.50
C THR Z 201 119.97 -14.42 15.48
N MET Z 202 120.55 -13.21 15.44
CA MET Z 202 119.75 -12.01 15.27
C MET Z 202 119.03 -12.00 13.92
N ASN Z 203 119.65 -12.59 12.90
CA ASN Z 203 118.97 -12.72 11.60
C ASN Z 203 117.76 -13.64 11.71
N LEU Z 204 117.90 -14.76 12.42
CA LEU Z 204 116.76 -15.65 12.63
C LEU Z 204 115.67 -14.96 13.44
N ILE Z 205 116.05 -14.10 14.38
CA ILE Z 205 115.07 -13.32 15.11
C ILE Z 205 114.30 -12.40 14.16
N LEU Z 206 115.03 -11.69 13.28
CA LEU Z 206 114.37 -10.80 12.34
C LEU Z 206 113.38 -11.55 11.45
N GLN Z 207 113.76 -12.74 11.00
CA GLN Z 207 112.88 -13.50 10.11
C GLN Z 207 111.65 -14.03 10.82
N ILE Z 208 111.67 -14.09 12.15
CA ILE Z 208 110.45 -14.40 12.91
C ILE Z 208 109.62 -13.14 13.12
N TYR Z 209 110.27 -12.03 13.48
CA TYR Z 209 109.58 -10.75 13.51
C TYR Z 209 108.98 -10.42 12.16
N LYS Z 210 109.71 -10.70 11.08
CA LYS Z 210 109.29 -10.36 9.72
C LYS Z 210 108.01 -11.09 9.33
N TRP Z 211 107.52 -11.94 10.23
CA TRP Z 211 106.39 -12.82 9.96
C TRP Z 211 105.34 -12.78 11.06
N PHE Z 212 105.67 -12.33 12.27
CA PHE Z 212 104.68 -12.21 13.34
C PHE Z 212 104.59 -10.81 13.94
N GLY Z 213 105.69 -10.08 14.06
CA GLY Z 213 105.67 -8.73 14.57
C GLY Z 213 106.41 -8.59 15.90
N LYS Z 214 106.53 -7.34 16.33
CA LYS Z 214 107.41 -6.99 17.44
C LYS Z 214 106.79 -7.28 18.81
N GLU Z 215 105.46 -7.22 18.92
CA GLU Z 215 104.83 -7.37 20.22
C GLU Z 215 105.12 -8.75 20.82
N LEU Z 216 105.09 -9.79 19.98
CA LEU Z 216 105.21 -11.16 20.48
C LEU Z 216 106.61 -11.40 21.04
N LEU Z 217 107.65 -11.02 20.30
CA LEU Z 217 109.00 -11.37 20.69
C LEU Z 217 109.53 -10.51 21.84
N GLN Z 218 108.94 -9.34 22.08
CA GLN Z 218 109.29 -8.59 23.27
C GLN Z 218 108.67 -9.19 24.52
N GLU Z 219 107.57 -9.93 24.35
CA GLU Z 219 106.93 -10.65 25.45
C GLU Z 219 107.66 -11.96 25.73
N LEU Z 220 108.08 -12.68 24.69
CA LEU Z 220 108.70 -13.99 24.84
C LEU Z 220 110.22 -13.96 24.84
N LEU Z 221 110.87 -13.14 24.00
CA LEU Z 221 112.30 -13.25 23.80
C LEU Z 221 113.08 -11.97 24.11
N LEU Z 222 112.71 -10.85 23.49
CA LEU Z 222 113.56 -9.66 23.52
C LEU Z 222 113.98 -9.26 24.93
N GLU Z 223 113.11 -9.50 25.91
CA GLU Z 223 113.43 -9.20 27.30
C GLU Z 223 114.75 -9.82 27.75
N LYS Z 224 115.04 -11.03 27.32
CA LYS Z 224 116.11 -11.82 27.94
C LYS Z 224 117.48 -11.63 27.33
N LEU Z 225 117.61 -10.91 26.22
CA LEU Z 225 118.94 -10.74 25.65
C LEU Z 225 119.56 -9.43 26.13
N LYS Z 226 120.85 -9.27 25.84
CA LYS Z 226 121.58 -8.07 26.22
C LYS Z 226 120.89 -6.83 25.63
N PRO Z 227 120.84 -5.72 26.38
CA PRO Z 227 120.19 -4.50 25.86
C PRO Z 227 120.75 -4.05 24.52
N ILE Z 228 122.08 -4.08 24.37
CA ILE Z 228 122.71 -3.76 23.09
C ILE Z 228 122.10 -4.59 21.96
N GLN Z 229 121.74 -5.85 22.27
CA GLN Z 229 121.21 -6.74 21.24
C GLN Z 229 119.83 -6.29 20.77
N GLN Z 230 118.92 -6.02 21.70
CA GLN Z 230 117.57 -5.61 21.31
C GLN Z 230 117.54 -4.25 20.64
N ARG Z 231 118.57 -3.42 20.83
CA ARG Z 231 118.69 -2.20 20.05
C ARG Z 231 118.96 -2.51 18.58
N ASP Z 232 119.94 -3.37 18.30
CA ASP Z 232 120.25 -3.72 16.93
C ASP Z 232 119.06 -4.37 16.23
N LEU Z 233 118.27 -5.14 16.96
CA LEU Z 233 117.09 -5.75 16.36
C LEU Z 233 116.05 -4.70 15.99
N SER Z 234 115.90 -3.67 16.82
CA SER Z 234 114.98 -2.59 16.48
C SER Z 234 115.50 -1.81 15.27
N ARG Z 235 116.80 -1.47 15.28
CA ARG Z 235 117.40 -0.84 14.10
C ARG Z 235 117.18 -1.69 12.86
N MET Z 236 117.11 -3.01 13.02
CA MET Z 236 116.89 -3.92 11.89
C MET Z 236 115.43 -3.90 11.44
N PHE Z 237 114.50 -3.57 12.34
CA PHE Z 237 113.09 -3.55 11.96
C PHE Z 237 112.70 -2.29 11.21
N GLU Z 238 113.33 -1.15 11.54
CA GLU Z 238 113.12 0.07 10.76
C GLU Z 238 113.54 -0.13 9.30
N LYS Z 239 114.74 -0.68 9.09
CA LYS Z 239 115.19 -0.96 7.72
C LYS Z 239 114.28 -1.95 7.01
N TYR Z 240 113.55 -2.78 7.74
CA TYR Z 240 112.54 -3.62 7.13
C TYR Z 240 111.35 -2.80 6.69
N GLU Z 241 111.00 -2.91 5.41
CA GLU Z 241 109.78 -2.33 4.87
C GLU Z 241 108.93 -3.45 4.27
N GLY Z 242 107.62 -3.29 4.37
CA GLY Z 242 106.72 -4.35 3.94
C GLY Z 242 105.80 -4.80 5.05
N THR Z 243 104.62 -5.33 4.67
CA THR Z 243 103.55 -5.56 5.63
C THR Z 243 103.97 -6.57 6.69
N ILE Z 244 103.24 -6.54 7.82
CA ILE Z 244 103.68 -7.29 9.00
C ILE Z 244 103.84 -8.77 8.70
N PRO Z 245 102.86 -9.47 8.13
CA PRO Z 245 103.17 -10.72 7.43
C PRO Z 245 103.40 -10.42 5.96
N PRO Z 246 104.43 -11.02 5.34
CA PRO Z 246 104.70 -10.73 3.93
C PRO Z 246 103.52 -11.10 3.04
N LYS Z 247 103.28 -10.24 2.03
CA LYS Z 247 102.14 -10.47 1.15
C LYS Z 247 102.30 -11.76 0.36
N GLN Z 248 103.49 -11.98 -0.20
CA GLN Z 248 103.75 -13.15 -1.03
C GLN Z 248 105.08 -13.77 -0.64
N GLN Z 249 105.10 -15.10 -0.58
CA GLN Z 249 106.32 -15.81 -0.24
C GLN Z 249 107.28 -15.82 -1.42
N PRO Z 250 108.58 -15.67 -1.18
CA PRO Z 250 109.57 -15.83 -2.26
C PRO Z 250 109.69 -17.26 -2.79
N ARG Z 251 109.01 -18.24 -2.19
CA ARG Z 251 109.10 -19.61 -2.66
C ARG Z 251 107.88 -20.39 -2.17
N LEU Z 252 107.37 -21.27 -3.02
CA LEU Z 252 106.18 -22.06 -2.73
C LEU Z 252 106.54 -23.53 -2.54
N PHE Z 253 105.62 -24.26 -1.91
CA PHE Z 253 105.74 -25.70 -1.75
C PHE Z 253 105.27 -26.43 -3.01
N GLN Z 254 105.37 -27.75 -2.97
CA GLN Z 254 104.97 -28.55 -4.14
C GLN Z 254 103.46 -28.56 -4.31
N TRP Z 255 102.72 -28.78 -3.22
CA TRP Z 255 101.27 -28.79 -3.31
C TRP Z 255 100.69 -27.41 -3.59
N GLN Z 256 101.42 -26.35 -3.27
CA GLN Z 256 100.90 -25.00 -3.49
C GLN Z 256 101.05 -24.57 -4.94
N LYS Z 257 102.22 -24.81 -5.53
CA LYS Z 257 102.44 -24.43 -6.92
C LYS Z 257 101.54 -25.20 -7.88
N GLU Z 258 101.34 -26.50 -7.61
CA GLU Z 258 100.48 -27.30 -8.48
C GLU Z 258 99.03 -26.84 -8.42
N GLN Z 259 98.54 -26.46 -7.22
CA GLN Z 259 97.18 -25.94 -7.11
C GLN Z 259 97.04 -24.62 -7.86
N GLU Z 260 98.06 -23.77 -7.79
CA GLU Z 260 98.03 -22.51 -8.53
C GLU Z 260 97.93 -22.73 -10.03
N GLN Z 261 98.68 -23.70 -10.57
CA GLN Z 261 98.60 -23.99 -11.99
C GLN Z 261 97.23 -24.50 -12.39
N GLU Z 262 96.57 -25.25 -11.50
CA GLU Z 262 95.24 -25.77 -11.81
C GLU Z 262 94.19 -24.68 -11.78
N GLN Z 263 94.38 -23.67 -10.91
CA GLN Z 263 93.48 -22.53 -10.90
C GLN Z 263 93.65 -21.70 -12.16
N GLU Z 264 94.90 -21.56 -12.65
CA GLU Z 264 95.12 -20.79 -13.87
C GLU Z 264 94.51 -21.49 -15.08
N GLN Z 265 94.57 -22.83 -15.11
CA GLN Z 265 93.93 -23.59 -16.17
C GLN Z 265 92.42 -23.37 -16.15
N ILE Z 266 91.80 -23.51 -14.98
CA ILE Z 266 90.36 -23.38 -14.84
C ILE Z 266 89.97 -21.92 -14.65
N ASP Z 300 77.01 -24.65 -21.48
CA ASP Z 300 75.84 -25.52 -21.41
C ASP Z 300 75.50 -25.99 -22.82
N PRO Z 301 75.08 -27.26 -22.97
CA PRO Z 301 74.95 -27.82 -24.32
C PRO Z 301 73.62 -27.58 -25.02
N PHE Z 302 73.69 -26.84 -26.14
CA PHE Z 302 72.54 -26.62 -27.00
C PHE Z 302 72.10 -27.90 -27.71
N GLU Z 303 72.85 -28.99 -27.57
CA GLU Z 303 72.51 -30.25 -28.22
C GLU Z 303 71.16 -30.80 -27.76
N LEU Z 304 70.50 -30.14 -26.81
CA LEU Z 304 69.23 -30.55 -26.22
C LEU Z 304 68.15 -30.62 -27.28
N LEU Z 305 68.51 -30.24 -28.50
CA LEU Z 305 67.57 -30.21 -29.60
C LEU Z 305 66.86 -31.56 -29.67
N PRO Z 306 65.57 -31.57 -29.97
CA PRO Z 306 64.80 -32.81 -29.90
C PRO Z 306 65.32 -33.81 -30.90
N PRO Z 307 65.17 -35.10 -30.62
CA PRO Z 307 65.75 -36.10 -31.50
C PRO Z 307 64.88 -36.29 -32.72
N SER Z 308 65.53 -36.53 -33.86
CA SER Z 308 64.87 -36.75 -35.13
C SER Z 308 65.02 -38.20 -35.53
N VAL Z 309 64.06 -38.69 -36.32
CA VAL Z 309 64.04 -40.07 -36.74
C VAL Z 309 64.22 -40.13 -38.25
N ILE Z 310 65.08 -41.06 -38.68
CA ILE Z 310 65.41 -41.19 -40.09
C ILE Z 310 65.00 -42.54 -40.67
N LEU Z 311 64.74 -43.54 -39.83
CA LEU Z 311 64.34 -44.86 -40.31
C LEU Z 311 63.07 -44.79 -41.15
N ASP Z 312 62.06 -44.06 -40.67
CA ASP Z 312 60.81 -43.93 -41.41
C ASP Z 312 60.98 -43.14 -42.70
N LYS Z 313 62.04 -42.36 -42.83
CA LYS Z 313 62.24 -41.53 -44.02
C LYS Z 313 62.64 -42.36 -45.24
N PHE Z 314 63.37 -43.45 -45.03
CA PHE Z 314 63.88 -44.29 -46.12
C PHE Z 314 62.77 -44.76 -47.07
N PRO Z 315 63.10 -44.98 -48.35
CA PRO Z 315 62.09 -45.45 -49.30
C PRO Z 315 62.12 -46.96 -49.52
N ALA Z 316 61.12 -47.48 -50.23
CA ALA Z 316 61.05 -48.92 -50.47
C ALA Z 316 62.10 -49.36 -51.48
N ASP Z 317 62.25 -48.62 -52.58
CA ASP Z 317 63.28 -48.99 -53.55
C ASP Z 317 64.69 -48.68 -53.07
N PHE Z 318 64.89 -48.27 -51.82
CA PHE Z 318 66.22 -47.94 -51.34
C PHE Z 318 67.15 -49.16 -51.38
N GLN Z 319 66.69 -50.29 -50.84
CA GLN Z 319 67.53 -51.48 -50.79
C GLN Z 319 67.94 -51.92 -52.20
N THR Z 320 67.01 -51.82 -53.15
CA THR Z 320 67.31 -52.18 -54.53
C THR Z 320 68.19 -51.15 -55.22
N ARG Z 321 67.98 -49.87 -54.95
CA ARG Z 321 68.77 -48.83 -55.61
C ARG Z 321 70.24 -48.88 -55.19
N ILE Z 322 70.51 -49.01 -53.90
CA ILE Z 322 71.89 -49.06 -53.43
C ILE Z 322 72.57 -50.35 -53.84
N SER Z 323 71.83 -51.45 -53.90
CA SER Z 323 72.41 -52.75 -54.28
C SER Z 323 72.24 -53.04 -55.76
N SER Z 324 72.63 -52.09 -56.60
CA SER Z 324 72.54 -52.25 -58.05
C SER Z 324 73.94 -52.31 -58.67
N THR Z 325 73.98 -52.80 -59.90
CA THR Z 325 75.22 -52.81 -60.67
C THR Z 325 75.44 -51.50 -61.41
N LYS Z 326 74.38 -50.74 -61.67
CA LYS Z 326 74.48 -49.47 -62.36
C LYS Z 326 74.94 -48.40 -61.38
N TRP Z 327 76.05 -47.72 -61.72
CA TRP Z 327 76.65 -46.74 -60.82
C TRP Z 327 75.66 -45.65 -60.45
N LYS Z 328 74.88 -45.15 -61.41
CA LYS Z 328 74.01 -44.01 -61.14
C LYS Z 328 72.86 -44.40 -60.23
N ASP Z 329 72.46 -45.68 -60.24
CA ASP Z 329 71.51 -46.17 -59.24
C ASP Z 329 72.05 -45.97 -57.83
N ARG Z 330 73.25 -46.49 -57.58
CA ARG Z 330 73.87 -46.37 -56.26
C ARG Z 330 74.07 -44.92 -55.86
N VAL Z 331 74.63 -44.11 -56.75
CA VAL Z 331 74.91 -42.70 -56.44
C VAL Z 331 73.64 -41.98 -56.01
N GLU Z 332 72.62 -42.03 -56.87
CA GLU Z 332 71.37 -41.35 -56.57
C GLU Z 332 70.77 -41.86 -55.27
N ALA Z 333 70.81 -43.17 -55.04
CA ALA Z 333 70.33 -43.75 -53.79
C ALA Z 333 71.01 -43.11 -52.59
N LEU Z 334 72.35 -43.13 -52.57
CA LEU Z 334 73.10 -42.50 -51.47
C LEU Z 334 72.85 -41.00 -51.43
N GLU Z 335 72.96 -40.35 -52.58
CA GLU Z 335 72.82 -38.89 -52.64
C GLU Z 335 71.45 -38.42 -52.15
N GLU Z 336 70.42 -39.25 -52.31
CA GLU Z 336 69.08 -38.86 -51.87
C GLU Z 336 68.98 -38.87 -50.35
N ILE Z 337 69.25 -40.02 -49.72
CA ILE Z 337 69.18 -40.13 -48.27
C ILE Z 337 70.16 -39.22 -47.57
N HIS Z 338 71.12 -38.65 -48.28
CA HIS Z 338 72.07 -37.71 -47.70
C HIS Z 338 71.57 -36.27 -47.80
N ASN Z 339 71.16 -35.86 -48.99
CA ASN Z 339 70.69 -34.48 -49.18
C ASN Z 339 69.26 -34.28 -48.66
N ASN Z 340 68.41 -35.30 -48.76
CA ASN Z 340 67.02 -35.17 -48.34
C ASN Z 340 66.77 -35.54 -46.88
N VAL Z 341 67.60 -36.43 -46.31
CA VAL Z 341 67.28 -37.10 -45.06
C VAL Z 341 68.30 -36.82 -43.97
N LEU Z 342 69.59 -36.72 -44.32
CA LEU Z 342 70.65 -36.50 -43.35
C LEU Z 342 71.05 -35.03 -43.22
N LYS Z 343 71.37 -34.40 -44.34
CA LYS Z 343 71.78 -33.00 -44.35
C LYS Z 343 70.83 -32.06 -43.61
N PRO Z 344 69.50 -32.20 -43.70
CA PRO Z 344 68.63 -31.27 -42.93
C PRO Z 344 68.78 -31.35 -41.43
N VAL Z 345 68.81 -32.56 -40.86
CA VAL Z 345 68.69 -32.75 -39.42
C VAL Z 345 69.92 -32.19 -38.69
N LYS Z 346 69.78 -32.03 -37.36
CA LYS Z 346 70.89 -31.59 -36.53
C LYS Z 346 71.07 -32.43 -35.27
N LYS Z 347 70.22 -33.43 -35.05
CA LYS Z 347 70.41 -34.36 -33.95
C LYS Z 347 69.60 -35.61 -34.21
N LEU Z 348 70.25 -36.76 -34.20
CA LEU Z 348 69.59 -38.04 -34.43
C LEU Z 348 69.15 -38.65 -33.09
N ALA Z 349 68.36 -39.72 -33.19
CA ALA Z 349 67.76 -40.34 -32.02
C ALA Z 349 68.74 -41.32 -31.39
N HIS Z 350 69.23 -40.99 -30.20
CA HIS Z 350 70.10 -41.91 -29.46
C HIS Z 350 69.34 -43.16 -29.02
N LYS Z 351 68.12 -42.99 -28.54
CA LYS Z 351 67.41 -44.07 -27.86
C LYS Z 351 66.86 -45.07 -28.86
N ASN Z 352 67.33 -46.32 -28.77
CA ASN Z 352 66.69 -47.48 -29.38
C ASN Z 352 66.71 -47.42 -30.91
N GLN Z 353 67.77 -46.85 -31.49
CA GLN Z 353 67.90 -46.75 -32.93
C GLN Z 353 69.18 -47.47 -33.35
N ASP Z 354 69.03 -48.53 -34.14
CA ASP Z 354 70.16 -49.33 -34.61
C ASP Z 354 70.52 -48.87 -36.02
N TYR Z 355 71.60 -48.10 -36.13
CA TYR Z 355 72.14 -47.68 -37.41
C TYR Z 355 73.19 -48.64 -37.94
N SER Z 356 73.51 -49.70 -37.21
CA SER Z 356 74.55 -50.64 -37.60
C SER Z 356 74.12 -51.56 -38.73
N ASP Z 357 72.89 -51.42 -39.21
CA ASP Z 357 72.50 -51.99 -40.49
C ASP Z 357 72.73 -51.00 -41.63
N TYR Z 358 72.45 -49.72 -41.39
CA TYR Z 358 72.73 -48.69 -42.38
C TYR Z 358 74.23 -48.41 -42.50
N LEU Z 359 74.94 -48.39 -41.38
CA LEU Z 359 76.35 -48.01 -41.41
C LEU Z 359 77.21 -49.09 -42.05
N ARG Z 360 76.82 -50.36 -41.94
CA ARG Z 360 77.62 -51.41 -42.55
C ARG Z 360 77.49 -51.48 -44.06
N VAL Z 361 76.49 -50.80 -44.65
CA VAL Z 361 76.43 -50.68 -46.10
C VAL Z 361 77.11 -49.42 -46.59
N LEU Z 362 77.25 -48.39 -45.75
CA LEU Z 362 78.14 -47.28 -46.08
C LEU Z 362 79.58 -47.74 -46.12
N ALA Z 363 79.97 -48.64 -45.21
CA ALA Z 363 81.30 -49.22 -45.23
C ALA Z 363 81.53 -50.05 -46.49
N ASN Z 364 80.55 -50.88 -46.86
CA ASN Z 364 80.70 -51.73 -48.04
C ASN Z 364 81.05 -50.93 -49.27
N VAL Z 365 80.47 -49.73 -49.43
CA VAL Z 365 80.78 -48.92 -50.59
C VAL Z 365 82.09 -48.15 -50.39
N ILE Z 366 82.30 -47.59 -49.19
CA ILE Z 366 83.52 -46.82 -48.96
C ILE Z 366 84.76 -47.70 -49.15
N GLN Z 367 84.67 -48.95 -48.73
CA GLN Z 367 85.74 -49.91 -48.99
C GLN Z 367 85.77 -50.36 -50.44
N LYS Z 368 84.73 -51.06 -50.86
CA LYS Z 368 84.78 -51.89 -52.07
C LYS Z 368 84.20 -51.24 -53.32
N ASP Z 369 83.40 -50.18 -53.20
CA ASP Z 369 82.71 -49.63 -54.36
C ASP Z 369 83.70 -48.95 -55.29
N ALA Z 370 83.67 -49.34 -56.58
CA ALA Z 370 84.63 -48.84 -57.55
C ALA Z 370 84.36 -47.39 -57.96
N ASN Z 371 83.17 -46.88 -57.71
CA ASN Z 371 82.83 -45.51 -58.11
C ASN Z 371 83.34 -44.55 -57.04
N VAL Z 372 84.34 -43.74 -57.40
CA VAL Z 372 84.91 -42.77 -56.48
C VAL Z 372 83.87 -41.75 -56.03
N GLN Z 373 82.91 -41.44 -56.90
CA GLN Z 373 81.85 -40.49 -56.52
C GLN Z 373 80.96 -41.08 -55.42
N ALA Z 374 80.59 -42.36 -55.53
CA ALA Z 374 79.77 -42.99 -54.51
C ALA Z 374 80.50 -43.08 -53.18
N VAL Z 375 81.83 -43.20 -53.21
CA VAL Z 375 82.60 -43.18 -51.97
C VAL Z 375 82.52 -41.81 -51.32
N THR Z 376 82.79 -40.74 -52.09
CA THR Z 376 82.83 -39.39 -51.55
C THR Z 376 81.53 -39.05 -50.82
N ILE Z 377 80.38 -39.32 -51.45
CA ILE Z 377 79.10 -38.98 -50.86
C ILE Z 377 78.75 -39.91 -49.70
N ALA Z 378 79.38 -41.09 -49.62
CA ALA Z 378 79.13 -42.01 -48.52
C ALA Z 378 79.88 -41.61 -47.27
N ALA Z 379 81.17 -41.27 -47.41
CA ALA Z 379 81.96 -40.84 -46.25
C ALA Z 379 81.41 -39.54 -45.66
N ASN Z 380 80.83 -38.68 -46.51
CA ASN Z 380 80.15 -37.50 -45.97
C ASN Z 380 78.88 -37.89 -45.23
N SER Z 381 78.22 -38.96 -45.66
CA SER Z 381 77.10 -39.49 -44.88
C SER Z 381 77.58 -40.01 -43.54
N VAL Z 382 78.65 -40.81 -43.54
CA VAL Z 382 79.22 -41.33 -42.30
C VAL Z 382 79.56 -40.20 -41.34
N GLN Z 383 80.18 -39.13 -41.85
CA GLN Z 383 80.49 -37.98 -41.01
C GLN Z 383 79.24 -37.38 -40.38
N LEU Z 384 78.18 -37.21 -41.19
CA LEU Z 384 76.94 -36.64 -40.67
C LEU Z 384 76.39 -37.46 -39.52
N LEU Z 385 76.39 -38.79 -39.65
CA LEU Z 385 75.95 -39.66 -38.56
C LEU Z 385 76.79 -39.44 -37.31
N CYS Z 386 78.12 -39.47 -37.45
CA CYS Z 386 78.99 -39.28 -36.31
C CYS Z 386 78.91 -37.86 -35.75
N ASN Z 387 78.52 -36.90 -36.57
CA ASN Z 387 78.48 -35.51 -36.12
C ASN Z 387 77.17 -35.19 -35.40
N SER Z 388 76.05 -35.55 -36.01
CA SER Z 388 74.74 -35.26 -35.43
C SER Z 388 74.34 -36.26 -34.34
N LEU Z 389 75.11 -37.32 -34.12
CA LEU Z 389 74.79 -38.32 -33.12
C LEU Z 389 76.00 -38.57 -32.21
N ARG Z 390 76.40 -37.52 -31.49
CA ARG Z 390 77.51 -37.66 -30.56
C ARG Z 390 77.15 -38.63 -29.44
N SER Z 391 78.19 -39.30 -28.92
CA SER Z 391 78.12 -40.23 -27.81
C SER Z 391 77.36 -41.51 -28.13
N ASN Z 392 77.28 -41.89 -29.41
CA ASN Z 392 76.76 -43.19 -29.81
C ASN Z 392 77.84 -44.13 -30.31
N PHE Z 393 78.83 -43.59 -31.02
CA PHE Z 393 79.86 -44.40 -31.68
C PHE Z 393 80.89 -44.84 -30.64
N THR Z 394 80.42 -45.70 -29.73
CA THR Z 394 81.30 -46.20 -28.67
C THR Z 394 82.28 -47.23 -29.22
N ARG Z 395 81.75 -48.36 -29.69
CA ARG Z 395 82.56 -49.45 -30.23
C ARG Z 395 81.98 -49.99 -31.54
N SER Z 396 80.81 -50.62 -31.44
CA SER Z 396 80.18 -51.25 -32.59
C SER Z 396 80.11 -50.33 -33.79
N TYR Z 397 79.55 -49.13 -33.62
CA TYR Z 397 79.42 -48.20 -34.74
C TYR Z 397 80.80 -47.75 -35.24
N GLY Z 398 81.62 -47.21 -34.35
CA GLY Z 398 82.94 -46.75 -34.75
C GLY Z 398 83.75 -47.80 -35.49
N ALA Z 399 83.75 -49.03 -34.97
CA ALA Z 399 84.56 -50.09 -35.56
C ALA Z 399 83.98 -50.64 -36.87
N ILE Z 400 82.69 -50.41 -37.13
CA ILE Z 400 82.09 -50.94 -38.36
C ILE Z 400 82.60 -50.19 -39.58
N VAL Z 401 82.95 -48.92 -39.43
CA VAL Z 401 83.41 -48.10 -40.55
C VAL Z 401 84.88 -47.73 -40.47
N LEU Z 402 85.56 -48.07 -39.37
CA LEU Z 402 86.91 -47.55 -39.15
C LEU Z 402 87.91 -48.13 -40.14
N VAL Z 403 88.12 -49.45 -40.09
CA VAL Z 403 89.08 -50.12 -40.95
C VAL Z 403 88.73 -49.94 -42.43
N PRO Z 404 87.46 -49.85 -42.85
CA PRO Z 404 87.21 -49.48 -44.26
C PRO Z 404 87.74 -48.08 -44.62
N LEU Z 405 87.49 -47.08 -43.77
CA LEU Z 405 87.93 -45.73 -44.06
C LEU Z 405 89.45 -45.67 -44.22
N LEU Z 406 90.18 -46.35 -43.35
CA LEU Z 406 91.65 -46.31 -43.43
C LEU Z 406 92.15 -46.95 -44.72
N GLU Z 407 91.46 -47.98 -45.21
CA GLU Z 407 91.84 -48.59 -46.49
C GLU Z 407 91.70 -47.60 -47.63
N ARG Z 408 90.69 -46.73 -47.58
CA ARG Z 408 90.33 -45.88 -48.71
C ARG Z 408 91.05 -44.54 -48.74
N THR Z 409 91.87 -44.23 -47.72
CA THR Z 409 92.74 -43.06 -47.84
C THR Z 409 93.68 -43.17 -49.04
N LYS Z 410 93.83 -44.38 -49.59
CA LYS Z 410 94.55 -44.59 -50.84
C LYS Z 410 94.11 -43.64 -51.94
N GLU Z 411 92.87 -43.15 -51.90
CA GLU Z 411 92.37 -42.27 -52.95
C GLU Z 411 93.10 -40.94 -52.91
N LYS Z 412 93.57 -40.49 -54.07
CA LYS Z 412 94.37 -39.27 -54.16
C LYS Z 412 93.62 -38.09 -54.76
N LYS Z 413 92.44 -38.29 -55.33
CA LYS Z 413 91.66 -37.17 -55.82
C LYS Z 413 91.36 -36.21 -54.67
N PRO Z 414 91.75 -34.94 -54.77
CA PRO Z 414 91.60 -34.01 -53.63
C PRO Z 414 90.22 -34.01 -52.98
N SER Z 415 89.14 -33.94 -53.77
CA SER Z 415 87.81 -33.93 -53.21
C SER Z 415 87.52 -35.17 -52.38
N VAL Z 416 88.07 -36.32 -52.79
CA VAL Z 416 87.80 -37.57 -52.12
C VAL Z 416 88.64 -37.70 -50.86
N ASN Z 417 89.92 -37.34 -50.92
CA ASN Z 417 90.75 -37.30 -49.72
C ASN Z 417 90.18 -36.34 -48.69
N GLU Z 418 89.57 -35.24 -49.15
CA GLU Z 418 88.87 -34.33 -48.25
C GLU Z 418 87.79 -35.05 -47.46
N ALA Z 419 86.95 -35.81 -48.15
CA ALA Z 419 85.78 -36.41 -47.49
C ALA Z 419 86.15 -37.59 -46.60
N ILE Z 420 87.07 -38.45 -47.06
CA ILE Z 420 87.44 -39.62 -46.26
C ILE Z 420 88.11 -39.19 -44.96
N CYS Z 421 89.09 -38.29 -45.05
CA CYS Z 421 89.80 -37.86 -43.85
C CYS Z 421 88.88 -37.12 -42.89
N SER Z 422 88.03 -36.23 -43.41
CA SER Z 422 87.11 -35.50 -42.55
C SER Z 422 86.14 -36.45 -41.84
N ALA Z 423 85.78 -37.56 -42.49
CA ALA Z 423 84.96 -38.56 -41.82
C ALA Z 423 85.75 -39.29 -40.74
N LEU Z 424 87.00 -39.67 -41.05
CA LEU Z 424 87.88 -40.25 -40.04
C LEU Z 424 88.09 -39.29 -38.87
N ASP Z 425 88.09 -37.99 -39.12
CA ASP Z 425 88.14 -37.03 -38.03
C ASP Z 425 86.86 -37.06 -37.21
N ALA Z 426 85.72 -37.31 -37.84
CA ALA Z 426 84.46 -37.39 -37.12
C ALA Z 426 84.45 -38.57 -36.16
N VAL Z 427 84.76 -39.77 -36.66
CA VAL Z 427 84.78 -40.94 -35.79
C VAL Z 427 85.84 -40.79 -34.71
N ALA Z 428 86.93 -40.07 -34.99
CA ALA Z 428 87.99 -39.91 -34.01
C ALA Z 428 87.54 -39.02 -32.85
N THR Z 429 86.92 -37.88 -33.15
CA THR Z 429 86.47 -36.96 -32.11
C THR Z 429 85.40 -37.56 -31.20
N TYR Z 430 84.78 -38.67 -31.59
CA TYR Z 430 83.78 -39.32 -30.77
C TYR Z 430 84.11 -40.76 -30.42
N CYS Z 431 85.21 -41.30 -30.95
CA CYS Z 431 85.73 -42.59 -30.49
C CYS Z 431 87.14 -42.45 -29.92
N GLY Z 432 87.52 -41.25 -29.49
CA GLY Z 432 88.85 -40.96 -28.98
C GLY Z 432 89.99 -41.77 -29.56
N PHE Z 433 90.46 -42.74 -28.79
CA PHE Z 433 91.53 -43.67 -29.15
C PHE Z 433 91.15 -45.09 -28.72
N ASP Z 434 89.86 -45.39 -28.73
CA ASP Z 434 89.34 -46.69 -28.31
C ASP Z 434 89.92 -47.78 -29.20
N ASP Z 435 89.49 -47.83 -30.47
CA ASP Z 435 90.02 -48.81 -31.41
C ASP Z 435 90.89 -48.20 -32.50
N CYS Z 436 90.83 -46.87 -32.69
CA CYS Z 436 91.54 -46.25 -33.81
C CYS Z 436 93.05 -46.26 -33.58
N LEU Z 437 93.48 -45.99 -32.34
CA LEU Z 437 94.91 -45.92 -32.05
C LEU Z 437 95.63 -47.18 -32.49
N GLU Z 438 95.05 -48.35 -32.19
CA GLU Z 438 95.67 -49.61 -32.61
C GLU Z 438 95.63 -49.78 -34.13
N GLU Z 439 94.47 -49.50 -34.74
CA GLU Z 439 94.30 -49.78 -36.16
C GLU Z 439 94.91 -48.70 -37.05
N THR Z 440 94.98 -47.46 -36.57
CA THR Z 440 95.71 -46.44 -37.31
C THR Z 440 97.18 -46.84 -37.48
N LEU Z 441 97.77 -47.39 -36.42
CA LEU Z 441 99.13 -47.91 -36.50
C LEU Z 441 99.23 -49.01 -37.54
N ASN Z 442 98.31 -49.98 -37.50
CA ASN Z 442 98.31 -51.09 -38.44
C ASN Z 442 98.45 -50.62 -39.89
N TYR Z 443 97.71 -49.58 -40.26
CA TYR Z 443 97.70 -49.10 -41.63
C TYR Z 443 98.81 -48.09 -41.94
N MET Z 444 99.54 -47.63 -40.91
CA MET Z 444 100.80 -46.95 -41.18
C MET Z 444 101.84 -47.92 -41.73
N LYS Z 445 101.73 -49.20 -41.35
CA LYS Z 445 102.61 -50.27 -41.82
C LYS Z 445 102.17 -50.82 -43.17
N HIS Z 446 101.21 -50.19 -43.83
CA HIS Z 446 100.59 -50.75 -45.02
C HIS Z 446 101.45 -50.45 -46.25
N LYS Z 447 101.27 -51.25 -47.29
CA LYS Z 447 102.21 -51.21 -48.42
C LYS Z 447 101.95 -50.03 -49.34
N THR Z 448 100.69 -49.63 -49.52
CA THR Z 448 100.38 -48.49 -50.38
C THR Z 448 101.07 -47.24 -49.84
N PRO Z 449 101.81 -46.50 -50.67
CA PRO Z 449 102.45 -45.27 -50.17
C PRO Z 449 101.46 -44.24 -49.65
N GLN Z 450 100.33 -44.04 -50.32
CA GLN Z 450 99.40 -42.98 -49.94
C GLN Z 450 98.76 -43.25 -48.59
N VAL Z 451 98.39 -44.50 -48.31
CA VAL Z 451 97.76 -44.79 -47.03
C VAL Z 451 98.74 -44.59 -45.88
N ARG Z 452 100.04 -44.73 -46.14
CA ARG Z 452 101.03 -44.48 -45.09
C ARG Z 452 101.05 -43.01 -44.71
N ILE Z 453 101.18 -42.11 -45.70
CA ILE Z 453 101.27 -40.69 -45.39
C ILE Z 453 99.97 -40.17 -44.81
N GLU Z 454 98.83 -40.75 -45.22
CA GLU Z 454 97.54 -40.24 -44.76
C GLU Z 454 97.17 -40.79 -43.39
N CYS Z 455 97.40 -42.08 -43.15
CA CYS Z 455 97.13 -42.63 -41.83
C CYS Z 455 98.10 -42.08 -40.79
N THR Z 456 99.29 -41.68 -41.21
CA THR Z 456 100.21 -41.02 -40.30
C THR Z 456 99.79 -39.58 -40.03
N LYS Z 457 99.41 -38.85 -41.08
CA LYS Z 457 98.75 -37.55 -40.87
C LYS Z 457 97.52 -37.68 -39.98
N PHE Z 458 96.82 -38.82 -40.06
CA PHE Z 458 95.67 -39.05 -39.20
C PHE Z 458 96.08 -39.08 -37.72
N LEU Z 459 97.08 -39.89 -37.40
CA LEU Z 459 97.59 -39.90 -36.02
C LEU Z 459 98.03 -38.51 -35.59
N THR Z 460 98.62 -37.75 -36.50
CA THR Z 460 99.00 -36.37 -36.21
C THR Z 460 97.77 -35.53 -35.87
N ARG Z 461 96.73 -35.61 -36.69
CA ARG Z 461 95.48 -34.91 -36.41
C ARG Z 461 94.95 -35.29 -35.02
N MET Z 462 94.84 -36.60 -34.76
CA MET Z 462 94.35 -37.06 -33.47
C MET Z 462 95.23 -36.59 -32.32
N LEU Z 463 96.55 -36.64 -32.51
CA LEU Z 463 97.47 -36.33 -31.41
C LEU Z 463 97.38 -34.87 -30.99
N GLN Z 464 97.11 -33.96 -31.93
CA GLN Z 464 96.96 -32.55 -31.57
C GLN Z 464 95.76 -32.33 -30.67
N GLY Z 465 94.71 -33.14 -30.82
CA GLY Z 465 93.56 -33.06 -29.93
C GLY Z 465 93.54 -34.15 -28.88
N TRP Z 466 94.71 -34.56 -28.40
CA TRP Z 466 94.87 -35.58 -27.38
C TRP Z 466 94.84 -34.96 -25.98
N LYS Z 467 93.67 -34.95 -25.35
CA LYS Z 467 93.49 -34.36 -24.03
C LYS Z 467 93.37 -35.42 -22.95
N SER Z 468 94.40 -35.51 -22.09
CA SER Z 468 94.42 -36.43 -20.95
C SER Z 468 93.13 -36.37 -20.14
N ASP Z 469 92.50 -37.53 -19.93
CA ASP Z 469 91.23 -37.54 -19.20
C ASP Z 469 91.43 -37.41 -17.70
N GLY Z 470 92.52 -37.97 -17.17
CA GLY Z 470 92.75 -37.92 -15.75
C GLY Z 470 94.17 -38.28 -15.38
N PRO Z 471 94.43 -39.57 -15.16
CA PRO Z 471 95.79 -39.99 -14.83
C PRO Z 471 96.77 -39.80 -15.99
N LEU Z 472 97.90 -40.49 -15.90
CA LEU Z 472 98.95 -40.41 -16.91
C LEU Z 472 99.25 -41.78 -17.49
N GLN Z 473 98.62 -42.81 -16.94
CA GLN Z 473 98.69 -44.17 -17.45
C GLN Z 473 97.56 -44.40 -18.45
N ASN Z 474 97.42 -43.47 -19.40
CA ASN Z 474 96.45 -43.59 -20.46
C ASN Z 474 96.91 -44.61 -21.50
N GLN Z 475 96.04 -44.87 -22.49
CA GLN Z 475 96.36 -45.82 -23.54
C GLN Z 475 97.58 -45.40 -24.34
N LEU Z 476 97.90 -44.11 -24.37
CA LEU Z 476 99.06 -43.65 -25.11
C LEU Z 476 100.36 -44.14 -24.48
N LEU Z 477 100.43 -44.18 -23.15
CA LEU Z 477 101.68 -44.55 -22.49
C LEU Z 477 101.88 -46.07 -22.42
N PHE Z 478 100.81 -46.84 -22.29
CA PHE Z 478 100.95 -48.30 -22.26
C PHE Z 478 101.60 -48.83 -23.53
N LYS Z 479 101.42 -48.14 -24.66
CA LYS Z 479 101.90 -48.61 -25.95
C LYS Z 479 102.81 -47.60 -26.64
N LEU Z 480 103.34 -46.63 -25.89
CA LEU Z 480 104.10 -45.52 -26.48
C LEU Z 480 105.38 -46.02 -27.14
N LEU Z 481 106.40 -46.32 -26.33
CA LEU Z 481 107.63 -46.89 -26.87
C LEU Z 481 107.41 -48.21 -27.58
N PRO Z 482 106.66 -49.18 -27.02
CA PRO Z 482 106.51 -50.47 -27.73
C PRO Z 482 106.00 -50.37 -29.15
N GLU Z 483 104.96 -49.55 -29.39
CA GLU Z 483 104.27 -49.57 -30.67
C GLU Z 483 104.26 -48.23 -31.37
N VAL Z 484 103.82 -47.16 -30.70
CA VAL Z 484 103.68 -45.86 -31.36
C VAL Z 484 105.01 -45.41 -31.95
N THR Z 485 106.05 -45.39 -31.13
CA THR Z 485 107.34 -44.87 -31.60
C THR Z 485 107.97 -45.80 -32.65
N THR Z 486 107.93 -47.11 -32.41
CA THR Z 486 108.48 -48.05 -33.38
C THR Z 486 107.78 -47.93 -34.72
N ALA Z 487 106.50 -47.52 -34.73
CA ALA Z 487 105.76 -47.35 -35.97
C ALA Z 487 105.96 -45.98 -36.60
N VAL Z 488 106.12 -44.94 -35.78
CA VAL Z 488 106.35 -43.60 -36.32
C VAL Z 488 107.73 -43.50 -36.95
N LEU Z 489 108.70 -44.25 -36.41
CA LEU Z 489 110.02 -44.29 -37.03
C LEU Z 489 109.99 -44.93 -38.40
N LYS Z 490 109.12 -45.93 -38.61
CA LYS Z 490 108.98 -46.52 -39.93
C LYS Z 490 108.54 -45.49 -40.97
N ILE Z 491 107.75 -44.49 -40.55
CA ILE Z 491 107.40 -43.39 -41.44
C ILE Z 491 108.57 -42.43 -41.56
N VAL Z 492 109.22 -42.12 -40.44
CA VAL Z 492 110.36 -41.21 -40.44
C VAL Z 492 111.49 -41.73 -41.34
N ASN Z 493 111.60 -43.05 -41.47
CA ASN Z 493 112.67 -43.68 -42.24
C ASN Z 493 112.16 -44.24 -43.57
N ASP Z 494 111.10 -43.66 -44.12
CA ASP Z 494 110.53 -44.16 -45.36
C ASP Z 494 111.41 -43.79 -46.55
N THR Z 495 111.16 -44.45 -47.68
CA THR Z 495 111.92 -44.17 -48.89
C THR Z 495 111.55 -42.82 -49.49
N GLN Z 496 110.29 -42.41 -49.36
CA GLN Z 496 109.84 -41.17 -49.99
C GLN Z 496 110.08 -39.98 -49.08
N PRO Z 497 110.38 -38.80 -49.65
CA PRO Z 497 110.56 -37.60 -48.82
C PRO Z 497 109.26 -37.08 -48.25
N THR Z 498 108.23 -37.00 -49.11
CA THR Z 498 106.93 -36.51 -48.65
C THR Z 498 106.33 -37.44 -47.60
N THR Z 499 106.67 -38.73 -47.67
CA THR Z 499 106.31 -39.65 -46.58
C THR Z 499 107.13 -39.34 -45.33
N ARG Z 500 108.46 -39.31 -45.47
CA ARG Z 500 109.34 -38.98 -44.36
C ARG Z 500 108.95 -37.67 -43.70
N ASN Z 501 108.57 -36.67 -44.50
CA ASN Z 501 108.28 -35.35 -43.95
C ASN Z 501 107.02 -35.34 -43.10
N THR Z 502 106.07 -36.23 -43.38
CA THR Z 502 104.91 -36.36 -42.51
C THR Z 502 105.31 -36.98 -41.18
N GLY Z 503 106.17 -38.00 -41.21
CA GLY Z 503 106.69 -38.56 -39.97
C GLY Z 503 107.42 -37.54 -39.12
N PHE Z 504 108.12 -36.59 -39.76
CA PHE Z 504 108.87 -35.58 -39.03
C PHE Z 504 107.94 -34.69 -38.22
N GLU Z 505 106.79 -34.32 -38.79
CA GLU Z 505 105.76 -33.65 -38.01
C GLU Z 505 105.18 -34.59 -36.97
N CYS Z 506 104.81 -35.81 -37.38
CA CYS Z 506 104.19 -36.78 -36.48
C CYS Z 506 105.13 -37.24 -35.37
N PHE Z 507 106.40 -36.91 -35.45
CA PHE Z 507 107.34 -37.13 -34.34
C PHE Z 507 107.53 -35.88 -33.50
N ALA Z 508 107.44 -34.70 -34.10
CA ALA Z 508 107.56 -33.46 -33.35
C ALA Z 508 106.29 -33.11 -32.59
N THR Z 509 105.13 -33.55 -33.10
CA THR Z 509 103.89 -33.45 -32.32
C THR Z 509 103.82 -34.53 -31.25
N LEU Z 510 104.62 -35.59 -31.36
CA LEU Z 510 104.68 -36.61 -30.33
C LEU Z 510 105.53 -36.13 -29.16
N MET Z 511 106.72 -35.61 -29.45
CA MET Z 511 107.58 -35.04 -28.40
C MET Z 511 106.85 -33.95 -27.61
N LYS Z 512 106.13 -33.07 -28.31
CA LYS Z 512 105.37 -32.02 -27.64
C LYS Z 512 104.42 -32.57 -26.57
N LEU Z 513 103.85 -33.75 -26.83
CA LEU Z 513 102.91 -34.34 -25.87
C LEU Z 513 103.62 -35.03 -24.72
N VAL Z 514 104.76 -35.68 -24.97
CA VAL Z 514 105.30 -36.62 -24.00
C VAL Z 514 106.77 -36.33 -23.72
N GLY Z 515 107.19 -35.09 -23.92
CA GLY Z 515 108.50 -34.67 -23.43
C GLY Z 515 109.67 -35.04 -24.33
N GLU Z 516 110.34 -34.05 -24.90
CA GLU Z 516 111.46 -34.29 -25.80
C GLU Z 516 112.64 -34.99 -25.12
N ARG Z 517 112.58 -35.21 -23.81
CA ARG Z 517 113.63 -35.96 -23.12
C ARG Z 517 113.33 -37.44 -23.04
N GLU Z 518 112.06 -37.82 -22.87
CA GLU Z 518 111.69 -39.23 -22.82
C GLU Z 518 112.10 -39.96 -24.09
N LEU Z 519 111.90 -39.32 -25.25
CA LEU Z 519 112.21 -39.92 -26.54
C LEU Z 519 113.61 -39.59 -27.03
N ALA Z 520 114.47 -39.05 -26.17
CA ALA Z 520 115.85 -38.80 -26.57
C ALA Z 520 116.62 -40.09 -26.84
N ASP Z 521 116.08 -41.25 -26.43
CA ASP Z 521 116.74 -42.52 -26.73
C ASP Z 521 116.67 -42.85 -28.22
N PRO Z 522 115.49 -42.93 -28.85
CA PRO Z 522 115.48 -43.14 -30.31
C PRO Z 522 115.89 -41.91 -31.11
N LEU Z 523 115.95 -40.73 -30.49
CA LEU Z 523 116.47 -39.55 -31.19
C LEU Z 523 117.94 -39.74 -31.54
N GLU Z 524 118.72 -40.31 -30.62
CA GLU Z 524 120.15 -40.52 -30.85
C GLU Z 524 120.37 -41.50 -32.00
N LYS Z 525 119.62 -42.61 -31.99
CA LYS Z 525 119.75 -43.61 -33.05
C LYS Z 525 119.39 -43.04 -34.43
N LEU Z 526 118.72 -41.89 -34.49
CA LEU Z 526 118.36 -41.25 -35.73
C LEU Z 526 119.50 -40.36 -36.25
N ASP Z 527 119.53 -40.21 -37.58
CA ASP Z 527 120.46 -39.29 -38.23
C ASP Z 527 120.48 -37.93 -37.55
N ASN Z 528 121.68 -37.34 -37.47
CA ASN Z 528 121.78 -35.93 -37.12
C ASN Z 528 121.10 -35.06 -38.16
N LEU Z 529 120.99 -35.55 -39.40
CA LEU Z 529 120.36 -34.77 -40.47
C LEU Z 529 118.84 -34.79 -40.34
N LYS Z 530 118.27 -35.97 -40.02
CA LYS Z 530 116.83 -36.05 -39.77
C LYS Z 530 116.45 -35.36 -38.46
N LYS Z 531 117.38 -35.31 -37.51
CA LYS Z 531 117.11 -34.69 -36.21
C LYS Z 531 116.70 -33.23 -36.37
N LYS Z 532 117.43 -32.47 -37.18
CA LYS Z 532 117.16 -31.04 -37.31
C LYS Z 532 115.91 -30.76 -38.14
N LYS Z 533 115.43 -31.74 -38.89
CA LYS Z 533 114.11 -31.60 -39.51
C LYS Z 533 113.00 -31.83 -38.49
N ILE Z 534 113.15 -32.84 -37.65
CA ILE Z 534 112.17 -33.10 -36.58
C ILE Z 534 112.05 -31.89 -35.66
N TYR Z 535 113.19 -31.34 -35.26
CA TYR Z 535 113.17 -30.18 -34.36
C TYR Z 535 112.52 -28.97 -35.02
N GLU Z 536 112.68 -28.81 -36.33
CA GLU Z 536 112.03 -27.72 -37.05
C GLU Z 536 110.53 -27.68 -36.76
N TYR Z 537 109.87 -28.84 -36.85
CA TYR Z 537 108.44 -28.89 -36.59
C TYR Z 537 108.12 -28.76 -35.10
N TYR Z 538 109.00 -29.30 -34.24
CA TYR Z 538 108.81 -29.19 -32.80
C TYR Z 538 108.67 -27.74 -32.36
N GLU Z 539 109.39 -26.83 -33.01
CA GLU Z 539 109.34 -25.43 -32.59
C GLU Z 539 108.06 -24.73 -33.04
N LYS Z 540 107.47 -25.15 -34.17
CA LYS Z 540 106.28 -24.52 -34.73
C LYS Z 540 105.04 -25.41 -34.67
N VAL Z 541 104.80 -26.09 -33.54
CA VAL Z 541 103.67 -27.00 -33.41
C VAL Z 541 102.63 -26.37 -32.49
N GLU Z 542 101.36 -26.52 -32.85
CA GLU Z 542 100.27 -26.00 -32.05
C GLU Z 542 100.00 -26.94 -30.87
N VAL Z 543 99.59 -26.35 -29.74
CA VAL Z 543 99.33 -27.04 -28.47
C VAL Z 543 100.28 -28.20 -28.22
N ASP AA 13 142.84 -41.08 -30.54
CA ASP AA 13 143.98 -40.31 -31.01
C ASP AA 13 145.30 -40.95 -30.59
N LEU AA 14 146.16 -41.26 -31.57
CA LEU AA 14 147.46 -41.85 -31.26
C LEU AA 14 148.47 -40.81 -30.80
N GLY AA 15 148.30 -39.55 -31.17
CA GLY AA 15 149.15 -38.49 -30.66
C GLY AA 15 148.94 -38.18 -29.20
N LYS AA 16 147.78 -38.56 -28.65
CA LYS AA 16 147.50 -38.35 -27.23
C LYS AA 16 148.00 -39.49 -26.36
N LYS AA 17 148.07 -40.71 -26.89
CA LYS AA 17 148.66 -41.81 -26.13
C LYS AA 17 150.18 -41.65 -26.02
N LEU AA 18 150.81 -41.02 -27.02
CA LEU AA 18 152.24 -40.81 -26.97
C LEU AA 18 152.62 -39.74 -25.94
N LEU AA 19 151.70 -38.81 -25.66
CA LEU AA 19 151.92 -37.86 -24.58
C LEU AA 19 151.77 -38.54 -23.22
N GLU AA 20 150.75 -39.40 -23.08
CA GLU AA 20 150.56 -40.15 -21.85
C GLU AA 20 151.81 -40.96 -21.49
N ALA AA 21 152.42 -41.60 -22.49
CA ALA AA 21 153.60 -42.43 -22.24
C ALA AA 21 154.82 -41.58 -21.92
N ALA AA 22 155.13 -40.60 -22.79
CA ALA AA 22 156.31 -39.76 -22.60
C ALA AA 22 156.29 -39.06 -21.25
N ARG AA 23 155.11 -38.73 -20.75
CA ARG AA 23 154.96 -38.14 -19.42
C ARG AA 23 155.24 -39.16 -18.33
N ALA AA 24 154.36 -40.16 -18.20
CA ALA AA 24 154.46 -41.13 -17.11
C ALA AA 24 155.74 -41.98 -17.20
N GLY AA 25 156.40 -42.01 -18.34
CA GLY AA 25 157.71 -42.61 -18.43
C GLY AA 25 157.77 -44.11 -18.69
N GLN AA 26 157.02 -44.59 -19.68
CA GLN AA 26 157.08 -45.99 -20.11
C GLN AA 26 157.93 -46.06 -21.39
N ASP AA 27 159.23 -46.35 -21.20
CA ASP AA 27 160.18 -46.35 -22.32
C ASP AA 27 159.75 -47.30 -23.43
N ASP AA 28 159.27 -48.49 -23.07
CA ASP AA 28 158.97 -49.49 -24.09
C ASP AA 28 157.74 -49.10 -24.91
N GLU AA 29 156.70 -48.59 -24.25
CA GLU AA 29 155.45 -48.31 -24.93
C GLU AA 29 155.49 -47.04 -25.77
N VAL AA 30 156.60 -46.30 -25.75
CA VAL AA 30 156.82 -45.25 -26.73
C VAL AA 30 157.15 -45.87 -28.09
N ARG AA 31 158.05 -46.85 -28.11
CA ARG AA 31 158.38 -47.56 -29.35
C ARG AA 31 157.16 -48.21 -29.96
N ILE AA 32 156.27 -48.76 -29.12
CA ILE AA 32 155.03 -49.36 -29.62
C ILE AA 32 154.18 -48.31 -30.30
N LEU AA 33 153.93 -47.19 -29.63
CA LEU AA 33 153.06 -46.16 -30.18
C LEU AA 33 153.69 -45.48 -31.40
N MET AA 34 155.02 -45.36 -31.42
CA MET AA 34 155.69 -44.75 -32.57
C MET AA 34 155.74 -45.69 -33.76
N ALA AA 35 155.86 -47.00 -33.52
CA ALA AA 35 155.76 -47.97 -34.60
C ALA AA 35 154.39 -47.96 -35.26
N ASN AA 36 153.37 -47.45 -34.57
CA ASN AA 36 152.06 -47.22 -35.14
C ASN AA 36 151.91 -45.81 -35.73
N GLY AA 37 153.02 -45.10 -35.93
CA GLY AA 37 152.98 -43.81 -36.59
C GLY AA 37 152.35 -42.69 -35.80
N ALA AA 38 152.63 -42.60 -34.50
CA ALA AA 38 152.08 -41.53 -33.68
C ALA AA 38 152.78 -40.21 -33.97
N ASP AA 39 152.05 -39.11 -33.77
CA ASP AA 39 152.54 -37.77 -34.07
C ASP AA 39 153.60 -37.38 -33.06
N VAL AA 40 154.85 -37.24 -33.53
CA VAL AA 40 155.96 -36.99 -32.62
C VAL AA 40 155.80 -35.64 -31.91
N ASN AA 41 155.25 -34.65 -32.60
CA ASN AA 41 155.06 -33.31 -32.05
C ASN AA 41 153.59 -33.02 -31.76
N ALA AA 42 152.89 -34.02 -31.25
CA ALA AA 42 151.46 -33.89 -30.95
C ALA AA 42 151.24 -32.98 -29.74
N THR AA 43 150.38 -31.99 -29.91
CA THR AA 43 150.02 -31.08 -28.83
C THR AA 43 148.84 -31.65 -28.05
N ASP AA 44 148.89 -31.51 -26.72
CA ASP AA 44 147.79 -31.98 -25.88
C ASP AA 44 146.58 -31.06 -25.94
N ALA AA 45 146.70 -29.84 -25.41
CA ALA AA 45 145.61 -28.88 -25.44
C ALA AA 45 146.18 -27.48 -25.55
N SER AA 46 147.14 -27.16 -24.68
CA SER AA 46 147.81 -25.87 -24.69
C SER AA 46 149.13 -25.90 -25.45
N GLY AA 47 149.32 -26.90 -26.31
CA GLY AA 47 150.49 -26.96 -27.14
C GLY AA 47 151.72 -27.64 -26.57
N LEU AA 48 151.57 -28.54 -25.60
CA LEU AA 48 152.71 -29.19 -24.97
C LEU AA 48 153.04 -30.48 -25.71
N THR AA 49 154.22 -30.53 -26.31
CA THR AA 49 154.73 -31.72 -26.98
C THR AA 49 155.22 -32.74 -25.95
N PRO AA 50 155.44 -33.99 -26.36
CA PRO AA 50 156.02 -34.97 -25.42
C PRO AA 50 157.39 -34.57 -24.89
N LEU AA 51 158.17 -33.84 -25.68
CA LEU AA 51 159.48 -33.39 -25.22
C LEU AA 51 159.35 -32.49 -23.99
N HIS AA 52 158.33 -31.62 -23.99
CA HIS AA 52 158.00 -30.86 -22.77
C HIS AA 52 157.79 -31.78 -21.59
N LEU AA 53 156.95 -32.81 -21.75
CA LEU AA 53 156.53 -33.62 -20.61
C LEU AA 53 157.69 -34.43 -20.04
N ALA AA 54 158.52 -35.01 -20.91
CA ALA AA 54 159.67 -35.76 -20.43
C ALA AA 54 160.66 -34.85 -19.71
N ALA AA 55 160.81 -33.61 -20.19
CA ALA AA 55 161.69 -32.63 -19.55
C ALA AA 55 161.10 -32.13 -18.23
N THR AA 56 159.83 -32.40 -17.97
CA THR AA 56 159.20 -32.01 -16.71
C THR AA 56 159.49 -33.03 -15.61
N TYR AA 57 159.44 -34.31 -15.95
CA TYR AA 57 159.46 -35.39 -14.97
C TYR AA 57 160.85 -36.03 -14.81
N GLY AA 58 161.88 -35.48 -15.43
CA GLY AA 58 163.23 -35.93 -15.23
C GLY AA 58 163.42 -37.39 -15.61
N HIS AA 59 163.23 -37.70 -16.89
CA HIS AA 59 163.43 -39.04 -17.43
C HIS AA 59 164.45 -38.95 -18.56
N LEU AA 60 165.73 -38.99 -18.20
CA LEU AA 60 166.80 -38.67 -19.15
C LEU AA 60 166.81 -39.64 -20.33
N GLU AA 61 166.63 -40.94 -20.07
CA GLU AA 61 166.67 -41.91 -21.15
C GLU AA 61 165.49 -41.74 -22.10
N ILE AA 62 164.36 -41.26 -21.61
CA ILE AA 62 163.20 -41.04 -22.47
C ILE AA 62 163.37 -39.79 -23.32
N VAL AA 63 164.08 -38.79 -22.83
CA VAL AA 63 164.37 -37.59 -23.62
C VAL AA 63 165.27 -37.96 -24.80
N GLU AA 64 166.36 -38.67 -24.53
CA GLU AA 64 167.31 -39.01 -25.60
C GLU AA 64 166.71 -40.00 -26.60
N VAL AA 65 165.75 -40.82 -26.19
CA VAL AA 65 165.09 -41.72 -27.12
C VAL AA 65 164.25 -40.94 -28.13
N LEU AA 66 163.49 -39.96 -27.64
CA LEU AA 66 162.63 -39.18 -28.52
C LEU AA 66 163.46 -38.32 -29.47
N LEU AA 67 164.59 -37.81 -28.98
CA LEU AA 67 165.47 -36.98 -29.81
C LEU AA 67 165.98 -37.77 -31.00
N LYS AA 68 166.34 -39.04 -30.79
CA LYS AA 68 166.89 -39.91 -31.83
C LYS AA 68 165.87 -40.37 -32.85
N HIS AA 69 164.57 -40.20 -32.60
CA HIS AA 69 163.55 -40.58 -33.57
C HIS AA 69 163.09 -39.43 -34.46
N GLY AA 70 162.98 -38.24 -33.90
CA GLY AA 70 162.67 -37.01 -34.61
C GLY AA 70 162.14 -36.11 -33.52
N ALA AA 71 162.35 -34.80 -33.61
CA ALA AA 71 161.92 -33.93 -32.54
C ALA AA 71 161.94 -32.48 -32.97
N ASP AA 72 160.94 -31.72 -32.52
CA ASP AA 72 160.87 -30.31 -32.87
C ASP AA 72 162.12 -29.60 -32.34
N VAL AA 73 162.60 -28.61 -33.08
CA VAL AA 73 163.87 -27.99 -32.74
C VAL AA 73 163.78 -27.20 -31.44
N ASN AA 74 162.63 -26.56 -31.20
CA ASN AA 74 162.38 -25.69 -30.05
C ASN AA 74 160.89 -25.37 -29.98
N ALA AA 75 160.09 -26.37 -29.60
CA ALA AA 75 158.65 -26.15 -29.49
C ALA AA 75 158.31 -25.19 -28.35
N ILE AA 76 157.40 -24.28 -28.64
CA ILE AA 76 156.85 -23.38 -27.65
C ILE AA 76 155.46 -23.87 -27.28
N ASP AA 77 154.90 -23.28 -26.23
CA ASP AA 77 153.58 -23.67 -25.77
C ASP AA 77 152.60 -22.51 -25.99
N ILE AA 78 151.43 -22.59 -25.35
CA ILE AA 78 150.46 -21.51 -25.46
C ILE AA 78 150.96 -20.29 -24.70
N MET AA 79 151.84 -20.49 -23.71
CA MET AA 79 152.41 -19.42 -22.92
C MET AA 79 153.87 -19.15 -23.27
N GLY AA 80 154.34 -19.68 -24.39
CA GLY AA 80 155.72 -19.43 -24.80
C GLY AA 80 156.76 -20.21 -24.04
N SER AA 81 156.38 -21.33 -23.41
CA SER AA 81 157.31 -22.13 -22.61
C SER AA 81 158.02 -23.13 -23.51
N THR AA 82 159.35 -23.05 -23.55
CA THR AA 82 160.16 -24.08 -24.18
C THR AA 82 160.46 -25.19 -23.18
N PRO AA 83 160.85 -26.38 -23.66
CA PRO AA 83 161.26 -27.43 -22.72
C PRO AA 83 162.46 -27.04 -21.86
N LEU AA 84 163.34 -26.17 -22.37
CA LEU AA 84 164.48 -25.73 -21.57
C LEU AA 84 164.03 -24.82 -20.43
N HIS AA 85 163.00 -24.01 -20.65
CA HIS AA 85 162.38 -23.26 -19.56
C HIS AA 85 161.91 -24.20 -18.45
N LEU AA 86 161.12 -25.21 -18.82
CA LEU AA 86 160.47 -26.06 -17.83
C LEU AA 86 161.46 -27.00 -17.17
N ALA AA 87 162.46 -27.49 -17.91
CA ALA AA 87 163.48 -28.34 -17.31
C ALA AA 87 164.32 -27.58 -16.29
N ALA AA 88 164.69 -26.34 -16.63
CA ALA AA 88 165.48 -25.51 -15.70
C ALA AA 88 164.65 -25.04 -14.51
N LEU AA 89 163.32 -25.03 -14.65
CA LEU AA 89 162.46 -24.70 -13.52
C LEU AA 89 162.49 -25.82 -12.49
N ILE AA 90 162.22 -27.06 -12.93
CA ILE AA 90 162.14 -28.17 -12.00
C ILE AA 90 163.53 -28.55 -11.49
N GLY AA 91 164.57 -28.28 -12.28
CA GLY AA 91 165.93 -28.54 -11.85
C GLY AA 91 166.46 -29.89 -12.30
N HIS AA 92 166.44 -30.14 -13.61
CA HIS AA 92 166.91 -31.39 -14.19
C HIS AA 92 168.20 -31.11 -14.96
N LEU AA 93 169.31 -31.09 -14.21
CA LEU AA 93 170.62 -30.75 -14.79
C LEU AA 93 171.00 -31.71 -15.91
N GLU AA 94 170.69 -33.00 -15.75
CA GLU AA 94 170.99 -33.98 -16.79
C GLU AA 94 170.30 -33.65 -18.11
N ILE AA 95 169.04 -33.21 -18.04
CA ILE AA 95 168.27 -32.98 -19.26
C ILE AA 95 168.63 -31.65 -19.91
N VAL AA 96 168.90 -30.62 -19.11
CA VAL AA 96 169.20 -29.30 -19.65
C VAL AA 96 170.39 -29.36 -20.60
N GLU AA 97 171.47 -30.03 -20.18
CA GLU AA 97 172.66 -30.09 -21.03
C GLU AA 97 172.40 -30.95 -22.26
N VAL AA 98 171.47 -31.89 -22.18
CA VAL AA 98 171.07 -32.65 -23.37
C VAL AA 98 170.34 -31.73 -24.35
N LEU AA 99 169.42 -30.91 -23.84
CA LEU AA 99 168.70 -29.98 -24.70
C LEU AA 99 169.64 -28.95 -25.32
N LEU AA 100 170.49 -28.33 -24.50
CA LEU AA 100 171.43 -27.33 -25.02
C LEU AA 100 172.34 -27.93 -26.07
N LYS AA 101 172.79 -29.16 -25.86
CA LYS AA 101 173.63 -29.85 -26.84
C LYS AA 101 172.85 -30.09 -28.14
N HIS AA 102 171.53 -30.26 -28.05
CA HIS AA 102 170.67 -30.40 -29.22
C HIS AA 102 170.14 -29.07 -29.73
N GLY AA 103 170.86 -27.98 -29.50
CA GLY AA 103 170.45 -26.70 -30.04
C GLY AA 103 169.26 -26.06 -29.36
N ALA AA 104 169.33 -25.91 -28.04
CA ALA AA 104 168.27 -25.24 -27.31
C ALA AA 104 168.41 -23.72 -27.51
N ASP AA 105 167.35 -23.00 -27.18
CA ASP AA 105 167.33 -21.57 -27.49
C ASP AA 105 168.14 -20.82 -26.45
N VAL AA 106 168.89 -19.82 -26.94
CA VAL AA 106 169.87 -19.14 -26.10
C VAL AA 106 169.18 -18.27 -25.04
N ASN AA 107 168.40 -17.29 -25.48
CA ASN AA 107 167.70 -16.39 -24.57
C ASN AA 107 166.19 -16.45 -24.79
N ALA AA 108 165.61 -17.64 -24.87
CA ALA AA 108 164.17 -17.74 -25.07
C ALA AA 108 163.41 -17.04 -23.95
N VAL AA 109 162.30 -16.41 -24.31
CA VAL AA 109 161.41 -15.71 -23.40
C VAL AA 109 160.05 -16.39 -23.39
N ASP AA 110 159.34 -16.24 -22.27
CA ASP AA 110 157.99 -16.77 -22.13
C ASP AA 110 157.00 -15.62 -21.91
N THR AA 111 155.72 -15.98 -21.85
CA THR AA 111 154.67 -14.96 -21.84
C THR AA 111 154.78 -14.01 -20.64
N TRP AA 112 155.41 -14.46 -19.56
CA TRP AA 112 155.63 -13.62 -18.39
C TRP AA 112 156.97 -12.88 -18.44
N GLY AA 113 157.72 -13.02 -19.53
CA GLY AA 113 158.98 -12.33 -19.71
C GLY AA 113 160.20 -13.03 -19.15
N ASP AA 114 160.06 -14.24 -18.63
CA ASP AA 114 161.17 -14.94 -18.01
C ASP AA 114 161.99 -15.72 -19.04
N THR AA 115 163.30 -15.78 -18.79
CA THR AA 115 164.21 -16.69 -19.45
C THR AA 115 164.42 -17.92 -18.59
N PRO AA 116 165.00 -18.99 -19.13
CA PRO AA 116 165.37 -20.12 -18.28
C PRO AA 116 166.25 -19.73 -17.10
N LEU AA 117 167.06 -18.69 -17.25
CA LEU AA 117 167.90 -18.22 -16.15
C LEU AA 117 167.06 -17.66 -15.01
N HIS AA 118 165.94 -16.99 -15.34
CA HIS AA 118 165.02 -16.50 -14.31
C HIS AA 118 164.47 -17.65 -13.47
N LEU AA 119 164.03 -18.72 -14.13
CA LEU AA 119 163.37 -19.81 -13.43
C LEU AA 119 164.37 -20.60 -12.60
N ALA AA 120 165.55 -20.85 -13.15
CA ALA AA 120 166.58 -21.58 -12.43
C ALA AA 120 167.09 -20.80 -11.21
N ALA AA 121 167.09 -19.47 -11.28
CA ALA AA 121 167.53 -18.65 -10.15
C ALA AA 121 166.47 -18.59 -9.05
N ILE AA 122 165.19 -18.48 -9.44
CA ILE AA 122 164.12 -18.41 -8.46
C ILE AA 122 164.06 -19.69 -7.64
N MET AA 123 164.20 -20.84 -8.28
CA MET AA 123 164.08 -22.13 -7.62
C MET AA 123 165.37 -22.59 -6.95
N GLY AA 124 166.43 -21.79 -7.00
CA GLY AA 124 167.65 -22.12 -6.29
C GLY AA 124 168.44 -23.28 -6.85
N HIS AA 125 168.36 -23.53 -8.15
CA HIS AA 125 169.12 -24.59 -8.80
C HIS AA 125 170.47 -24.01 -9.23
N LEU AA 126 171.36 -23.84 -8.26
CA LEU AA 126 172.64 -23.18 -8.51
C LEU AA 126 173.47 -23.93 -9.56
N GLU AA 127 173.39 -25.26 -9.57
CA GLU AA 127 174.18 -26.03 -10.52
C GLU AA 127 173.70 -25.83 -11.95
N ILE AA 128 172.40 -25.63 -12.15
CA ILE AA 128 171.90 -25.40 -13.51
C ILE AA 128 172.12 -23.95 -13.94
N VAL AA 129 172.08 -23.00 -13.00
CA VAL AA 129 172.32 -21.59 -13.33
C VAL AA 129 173.67 -21.44 -14.04
N GLU AA 130 174.71 -22.09 -13.50
CA GLU AA 130 176.04 -21.97 -14.07
C GLU AA 130 176.14 -22.61 -15.45
N VAL AA 131 175.39 -23.69 -15.68
CA VAL AA 131 175.39 -24.31 -17.00
C VAL AA 131 174.77 -23.39 -18.03
N LEU AA 132 173.60 -22.81 -17.71
CA LEU AA 132 172.96 -21.87 -18.62
C LEU AA 132 173.85 -20.67 -18.92
N LEU AA 133 174.49 -20.12 -17.89
CA LEU AA 133 175.37 -18.96 -18.07
C LEU AA 133 176.48 -19.26 -19.06
N LYS AA 134 177.12 -20.43 -18.94
CA LYS AA 134 178.24 -20.76 -19.81
C LYS AA 134 177.81 -21.05 -21.24
N HIS AA 135 176.53 -21.35 -21.46
CA HIS AA 135 175.97 -21.43 -22.80
C HIS AA 135 175.46 -20.09 -23.31
N GLY AA 136 175.97 -19.00 -22.75
CA GLY AA 136 175.59 -17.66 -23.17
C GLY AA 136 174.20 -17.23 -22.77
N ALA AA 137 173.89 -17.31 -21.47
CA ALA AA 137 172.63 -16.78 -20.99
C ALA AA 137 172.73 -15.27 -20.78
N ASP AA 138 171.60 -14.59 -20.96
CA ASP AA 138 171.54 -13.13 -20.85
C ASP AA 138 171.33 -12.78 -19.37
N VAL AA 139 172.41 -12.41 -18.69
CA VAL AA 139 172.33 -12.09 -17.27
C VAL AA 139 171.51 -10.82 -17.04
N ASN AA 140 171.51 -9.89 -17.99
CA ASN AA 140 170.78 -8.64 -17.87
C ASN AA 140 169.37 -8.73 -18.42
N ALA AA 141 168.88 -9.92 -18.76
CA ALA AA 141 167.53 -10.08 -19.28
C ALA AA 141 166.50 -9.74 -18.21
N GLN AA 142 165.45 -9.05 -18.62
CA GLN AA 142 164.39 -8.59 -17.72
C GLN AA 142 163.09 -9.33 -17.99
N ASP AA 143 162.23 -9.36 -16.99
CA ASP AA 143 160.90 -9.94 -17.11
C ASP AA 143 159.87 -8.83 -17.31
N LYS AA 144 158.59 -9.17 -17.15
CA LYS AA 144 157.53 -8.18 -17.30
C LYS AA 144 157.65 -7.08 -16.25
N PHE AA 145 157.80 -7.46 -14.97
CA PHE AA 145 157.90 -6.47 -13.91
C PHE AA 145 159.17 -5.64 -13.99
N GLY AA 146 160.17 -6.10 -14.75
CA GLY AA 146 161.39 -5.36 -14.95
C GLY AA 146 162.57 -5.80 -14.12
N LYS AA 147 162.62 -7.07 -13.72
CA LYS AA 147 163.63 -7.57 -12.81
C LYS AA 147 164.56 -8.55 -13.52
N THR AA 148 165.86 -8.40 -13.30
CA THR AA 148 166.85 -9.29 -13.87
C THR AA 148 167.02 -10.52 -13.00
N ALA AA 149 167.82 -11.48 -13.49
CA ALA AA 149 168.23 -12.60 -12.65
C ALA AA 149 169.06 -12.13 -11.46
N PHE AA 150 169.85 -11.07 -11.64
CA PHE AA 150 170.63 -10.55 -10.52
C PHE AA 150 169.75 -9.85 -9.49
N ASP AA 151 168.69 -9.18 -9.95
CA ASP AA 151 167.74 -8.56 -9.02
C ASP AA 151 167.03 -9.60 -8.16
N ILE AA 152 166.83 -10.81 -8.70
CA ILE AA 152 166.14 -11.85 -7.95
C ILE AA 152 167.00 -12.32 -6.78
N SER AA 153 168.31 -12.46 -6.99
CA SER AA 153 169.19 -12.84 -5.89
C SER AA 153 169.25 -11.75 -4.83
N ILE AA 154 169.23 -10.47 -5.26
CA ILE AA 154 169.18 -9.36 -4.32
C ILE AA 154 167.88 -9.40 -3.52
N ASP AA 155 166.76 -9.68 -4.20
CA ASP AA 155 165.47 -9.69 -3.51
C ASP AA 155 165.33 -10.89 -2.59
N ASN AA 156 166.04 -11.98 -2.86
CA ASN AA 156 165.91 -13.18 -2.04
C ASN AA 156 166.67 -13.02 -0.73
N GLY AA 157 167.95 -12.71 -0.83
CA GLY AA 157 168.70 -12.36 0.35
C GLY AA 157 170.21 -12.38 0.14
N ASN AA 158 170.68 -13.34 -0.65
CA ASN AA 158 172.12 -13.55 -0.82
C ASN AA 158 172.79 -12.30 -1.37
N GLU AA 159 174.08 -12.15 -1.06
CA GLU AA 159 174.85 -11.02 -1.53
C GLU AA 159 176.26 -11.39 -1.99
N ASP AA 160 176.84 -12.49 -1.52
CA ASP AA 160 178.12 -12.95 -2.07
C ASP AA 160 178.02 -13.32 -3.54
N LEU AA 161 176.85 -13.80 -3.96
CA LEU AA 161 176.65 -14.17 -5.37
C LEU AA 161 176.29 -12.98 -6.22
N ALA AA 162 175.51 -12.03 -5.67
CA ALA AA 162 175.14 -10.83 -6.42
C ALA AA 162 176.37 -10.03 -6.86
N GLU AA 163 177.37 -9.92 -5.97
CA GLU AA 163 178.59 -9.22 -6.34
C GLU AA 163 179.39 -10.00 -7.39
N ILE AA 164 179.37 -11.34 -7.30
CA ILE AA 164 180.11 -12.15 -8.27
C ILE AA 164 179.43 -12.19 -9.63
N LEU AA 165 178.15 -11.80 -9.70
CA LEU AA 165 177.42 -11.80 -10.96
C LEU AA 165 177.56 -10.49 -11.71
N GLN AA 166 177.84 -9.39 -11.01
CA GLN AA 166 178.05 -8.09 -11.63
C GLN AA 166 179.52 -7.79 -11.88
N LYS AA 167 180.41 -8.70 -11.51
CA LYS AA 167 181.84 -8.52 -11.74
C LYS AA 167 182.16 -8.50 -13.23
N ASP BA 13 57.55 -21.01 -67.62
CA ASP BA 13 58.11 -20.13 -68.62
C ASP BA 13 58.29 -20.86 -69.95
N LEU BA 14 57.70 -20.29 -71.01
CA LEU BA 14 57.79 -20.91 -72.33
C LEU BA 14 59.11 -20.62 -73.02
N GLY BA 15 59.78 -19.52 -72.66
CA GLY BA 15 61.10 -19.26 -73.20
C GLY BA 15 62.16 -20.22 -72.70
N LYS BA 16 61.90 -20.90 -71.58
CA LYS BA 16 62.84 -21.87 -71.04
C LYS BA 16 62.62 -23.27 -71.61
N LYS BA 17 61.38 -23.61 -71.97
CA LYS BA 17 61.14 -24.89 -72.64
C LYS BA 17 61.66 -24.86 -74.07
N LEU BA 18 61.65 -23.70 -74.72
CA LEU BA 18 62.15 -23.59 -76.08
C LEU BA 18 63.67 -23.71 -76.11
N LEU BA 19 64.34 -23.34 -75.02
CA LEU BA 19 65.78 -23.57 -74.91
C LEU BA 19 66.09 -25.04 -74.68
N GLU BA 20 65.32 -25.70 -73.81
CA GLU BA 20 65.50 -27.13 -73.57
C GLU BA 20 65.39 -27.91 -74.86
N ALA BA 21 64.41 -27.58 -75.71
CA ALA BA 21 64.21 -28.30 -76.96
C ALA BA 21 65.31 -27.98 -77.96
N ALA BA 22 65.55 -26.69 -78.22
CA ALA BA 22 66.54 -26.29 -79.21
C ALA BA 22 67.92 -26.86 -78.88
N ARG BA 23 68.24 -27.02 -77.60
CA ARG BA 23 69.51 -27.62 -77.21
C ARG BA 23 69.51 -29.13 -77.48
N ALA BA 24 68.66 -29.88 -76.78
CA ALA BA 24 68.67 -31.33 -76.89
C ALA BA 24 68.28 -31.81 -78.28
N GLY BA 25 67.67 -30.97 -79.09
CA GLY BA 25 67.46 -31.29 -80.49
C GLY BA 25 66.20 -32.10 -80.79
N GLN BA 26 65.08 -31.67 -80.23
CA GLN BA 26 63.77 -32.25 -80.55
C GLN BA 26 63.12 -31.31 -81.56
N ASP BA 27 63.34 -31.61 -82.85
CA ASP BA 27 62.87 -30.73 -83.92
C ASP BA 27 61.38 -30.48 -83.85
N ASP BA 28 60.60 -31.52 -83.55
CA ASP BA 28 59.14 -31.40 -83.58
C ASP BA 28 58.63 -30.52 -82.45
N GLU BA 29 59.18 -30.69 -81.24
CA GLU BA 29 58.67 -29.98 -80.08
C GLU BA 29 59.09 -28.51 -80.04
N VAL BA 30 59.92 -28.06 -80.98
CA VAL BA 30 60.13 -26.63 -81.15
C VAL BA 30 58.89 -26.00 -81.79
N ARG BA 31 58.39 -26.61 -82.86
CA ARG BA 31 57.17 -26.12 -83.50
C ARG BA 31 56.00 -26.06 -82.53
N ILE BA 32 55.90 -27.05 -81.63
CA ILE BA 32 54.83 -27.04 -80.63
C ILE BA 32 55.00 -25.83 -79.71
N LEU BA 33 56.19 -25.63 -79.15
CA LEU BA 33 56.40 -24.55 -78.21
C LEU BA 33 56.32 -23.19 -78.88
N MET BA 34 56.74 -23.11 -80.15
CA MET BA 34 56.67 -21.84 -80.88
C MET BA 34 55.25 -21.52 -81.32
N ALA BA 35 54.45 -22.54 -81.61
CA ALA BA 35 53.02 -22.32 -81.87
C ALA BA 35 52.29 -21.80 -80.64
N ASN BA 36 52.84 -22.01 -79.45
CA ASN BA 36 52.34 -21.43 -78.21
C ASN BA 36 52.97 -20.08 -77.91
N GLY BA 37 53.62 -19.46 -78.90
CA GLY BA 37 54.16 -18.13 -78.73
C GLY BA 37 55.36 -18.04 -77.79
N ALA BA 38 56.27 -19.00 -77.86
CA ALA BA 38 57.45 -18.94 -77.02
C ALA BA 38 58.43 -17.89 -77.54
N ASP BA 39 59.20 -17.31 -76.63
CA ASP BA 39 60.11 -16.23 -76.98
C ASP BA 39 61.28 -16.80 -77.79
N VAL BA 40 61.35 -16.44 -79.08
CA VAL BA 40 62.38 -16.97 -79.96
C VAL BA 40 63.76 -16.54 -79.48
N ASN BA 41 63.87 -15.36 -78.88
CA ASN BA 41 65.13 -14.83 -78.36
C ASN BA 41 65.16 -14.88 -76.83
N ALA BA 42 64.61 -15.95 -76.26
CA ALA BA 42 64.61 -16.11 -74.81
C ALA BA 42 66.01 -16.43 -74.31
N THR BA 43 66.48 -15.65 -73.35
CA THR BA 43 67.80 -15.85 -72.77
C THR BA 43 67.71 -16.80 -71.58
N ASP BA 44 68.67 -17.72 -71.49
CA ASP BA 44 68.79 -18.60 -70.33
C ASP BA 44 69.42 -17.85 -69.16
N ALA BA 45 70.53 -18.36 -68.62
CA ALA BA 45 71.21 -17.70 -67.52
C ALA BA 45 72.39 -16.88 -68.01
N SER BA 46 73.21 -17.44 -68.88
CA SER BA 46 74.37 -16.75 -69.43
C SER BA 46 74.07 -16.04 -70.74
N GLY BA 47 72.79 -15.75 -71.02
CA GLY BA 47 72.44 -14.95 -72.17
C GLY BA 47 72.36 -15.70 -73.49
N LEU BA 48 72.19 -17.01 -73.46
CA LEU BA 48 72.21 -17.83 -74.67
C LEU BA 48 70.79 -18.01 -75.19
N THR BA 49 70.54 -17.53 -76.40
CA THR BA 49 69.27 -17.72 -77.08
C THR BA 49 69.19 -19.15 -77.62
N PRO BA 50 68.00 -19.63 -78.01
CA PRO BA 50 67.92 -20.96 -78.62
C PRO BA 50 68.74 -21.08 -79.89
N LEU BA 51 68.89 -19.99 -80.65
CA LEU BA 51 69.74 -20.02 -81.84
C LEU BA 51 71.19 -20.32 -81.47
N HIS BA 52 71.67 -19.75 -80.35
CA HIS BA 52 72.98 -20.13 -79.81
C HIS BA 52 73.09 -21.64 -79.64
N LEU BA 53 72.13 -22.23 -78.92
CA LEU BA 53 72.24 -23.63 -78.53
C LEU BA 53 72.12 -24.56 -79.73
N ALA BA 54 71.17 -24.27 -80.64
CA ALA BA 54 71.03 -25.11 -81.82
C ALA BA 54 72.25 -25.02 -82.72
N ALA BA 55 72.86 -23.84 -82.82
CA ALA BA 55 74.07 -23.69 -83.64
C ALA BA 55 75.29 -24.34 -82.99
N THR BA 56 75.22 -24.66 -81.71
CA THR BA 56 76.34 -25.34 -81.05
C THR BA 56 76.30 -26.85 -81.30
N TYR BA 57 75.12 -27.46 -81.20
CA TYR BA 57 74.99 -28.90 -81.21
C TYR BA 57 74.51 -29.43 -82.56
N GLY BA 58 74.51 -28.60 -83.60
CA GLY BA 58 74.24 -29.06 -84.95
C GLY BA 58 72.84 -29.60 -85.19
N HIS BA 59 71.84 -28.72 -85.08
CA HIS BA 59 70.44 -29.05 -85.36
C HIS BA 59 69.96 -28.08 -86.44
N LEU BA 60 70.26 -28.43 -87.70
CA LEU BA 60 70.12 -27.48 -88.79
C LEU BA 60 68.67 -27.03 -89.00
N GLU BA 61 67.73 -27.97 -88.92
CA GLU BA 61 66.33 -27.60 -89.14
C GLU BA 61 65.82 -26.68 -88.05
N ILE BA 62 66.36 -26.78 -86.83
CA ILE BA 62 65.91 -25.90 -85.76
C ILE BA 62 66.48 -24.49 -85.93
N VAL BA 63 67.68 -24.37 -86.51
CA VAL BA 63 68.24 -23.05 -86.78
C VAL BA 63 67.40 -22.30 -87.81
N GLU BA 64 67.10 -22.96 -88.93
CA GLU BA 64 66.35 -22.30 -90.00
C GLU BA 64 64.91 -22.01 -89.57
N VAL BA 65 64.35 -22.79 -88.64
CA VAL BA 65 63.02 -22.51 -88.13
C VAL BA 65 63.03 -21.23 -87.29
N LEU BA 66 64.02 -21.12 -86.40
CA LEU BA 66 64.08 -19.94 -85.52
C LEU BA 66 64.44 -18.67 -86.30
N LEU BA 67 65.35 -18.78 -87.27
CA LEU BA 67 65.77 -17.61 -88.02
C LEU BA 67 64.61 -17.01 -88.80
N LYS BA 68 63.81 -17.84 -89.47
CA LYS BA 68 62.70 -17.32 -90.25
C LYS BA 68 61.52 -16.84 -89.40
N HIS BA 69 61.51 -17.16 -88.11
CA HIS BA 69 60.53 -16.61 -87.18
C HIS BA 69 61.04 -15.35 -86.50
N GLY BA 70 62.31 -15.02 -86.67
CA GLY BA 70 62.88 -13.78 -86.23
C GLY BA 70 63.77 -14.04 -85.05
N ALA BA 71 64.95 -14.58 -85.33
CA ALA BA 71 65.93 -14.87 -84.30
C ALA BA 71 67.12 -13.96 -84.54
N ASP BA 72 67.59 -13.32 -83.47
CA ASP BA 72 68.68 -12.37 -83.63
C ASP BA 72 69.90 -13.16 -84.09
N VAL BA 73 70.26 -13.01 -85.37
CA VAL BA 73 71.32 -13.82 -85.96
C VAL BA 73 72.66 -13.49 -85.33
N ASN BA 74 72.82 -12.25 -84.86
CA ASN BA 74 74.06 -11.80 -84.26
C ASN BA 74 73.88 -11.44 -82.79
N ALA BA 75 72.97 -12.15 -82.12
CA ALA BA 75 72.77 -11.97 -80.70
C ALA BA 75 74.02 -12.45 -79.96
N ILE BA 76 74.44 -11.68 -78.97
CA ILE BA 76 75.55 -12.06 -78.14
C ILE BA 76 75.01 -12.58 -76.81
N ASP BA 77 75.88 -13.19 -76.03
CA ASP BA 77 75.54 -13.68 -74.71
C ASP BA 77 76.33 -12.88 -73.68
N ILE BA 78 76.48 -13.44 -72.47
CA ILE BA 78 77.22 -12.75 -71.41
C ILE BA 78 78.70 -12.62 -71.75
N MET BA 79 79.24 -13.50 -72.60
CA MET BA 79 80.64 -13.44 -72.99
C MET BA 79 80.83 -12.95 -74.42
N GLY BA 80 79.80 -12.36 -75.03
CA GLY BA 80 79.92 -11.81 -76.36
C GLY BA 80 79.96 -12.82 -77.47
N SER BA 81 79.45 -14.04 -77.23
CA SER BA 81 79.46 -15.10 -78.23
C SER BA 81 78.21 -15.01 -79.09
N THR BA 82 78.40 -14.85 -80.39
CA THR BA 82 77.32 -14.97 -81.35
C THR BA 82 77.10 -16.43 -81.75
N PRO BA 83 75.94 -16.77 -82.31
CA PRO BA 83 75.76 -18.14 -82.81
C PRO BA 83 76.77 -18.53 -83.88
N LEU BA 84 77.27 -17.57 -84.66
CA LEU BA 84 78.30 -17.89 -85.63
C LEU BA 84 79.62 -18.26 -84.97
N HIS BA 85 79.92 -17.65 -83.82
CA HIS BA 85 81.06 -18.09 -83.02
C HIS BA 85 80.95 -19.56 -82.66
N LEU BA 86 79.81 -19.97 -82.11
CA LEU BA 86 79.67 -21.33 -81.59
C LEU BA 86 79.59 -22.35 -82.72
N ALA BA 87 78.96 -21.98 -83.84
CA ALA BA 87 78.92 -22.88 -84.98
C ALA BA 87 80.32 -23.10 -85.57
N ALA BA 88 81.11 -22.03 -85.66
CA ALA BA 88 82.46 -22.15 -86.20
C ALA BA 88 83.41 -22.86 -85.24
N LEU BA 89 83.09 -22.87 -83.94
CA LEU BA 89 83.91 -23.61 -82.99
C LEU BA 89 83.72 -25.12 -83.14
N ILE BA 90 82.47 -25.57 -83.05
CA ILE BA 90 82.20 -27.01 -83.03
C ILE BA 90 82.39 -27.64 -84.40
N GLY BA 91 82.22 -26.86 -85.46
CA GLY BA 91 82.40 -27.38 -86.80
C GLY BA 91 81.12 -27.83 -87.45
N HIS BA 92 80.14 -26.93 -87.53
CA HIS BA 92 78.84 -27.21 -88.15
C HIS BA 92 78.78 -26.38 -89.44
N LEU BA 93 79.40 -26.92 -90.50
CA LEU BA 93 79.49 -26.19 -91.76
C LEU BA 93 78.12 -25.87 -92.33
N GLU BA 94 77.17 -26.80 -92.19
CA GLU BA 94 75.80 -26.57 -92.67
C GLU BA 94 75.19 -25.33 -92.02
N ILE BA 95 75.41 -25.15 -90.72
CA ILE BA 95 74.77 -24.06 -89.99
C ILE BA 95 75.47 -22.73 -90.26
N VAL BA 96 76.80 -22.75 -90.42
CA VAL BA 96 77.56 -21.51 -90.63
C VAL BA 96 77.04 -20.77 -91.84
N GLU BA 97 76.84 -21.48 -92.95
CA GLU BA 97 76.38 -20.83 -94.18
C GLU BA 97 74.92 -20.37 -94.07
N VAL BA 98 74.13 -21.03 -93.22
CA VAL BA 98 72.76 -20.58 -92.99
C VAL BA 98 72.76 -19.26 -92.23
N LEU BA 99 73.58 -19.16 -91.18
CA LEU BA 99 73.66 -17.92 -90.41
C LEU BA 99 74.17 -16.76 -91.26
N LEU BA 100 75.28 -16.99 -91.99
CA LEU BA 100 75.83 -15.94 -92.84
C LEU BA 100 74.83 -15.46 -93.88
N LYS BA 101 74.06 -16.39 -94.45
CA LYS BA 101 73.02 -16.02 -95.40
C LYS BA 101 71.94 -15.16 -94.75
N HIS BA 102 71.69 -15.36 -93.45
CA HIS BA 102 70.75 -14.54 -92.70
C HIS BA 102 71.43 -13.33 -92.05
N GLY BA 103 72.53 -12.86 -92.63
CA GLY BA 103 73.19 -11.66 -92.17
C GLY BA 103 73.95 -11.84 -90.86
N ALA BA 104 74.81 -12.86 -90.79
CA ALA BA 104 75.61 -13.06 -89.60
C ALA BA 104 76.83 -12.16 -89.61
N ASP BA 105 77.39 -11.94 -88.43
CA ASP BA 105 78.54 -11.04 -88.27
C ASP BA 105 79.80 -11.87 -88.47
N VAL BA 106 80.45 -11.69 -89.62
CA VAL BA 106 81.61 -12.52 -89.97
C VAL BA 106 82.82 -12.14 -89.12
N ASN BA 107 82.91 -10.87 -88.72
CA ASN BA 107 84.03 -10.38 -87.91
C ASN BA 107 83.55 -9.95 -86.53
N ALA BA 108 82.58 -10.68 -85.98
CA ALA BA 108 82.16 -10.45 -84.61
C ALA BA 108 83.30 -10.79 -83.65
N VAL BA 109 83.37 -10.03 -82.55
CA VAL BA 109 84.34 -10.29 -81.51
C VAL BA 109 83.61 -10.67 -80.24
N ASP BA 110 84.26 -11.48 -79.41
CA ASP BA 110 83.76 -11.88 -78.10
C ASP BA 110 84.73 -11.41 -77.02
N THR BA 111 84.36 -11.69 -75.76
CA THR BA 111 85.07 -11.12 -74.62
C THR BA 111 86.54 -11.50 -74.59
N TRP BA 112 86.93 -12.60 -75.22
CA TRP BA 112 88.34 -12.99 -75.28
C TRP BA 112 89.06 -12.44 -76.51
N GLY BA 113 88.37 -11.66 -77.34
CA GLY BA 113 88.98 -11.04 -78.50
C GLY BA 113 88.98 -11.87 -79.76
N ASP BA 114 88.37 -13.06 -79.73
CA ASP BA 114 88.39 -13.96 -80.88
C ASP BA 114 87.25 -13.63 -81.85
N THR BA 115 87.52 -13.82 -83.13
CA THR BA 115 86.52 -13.84 -84.18
C THR BA 115 86.14 -15.29 -84.48
N PRO BA 116 85.03 -15.52 -85.19
CA PRO BA 116 84.73 -16.88 -85.65
C PRO BA 116 85.86 -17.51 -86.45
N LEU BA 117 86.67 -16.71 -87.14
CA LEU BA 117 87.82 -17.25 -87.87
C LEU BA 117 88.86 -17.84 -86.93
N HIS BA 118 89.04 -17.24 -85.75
CA HIS BA 118 89.95 -17.81 -84.75
C HIS BA 118 89.51 -19.21 -84.33
N LEU BA 119 88.22 -19.39 -84.07
CA LEU BA 119 87.75 -20.66 -83.52
C LEU BA 119 87.81 -21.79 -84.54
N ALA BA 120 87.40 -21.51 -85.78
CA ALA BA 120 87.46 -22.55 -86.81
C ALA BA 120 88.90 -22.93 -87.14
N ALA BA 121 89.84 -21.99 -87.00
CA ALA BA 121 91.25 -22.30 -87.26
C ALA BA 121 91.87 -23.10 -86.13
N ILE BA 122 91.56 -22.75 -84.88
CA ILE BA 122 92.11 -23.50 -83.74
C ILE BA 122 91.65 -24.95 -83.77
N MET BA 123 90.37 -25.17 -84.08
CA MET BA 123 89.79 -26.51 -84.06
C MET BA 123 90.01 -27.28 -85.35
N GLY BA 124 90.72 -26.71 -86.32
CA GLY BA 124 91.05 -27.43 -87.53
C GLY BA 124 89.88 -27.67 -88.45
N HIS BA 125 88.87 -26.80 -88.44
CA HIS BA 125 87.74 -26.91 -89.36
C HIS BA 125 88.08 -26.13 -90.63
N LEU BA 126 88.97 -26.74 -91.42
CA LEU BA 126 89.50 -26.07 -92.62
C LEU BA 126 88.39 -25.73 -93.61
N GLU BA 127 87.37 -26.59 -93.70
CA GLU BA 127 86.27 -26.32 -94.64
C GLU BA 127 85.46 -25.11 -94.21
N ILE BA 128 85.35 -24.87 -92.90
CA ILE BA 128 84.63 -23.71 -92.41
C ILE BA 128 85.49 -22.46 -92.50
N VAL BA 129 86.81 -22.60 -92.31
CA VAL BA 129 87.72 -21.47 -92.42
C VAL BA 129 87.56 -20.80 -93.78
N GLU BA 130 87.52 -21.60 -94.85
CA GLU BA 130 87.44 -21.04 -96.20
C GLU BA 130 86.10 -20.36 -96.45
N VAL BA 131 85.03 -20.87 -95.85
CA VAL BA 131 83.71 -20.24 -96.01
C VAL BA 131 83.70 -18.86 -95.37
N LEU BA 132 84.18 -18.78 -94.12
CA LEU BA 132 84.25 -17.50 -93.42
C LEU BA 132 85.11 -16.50 -94.19
N LEU BA 133 86.27 -16.95 -94.69
CA LEU BA 133 87.16 -16.06 -95.44
C LEU BA 133 86.46 -15.44 -96.65
N LYS BA 134 85.70 -16.26 -97.39
CA LYS BA 134 85.06 -15.76 -98.60
C LYS BA 134 83.89 -14.83 -98.30
N HIS BA 135 83.35 -14.87 -97.09
CA HIS BA 135 82.36 -13.88 -96.64
C HIS BA 135 83.02 -12.65 -96.01
N GLY BA 136 84.28 -12.38 -96.34
CA GLY BA 136 84.98 -11.23 -95.82
C GLY BA 136 85.36 -11.31 -94.36
N ALA BA 137 86.06 -12.37 -93.98
CA ALA BA 137 86.61 -12.47 -92.63
C ALA BA 137 87.91 -11.69 -92.54
N ASP BA 138 88.19 -11.16 -91.35
CA ASP BA 138 89.39 -10.36 -91.13
C ASP BA 138 90.54 -11.29 -90.78
N VAL BA 139 91.39 -11.57 -91.77
CA VAL BA 139 92.52 -12.48 -91.55
C VAL BA 139 93.52 -11.87 -90.58
N ASN BA 140 93.64 -10.54 -90.55
CA ASN BA 140 94.57 -9.85 -89.67
C ASN BA 140 93.95 -9.51 -88.33
N ALA BA 141 92.75 -10.01 -88.04
CA ALA BA 141 92.12 -9.74 -86.76
C ALA BA 141 92.89 -10.41 -85.64
N GLN BA 142 93.02 -9.70 -84.52
CA GLN BA 142 93.78 -10.18 -83.38
C GLN BA 142 92.86 -10.49 -82.21
N ASP BA 143 93.34 -11.35 -81.33
CA ASP BA 143 92.64 -11.69 -80.10
C ASP BA 143 93.23 -10.88 -78.96
N LYS BA 144 92.92 -11.27 -77.72
CA LYS BA 144 93.48 -10.57 -76.57
C LYS BA 144 95.00 -10.71 -76.55
N PHE BA 145 95.50 -11.95 -76.69
CA PHE BA 145 96.94 -12.18 -76.62
C PHE BA 145 97.69 -11.50 -77.76
N GLY BA 146 96.99 -11.10 -78.82
CA GLY BA 146 97.61 -10.40 -79.92
C GLY BA 146 97.91 -11.27 -81.11
N LYS BA 147 97.18 -12.37 -81.27
CA LYS BA 147 97.50 -13.38 -82.27
C LYS BA 147 96.41 -13.39 -83.34
N THR BA 148 96.82 -13.43 -84.60
CA THR BA 148 95.88 -13.52 -85.70
C THR BA 148 95.50 -14.98 -85.94
N ALA BA 149 94.56 -15.18 -86.85
CA ALA BA 149 94.27 -16.53 -87.33
C ALA BA 149 95.50 -17.14 -88.00
N PHE BA 150 96.30 -16.30 -88.67
CA PHE BA 150 97.51 -16.79 -89.32
C PHE BA 150 98.57 -17.19 -88.31
N ASP BA 151 98.68 -16.44 -87.20
CA ASP BA 151 99.63 -16.80 -86.15
C ASP BA 151 99.29 -18.14 -85.52
N ILE BA 152 98.00 -18.50 -85.48
CA ILE BA 152 97.58 -19.76 -84.86
C ILE BA 152 98.08 -20.93 -85.70
N SER BA 153 98.01 -20.81 -87.03
CA SER BA 153 98.51 -21.88 -87.90
C SER BA 153 100.02 -22.04 -87.76
N ILE BA 154 100.74 -20.94 -87.61
CA ILE BA 154 102.18 -21.01 -87.38
C ILE BA 154 102.47 -21.70 -86.05
N ASP BA 155 101.74 -21.35 -85.00
CA ASP BA 155 102.01 -21.89 -83.68
C ASP BA 155 101.60 -23.35 -83.55
N ASN BA 156 100.59 -23.78 -84.30
CA ASN BA 156 99.99 -25.09 -84.12
C ASN BA 156 100.49 -26.13 -85.12
N GLY BA 157 101.45 -25.78 -85.98
CA GLY BA 157 102.05 -26.81 -86.80
C GLY BA 157 101.25 -27.18 -88.01
N ASN BA 158 100.18 -26.45 -88.28
CA ASN BA 158 99.24 -26.78 -89.34
C ASN BA 158 99.70 -26.01 -90.58
N GLU BA 159 100.30 -26.73 -91.53
CA GLU BA 159 100.68 -26.10 -92.79
C GLU BA 159 99.57 -26.20 -93.81
N ASP BA 160 98.66 -27.15 -93.63
CA ASP BA 160 97.44 -27.18 -94.43
C ASP BA 160 96.59 -25.95 -94.18
N LEU BA 161 96.64 -25.40 -92.97
CA LEU BA 161 95.87 -24.21 -92.62
C LEU BA 161 96.58 -22.93 -93.03
N ALA BA 162 97.91 -22.89 -92.92
CA ALA BA 162 98.66 -21.71 -93.33
C ALA BA 162 98.43 -21.40 -94.81
N GLU BA 163 98.40 -22.43 -95.66
CA GLU BA 163 98.14 -22.23 -97.08
C GLU BA 163 96.70 -21.79 -97.32
N ILE BA 164 95.76 -22.30 -96.51
CA ILE BA 164 94.35 -21.93 -96.68
C ILE BA 164 94.07 -20.52 -96.19
N LEU BA 165 94.98 -19.93 -95.41
CA LEU BA 165 94.78 -18.58 -94.89
C LEU BA 165 95.34 -17.51 -95.81
N GLN BA 166 96.32 -17.84 -96.65
CA GLN BA 166 96.90 -16.90 -97.60
C GLN BA 166 96.28 -17.00 -98.99
N LYS BA 167 95.34 -17.91 -99.19
CA LYS BA 167 94.67 -18.07 -100.48
C LYS BA 167 93.86 -16.83 -100.83
PG GTP CA . -146.08 5.93 -30.08
O1G GTP CA . -145.06 4.82 -29.98
O2G GTP CA . -146.85 5.82 -31.37
O3G GTP CA . -145.36 7.26 -30.05
O3B GTP CA . -147.06 5.81 -28.82
PB GTP CA . -148.67 5.78 -28.99
O1B GTP CA . -149.29 6.08 -27.65
O2B GTP CA . -149.12 6.75 -30.05
O3A GTP CA . -149.02 4.25 -29.38
PA GTP CA . -150.55 3.80 -29.63
O1A GTP CA . -151.42 4.25 -28.49
O2A GTP CA . -151.03 4.39 -30.94
O5' GTP CA . -150.52 2.19 -29.75
C5' GTP CA . -150.25 1.40 -28.63
C4' GTP CA . -151.39 0.44 -28.29
O4' GTP CA . -152.58 1.18 -28.16
C3' GTP CA . -151.63 -0.59 -29.38
O3' GTP CA . -151.51 -1.88 -28.82
C2' GTP CA . -153.04 -0.37 -29.87
O2' GTP CA . -153.74 -1.60 -29.89
C1' GTP CA . -153.65 0.55 -28.82
N9 GTP CA . -154.49 1.60 -29.41
C8 GTP CA . -154.06 2.63 -30.22
N7 GTP CA . -155.12 3.39 -30.55
C5 GTP CA . -156.23 2.88 -29.96
C6 GTP CA . -157.56 3.27 -29.98
O6 GTP CA . -157.91 4.26 -30.61
N1 GTP CA . -158.49 2.54 -29.27
C2 GTP CA . -158.08 1.42 -28.56
N2 GTP CA . -158.97 0.70 -27.87
N3 GTP CA . -156.76 1.04 -28.55
C4 GTP CA . -155.85 1.76 -29.24
MG MG DA . -148.59 6.82 -31.98
PB GDP EA . -120.05 -1.86 -58.69
O1B GDP EA . -118.63 -1.46 -58.38
O2B GDP EA . -120.52 -1.08 -59.91
O3B GDP EA . -120.94 -1.58 -57.50
O3A GDP EA . -120.08 -3.43 -59.02
PA GDP EA . -121.44 -4.28 -59.18
O1A GDP EA . -122.61 -3.57 -58.55
O2A GDP EA . -121.72 -4.61 -60.63
O5' GDP EA . -121.09 -5.62 -58.36
C5' GDP EA . -121.14 -6.91 -58.99
C4' GDP EA . -121.98 -7.84 -58.13
O4' GDP EA . -123.31 -7.34 -58.15
C3' GDP EA . -122.05 -9.25 -58.69
O3' GDP EA . -122.24 -10.17 -57.61
C2' GDP EA . -123.28 -9.24 -59.56
O2' GDP EA . -123.89 -10.53 -59.58
C1' GDP EA . -124.18 -8.22 -58.88
N9 GDP EA . -124.96 -7.44 -59.86
C8 GDP EA . -124.48 -6.59 -60.78
N7 GDP EA . -125.48 -6.03 -61.52
C5 GDP EA . -126.64 -6.54 -61.04
C6 GDP EA . -128.08 -6.37 -61.37
O6 GDP EA . -128.45 -5.60 -62.28
N1 GDP EA . -128.96 -7.08 -60.65
C2 GDP EA . -128.59 -7.91 -59.65
N2 GDP EA . -129.54 -8.58 -58.97
N3 GDP EA . -127.29 -8.10 -59.31
C4 GDP EA . -126.30 -7.46 -59.96
MG MG FA . -119.89 -0.95 -62.03
PG GTP GA . -47.17 -7.02 -55.16
O1G GTP GA . -46.98 -7.55 -53.76
O2G GTP GA . -45.94 -7.36 -55.98
O3G GTP GA . -47.36 -5.53 -55.14
O3B GTP GA . -48.47 -7.72 -55.80
PB GTP GA . -48.42 -8.47 -57.24
O1B GTP GA . -47.59 -7.70 -58.23
O2B GTP GA . -49.82 -8.65 -57.75
O3A GTP GA . -47.80 -9.92 -56.91
PA GTP GA . -47.56 -10.99 -58.10
O1A GTP GA . -46.42 -10.50 -58.96
O2A GTP GA . -48.83 -11.17 -58.91
O5' GTP GA . -47.13 -12.37 -57.39
C5' GTP GA . -48.04 -13.14 -56.66
C4' GTP GA . -48.17 -14.54 -57.24
O4' GTP GA . -48.47 -14.43 -58.61
C3' GTP GA . -46.88 -15.33 -57.10
O3' GTP GA . -47.15 -16.52 -56.39
C2' GTP GA . -46.46 -15.67 -58.53
O2' GTP GA . -46.16 -17.04 -58.63
C1' GTP GA . -47.69 -15.34 -59.37
N9 GTP GA . -47.33 -14.68 -60.63
C8 GTP GA . -46.74 -13.45 -60.79
N7 GTP GA . -46.58 -13.21 -62.10
C5 GTP GA . -47.05 -14.27 -62.80
C6 GTP GA . -47.14 -14.55 -64.16
O6 GTP GA . -46.72 -13.73 -64.98
N1 GTP GA . -47.69 -15.74 -64.58
C2 GTP GA . -48.16 -16.65 -63.65
N2 GTP GA . -48.69 -17.80 -64.04
N3 GTP GA . -48.07 -16.37 -62.29
C4 GTP GA . -47.53 -15.20 -61.88
MG MG HA . -45.69 -7.08 -58.48
PB GDP IA . -18.05 3.24 -30.60
O1B GDP IA . -17.02 3.95 -31.44
O2B GDP IA . -19.27 2.90 -31.43
O3B GDP IA . -18.46 4.14 -29.45
O3A GDP IA . -17.42 1.88 -30.00
PA GDP IA . -17.08 0.58 -30.87
O1A GDP IA . -15.59 0.46 -31.10
O2A GDP IA . -17.84 0.57 -32.18
O5' GDP IA . -17.58 -0.62 -29.91
C5' GDP IA . -16.71 -1.65 -29.45
C4' GDP IA . -17.34 -3.01 -29.72
O4' GDP IA . -17.44 -3.17 -31.14
C3' GDP IA . -16.49 -4.15 -29.21
O3' GDP IA . -17.33 -5.26 -28.87
C2' GDP IA . -15.64 -4.53 -30.41
O2' GDP IA . -15.35 -5.92 -30.39
C1' GDP IA . -16.53 -4.18 -31.59
N9 GDP IA . -15.76 -3.66 -32.73
C8 GDP IA . -15.05 -2.52 -32.76
N7 GDP IA . -14.46 -2.33 -33.98
C5 GDP IA . -14.82 -3.37 -34.76
C6 GDP IA . -14.56 -3.80 -36.15
O6 GDP IA . -13.84 -3.11 -36.91
N1 GDP IA . -15.12 -4.94 -36.57
C2 GDP IA . -15.89 -5.70 -35.77
N2 GDP IA . -16.42 -6.84 -36.27
N3 GDP IA . -16.17 -5.37 -34.49
C4 GDP IA . -15.68 -4.23 -33.94
MG MG JA . -15.35 4.69 -30.45
PG GTP KA . -30.26 28.75 35.50
O1G GTP KA . -29.34 29.43 36.49
O2G GTP KA . -31.45 28.15 36.22
O3G GTP KA . -30.72 29.76 34.48
O3B GTP KA . -29.48 27.54 34.76
PB GTP KA . -27.90 27.30 34.95
O1B GTP KA . -27.13 28.59 34.98
O2B GTP KA . -27.41 26.41 33.83
O3A GTP KA . -27.77 26.48 36.34
PA GTP KA . -26.30 26.08 36.86
O1A GTP KA . -25.59 27.31 37.35
O2A GTP KA . -25.52 25.40 35.77
O5' GTP KA . -26.51 25.08 38.11
C5' GTP KA . -26.99 23.77 37.89
C4' GTP KA . -25.98 22.73 38.34
O4' GTP KA . -24.75 23.00 37.71
C3' GTP KA . -25.75 22.75 39.84
O3' GTP KA . -26.02 21.46 40.35
C2' GTP KA . -24.27 23.05 40.01
O2' GTP KA . -23.69 22.12 40.89
C1' GTP KA . -23.68 22.89 38.62
N9 GTP KA . -22.69 23.95 38.32
C8 GTP KA . -22.91 25.29 38.17
N7 GTP KA . -21.73 25.90 37.89
C5 GTP KA . -20.76 24.95 37.83
C6 GTP KA . -19.40 25.01 37.57
O6 GTP KA . -18.86 26.09 37.34
N1 GTP KA . -18.67 23.84 37.60
C2 GTP KA . -19.28 22.64 37.87
N2 GTP KA . -18.58 21.51 37.89
N3 GTP KA . -20.63 22.59 38.11
C4 GTP KA . -21.35 23.73 38.09
MG MG LA . -28.04 31.00 36.28
PB GDP MA . -55.16 47.59 59.71
O1B GDP MA . -54.56 48.95 60.01
O2B GDP MA . -54.28 46.83 58.75
O3B GDP MA . -56.53 47.79 59.09
O3A GDP MA . -55.34 46.76 61.07
PA GDP MA . -54.08 46.14 61.87
O1A GDP MA . -53.79 46.96 63.11
O2A GDP MA . -52.85 46.06 60.99
O5' GDP MA . -54.61 44.67 62.26
C5' GDP MA . -54.64 44.24 63.62
C4' GDP MA . -53.97 42.87 63.72
O4' GDP MA . -52.59 43.04 63.38
C3' GDP MA . -54.01 42.31 65.12
O3' GDP MA . -54.03 40.89 65.05
C2' GDP MA . -52.70 42.78 65.73
O2' GDP MA . -52.23 41.82 66.67
C1' GDP MA . -51.77 42.84 64.52
N9 GDP MA . -50.80 43.97 64.64
C8 GDP MA . -51.09 45.28 64.64
N7 GDP MA . -49.97 46.03 64.76
C5 GDP MA . -48.93 45.20 64.83
C6 GDP MA . -47.47 45.34 64.97
O6 GDP MA . -46.93 46.47 65.04
N1 GDP MA . -46.73 44.22 65.00
C2 GDP MA . -47.29 42.99 64.93
N2 GDP MA . -46.48 41.90 64.97
N3 GDP MA . -48.62 42.79 64.80
C4 GDP MA . -49.48 43.84 64.75
MG MG NA . -55.01 51.48 59.82
PG GTP OA . -128.94 48.96 58.94
O1G GTP OA . -128.74 49.94 57.81
O2G GTP OA . -130.13 49.41 59.76
O3G GTP OA . -129.19 47.58 58.40
O3B GTP OA . -127.61 48.91 59.86
PB GTP OA . -127.61 49.45 61.37
O1B GTP OA . -126.19 49.71 61.79
O2B GTP OA . -128.41 50.72 61.50
O3A GTP OA . -128.23 48.26 62.28
PA GTP OA . -128.40 48.50 63.87
O1A GTP OA . -127.10 49.00 64.44
O2A GTP OA . -129.51 49.49 64.11
O5' GTP OA . -128.82 47.09 64.52
C5' GTP OA . -127.89 46.04 64.66
C4' GTP OA . -127.75 45.69 66.14
O4' GTP OA . -127.44 46.84 66.88
C3' GTP OA . -129.04 45.12 66.70
O3' GTP OA . -128.80 43.83 67.21
C2' GTP OA . -129.45 46.06 67.82
O2' GTP OA . -129.75 45.32 68.98
C1' GTP OA . -128.21 46.91 68.07
N9 GTP OA . -128.58 48.31 68.33
C8 GTP OA . -129.17 49.18 67.45
N7 GTP OA . -129.34 50.37 68.06
C5 GTP OA . -128.83 50.28 69.32
C6 GTP OA . -128.74 51.20 70.36
O6 GTP OA . -129.17 52.35 70.21
N1 GTP OA . -128.18 50.81 71.56
C2 GTP OA . -127.70 49.52 71.71
N2 GTP OA . -127.15 49.15 72.85
N3 GTP OA . -127.80 48.62 70.67
C4 GTP OA . -128.35 48.99 69.49
MG MG PA . -130.95 51.08 60.76
PB GDP QA . -157.45 33.72 36.02
O1B GDP QA . -156.32 34.22 36.88
O2B GDP QA . -158.53 34.77 35.94
O3B GDP QA . -156.93 33.43 34.63
O3A GDP QA . -158.06 32.36 36.64
PA GDP QA . -158.47 32.21 38.18
O1A GDP QA . -157.82 33.28 39.04
O2A GDP QA . -159.97 32.24 38.35
O5' GDP QA . -157.90 30.75 38.56
C5' GDP QA . -158.75 29.73 39.08
C4' GDP QA . -158.14 29.13 40.33
O4' GDP QA . -158.10 30.13 41.36
C3' GDP QA . -158.99 27.99 40.88
O3' GDP QA . -158.13 27.05 41.54
C2' GDP QA . -159.88 28.67 41.90
O2' GDP QA . -160.16 27.77 42.96
C1' GDP QA . -159.02 29.82 42.40
N9 GDP QA . -159.84 31.02 42.70
C8 GDP QA . -160.54 31.75 41.80
N7 GDP QA . -161.18 32.79 42.40
C5 GDP QA . -160.87 32.74 43.71
C6 GDP QA . -161.21 33.54 44.91
O6 GDP QA . -161.95 34.55 44.82
N1 GDP QA . -160.69 33.17 46.08
C2 GDP QA . -159.88 32.09 46.20
N2 GDP QA . -159.41 31.77 47.43
N3 GDP QA . -159.54 31.31 45.15
C4 GDP QA . -159.99 31.58 43.90
MG MG RA . -161.05 34.29 35.27
PG GTP SA . 31.81 -19.48 -41.48
O1G GTP SA . 32.10 -18.20 -40.75
O2G GTP SA . 30.33 -19.63 -41.72
O3G GTP SA . 32.27 -20.68 -40.67
O3B GTP SA . 32.62 -19.44 -42.87
PB GTP SA . 31.89 -19.72 -44.29
O1B GTP SA . 32.94 -20.07 -45.31
O2B GTP SA . 30.90 -20.85 -44.16
O3A GTP SA . 31.16 -18.35 -44.71
PA GTP SA . 30.33 -18.30 -46.09
O1A GTP SA . 31.19 -18.80 -47.22
O2A GTP SA . 29.09 -19.16 -45.98
O5' GTP SA . 29.91 -16.77 -46.34
C5' GTP SA . 30.88 -15.80 -46.70
C4' GTP SA . 30.51 -15.16 -48.04
O4' GTP SA . 30.31 -16.18 -49.01
C3' GTP SA . 29.24 -14.35 -47.97
O3' GTP SA . 29.52 -13.02 -48.36
C2' GTP SA . 28.28 -14.99 -48.96
O2' GTP SA . 27.73 -14.00 -49.79
C1' GTP SA . 29.16 -15.91 -49.78
N9 GTP SA . 28.48 -17.20 -50.05
C8 GTP SA . 28.13 -18.16 -49.15
N7 GTP SA . 27.55 -19.19 -49.79
C5 GTP SA . 27.54 -18.91 -51.11
C6 GTP SA . 27.07 -19.61 -52.22
O6 GTP SA . 26.55 -20.71 -52.08
N1 GTP SA . 27.20 -19.06 -53.49
C2 GTP SA . 27.80 -17.81 -53.63
N2 GTP SA . 27.93 -17.27 -54.83
N3 GTP SA . 28.25 -17.12 -52.53
C4 GTP SA . 28.13 -17.66 -51.29
MG MG TA . 29.36 -21.12 -42.63
PB GDP UA . 16.60 -7.77 -7.17
O1B GDP UA . 17.62 -7.70 -6.06
O2B GDP UA . 15.55 -8.79 -6.82
O3B GDP UA . 17.29 -8.14 -8.47
O3A GDP UA . 15.93 -6.31 -7.29
PA GDP UA . 14.98 -5.88 -8.52
O1A GDP UA . 15.17 -6.80 -9.70
O2A GDP UA . 13.53 -5.84 -8.10
O5' GDP UA . 15.55 -4.41 -8.81
C5' GDP UA . 14.72 -3.24 -8.77
C4' GDP UA . 14.96 -2.46 -10.05
O4' GDP UA . 14.48 -3.26 -11.13
C3' GDP UA . 14.16 -1.17 -10.09
O3' GDP UA . 14.85 -0.22 -10.91
C2' GDP UA . 12.87 -1.57 -10.78
O2' GDP UA . 12.35 -0.48 -11.53
C1' GDP UA . 13.31 -2.70 -11.71
N9 GDP UA . 12.27 -3.75 -11.82
C8 GDP UA . 11.83 -4.54 -10.82
N7 GDP UA . 10.89 -5.41 -11.26
C5 GDP UA . 10.73 -5.20 -12.58
C6 GDP UA . 9.90 -5.78 -13.66
O6 GDP UA . 9.09 -6.71 -13.43
N1 GDP UA . 10.03 -5.26 -14.89
C2 GDP UA . 10.89 -4.25 -15.17
N2 GDP UA . 10.97 -3.79 -16.44
N3 GDP UA . 11.69 -3.69 -14.23
C4 GDP UA . 11.65 -4.11 -12.94
MG MG VA . 13.82 -8.28 -5.49
PG GTP WA . 48.80 7.86 56.14
O1G GTP WA . 50.01 8.65 55.71
O2G GTP WA . 48.45 8.18 57.58
O3G GTP WA . 49.08 6.37 56.01
O3B GTP WA . 47.57 8.25 55.17
PB GTP WA . 46.15 8.74 55.77
O1B GTP WA . 45.76 7.92 56.97
O2B GTP WA . 45.11 8.64 54.69
O3A GTP WA . 46.40 10.28 56.14
PA GTP WA . 45.22 11.17 56.81
O1A GTP WA . 44.98 10.71 58.22
O2A GTP WA . 43.96 11.08 55.98
O5' GTP WA . 45.79 12.69 56.84
C5' GTP WA . 45.95 13.43 55.66
C4' GTP WA . 45.13 14.71 55.68
O4' GTP WA . 43.80 14.37 55.94
C3' GTP WA . 45.58 15.68 56.75
O3' GTP WA . 45.90 16.92 56.16
C2' GTP WA . 44.40 15.83 57.68
O2' GTP WA . 44.16 17.21 57.91
C1' GTP WA . 43.23 15.23 56.90
N9 GTP WA . 42.36 14.42 57.77
C8 GTP WA . 42.71 13.28 58.42
N7 GTP WA . 41.63 12.81 59.10
C5 GTP WA . 40.60 13.64 58.86
C6 GTP WA . 39.28 13.63 59.30
O6 GTP WA . 38.88 12.73 60.05
N1 GTP WA . 38.42 14.64 58.90
C2 GTP WA . 38.87 15.64 58.06
N2 GTP WA . 38.06 16.61 57.67
N3 GTP WA . 40.18 15.64 57.63
C4 GTP WA . 41.04 14.66 58.02
MG MG XA . 46.80 7.48 58.70
PB GDP YA . 84.65 5.49 72.54
O1B GDP YA . 84.48 4.73 73.84
O2B GDP YA . 83.32 5.56 71.81
O3B GDP YA . 85.66 4.77 71.69
O3A GDP YA . 85.19 6.98 72.83
PA GDP YA . 84.31 8.14 73.49
O1A GDP YA . 84.70 8.39 74.93
O2A GDP YA . 82.82 7.86 73.38
O5' GDP YA . 84.71 9.40 72.57
C5' GDP YA . 85.29 10.58 73.13
C4' GDP YA . 84.53 11.80 72.62
O4' GDP YA . 83.20 11.72 73.12
C3' GDP YA . 85.12 13.09 73.16
O3' GDP YA . 84.89 14.14 72.21
C2' GDP YA . 84.33 13.34 74.42
O2' GDP YA . 84.22 14.75 74.65
C1' GDP YA . 82.97 12.73 74.11
N9 GDP YA . 82.36 12.10 75.30
C8 GDP YA . 82.84 11.05 75.97
N7 GDP YA . 82.03 10.71 77.02
C5 GDP YA . 81.00 11.58 77.01
C6 GDP YA . 79.78 11.80 77.82
O6 GDP YA . 79.52 11.07 78.80
N1 GDP YA . 78.97 12.81 77.46
C2 GDP YA . 79.22 13.61 76.41
N2 GDP YA . 78.36 14.61 76.11
N3 GDP YA . 80.32 13.46 75.62
C4 GDP YA . 81.22 12.48 75.87
MG MG ZA . 84.76 3.37 75.87
PG GTP AB . 142.70 -14.68 35.45
O1G GTP AB . 144.02 -15.18 35.99
O2G GTP AB . 142.87 -14.27 34.01
O3G GTP AB . 141.68 -15.80 35.54
O3B GTP AB . 142.18 -13.40 36.27
PB GTP AB . 142.93 -12.87 37.60
O1B GTP AB . 143.39 -14.04 38.44
O2B GTP AB . 141.98 -12.01 38.38
O3A GTP AB . 144.17 -11.97 37.10
PA GTP AB . 145.16 -11.32 38.19
O1A GTP AB . 145.98 -12.39 38.85
O2A GTP AB . 144.35 -10.56 39.22
O5' GTP AB . 146.15 -10.31 37.40
C5' GTP AB . 145.65 -9.10 36.86
C4' GTP AB . 146.36 -7.88 37.44
O4' GTP AB . 146.31 -7.92 38.85
C3' GTP AB . 147.82 -7.81 37.03
O3' GTP AB . 148.05 -6.59 36.37
C2' GTP AB . 148.62 -7.83 38.33
O2' GTP AB . 149.56 -6.78 38.34
C1' GTP AB . 147.57 -7.58 39.41
N9 GTP AB . 147.79 -8.43 40.60
C8 GTP AB . 147.68 -9.80 40.63
N7 GTP AB . 147.93 -10.21 41.90
C5 GTP AB . 148.19 -9.12 42.66
C6 GTP AB . 148.51 -8.97 44.00
O6 GTP AB . 148.60 -9.95 44.73
N1 GTP AB . 148.73 -7.70 44.51
C2 GTP AB . 148.63 -6.59 43.69
N2 GTP AB . 148.83 -5.37 44.18
N3 GTP AB . 148.30 -6.75 42.36
C4 GTP AB . 148.10 -8.00 41.85
MG MG BB . 143.72 -16.71 37.61
PB GDP CB . 156.86 -35.69 5.48
O1B GDP CB . 157.50 -36.92 6.09
O2B GDP CB . 156.20 -34.86 6.54
O3B GDP CB . 155.83 -36.15 4.47
O3A GDP CB . 157.96 -34.83 4.68
PA GDP CB . 159.11 -33.98 5.44
O1A GDP CB . 160.44 -34.67 5.36
O2A GDP CB . 158.73 -33.73 6.88
O5' GDP CB . 159.11 -32.61 4.59
C5' GDP CB . 160.27 -32.13 3.93
C4' GDP CB . 160.49 -30.66 4.33
O4' GDP CB . 160.76 -30.64 5.74
C3' GDP CB . 161.69 -30.06 3.64
O3' GDP CB . 161.45 -28.65 3.49
C2' GDP CB . 162.81 -30.29 4.62
O2' GDP CB . 163.75 -29.21 4.54
C1' GDP CB . 162.13 -30.28 5.96
N9 GDP CB . 162.72 -31.25 6.92
C8 GDP CB . 162.68 -32.58 6.81
N7 GDP CB . 163.32 -33.19 7.84
C5 GDP CB . 163.78 -32.21 8.65
C6 GDP CB . 164.54 -32.14 9.92
O6 GDP CB . 164.93 -33.18 10.50
N1 GDP CB . 164.82 -30.93 10.41
C2 GDP CB . 164.43 -29.80 9.80
N2 GDP CB . 164.74 -28.61 10.37
N3 GDP CB . 163.72 -29.78 8.65
C4 GDP CB . 163.39 -30.94 8.03
MG MG DB . 156.84 -40.13 5.91
PG GTP EB . 124.40 -51.28 -60.01
O1G GTP EB . 123.61 -52.14 -59.04
O2G GTP EB . 124.60 -52.08 -61.28
O3G GTP EB . 123.67 -50.00 -60.32
O3B GTP EB . 125.82 -50.90 -59.35
PB GTP EB . 127.20 -51.50 -59.93
O1B GTP EB . 128.26 -51.36 -58.87
O2B GTP EB . 127.05 -52.94 -60.32
O3A GTP EB . 127.58 -50.57 -61.20
PA GTP EB . 128.90 -50.89 -62.05
O1A GTP EB . 130.09 -51.04 -61.14
O2A GTP EB . 128.71 -52.16 -62.84
O5' GTP EB . 129.11 -49.66 -63.07
C5' GTP EB . 129.50 -48.39 -62.57
C4' GTP EB . 130.82 -47.93 -63.20
O4' GTP EB . 131.78 -48.94 -63.03
C3' GTP EB . 130.69 -47.66 -64.69
O3' GTP EB . 131.09 -46.34 -64.95
C2' GTP EB . 131.66 -48.62 -65.35
O2' GTP EB . 132.47 -47.92 -66.26
C1' GTP EB . 132.52 -49.15 -64.21
N9 GTP EB . 132.77 -50.60 -64.35
C8 GTP EB . 131.83 -51.59 -64.29
N7 GTP EB . 132.45 -52.78 -64.45
C5 GTP EB . 133.77 -52.57 -64.59
C6 GTP EB . 134.84 -53.43 -64.78
O6 GTP EB . 134.66 -54.65 -64.83
N1 GTP EB . 136.12 -52.91 -64.90
C2 GTP EB . 136.31 -51.54 -64.83
N2 GTP EB . 137.53 -51.03 -64.95
N3 GTP EB . 135.24 -50.69 -64.65
C4 GTP EB . 133.99 -51.20 -64.53
MG MG FB . 125.14 -54.09 -61.68
PB GDP GB . 89.09 -45.62 -77.22
O1B GDP GB . 90.33 -45.71 -76.37
O2B GDP GB . 88.80 -46.95 -77.87
O3B GDP GB . 87.92 -45.25 -76.34
O3A GDP GB . 89.26 -44.48 -78.34
PA GDP GB . 90.53 -44.37 -79.33
O1A GDP GB . 91.71 -45.12 -78.79
O2A GDP GB . 90.17 -44.84 -80.72
O5' GDP GB . 90.81 -42.78 -79.32
C5' GDP GB . 90.77 -41.99 -80.50
C4' GDP GB . 92.05 -41.17 -80.62
O4' GDP GB . 93.10 -42.11 -80.80
C3' GDP GB . 92.05 -40.26 -81.82
O3' GDP GB . 92.89 -39.13 -81.54
C2' GDP GB . 92.67 -41.10 -82.90
O2' GDP GB . 93.42 -40.28 -83.80
C1' GDP GB . 93.61 -42.01 -82.13
N9 GDP GB . 93.67 -43.36 -82.74
C8 GDP GB . 92.66 -44.24 -82.79
N7 GDP GB . 93.03 -45.39 -83.40
C5 GDP GB . 94.32 -45.27 -83.75
C6 GDP GB . 95.33 -46.11 -84.42
O6 GDP GB . 95.05 -47.27 -84.82
N1 GDP GB . 96.56 -45.60 -84.58
C2 GDP GB . 96.88 -44.36 -84.16
N2 GDP GB . 98.15 -43.91 -84.36
N3 GDP GB . 96.01 -43.53 -83.53
C4 GDP GB . 94.74 -43.93 -83.31
MG MG HB . 88.15 -47.27 -80.48
#